data_9QGN
#
_entry.id   9QGN
#
_cell.length_a   1.00
_cell.length_b   1.00
_cell.length_c   1.00
_cell.angle_alpha   90.00
_cell.angle_beta   90.00
_cell.angle_gamma   90.00
#
_symmetry.space_group_name_H-M   'P 1'
#
loop_
_entity.id
_entity.type
_entity.pdbx_description
1 polymer 'DUF4255 domain-containing protein'
2 polymer 'Phage tail protein'
3 polymer 'Phage tail sheath family protein'
#
loop_
_entity_poly.entity_id
_entity_poly.type
_entity_poly.pdbx_seq_one_letter_code
_entity_poly.pdbx_strand_id
1 'polypeptide(L)'
;MTIIIASDNAIIEINQALNTILSQYLNITGQNIDIRFDLPEINSIQSEPTVSVFLYEIHEDLQLRSAESRRYNPSTNTLL
PGWVNINCNYLITYWDASKPSSDSSSPDSQPNNQAAQVMTRILNALINNRQLTGLPGAYTRIIPQQENLNSLGNFWQALG
NRPRLSLLYSITVPMKLKNIEDNVIPVSKISASVDQKPNLDNSQINQALIDKLCVELGGTEDVRLALAKVNLTTKPDTEN
NQNQENESVIVEVSGITSVTYLPQIKDTLTKWKSSQEAIVKINGVSIVVSKENADKLIGI
;
A,B,C,D,E,F
2 'polypeptide(L)'
;MAITPEQIAVEYPIPTYRFVVSVGDEQIPFNNVSGLDVHYDVIEYKDGIGNYYKMPGQRQSINITLRKGVFPGDTKLFDW
INSIQLNQVEKKDIAISLTNEAGTEILMTWNVANAFPTSFTSPSFDATSNEIAVQEIALTADRVTIQAA
;
1A,1B,1C,1D,1E,1F,1G,1H,1I,1J,1K,1L
3 'polypeptide(L)'
;MTTITTYPGVYIEEDASLSLSVSSSATAVPVFAVAGDNPLISGKPYIRISNWLEYLTLKNEQFDPANTLDISLRAYFING
GGYCYLVQTTDLEKQVPKLDDVTLLVAAGENITTAVSTLCKPGKGLFAIFDGPTTELKSDGTSNSDYDPNPFAAVYYPWL
TADWTTTIDIPPSAAIAGVYCSVDSTRGVWKAPANVPIQGGLQPKYPVTDDLQAQYNQGKALNMIRTFPKSGTLVWGART
LEDNDNWRYIPVRRLFNSAERDIKNAMSFAVFEPNSQPTWERVRSAVNNYLYSLWQQGGLAGNKPDDAYFVQIGKDITMT
DDDIKQGKMIIKIGMAAVRPAEFIILQFTQNTAQ
;
2A,2B,2C,2D,2E,2F
#
# COMPACT_ATOMS: atom_id res chain seq x y z
N THR A 2 24.16 17.09 35.95
CA THR A 2 24.53 17.31 37.34
C THR A 2 24.36 16.02 38.13
N ILE A 3 25.08 15.92 39.26
CA ILE A 3 25.10 14.73 40.08
C ILE A 3 24.27 14.98 41.33
N ILE A 4 23.37 14.05 41.64
CA ILE A 4 22.59 14.07 42.87
C ILE A 4 22.87 12.78 43.63
N ILE A 5 23.17 12.92 44.92
CA ILE A 5 23.54 11.77 45.73
C ILE A 5 22.29 11.08 46.26
N ALA A 6 22.19 9.78 46.03
CA ALA A 6 21.05 9.02 46.51
C ALA A 6 21.10 8.91 48.03
N SER A 7 19.97 9.17 48.68
CA SER A 7 19.88 9.15 50.13
C SER A 7 18.57 8.50 50.55
N ASP A 8 18.54 8.01 51.78
CA ASP A 8 17.37 7.37 52.34
C ASP A 8 16.47 8.34 53.10
N ASN A 9 16.77 9.63 53.06
CA ASN A 9 15.99 10.66 53.73
C ASN A 9 15.64 11.77 52.76
N ALA A 10 15.24 11.41 51.54
CA ALA A 10 15.10 12.39 50.47
C ALA A 10 13.95 13.35 50.70
N ILE A 11 12.85 12.88 51.29
CA ILE A 11 11.66 13.72 51.45
C ILE A 11 11.98 14.92 52.34
N ILE A 12 12.67 14.67 53.46
CA ILE A 12 13.00 15.76 54.37
C ILE A 12 13.98 16.73 53.74
N GLU A 13 14.91 16.21 52.93
CA GLU A 13 15.84 17.09 52.22
C GLU A 13 15.12 18.00 51.24
N ILE A 14 14.16 17.45 50.50
CA ILE A 14 13.36 18.28 49.58
C ILE A 14 12.57 19.31 50.36
N ASN A 15 11.99 18.91 51.49
CA ASN A 15 11.24 19.85 52.31
C ASN A 15 12.12 20.98 52.81
N GLN A 16 13.34 20.66 53.22
CA GLN A 16 14.27 21.69 53.71
C GLN A 16 14.68 22.64 52.60
N ALA A 17 14.95 22.11 51.40
CA ALA A 17 15.29 22.99 50.28
C ALA A 17 14.14 23.92 49.94
N LEU A 18 12.92 23.38 49.90
CA LEU A 18 11.75 24.20 49.62
C LEU A 18 11.56 25.27 50.69
N ASN A 19 11.73 24.89 51.96
CA ASN A 19 11.60 25.85 53.05
C ASN A 19 12.63 26.96 52.92
N THR A 20 13.89 26.60 52.59
CA THR A 20 14.93 27.60 52.45
C THR A 20 14.59 28.60 51.34
N ILE A 21 14.24 28.09 50.15
CA ILE A 21 13.98 29.01 49.04
C ILE A 21 12.73 29.84 49.31
N LEU A 22 11.69 29.24 49.88
CA LEU A 22 10.47 29.98 50.17
C LEU A 22 10.71 31.06 51.22
N SER A 23 11.48 30.75 52.27
CA SER A 23 11.81 31.78 53.26
C SER A 23 12.61 32.91 52.63
N GLN A 24 13.58 32.56 51.78
CA GLN A 24 14.40 33.60 51.14
C GLN A 24 13.55 34.51 50.28
N TYR A 25 12.60 33.95 49.53
CA TYR A 25 11.79 34.77 48.63
C TYR A 25 10.58 35.41 49.31
N LEU A 26 10.22 34.98 50.52
CA LEU A 26 9.05 35.53 51.20
C LEU A 26 9.41 36.56 52.27
N ASN A 27 10.46 36.31 53.05
CA ASN A 27 10.85 37.23 54.11
C ASN A 27 11.77 38.35 53.61
N ILE A 28 11.75 38.62 52.30
CA ILE A 28 12.63 39.63 51.72
C ILE A 28 12.12 41.05 51.89
N THR A 29 10.86 41.23 52.25
CA THR A 29 10.26 42.54 52.40
C THR A 29 10.21 43.01 53.85
N GLY A 30 10.85 42.29 54.76
CA GLY A 30 10.78 42.61 56.17
C GLY A 30 9.59 42.04 56.90
N GLN A 31 8.76 41.26 56.22
CA GLN A 31 7.60 40.62 56.84
C GLN A 31 7.90 39.15 57.07
N ASN A 32 7.44 38.63 58.21
CA ASN A 32 7.60 37.23 58.55
C ASN A 32 6.27 36.51 58.32
N ILE A 33 6.30 35.47 57.49
CA ILE A 33 5.12 34.68 57.16
C ILE A 33 5.37 33.25 57.57
N ASP A 34 4.44 32.68 58.33
CA ASP A 34 4.58 31.30 58.77
C ASP A 34 4.49 30.34 57.59
N ILE A 35 5.32 29.31 57.60
CA ILE A 35 5.33 28.29 56.57
C ILE A 35 5.11 26.94 57.23
N ARG A 36 4.03 26.27 56.85
CA ARG A 36 3.65 24.98 57.41
C ARG A 36 3.68 23.92 56.31
N PHE A 37 3.98 22.68 56.70
CA PHE A 37 4.06 21.57 55.77
C PHE A 37 2.89 20.60 55.94
N ASP A 38 1.73 21.11 56.33
CA ASP A 38 0.52 20.32 56.41
C ASP A 38 -0.68 21.26 56.28
N LEU A 39 -1.78 20.70 55.82
CA LEU A 39 -2.99 21.50 55.62
C LEU A 39 -3.64 21.82 56.97
N PRO A 40 -4.33 22.95 57.06
CA PRO A 40 -5.09 23.25 58.29
C PRO A 40 -6.26 22.29 58.47
N GLU A 41 -6.75 22.23 59.70
CA GLU A 41 -7.81 21.29 60.04
C GLU A 41 -9.12 21.68 59.35
N ILE A 42 -10.13 20.85 59.56
CA ILE A 42 -11.41 21.01 58.88
C ILE A 42 -12.21 22.10 59.57
N ASN A 43 -12.61 23.12 58.80
CA ASN A 43 -13.33 24.30 59.33
C ASN A 43 -12.60 24.92 60.51
N SER A 44 -11.27 25.04 60.37
CA SER A 44 -10.47 25.72 61.39
C SER A 44 -10.34 27.20 61.06
N ILE A 45 -9.83 27.96 62.02
CA ILE A 45 -9.64 29.39 61.86
C ILE A 45 -8.15 29.69 61.89
N GLN A 46 -7.76 30.77 61.23
CA GLN A 46 -6.37 31.19 61.13
C GLN A 46 -6.18 32.52 61.85
N SER A 47 -5.23 32.57 62.76
CA SER A 47 -4.91 33.80 63.46
C SER A 47 -3.88 34.65 62.70
N GLU A 48 -2.94 34.00 62.03
CA GLU A 48 -1.91 34.67 61.26
C GLU A 48 -1.88 34.12 59.84
N PRO A 49 -1.46 34.94 58.87
CA PRO A 49 -1.35 34.42 57.50
C PRO A 49 -0.20 33.43 57.38
N THR A 50 -0.50 32.26 56.83
CA THR A 50 0.48 31.20 56.68
C THR A 50 0.49 30.70 55.25
N VAL A 51 1.63 30.14 54.84
CA VAL A 51 1.80 29.50 53.54
C VAL A 51 1.97 28.01 53.79
N SER A 52 1.12 27.20 53.17
CA SER A 52 1.13 25.76 53.38
C SER A 52 1.76 25.06 52.18
N VAL A 53 2.74 24.22 52.44
CA VAL A 53 3.38 23.38 51.43
C VAL A 53 2.89 21.96 51.68
N PHE A 54 2.10 21.43 50.77
CA PHE A 54 1.41 20.16 50.96
C PHE A 54 1.97 19.11 50.00
N LEU A 55 2.60 18.09 50.55
CA LEU A 55 3.06 16.94 49.78
C LEU A 55 1.92 15.94 49.71
N TYR A 56 1.30 15.82 48.53
CA TYR A 56 0.05 15.07 48.41
C TYR A 56 0.18 13.77 47.63
N GLU A 57 1.25 13.56 46.88
CA GLU A 57 1.37 12.33 46.09
C GLU A 57 2.83 11.93 45.96
N ILE A 58 3.09 10.63 46.09
CA ILE A 58 4.42 10.06 45.89
C ILE A 58 4.27 8.79 45.07
N HIS A 59 5.04 8.68 44.00
CA HIS A 59 5.04 7.47 43.19
C HIS A 59 6.41 7.30 42.54
N GLU A 60 6.70 6.06 42.14
CA GLU A 60 7.97 5.78 41.48
C GLU A 60 7.95 6.31 40.05
N ASP A 61 8.99 7.06 39.68
CA ASP A 61 9.06 7.69 38.36
C ASP A 61 9.49 6.63 37.35
N LEU A 62 8.52 6.08 36.62
CA LEU A 62 8.82 5.05 35.63
C LEU A 62 9.54 5.63 34.42
N GLN A 63 9.29 6.90 34.09
CA GLN A 63 9.90 7.50 32.91
C GLN A 63 11.41 7.58 33.05
N LEU A 64 11.90 7.83 34.27
CA LEU A 64 13.33 7.95 34.52
C LEU A 64 13.98 6.64 34.93
N ARG A 65 13.23 5.55 34.98
CA ARG A 65 13.80 4.25 35.33
C ARG A 65 14.74 3.77 34.23
N SER A 66 15.86 3.19 34.64
CA SER A 66 16.85 2.68 33.71
C SER A 66 17.30 1.30 34.19
N ALA A 67 17.81 0.51 33.25
CA ALA A 67 18.25 -0.86 33.52
C ALA A 67 19.77 -0.82 33.71
N GLU A 68 20.19 -0.60 34.96
CA GLU A 68 21.61 -0.54 35.30
C GLU A 68 21.98 -1.70 36.20
N SER A 69 23.26 -2.08 36.14
CA SER A 69 23.78 -3.16 36.96
C SER A 69 24.23 -2.64 38.31
N ARG A 70 24.39 -3.57 39.26
CA ARG A 70 24.86 -3.20 40.58
C ARG A 70 26.30 -2.72 40.52
N ARG A 71 26.58 -1.63 41.24
CA ARG A 71 27.90 -1.02 41.23
C ARG A 71 28.81 -1.70 42.24
N TYR A 72 30.05 -1.97 41.83
CA TYR A 72 31.01 -2.73 42.63
C TYR A 72 32.21 -1.87 42.95
N ASN A 73 32.71 -1.99 44.18
CA ASN A 73 33.92 -1.31 44.63
C ASN A 73 34.95 -2.34 45.02
N PRO A 74 35.87 -2.70 44.12
CA PRO A 74 36.87 -3.73 44.46
C PRO A 74 37.81 -3.33 45.58
N SER A 75 37.95 -2.02 45.85
CA SER A 75 38.85 -1.59 46.92
C SER A 75 38.36 -2.09 48.28
N THR A 76 37.06 -2.02 48.52
CA THR A 76 36.47 -2.43 49.80
C THR A 76 35.69 -3.73 49.71
N ASN A 77 35.68 -4.39 48.55
CA ASN A 77 34.96 -5.65 48.35
C ASN A 77 33.48 -5.51 48.72
N THR A 78 32.88 -4.40 48.30
CA THR A 78 31.49 -4.11 48.61
C THR A 78 30.67 -3.97 47.34
N LEU A 79 29.47 -4.52 47.35
CA LEU A 79 28.49 -4.35 46.28
C LEU A 79 27.55 -3.22 46.69
N LEU A 80 27.66 -2.09 46.00
CA LEU A 80 26.95 -0.89 46.42
C LEU A 80 25.44 -1.07 46.29
N PRO A 81 24.66 -0.42 47.15
CA PRO A 81 23.20 -0.58 47.10
C PRO A 81 22.61 0.07 45.86
N GLY A 82 21.44 -0.44 45.48
CA GLY A 82 20.67 0.16 44.41
C GLY A 82 19.85 1.34 44.91
N TRP A 83 19.04 1.87 44.01
CA TRP A 83 18.21 3.03 44.35
C TRP A 83 16.91 2.97 43.56
N VAL A 84 15.92 3.72 44.05
CA VAL A 84 14.60 3.81 43.43
C VAL A 84 14.26 5.28 43.26
N ASN A 85 13.88 5.66 42.05
CA ASN A 85 13.51 7.04 41.77
C ASN A 85 12.12 7.35 42.31
N ILE A 86 12.00 8.46 43.03
CA ILE A 86 10.77 8.84 43.70
C ILE A 86 10.33 10.20 43.16
N ASN A 87 9.07 10.29 42.75
CA ASN A 87 8.50 11.54 42.26
C ASN A 87 7.58 12.11 43.33
N CYS A 88 7.87 13.33 43.77
CA CYS A 88 7.10 14.01 44.81
C CYS A 88 6.43 15.24 44.23
N ASN A 89 5.17 15.44 44.58
CA ASN A 89 4.37 16.55 44.08
C ASN A 89 3.90 17.40 45.26
N TYR A 90 4.09 18.72 45.14
CA TYR A 90 3.74 19.65 46.21
C TYR A 90 2.65 20.61 45.74
N LEU A 91 1.88 21.12 46.69
CA LEU A 91 0.82 22.08 46.43
C LEU A 91 0.99 23.24 47.41
N ILE A 92 1.44 24.39 46.91
CA ILE A 92 1.71 25.56 47.73
C ILE A 92 0.53 26.49 47.68
N THR A 93 0.01 26.87 48.84
CA THR A 93 -1.16 27.74 48.94
C THR A 93 -0.90 28.80 50.01
N TYR A 94 -1.55 29.95 49.85
CA TYR A 94 -1.47 31.04 50.81
C TYR A 94 -2.82 31.17 51.51
N TRP A 95 -2.78 31.31 52.84
CA TRP A 95 -3.98 31.41 53.66
C TRP A 95 -4.05 32.78 54.29
N ASP A 96 -5.18 33.47 54.11
CA ASP A 96 -5.36 34.79 54.68
C ASP A 96 -5.54 34.70 56.20
N ALA A 97 -5.27 35.80 56.87
CA ALA A 97 -5.42 35.88 58.32
C ALA A 97 -6.90 35.85 58.72
N GLN A 110 -8.92 44.39 46.27
CA GLN A 110 -8.03 45.28 45.52
C GLN A 110 -7.04 44.48 44.68
N PRO A 111 -6.66 45.02 43.52
CA PRO A 111 -5.67 44.33 42.67
C PRO A 111 -4.32 44.17 43.34
N ASN A 112 -3.97 45.02 44.30
CA ASN A 112 -2.69 45.00 44.97
C ASN A 112 -2.80 44.44 46.39
N ASN A 113 -3.65 43.43 46.57
CA ASN A 113 -3.86 42.86 47.90
C ASN A 113 -2.67 42.01 48.32
N GLN A 114 -2.63 41.68 49.61
CA GLN A 114 -1.51 40.93 50.17
C GLN A 114 -1.40 39.55 49.57
N ALA A 115 -2.54 38.90 49.31
CA ALA A 115 -2.52 37.55 48.76
C ALA A 115 -1.84 37.51 47.40
N ALA A 116 -2.12 38.49 46.54
CA ALA A 116 -1.49 38.54 45.23
C ALA A 116 0.02 38.72 45.35
N GLN A 117 0.46 39.58 46.26
CA GLN A 117 1.90 39.79 46.43
C GLN A 117 2.60 38.55 46.94
N VAL A 118 2.00 37.86 47.92
CA VAL A 118 2.61 36.64 48.44
C VAL A 118 2.64 35.56 47.37
N MET A 119 1.56 35.44 46.60
CA MET A 119 1.53 34.45 45.52
C MET A 119 2.57 34.79 44.46
N THR A 120 2.78 36.08 44.20
CA THR A 120 3.80 36.49 43.25
C THR A 120 5.20 36.12 43.75
N ARG A 121 5.46 36.31 45.05
CA ARG A 121 6.74 35.91 45.59
C ARG A 121 6.96 34.40 45.48
N ILE A 122 5.93 33.62 45.79
CA ILE A 122 6.04 32.16 45.66
C ILE A 122 6.29 31.77 44.20
N LEU A 123 5.58 32.42 43.28
CA LEU A 123 5.77 32.13 41.85
C LEU A 123 7.18 32.49 41.41
N ASN A 124 7.71 33.61 41.89
CA ASN A 124 9.08 33.99 41.55
C ASN A 124 10.08 32.96 42.07
N ALA A 125 9.88 32.50 43.30
CA ALA A 125 10.77 31.46 43.85
C ALA A 125 10.73 30.21 42.99
N LEU A 126 9.53 29.73 42.66
CA LEU A 126 9.41 28.52 41.87
C LEU A 126 10.02 28.70 40.47
N ILE A 127 9.79 29.86 39.86
CA ILE A 127 10.32 30.11 38.52
C ILE A 127 11.84 30.14 38.53
N ASN A 128 12.42 30.80 39.53
CA ASN A 128 13.87 30.90 39.60
C ASN A 128 14.53 29.65 40.17
N ASN A 129 13.76 28.67 40.63
CA ASN A 129 14.30 27.43 41.16
C ASN A 129 13.92 26.23 40.29
N ARG A 130 14.03 26.39 38.97
CA ARG A 130 13.86 25.24 38.08
C ARG A 130 14.92 24.18 38.38
N GLN A 131 16.16 24.62 38.61
CA GLN A 131 17.21 23.76 39.15
C GLN A 131 17.30 24.07 40.65
N LEU A 132 16.78 23.17 41.47
CA LEU A 132 16.68 23.43 42.91
C LEU A 132 18.06 23.69 43.51
N THR A 133 18.12 24.68 44.40
CA THR A 133 19.40 25.13 44.93
C THR A 133 20.09 24.03 45.72
N GLY A 134 19.37 23.38 46.62
CA GLY A 134 19.97 22.32 47.43
C GLY A 134 20.19 21.03 46.68
N LEU A 135 19.41 20.78 45.63
CA LEU A 135 19.49 19.54 44.85
C LEU A 135 19.57 19.88 43.37
N PRO A 136 20.73 20.33 42.90
CA PRO A 136 20.86 20.69 41.47
C PRO A 136 20.59 19.54 40.52
N GLY A 137 20.89 18.30 40.92
CA GLY A 137 20.74 17.16 40.04
C GLY A 137 19.35 16.57 39.95
N ALA A 138 18.39 17.11 40.69
CA ALA A 138 17.03 16.58 40.66
C ALA A 138 16.33 16.95 39.36
N TYR A 139 15.35 16.14 38.99
CA TYR A 139 14.52 16.38 37.81
C TYR A 139 13.21 17.01 38.27
N THR A 140 12.96 18.24 37.82
CA THR A 140 11.83 19.02 38.32
C THR A 140 10.92 19.45 37.18
N ARG A 141 9.64 19.64 37.52
CA ARG A 141 8.66 20.23 36.62
C ARG A 141 7.99 21.38 37.37
N ILE A 142 8.29 22.61 36.96
CA ILE A 142 7.79 23.79 37.66
C ILE A 142 6.40 24.13 37.15
N ILE A 143 5.52 24.50 38.08
CA ILE A 143 4.13 24.89 37.86
C ILE A 143 3.49 24.12 36.71
N PRO A 144 3.33 22.80 36.82
CA PRO A 144 2.66 22.05 35.75
C PRO A 144 1.20 22.44 35.64
N GLN A 145 0.61 22.11 34.50
CA GLN A 145 -0.80 22.42 34.26
C GLN A 145 -1.66 21.78 35.34
N GLN A 146 -2.42 22.60 36.06
CA GLN A 146 -3.22 22.13 37.18
C GLN A 146 -4.48 21.47 36.65
N GLU A 147 -5.41 21.18 37.55
CA GLU A 147 -6.64 20.49 37.20
C GLU A 147 -7.71 21.49 36.76
N ASN A 148 -8.87 20.98 36.39
CA ASN A 148 -9.97 21.81 35.95
C ASN A 148 -10.72 22.37 37.16
N LEU A 149 -11.84 23.04 36.92
CA LEU A 149 -12.62 23.61 38.01
C LEU A 149 -13.30 22.53 38.84
N ASN A 150 -13.66 21.40 38.22
CA ASN A 150 -14.33 20.33 38.94
C ASN A 150 -13.43 19.75 40.03
N SER A 151 -12.17 19.48 39.70
CA SER A 151 -11.24 18.92 40.67
C SER A 151 -10.95 19.93 41.78
N LEU A 152 -10.81 21.20 41.43
CA LEU A 152 -10.60 22.23 42.45
C LEU A 152 -11.79 22.30 43.40
N GLY A 153 -13.01 22.25 42.85
CA GLY A 153 -14.19 22.26 43.68
C GLY A 153 -14.26 21.07 44.62
N ASN A 154 -13.95 19.87 44.09
CA ASN A 154 -13.97 18.68 44.94
C ASN A 154 -12.91 18.76 46.04
N PHE A 155 -11.70 19.21 45.69
CA PHE A 155 -10.64 19.31 46.69
C PHE A 155 -11.00 20.30 47.79
N TRP A 156 -11.56 21.45 47.42
CA TRP A 156 -11.93 22.42 48.44
C TRP A 156 -13.20 22.05 49.19
N GLN A 157 -14.06 21.20 48.61
CA GLN A 157 -15.10 20.55 49.39
C GLN A 157 -14.50 19.66 50.45
N ALA A 158 -13.47 18.89 50.08
CA ALA A 158 -12.79 18.04 51.06
C ALA A 158 -12.17 18.86 52.16
N LEU A 159 -11.54 19.98 51.81
CA LEU A 159 -10.94 20.85 52.82
C LEU A 159 -11.98 21.65 53.60
N GLY A 160 -13.21 21.72 53.11
CA GLY A 160 -14.26 22.45 53.81
C GLY A 160 -13.99 23.93 53.95
N ASN A 161 -13.52 24.57 52.88
CA ASN A 161 -13.19 25.98 52.92
C ASN A 161 -13.31 26.56 51.52
N ARG A 162 -13.28 27.88 51.44
CA ARG A 162 -13.44 28.56 50.17
C ARG A 162 -12.25 28.24 49.26
N PRO A 163 -12.49 28.06 47.96
CA PRO A 163 -11.38 27.76 47.04
C PRO A 163 -10.38 28.89 46.97
N ARG A 164 -9.11 28.53 46.78
CA ARG A 164 -8.02 29.49 46.70
C ARG A 164 -7.08 29.10 45.58
N LEU A 165 -6.23 30.04 45.17
CA LEU A 165 -5.22 29.79 44.17
C LEU A 165 -4.06 29.00 44.76
N SER A 166 -3.56 28.02 44.00
CA SER A 166 -2.44 27.21 44.45
C SER A 166 -1.48 27.01 43.29
N LEU A 167 -0.23 26.69 43.63
CA LEU A 167 0.80 26.39 42.66
C LEU A 167 1.33 24.98 42.88
N LEU A 168 1.71 24.33 41.78
CA LEU A 168 2.17 22.95 41.81
C LEU A 168 3.68 22.88 41.61
N TYR A 169 4.28 21.83 42.14
CA TYR A 169 5.72 21.61 42.02
C TYR A 169 5.99 20.12 42.06
N SER A 170 6.71 19.63 41.05
CA SER A 170 7.07 18.22 40.94
C SER A 170 8.58 18.07 40.89
N ILE A 171 9.09 17.09 41.62
CA ILE A 171 10.53 16.86 41.71
C ILE A 171 10.79 15.37 41.89
N THR A 172 11.81 14.87 41.21
CA THR A 172 12.19 13.46 41.27
C THR A 172 13.61 13.35 41.81
N VAL A 173 13.78 12.53 42.84
CA VAL A 173 15.08 12.29 43.46
C VAL A 173 15.28 10.79 43.67
N PRO A 174 16.51 10.31 43.71
CA PRO A 174 16.73 8.88 44.00
C PRO A 174 16.77 8.62 45.49
N MET A 175 16.29 7.44 45.87
CA MET A 175 16.29 6.99 47.25
C MET A 175 17.08 5.70 47.37
N LYS A 176 18.03 5.68 48.32
CA LYS A 176 18.96 4.58 48.44
C LYS A 176 18.30 3.35 49.07
N LEU A 177 18.55 2.18 48.49
CA LEU A 177 18.05 0.93 49.01
C LEU A 177 18.95 0.43 50.14
N LYS A 178 18.49 -0.63 50.81
CA LYS A 178 19.18 -1.18 51.97
C LYS A 178 19.92 -2.49 51.67
N ASN A 179 20.03 -2.88 50.40
CA ASN A 179 20.68 -4.13 50.03
C ASN A 179 22.12 -3.86 49.65
N ILE A 180 23.04 -4.20 50.56
CA ILE A 180 24.47 -4.01 50.33
C ILE A 180 25.21 -5.25 50.80
N GLU A 181 26.17 -5.72 50.00
CA GLU A 181 27.00 -6.85 50.34
C GLU A 181 28.40 -6.37 50.70
N ASP A 182 29.05 -7.07 51.63
CA ASP A 182 30.28 -6.58 52.23
C ASP A 182 31.51 -7.44 51.95
N ASN A 183 31.34 -8.67 51.46
CA ASN A 183 32.45 -9.60 51.31
C ASN A 183 32.46 -10.19 49.90
N VAL A 184 32.36 -9.33 48.89
CA VAL A 184 32.41 -9.76 47.49
C VAL A 184 33.86 -9.64 47.04
N ILE A 185 34.54 -10.78 46.96
CA ILE A 185 35.97 -10.80 46.63
C ILE A 185 36.15 -10.52 45.14
N PRO A 186 37.06 -9.64 44.74
CA PRO A 186 37.32 -9.44 43.32
C PRO A 186 38.03 -10.63 42.69
N VAL A 187 37.89 -10.74 41.37
CA VAL A 187 38.58 -11.78 40.62
C VAL A 187 40.01 -11.33 40.38
N SER A 188 40.97 -12.14 40.81
CA SER A 188 42.38 -11.78 40.68
C SER A 188 43.17 -12.86 39.97
N LYS A 189 42.72 -14.12 40.07
CA LYS A 189 43.38 -15.25 39.45
C LYS A 189 42.41 -15.94 38.50
N ILE A 190 42.89 -16.28 37.31
CA ILE A 190 42.08 -16.89 36.27
C ILE A 190 42.77 -18.16 35.80
N SER A 191 42.04 -19.28 35.82
CA SER A 191 42.57 -20.57 35.42
C SER A 191 41.59 -21.25 34.48
N ALA A 192 42.10 -21.75 33.36
CA ALA A 192 41.30 -22.45 32.37
C ALA A 192 41.99 -23.72 31.93
N SER A 193 41.22 -24.77 31.71
CA SER A 193 41.74 -26.06 31.25
C SER A 193 40.92 -26.53 30.06
N VAL A 194 41.61 -26.94 29.00
CA VAL A 194 40.97 -27.41 27.77
C VAL A 194 41.34 -28.87 27.58
N ASP A 195 40.33 -29.73 27.45
CA ASP A 195 40.53 -31.16 27.32
C ASP A 195 39.80 -31.65 26.07
N GLN A 196 40.11 -32.89 25.68
CA GLN A 196 39.50 -33.47 24.49
C GLN A 196 38.14 -34.07 24.81
N LYS A 197 37.23 -33.97 23.85
CA LYS A 197 35.88 -34.49 23.97
C LYS A 197 35.58 -35.44 22.81
N PRO A 198 34.95 -36.58 23.07
CA PRO A 198 34.56 -37.46 21.97
C PRO A 198 33.47 -36.82 21.11
N ASN A 199 33.49 -37.17 19.82
CA ASN A 199 32.50 -36.67 18.87
C ASN A 199 31.25 -37.53 18.99
N LEU A 200 30.47 -37.25 20.03
CA LEU A 200 29.28 -38.04 20.33
C LEU A 200 28.14 -37.11 20.69
N ASP A 201 26.92 -37.61 20.51
CA ASP A 201 25.71 -36.89 20.84
C ASP A 201 25.16 -37.40 22.16
N ASN A 202 24.78 -36.48 23.05
CA ASN A 202 24.27 -36.88 24.36
C ASN A 202 22.98 -37.67 24.23
N SER A 203 22.09 -37.26 23.31
CA SER A 203 20.84 -37.97 23.13
C SER A 203 21.07 -39.39 22.65
N GLN A 204 22.07 -39.59 21.79
CA GLN A 204 22.42 -40.93 21.34
C GLN A 204 22.83 -41.82 22.50
N ILE A 205 23.68 -41.28 23.40
CA ILE A 205 24.12 -42.05 24.55
C ILE A 205 22.94 -42.37 25.47
N ASN A 206 22.06 -41.40 25.69
CA ASN A 206 20.90 -41.63 26.54
C ASN A 206 20.00 -42.71 25.96
N GLN A 207 19.73 -42.64 24.65
CA GLN A 207 18.88 -43.65 24.03
C GLN A 207 19.52 -45.03 24.07
N ALA A 208 20.84 -45.10 23.83
CA ALA A 208 21.52 -46.39 23.89
C ALA A 208 21.47 -46.97 25.30
N LEU A 209 21.67 -46.13 26.32
CA LEU A 209 21.63 -46.62 27.69
C LEU A 209 20.23 -47.09 28.07
N ILE A 210 19.20 -46.35 27.65
CA ILE A 210 17.84 -46.77 27.97
C ILE A 210 17.49 -48.07 27.25
N ASP A 211 18.00 -48.25 26.02
CA ASP A 211 17.76 -49.50 25.31
C ASP A 211 18.47 -50.66 26.00
N LYS A 212 19.71 -50.44 26.45
CA LYS A 212 20.43 -51.48 27.18
C LYS A 212 19.72 -51.84 28.48
N LEU A 213 19.21 -50.83 29.20
CA LEU A 213 18.46 -51.10 30.41
C LEU A 213 17.20 -51.90 30.13
N CYS A 214 16.47 -51.54 29.07
CA CYS A 214 15.26 -52.27 28.72
C CYS A 214 15.58 -53.72 28.35
N VAL A 215 16.66 -53.93 27.60
CA VAL A 215 17.06 -55.29 27.23
C VAL A 215 17.45 -56.10 28.46
N GLU A 216 18.23 -55.50 29.35
CA GLU A 216 18.67 -56.20 30.55
C GLU A 216 17.50 -56.55 31.45
N LEU A 217 16.53 -55.64 31.57
CA LEU A 217 15.39 -55.87 32.45
C LEU A 217 14.49 -57.00 31.96
N GLY A 218 14.61 -57.38 30.68
CA GLY A 218 13.82 -58.49 30.17
C GLY A 218 13.28 -58.29 28.77
N GLY A 219 13.11 -57.03 28.37
CA GLY A 219 12.60 -56.74 27.05
C GLY A 219 11.12 -57.00 26.85
N THR A 220 10.42 -57.46 27.87
CA THR A 220 8.99 -57.68 27.78
C THR A 220 8.27 -56.35 27.60
N GLU A 221 7.13 -56.39 26.90
CA GLU A 221 6.34 -55.17 26.69
C GLU A 221 5.93 -54.55 28.01
N ASP A 222 5.83 -55.34 29.08
CA ASP A 222 5.60 -54.78 30.41
C ASP A 222 6.78 -53.91 30.84
N VAL A 223 8.01 -54.33 30.53
CA VAL A 223 9.17 -53.52 30.85
C VAL A 223 9.14 -52.21 30.08
N ARG A 224 8.78 -52.27 28.79
CA ARG A 224 8.69 -51.06 27.98
C ARG A 224 7.62 -50.12 28.53
N LEU A 225 6.50 -50.67 28.99
CA LEU A 225 5.47 -49.85 29.63
C LEU A 225 5.99 -49.21 30.90
N ALA A 226 6.75 -49.96 31.70
CA ALA A 226 7.27 -49.44 32.96
C ALA A 226 8.37 -48.40 32.76
N LEU A 227 9.03 -48.40 31.59
CA LEU A 227 10.09 -47.45 31.30
C LEU A 227 9.61 -46.27 30.46
N ALA A 228 8.30 -46.13 30.25
CA ALA A 228 7.78 -45.05 29.43
C ALA A 228 8.05 -43.69 30.04
N LYS A 229 7.88 -43.57 31.36
CA LYS A 229 8.02 -42.29 32.06
C LYS A 229 9.27 -42.25 32.91
N VAL A 230 10.34 -42.87 32.43
CA VAL A 230 11.64 -42.87 33.11
C VAL A 230 12.62 -42.08 32.26
N ASN A 231 13.25 -41.08 32.86
CA ASN A 231 14.19 -40.20 32.16
C ASN A 231 15.61 -40.54 32.60
N LEU A 232 16.46 -40.88 31.64
CA LEU A 232 17.86 -41.14 31.89
C LEU A 232 18.70 -40.09 31.16
N THR A 233 19.59 -39.44 31.88
CA THR A 233 20.48 -38.44 31.32
C THR A 233 21.90 -38.71 31.75
N THR A 234 22.85 -38.25 30.94
CA THR A 234 24.28 -38.46 31.19
C THR A 234 25.00 -37.12 31.15
N LYS A 235 26.10 -37.05 31.90
CA LYS A 235 26.97 -35.89 31.96
C LYS A 235 28.41 -36.33 31.80
N PRO A 236 29.25 -35.50 31.17
CA PRO A 236 30.68 -35.85 31.08
C PRO A 236 31.32 -35.90 32.45
N ASP A 237 32.22 -36.86 32.63
CA ASP A 237 32.93 -37.05 33.88
C ASP A 237 34.30 -36.38 33.77
N THR A 238 34.47 -35.27 34.47
CA THR A 238 35.73 -34.54 34.49
C THR A 238 36.63 -35.06 35.62
N GLU A 239 37.00 -36.33 35.48
CA GLU A 239 37.84 -36.99 36.48
C GLU A 239 38.61 -38.15 35.87
N ASN A 243 42.12 -42.20 31.31
CA ASN A 243 42.05 -43.23 30.28
C ASN A 243 41.79 -42.63 28.91
N GLN A 244 42.17 -43.36 27.86
CA GLN A 244 41.95 -42.92 26.49
C GLN A 244 41.18 -43.91 25.64
N GLU A 245 40.99 -45.15 26.09
CA GLU A 245 40.27 -46.16 25.34
C GLU A 245 38.78 -46.16 25.63
N ASN A 246 38.31 -45.35 26.57
CA ASN A 246 36.89 -45.29 26.89
C ASN A 246 36.61 -43.94 27.55
N GLU A 247 35.32 -43.61 27.62
CA GLU A 247 34.88 -42.37 28.23
C GLU A 247 33.94 -42.66 29.39
N SER A 248 33.97 -41.79 30.39
CA SER A 248 33.19 -41.93 31.60
C SER A 248 32.05 -40.92 31.61
N VAL A 249 30.87 -41.36 32.05
CA VAL A 249 29.68 -40.54 32.08
C VAL A 249 29.03 -40.64 33.46
N ILE A 250 28.19 -39.65 33.76
CA ILE A 250 27.46 -39.59 35.02
C ILE A 250 26.00 -39.87 34.72
N VAL A 251 25.53 -41.06 35.10
CA VAL A 251 24.17 -41.47 34.79
C VAL A 251 23.22 -40.93 35.86
N GLU A 252 22.19 -40.21 35.41
CA GLU A 252 21.15 -39.68 36.30
C GLU A 252 19.81 -40.18 35.82
N VAL A 253 19.07 -40.84 36.72
CA VAL A 253 17.78 -41.44 36.40
C VAL A 253 16.72 -40.84 37.30
N SER A 254 15.64 -40.35 36.68
CA SER A 254 14.52 -39.78 37.42
C SER A 254 13.24 -39.98 36.61
N GLY A 255 12.14 -40.12 37.32
CA GLY A 255 10.85 -40.31 36.67
C GLY A 255 9.93 -41.11 37.58
N ILE A 256 8.99 -41.81 36.94
CA ILE A 256 8.01 -42.64 37.64
C ILE A 256 8.06 -44.04 37.04
N THR A 257 8.06 -45.05 37.90
CA THR A 257 8.02 -46.44 37.48
C THR A 257 7.18 -47.24 38.46
N SER A 258 6.91 -48.49 38.12
CA SER A 258 6.11 -49.35 38.96
C SER A 258 6.91 -49.81 40.18
N VAL A 259 6.19 -50.41 41.13
CA VAL A 259 6.82 -50.86 42.37
C VAL A 259 7.81 -51.98 42.10
N THR A 260 7.49 -52.87 41.15
CA THR A 260 8.31 -54.06 40.95
C THR A 260 9.66 -53.72 40.32
N TYR A 261 9.67 -52.81 39.34
CA TYR A 261 10.87 -52.58 38.54
C TYR A 261 11.81 -51.54 39.14
N LEU A 262 11.40 -50.80 40.16
CA LEU A 262 12.30 -49.80 40.75
C LEU A 262 13.53 -50.42 41.39
N PRO A 263 13.43 -51.42 42.28
CA PRO A 263 14.67 -52.05 42.79
C PRO A 263 15.48 -52.71 41.71
N GLN A 264 14.84 -53.27 40.68
CA GLN A 264 15.60 -53.88 39.59
C GLN A 264 16.41 -52.84 38.83
N ILE A 265 15.81 -51.67 38.56
CA ILE A 265 16.53 -50.60 37.88
C ILE A 265 17.69 -50.11 38.74
N LYS A 266 17.46 -49.95 40.05
CA LYS A 266 18.54 -49.50 40.93
C LYS A 266 19.68 -50.53 40.97
N ASP A 267 19.33 -51.81 41.03
CA ASP A 267 20.35 -52.86 41.04
C ASP A 267 21.13 -52.86 39.73
N THR A 268 20.45 -52.68 38.60
CA THR A 268 21.14 -52.61 37.32
C THR A 268 22.09 -51.44 37.26
N LEU A 269 21.67 -50.28 37.77
CA LEU A 269 22.55 -49.11 37.77
C LEU A 269 23.77 -49.35 38.66
N THR A 270 23.57 -49.94 39.83
CA THR A 270 24.71 -50.24 40.70
C THR A 270 25.65 -51.24 40.04
N LYS A 271 25.11 -52.25 39.35
CA LYS A 271 25.95 -53.20 38.66
C LYS A 271 26.74 -52.54 37.54
N TRP A 272 26.10 -51.60 36.82
CA TRP A 272 26.83 -50.86 35.78
C TRP A 272 27.96 -50.04 36.39
N LYS A 273 27.69 -49.38 37.52
CA LYS A 273 28.73 -48.59 38.16
C LYS A 273 29.89 -49.45 38.63
N SER A 274 29.60 -50.60 39.25
CA SER A 274 30.65 -51.45 39.79
C SER A 274 31.54 -52.00 38.68
N SER A 275 30.94 -52.48 37.59
CA SER A 275 31.72 -53.04 36.50
C SER A 275 32.49 -51.93 35.77
N GLN A 276 33.75 -52.22 35.43
CA GLN A 276 34.59 -51.29 34.71
C GLN A 276 34.56 -51.49 33.20
N GLU A 277 33.78 -52.44 32.72
CA GLU A 277 33.72 -52.72 31.29
C GLU A 277 32.79 -51.74 30.59
N ALA A 278 32.93 -51.67 29.27
CA ALA A 278 32.07 -50.80 28.47
C ALA A 278 30.68 -51.38 28.37
N ILE A 279 29.67 -50.52 28.58
CA ILE A 279 28.28 -50.96 28.50
C ILE A 279 27.75 -50.86 27.08
N VAL A 280 27.98 -49.73 26.41
CA VAL A 280 27.55 -49.53 25.04
C VAL A 280 28.71 -48.96 24.23
N LYS A 281 28.60 -49.10 22.91
CA LYS A 281 29.62 -48.62 21.99
C LYS A 281 28.93 -47.92 20.83
N ILE A 282 29.14 -46.61 20.72
CA ILE A 282 28.52 -45.80 19.68
C ILE A 282 29.62 -45.17 18.85
N ASN A 283 29.55 -45.37 17.53
CA ASN A 283 30.50 -44.81 16.57
C ASN A 283 31.94 -45.25 16.88
N GLY A 284 32.10 -46.43 17.46
CA GLY A 284 33.39 -46.94 17.83
C GLY A 284 33.91 -46.46 19.17
N VAL A 285 33.18 -45.58 19.84
CA VAL A 285 33.57 -45.06 21.15
C VAL A 285 32.83 -45.86 22.22
N SER A 286 33.57 -46.42 23.17
CA SER A 286 32.99 -47.23 24.22
C SER A 286 32.68 -46.37 25.44
N ILE A 287 31.48 -46.55 25.99
CA ILE A 287 31.00 -45.74 27.11
C ILE A 287 31.08 -46.57 28.38
N VAL A 288 31.69 -46.01 29.43
CA VAL A 288 31.83 -46.65 30.72
C VAL A 288 31.18 -45.76 31.76
N VAL A 289 30.27 -46.35 32.55
CA VAL A 289 29.60 -45.60 33.61
C VAL A 289 30.49 -45.60 34.85
N SER A 290 30.83 -44.40 35.33
CA SER A 290 31.69 -44.26 36.51
C SER A 290 30.96 -43.72 37.72
N LYS A 291 29.81 -43.06 37.53
CA LYS A 291 29.04 -42.52 38.65
C LYS A 291 27.57 -42.52 38.26
N GLU A 292 26.73 -42.93 39.20
CA GLU A 292 25.29 -43.03 38.95
C GLU A 292 24.53 -42.49 40.15
N ASN A 293 23.28 -42.13 39.91
CA ASN A 293 22.39 -41.61 40.96
C ASN A 293 20.96 -41.81 40.52
N ALA A 294 20.15 -42.45 41.35
CA ALA A 294 18.76 -42.73 41.00
C ALA A 294 17.85 -42.50 42.21
N ASP A 295 18.17 -41.49 43.02
CA ASP A 295 17.36 -41.20 44.19
C ASP A 295 16.14 -40.35 43.89
N LYS A 296 16.02 -39.83 42.66
CA LYS A 296 14.87 -39.03 42.25
C LYS A 296 13.82 -39.86 41.52
N LEU A 297 13.98 -41.17 41.47
CA LEU A 297 13.06 -42.05 40.75
C LEU A 297 11.95 -42.48 41.69
N ILE A 298 10.72 -42.09 41.39
CA ILE A 298 9.57 -42.49 42.17
C ILE A 298 9.08 -43.85 41.66
N GLY A 299 8.88 -44.78 42.58
CA GLY A 299 8.53 -46.13 42.20
C GLY A 299 7.17 -46.58 42.68
N ILE A 300 6.17 -45.71 42.57
CA ILE A 300 4.82 -46.03 43.02
C ILE A 300 4.20 -47.14 42.16
N THR B 2 10.56 -17.28 41.86
CA THR B 2 10.42 -17.81 43.21
C THR B 2 9.07 -18.51 43.37
N ILE B 3 9.02 -19.47 44.27
CA ILE B 3 7.82 -20.28 44.48
C ILE B 3 7.01 -19.70 45.62
N ILE B 4 5.71 -19.52 45.39
CA ILE B 4 4.77 -19.12 46.42
C ILE B 4 3.70 -20.20 46.53
N ILE B 5 3.43 -20.64 47.76
CA ILE B 5 2.51 -21.74 47.99
C ILE B 5 1.08 -21.20 48.03
N ALA B 6 0.20 -21.82 47.25
CA ALA B 6 -1.20 -21.43 47.24
C ALA B 6 -1.86 -21.77 48.57
N SER B 7 -2.66 -20.85 49.08
CA SER B 7 -3.30 -21.01 50.38
C SER B 7 -4.72 -20.46 50.32
N ASP B 8 -5.54 -20.89 51.28
CA ASP B 8 -6.91 -20.42 51.40
C ASP B 8 -7.06 -19.32 52.44
N ASN B 9 -5.96 -18.76 52.92
CA ASN B 9 -5.98 -17.69 53.91
C ASN B 9 -4.98 -16.61 53.52
N ALA B 10 -4.94 -16.26 52.22
CA ALA B 10 -3.89 -15.40 51.70
C ALA B 10 -3.98 -13.98 52.24
N ILE B 11 -5.19 -13.47 52.45
CA ILE B 11 -5.35 -12.08 52.88
C ILE B 11 -4.69 -11.85 54.22
N ILE B 12 -4.94 -12.75 55.18
CA ILE B 12 -4.36 -12.60 56.51
C ILE B 12 -2.84 -12.77 56.47
N GLU B 13 -2.33 -13.65 55.59
CA GLU B 13 -0.89 -13.79 55.46
C GLU B 13 -0.26 -12.51 54.94
N ILE B 14 -0.88 -11.87 53.94
CA ILE B 14 -0.37 -10.59 53.45
C ILE B 14 -0.42 -9.55 54.55
N ASN B 15 -1.51 -9.53 55.32
CA ASN B 15 -1.63 -8.57 56.41
C ASN B 15 -0.53 -8.78 57.44
N GLN B 16 -0.23 -10.03 57.77
CA GLN B 16 0.82 -10.31 58.75
C GLN B 16 2.19 -9.92 58.24
N ALA B 17 2.48 -10.19 56.96
CA ALA B 17 3.76 -9.77 56.39
C ALA B 17 3.90 -8.26 56.40
N LEU B 18 2.85 -7.54 56.02
CA LEU B 18 2.88 -6.08 56.04
C LEU B 18 3.06 -5.57 57.46
N ASN B 19 2.35 -6.16 58.42
CA ASN B 19 2.49 -5.74 59.82
C ASN B 19 3.91 -5.96 60.30
N THR B 20 4.52 -7.10 59.96
CA THR B 20 5.87 -7.38 60.40
C THR B 20 6.86 -6.35 59.83
N ILE B 21 6.80 -6.11 58.52
CA ILE B 21 7.76 -5.18 57.93
C ILE B 21 7.53 -3.76 58.42
N LEU B 22 6.26 -3.35 58.57
CA LEU B 22 5.97 -2.01 59.05
C LEU B 22 6.44 -1.82 60.48
N SER B 23 6.22 -2.82 61.34
CA SER B 23 6.71 -2.73 62.71
C SER B 23 8.23 -2.65 62.76
N GLN B 24 8.90 -3.46 61.94
CA GLN B 24 10.35 -3.45 61.92
C GLN B 24 10.89 -2.09 61.49
N TYR B 25 10.27 -1.48 60.48
CA TYR B 25 10.78 -0.19 59.99
C TYR B 25 10.25 1.01 60.77
N LEU B 26 9.23 0.83 61.61
CA LEU B 26 8.66 1.95 62.36
C LEU B 26 9.13 2.02 63.80
N ASN B 27 9.25 0.88 64.48
CA ASN B 27 9.69 0.85 65.87
C ASN B 27 11.21 0.81 66.00
N ILE B 28 11.93 1.22 64.96
CA ILE B 28 13.39 1.16 64.97
C ILE B 28 14.03 2.32 65.71
N THR B 29 13.28 3.37 66.01
CA THR B 29 13.80 4.54 66.69
C THR B 29 13.49 4.55 68.19
N GLY B 30 12.99 3.44 68.73
CA GLY B 30 12.60 3.39 70.12
C GLY B 30 11.20 3.91 70.41
N GLN B 31 10.45 4.30 69.39
CA GLN B 31 9.08 4.77 69.54
C GLN B 31 8.12 3.67 69.10
N ASN B 32 7.00 3.57 69.81
CA ASN B 32 5.95 2.60 69.47
C ASN B 32 4.78 3.35 68.83
N ILE B 33 4.41 2.92 67.63
CA ILE B 33 3.31 3.52 66.88
C ILE B 33 2.26 2.44 66.62
N ASP B 34 1.02 2.75 66.96
CA ASP B 34 -0.07 1.81 66.74
C ASP B 34 -0.31 1.60 65.25
N ILE B 35 -0.53 0.35 64.87
CA ILE B 35 -0.80 -0.02 63.49
C ILE B 35 -2.16 -0.69 63.44
N ARG B 36 -3.09 -0.09 62.70
CA ARG B 36 -4.45 -0.60 62.57
C ARG B 36 -4.73 -0.97 61.12
N PHE B 37 -5.59 -1.96 60.93
CA PHE B 37 -5.95 -2.42 59.60
C PHE B 37 -7.38 -2.04 59.21
N ASP B 38 -7.83 -0.90 59.69
CA ASP B 38 -9.13 -0.35 59.31
C ASP B 38 -9.10 1.16 59.49
N LEU B 39 -9.92 1.85 58.71
CA LEU B 39 -9.95 3.30 58.78
C LEU B 39 -10.67 3.76 60.04
N PRO B 40 -10.31 4.93 60.57
CA PRO B 40 -11.05 5.49 61.71
C PRO B 40 -12.47 5.87 61.33
N GLU B 41 -13.30 6.01 62.36
CA GLU B 41 -14.72 6.25 62.15
C GLU B 41 -14.95 7.65 61.58
N ILE B 42 -16.22 7.96 61.32
CA ILE B 42 -16.61 9.20 60.66
C ILE B 42 -16.57 10.34 61.68
N ASN B 43 -15.76 11.35 61.39
CA ASN B 43 -15.47 12.46 62.32
C ASN B 43 -15.16 11.93 63.73
N SER B 44 -14.21 11.00 63.79
CA SER B 44 -13.71 10.52 65.06
C SER B 44 -12.47 11.31 65.47
N ILE B 45 -12.05 11.11 66.72
CA ILE B 45 -10.88 11.78 67.27
C ILE B 45 -9.80 10.75 67.55
N GLN B 46 -8.55 11.19 67.51
CA GLN B 46 -7.40 10.31 67.73
C GLN B 46 -6.71 10.74 69.02
N SER B 47 -6.54 9.80 69.95
CA SER B 47 -5.82 10.06 71.17
C SER B 47 -4.32 9.87 71.00
N GLU B 48 -3.92 8.88 70.20
CA GLU B 48 -2.52 8.57 69.95
C GLU B 48 -2.28 8.49 68.45
N PRO B 49 -1.05 8.80 67.99
CA PRO B 49 -0.75 8.63 66.57
C PRO B 49 -0.84 7.18 66.16
N THR B 50 -1.28 6.96 64.92
CA THR B 50 -1.48 5.61 64.42
C THR B 50 -1.24 5.57 62.93
N VAL B 51 -0.92 4.38 62.44
CA VAL B 51 -0.74 4.12 61.01
C VAL B 51 -1.81 3.12 60.59
N SER B 52 -2.61 3.48 59.58
CA SER B 52 -3.70 2.65 59.13
C SER B 52 -3.34 1.99 57.80
N VAL B 53 -3.48 0.67 57.76
CA VAL B 53 -3.29 -0.10 56.53
C VAL B 53 -4.66 -0.52 56.05
N PHE B 54 -5.10 0.05 54.93
CA PHE B 54 -6.47 -0.13 54.45
C PHE B 54 -6.46 -0.97 53.19
N LEU B 55 -7.18 -2.09 53.23
CA LEU B 55 -7.37 -2.94 52.05
C LEU B 55 -8.68 -2.55 51.40
N TYR B 56 -8.59 -1.88 50.25
CA TYR B 56 -9.76 -1.26 49.64
C TYR B 56 -10.18 -1.89 48.32
N GLU B 57 -9.43 -2.87 47.81
CA GLU B 57 -9.72 -3.41 46.48
C GLU B 57 -9.20 -4.83 46.38
N ILE B 58 -10.06 -5.75 45.96
CA ILE B 58 -9.68 -7.12 45.66
C ILE B 58 -10.35 -7.53 44.35
N HIS B 59 -9.56 -8.00 43.40
CA HIS B 59 -10.10 -8.47 42.12
C HIS B 59 -9.20 -9.58 41.59
N GLU B 60 -9.75 -10.37 40.68
CA GLU B 60 -8.99 -11.44 40.06
C GLU B 60 -8.00 -10.87 39.06
N ASP B 61 -6.73 -11.28 39.18
CA ASP B 61 -5.68 -10.78 38.32
C ASP B 61 -5.76 -11.47 36.97
N LEU B 62 -6.36 -10.79 35.99
CA LEU B 62 -6.51 -11.39 34.66
C LEU B 62 -5.19 -11.43 33.91
N GLN B 63 -4.27 -10.51 34.22
CA GLN B 63 -3.00 -10.48 33.50
C GLN B 63 -2.14 -11.70 33.79
N LEU B 64 -2.20 -12.22 35.01
CA LEU B 64 -1.39 -13.37 35.40
C LEU B 64 -2.10 -14.69 35.25
N ARG B 65 -3.33 -14.69 34.73
CA ARG B 65 -4.05 -15.94 34.52
C ARG B 65 -3.39 -16.75 33.40
N SER B 66 -3.33 -18.05 33.59
CA SER B 66 -2.74 -18.96 32.61
C SER B 66 -3.66 -20.17 32.43
N ALA B 67 -3.53 -20.81 31.28
CA ALA B 67 -4.35 -21.97 30.94
C ALA B 67 -3.57 -23.23 31.29
N GLU B 68 -3.77 -23.71 32.51
CA GLU B 68 -3.05 -24.86 33.03
C GLU B 68 -4.02 -26.01 33.31
N SER B 69 -3.52 -27.22 33.21
CA SER B 69 -4.31 -28.41 33.49
C SER B 69 -4.24 -28.76 34.97
N ARG B 70 -5.22 -29.53 35.43
CA ARG B 70 -5.24 -29.95 36.82
C ARG B 70 -4.05 -30.86 37.12
N ARG B 71 -3.41 -30.60 38.26
CA ARG B 71 -2.22 -31.35 38.63
C ARG B 71 -2.59 -32.67 39.30
N TYR B 72 -1.91 -33.74 38.90
CA TYR B 72 -2.22 -35.09 39.36
C TYR B 72 -1.05 -35.65 40.14
N ASN B 73 -1.37 -36.36 41.23
CA ASN B 73 -0.37 -37.04 42.05
C ASN B 73 -0.65 -38.54 42.01
N PRO B 74 0.05 -39.29 41.16
CA PRO B 74 -0.22 -40.74 41.07
C PRO B 74 0.07 -41.50 42.34
N SER B 75 0.96 -40.98 43.21
CA SER B 75 1.29 -41.70 44.44
C SER B 75 0.08 -41.83 45.35
N THR B 76 -0.71 -40.75 45.48
CA THR B 76 -1.86 -40.74 46.37
C THR B 76 -3.19 -40.82 45.63
N ASN B 77 -3.17 -40.97 44.30
CA ASN B 77 -4.38 -41.05 43.49
C ASN B 77 -5.32 -39.87 43.74
N THR B 78 -4.73 -38.67 43.80
CA THR B 78 -5.48 -37.46 44.08
C THR B 78 -5.27 -36.45 42.96
N LEU B 79 -6.34 -35.75 42.61
CA LEU B 79 -6.30 -34.64 41.66
C LEU B 79 -6.20 -33.35 42.46
N LEU B 80 -5.06 -32.67 42.36
CA LEU B 80 -4.80 -31.51 43.20
C LEU B 80 -5.73 -30.36 42.85
N PRO B 81 -6.09 -29.53 43.83
CA PRO B 81 -7.01 -28.42 43.58
C PRO B 81 -6.38 -27.35 42.71
N GLY B 82 -7.23 -26.60 42.03
CA GLY B 82 -6.81 -25.43 41.28
C GLY B 82 -6.63 -24.23 42.19
N TRP B 83 -6.34 -23.09 41.55
CA TRP B 83 -6.14 -21.86 42.30
C TRP B 83 -6.61 -20.68 41.48
N VAL B 84 -6.88 -19.57 42.17
CA VAL B 84 -7.30 -18.33 41.56
C VAL B 84 -6.37 -17.22 42.05
N ASN B 85 -5.81 -16.47 41.11
CA ASN B 85 -4.92 -15.37 41.47
C ASN B 85 -5.73 -14.18 41.97
N ILE B 86 -5.31 -13.62 43.10
CA ILE B 86 -6.02 -12.54 43.78
C ILE B 86 -5.10 -11.34 43.86
N ASN B 87 -5.59 -10.18 43.43
CA ASN B 87 -4.84 -8.93 43.52
C ASN B 87 -5.42 -8.09 44.64
N CYS B 88 -4.56 -7.72 45.60
CA CYS B 88 -4.96 -6.91 46.74
C CYS B 88 -4.24 -5.58 46.70
N ASN B 89 -4.98 -4.51 46.99
CA ASN B 89 -4.46 -3.14 46.94
C ASN B 89 -4.60 -2.51 48.32
N TYR B 90 -3.50 -1.96 48.82
CA TYR B 90 -3.45 -1.36 50.15
C TYR B 90 -3.26 0.15 50.07
N LEU B 91 -3.69 0.83 51.13
CA LEU B 91 -3.53 2.28 51.24
C LEU B 91 -3.03 2.59 52.65
N ILE B 92 -1.75 2.92 52.76
CA ILE B 92 -1.11 3.18 54.05
C ILE B 92 -1.11 4.69 54.31
N THR B 93 -1.62 5.08 55.47
CA THR B 93 -1.70 6.48 55.84
C THR B 93 -1.28 6.65 57.29
N TYR B 94 -0.77 7.83 57.63
CA TYR B 94 -0.38 8.18 58.98
C TYR B 94 -1.36 9.20 59.54
N TRP B 95 -1.81 8.99 60.78
CA TRP B 95 -2.76 9.87 61.43
C TRP B 95 -2.10 10.52 62.64
N ASP B 96 -2.13 11.86 62.68
CA ASP B 96 -1.57 12.59 63.80
C ASP B 96 -2.47 12.46 65.03
N ALA B 97 -1.87 12.65 66.19
CA ALA B 97 -2.61 12.60 67.45
C ALA B 97 -3.51 13.82 67.61
N GLN B 110 6.75 22.39 60.42
CA GLN B 110 8.19 22.32 60.19
C GLN B 110 8.53 21.24 59.18
N PRO B 111 9.61 21.45 58.42
CA PRO B 111 10.03 20.43 57.44
C PRO B 111 10.43 19.11 58.08
N ASN B 112 10.78 19.12 59.37
CA ASN B 112 11.22 17.92 60.07
C ASN B 112 10.16 17.42 61.05
N ASN B 113 8.89 17.54 60.69
CA ASN B 113 7.82 17.15 61.59
C ASN B 113 7.72 15.62 61.66
N GLN B 114 6.96 15.16 62.67
CA GLN B 114 6.85 13.73 62.92
C GLN B 114 6.19 13.01 61.75
N ALA B 115 5.21 13.64 61.12
CA ALA B 115 4.49 13.00 60.02
C ALA B 115 5.43 12.68 58.86
N ALA B 116 6.32 13.61 58.53
CA ALA B 116 7.27 13.37 57.45
C ALA B 116 8.21 12.22 57.77
N GLN B 117 8.69 12.14 59.02
CA GLN B 117 9.59 11.06 59.41
C GLN B 117 8.88 9.71 59.36
N VAL B 118 7.64 9.63 59.85
CA VAL B 118 6.90 8.38 59.82
C VAL B 118 6.63 7.97 58.37
N MET B 119 6.25 8.93 57.52
CA MET B 119 6.02 8.63 56.12
C MET B 119 7.30 8.16 55.44
N THR B 120 8.44 8.76 55.81
CA THR B 120 9.72 8.33 55.26
C THR B 120 10.03 6.90 55.66
N ARG B 121 9.78 6.54 56.92
CA ARG B 121 10.01 5.16 57.36
C ARG B 121 9.11 4.18 56.59
N ILE B 122 7.83 4.54 56.42
CA ILE B 122 6.91 3.67 55.68
C ILE B 122 7.38 3.52 54.24
N LEU B 123 7.80 4.63 53.62
CA LEU B 123 8.27 4.58 52.24
C LEU B 123 9.53 3.74 52.12
N ASN B 124 10.43 3.83 53.10
CA ASN B 124 11.63 2.99 53.09
C ASN B 124 11.27 1.51 53.18
N ALA B 125 10.32 1.17 54.05
CA ALA B 125 9.87 -0.21 54.15
C ALA B 125 9.32 -0.71 52.82
N LEU B 126 8.43 0.08 52.21
CA LEU B 126 7.82 -0.32 50.95
C LEU B 126 8.87 -0.45 49.85
N ILE B 127 9.83 0.49 49.79
CA ILE B 127 10.85 0.46 48.76
C ILE B 127 11.74 -0.77 48.92
N ASN B 128 12.13 -1.08 50.15
CA ASN B 128 13.00 -2.23 50.39
C ASN B 128 12.24 -3.56 50.39
N ASN B 129 10.91 -3.53 50.29
CA ASN B 129 10.16 -4.78 50.23
C ASN B 129 9.47 -4.95 48.89
N ARG B 130 10.18 -4.69 47.79
CA ARG B 130 9.64 -5.01 46.48
C ARG B 130 9.35 -6.49 46.35
N GLN B 131 10.25 -7.33 46.85
CA GLN B 131 10.01 -8.75 47.04
C GLN B 131 9.68 -8.94 48.52
N LEU B 132 8.40 -9.17 48.81
CA LEU B 132 7.96 -9.20 50.20
C LEU B 132 8.67 -10.30 50.98
N THR B 133 9.04 -9.99 52.22
CA THR B 133 9.87 -10.89 53.01
C THR B 133 9.15 -12.21 53.27
N GLY B 134 7.90 -12.15 53.72
CA GLY B 134 7.16 -13.37 54.01
C GLY B 134 6.67 -14.10 52.78
N LEU B 135 6.50 -13.40 51.66
CA LEU B 135 6.00 -13.98 50.42
C LEU B 135 6.93 -13.60 49.27
N PRO B 136 8.09 -14.26 49.17
CA PRO B 136 9.04 -13.92 48.11
C PRO B 136 8.48 -14.11 46.71
N GLY B 137 7.60 -15.09 46.50
CA GLY B 137 7.09 -15.40 45.19
C GLY B 137 5.91 -14.58 44.71
N ALA B 138 5.40 -13.66 45.53
CA ALA B 138 4.26 -12.86 45.12
C ALA B 138 4.67 -11.81 44.11
N TYR B 139 3.70 -11.36 43.32
CA TYR B 139 3.90 -10.32 42.32
C TYR B 139 3.42 -8.99 42.90
N THR B 140 4.35 -8.05 43.05
CA THR B 140 4.09 -6.80 43.74
C THR B 140 4.33 -5.61 42.83
N ARG B 141 3.62 -4.51 43.11
CA ARG B 141 3.82 -3.23 42.45
C ARG B 141 3.91 -2.17 43.54
N ILE B 142 5.13 -1.72 43.84
CA ILE B 142 5.35 -0.79 44.93
C ILE B 142 4.98 0.62 44.48
N ILE B 143 4.37 1.38 45.39
CA ILE B 143 3.95 2.77 45.24
C ILE B 143 3.53 3.09 43.80
N PRO B 144 2.45 2.49 43.29
CA PRO B 144 2.01 2.83 41.94
C PRO B 144 1.50 4.26 41.87
N GLN B 145 1.36 4.75 40.64
CA GLN B 145 0.86 6.09 40.41
C GLN B 145 -0.53 6.25 41.03
N GLN B 146 -0.67 7.23 41.91
CA GLN B 146 -1.94 7.45 42.61
C GLN B 146 -2.89 8.22 41.70
N GLU B 147 -3.98 8.71 42.28
CA GLU B 147 -5.01 9.39 41.52
C GLU B 147 -4.76 10.91 41.54
N ASN B 148 -5.64 11.63 40.86
CA ASN B 148 -5.52 13.08 40.78
C ASN B 148 -6.06 13.73 42.05
N LEU B 149 -6.11 15.06 42.06
CA LEU B 149 -6.60 15.78 43.22
C LEU B 149 -8.10 15.59 43.41
N ASN B 150 -8.84 15.38 42.32
CA ASN B 150 -10.28 15.18 42.41
C ASN B 150 -10.62 13.92 43.21
N SER B 151 -9.94 12.81 42.90
CA SER B 151 -10.19 11.57 43.60
C SER B 151 -9.79 11.65 45.07
N LEU B 152 -8.66 12.31 45.35
CA LEU B 152 -8.24 12.51 46.73
C LEU B 152 -9.28 13.32 47.50
N GLY B 153 -9.80 14.38 46.87
CA GLY B 153 -10.82 15.18 47.52
C GLY B 153 -12.10 14.40 47.79
N ASN B 154 -12.53 13.59 46.82
CA ASN B 154 -13.73 12.79 47.01
C ASN B 154 -13.53 11.77 48.12
N PHE B 155 -12.37 11.10 48.14
CA PHE B 155 -12.11 10.10 49.16
C PHE B 155 -12.09 10.72 50.55
N TRP B 156 -11.45 11.89 50.70
CA TRP B 156 -11.41 12.51 52.01
C TRP B 156 -12.71 13.19 52.38
N GLN B 157 -13.55 13.52 51.41
CA GLN B 157 -14.93 13.87 51.72
C GLN B 157 -15.67 12.68 52.30
N ALA B 158 -15.46 11.49 51.71
CA ALA B 158 -16.07 10.28 52.25
C ALA B 158 -15.61 10.01 53.68
N LEU B 159 -14.31 10.18 53.93
CA LEU B 159 -13.80 10.01 55.29
C LEU B 159 -14.14 11.19 56.19
N GLY B 160 -14.55 12.32 55.63
CA GLY B 160 -14.93 13.47 56.43
C GLY B 160 -13.81 14.03 57.27
N ASN B 161 -12.61 14.15 56.70
CA ASN B 161 -11.46 14.63 57.44
C ASN B 161 -10.50 15.32 56.48
N ARG B 162 -9.52 16.01 57.05
CA ARG B 162 -8.56 16.75 56.26
C ARG B 162 -7.73 15.80 55.39
N PRO B 163 -7.47 16.14 54.13
CA PRO B 163 -6.66 15.27 53.27
C PRO B 163 -5.27 15.06 53.81
N ARG B 164 -4.74 13.86 53.61
CA ARG B 164 -3.41 13.50 54.07
C ARG B 164 -2.70 12.72 52.98
N LEU B 165 -1.37 12.68 53.08
CA LEU B 165 -0.57 11.89 52.15
C LEU B 165 -0.73 10.40 52.44
N SER B 166 -0.90 9.62 51.38
CA SER B 166 -1.06 8.18 51.49
C SER B 166 -0.18 7.48 50.46
N LEU B 167 0.19 6.24 50.75
CA LEU B 167 1.03 5.44 49.87
C LEU B 167 0.28 4.17 49.47
N LEU B 168 0.50 3.73 48.24
CA LEU B 168 -0.19 2.59 47.68
C LEU B 168 0.72 1.38 47.62
N TYR B 169 0.12 0.19 47.65
CA TYR B 169 0.87 -1.06 47.60
C TYR B 169 -0.02 -2.13 46.99
N SER B 170 0.43 -2.76 45.91
CA SER B 170 -0.32 -3.79 45.22
C SER B 170 0.45 -5.10 45.27
N ILE B 171 -0.27 -6.20 45.50
CA ILE B 171 0.35 -7.52 45.60
C ILE B 171 -0.64 -8.56 45.09
N THR B 172 -0.12 -9.58 44.41
CA THR B 172 -0.92 -10.65 43.85
C THR B 172 -0.42 -11.99 44.40
N VAL B 173 -1.34 -12.79 44.93
CA VAL B 173 -1.01 -14.10 45.50
C VAL B 173 -2.02 -15.13 45.00
N PRO B 174 -1.66 -16.40 44.92
CA PRO B 174 -2.64 -17.42 44.56
C PRO B 174 -3.50 -17.83 45.75
N MET B 175 -4.74 -18.21 45.45
CA MET B 175 -5.70 -18.65 46.45
C MET B 175 -6.19 -20.04 46.10
N LYS B 176 -6.08 -20.96 47.06
CA LYS B 176 -6.39 -22.35 46.79
C LYS B 176 -7.89 -22.58 46.67
N LEU B 177 -8.27 -23.45 45.73
CA LEU B 177 -9.67 -23.83 45.53
C LEU B 177 -10.02 -25.06 46.36
N LYS B 178 -11.31 -25.36 46.42
CA LYS B 178 -11.83 -26.46 47.24
C LYS B 178 -12.14 -27.71 46.44
N ASN B 179 -11.86 -27.73 45.14
CA ASN B 179 -12.20 -28.87 44.29
C ASN B 179 -11.01 -29.83 44.24
N ILE B 180 -11.10 -30.92 45.00
CA ILE B 180 -10.05 -31.93 45.02
C ILE B 180 -10.71 -33.31 44.93
N GLU B 181 -10.16 -34.17 44.07
CA GLU B 181 -10.62 -35.53 43.91
C GLU B 181 -9.67 -36.49 44.61
N ASP B 182 -10.24 -37.56 45.17
CA ASP B 182 -9.51 -38.43 46.08
C ASP B 182 -9.23 -39.83 45.55
N ASN B 183 -9.96 -40.29 44.53
CA ASN B 183 -9.86 -41.68 44.09
C ASN B 183 -9.69 -41.75 42.58
N VAL B 184 -8.76 -40.96 42.05
CA VAL B 184 -8.45 -40.96 40.62
C VAL B 184 -7.36 -42.02 40.39
N ILE B 185 -7.76 -43.17 39.87
CA ILE B 185 -6.83 -44.29 39.69
C ILE B 185 -5.90 -44.00 38.53
N PRO B 186 -4.60 -44.24 38.66
CA PRO B 186 -3.69 -44.06 37.52
C PRO B 186 -3.87 -45.15 36.47
N VAL B 187 -3.40 -44.86 35.27
CA VAL B 187 -3.42 -45.83 34.18
C VAL B 187 -2.21 -46.74 34.33
N SER B 188 -2.45 -48.05 34.41
CA SER B 188 -1.37 -49.01 34.62
C SER B 188 -1.38 -50.09 33.54
N LYS B 189 -2.56 -50.44 33.04
CA LYS B 189 -2.71 -51.46 32.02
C LYS B 189 -3.32 -50.84 30.77
N ILE B 190 -2.76 -51.18 29.61
CA ILE B 190 -3.20 -50.64 28.33
C ILE B 190 -3.50 -51.80 27.40
N SER B 191 -4.71 -51.83 26.85
CA SER B 191 -5.14 -52.88 25.94
C SER B 191 -5.75 -52.26 24.70
N ALA B 192 -5.37 -52.78 23.53
CA ALA B 192 -5.88 -52.28 22.26
C ALA B 192 -6.22 -53.46 21.36
N SER B 193 -7.32 -53.33 20.63
CA SER B 193 -7.76 -54.33 19.68
C SER B 193 -8.02 -53.67 18.34
N VAL B 194 -7.49 -54.26 17.27
CA VAL B 194 -7.66 -53.75 15.91
C VAL B 194 -8.37 -54.81 15.10
N ASP B 195 -9.51 -54.44 14.51
CA ASP B 195 -10.34 -55.35 13.73
C ASP B 195 -10.55 -54.76 12.34
N GLN B 196 -11.14 -55.57 11.47
CA GLN B 196 -11.40 -55.17 10.10
C GLN B 196 -12.72 -54.44 9.98
N LYS B 197 -12.77 -53.49 9.04
CA LYS B 197 -13.95 -52.69 8.78
C LYS B 197 -14.25 -52.70 7.29
N PRO B 198 -15.52 -52.87 6.91
CA PRO B 198 -15.87 -52.80 5.50
C PRO B 198 -15.71 -51.39 4.94
N ASN B 199 -15.38 -51.32 3.65
CA ASN B 199 -15.23 -50.05 2.95
C ASN B 199 -16.61 -49.55 2.57
N LEU B 200 -17.30 -48.94 3.54
CA LEU B 200 -18.66 -48.47 3.36
C LEU B 200 -18.81 -47.10 3.99
N ASP B 201 -19.81 -46.36 3.50
CA ASP B 201 -20.14 -45.04 4.02
C ASP B 201 -21.38 -45.14 4.89
N ASN B 202 -21.34 -44.48 6.05
CA ASN B 202 -22.47 -44.54 6.98
C ASN B 202 -23.71 -43.89 6.36
N SER B 203 -23.53 -42.79 5.64
CA SER B 203 -24.67 -42.13 5.01
C SER B 203 -25.34 -43.03 3.99
N GLN B 204 -24.54 -43.81 3.24
CA GLN B 204 -25.12 -44.74 2.28
C GLN B 204 -25.97 -45.79 2.98
N ILE B 205 -25.49 -46.34 4.09
CA ILE B 205 -26.25 -47.34 4.82
C ILE B 205 -27.54 -46.73 5.38
N ASN B 206 -27.45 -45.52 5.93
CA ASN B 206 -28.63 -44.86 6.47
C ASN B 206 -29.67 -44.61 5.38
N GLN B 207 -29.24 -44.12 4.23
CA GLN B 207 -30.17 -43.85 3.14
C GLN B 207 -30.79 -45.15 2.63
N ALA B 208 -30.00 -46.21 2.50
CA ALA B 208 -30.54 -47.48 2.04
C ALA B 208 -31.56 -48.03 3.03
N LEU B 209 -31.27 -47.94 4.33
CA LEU B 209 -32.22 -48.42 5.33
C LEU B 209 -33.50 -47.61 5.33
N ILE B 210 -33.40 -46.29 5.19
CA ILE B 210 -34.61 -45.46 5.17
C ILE B 210 -35.42 -45.75 3.91
N ASP B 211 -34.75 -46.02 2.78
CA ASP B 211 -35.47 -46.37 1.56
C ASP B 211 -36.17 -47.72 1.71
N LYS B 212 -35.50 -48.70 2.34
CA LYS B 212 -36.13 -49.98 2.57
C LYS B 212 -37.33 -49.86 3.50
N LEU B 213 -37.22 -49.03 4.54
CA LEU B 213 -38.34 -48.79 5.44
C LEU B 213 -39.50 -48.15 4.70
N CYS B 214 -39.22 -47.16 3.85
CA CYS B 214 -40.28 -46.51 3.09
C CYS B 214 -40.96 -47.50 2.15
N VAL B 215 -40.18 -48.36 1.49
CA VAL B 215 -40.75 -49.35 0.59
C VAL B 215 -41.63 -50.34 1.36
N GLU B 216 -41.14 -50.81 2.50
CA GLU B 216 -41.91 -51.78 3.28
C GLU B 216 -43.20 -51.16 3.82
N LEU B 217 -43.15 -49.89 4.24
CA LEU B 217 -44.32 -49.25 4.82
C LEU B 217 -45.43 -49.05 3.79
N GLY B 218 -45.13 -49.09 2.50
CA GLY B 218 -46.16 -48.93 1.49
C GLY B 218 -45.72 -48.12 0.29
N GLY B 219 -44.75 -47.23 0.48
CA GLY B 219 -44.23 -46.45 -0.61
C GLY B 219 -45.13 -45.34 -1.11
N THR B 220 -46.30 -45.15 -0.51
CA THR B 220 -47.20 -44.09 -0.92
C THR B 220 -46.62 -42.72 -0.55
N GLU B 221 -47.13 -41.68 -1.21
CA GLU B 221 -46.68 -40.32 -0.91
C GLU B 221 -46.97 -39.95 0.54
N ASP B 222 -48.01 -40.54 1.13
CA ASP B 222 -48.27 -40.32 2.54
C ASP B 222 -47.15 -40.89 3.40
N VAL B 223 -46.62 -42.06 3.01
CA VAL B 223 -45.50 -42.65 3.75
C VAL B 223 -44.28 -41.74 3.66
N ARG B 224 -43.99 -41.21 2.47
CA ARG B 224 -42.86 -40.30 2.32
C ARG B 224 -43.06 -39.04 3.14
N LEU B 225 -44.29 -38.53 3.19
CA LEU B 225 -44.58 -37.37 4.03
C LEU B 225 -44.35 -37.68 5.50
N ALA B 226 -44.75 -38.87 5.95
CA ALA B 226 -44.61 -39.24 7.35
C ALA B 226 -43.16 -39.56 7.73
N LEU B 227 -42.30 -39.82 6.75
CA LEU B 227 -40.90 -40.13 7.01
C LEU B 227 -39.98 -38.94 6.81
N ALA B 228 -40.55 -37.74 6.60
CA ALA B 228 -39.71 -36.57 6.33
C ALA B 228 -38.86 -36.20 7.54
N LYS B 229 -39.42 -36.29 8.74
CA LYS B 229 -38.73 -35.87 9.95
C LYS B 229 -38.30 -37.06 10.82
N VAL B 230 -38.00 -38.19 10.20
CA VAL B 230 -37.53 -39.38 10.91
C VAL B 230 -36.05 -39.56 10.59
N ASN B 231 -35.23 -39.63 11.63
CA ASN B 231 -33.79 -39.76 11.49
C ASN B 231 -33.38 -41.18 11.84
N LEU B 232 -32.64 -41.82 10.95
CA LEU B 232 -32.12 -43.17 11.16
C LEU B 232 -30.61 -43.12 11.11
N THR B 233 -29.96 -43.66 12.15
CA THR B 233 -28.51 -43.67 12.24
C THR B 233 -28.05 -45.07 12.65
N THR B 234 -26.96 -45.51 12.05
CA THR B 234 -26.38 -46.82 12.33
C THR B 234 -24.94 -46.67 12.80
N LYS B 235 -24.54 -47.54 13.73
CA LYS B 235 -23.18 -47.61 14.22
C LYS B 235 -22.72 -49.06 14.20
N PRO B 236 -21.41 -49.29 14.04
CA PRO B 236 -20.93 -50.68 13.96
C PRO B 236 -21.18 -51.44 15.25
N ASP B 237 -21.46 -52.73 15.11
CA ASP B 237 -21.71 -53.62 16.22
C ASP B 237 -20.41 -54.36 16.55
N THR B 238 -19.80 -54.01 17.68
CA THR B 238 -18.57 -54.64 18.13
C THR B 238 -18.90 -55.88 18.97
N GLU B 239 -19.51 -56.85 18.31
CA GLU B 239 -19.91 -58.09 18.97
C GLU B 239 -20.05 -59.23 17.96
N ASN B 243 -18.93 -63.27 12.30
CA ASN B 243 -19.26 -63.65 10.93
C ASN B 243 -18.40 -62.89 9.92
N GLN B 244 -18.31 -63.41 8.70
CA GLN B 244 -17.55 -62.78 7.64
C GLN B 244 -18.35 -62.51 6.38
N GLU B 245 -19.51 -63.14 6.21
CA GLU B 245 -20.34 -62.92 5.03
C GLU B 245 -21.29 -61.74 5.17
N ASN B 246 -21.38 -61.14 6.36
CA ASN B 246 -22.23 -59.98 6.58
C ASN B 246 -21.73 -59.25 7.82
N GLU B 247 -22.29 -58.07 8.05
CA GLU B 247 -21.93 -57.25 9.19
C GLU B 247 -23.18 -56.85 9.97
N SER B 248 -22.97 -56.53 11.24
CA SER B 248 -24.04 -56.16 12.15
C SER B 248 -23.94 -54.68 12.50
N VAL B 249 -25.10 -54.01 12.59
CA VAL B 249 -25.16 -52.60 12.90
C VAL B 249 -26.23 -52.37 13.96
N ILE B 250 -26.12 -51.24 14.64
CA ILE B 250 -27.09 -50.81 15.65
C ILE B 250 -27.92 -49.70 15.03
N VAL B 251 -29.21 -49.96 14.85
CA VAL B 251 -30.11 -49.00 14.21
C VAL B 251 -30.76 -48.14 15.29
N GLU B 252 -30.59 -46.84 15.19
CA GLU B 252 -31.20 -45.88 16.11
C GLU B 252 -32.12 -44.96 15.31
N VAL B 253 -33.37 -44.87 15.74
CA VAL B 253 -34.40 -44.09 15.05
C VAL B 253 -34.96 -43.07 16.01
N SER B 254 -35.00 -41.81 15.58
CA SER B 254 -35.56 -40.74 16.40
C SER B 254 -36.09 -39.64 15.47
N GLY B 255 -37.11 -38.95 15.92
CA GLY B 255 -37.71 -37.88 15.14
C GLY B 255 -39.19 -37.74 15.48
N ILE B 256 -39.93 -37.21 14.51
CA ILE B 256 -41.36 -36.98 14.66
C ILE B 256 -42.07 -37.66 13.49
N THR B 257 -43.14 -38.40 13.80
CA THR B 257 -43.95 -39.06 12.79
C THR B 257 -45.41 -38.99 13.23
N SER B 258 -46.31 -39.45 12.36
CA SER B 258 -47.72 -39.41 12.67
C SER B 258 -48.11 -40.54 13.61
N VAL B 259 -49.35 -40.50 14.09
CA VAL B 259 -49.83 -41.50 15.03
C VAL B 259 -49.93 -42.87 14.37
N THR B 260 -50.38 -42.90 13.11
CA THR B 260 -50.65 -44.18 12.46
C THR B 260 -49.38 -44.97 12.18
N TYR B 261 -48.32 -44.29 11.75
CA TYR B 261 -47.13 -44.98 11.27
C TYR B 261 -46.12 -45.31 12.36
N LEU B 262 -46.28 -44.79 13.59
CA LEU B 262 -45.33 -45.10 14.64
C LEU B 262 -45.31 -46.58 15.01
N PRO B 263 -46.45 -47.23 15.32
CA PRO B 263 -46.38 -48.68 15.58
C PRO B 263 -45.91 -49.48 14.39
N GLN B 264 -46.24 -49.06 13.17
CA GLN B 264 -45.77 -49.77 11.99
C GLN B 264 -44.25 -49.71 11.87
N ILE B 265 -43.66 -48.53 12.13
CA ILE B 265 -42.22 -48.39 12.08
C ILE B 265 -41.56 -49.23 13.17
N LYS B 266 -42.13 -49.22 14.38
CA LYS B 266 -41.55 -50.03 15.46
C LYS B 266 -41.64 -51.52 15.14
N ASP B 267 -42.77 -51.95 14.57
CA ASP B 267 -42.92 -53.35 14.20
C ASP B 267 -41.93 -53.74 13.10
N THR B 268 -41.72 -52.86 12.12
CA THR B 268 -40.75 -53.14 11.07
C THR B 268 -39.34 -53.25 11.64
N LEU B 269 -38.98 -52.37 12.56
CA LEU B 269 -37.66 -52.45 13.18
C LEU B 269 -37.49 -53.74 13.98
N THR B 270 -38.52 -54.14 14.74
CA THR B 270 -38.42 -55.39 15.48
C THR B 270 -38.32 -56.59 14.55
N LYS B 271 -39.06 -56.56 13.44
CA LYS B 271 -38.98 -57.64 12.46
C LYS B 271 -37.59 -57.71 11.84
N TRP B 272 -37.00 -56.55 11.54
CA TRP B 272 -35.64 -56.54 11.01
C TRP B 272 -34.66 -57.11 12.02
N LYS B 273 -34.81 -56.74 13.29
CA LYS B 273 -33.91 -57.26 14.33
C LYS B 273 -34.05 -58.77 14.47
N SER B 274 -35.29 -59.28 14.48
CA SER B 274 -35.51 -60.71 14.67
C SER B 274 -34.94 -61.53 13.53
N SER B 275 -35.18 -61.10 12.29
CA SER B 275 -34.69 -61.84 11.13
C SER B 275 -33.17 -61.75 11.04
N GLN B 276 -32.54 -62.87 10.73
CA GLN B 276 -31.09 -62.92 10.57
C GLN B 276 -30.64 -62.70 9.13
N GLU B 277 -31.58 -62.52 8.21
CA GLU B 277 -31.24 -62.33 6.81
C GLU B 277 -30.77 -60.90 6.56
N ALA B 278 -30.02 -60.73 5.48
CA ALA B 278 -29.54 -59.41 5.09
C ALA B 278 -30.69 -58.55 4.61
N ILE B 279 -30.73 -57.30 5.08
CA ILE B 279 -31.79 -56.38 4.71
C ILE B 279 -31.45 -55.62 3.44
N VAL B 280 -30.24 -55.05 3.37
CA VAL B 280 -29.79 -54.34 2.18
C VAL B 280 -28.39 -54.81 1.82
N LYS B 281 -28.02 -54.59 0.57
CA LYS B 281 -26.70 -54.95 0.06
C LYS B 281 -26.12 -53.74 -0.67
N ILE B 282 -24.98 -53.26 -0.19
CA ILE B 282 -24.31 -52.09 -0.75
C ILE B 282 -22.89 -52.48 -1.13
N ASN B 283 -22.53 -52.24 -2.39
CA ASN B 283 -21.19 -52.52 -2.90
C ASN B 283 -20.79 -53.98 -2.69
N GLY B 284 -21.76 -54.88 -2.74
CA GLY B 284 -21.50 -56.28 -2.51
C GLY B 284 -21.43 -56.68 -1.04
N VAL B 285 -21.59 -55.74 -0.12
CA VAL B 285 -21.57 -56.03 1.31
C VAL B 285 -23.01 -56.05 1.82
N SER B 286 -23.39 -57.15 2.46
CA SER B 286 -24.74 -57.32 2.96
C SER B 286 -24.82 -56.83 4.40
N ILE B 287 -25.85 -56.05 4.70
CA ILE B 287 -26.01 -55.42 6.01
C ILE B 287 -27.07 -56.18 6.78
N VAL B 288 -26.75 -56.56 8.02
CA VAL B 288 -27.65 -57.29 8.90
C VAL B 288 -27.85 -56.46 10.16
N VAL B 289 -29.11 -56.25 10.54
CA VAL B 289 -29.45 -55.52 11.74
C VAL B 289 -29.47 -56.48 12.92
N SER B 290 -28.65 -56.20 13.94
CA SER B 290 -28.58 -57.03 15.13
C SER B 290 -29.14 -56.36 16.38
N LYS B 291 -29.17 -55.03 16.42
CA LYS B 291 -29.69 -54.30 17.56
C LYS B 291 -30.39 -53.04 17.07
N GLU B 292 -31.55 -52.75 17.66
CA GLU B 292 -32.33 -51.58 17.26
C GLU B 292 -32.86 -50.89 18.51
N ASN B 293 -33.21 -49.62 18.34
CA ASN B 293 -33.75 -48.82 19.44
C ASN B 293 -34.52 -47.65 18.84
N ALA B 294 -35.81 -47.55 19.17
CA ALA B 294 -36.67 -46.50 18.63
C ALA B 294 -37.53 -45.91 19.72
N ASP B 295 -36.97 -45.75 20.92
CA ASP B 295 -37.72 -45.16 22.03
C ASP B 295 -37.70 -43.64 22.01
N LYS B 296 -36.91 -43.02 21.14
CA LYS B 296 -36.83 -41.57 21.05
C LYS B 296 -37.69 -41.02 19.92
N LEU B 297 -38.53 -41.84 19.30
CA LEU B 297 -39.36 -41.43 18.17
C LEU B 297 -40.70 -40.97 18.71
N ILE B 298 -41.01 -39.69 18.52
CA ILE B 298 -42.29 -39.12 18.92
C ILE B 298 -43.29 -39.32 17.79
N GLY B 299 -44.45 -39.88 18.12
CA GLY B 299 -45.43 -40.23 17.11
C GLY B 299 -46.73 -39.47 17.23
N ILE B 300 -46.65 -38.16 17.49
CA ILE B 300 -47.85 -37.34 17.63
C ILE B 300 -48.62 -37.27 16.32
N THR C 2 -23.79 -26.21 30.25
CA THR C 2 -24.82 -26.65 31.19
C THR C 2 -26.14 -25.95 30.87
N ILE C 3 -27.24 -26.60 31.23
CA ILE C 3 -28.59 -26.11 30.92
C ILE C 3 -29.11 -25.32 32.11
N ILE C 4 -29.64 -24.13 31.84
CA ILE C 4 -30.33 -23.32 32.84
C ILE C 4 -31.75 -23.08 32.34
N ILE C 5 -32.73 -23.29 33.22
CA ILE C 5 -34.13 -23.18 32.86
C ILE C 5 -34.57 -21.74 32.99
N ALA C 6 -35.19 -21.21 31.94
CA ALA C 6 -35.72 -19.85 31.98
C ALA C 6 -36.88 -19.76 32.96
N SER C 7 -36.91 -18.69 33.75
CA SER C 7 -37.91 -18.50 34.78
C SER C 7 -38.31 -17.04 34.85
N ASP C 8 -39.49 -16.80 35.42
CA ASP C 8 -39.99 -15.45 35.63
C ASP C 8 -39.71 -14.93 37.04
N ASN C 9 -38.94 -15.67 37.83
CA ASN C 9 -38.59 -15.28 39.19
C ASN C 9 -37.08 -15.44 39.41
N ALA C 10 -36.30 -15.00 38.42
CA ALA C 10 -34.86 -15.28 38.44
C ALA C 10 -34.15 -14.53 39.56
N ILE C 11 -34.59 -13.31 39.87
CA ILE C 11 -33.91 -12.48 40.86
C ILE C 11 -33.92 -13.18 42.22
N ILE C 12 -35.10 -13.65 42.65
CA ILE C 12 -35.20 -14.29 43.94
C ILE C 12 -34.44 -15.61 43.96
N GLU C 13 -34.40 -16.32 42.83
CA GLU C 13 -33.61 -17.55 42.77
C GLU C 13 -32.13 -17.28 42.95
N ILE C 14 -31.61 -16.23 42.31
CA ILE C 14 -30.21 -15.86 42.49
C ILE C 14 -29.97 -15.46 43.94
N ASN C 15 -30.90 -14.69 44.53
CA ASN C 15 -30.75 -14.29 45.92
C ASN C 15 -30.70 -15.49 46.84
N GLN C 16 -31.57 -16.48 46.60
CA GLN C 16 -31.59 -17.68 47.45
C GLN C 16 -30.31 -18.48 47.30
N ALA C 17 -29.80 -18.63 46.06
CA ALA C 17 -28.55 -19.36 45.88
C ALA C 17 -27.39 -18.66 46.58
N LEU C 18 -27.32 -17.33 46.45
CA LEU C 18 -26.28 -16.58 47.13
C LEU C 18 -26.39 -16.70 48.63
N ASN C 19 -27.62 -16.62 49.16
CA ASN C 19 -27.81 -16.77 50.60
C ASN C 19 -27.38 -18.15 51.08
N THR C 20 -27.72 -19.19 50.32
CA THR C 20 -27.33 -20.54 50.71
C THR C 20 -25.82 -20.69 50.76
N ILE C 21 -25.12 -20.28 49.70
CA ILE C 21 -23.67 -20.46 49.67
C ILE C 21 -23.00 -19.60 50.73
N LEU C 22 -23.48 -18.36 50.91
CA LEU C 22 -22.89 -17.49 51.92
C LEU C 22 -23.10 -18.03 53.32
N SER C 23 -24.29 -18.54 53.62
CA SER C 23 -24.52 -19.13 54.94
C SER C 23 -23.64 -20.34 55.16
N GLN C 24 -23.50 -21.19 54.13
CA GLN C 24 -22.65 -22.38 54.26
C GLN C 24 -21.21 -21.99 54.54
N TYR C 25 -20.70 -20.97 53.84
CA TYR C 25 -19.30 -20.60 54.02
C TYR C 25 -19.05 -19.70 55.22
N LEU C 26 -20.10 -19.09 55.79
CA LEU C 26 -19.93 -18.17 56.91
C LEU C 26 -20.21 -18.80 58.26
N ASN C 27 -21.25 -19.63 58.36
CA ASN C 27 -21.61 -20.26 59.61
C ASN C 27 -20.85 -21.56 59.85
N ILE C 28 -19.72 -21.76 59.16
CA ILE C 28 -18.95 -22.99 59.29
C ILE C 28 -18.09 -23.03 60.54
N THR C 29 -17.90 -21.90 61.22
CA THR C 29 -17.06 -21.83 62.39
C THR C 29 -17.84 -21.88 63.69
N GLY C 30 -19.14 -22.18 63.64
CA GLY C 30 -19.98 -22.17 64.81
C GLY C 30 -20.55 -20.81 65.17
N GLN C 31 -20.28 -19.78 64.37
CA GLN C 31 -20.80 -18.44 64.58
C GLN C 31 -21.88 -18.14 63.55
N ASN C 32 -22.93 -17.46 63.99
CA ASN C 32 -24.03 -17.06 63.11
C ASN C 32 -23.94 -15.56 62.84
N ILE C 33 -23.94 -15.20 61.57
CA ILE C 33 -23.82 -13.81 61.13
C ILE C 33 -25.06 -13.47 60.31
N ASP C 34 -25.71 -12.36 60.67
CA ASP C 34 -26.90 -11.93 59.95
C ASP C 34 -26.55 -11.56 58.52
N ILE C 35 -27.36 -12.03 57.58
CA ILE C 35 -27.18 -11.74 56.16
C ILE C 35 -28.41 -10.98 55.69
N ARG C 36 -28.19 -9.74 55.24
CA ARG C 36 -29.26 -8.87 54.77
C ARG C 36 -29.09 -8.59 53.29
N PHE C 37 -30.20 -8.36 52.61
CA PHE C 37 -30.20 -8.10 51.18
C PHE C 37 -30.55 -6.64 50.87
N ASP C 38 -30.18 -5.73 51.76
CA ASP C 38 -30.36 -4.30 51.54
C ASP C 38 -29.36 -3.55 52.41
N LEU C 39 -29.00 -2.36 51.96
CA LEU C 39 -28.04 -1.55 52.70
C LEU C 39 -28.67 -0.99 53.97
N PRO C 40 -27.87 -0.72 54.99
CA PRO C 40 -28.39 -0.06 56.19
C PRO C 40 -28.78 1.38 55.88
N GLU C 41 -29.62 1.93 56.76
CA GLU C 41 -30.17 3.26 56.56
C GLU C 41 -29.07 4.32 56.70
N ILE C 42 -29.45 5.57 56.41
CA ILE C 42 -28.51 6.68 56.42
C ILE C 42 -28.15 7.03 57.86
N ASN C 43 -26.86 7.02 58.17
CA ASN C 43 -26.35 7.29 59.52
C ASN C 43 -27.08 6.45 60.58
N SER C 44 -27.27 5.17 60.27
CA SER C 44 -27.86 4.25 61.21
C SER C 44 -26.78 3.57 62.04
N ILE C 45 -27.20 2.88 63.10
CA ILE C 45 -26.29 2.18 63.99
C ILE C 45 -26.55 0.68 63.86
N GLN C 46 -25.51 -0.11 64.10
CA GLN C 46 -25.57 -1.56 63.99
C GLN C 46 -25.40 -2.17 65.37
N SER C 47 -26.36 -2.99 65.79
CA SER C 47 -26.26 -3.67 67.07
C SER C 47 -25.44 -4.95 66.98
N GLU C 48 -25.57 -5.67 65.87
CA GLU C 48 -24.85 -6.91 65.63
C GLU C 48 -24.13 -6.84 64.31
N PRO C 49 -23.02 -7.57 64.16
CA PRO C 49 -22.36 -7.64 62.86
C PRO C 49 -23.26 -8.29 61.82
N THR C 50 -23.15 -7.80 60.58
CA THR C 50 -24.01 -8.28 59.51
C THR C 50 -23.27 -8.17 58.19
N VAL C 51 -23.72 -8.98 57.23
CA VAL C 51 -23.20 -8.98 55.86
C VAL C 51 -24.33 -8.60 54.94
N SER C 52 -24.12 -7.56 54.14
CA SER C 52 -25.14 -7.04 53.25
C SER C 52 -24.83 -7.43 51.81
N VAL C 53 -25.82 -8.01 51.14
CA VAL C 53 -25.74 -8.35 49.71
C VAL C 53 -26.62 -7.35 48.98
N PHE C 54 -26.01 -6.48 48.18
CA PHE C 54 -26.70 -5.36 47.57
C PHE C 54 -26.75 -5.56 46.06
N LEU C 55 -27.96 -5.75 45.53
CA LEU C 55 -28.19 -5.81 44.09
C LEU C 55 -28.41 -4.39 43.60
N TYR C 56 -27.44 -3.85 42.86
CA TYR C 56 -27.43 -2.43 42.53
C TYR C 56 -27.63 -2.12 41.06
N GLU C 57 -27.40 -3.06 40.15
CA GLU C 57 -27.53 -2.80 38.73
C GLU C 57 -28.15 -3.99 38.03
N ILE C 58 -29.09 -3.72 37.13
CA ILE C 58 -29.70 -4.74 36.29
C ILE C 58 -29.82 -4.19 34.88
N HIS C 59 -29.35 -4.96 33.89
CA HIS C 59 -29.45 -4.55 32.50
C HIS C 59 -29.49 -5.80 31.62
N GLU C 60 -30.00 -5.63 30.41
CA GLU C 60 -30.04 -6.73 29.47
C GLU C 60 -28.65 -7.00 28.91
N ASP C 61 -28.23 -8.26 28.97
CA ASP C 61 -26.89 -8.65 28.53
C ASP C 61 -26.90 -8.75 27.01
N LEU C 62 -26.42 -7.71 26.34
CA LEU C 62 -26.38 -7.71 24.89
C LEU C 62 -25.31 -8.63 24.34
N GLN C 63 -24.25 -8.91 25.12
CA GLN C 63 -23.19 -9.78 24.65
C GLN C 63 -23.68 -11.20 24.41
N LEU C 64 -24.55 -11.69 25.28
CA LEU C 64 -25.05 -13.06 25.18
C LEU C 64 -26.34 -13.17 24.37
N ARG C 65 -26.82 -12.07 23.80
CA ARG C 65 -28.02 -12.13 22.98
C ARG C 65 -27.75 -12.88 21.69
N SER C 66 -28.72 -13.69 21.27
CA SER C 66 -28.63 -14.47 20.05
C SER C 66 -29.92 -14.35 19.26
N ALA C 67 -29.82 -14.56 17.95
CA ALA C 67 -30.96 -14.45 17.05
C ALA C 67 -31.55 -15.85 16.85
N GLU C 68 -32.55 -16.18 17.66
CA GLU C 68 -33.15 -17.50 17.65
C GLU C 68 -34.63 -17.39 17.30
N SER C 69 -35.15 -18.43 16.67
CA SER C 69 -36.56 -18.49 16.32
C SER C 69 -37.37 -19.00 17.51
N ARG C 70 -38.66 -18.70 17.49
CA ARG C 70 -39.56 -19.18 18.54
C ARG C 70 -39.66 -20.70 18.50
N ARG C 71 -39.62 -21.32 19.67
CA ARG C 71 -39.63 -22.76 19.77
C ARG C 71 -41.06 -23.29 19.72
N TYR C 72 -41.26 -24.36 18.97
CA TYR C 72 -42.58 -24.92 18.71
C TYR C 72 -42.66 -26.35 19.24
N ASN C 73 -43.80 -26.68 19.84
CA ASN C 73 -44.06 -28.03 20.35
C ASN C 73 -45.27 -28.61 19.63
N PRO C 74 -45.07 -29.39 18.56
CA PRO C 74 -46.21 -29.93 17.82
C PRO C 74 -47.09 -30.87 18.64
N SER C 75 -46.56 -31.46 19.72
CA SER C 75 -47.36 -32.38 20.51
C SER C 75 -48.55 -31.66 21.16
N THR C 76 -48.32 -30.45 21.68
CA THR C 76 -49.36 -29.69 22.34
C THR C 76 -49.85 -28.50 21.54
N ASN C 77 -49.37 -28.32 20.31
CA ASN C 77 -49.77 -27.20 19.44
C ASN C 77 -49.55 -25.85 20.14
N THR C 78 -48.41 -25.71 20.80
CA THR C 78 -48.09 -24.50 21.54
C THR C 78 -46.80 -23.89 21.01
N LEU C 79 -46.78 -22.57 20.89
CA LEU C 79 -45.58 -21.83 20.55
C LEU C 79 -44.94 -21.35 21.86
N LEU C 80 -43.79 -21.91 22.20
CA LEU C 80 -43.18 -21.66 23.49
C LEU C 80 -42.76 -20.19 23.62
N PRO C 81 -42.79 -19.65 24.82
CA PRO C 81 -42.44 -18.24 25.01
C PRO C 81 -40.95 -18.01 24.82
N GLY C 82 -40.61 -16.76 24.50
CA GLY C 82 -39.23 -16.34 24.41
C GLY C 82 -38.66 -16.01 25.78
N TRP C 83 -37.43 -15.49 25.76
CA TRP C 83 -36.76 -15.14 27.00
C TRP C 83 -35.83 -13.96 26.76
N VAL C 84 -35.50 -13.26 27.84
CA VAL C 84 -34.59 -12.13 27.81
C VAL C 84 -33.50 -12.36 28.85
N ASN C 85 -32.25 -12.28 28.41
CA ASN C 85 -31.13 -12.48 29.32
C ASN C 85 -30.95 -11.26 30.21
N ILE C 86 -30.78 -11.49 31.51
CA ILE C 86 -30.70 -10.43 32.51
C ILE C 86 -29.36 -10.54 33.22
N ASN C 87 -28.65 -9.42 33.30
CA ASN C 87 -27.37 -9.35 33.99
C ASN C 87 -27.57 -8.63 35.32
N CYS C 88 -27.26 -9.31 36.42
CA CYS C 88 -27.40 -8.76 37.76
C CYS C 88 -26.04 -8.64 38.41
N ASN C 89 -25.79 -7.51 39.06
CA ASN C 89 -24.53 -7.22 39.72
C ASN C 89 -24.76 -7.02 41.20
N TYR C 90 -23.96 -7.69 42.02
CA TYR C 90 -24.10 -7.66 43.48
C TYR C 90 -22.88 -7.03 44.12
N LEU C 91 -23.08 -6.44 45.28
CA LEU C 91 -22.02 -5.84 46.08
C LEU C 91 -22.13 -6.38 47.50
N ILE C 92 -21.16 -7.20 47.90
CA ILE C 92 -21.17 -7.85 49.21
C ILE C 92 -20.21 -7.12 50.13
N THR C 93 -20.71 -6.73 51.30
CA THR C 93 -19.93 -5.97 52.27
C THR C 93 -20.18 -6.53 53.67
N TYR C 94 -19.20 -6.36 54.55
CA TYR C 94 -19.30 -6.76 55.94
C TYR C 94 -19.35 -5.51 56.81
N TRP C 95 -20.26 -5.50 57.77
CA TRP C 95 -20.45 -4.37 58.67
C TRP C 95 -20.11 -4.77 60.09
N ASP C 96 -19.20 -4.02 60.72
CA ASP C 96 -18.82 -4.28 62.09
C ASP C 96 -19.93 -3.88 63.05
N ALA C 97 -19.90 -4.46 64.24
CA ALA C 97 -20.88 -4.16 65.27
C ALA C 97 -20.66 -2.77 65.84
N GLN C 110 -5.72 -5.09 64.34
CA GLN C 110 -4.88 -6.28 64.24
C GLN C 110 -5.02 -6.92 62.87
N PRO C 111 -3.94 -7.57 62.40
CA PRO C 111 -4.02 -8.27 61.11
C PRO C 111 -5.01 -9.42 61.11
N ASN C 112 -5.35 -9.97 62.28
CA ASN C 112 -6.23 -11.12 62.39
C ASN C 112 -7.60 -10.73 62.95
N ASN C 113 -8.10 -9.56 62.57
CA ASN C 113 -9.37 -9.08 63.09
C ASN C 113 -10.54 -9.83 62.45
N GLN C 114 -11.72 -9.63 63.03
CA GLN C 114 -12.91 -10.36 62.58
C GLN C 114 -13.29 -10.00 61.15
N ALA C 115 -13.13 -8.72 60.78
CA ALA C 115 -13.52 -8.29 59.44
C ALA C 115 -12.71 -9.02 58.37
N ALA C 116 -11.41 -9.19 58.59
CA ALA C 116 -10.58 -9.89 57.62
C ALA C 116 -11.02 -11.34 57.47
N GLN C 117 -11.34 -12.00 58.59
CA GLN C 117 -11.78 -13.40 58.52
C GLN C 117 -13.11 -13.53 57.79
N VAL C 118 -14.06 -12.64 58.07
CA VAL C 118 -15.36 -12.70 57.39
C VAL C 118 -15.19 -12.43 55.90
N MET C 119 -14.38 -11.43 55.55
CA MET C 119 -14.14 -11.16 54.13
C MET C 119 -13.42 -12.32 53.46
N THR C 120 -12.53 -13.01 54.19
CA THR C 120 -11.87 -14.18 53.64
C THR C 120 -12.88 -15.30 53.36
N ARG C 121 -13.82 -15.51 54.28
CA ARG C 121 -14.85 -16.52 54.05
C ARG C 121 -15.71 -16.18 52.84
N ILE C 122 -16.10 -14.90 52.72
CA ILE C 122 -16.90 -14.48 51.58
C ILE C 122 -16.13 -14.67 50.29
N LEU C 123 -14.85 -14.30 50.29
CA LEU C 123 -14.02 -14.46 49.11
C LEU C 123 -13.87 -15.93 48.73
N ASN C 124 -13.71 -16.80 49.73
CA ASN C 124 -13.62 -18.23 49.45
C ASN C 124 -14.90 -18.75 48.83
N ALA C 125 -16.06 -18.32 49.35
CA ALA C 125 -17.32 -18.72 48.77
C ALA C 125 -17.42 -18.29 47.31
N LEU C 126 -17.11 -17.03 47.05
CA LEU C 126 -17.20 -16.52 45.67
C LEU C 126 -16.22 -17.23 44.75
N ILE C 127 -15.00 -17.50 45.22
CA ILE C 127 -14.01 -18.16 44.41
C ILE C 127 -14.44 -19.59 44.07
N ASN C 128 -14.98 -20.31 45.07
CA ASN C 128 -15.41 -21.68 44.83
C ASN C 128 -16.76 -21.76 44.14
N ASN C 129 -17.45 -20.65 43.95
CA ASN C 129 -18.73 -20.64 43.26
C ASN C 129 -18.67 -19.89 41.94
N ARG C 130 -17.60 -20.14 41.16
CA ARG C 130 -17.56 -19.61 39.79
C ARG C 130 -18.72 -20.16 38.98
N GLN C 131 -19.01 -21.45 39.14
CA GLN C 131 -20.24 -22.06 38.64
C GLN C 131 -21.20 -22.18 39.82
N LEU C 132 -22.24 -21.35 39.84
CA LEU C 132 -23.12 -21.26 40.99
C LEU C 132 -23.78 -22.61 41.26
N THR C 133 -23.87 -22.97 42.54
CA THR C 133 -24.38 -24.28 42.92
C THR C 133 -25.83 -24.45 42.50
N GLY C 134 -26.67 -23.44 42.77
CA GLY C 134 -28.07 -23.53 42.40
C GLY C 134 -28.35 -23.29 40.93
N LEU C 135 -27.46 -22.58 40.23
CA LEU C 135 -27.64 -22.24 38.82
C LEU C 135 -26.36 -22.61 38.08
N PRO C 136 -26.15 -23.90 37.80
CA PRO C 136 -24.91 -24.30 37.10
C PRO C 136 -24.77 -23.68 35.72
N GLY C 137 -25.86 -23.45 35.00
CA GLY C 137 -25.82 -22.95 33.65
C GLY C 137 -25.72 -21.46 33.49
N ALA C 138 -25.66 -20.71 34.60
CA ALA C 138 -25.58 -19.26 34.51
C ALA C 138 -24.17 -18.83 34.12
N TYR C 139 -24.09 -17.64 33.52
CA TYR C 139 -22.82 -17.04 33.13
C TYR C 139 -22.41 -16.03 34.19
N THR C 140 -21.29 -16.27 34.86
CA THR C 140 -20.87 -15.49 36.00
C THR C 140 -19.52 -14.85 35.76
N ARG C 141 -19.29 -13.73 36.43
CA ARG C 141 -17.99 -13.04 36.46
C ARG C 141 -17.65 -12.79 37.92
N ILE C 142 -16.75 -13.60 38.47
CA ILE C 142 -16.40 -13.51 39.88
C ILE C 142 -15.41 -12.38 40.11
N ILE C 143 -15.61 -11.65 41.21
CA ILE C 143 -14.79 -10.53 41.67
C ILE C 143 -14.19 -9.73 40.51
N PRO C 144 -15.01 -9.05 39.70
CA PRO C 144 -14.45 -8.23 38.62
C PRO C 144 -13.70 -7.03 39.19
N GLN C 145 -12.91 -6.41 38.33
CA GLN C 145 -12.15 -5.23 38.73
C GLN C 145 -13.10 -4.13 39.17
N GLN C 146 -12.94 -3.67 40.41
CA GLN C 146 -13.84 -2.69 40.99
C GLN C 146 -13.48 -1.30 40.47
N GLU C 147 -14.07 -0.27 41.07
CA GLU C 147 -13.85 1.10 40.64
C GLU C 147 -12.62 1.68 41.34
N ASN C 148 -12.32 2.93 41.02
CA ASN C 148 -11.16 3.61 41.58
C ASN C 148 -11.50 4.15 42.97
N LEU C 149 -10.61 4.95 43.55
CA LEU C 149 -10.86 5.52 44.86
C LEU C 149 -11.93 6.62 44.80
N ASN C 150 -12.03 7.33 43.69
CA ASN C 150 -13.02 8.39 43.57
C ASN C 150 -14.43 7.83 43.65
N SER C 151 -14.70 6.74 42.93
CA SER C 151 -16.03 6.16 42.95
C SER C 151 -16.36 5.57 44.31
N LEU C 152 -15.39 4.94 44.96
CA LEU C 152 -15.60 4.43 46.32
C LEU C 152 -15.93 5.57 47.27
N GLY C 153 -15.19 6.68 47.17
CA GLY C 153 -15.47 7.82 48.01
C GLY C 153 -16.87 8.38 47.78
N ASN C 154 -17.28 8.50 46.52
CA ASN C 154 -18.62 9.00 46.22
C ASN C 154 -19.70 8.07 46.76
N PHE C 155 -19.51 6.76 46.57
CA PHE C 155 -20.50 5.79 47.05
C PHE C 155 -20.63 5.85 48.57
N TRP C 156 -19.51 5.93 49.28
CA TRP C 156 -19.59 5.98 50.73
C TRP C 156 -20.01 7.34 51.25
N GLN C 157 -19.84 8.41 50.46
CA GLN C 157 -20.51 9.66 50.77
C GLN C 157 -22.01 9.49 50.69
N ALA C 158 -22.49 8.79 49.65
CA ALA C 158 -23.92 8.53 49.52
C ALA C 158 -24.44 7.71 50.69
N LEU C 159 -23.67 6.71 51.12
CA LEU C 159 -24.07 5.91 52.27
C LEU C 159 -23.85 6.62 53.59
N GLY C 160 -23.05 7.69 53.61
CA GLY C 160 -22.82 8.43 54.83
C GLY C 160 -22.14 7.65 55.92
N ASN C 161 -21.09 6.90 55.57
CA ASN C 161 -20.40 6.05 56.54
C ASN C 161 -18.97 5.84 56.07
N ARG C 162 -18.15 5.31 56.98
CA ARG C 162 -16.75 5.09 56.68
C ARG C 162 -16.60 4.06 55.57
N PRO C 163 -15.71 4.28 54.59
CA PRO C 163 -15.54 3.32 53.50
C PRO C 163 -15.04 1.97 54.02
N ARG C 164 -15.52 0.91 53.37
CA ARG C 164 -15.15 -0.45 53.73
C ARG C 164 -14.85 -1.25 52.47
N LEU C 165 -14.12 -2.35 52.64
CA LEU C 165 -13.85 -3.25 51.53
C LEU C 165 -15.13 -3.97 51.12
N SER C 166 -15.34 -4.07 49.81
CA SER C 166 -16.50 -4.76 49.26
C SER C 166 -16.06 -5.64 48.11
N LEU C 167 -16.85 -6.68 47.85
CA LEU C 167 -16.59 -7.61 46.77
C LEU C 167 -17.74 -7.58 45.77
N LEU C 168 -17.40 -7.82 44.50
CA LEU C 168 -18.36 -7.74 43.40
C LEU C 168 -18.69 -9.13 42.87
N TYR C 169 -19.90 -9.28 42.35
CA TYR C 169 -20.35 -10.54 41.77
C TYR C 169 -21.34 -10.23 40.65
N SER C 170 -21.07 -10.79 39.47
CA SER C 170 -21.92 -10.60 38.31
C SER C 170 -22.42 -11.95 37.82
N ILE C 171 -23.70 -12.01 37.45
CA ILE C 171 -24.31 -13.25 37.00
C ILE C 171 -25.40 -12.92 35.99
N THR C 172 -25.51 -13.73 34.94
CA THR C 172 -26.49 -13.55 33.89
C THR C 172 -27.37 -14.79 33.80
N VAL C 173 -28.69 -14.59 33.86
CA VAL C 173 -29.65 -15.69 33.79
C VAL C 173 -30.76 -15.34 32.81
N PRO C 174 -31.41 -16.33 32.19
CA PRO C 174 -32.54 -16.03 31.31
C PRO C 174 -33.81 -15.76 32.10
N MET C 175 -34.62 -14.85 31.57
CA MET C 175 -35.90 -14.48 32.17
C MET C 175 -37.02 -14.78 31.18
N LYS C 176 -38.02 -15.53 31.61
CA LYS C 176 -39.05 -16.01 30.71
C LYS C 176 -40.06 -14.91 30.40
N LEU C 177 -40.46 -14.84 29.13
CA LEU C 177 -41.45 -13.86 28.68
C LEU C 177 -42.86 -14.38 28.95
N LYS C 178 -43.86 -13.63 28.47
CA LYS C 178 -45.26 -13.95 28.69
C LYS C 178 -46.04 -14.08 27.38
N ASN C 179 -45.34 -14.32 26.26
CA ASN C 179 -45.99 -14.43 24.95
C ASN C 179 -45.98 -15.89 24.53
N ILE C 180 -47.08 -16.59 24.79
CA ILE C 180 -47.23 -18.00 24.43
C ILE C 180 -48.54 -18.17 23.68
N GLU C 181 -48.48 -18.87 22.55
CA GLU C 181 -49.66 -19.20 21.76
C GLU C 181 -50.06 -20.65 22.01
N ASP C 182 -51.37 -20.90 21.99
CA ASP C 182 -51.91 -22.17 22.45
C ASP C 182 -52.54 -23.03 21.37
N ASN C 183 -52.87 -22.45 20.21
CA ASN C 183 -53.62 -23.17 19.18
C ASN C 183 -52.93 -23.07 17.82
N VAL C 184 -51.63 -23.33 17.81
CA VAL C 184 -50.85 -23.31 16.57
C VAL C 184 -50.84 -24.73 16.01
N ILE C 185 -51.66 -24.95 14.99
CA ILE C 185 -51.83 -26.28 14.41
C ILE C 185 -50.61 -26.64 13.59
N PRO C 186 -50.05 -27.85 13.72
CA PRO C 186 -48.93 -28.25 12.87
C PRO C 186 -49.37 -28.51 11.44
N VAL C 187 -48.41 -28.43 10.53
CA VAL C 187 -48.65 -28.74 9.13
C VAL C 187 -48.65 -30.25 8.96
N SER C 188 -49.73 -30.79 8.40
CA SER C 188 -49.86 -32.24 8.26
C SER C 188 -50.18 -32.62 6.82
N LYS C 189 -50.87 -31.75 6.09
CA LYS C 189 -51.25 -32.00 4.70
C LYS C 189 -50.65 -30.91 3.83
N ILE C 190 -50.04 -31.32 2.71
CA ILE C 190 -49.38 -30.40 1.80
C ILE C 190 -49.95 -30.64 0.40
N SER C 191 -50.46 -29.57 -0.22
CA SER C 191 -51.03 -29.64 -1.55
C SER C 191 -50.46 -28.53 -2.41
N ALA C 192 -50.07 -28.87 -3.63
CA ALA C 192 -49.50 -27.92 -4.58
C ALA C 192 -50.16 -28.08 -5.94
N SER C 193 -50.38 -26.95 -6.62
CA SER C 193 -50.96 -26.95 -7.95
C SER C 193 -50.06 -26.15 -8.88
N VAL C 194 -49.73 -26.72 -10.03
CA VAL C 194 -48.90 -26.07 -11.04
C VAL C 194 -49.74 -25.89 -12.30
N ASP C 195 -49.86 -24.66 -12.76
CA ASP C 195 -50.66 -24.33 -13.93
C ASP C 195 -49.80 -23.58 -14.93
N GLN C 196 -50.37 -23.35 -16.12
CA GLN C 196 -49.66 -22.66 -17.19
C GLN C 196 -49.87 -21.16 -17.09
N LYS C 197 -48.85 -20.40 -17.50
CA LYS C 197 -48.88 -18.96 -17.48
C LYS C 197 -48.46 -18.41 -18.84
N PRO C 198 -49.16 -17.39 -19.34
CA PRO C 198 -48.72 -16.77 -20.60
C PRO C 198 -47.39 -16.05 -20.43
N ASN C 199 -46.62 -16.01 -21.51
CA ASN C 199 -45.33 -15.34 -21.53
C ASN C 199 -45.57 -13.85 -21.78
N LEU C 200 -45.97 -13.15 -20.72
CA LEU C 200 -46.31 -11.75 -20.79
C LEU C 200 -45.68 -10.99 -19.63
N ASP C 201 -45.48 -9.69 -19.84
CA ASP C 201 -44.95 -8.80 -18.84
C ASP C 201 -46.09 -8.03 -18.19
N ASN C 202 -46.08 -7.95 -16.86
CA ASN C 202 -47.14 -7.25 -16.15
C ASN C 202 -47.14 -5.76 -16.50
N SER C 203 -45.96 -5.16 -16.63
CA SER C 203 -45.88 -3.75 -16.98
C SER C 203 -46.47 -3.49 -18.36
N GLN C 204 -46.24 -4.41 -19.30
CA GLN C 204 -46.83 -4.28 -20.63
C GLN C 204 -48.35 -4.27 -20.56
N ILE C 205 -48.94 -5.18 -19.78
CA ILE C 205 -50.39 -5.24 -19.65
C ILE C 205 -50.91 -3.97 -19.00
N ASN C 206 -50.24 -3.49 -17.95
CA ASN C 206 -50.67 -2.27 -17.28
C ASN C 206 -50.64 -1.08 -18.23
N GLN C 207 -49.55 -0.94 -19.00
CA GLN C 207 -49.44 0.17 -19.93
C GLN C 207 -50.49 0.07 -21.03
N ALA C 208 -50.73 -1.13 -21.56
CA ALA C 208 -51.74 -1.29 -22.58
C ALA C 208 -53.13 -0.94 -22.06
N LEU C 209 -53.45 -1.37 -20.84
CA LEU C 209 -54.76 -1.07 -20.27
C LEU C 209 -54.92 0.42 -20.02
N ILE C 210 -53.86 1.09 -19.52
CA ILE C 210 -53.96 2.53 -19.28
C ILE C 210 -54.09 3.28 -20.61
N ASP C 211 -53.42 2.80 -21.66
CA ASP C 211 -53.56 3.43 -22.97
C ASP C 211 -54.98 3.25 -23.51
N LYS C 212 -55.55 2.05 -23.35
CA LYS C 212 -56.91 1.81 -23.80
C LYS C 212 -57.89 2.69 -23.02
N LEU C 213 -57.69 2.84 -21.72
CA LEU C 213 -58.54 3.71 -20.92
C LEU C 213 -58.44 5.16 -21.38
N CYS C 214 -57.22 5.63 -21.64
CA CYS C 214 -57.04 7.00 -22.12
C CYS C 214 -57.72 7.21 -23.47
N VAL C 215 -57.59 6.24 -24.37
CA VAL C 215 -58.22 6.35 -25.68
C VAL C 215 -59.74 6.37 -25.55
N GLU C 216 -60.29 5.49 -24.70
CA GLU C 216 -61.73 5.43 -24.53
C GLU C 216 -62.27 6.71 -23.91
N LEU C 217 -61.54 7.28 -22.95
CA LEU C 217 -62.01 8.48 -22.27
C LEU C 217 -62.03 9.70 -23.18
N GLY C 218 -61.33 9.67 -24.30
CA GLY C 218 -61.35 10.78 -25.24
C GLY C 218 -60.02 11.10 -25.87
N GLY C 219 -58.93 10.77 -25.19
CA GLY C 219 -57.61 11.02 -25.72
C GLY C 219 -57.15 12.46 -25.70
N THR C 220 -57.97 13.37 -25.20
CA THR C 220 -57.59 14.77 -25.11
C THR C 220 -56.45 14.94 -24.10
N GLU C 221 -55.66 16.00 -24.29
CA GLU C 221 -54.58 16.28 -23.35
C GLU C 221 -55.10 16.49 -21.94
N ASP C 222 -56.35 16.94 -21.81
CA ASP C 222 -56.98 17.02 -20.49
C ASP C 222 -57.13 15.64 -19.88
N VAL C 223 -57.50 14.65 -20.70
CA VAL C 223 -57.59 13.28 -20.20
C VAL C 223 -56.22 12.77 -19.76
N ARG C 224 -55.19 13.08 -20.54
CA ARG C 224 -53.84 12.66 -20.17
C ARG C 224 -53.40 13.31 -18.86
N LEU C 225 -53.77 14.58 -18.66
CA LEU C 225 -53.48 15.24 -17.39
C LEU C 225 -54.23 14.57 -16.24
N ALA C 226 -55.50 14.21 -16.48
CA ALA C 226 -56.30 13.58 -15.43
C ALA C 226 -55.83 12.17 -15.08
N LEU C 227 -55.09 11.52 -15.98
CA LEU C 227 -54.60 10.17 -15.76
C LEU C 227 -53.14 10.14 -15.34
N ALA C 228 -52.54 11.30 -15.06
CA ALA C 228 -51.13 11.34 -14.71
C ALA C 228 -50.86 10.63 -13.39
N LYS C 229 -51.73 10.81 -12.40
CA LYS C 229 -51.55 10.25 -11.06
C LYS C 229 -52.53 9.12 -10.78
N VAL C 230 -52.81 8.30 -11.80
CA VAL C 230 -53.70 7.15 -11.67
C VAL C 230 -52.86 5.90 -11.89
N ASN C 231 -52.92 4.97 -10.94
CA ASN C 231 -52.16 3.72 -11.01
C ASN C 231 -53.10 2.57 -11.33
N LEU C 232 -52.75 1.78 -12.33
CA LEU C 232 -53.52 0.61 -12.75
C LEU C 232 -52.61 -0.61 -12.68
N THR C 233 -52.99 -1.59 -11.86
CA THR C 233 -52.24 -2.83 -11.71
C THR C 233 -53.16 -4.00 -11.97
N THR C 234 -52.61 -5.05 -12.59
CA THR C 234 -53.36 -6.26 -12.88
C THR C 234 -52.71 -7.45 -12.17
N LYS C 235 -53.55 -8.41 -11.78
CA LYS C 235 -53.12 -9.62 -11.12
C LYS C 235 -53.74 -10.82 -11.81
N PRO C 236 -53.01 -11.94 -11.93
CA PRO C 236 -53.59 -13.13 -12.56
C PRO C 236 -54.80 -13.63 -11.79
N ASP C 237 -55.79 -14.12 -12.53
CA ASP C 237 -57.03 -14.63 -11.96
C ASP C 237 -56.93 -16.16 -11.90
N THR C 238 -56.80 -16.69 -10.69
CA THR C 238 -56.73 -18.14 -10.49
C THR C 238 -58.14 -18.70 -10.34
N GLU C 239 -58.89 -18.63 -11.44
CA GLU C 239 -60.26 -19.10 -11.48
C GLU C 239 -60.69 -19.41 -12.90
N ASN C 243 -60.82 -21.44 -19.68
CA ASN C 243 -60.63 -21.00 -21.05
C ASN C 243 -59.16 -21.11 -21.46
N GLN C 244 -58.92 -21.24 -22.76
CA GLN C 244 -57.57 -21.32 -23.29
C GLN C 244 -57.28 -20.28 -24.36
N GLU C 245 -58.30 -19.60 -24.90
CA GLU C 245 -58.10 -18.59 -25.93
C GLU C 245 -57.87 -17.20 -25.36
N ASN C 246 -57.98 -17.03 -24.04
CA ASN C 246 -57.77 -15.73 -23.42
C ASN C 246 -57.38 -15.94 -21.96
N GLU C 247 -56.86 -14.89 -21.35
CA GLU C 247 -56.45 -14.91 -19.96
C GLU C 247 -57.20 -13.86 -19.16
N SER C 248 -57.50 -14.19 -17.91
CA SER C 248 -58.26 -13.33 -17.02
C SER C 248 -57.33 -12.62 -16.06
N VAL C 249 -57.62 -11.34 -15.78
CA VAL C 249 -56.79 -10.50 -14.93
C VAL C 249 -57.67 -9.84 -13.88
N ILE C 250 -57.03 -9.37 -12.82
CA ILE C 250 -57.69 -8.67 -11.72
C ILE C 250 -57.21 -7.22 -11.78
N VAL C 251 -58.05 -6.34 -12.31
CA VAL C 251 -57.67 -4.94 -12.50
C VAL C 251 -57.90 -4.19 -11.19
N GLU C 252 -56.87 -3.50 -10.72
CA GLU C 252 -56.94 -2.67 -9.52
C GLU C 252 -56.49 -1.26 -9.88
N VAL C 253 -57.32 -0.28 -9.56
CA VAL C 253 -57.07 1.12 -9.92
C VAL C 253 -57.09 1.96 -8.66
N SER C 254 -56.03 2.73 -8.45
CA SER C 254 -55.93 3.64 -7.32
C SER C 254 -55.10 4.85 -7.72
N GLY C 255 -55.33 5.95 -7.03
CA GLY C 255 -54.61 7.18 -7.30
C GLY C 255 -55.50 8.39 -7.06
N ILE C 256 -55.17 9.48 -7.76
CA ILE C 256 -55.90 10.73 -7.65
C ILE C 256 -56.29 11.19 -9.05
N THR C 257 -57.53 11.65 -9.19
CA THR C 257 -58.02 12.17 -10.45
C THR C 257 -59.00 13.30 -10.17
N SER C 258 -59.45 13.95 -11.24
CA SER C 258 -60.37 15.08 -11.11
C SER C 258 -61.78 14.58 -10.81
N VAL C 259 -62.65 15.53 -10.46
CA VAL C 259 -64.03 15.19 -10.11
C VAL C 259 -64.78 14.65 -11.32
N THR C 260 -64.53 15.24 -12.50
CA THR C 260 -65.32 14.90 -13.68
C THR C 260 -65.02 13.48 -14.18
N TYR C 261 -63.76 13.08 -14.16
CA TYR C 261 -63.36 11.83 -14.79
C TYR C 261 -63.46 10.61 -13.86
N LEU C 262 -63.70 10.81 -12.57
CA LEU C 262 -63.83 9.67 -11.66
C LEU C 262 -65.02 8.77 -12.02
N PRO C 263 -66.25 9.28 -12.15
CA PRO C 263 -67.34 8.39 -12.56
C PRO C 263 -67.14 7.80 -13.94
N GLN C 264 -66.51 8.53 -14.86
CA GLN C 264 -66.26 7.99 -16.19
C GLN C 264 -65.30 6.81 -16.12
N ILE C 265 -64.23 6.92 -15.32
CA ILE C 265 -63.29 5.82 -15.17
C ILE C 265 -63.97 4.62 -14.53
N LYS C 266 -64.78 4.85 -13.49
CA LYS C 266 -65.47 3.74 -12.85
C LYS C 266 -66.44 3.06 -13.82
N ASP C 267 -67.16 3.85 -14.62
CA ASP C 267 -68.08 3.28 -15.61
C ASP C 267 -67.33 2.48 -16.65
N THR C 268 -66.18 2.98 -17.11
CA THR C 268 -65.38 2.24 -18.07
C THR C 268 -64.90 0.91 -17.49
N LEU C 269 -64.47 0.93 -16.22
CA LEU C 269 -64.04 -0.32 -15.58
C LEU C 269 -65.19 -1.31 -15.48
N THR C 270 -66.38 -0.84 -15.10
CA THR C 270 -67.53 -1.74 -15.00
C THR C 270 -67.91 -2.28 -16.37
N LYS C 271 -67.84 -1.45 -17.40
CA LYS C 271 -68.14 -1.91 -18.76
C LYS C 271 -67.13 -2.96 -19.21
N TRP C 272 -65.85 -2.77 -18.89
CA TRP C 272 -64.85 -3.78 -19.21
C TRP C 272 -65.14 -5.08 -18.48
N LYS C 273 -65.51 -5.00 -17.21
CA LYS C 273 -65.80 -6.21 -16.45
C LYS C 273 -67.00 -6.95 -17.02
N SER C 274 -68.06 -6.21 -17.38
CA SER C 274 -69.27 -6.84 -17.89
C SER C 274 -69.02 -7.54 -19.23
N SER C 275 -68.33 -6.87 -20.13
CA SER C 275 -68.07 -7.44 -21.45
C SER C 275 -67.09 -8.60 -21.33
N GLN C 276 -67.39 -9.68 -22.05
CA GLN C 276 -66.54 -10.87 -22.06
C GLN C 276 -65.52 -10.86 -23.19
N GLU C 277 -65.54 -9.84 -24.05
CA GLU C 277 -64.60 -9.76 -25.15
C GLU C 277 -63.24 -9.29 -24.67
N ALA C 278 -62.21 -9.59 -25.46
CA ALA C 278 -60.87 -9.17 -25.14
C ALA C 278 -60.72 -7.67 -25.31
N ILE C 279 -60.05 -7.04 -24.36
CA ILE C 279 -59.84 -5.59 -24.41
C ILE C 279 -58.56 -5.24 -25.17
N VAL C 280 -57.45 -5.91 -24.83
CA VAL C 280 -56.17 -5.66 -25.49
C VAL C 280 -55.58 -7.00 -25.91
N LYS C 281 -54.67 -6.93 -26.88
CA LYS C 281 -53.99 -8.11 -27.41
C LYS C 281 -52.51 -7.80 -27.49
N ILE C 282 -51.71 -8.49 -26.67
CA ILE C 282 -50.27 -8.30 -26.59
C ILE C 282 -49.58 -9.60 -26.96
N ASN C 283 -48.69 -9.53 -27.95
CA ASN C 283 -47.92 -10.69 -28.40
C ASN C 283 -48.81 -11.84 -28.85
N GLY C 284 -50.00 -11.52 -29.38
CA GLY C 284 -50.94 -12.53 -29.80
C GLY C 284 -51.80 -13.09 -28.69
N VAL C 285 -51.62 -12.63 -27.46
CA VAL C 285 -52.41 -13.10 -26.32
C VAL C 285 -53.48 -12.07 -26.02
N SER C 286 -54.73 -12.51 -25.97
CA SER C 286 -55.86 -11.62 -25.73
C SER C 286 -56.16 -11.56 -24.24
N ILE C 287 -56.32 -10.35 -23.72
CA ILE C 287 -56.51 -10.12 -22.29
C ILE C 287 -57.98 -9.83 -22.02
N VAL C 288 -58.55 -10.54 -21.06
CA VAL C 288 -59.94 -10.39 -20.68
C VAL C 288 -60.00 -10.01 -19.21
N VAL C 289 -60.72 -8.94 -18.90
CA VAL C 289 -60.88 -8.48 -17.53
C VAL C 289 -62.07 -9.21 -16.91
N SER C 290 -61.83 -9.92 -15.81
CA SER C 290 -62.87 -10.66 -15.12
C SER C 290 -63.26 -10.09 -13.78
N LYS C 291 -62.39 -9.30 -13.15
CA LYS C 291 -62.69 -8.69 -11.86
C LYS C 291 -61.95 -7.37 -11.77
N GLU C 292 -62.65 -6.35 -11.26
CA GLU C 292 -62.08 -5.01 -11.15
C GLU C 292 -62.43 -4.43 -9.78
N ASN C 293 -61.65 -3.44 -9.38
CA ASN C 293 -61.86 -2.77 -8.09
C ASN C 293 -61.23 -1.39 -8.17
N ALA C 294 -62.03 -0.35 -7.95
CA ALA C 294 -61.56 1.03 -8.06
C ALA C 294 -62.09 1.85 -6.89
N ASP C 295 -62.18 1.25 -5.71
CA ASP C 295 -62.66 1.97 -4.53
C ASP C 295 -61.56 2.77 -3.83
N LYS C 296 -60.31 2.62 -4.25
CA LYS C 296 -59.20 3.36 -3.65
C LYS C 296 -58.81 4.58 -4.48
N LEU C 297 -59.61 4.93 -5.49
CA LEU C 297 -59.30 6.04 -6.38
C LEU C 297 -59.95 7.31 -5.84
N ILE C 298 -59.12 8.29 -5.49
CA ILE C 298 -59.62 9.57 -4.98
C ILE C 298 -59.94 10.46 -6.17
N GLY C 299 -61.13 11.06 -6.17
CA GLY C 299 -61.58 11.86 -7.28
C GLY C 299 -61.81 13.32 -6.94
N ILE C 300 -60.91 13.91 -6.17
CA ILE C 300 -61.05 15.31 -5.77
C ILE C 300 -60.91 16.24 -6.96
N THR D 2 -44.85 -0.75 12.52
CA THR D 2 -46.08 -0.29 13.14
C THR D 2 -46.20 1.22 13.01
N ILE D 3 -47.42 1.73 13.10
CA ILE D 3 -47.72 3.15 12.90
C ILE D 3 -48.00 3.78 14.26
N ILE D 4 -47.35 4.90 14.54
CA ILE D 4 -47.60 5.69 15.74
C ILE D 4 -48.02 7.09 15.30
N ILE D 5 -49.11 7.58 15.87
CA ILE D 5 -49.66 8.87 15.46
C ILE D 5 -48.95 9.98 16.22
N ALA D 6 -48.44 10.96 15.48
CA ALA D 6 -47.78 12.10 16.10
C ALA D 6 -48.80 12.96 16.83
N SER D 7 -48.46 13.34 18.06
CA SER D 7 -49.35 14.13 18.90
C SER D 7 -48.54 15.17 19.65
N ASP D 8 -49.22 16.23 20.09
CA ASP D 8 -48.59 17.31 20.84
C ASP D 8 -48.67 17.10 22.34
N ASN D 9 -49.14 15.95 22.80
CA ASN D 9 -49.25 15.62 24.21
C ASN D 9 -48.62 14.26 24.49
N ALA D 10 -47.44 14.03 23.90
CA ALA D 10 -46.85 12.69 23.92
C ALA D 10 -46.39 12.27 25.31
N ILE D 11 -45.88 13.22 26.10
CA ILE D 11 -45.33 12.87 27.41
C ILE D 11 -46.41 12.27 28.32
N ILE D 12 -47.58 12.91 28.34
CA ILE D 12 -48.66 12.42 29.19
C ILE D 12 -49.16 11.07 28.70
N GLU D 13 -49.18 10.87 27.38
CA GLU D 13 -49.59 9.56 26.84
C GLU D 13 -48.62 8.47 27.25
N ILE D 14 -47.32 8.75 27.19
CA ILE D 14 -46.33 7.76 27.65
C ILE D 14 -46.50 7.49 29.14
N ASN D 15 -46.74 8.54 29.92
CA ASN D 15 -46.95 8.36 31.35
C ASN D 15 -48.16 7.49 31.63
N GLN D 16 -49.24 7.70 30.88
CA GLN D 16 -50.45 6.90 31.07
C GLN D 16 -50.23 5.45 30.69
N ALA D 17 -49.52 5.20 29.59
CA ALA D 17 -49.22 3.82 29.22
C ALA D 17 -48.37 3.12 30.27
N LEU D 18 -47.35 3.82 30.77
CA LEU D 18 -46.51 3.25 31.81
C LEU D 18 -47.32 2.98 33.08
N ASN D 19 -48.19 3.91 33.46
CA ASN D 19 -49.03 3.72 34.64
C ASN D 19 -49.93 2.51 34.46
N THR D 20 -50.53 2.35 33.27
CA THR D 20 -51.41 1.22 33.03
C THR D 20 -50.66 -0.11 33.17
N ILE D 21 -49.51 -0.23 32.49
CA ILE D 21 -48.79 -1.50 32.53
C ILE D 21 -48.26 -1.77 33.94
N LEU D 22 -47.76 -0.75 34.62
CA LEU D 22 -47.24 -0.94 35.97
C LEU D 22 -48.34 -1.34 36.94
N SER D 23 -49.52 -0.71 36.84
CA SER D 23 -50.63 -1.11 37.70
C SER D 23 -51.04 -2.55 37.41
N GLN D 24 -51.11 -2.92 36.13
CA GLN D 24 -51.51 -4.28 35.79
C GLN D 24 -50.53 -5.30 36.35
N TYR D 25 -49.22 -5.02 36.28
CA TYR D 25 -48.24 -5.98 36.75
C TYR D 25 -47.96 -5.89 38.25
N LEU D 26 -48.40 -4.82 38.92
CA LEU D 26 -48.13 -4.66 40.35
C LEU D 26 -49.32 -5.03 41.23
N ASN D 27 -50.53 -4.66 40.83
CA ASN D 27 -51.72 -4.95 41.62
C ASN D 27 -52.29 -6.34 41.33
N ILE D 28 -51.47 -7.24 40.78
CA ILE D 28 -51.96 -8.57 40.41
C ILE D 28 -52.01 -9.53 41.57
N THR D 29 -51.38 -9.21 42.70
CA THR D 29 -51.34 -10.09 43.86
C THR D 29 -52.36 -9.71 44.92
N GLY D 30 -53.27 -8.78 44.62
CA GLY D 30 -54.22 -8.30 45.59
C GLY D 30 -53.72 -7.19 46.48
N GLN D 31 -52.50 -6.71 46.26
CA GLN D 31 -51.93 -5.60 47.01
C GLN D 31 -51.97 -4.34 46.18
N ASN D 32 -52.27 -3.21 46.83
CA ASN D 32 -52.30 -1.92 46.18
C ASN D 32 -51.04 -1.15 46.56
N ILE D 33 -50.28 -0.73 45.55
CA ILE D 33 -49.04 0.01 45.74
C ILE D 33 -49.17 1.35 45.05
N ASP D 34 -48.86 2.43 45.77
CA ASP D 34 -48.96 3.76 45.21
C ASP D 34 -47.89 3.95 44.13
N ILE D 35 -48.28 4.62 43.05
CA ILE D 35 -47.38 4.93 41.94
C ILE D 35 -47.36 6.43 41.75
N ARG D 36 -46.18 7.03 41.91
CA ARG D 36 -45.99 8.47 41.79
C ARG D 36 -45.05 8.76 40.62
N PHE D 37 -45.25 9.92 40.00
CA PHE D 37 -44.45 10.33 38.86
C PHE D 37 -43.50 11.48 39.21
N ASP D 38 -43.05 11.52 40.45
CA ASP D 38 -42.05 12.49 40.89
C ASP D 38 -41.31 11.91 42.09
N LEU D 39 -40.08 12.37 42.29
CA LEU D 39 -39.27 11.88 43.39
C LEU D 39 -39.75 12.47 44.72
N PRO D 40 -39.58 11.74 45.81
CA PRO D 40 -39.90 12.29 47.13
C PRO D 40 -38.97 13.44 47.49
N GLU D 41 -39.41 14.24 48.46
CA GLU D 41 -38.67 15.43 48.86
C GLU D 41 -37.36 15.04 49.55
N ILE D 42 -36.57 16.06 49.88
CA ILE D 42 -35.25 15.86 50.44
C ILE D 42 -35.37 15.49 51.91
N ASN D 43 -34.81 14.34 52.28
CA ASN D 43 -34.89 13.81 53.65
C ASN D 43 -36.34 13.74 54.14
N SER D 44 -37.23 13.27 53.26
CA SER D 44 -38.62 13.07 53.63
C SER D 44 -38.83 11.64 54.13
N ILE D 45 -39.99 11.41 54.72
CA ILE D 45 -40.34 10.09 55.25
C ILE D 45 -41.51 9.54 54.45
N GLN D 46 -41.60 8.22 54.39
CA GLN D 46 -42.63 7.52 53.64
C GLN D 46 -43.53 6.75 54.60
N SER D 47 -44.83 6.99 54.49
CA SER D 47 -45.81 6.26 55.30
C SER D 47 -46.21 4.94 54.66
N GLU D 48 -46.30 4.91 53.34
CA GLU D 48 -46.69 3.72 52.59
C GLU D 48 -45.65 3.44 51.52
N PRO D 49 -45.48 2.16 51.13
CA PRO D 49 -44.55 1.84 50.05
C PRO D 49 -45.08 2.34 48.71
N THR D 50 -44.24 3.09 48.00
CA THR D 50 -44.61 3.68 46.71
C THR D 50 -43.56 3.34 45.67
N VAL D 51 -43.99 3.32 44.41
CA VAL D 51 -43.12 3.14 43.26
C VAL D 51 -43.07 4.46 42.51
N SER D 52 -41.87 4.99 42.30
CA SER D 52 -41.69 6.28 41.67
C SER D 52 -41.20 6.10 40.24
N VAL D 53 -41.90 6.71 39.29
CA VAL D 53 -41.49 6.73 37.89
C VAL D 53 -41.00 8.15 37.60
N PHE D 54 -39.71 8.29 37.36
CA PHE D 54 -39.06 9.59 37.25
C PHE D 54 -38.60 9.82 35.82
N LEU D 55 -39.19 10.82 35.17
CA LEU D 55 -38.76 11.26 33.85
C LEU D 55 -37.66 12.30 34.05
N TYR D 56 -36.41 11.92 33.75
CA TYR D 56 -35.27 12.74 34.12
C TYR D 56 -34.56 13.39 32.94
N GLU D 57 -34.80 12.95 31.71
CA GLU D 57 -34.09 13.52 30.57
C GLU D 57 -34.96 13.46 29.33
N ILE D 58 -34.94 14.53 28.54
CA ILE D 58 -35.64 14.61 27.26
C ILE D 58 -34.71 15.26 26.26
N HIS D 59 -34.54 14.62 25.10
CA HIS D 59 -33.73 15.19 24.03
C HIS D 59 -34.25 14.69 22.69
N GLU D 60 -33.92 15.44 21.64
CA GLU D 60 -34.34 15.04 20.30
C GLU D 60 -33.50 13.88 19.81
N ASP D 61 -34.17 12.83 19.32
CA ASP D 61 -33.49 11.61 18.88
C ASP D 61 -32.90 11.86 17.50
N LEU D 62 -31.60 12.16 17.45
CA LEU D 62 -30.94 12.42 16.18
C LEU D 62 -30.78 11.16 15.35
N GLN D 63 -30.67 9.99 16.00
CA GLN D 63 -30.46 8.74 15.26
C GLN D 63 -31.66 8.41 14.39
N LEU D 64 -32.87 8.74 14.85
CA LEU D 64 -34.08 8.45 14.11
C LEU D 64 -34.53 9.60 13.23
N ARG D 65 -33.78 10.69 13.18
CA ARG D 65 -34.14 11.80 12.32
C ARG D 65 -33.98 11.43 10.85
N SER D 66 -34.93 11.87 10.04
CA SER D 66 -34.92 11.60 8.61
C SER D 66 -35.25 12.88 7.85
N ALA D 67 -34.81 12.93 6.60
CA ALA D 67 -35.02 14.10 5.74
C ALA D 67 -36.24 13.83 4.87
N GLU D 68 -37.41 14.20 5.38
CA GLU D 68 -38.66 14.01 4.67
C GLU D 68 -39.27 15.36 4.30
N SER D 69 -40.06 15.35 3.24
CA SER D 69 -40.74 16.56 2.77
C SER D 69 -42.07 16.73 3.48
N ARG D 70 -42.61 17.94 3.40
CA ARG D 70 -43.90 18.23 4.01
C ARG D 70 -45.00 17.48 3.28
N ARG D 71 -45.91 16.89 4.05
CA ARG D 71 -47.00 16.09 3.50
C ARG D 71 -48.17 16.98 3.09
N TYR D 72 -48.71 16.73 1.91
CA TYR D 72 -49.75 17.55 1.32
C TYR D 72 -51.02 16.75 1.15
N ASN D 73 -52.16 17.38 1.43
CA ASN D 73 -53.48 16.77 1.23
C ASN D 73 -54.25 17.59 0.22
N PRO D 74 -54.24 17.22 -1.06
CA PRO D 74 -54.95 18.02 -2.06
C PRO D 74 -56.45 18.07 -1.86
N SER D 75 -57.04 17.10 -1.14
CA SER D 75 -58.47 17.10 -0.92
C SER D 75 -58.91 18.31 -0.12
N THR D 76 -58.14 18.68 0.91
CA THR D 76 -58.48 19.81 1.76
C THR D 76 -57.57 21.02 1.56
N ASN D 77 -56.65 20.96 0.59
CA ASN D 77 -55.73 22.05 0.30
C ASN D 77 -54.95 22.46 1.54
N THR D 78 -54.47 21.46 2.29
CA THR D 78 -53.74 21.70 3.53
C THR D 78 -52.35 21.11 3.45
N LEU D 79 -51.37 21.83 3.96
CA LEU D 79 -50.00 21.34 4.11
C LEU D 79 -49.85 20.84 5.54
N LEU D 80 -49.72 19.53 5.70
CA LEU D 80 -49.75 18.92 7.02
C LEU D 80 -48.53 19.34 7.84
N PRO D 81 -48.68 19.42 9.16
CA PRO D 81 -47.56 19.85 10.00
C PRO D 81 -46.46 18.80 10.05
N GLY D 82 -45.26 19.28 10.37
CA GLY D 82 -44.13 18.40 10.60
C GLY D 82 -44.14 17.86 12.02
N TRP D 83 -43.08 17.13 12.35
CA TRP D 83 -42.97 16.54 13.68
C TRP D 83 -41.51 16.46 14.08
N VAL D 84 -41.28 16.32 15.39
CA VAL D 84 -39.95 16.22 15.97
C VAL D 84 -39.92 14.99 16.86
N ASN D 85 -38.92 14.13 16.66
CA ASN D 85 -38.79 12.92 17.46
C ASN D 85 -38.22 13.27 18.83
N ILE D 86 -38.85 12.76 19.88
CA ILE D 86 -38.49 13.05 21.25
C ILE D 86 -38.12 11.76 21.95
N ASN D 87 -36.96 11.74 22.60
CA ASN D 87 -36.50 10.59 23.37
C ASN D 87 -36.69 10.89 24.85
N CYS D 88 -37.46 10.04 25.54
CA CYS D 88 -37.73 10.19 26.96
C CYS D 88 -37.15 9.02 27.72
N ASN D 89 -36.51 9.32 28.86
CA ASN D 89 -35.86 8.33 29.68
C ASN D 89 -36.49 8.34 31.08
N TYR D 90 -36.83 7.16 31.58
CA TYR D 90 -37.50 7.02 32.87
C TYR D 90 -36.62 6.22 33.82
N LEU D 91 -36.80 6.47 35.11
CA LEU D 91 -36.08 5.77 36.18
C LEU D 91 -37.10 5.29 37.20
N ILE D 92 -37.35 3.98 37.23
CA ILE D 92 -38.35 3.39 38.11
C ILE D 92 -37.67 2.85 39.34
N THR D 93 -38.15 3.26 40.51
CA THR D 93 -37.57 2.85 41.79
C THR D 93 -38.69 2.48 42.75
N TYR D 94 -38.38 1.59 43.69
CA TYR D 94 -39.31 1.18 44.73
C TYR D 94 -38.83 1.73 46.07
N TRP D 95 -39.76 2.30 46.83
CA TRP D 95 -39.46 2.92 48.12
C TRP D 95 -40.14 2.12 49.22
N ASP D 96 -39.35 1.71 50.22
CA ASP D 96 -39.90 0.97 51.34
C ASP D 96 -40.74 1.87 52.24
N ALA D 97 -41.62 1.24 53.01
CA ALA D 97 -42.48 1.98 53.93
C ALA D 97 -41.69 2.54 55.10
N GLN D 110 -33.92 -10.55 54.10
CA GLN D 110 -34.26 -11.86 53.58
C GLN D 110 -34.24 -11.87 52.05
N PRO D 111 -33.86 -13.00 51.46
CA PRO D 111 -33.86 -13.09 49.99
C PRO D 111 -35.24 -12.91 49.37
N ASN D 112 -36.31 -13.20 50.11
CA ASN D 112 -37.68 -13.09 49.62
C ASN D 112 -38.40 -11.86 50.16
N ASN D 113 -37.69 -10.74 50.31
CA ASN D 113 -38.30 -9.55 50.87
C ASN D 113 -39.24 -8.89 49.87
N GLN D 114 -40.05 -7.96 50.39
CA GLN D 114 -41.06 -7.31 49.56
C GLN D 114 -40.43 -6.50 48.43
N ALA D 115 -39.30 -5.85 48.71
CA ALA D 115 -38.65 -5.03 47.69
C ALA D 115 -38.24 -5.85 46.49
N ALA D 116 -37.69 -7.05 46.73
CA ALA D 116 -37.29 -7.91 45.62
C ALA D 116 -38.49 -8.33 44.78
N GLN D 117 -39.60 -8.66 45.43
CA GLN D 117 -40.79 -9.08 44.68
C GLN D 117 -41.35 -7.93 43.85
N VAL D 118 -41.41 -6.73 44.43
CA VAL D 118 -41.92 -5.58 43.67
C VAL D 118 -41.01 -5.26 42.51
N MET D 119 -39.69 -5.31 42.74
CA MET D 119 -38.74 -5.06 41.65
C MET D 119 -38.86 -6.11 40.57
N THR D 120 -39.12 -7.36 40.96
CA THR D 120 -39.33 -8.42 39.99
C THR D 120 -40.58 -8.17 39.14
N ARG D 121 -41.65 -7.71 39.78
CA ARG D 121 -42.86 -7.39 39.02
C ARG D 121 -42.60 -6.24 38.03
N ILE D 122 -41.88 -5.21 38.47
CA ILE D 122 -41.56 -4.10 37.57
C ILE D 122 -40.69 -4.59 36.41
N LEU D 123 -39.72 -5.45 36.71
CA LEU D 123 -38.85 -6.00 35.66
C LEU D 123 -39.66 -6.83 34.68
N ASN D 124 -40.60 -7.62 35.17
CA ASN D 124 -41.45 -8.42 34.28
C ASN D 124 -42.28 -7.52 33.37
N ALA D 125 -42.85 -6.45 33.93
CA ALA D 125 -43.61 -5.52 33.10
C ALA D 125 -42.75 -4.92 32.01
N LEU D 126 -41.56 -4.43 32.38
CA LEU D 126 -40.68 -3.82 31.39
C LEU D 126 -40.24 -4.82 30.34
N ILE D 127 -39.93 -6.06 30.75
CA ILE D 127 -39.48 -7.07 29.80
C ILE D 127 -40.59 -7.43 28.84
N ASN D 128 -41.81 -7.58 29.32
CA ASN D 128 -42.92 -7.95 28.46
C ASN D 128 -43.49 -6.78 27.68
N ASN D 129 -43.02 -5.55 27.94
CA ASN D 129 -43.49 -4.37 27.22
C ASN D 129 -42.38 -3.75 26.37
N ARG D 130 -41.61 -4.59 25.67
CA ARG D 130 -40.66 -4.07 24.69
C ARG D 130 -41.38 -3.28 23.61
N GLN D 131 -42.51 -3.79 23.15
CA GLN D 131 -43.44 -3.04 22.30
C GLN D 131 -44.56 -2.54 23.22
N LEU D 132 -44.53 -1.25 23.54
CA LEU D 132 -45.46 -0.70 24.52
C LEU D 132 -46.90 -0.90 24.08
N THR D 133 -47.75 -1.27 25.03
CA THR D 133 -49.13 -1.65 24.72
C THR D 133 -49.90 -0.48 24.11
N GLY D 134 -49.83 0.68 24.74
CA GLY D 134 -50.56 1.84 24.23
C GLY D 134 -49.93 2.47 23.00
N LEU D 135 -48.63 2.30 22.82
CA LEU D 135 -47.90 2.90 21.70
C LEU D 135 -47.05 1.82 21.02
N PRO D 136 -47.68 0.96 20.23
CA PRO D 136 -46.91 -0.11 19.56
C PRO D 136 -45.83 0.40 18.62
N GLY D 137 -46.03 1.56 17.99
CA GLY D 137 -45.10 2.08 17.02
C GLY D 137 -43.91 2.83 17.59
N ALA D 138 -43.82 2.99 18.90
CA ALA D 138 -42.71 3.70 19.50
C ALA D 138 -41.43 2.88 19.45
N TYR D 139 -40.30 3.57 19.47
CA TYR D 139 -38.98 2.94 19.50
C TYR D 139 -38.48 2.95 20.94
N THR D 140 -38.28 1.77 21.51
CA THR D 140 -37.98 1.62 22.93
C THR D 140 -36.66 0.89 23.13
N ARG D 141 -36.01 1.18 24.26
CA ARG D 141 -34.84 0.45 24.73
C ARG D 141 -35.11 0.04 26.16
N ILE D 142 -35.34 -1.25 26.39
CA ILE D 142 -35.69 -1.75 27.71
C ILE D 142 -34.43 -1.99 28.52
N ILE D 143 -34.50 -1.62 29.81
CA ILE D 143 -33.43 -1.74 30.80
C ILE D 143 -32.05 -1.56 30.20
N PRO D 144 -31.71 -0.38 29.68
CA PRO D 144 -30.36 -0.17 29.15
C PRO D 144 -29.33 -0.22 30.26
N GLN D 145 -28.08 -0.42 29.85
CA GLN D 145 -26.98 -0.48 30.81
C GLN D 145 -26.93 0.80 31.63
N GLN D 146 -27.04 0.66 32.95
CA GLN D 146 -27.09 1.81 33.84
C GLN D 146 -25.68 2.36 34.04
N GLU D 147 -25.54 3.26 35.00
CA GLU D 147 -24.27 3.94 35.26
C GLU D 147 -23.44 3.12 36.23
N ASN D 148 -22.25 3.61 36.54
CA ASN D 148 -21.34 2.92 37.45
C ASN D 148 -21.73 3.27 38.89
N LEU D 149 -20.91 2.84 39.85
CA LEU D 149 -21.21 3.11 41.25
C LEU D 149 -21.02 4.59 41.60
N ASN D 150 -20.11 5.27 40.91
CA ASN D 150 -19.87 6.69 41.18
C ASN D 150 -21.11 7.52 40.89
N SER D 151 -21.72 7.29 39.73
CA SER D 151 -22.91 8.05 39.36
C SER D 151 -24.08 7.74 40.28
N LEU D 152 -24.24 6.47 40.67
CA LEU D 152 -25.28 6.12 41.62
C LEU D 152 -25.06 6.81 42.96
N GLY D 153 -23.82 6.84 43.43
CA GLY D 153 -23.52 7.53 44.67
C GLY D 153 -23.82 9.02 44.60
N ASN D 154 -23.43 9.66 43.49
CA ASN D 154 -23.72 11.09 43.34
C ASN D 154 -25.21 11.36 43.28
N PHE D 155 -25.96 10.54 42.54
CA PHE D 155 -27.40 10.74 42.42
C PHE D 155 -28.08 10.58 43.78
N TRP D 156 -27.69 9.56 44.55
CA TRP D 156 -28.32 9.37 45.85
C TRP D 156 -27.81 10.35 46.90
N GLN D 157 -26.62 10.94 46.70
CA GLN D 157 -26.25 12.11 47.48
C GLN D 157 -27.18 13.28 47.20
N ALA D 158 -27.50 13.48 45.93
CA ALA D 158 -28.44 14.54 45.55
C ALA D 158 -29.81 14.30 46.18
N LEU D 159 -30.27 13.05 46.15
CA LEU D 159 -31.56 12.73 46.76
C LEU D 159 -31.51 12.70 48.28
N GLY D 160 -30.31 12.66 48.86
CA GLY D 160 -30.19 12.66 50.32
C GLY D 160 -30.80 11.45 50.99
N ASN D 161 -30.57 10.26 50.43
CA ASN D 161 -31.15 9.04 50.96
C ASN D 161 -30.27 7.87 50.58
N ARG D 162 -30.53 6.73 51.21
CA ARG D 162 -29.73 5.54 50.97
C ARG D 162 -29.91 5.07 49.53
N PRO D 163 -28.84 4.60 48.88
CA PRO D 163 -28.97 4.12 47.50
C PRO D 163 -29.90 2.92 47.39
N ARG D 164 -30.61 2.85 46.26
CA ARG D 164 -31.55 1.77 46.01
C ARG D 164 -31.40 1.30 44.57
N LEU D 165 -31.95 0.12 44.29
CA LEU D 165 -31.95 -0.42 42.94
C LEU D 165 -33.01 0.28 42.09
N SER D 166 -32.65 0.58 40.84
CA SER D 166 -33.57 1.24 39.92
C SER D 166 -33.45 0.59 38.55
N LEU D 167 -34.50 0.75 37.75
CA LEU D 167 -34.54 0.26 36.39
C LEU D 167 -34.76 1.42 35.42
N LEU D 168 -34.16 1.30 34.24
CA LEU D 168 -34.19 2.35 33.23
C LEU D 168 -35.14 1.97 32.09
N TYR D 169 -35.68 2.98 31.44
CA TYR D 169 -36.59 2.78 30.31
C TYR D 169 -36.48 3.96 29.38
N SER D 170 -36.23 3.69 28.10
CA SER D 170 -36.09 4.71 27.07
C SER D 170 -37.12 4.47 25.98
N ILE D 171 -37.75 5.55 25.52
CA ILE D 171 -38.79 5.46 24.51
C ILE D 171 -38.76 6.73 23.66
N THR D 172 -38.94 6.56 22.34
CA THR D 172 -38.94 7.67 21.40
C THR D 172 -40.29 7.73 20.70
N VAL D 173 -40.90 8.91 20.73
CA VAL D 173 -42.20 9.14 20.08
C VAL D 173 -42.14 10.43 19.29
N PRO D 174 -42.95 10.58 18.24
CA PRO D 174 -42.98 11.86 17.51
C PRO D 174 -43.94 12.84 18.16
N MET D 175 -43.58 14.12 18.06
CA MET D 175 -44.38 15.21 18.58
C MET D 175 -44.75 16.16 17.46
N LYS D 176 -46.05 16.46 17.34
CA LYS D 176 -46.56 17.22 16.21
C LYS D 176 -46.23 18.70 16.36
N LEU D 177 -45.76 19.31 15.27
CA LEU D 177 -45.48 20.73 15.23
C LEU D 177 -46.76 21.53 14.98
N LYS D 178 -46.63 22.86 15.06
CA LYS D 178 -47.76 23.76 14.94
C LYS D 178 -47.80 24.51 13.61
N ASN D 179 -46.95 24.15 12.66
CA ASN D 179 -46.87 24.85 11.38
C ASN D 179 -47.73 24.11 10.36
N ILE D 180 -48.92 24.63 10.11
CA ILE D 180 -49.84 24.05 9.15
C ILE D 180 -50.42 25.15 8.28
N GLU D 181 -50.46 24.91 6.97
CA GLU D 181 -51.05 25.84 6.02
C GLU D 181 -52.39 25.32 5.54
N ASP D 182 -53.31 26.24 5.26
CA ASP D 182 -54.70 25.90 5.02
C ASP D 182 -55.20 26.19 3.62
N ASN D 183 -54.49 26.98 2.82
CA ASN D 183 -54.99 27.41 1.51
C ASN D 183 -53.94 27.17 0.43
N VAL D 184 -53.40 25.96 0.40
CA VAL D 184 -52.42 25.56 -0.61
C VAL D 184 -53.19 24.91 -1.76
N ILE D 185 -53.37 25.65 -2.83
CA ILE D 185 -54.17 25.17 -3.97
C ILE D 185 -53.38 24.13 -4.75
N PRO D 186 -53.98 22.99 -5.10
CA PRO D 186 -53.27 22.01 -5.93
C PRO D 186 -53.10 22.52 -7.35
N VAL D 187 -52.12 21.95 -8.04
CA VAL D 187 -51.87 22.27 -9.44
C VAL D 187 -52.84 21.46 -10.30
N SER D 188 -53.63 22.15 -11.11
CA SER D 188 -54.61 21.49 -11.97
C SER D 188 -54.50 21.87 -13.44
N LYS D 189 -53.94 23.04 -13.77
CA LYS D 189 -53.77 23.46 -15.15
C LYS D 189 -52.30 23.79 -15.39
N ILE D 190 -51.76 23.28 -16.49
CA ILE D 190 -50.35 23.45 -16.83
C ILE D 190 -50.26 24.10 -18.21
N SER D 191 -49.54 25.22 -18.29
CA SER D 191 -49.38 25.96 -19.53
C SER D 191 -47.90 26.25 -19.74
N ALA D 192 -47.42 25.96 -20.96
CA ALA D 192 -46.03 26.17 -21.32
C ALA D 192 -45.96 26.83 -22.69
N SER D 193 -45.02 27.77 -22.83
CA SER D 193 -44.81 28.47 -24.09
C SER D 193 -43.33 28.43 -24.44
N VAL D 194 -43.03 28.06 -25.68
CA VAL D 194 -41.65 27.96 -26.17
C VAL D 194 -41.47 28.97 -27.28
N ASP D 195 -40.47 29.84 -27.13
CA ASP D 195 -40.20 30.91 -28.07
C ASP D 195 -38.75 30.83 -28.52
N GLN D 196 -38.44 31.56 -29.59
CA GLN D 196 -37.09 31.57 -30.13
C GLN D 196 -36.20 32.53 -29.38
N LYS D 197 -34.93 32.16 -29.25
CA LYS D 197 -33.92 32.94 -28.56
C LYS D 197 -32.73 33.19 -29.48
N PRO D 198 -32.20 34.40 -29.52
CA PRO D 198 -30.99 34.65 -30.31
C PRO D 198 -29.79 33.92 -29.73
N ASN D 199 -28.88 33.52 -30.62
CA ASN D 199 -27.65 32.84 -30.23
C ASN D 199 -26.63 33.89 -29.80
N LEU D 200 -26.82 34.39 -28.57
CA LEU D 200 -25.97 35.45 -28.05
C LEU D 200 -25.57 35.13 -26.62
N ASP D 201 -24.48 35.74 -26.19
CA ASP D 201 -23.96 35.60 -24.84
C ASP D 201 -24.35 36.82 -24.03
N ASN D 202 -24.87 36.58 -22.81
CA ASN D 202 -25.28 37.69 -21.96
C ASN D 202 -24.10 38.57 -21.57
N SER D 203 -22.95 37.94 -21.27
CA SER D 203 -21.77 38.72 -20.91
C SER D 203 -21.32 39.58 -22.08
N GLN D 204 -21.43 39.09 -23.30
CA GLN D 204 -21.07 39.89 -24.47
C GLN D 204 -21.95 41.12 -24.58
N ILE D 205 -23.27 40.96 -24.37
CA ILE D 205 -24.18 42.09 -24.43
C ILE D 205 -23.86 43.10 -23.33
N ASN D 206 -23.59 42.61 -22.11
CA ASN D 206 -23.26 43.49 -21.01
C ASN D 206 -21.99 44.28 -21.29
N GLN D 207 -20.95 43.62 -21.79
CA GLN D 207 -19.70 44.30 -22.10
C GLN D 207 -19.89 45.32 -23.21
N ALA D 208 -20.65 44.97 -24.25
CA ALA D 208 -20.91 45.91 -25.34
C ALA D 208 -21.66 47.13 -24.84
N LEU D 209 -22.67 46.92 -23.98
CA LEU D 209 -23.43 48.05 -23.46
C LEU D 209 -22.58 48.94 -22.57
N ILE D 210 -21.72 48.34 -21.74
CA ILE D 210 -20.86 49.16 -20.89
C ILE D 210 -19.85 49.93 -21.73
N ASP D 211 -19.36 49.33 -22.83
CA ASP D 211 -18.45 50.05 -23.71
C ASP D 211 -19.15 51.20 -24.40
N LYS D 212 -20.39 50.97 -24.85
CA LYS D 212 -21.16 52.05 -25.48
C LYS D 212 -21.43 53.18 -24.49
N LEU D 213 -21.75 52.84 -23.24
CA LEU D 213 -21.96 53.86 -22.23
C LEU D 213 -20.68 54.65 -21.96
N CYS D 214 -19.54 53.96 -21.87
CA CYS D 214 -18.28 54.67 -21.66
C CYS D 214 -17.95 55.59 -22.82
N VAL D 215 -18.19 55.13 -24.05
CA VAL D 215 -17.92 55.97 -25.21
C VAL D 215 -18.84 57.19 -25.23
N GLU D 216 -20.13 56.99 -24.95
CA GLU D 216 -21.07 58.09 -24.95
C GLU D 216 -20.75 59.11 -23.86
N LEU D 217 -20.33 58.63 -22.69
CA LEU D 217 -20.03 59.54 -21.58
C LEU D 217 -18.81 60.41 -21.84
N GLY D 218 -17.97 60.05 -22.81
CA GLY D 218 -16.83 60.87 -23.15
C GLY D 218 -15.57 60.09 -23.45
N GLY D 219 -15.45 58.88 -22.91
CA GLY D 219 -14.28 58.06 -23.15
C GLY D 219 -13.03 58.50 -22.42
N THR D 220 -13.10 59.56 -21.63
CA THR D 220 -11.96 60.02 -20.86
C THR D 220 -11.62 58.98 -19.78
N GLU D 221 -10.33 58.90 -19.44
CA GLU D 221 -9.90 57.96 -18.41
C GLU D 221 -10.62 58.22 -17.08
N ASP D 222 -11.06 59.46 -16.86
CA ASP D 222 -11.90 59.75 -15.70
C ASP D 222 -13.21 58.99 -15.77
N VAL D 223 -13.81 58.92 -16.97
CA VAL D 223 -15.04 58.17 -17.14
C VAL D 223 -14.81 56.69 -16.86
N ARG D 224 -13.70 56.14 -17.38
CA ARG D 224 -13.40 54.73 -17.13
C ARG D 224 -13.19 54.47 -15.65
N LEU D 225 -12.53 55.40 -14.95
CA LEU D 225 -12.38 55.27 -13.51
C LEU D 225 -13.73 55.31 -12.80
N ALA D 226 -14.63 56.18 -13.24
CA ALA D 226 -15.94 56.29 -12.62
C ALA D 226 -16.84 55.09 -12.91
N LEU D 227 -16.55 54.34 -13.97
CA LEU D 227 -17.33 53.17 -14.34
C LEU D 227 -16.70 51.87 -13.86
N ALA D 228 -15.65 51.94 -13.04
CA ALA D 228 -14.98 50.73 -12.59
C ALA D 228 -15.88 49.87 -11.72
N LYS D 229 -16.64 50.49 -10.82
CA LYS D 229 -17.49 49.77 -9.88
C LYS D 229 -18.97 49.90 -10.21
N VAL D 230 -19.29 49.92 -11.51
CA VAL D 230 -20.67 50.00 -11.99
C VAL D 230 -20.98 48.68 -12.69
N ASN D 231 -22.04 48.02 -12.25
CA ASN D 231 -22.45 46.73 -12.80
C ASN D 231 -23.68 46.93 -13.66
N LEU D 232 -23.59 46.51 -14.92
CA LEU D 232 -24.71 46.54 -15.86
C LEU D 232 -25.06 45.12 -16.24
N THR D 233 -26.33 44.76 -16.11
CA THR D 233 -26.81 43.44 -16.47
C THR D 233 -28.06 43.58 -17.32
N THR D 234 -28.31 42.56 -18.15
CA THR D 234 -29.46 42.55 -19.05
C THR D 234 -30.25 41.28 -18.85
N LYS D 235 -31.55 41.37 -19.14
CA LYS D 235 -32.46 40.23 -19.08
C LYS D 235 -33.30 40.20 -20.35
N PRO D 236 -33.67 39.01 -20.81
CA PRO D 236 -34.56 38.92 -21.98
C PRO D 236 -35.91 39.54 -21.68
N ASP D 237 -36.47 40.22 -22.68
CA ASP D 237 -37.77 40.87 -22.58
C ASP D 237 -38.82 39.96 -23.18
N THR D 238 -39.65 39.36 -22.33
CA THR D 238 -40.73 38.49 -22.77
C THR D 238 -42.00 39.31 -23.02
N GLU D 239 -41.90 40.20 -24.00
CA GLU D 239 -43.01 41.09 -24.36
C GLU D 239 -42.91 41.55 -25.80
N ASN D 243 -41.53 41.73 -32.69
CA ASN D 243 -40.58 42.07 -33.73
C ASN D 243 -39.63 40.90 -34.00
N GLN D 244 -39.03 40.89 -35.19
CA GLN D 244 -38.09 39.85 -35.57
C GLN D 244 -36.74 40.39 -36.03
N GLU D 245 -36.64 41.69 -36.31
CA GLU D 245 -35.39 42.29 -36.78
C GLU D 245 -34.50 42.78 -35.64
N ASN D 246 -34.97 42.72 -34.40
CA ASN D 246 -34.18 43.13 -33.25
C ASN D 246 -34.70 42.44 -32.01
N GLU D 247 -33.90 42.48 -30.95
CA GLU D 247 -34.25 41.87 -29.68
C GLU D 247 -34.28 42.93 -28.58
N SER D 248 -35.16 42.72 -27.61
CA SER D 248 -35.36 43.64 -26.51
C SER D 248 -34.78 43.07 -25.22
N VAL D 249 -34.11 43.94 -24.45
CA VAL D 249 -33.46 43.53 -23.21
C VAL D 249 -33.88 44.47 -22.09
N ILE D 250 -33.69 44.01 -20.86
CA ILE D 250 -34.02 44.77 -19.66
C ILE D 250 -32.70 45.17 -19.01
N VAL D 251 -32.35 46.45 -19.11
CA VAL D 251 -31.07 46.93 -18.59
C VAL D 251 -31.21 47.26 -17.12
N GLU D 252 -30.35 46.66 -16.30
CA GLU D 252 -30.30 46.91 -14.86
C GLU D 252 -28.91 47.37 -14.49
N VAL D 253 -28.82 48.54 -13.86
CA VAL D 253 -27.55 49.16 -13.50
C VAL D 253 -27.51 49.36 -12.01
N SER D 254 -26.44 48.88 -11.37
CA SER D 254 -26.25 49.05 -9.94
C SER D 254 -24.76 49.07 -9.64
N GLY D 255 -24.40 49.79 -8.59
CA GLY D 255 -23.02 49.90 -8.20
C GLY D 255 -22.76 51.24 -7.52
N ILE D 256 -21.51 51.69 -7.60
CA ILE D 256 -21.08 52.95 -7.01
C ILE D 256 -20.41 53.78 -8.10
N THR D 257 -20.76 55.07 -8.16
CA THR D 257 -20.14 55.99 -9.09
C THR D 257 -20.01 57.35 -8.41
N SER D 258 -19.31 58.26 -9.08
CA SER D 258 -19.09 59.59 -8.54
C SER D 258 -20.37 60.43 -8.64
N VAL D 259 -20.35 61.58 -7.97
CA VAL D 259 -21.51 62.46 -7.95
C VAL D 259 -21.80 63.01 -9.35
N THR D 260 -20.75 63.39 -10.08
CA THR D 260 -20.95 64.07 -11.36
C THR D 260 -21.58 63.15 -12.40
N TYR D 261 -21.15 61.89 -12.47
CA TYR D 261 -21.53 61.01 -13.56
C TYR D 261 -22.82 60.25 -13.33
N LEU D 262 -23.37 60.26 -12.11
CA LEU D 262 -24.62 59.54 -11.87
C LEU D 262 -25.79 60.11 -12.66
N PRO D 263 -26.08 61.42 -12.64
CA PRO D 263 -27.17 61.93 -13.49
C PRO D 263 -26.90 61.73 -14.97
N GLN D 264 -25.63 61.81 -15.40
CA GLN D 264 -25.32 61.56 -16.80
C GLN D 264 -25.64 60.13 -17.20
N ILE D 265 -25.29 59.17 -16.35
CA ILE D 265 -25.60 57.77 -16.63
C ILE D 265 -27.11 57.56 -16.68
N LYS D 266 -27.83 58.15 -15.73
CA LYS D 266 -29.29 57.99 -15.73
C LYS D 266 -29.91 58.61 -16.99
N ASP D 267 -29.42 59.78 -17.40
CA ASP D 267 -29.92 60.42 -18.62
C ASP D 267 -29.62 59.56 -19.84
N THR D 268 -28.42 58.98 -19.91
CA THR D 268 -28.09 58.12 -21.03
C THR D 268 -29.00 56.89 -21.08
N LEU D 269 -29.29 56.29 -19.92
CA LEU D 269 -30.18 55.14 -19.89
C LEU D 269 -31.59 55.53 -20.33
N THR D 270 -32.08 56.68 -19.88
CA THR D 270 -33.41 57.12 -20.31
C THR D 270 -33.45 57.38 -21.81
N LYS D 271 -32.37 57.98 -22.35
CA LYS D 271 -32.29 58.22 -23.78
C LYS D 271 -32.28 56.91 -24.56
N TRP D 272 -31.55 55.91 -24.05
CA TRP D 272 -31.56 54.60 -24.70
C TRP D 272 -32.95 53.99 -24.69
N LYS D 273 -33.65 54.09 -23.55
CA LYS D 273 -35.00 53.54 -23.47
C LYS D 273 -35.95 54.24 -24.44
N SER D 274 -35.88 55.56 -24.50
CA SER D 274 -36.80 56.32 -25.34
C SER D 274 -36.61 56.00 -26.82
N SER D 275 -35.35 55.96 -27.26
CA SER D 275 -35.07 55.68 -28.66
C SER D 275 -35.38 54.23 -28.99
N GLN D 276 -35.99 54.01 -30.16
CA GLN D 276 -36.33 52.67 -30.61
C GLN D 276 -35.27 52.07 -31.52
N GLU D 277 -34.18 52.78 -31.78
CA GLU D 277 -33.13 52.28 -32.66
C GLU D 277 -32.22 51.31 -31.91
N ALA D 278 -31.47 50.53 -32.68
CA ALA D 278 -30.54 49.58 -32.10
C ALA D 278 -29.33 50.31 -31.53
N ILE D 279 -28.94 49.95 -30.31
CA ILE D 279 -27.79 50.57 -29.66
C ILE D 279 -26.49 49.86 -30.04
N VAL D 280 -26.48 48.53 -29.97
CA VAL D 280 -25.30 47.75 -30.31
C VAL D 280 -25.73 46.60 -31.23
N LYS D 281 -24.75 46.06 -31.94
CA LYS D 281 -24.98 44.95 -32.88
C LYS D 281 -23.88 43.92 -32.67
N ILE D 282 -24.24 42.75 -32.19
CA ILE D 282 -23.30 41.66 -31.93
C ILE D 282 -23.67 40.48 -32.78
N ASN D 283 -22.71 39.96 -33.55
CA ASN D 283 -22.89 38.80 -34.41
C ASN D 283 -24.02 39.00 -35.41
N GLY D 284 -24.26 40.24 -35.82
CA GLY D 284 -25.32 40.56 -36.73
C GLY D 284 -26.68 40.75 -36.09
N VAL D 285 -26.80 40.54 -34.79
CA VAL D 285 -28.06 40.71 -34.07
C VAL D 285 -28.04 42.08 -33.41
N SER D 286 -29.08 42.88 -33.68
CA SER D 286 -29.18 44.23 -33.15
C SER D 286 -29.95 44.21 -31.84
N ILE D 287 -29.41 44.91 -30.84
CA ILE D 287 -29.98 44.94 -29.50
C ILE D 287 -30.69 46.26 -29.28
N VAL D 288 -31.94 46.21 -28.83
CA VAL D 288 -32.76 47.38 -28.56
C VAL D 288 -33.17 47.34 -27.09
N VAL D 289 -32.91 48.43 -26.37
CA VAL D 289 -33.29 48.52 -24.97
C VAL D 289 -34.74 48.96 -24.88
N SER D 290 -35.57 48.15 -24.22
CA SER D 290 -36.99 48.45 -24.08
C SER D 290 -37.40 48.80 -22.65
N LYS D 291 -36.60 48.42 -21.66
CA LYS D 291 -36.90 48.72 -20.26
C LYS D 291 -35.59 48.85 -19.50
N GLU D 292 -35.51 49.87 -18.64
CA GLU D 292 -34.29 50.14 -17.89
C GLU D 292 -34.65 50.48 -16.46
N ASN D 293 -33.66 50.34 -15.58
CA ASN D 293 -33.85 50.66 -14.16
C ASN D 293 -32.47 50.91 -13.56
N ALA D 294 -32.29 52.05 -12.90
CA ALA D 294 -31.00 52.42 -12.32
C ALA D 294 -31.20 53.06 -10.94
N ASP D 295 -32.18 52.57 -10.19
CA ASP D 295 -32.44 53.12 -8.87
C ASP D 295 -31.54 52.54 -7.78
N LYS D 296 -30.78 51.49 -8.10
CA LYS D 296 -29.87 50.87 -7.15
C LYS D 296 -28.45 51.40 -7.28
N LEU D 297 -28.23 52.42 -8.11
CA LEU D 297 -26.91 52.97 -8.34
C LEU D 297 -26.62 54.07 -7.33
N ILE D 298 -25.62 53.85 -6.47
CA ILE D 298 -25.21 54.85 -5.50
C ILE D 298 -24.24 55.80 -6.17
N GLY D 299 -24.49 57.10 -6.02
CA GLY D 299 -23.70 58.11 -6.70
C GLY D 299 -22.93 59.03 -5.77
N ILE D 300 -22.33 58.48 -4.73
CA ILE D 300 -21.59 59.28 -3.76
C ILE D 300 -20.36 59.91 -4.40
N THR E 2 -31.32 33.69 6.79
CA THR E 2 -32.00 34.85 7.35
C THR E 2 -30.98 35.81 7.95
N ILE E 3 -31.32 37.09 7.98
CA ILE E 3 -30.42 38.13 8.46
C ILE E 3 -30.72 38.42 9.92
N ILE E 4 -29.67 38.45 10.74
CA ILE E 4 -29.76 38.86 12.14
C ILE E 4 -28.82 40.05 12.34
N ILE E 5 -29.34 41.11 12.96
CA ILE E 5 -28.59 42.34 13.11
C ILE E 5 -27.71 42.24 14.35
N ALA E 6 -26.42 42.54 14.18
CA ALA E 6 -25.49 42.52 15.31
C ALA E 6 -25.84 43.64 16.29
N SER E 7 -25.79 43.31 17.58
CA SER E 7 -26.16 44.25 18.62
C SER E 7 -25.23 44.10 19.81
N ASP E 8 -25.17 45.14 20.63
CA ASP E 8 -24.36 45.13 21.84
C ASP E 8 -25.17 44.78 23.08
N ASN E 9 -26.42 44.34 22.92
CA ASN E 9 -27.29 43.96 24.02
C ASN E 9 -27.99 42.66 23.70
N ALA E 10 -27.25 41.69 23.15
CA ALA E 10 -27.87 40.48 22.62
C ALA E 10 -28.46 39.60 23.72
N ILE E 11 -27.83 39.58 24.91
CA ILE E 11 -28.29 38.70 25.98
C ILE E 11 -29.72 39.05 26.39
N ILE E 12 -29.98 40.34 26.60
CA ILE E 12 -31.31 40.77 27.02
C ILE E 12 -32.33 40.55 25.91
N GLU E 13 -31.92 40.70 24.64
CA GLU E 13 -32.83 40.43 23.54
C GLU E 13 -33.24 38.95 23.51
N ILE E 14 -32.26 38.05 23.70
CA ILE E 14 -32.59 36.63 23.77
C ILE E 14 -33.50 36.35 24.95
N ASN E 15 -33.23 36.97 26.10
CA ASN E 15 -34.07 36.78 27.27
C ASN E 15 -35.50 37.24 26.99
N GLN E 16 -35.66 38.37 26.31
CA GLN E 16 -36.99 38.89 26.03
C GLN E 16 -37.74 38.00 25.04
N ALA E 17 -37.04 37.49 24.02
CA ALA E 17 -37.68 36.57 23.08
C ALA E 17 -38.13 35.29 23.78
N LEU E 18 -37.27 34.74 24.64
CA LEU E 18 -37.64 33.55 25.39
C LEU E 18 -38.82 33.81 26.31
N ASN E 19 -38.80 34.96 26.98
CA ASN E 19 -39.92 35.31 27.87
C ASN E 19 -41.21 35.42 27.09
N THR E 20 -41.17 36.06 25.91
CA THR E 20 -42.37 36.21 25.11
C THR E 20 -42.93 34.85 24.69
N ILE E 21 -42.08 33.98 24.14
CA ILE E 21 -42.59 32.69 23.66
C ILE E 21 -43.06 31.83 24.82
N LEU E 22 -42.34 31.85 25.95
CA LEU E 22 -42.75 31.06 27.11
C LEU E 22 -44.07 31.55 27.68
N SER E 23 -44.25 32.86 27.77
CA SER E 23 -45.53 33.39 28.24
C SER E 23 -46.67 33.01 27.30
N GLN E 24 -46.43 33.11 25.99
CA GLN E 24 -47.46 32.77 25.03
C GLN E 24 -47.87 31.30 25.16
N TYR E 25 -46.90 30.41 25.33
CA TYR E 25 -47.21 28.98 25.40
C TYR E 25 -47.62 28.52 26.79
N LEU E 26 -47.41 29.33 27.83
CA LEU E 26 -47.73 28.91 29.20
C LEU E 26 -49.04 29.50 29.70
N ASN E 27 -49.32 30.77 29.41
CA ASN E 27 -50.54 31.42 29.85
C ASN E 27 -51.71 31.17 28.90
N ILE E 28 -51.64 30.14 28.06
CA ILE E 28 -52.67 29.88 27.07
C ILE E 28 -53.88 29.18 27.67
N THR E 29 -53.77 28.62 28.87
CA THR E 29 -54.86 27.89 29.50
C THR E 29 -55.63 28.74 30.52
N GLY E 30 -55.36 30.04 30.57
CA GLY E 30 -55.99 30.90 31.56
C GLY E 30 -55.29 30.94 32.90
N GLN E 31 -54.17 30.24 33.05
CA GLN E 31 -53.40 30.25 34.29
C GLN E 31 -52.17 31.13 34.11
N ASN E 32 -51.81 31.83 35.18
CA ASN E 32 -50.62 32.69 35.20
C ASN E 32 -49.52 31.99 35.99
N ILE E 33 -48.37 31.81 35.37
CA ILE E 33 -47.22 31.17 35.99
C ILE E 33 -46.06 32.16 35.99
N ASP E 34 -45.45 32.35 37.15
CA ASP E 34 -44.31 33.26 37.25
C ASP E 34 -43.12 32.71 36.49
N ILE E 35 -42.43 33.59 35.78
CA ILE E 35 -41.24 33.23 35.01
C ILE E 35 -40.08 34.06 35.54
N ARG E 36 -39.06 33.39 36.06
CA ARG E 36 -37.88 34.05 36.62
C ARG E 36 -36.65 33.66 35.82
N PHE E 37 -35.68 34.57 35.77
CA PHE E 37 -34.45 34.34 35.04
C PHE E 37 -33.25 34.15 35.98
N ASP E 38 -33.49 33.54 37.14
CA ASP E 38 -32.42 33.18 38.06
C ASP E 38 -32.91 32.02 38.93
N LEU E 39 -31.95 31.22 39.40
CA LEU E 39 -32.30 30.07 40.21
C LEU E 39 -32.71 30.51 41.62
N PRO E 40 -33.59 29.74 42.27
CA PRO E 40 -33.93 30.05 43.66
C PRO E 40 -32.74 29.86 44.59
N GLU E 41 -32.85 30.46 45.77
CA GLU E 41 -31.75 30.46 46.72
C GLU E 41 -31.52 29.07 47.30
N ILE E 42 -30.50 28.95 48.15
CA ILE E 42 -30.06 27.67 48.69
C ILE E 42 -31.03 27.26 49.81
N ASN E 43 -31.64 26.09 49.64
CA ASN E 43 -32.70 25.61 50.54
C ASN E 43 -33.73 26.69 50.82
N SER E 44 -34.26 27.28 49.75
CA SER E 44 -35.34 28.23 49.86
C SER E 44 -36.68 27.52 49.67
N ILE E 45 -37.76 28.24 49.97
CA ILE E 45 -39.11 27.71 49.85
C ILE E 45 -39.84 28.47 48.76
N GLN E 46 -40.81 27.81 48.13
CA GLN E 46 -41.59 28.38 47.05
C GLN E 46 -43.02 28.55 47.51
N SER E 47 -43.55 29.77 47.42
CA SER E 47 -44.94 30.04 47.74
C SER E 47 -45.86 29.77 46.56
N GLU E 48 -45.41 30.08 45.34
CA GLU E 48 -46.17 29.89 44.13
C GLU E 48 -45.34 29.12 43.10
N PRO E 49 -45.99 28.36 42.22
CA PRO E 49 -45.23 27.68 41.16
C PRO E 49 -44.58 28.70 40.24
N THR E 50 -43.40 28.33 39.74
CA THR E 50 -42.62 29.23 38.90
C THR E 50 -41.80 28.42 37.91
N VAL E 51 -41.44 29.08 36.81
CA VAL E 51 -40.57 28.52 35.78
C VAL E 51 -39.30 29.36 35.74
N SER E 52 -38.15 28.72 35.91
CA SER E 52 -36.88 29.40 35.95
C SER E 52 -36.12 29.18 34.66
N VAL E 53 -35.69 30.28 34.02
CA VAL E 53 -34.86 30.23 32.82
C VAL E 53 -33.46 30.64 33.25
N PHE E 54 -32.53 29.69 33.24
CA PHE E 54 -31.20 29.88 33.79
C PHE E 54 -30.18 29.92 32.65
N LEU E 55 -29.44 31.01 32.56
CA LEU E 55 -28.35 31.17 31.60
C LEU E 55 -27.05 30.79 32.32
N TYR E 56 -26.51 29.62 31.97
CA TYR E 56 -25.40 29.05 32.73
C TYR E 56 -24.09 28.97 31.96
N GLU E 57 -24.08 29.33 30.68
CA GLU E 57 -22.86 29.15 29.89
C GLU E 57 -22.85 30.14 28.74
N ILE E 58 -21.75 30.87 28.60
CA ILE E 58 -21.52 31.77 27.47
C ILE E 58 -20.09 31.58 26.99
N HIS E 59 -19.92 31.32 25.70
CA HIS E 59 -18.60 31.16 25.12
C HIS E 59 -18.64 31.59 23.66
N GLU E 60 -17.46 31.89 23.12
CA GLU E 60 -17.38 32.28 21.72
C GLU E 60 -17.56 31.07 20.82
N ASP E 61 -18.46 31.19 19.84
CA ASP E 61 -18.78 30.09 18.94
C ASP E 61 -17.67 29.98 17.90
N LEU E 62 -16.74 29.04 18.13
CA LEU E 62 -15.62 28.87 17.20
C LEU E 62 -16.07 28.23 15.90
N GLN E 63 -17.14 27.42 15.93
CA GLN E 63 -17.59 26.74 14.73
C GLN E 63 -18.13 27.70 13.68
N LEU E 64 -18.77 28.78 14.11
CA LEU E 64 -19.37 29.74 13.19
C LEU E 64 -18.44 30.92 12.89
N ARG E 65 -17.22 30.93 13.42
CA ARG E 65 -16.29 32.00 13.13
C ARG E 65 -15.85 31.93 11.67
N SER E 66 -15.73 33.10 11.05
CA SER E 66 -15.31 33.21 9.66
C SER E 66 -14.26 34.32 9.54
N ALA E 67 -13.45 34.21 8.50
CA ALA E 67 -12.37 35.19 8.25
C ALA E 67 -12.89 36.22 7.27
N GLU E 68 -13.44 37.31 7.81
CA GLU E 68 -14.04 38.36 7.01
C GLU E 68 -13.28 39.66 7.22
N SER E 69 -13.30 40.51 6.20
CA SER E 69 -12.66 41.81 6.25
C SER E 69 -13.60 42.85 6.83
N ARG E 70 -13.03 43.94 7.32
CA ARG E 70 -13.83 45.02 7.88
C ARG E 70 -14.69 45.66 6.78
N ARG E 71 -15.95 45.90 7.11
CA ARG E 71 -16.88 46.45 6.14
C ARG E 71 -16.77 47.96 6.06
N TYR E 72 -16.76 48.49 4.84
CA TYR E 72 -16.54 49.89 4.59
C TYR E 72 -17.77 50.52 3.95
N ASN E 73 -18.10 51.74 4.38
CA ASN E 73 -19.21 52.51 3.82
C ASN E 73 -18.65 53.78 3.20
N PRO E 74 -18.42 53.81 1.88
CA PRO E 74 -17.84 55.00 1.26
C PRO E 74 -18.73 56.24 1.37
N SER E 75 -20.05 56.07 1.52
CA SER E 75 -20.94 57.22 1.60
C SER E 75 -20.63 58.07 2.83
N THR E 76 -20.40 57.43 3.97
CA THR E 76 -20.16 58.14 5.22
C THR E 76 -18.70 58.11 5.65
N ASN E 77 -17.80 57.54 4.84
CA ASN E 77 -16.37 57.46 5.16
C ASN E 77 -16.14 56.81 6.52
N THR E 78 -16.87 55.73 6.80
CA THR E 78 -16.78 55.04 8.07
C THR E 78 -16.41 53.58 7.85
N LEU E 79 -15.57 53.06 8.73
CA LEU E 79 -15.23 51.64 8.76
C LEU E 79 -16.11 50.97 9.81
N LEU E 80 -17.01 50.10 9.35
CA LEU E 80 -18.01 49.53 10.24
C LEU E 80 -17.37 48.60 11.26
N PRO E 81 -17.94 48.51 12.46
CA PRO E 81 -17.35 47.67 13.51
C PRO E 81 -17.47 46.19 13.18
N GLY E 82 -16.58 45.41 13.76
CA GLY E 82 -16.65 43.96 13.68
C GLY E 82 -17.64 43.40 14.69
N TRP E 83 -17.69 42.08 14.75
CA TRP E 83 -18.60 41.40 15.66
C TRP E 83 -17.98 40.10 16.13
N VAL E 84 -18.49 39.61 17.26
CA VAL E 84 -18.05 38.36 17.86
C VAL E 84 -19.28 37.50 18.09
N ASN E 85 -19.24 36.26 17.59
CA ASN E 85 -20.37 35.34 17.78
C ASN E 85 -20.38 34.81 19.20
N ILE E 86 -21.55 34.85 19.83
CA ILE E 86 -21.72 34.46 21.23
C ILE E 86 -22.70 33.31 21.29
N ASN E 87 -22.33 32.24 21.98
CA ASN E 87 -23.20 31.09 22.18
C ASN E 87 -23.72 31.11 23.61
N CYS E 88 -25.04 31.10 23.76
CA CYS E 88 -25.69 31.14 25.06
C CYS E 88 -26.48 29.84 25.27
N ASN E 89 -26.37 29.27 26.47
CA ASN E 89 -27.02 28.02 26.81
C ASN E 89 -27.97 28.24 27.98
N TYR E 90 -29.21 27.80 27.81
CA TYR E 90 -30.25 27.98 28.82
C TYR E 90 -30.67 26.65 29.42
N LEU E 91 -31.21 26.73 30.63
CA LEU E 91 -31.73 25.57 31.35
C LEU E 91 -33.08 25.94 31.95
N ILE E 92 -34.15 25.43 31.34
CA ILE E 92 -35.51 25.75 31.76
C ILE E 92 -36.02 24.64 32.68
N THR E 93 -36.51 25.04 33.85
CA THR E 93 -37.00 24.09 34.84
C THR E 93 -38.30 24.62 35.44
N TYR E 94 -39.14 23.71 35.89
CA TYR E 94 -40.39 24.03 36.56
C TYR E 94 -40.28 23.69 38.04
N TRP E 95 -40.73 24.62 38.89
CA TRP E 95 -40.68 24.44 40.34
C TRP E 95 -42.09 24.39 40.89
N ASP E 96 -42.39 23.31 41.63
CA ASP E 96 -43.69 23.17 42.25
C ASP E 96 -43.82 24.12 43.44
N ALA E 97 -45.08 24.43 43.78
CA ALA E 97 -45.36 25.29 44.92
C ALA E 97 -45.10 24.57 46.23
N GLN E 110 -49.63 11.48 40.04
CA GLN E 110 -50.49 11.11 38.93
C GLN E 110 -49.83 11.39 37.59
N PRO E 111 -50.15 10.58 36.58
CA PRO E 111 -49.58 10.82 35.24
C PRO E 111 -50.01 12.15 34.63
N ASN E 112 -51.11 12.74 35.10
CA ASN E 112 -51.62 14.00 34.57
C ASN E 112 -51.39 15.15 35.54
N ASN E 113 -50.27 15.15 36.24
CA ASN E 113 -50.00 16.18 37.24
C ASN E 113 -49.63 17.50 36.55
N GLN E 114 -49.65 18.56 37.35
CA GLN E 114 -49.42 19.90 36.82
C GLN E 114 -48.02 20.04 36.25
N ALA E 115 -47.03 19.40 36.88
CA ALA E 115 -45.65 19.51 36.42
C ALA E 115 -45.49 18.97 35.01
N ALA E 116 -46.12 17.83 34.72
CA ALA E 116 -46.04 17.25 33.38
C ALA E 116 -46.67 18.16 32.34
N GLN E 117 -47.82 18.77 32.67
CA GLN E 117 -48.47 19.66 31.73
C GLN E 117 -47.64 20.91 31.46
N VAL E 118 -47.06 21.50 32.50
CA VAL E 118 -46.22 22.68 32.31
C VAL E 118 -44.98 22.33 31.50
N MET E 119 -44.37 21.18 31.78
CA MET E 119 -43.22 20.75 31.02
C MET E 119 -43.58 20.50 29.56
N THR E 120 -44.78 19.95 29.33
CA THR E 120 -45.24 19.73 27.96
C THR E 120 -45.41 21.05 27.23
N ARG E 121 -45.97 22.06 27.89
CA ARG E 121 -46.12 23.37 27.26
C ARG E 121 -44.76 23.98 26.93
N ILE E 122 -43.81 23.88 27.86
CA ILE E 122 -42.46 24.42 27.61
C ILE E 122 -41.82 23.68 26.44
N LEU E 123 -41.96 22.35 26.41
CA LEU E 123 -41.38 21.57 25.32
C LEU E 123 -42.02 21.93 23.99
N ASN E 124 -43.33 22.16 23.97
CA ASN E 124 -43.99 22.58 22.74
C ASN E 124 -43.47 23.92 22.26
N ALA E 125 -43.29 24.87 23.18
CA ALA E 125 -42.72 26.16 22.81
C ALA E 125 -41.34 26.00 22.20
N LEU E 126 -40.48 25.23 22.86
CA LEU E 126 -39.12 25.04 22.36
C LEU E 126 -39.11 24.34 21.01
N ILE E 127 -39.97 23.33 20.83
CA ILE E 127 -40.02 22.58 19.59
C ILE E 127 -40.49 23.49 18.44
N ASN E 128 -41.52 24.30 18.70
CA ASN E 128 -42.04 25.18 17.67
C ASN E 128 -41.20 26.42 17.46
N ASN E 129 -40.19 26.65 18.30
CA ASN E 129 -39.33 27.82 18.11
C ASN E 129 -37.91 27.43 17.76
N ARG E 130 -37.76 26.48 16.83
CA ARG E 130 -36.43 26.16 16.30
C ARG E 130 -35.81 27.40 15.66
N GLN E 131 -36.61 28.13 14.89
CA GLN E 131 -36.25 29.47 14.41
C GLN E 131 -36.93 30.47 15.33
N LEU E 132 -36.16 31.10 16.22
CA LEU E 132 -36.74 31.95 17.25
C LEU E 132 -37.52 33.10 16.63
N THR E 133 -38.68 33.40 17.22
CA THR E 133 -39.59 34.38 16.63
C THR E 133 -38.96 35.76 16.56
N GLY E 134 -38.37 36.23 17.67
CA GLY E 134 -37.75 37.54 17.67
C GLY E 134 -36.42 37.61 16.95
N LEU E 135 -35.73 36.49 16.81
CA LEU E 135 -34.42 36.43 16.17
C LEU E 135 -34.42 35.32 15.13
N PRO E 136 -35.04 35.55 13.97
CA PRO E 136 -35.09 34.51 12.94
C PRO E 136 -33.73 34.05 12.45
N GLY E 137 -32.75 34.95 12.41
CA GLY E 137 -31.44 34.64 11.86
C GLY E 137 -30.46 33.98 12.81
N ALA E 138 -30.84 33.75 14.07
CA ALA E 138 -29.93 33.14 15.02
C ALA E 138 -29.79 31.65 14.75
N TYR E 139 -28.67 31.08 15.19
CA TYR E 139 -28.39 29.66 15.06
C TYR E 139 -28.72 28.98 16.38
N THR E 140 -29.70 28.07 16.35
CA THR E 140 -30.24 27.46 17.55
C THR E 140 -30.08 25.94 17.51
N ARG E 141 -30.00 25.35 18.69
CA ARG E 141 -29.99 23.90 18.88
C ARG E 141 -31.02 23.58 19.96
N ILE E 142 -32.17 23.07 19.56
CA ILE E 142 -33.26 22.81 20.49
C ILE E 142 -33.01 21.50 21.23
N ILE E 143 -33.34 21.49 22.52
CA ILE E 143 -33.24 20.35 23.44
C ILE E 143 -32.07 19.42 23.10
N PRO E 144 -30.83 19.88 23.22
CA PRO E 144 -29.70 19.01 22.91
C PRO E 144 -29.56 17.89 23.94
N GLN E 145 -28.67 16.97 23.63
CA GLN E 145 -28.37 15.86 24.54
C GLN E 145 -27.91 16.39 25.88
N GLN E 146 -28.65 16.06 26.93
CA GLN E 146 -28.31 16.49 28.28
C GLN E 146 -27.19 15.60 28.83
N GLU E 147 -26.94 15.71 30.13
CA GLU E 147 -25.86 14.98 30.77
C GLU E 147 -26.37 13.70 31.39
N ASN E 148 -25.46 12.93 31.98
CA ASN E 148 -25.79 11.66 32.60
C ASN E 148 -26.40 11.91 33.98
N LEU E 149 -26.66 10.82 34.72
CA LEU E 149 -27.23 10.97 36.05
C LEU E 149 -26.24 11.54 37.04
N ASN E 150 -24.94 11.31 36.82
CA ASN E 150 -23.93 11.84 37.73
C ASN E 150 -23.92 13.37 37.72
N SER E 151 -23.97 13.96 36.53
CA SER E 151 -23.96 15.42 36.43
C SER E 151 -25.24 16.02 37.00
N LEU E 152 -26.38 15.37 36.75
CA LEU E 152 -27.63 15.84 37.34
C LEU E 152 -27.57 15.80 38.85
N GLY E 153 -27.03 14.71 39.41
CA GLY E 153 -26.90 14.62 40.85
C GLY E 153 -25.98 15.68 41.43
N ASN E 154 -24.86 15.94 40.76
CA ASN E 154 -23.94 16.97 41.24
C ASN E 154 -24.59 18.34 41.18
N PHE E 155 -25.28 18.65 40.08
CA PHE E 155 -25.92 19.95 39.95
C PHE E 155 -26.99 20.15 41.02
N TRP E 156 -27.81 19.13 41.27
CA TRP E 156 -28.84 19.28 42.28
C TRP E 156 -28.30 19.21 43.70
N GLN E 157 -27.13 18.61 43.90
CA GLN E 157 -26.41 18.80 45.16
C GLN E 157 -26.00 20.25 45.33
N ALA E 158 -25.51 20.87 44.26
CA ALA E 158 -25.15 22.29 44.33
C ALA E 158 -26.36 23.14 44.66
N LEU E 159 -27.50 22.86 44.03
CA LEU E 159 -28.72 23.59 44.34
C LEU E 159 -29.33 23.16 45.67
N GLY E 160 -28.92 22.02 46.22
CA GLY E 160 -29.43 21.57 47.51
C GLY E 160 -30.92 21.30 47.51
N ASN E 161 -31.43 20.65 46.48
CA ASN E 161 -32.85 20.37 46.37
C ASN E 161 -33.06 19.09 45.58
N ARG E 162 -34.29 18.60 45.59
CA ARG E 162 -34.62 17.37 44.92
C ARG E 162 -34.44 17.52 43.41
N PRO E 163 -33.87 16.52 42.73
CA PRO E 163 -33.69 16.61 41.29
C PRO E 163 -35.01 16.76 40.55
N ARG E 164 -34.98 17.53 39.47
CA ARG E 164 -36.17 17.77 38.65
C ARG E 164 -35.79 17.68 37.17
N LEU E 165 -36.80 17.47 36.34
CA LEU E 165 -36.58 17.46 34.90
C LEU E 165 -36.32 18.87 34.39
N SER E 166 -35.34 19.00 33.52
CA SER E 166 -34.97 20.28 32.93
C SER E 166 -34.77 20.13 31.43
N LEU E 167 -34.96 21.23 30.71
CA LEU E 167 -34.80 21.25 29.26
C LEU E 167 -33.72 22.25 28.88
N LEU E 168 -32.98 21.93 27.82
CA LEU E 168 -31.84 22.72 27.38
C LEU E 168 -32.20 23.49 26.10
N TYR E 169 -31.53 24.61 25.91
CA TYR E 169 -31.74 25.45 24.73
C TYR E 169 -30.47 26.22 24.44
N SER E 170 -29.94 26.07 23.23
CA SER E 170 -28.71 26.73 22.81
C SER E 170 -29.01 27.67 21.65
N ILE E 171 -28.40 28.85 21.67
CA ILE E 171 -28.62 29.86 20.63
C ILE E 171 -27.34 30.67 20.46
N THR E 172 -27.04 31.03 19.22
CA THR E 172 -25.86 31.81 18.89
C THR E 172 -26.28 33.08 18.16
N VAL E 173 -25.79 34.22 18.64
CA VAL E 173 -26.11 35.52 18.05
C VAL E 173 -24.83 36.34 17.91
N PRO E 174 -24.75 37.27 16.96
CA PRO E 174 -23.58 38.14 16.88
C PRO E 174 -23.66 39.29 17.88
N MET E 175 -22.49 39.70 18.36
CA MET E 175 -22.36 40.80 19.30
C MET E 175 -21.47 41.88 18.70
N LYS E 176 -21.97 43.11 18.67
CA LYS E 176 -21.27 44.20 18.00
C LYS E 176 -20.06 44.65 18.81
N LEU E 177 -18.98 44.97 18.11
CA LEU E 177 -17.75 45.48 18.72
C LEU E 177 -17.79 47.01 18.77
N LYS E 178 -16.81 47.58 19.47
CA LYS E 178 -16.74 49.02 19.68
C LYS E 178 -15.70 49.71 18.82
N ASN E 179 -15.05 48.99 17.90
CA ASN E 179 -13.99 49.56 17.08
C ASN E 179 -14.60 50.05 15.77
N ILE E 180 -14.80 51.37 15.66
CA ILE E 180 -15.34 51.98 14.46
C ILE E 180 -14.51 53.21 14.12
N GLU E 181 -14.15 53.35 12.85
CA GLU E 181 -13.41 54.51 12.37
C GLU E 181 -14.35 55.45 11.64
N ASP E 182 -14.05 56.76 11.72
CA ASP E 182 -14.98 57.78 11.29
C ASP E 182 -14.51 58.60 10.10
N ASN E 183 -13.22 58.62 9.79
CA ASN E 183 -12.68 59.50 8.77
C ASN E 183 -11.80 58.73 7.79
N VAL E 184 -12.30 57.61 7.29
CA VAL E 184 -11.58 56.81 6.31
C VAL E 184 -11.98 57.30 4.92
N ILE E 185 -11.11 58.07 4.30
CA ILE E 185 -11.41 58.70 3.01
C ILE E 185 -11.38 57.64 1.91
N PRO E 186 -12.35 57.61 1.01
CA PRO E 186 -12.30 56.67 -0.11
C PRO E 186 -11.24 57.07 -1.12
N VAL E 187 -10.82 56.09 -1.93
CA VAL E 187 -9.87 56.33 -3.01
C VAL E 187 -10.64 56.89 -4.20
N SER E 188 -10.22 58.06 -4.68
CA SER E 188 -10.91 58.72 -5.78
C SER E 188 -9.96 59.04 -6.92
N LYS E 189 -8.71 59.36 -6.59
CA LYS E 189 -7.70 59.70 -7.58
C LYS E 189 -6.58 58.67 -7.55
N ILE E 190 -6.15 58.24 -8.73
CA ILE E 190 -5.12 57.22 -8.88
C ILE E 190 -4.02 57.76 -9.78
N SER E 191 -2.78 57.73 -9.29
CA SER E 191 -1.64 58.20 -10.04
C SER E 191 -0.52 57.17 -9.97
N ALA E 192 0.13 56.93 -11.11
CA ALA E 192 1.20 55.95 -11.21
C ALA E 192 2.35 56.54 -11.99
N SER E 193 3.58 56.22 -11.57
CA SER E 193 4.79 56.68 -12.24
C SER E 193 5.66 55.48 -12.55
N VAL E 194 6.09 55.37 -13.80
CA VAL E 194 6.95 54.28 -14.24
C VAL E 194 8.24 54.91 -14.77
N ASP E 195 9.37 54.53 -14.17
CA ASP E 195 10.67 55.06 -14.54
C ASP E 195 11.62 53.92 -14.85
N GLN E 196 12.80 54.27 -15.35
CA GLN E 196 13.80 53.28 -15.72
C GLN E 196 14.66 52.91 -14.53
N LYS E 197 15.10 51.65 -14.51
CA LYS E 197 15.94 51.12 -13.46
C LYS E 197 17.15 50.42 -14.07
N PRO E 198 18.34 50.64 -13.52
CA PRO E 198 19.52 49.92 -14.04
C PRO E 198 19.45 48.44 -13.71
N ASN E 199 20.05 47.63 -14.59
CA ASN E 199 20.11 46.19 -14.40
C ASN E 199 21.26 45.89 -13.45
N LEU E 200 20.99 46.06 -12.16
CA LEU E 200 21.99 45.89 -11.13
C LEU E 200 21.42 45.09 -9.97
N ASP E 201 22.31 44.48 -9.20
CA ASP E 201 21.95 43.70 -8.02
C ASP E 201 22.24 44.52 -6.77
N ASN E 202 21.28 44.56 -5.85
CA ASN E 202 21.45 45.33 -4.63
C ASN E 202 22.60 44.78 -3.79
N SER E 203 22.71 43.44 -3.70
CA SER E 203 23.80 42.84 -2.94
C SER E 203 25.15 43.18 -3.53
N GLN E 204 25.24 43.25 -4.86
CA GLN E 204 26.49 43.65 -5.49
C GLN E 204 26.89 45.06 -5.09
N ILE E 205 25.92 45.99 -5.10
CA ILE E 205 26.21 47.37 -4.72
C ILE E 205 26.64 47.44 -3.26
N ASN E 206 25.94 46.71 -2.39
CA ASN E 206 26.28 46.72 -0.97
C ASN E 206 27.70 46.18 -0.74
N GLN E 207 28.03 45.07 -1.40
CA GLN E 207 29.36 44.49 -1.24
C GLN E 207 30.44 45.43 -1.78
N ALA E 208 30.18 46.06 -2.93
CA ALA E 208 31.16 47.00 -3.48
C ALA E 208 31.36 48.19 -2.56
N LEU E 209 30.27 48.72 -1.99
CA LEU E 209 30.39 49.86 -1.08
C LEU E 209 31.15 49.47 0.19
N ILE E 210 30.87 48.28 0.73
CA ILE E 210 31.58 47.86 1.94
C ILE E 210 33.05 47.63 1.65
N ASP E 211 33.37 47.11 0.45
CA ASP E 211 34.77 46.93 0.08
C ASP E 211 35.47 48.27 -0.08
N LYS E 212 34.80 49.25 -0.68
CA LYS E 212 35.39 50.58 -0.81
C LYS E 212 35.60 51.21 0.56
N LEU E 213 34.64 51.04 1.47
CA LEU E 213 34.81 51.57 2.82
C LEU E 213 35.99 50.92 3.53
N CYS E 214 36.13 49.60 3.40
CA CYS E 214 37.25 48.91 4.02
C CYS E 214 38.58 49.38 3.44
N VAL E 215 38.64 49.58 2.12
CA VAL E 215 39.86 50.05 1.48
C VAL E 215 40.20 51.46 1.96
N GLU E 216 39.21 52.34 2.01
CA GLU E 216 39.47 53.71 2.44
C GLU E 216 39.88 53.77 3.90
N LEU E 217 39.31 52.92 4.74
CA LEU E 217 39.63 52.94 6.17
C LEU E 217 41.06 52.51 6.44
N GLY E 218 41.70 51.79 5.53
CA GLY E 218 43.08 51.38 5.73
C GLY E 218 43.37 49.98 5.23
N GLY E 219 42.36 49.13 5.17
CA GLY E 219 42.53 47.79 4.64
C GLY E 219 43.25 46.83 5.54
N THR E 220 43.65 47.25 6.74
CA THR E 220 44.33 46.35 7.66
C THR E 220 43.36 45.30 8.19
N GLU E 221 43.93 44.21 8.71
CA GLU E 221 43.11 43.15 9.28
C GLU E 221 42.29 43.66 10.45
N ASP E 222 42.77 44.68 11.15
CA ASP E 222 41.97 45.30 12.20
C ASP E 222 40.73 45.96 11.63
N VAL E 223 40.86 46.60 10.47
CA VAL E 223 39.71 47.22 9.82
C VAL E 223 38.68 46.15 9.44
N ARG E 224 39.14 45.03 8.88
CA ARG E 224 38.24 43.95 8.53
C ARG E 224 37.56 43.38 9.77
N LEU E 225 38.29 43.27 10.87
CA LEU E 225 37.69 42.81 12.12
C LEU E 225 36.63 43.79 12.60
N ALA E 226 36.88 45.09 12.49
CA ALA E 226 35.94 46.09 12.97
C ALA E 226 34.73 46.23 12.06
N LEU E 227 34.80 45.75 10.82
CA LEU E 227 33.69 45.83 9.89
C LEU E 227 32.91 44.53 9.78
N ALA E 228 33.17 43.56 10.65
CA ALA E 228 32.50 42.27 10.56
C ALA E 228 31.01 42.40 10.85
N LYS E 229 30.63 43.22 11.82
CA LYS E 229 29.25 43.36 12.25
C LYS E 229 28.63 44.69 11.82
N VAL E 230 29.08 45.24 10.69
CA VAL E 230 28.54 46.48 10.16
C VAL E 230 27.73 46.14 8.91
N ASN E 231 26.46 46.55 8.91
CA ASN E 231 25.55 46.27 7.81
C ASN E 231 25.34 47.54 7.00
N LEU E 232 25.54 47.44 5.68
CA LEU E 232 25.33 48.54 4.76
C LEU E 232 24.25 48.15 3.76
N THR E 233 23.23 48.98 3.62
CA THR E 233 22.13 48.72 2.71
C THR E 233 21.84 49.97 1.91
N THR E 234 21.54 49.79 0.62
CA THR E 234 21.23 50.88 -0.29
C THR E 234 19.86 50.68 -0.90
N LYS E 235 19.16 51.79 -1.11
CA LYS E 235 17.87 51.81 -1.78
C LYS E 235 17.87 52.89 -2.85
N PRO E 236 17.10 52.72 -3.92
CA PRO E 236 17.11 53.71 -5.00
C PRO E 236 16.61 55.07 -4.53
N ASP E 237 17.20 56.12 -5.09
CA ASP E 237 16.84 57.50 -4.79
C ASP E 237 15.85 57.98 -5.84
N THR E 238 14.59 58.12 -5.45
CA THR E 238 13.54 58.60 -6.35
C THR E 238 13.50 60.13 -6.30
N GLU E 239 14.59 60.73 -6.79
CA GLU E 239 14.73 62.18 -6.81
C GLU E 239 15.74 62.61 -7.86
N ASN E 243 19.56 62.77 -13.76
CA ASN E 243 20.77 62.44 -14.49
C ASN E 243 20.65 61.11 -15.20
N GLN E 244 21.51 60.88 -16.20
CA GLN E 244 21.52 59.64 -16.96
C GLN E 244 22.87 58.94 -16.97
N GLU E 245 23.95 59.62 -16.63
CA GLU E 245 25.28 59.02 -16.61
C GLU E 245 25.61 58.33 -15.29
N ASN E 246 24.76 58.47 -14.28
CA ASN E 246 24.97 57.82 -12.99
C ASN E 246 23.64 57.74 -12.27
N GLU E 247 23.63 57.01 -11.16
CA GLU E 247 22.43 56.84 -10.35
C GLU E 247 22.73 57.19 -8.90
N SER E 248 21.67 57.54 -8.18
CA SER E 248 21.76 57.96 -6.79
C SER E 248 21.13 56.90 -5.90
N VAL E 249 21.75 56.66 -4.74
CA VAL E 249 21.27 55.67 -3.78
C VAL E 249 21.29 56.27 -2.39
N ILE E 250 20.51 55.67 -1.50
CA ILE E 250 20.44 56.06 -0.10
C ILE E 250 21.21 55.00 0.69
N VAL E 251 22.31 55.41 1.30
CA VAL E 251 23.17 54.49 2.06
C VAL E 251 22.73 54.49 3.51
N GLU E 252 22.40 53.31 4.03
CA GLU E 252 22.03 53.13 5.42
C GLU E 252 23.01 52.18 6.08
N VAL E 253 23.60 52.60 7.19
CA VAL E 253 24.61 51.83 7.90
C VAL E 253 24.16 51.61 9.32
N SER E 254 24.19 50.35 9.77
CA SER E 254 23.82 50.01 11.13
C SER E 254 24.57 48.74 11.54
N GLY E 255 24.85 48.64 12.83
CA GLY E 255 25.56 47.49 13.36
C GLY E 255 26.37 47.88 14.58
N ILE E 256 27.42 47.10 14.83
CA ILE E 256 28.31 47.30 15.97
C ILE E 256 29.73 47.42 15.45
N THR E 257 30.46 48.42 15.93
CA THR E 257 31.86 48.62 15.60
C THR E 257 32.60 49.12 16.83
N SER E 258 33.92 49.24 16.70
CA SER E 258 34.74 49.68 17.81
C SER E 258 34.66 51.20 17.97
N VAL E 259 35.22 51.68 19.09
CA VAL E 259 35.18 53.11 19.39
C VAL E 259 36.01 53.90 18.39
N THR E 260 37.17 53.37 18.01
CA THR E 260 38.10 54.14 17.18
C THR E 260 37.52 54.41 15.79
N TYR E 261 36.88 53.41 15.18
CA TYR E 261 36.39 53.53 13.82
C TYR E 261 35.00 54.14 13.72
N LEU E 262 34.31 54.34 14.84
CA LEU E 262 32.97 54.93 14.80
C LEU E 262 32.97 56.31 14.16
N PRO E 263 33.84 57.25 14.53
CA PRO E 263 33.86 58.52 13.79
C PRO E 263 34.39 58.39 12.37
N GLN E 264 35.30 57.45 12.12
CA GLN E 264 35.90 57.33 10.80
C GLN E 264 34.88 56.89 9.75
N ILE E 265 34.04 55.91 10.10
CA ILE E 265 33.00 55.49 9.16
C ILE E 265 32.03 56.63 8.85
N LYS E 266 31.62 57.38 9.87
CA LYS E 266 30.72 58.50 9.64
C LYS E 266 31.37 59.58 8.78
N ASP E 267 32.66 59.86 9.03
CA ASP E 267 33.37 60.84 8.22
C ASP E 267 33.46 60.39 6.77
N THR E 268 33.75 59.12 6.54
CA THR E 268 33.81 58.60 5.17
C THR E 268 32.45 58.70 4.49
N LEU E 269 31.38 58.38 5.22
CA LEU E 269 30.04 58.47 4.64
C LEU E 269 29.69 59.91 4.28
N THR E 270 30.03 60.86 5.16
CA THR E 270 29.76 62.27 4.85
C THR E 270 30.58 62.75 3.67
N LYS E 271 31.83 62.30 3.58
CA LYS E 271 32.67 62.65 2.43
C LYS E 271 32.09 62.09 1.14
N TRP E 272 31.59 60.86 1.18
CA TRP E 272 30.95 60.27 0.00
C TRP E 272 29.71 61.07 -0.40
N LYS E 273 28.90 61.46 0.59
CA LYS E 273 27.68 62.22 0.29
C LYS E 273 28.02 63.58 -0.31
N SER E 274 29.01 64.27 0.25
CA SER E 274 29.35 65.61 -0.25
C SER E 274 29.89 65.56 -1.67
N SER E 275 30.78 64.61 -1.95
CA SER E 275 31.35 64.50 -3.29
C SER E 275 30.30 64.04 -4.28
N GLN E 276 30.29 64.65 -5.47
CA GLN E 276 29.37 64.30 -6.53
C GLN E 276 29.94 63.26 -7.49
N GLU E 277 31.18 62.83 -7.29
CA GLU E 277 31.80 61.87 -8.18
C GLU E 277 31.32 60.46 -7.87
N ALA E 278 31.46 59.59 -8.87
CA ALA E 278 31.08 58.20 -8.70
C ALA E 278 32.04 57.49 -7.74
N ILE E 279 31.47 56.72 -6.82
CA ILE E 279 32.27 56.00 -5.84
C ILE E 279 32.70 54.64 -6.36
N VAL E 280 31.75 53.86 -6.90
CA VAL E 280 32.04 52.56 -7.46
C VAL E 280 31.38 52.45 -8.82
N LYS E 281 31.89 51.53 -9.64
CA LYS E 281 31.36 51.26 -10.97
C LYS E 281 31.15 49.77 -11.12
N ILE E 282 29.91 49.36 -11.36
CA ILE E 282 29.54 47.96 -11.50
C ILE E 282 28.85 47.77 -12.84
N ASN E 283 29.37 46.83 -13.64
CA ASN E 283 28.81 46.50 -14.95
C ASN E 283 28.71 47.71 -15.85
N GLY E 284 29.64 48.66 -15.71
CA GLY E 284 29.61 49.88 -16.49
C GLY E 284 28.69 50.95 -15.94
N VAL E 285 27.98 50.69 -14.85
CA VAL E 285 27.09 51.67 -14.24
C VAL E 285 27.79 52.27 -13.03
N SER E 286 27.90 53.59 -13.00
CA SER E 286 28.57 54.30 -11.93
C SER E 286 27.57 54.66 -10.84
N ILE E 287 27.93 54.40 -9.59
CA ILE E 287 27.05 54.60 -8.45
C ILE E 287 27.47 55.87 -7.72
N VAL E 288 26.51 56.75 -7.47
CA VAL E 288 26.74 58.01 -6.77
C VAL E 288 25.87 58.03 -5.52
N VAL E 289 26.49 58.34 -4.38
CA VAL E 289 25.76 58.42 -3.12
C VAL E 289 25.22 59.83 -2.97
N SER E 290 23.89 59.95 -2.79
CA SER E 290 23.24 61.24 -2.62
C SER E 290 22.65 61.45 -1.24
N LYS E 291 22.38 60.39 -0.49
CA LYS E 291 21.83 60.50 0.85
C LYS E 291 22.39 59.37 1.70
N GLU E 292 22.77 59.69 2.93
CA GLU E 292 23.33 58.70 3.84
C GLU E 292 22.74 58.89 5.23
N ASN E 293 22.81 57.83 6.02
CA ASN E 293 22.30 57.86 7.39
C ASN E 293 22.99 56.76 8.19
N ALA E 294 23.68 57.14 9.26
CA ALA E 294 24.41 56.19 10.08
C ALA E 294 24.19 56.47 11.56
N ASP E 295 22.96 56.79 11.94
CA ASP E 295 22.62 57.05 13.32
C ASP E 295 22.26 55.79 14.09
N LYS E 296 22.14 54.65 13.42
CA LYS E 296 21.84 53.38 14.05
C LYS E 296 23.07 52.53 14.31
N LEU E 297 24.26 53.09 14.09
CA LEU E 297 25.50 52.35 14.26
C LEU E 297 26.03 52.54 15.67
N ILE E 298 26.09 51.46 16.44
CA ILE E 298 26.62 51.48 17.79
C ILE E 298 28.13 51.27 17.72
N GLY E 299 28.88 52.16 18.38
CA GLY E 299 30.32 52.12 18.29
C GLY E 299 31.01 51.85 19.61
N ILE E 300 30.49 50.91 20.39
CA ILE E 300 31.08 50.58 21.69
C ILE E 300 32.48 49.99 21.53
N THR F 2 3.00 42.64 18.47
CA THR F 2 3.22 43.71 19.43
C THR F 2 4.22 43.27 20.48
N ILE F 3 4.92 44.23 21.07
CA ILE F 3 5.98 43.97 22.05
C ILE F 3 5.40 44.05 23.45
N ILE F 4 5.69 43.05 24.27
CA ILE F 4 5.35 43.05 25.69
C ILE F 4 6.64 42.91 26.48
N ILE F 5 6.81 43.76 27.49
CA ILE F 5 8.03 43.80 28.28
C ILE F 5 7.95 42.77 29.39
N ALA F 6 8.97 41.93 29.50
CA ALA F 6 9.02 40.95 30.58
C ALA F 6 9.19 41.64 31.92
N SER F 7 8.45 41.18 32.92
CA SER F 7 8.45 41.78 34.25
C SER F 7 8.37 40.69 35.30
N ASP F 8 8.78 41.06 36.52
CA ASP F 8 8.70 40.16 37.67
C ASP F 8 7.46 40.41 38.51
N ASN F 9 6.56 41.25 38.05
CA ASN F 9 5.32 41.56 38.76
C ASN F 9 4.14 41.47 37.81
N ALA F 10 4.11 40.43 36.98
CA ALA F 10 3.13 40.36 35.90
C ALA F 10 1.71 40.14 36.43
N ILE F 11 1.56 39.40 37.52
CA ILE F 11 0.24 39.09 38.04
C ILE F 11 -0.50 40.36 38.43
N ILE F 12 0.16 41.24 39.19
CA ILE F 12 -0.47 42.47 39.63
C ILE F 12 -0.74 43.40 38.45
N GLU F 13 0.14 43.39 37.44
CA GLU F 13 -0.12 44.20 36.25
C GLU F 13 -1.37 43.73 35.51
N ILE F 14 -1.54 42.42 35.37
CA ILE F 14 -2.76 41.90 34.74
C ILE F 14 -3.97 42.27 35.57
N ASN F 15 -3.86 42.15 36.90
CA ASN F 15 -4.97 42.51 37.78
C ASN F 15 -5.34 43.97 37.61
N GLN F 16 -4.34 44.85 37.54
CA GLN F 16 -4.63 46.28 37.39
C GLN F 16 -5.26 46.58 36.05
N ALA F 17 -4.78 45.95 34.96
CA ALA F 17 -5.39 46.18 33.66
C ALA F 17 -6.85 45.71 33.64
N LEU F 18 -7.11 44.53 34.21
CA LEU F 18 -8.47 44.03 34.29
C LEU F 18 -9.36 44.94 35.12
N ASN F 19 -8.84 45.43 36.26
CA ASN F 19 -9.61 46.34 37.09
C ASN F 19 -9.93 47.63 36.35
N THR F 20 -8.96 48.16 35.61
CA THR F 20 -9.19 49.40 34.87
C THR F 20 -10.28 49.21 33.82
N ILE F 21 -10.18 48.16 33.00
CA ILE F 21 -11.16 47.99 31.93
C ILE F 21 -12.53 47.66 32.52
N LEU F 22 -12.58 46.86 33.58
CA LEU F 22 -13.86 46.52 34.19
C LEU F 22 -14.52 47.74 34.81
N SER F 23 -13.75 48.59 35.49
CA SER F 23 -14.31 49.81 36.05
C SER F 23 -14.82 50.73 34.94
N GLN F 24 -14.06 50.86 33.86
CA GLN F 24 -14.48 51.72 32.76
C GLN F 24 -15.79 51.22 32.15
N TYR F 25 -15.93 49.91 31.97
CA TYR F 25 -17.14 49.38 31.35
C TYR F 25 -18.30 49.21 32.31
N LEU F 26 -18.06 49.23 33.62
CA LEU F 26 -19.14 49.02 34.59
C LEU F 26 -19.67 50.31 35.18
N ASN F 27 -18.80 51.27 35.51
CA ASN F 27 -19.24 52.53 36.09
C ASN F 27 -19.67 53.55 35.04
N ILE F 28 -19.95 53.10 33.81
CA ILE F 28 -20.31 54.02 32.73
C ILE F 28 -21.75 54.51 32.82
N THR F 29 -22.57 53.89 33.66
CA THR F 29 -23.97 54.26 33.78
C THR F 29 -24.24 55.16 34.98
N GLY F 30 -23.20 55.65 35.65
CA GLY F 30 -23.37 56.43 36.85
C GLY F 30 -23.52 55.62 38.12
N GLN F 31 -23.43 54.30 38.04
CA GLN F 31 -23.49 53.42 39.20
C GLN F 31 -22.10 52.89 39.52
N ASN F 32 -21.79 52.78 40.80
CA ASN F 32 -20.52 52.25 41.27
C ASN F 32 -20.74 50.85 41.82
N ILE F 33 -19.97 49.88 41.32
CA ILE F 33 -20.08 48.49 41.73
C ILE F 33 -18.73 48.05 42.28
N ASP F 34 -18.75 47.48 43.47
CA ASP F 34 -17.51 47.02 44.10
C ASP F 34 -16.90 45.89 43.28
N ILE F 35 -15.59 45.96 43.06
CA ILE F 35 -14.84 44.95 42.33
C ILE F 35 -13.83 44.34 43.28
N ARG F 36 -13.95 43.04 43.51
CA ARG F 36 -13.08 42.32 44.42
C ARG F 36 -12.29 41.27 43.64
N PHE F 37 -11.08 40.98 44.12
CA PHE F 37 -10.20 40.01 43.49
C PHE F 37 -10.07 38.73 44.32
N ASP F 38 -11.13 38.36 45.03
CA ASP F 38 -11.17 37.11 45.77
C ASP F 38 -12.62 36.72 45.98
N LEU F 39 -12.86 35.42 46.12
CA LEU F 39 -14.21 34.93 46.30
C LEU F 39 -14.72 35.26 47.71
N PRO F 40 -16.03 35.40 47.87
CA PRO F 40 -16.58 35.58 49.21
C PRO F 40 -16.41 34.32 50.06
N GLU F 41 -16.51 34.52 51.37
CA GLU F 41 -16.29 33.42 52.31
C GLU F 41 -17.42 32.40 52.22
N ILE F 42 -17.24 31.29 52.92
CA ILE F 42 -18.19 30.19 52.88
C ILE F 42 -19.46 30.60 53.63
N ASN F 43 -20.60 30.49 52.95
CA ASN F 43 -21.91 30.81 53.52
C ASN F 43 -21.92 32.23 54.11
N SER F 44 -21.30 33.16 53.40
CA SER F 44 -21.29 34.55 53.83
C SER F 44 -22.46 35.30 53.20
N ILE F 45 -22.69 36.51 53.69
CA ILE F 45 -23.77 37.37 53.21
C ILE F 45 -23.15 38.58 52.54
N GLN F 46 -23.87 39.13 51.57
CA GLN F 46 -23.43 40.29 50.80
C GLN F 46 -24.33 41.47 51.12
N SER F 47 -23.72 42.58 51.55
CA SER F 47 -24.50 43.78 51.84
C SER F 47 -24.74 44.59 50.57
N GLU F 48 -23.75 44.64 49.68
CA GLU F 48 -23.84 45.38 48.43
C GLU F 48 -23.49 44.48 47.27
N PRO F 49 -24.04 44.76 46.08
CA PRO F 49 -23.63 43.98 44.90
C PRO F 49 -22.16 44.17 44.60
N THR F 50 -21.53 43.10 44.11
CA THR F 50 -20.11 43.13 43.84
C THR F 50 -19.77 42.20 42.70
N VAL F 51 -18.64 42.47 42.05
CA VAL F 51 -18.13 41.63 40.96
C VAL F 51 -16.79 41.09 41.41
N SER F 52 -16.65 39.76 41.37
CA SER F 52 -15.44 39.10 41.84
C SER F 52 -14.63 38.60 40.64
N VAL F 53 -13.34 38.95 40.63
CA VAL F 53 -12.40 38.48 39.63
C VAL F 53 -11.50 37.46 40.32
N PHE F 54 -11.61 36.20 39.94
CA PHE F 54 -10.95 35.11 40.65
C PHE F 54 -9.87 34.49 39.75
N LEU F 55 -8.62 34.64 40.17
CA LEU F 55 -7.49 34.00 39.50
C LEU F 55 -7.32 32.62 40.12
N TYR F 56 -7.66 31.57 39.36
CA TYR F 56 -7.76 30.23 39.92
C TYR F 56 -6.71 29.25 39.41
N GLU F 57 -6.08 29.51 38.27
CA GLU F 57 -5.10 28.58 37.73
C GLU F 57 -3.93 29.33 37.13
N ILE F 58 -2.72 28.85 37.40
CA ILE F 58 -1.50 29.39 36.82
C ILE F 58 -0.61 28.23 36.42
N HIS F 59 -0.13 28.24 35.17
CA HIS F 59 0.77 27.21 34.70
C HIS F 59 1.66 27.78 33.59
N GLU F 60 2.78 27.13 33.36
CA GLU F 60 3.68 27.55 32.30
C GLU F 60 3.11 27.18 30.94
N ASP F 61 3.05 28.15 30.04
CA ASP F 61 2.47 27.95 28.72
C ASP F 61 3.49 27.25 27.84
N LEU F 62 3.36 25.93 27.71
CA LEU F 62 4.28 25.16 26.89
C LEU F 62 4.08 25.40 25.40
N GLN F 63 2.87 25.80 24.99
CA GLN F 63 2.60 26.04 23.58
C GLN F 63 3.43 27.19 23.03
N LEU F 64 3.59 28.25 23.82
CA LEU F 64 4.32 29.44 23.39
C LEU F 64 5.80 29.39 23.74
N ARG F 65 6.28 28.30 24.32
CA ARG F 65 7.70 28.18 24.63
C ARG F 65 8.52 28.07 23.36
N SER F 66 9.67 28.73 23.35
CA SER F 66 10.59 28.72 22.22
C SER F 66 12.01 28.50 22.71
N ALA F 67 12.85 27.98 21.82
CA ALA F 67 14.23 27.67 22.14
C ALA F 67 15.10 28.84 21.70
N GLU F 68 15.36 29.76 22.62
CA GLU F 68 16.09 30.98 22.33
C GLU F 68 17.37 31.03 23.16
N SER F 69 18.38 31.68 22.62
CA SER F 69 19.63 31.86 23.33
C SER F 69 19.56 33.08 24.24
N ARG F 70 20.43 33.11 25.24
CA ARG F 70 20.48 34.24 26.15
C ARG F 70 20.92 35.50 25.41
N ARG F 71 20.24 36.61 25.69
CA ARG F 71 20.52 37.86 25.00
C ARG F 71 21.69 38.58 25.64
N TYR F 72 22.58 39.11 24.80
CA TYR F 72 23.81 39.74 25.25
C TYR F 72 23.83 41.20 24.84
N ASN F 73 24.33 42.05 25.75
CA ASN F 73 24.48 43.48 25.49
C ASN F 73 25.95 43.86 25.59
N PRO F 74 26.69 43.91 24.48
CA PRO F 74 28.13 44.22 24.55
C PRO F 74 28.42 45.61 25.09
N SER F 75 27.46 46.54 25.01
CA SER F 75 27.71 47.89 25.50
C SER F 75 27.98 47.90 27.00
N THR F 76 27.22 47.12 27.76
CA THR F 76 27.36 47.07 29.21
C THR F 76 27.97 45.77 29.71
N ASN F 77 28.40 44.87 28.82
CA ASN F 77 29.00 43.59 29.19
C ASN F 77 28.09 42.80 30.13
N THR F 78 26.79 42.78 29.82
CA THR F 78 25.81 42.09 30.64
C THR F 78 25.08 41.04 29.83
N LEU F 79 24.89 39.87 30.42
CA LEU F 79 24.08 38.82 29.84
C LEU F 79 22.65 38.96 30.37
N LEU F 80 21.73 39.34 29.50
CA LEU F 80 20.38 39.67 29.93
C LEU F 80 19.67 38.44 30.48
N PRO F 81 18.78 38.63 31.45
CA PRO F 81 18.08 37.49 32.05
C PRO F 81 17.09 36.86 31.09
N GLY F 82 16.79 35.59 31.35
CA GLY F 82 15.76 34.89 30.61
C GLY F 82 14.38 35.20 31.15
N TRP F 83 13.39 34.50 30.60
CA TRP F 83 12.01 34.71 31.02
C TRP F 83 11.24 33.40 30.88
N VAL F 84 10.13 33.32 31.61
CA VAL F 84 9.25 32.16 31.59
C VAL F 84 7.83 32.65 31.31
N ASN F 85 7.19 32.08 30.29
CA ASN F 85 5.83 32.46 29.94
C ASN F 85 4.85 31.88 30.95
N ILE F 86 3.93 32.71 31.43
CA ILE F 86 2.98 32.34 32.46
C ILE F 86 1.57 32.50 31.91
N ASN F 87 0.76 31.46 32.05
CA ASN F 87 -0.64 31.48 31.63
C ASN F 87 -1.53 31.62 32.86
N CYS F 88 -2.33 32.69 32.89
CA CYS F 88 -3.22 32.96 34.01
C CYS F 88 -4.67 32.91 33.53
N ASN F 89 -5.52 32.25 34.31
CA ASN F 89 -6.92 32.06 33.98
C ASN F 89 -7.78 32.73 35.05
N TYR F 90 -8.75 33.53 34.61
CA TYR F 90 -9.61 34.28 35.52
C TYR F 90 -11.05 33.84 35.38
N LEU F 91 -11.81 34.00 36.46
CA LEU F 91 -13.24 33.68 36.51
C LEU F 91 -13.96 34.89 37.06
N ILE F 92 -14.75 35.56 36.22
CA ILE F 92 -15.45 36.78 36.59
C ILE F 92 -16.90 36.45 36.85
N THR F 93 -17.40 36.85 38.02
CA THR F 93 -18.77 36.56 38.42
C THR F 93 -19.39 37.80 39.05
N TYR F 94 -20.72 37.89 38.99
CA TYR F 94 -21.47 38.96 39.60
C TYR F 94 -22.29 38.40 40.75
N TRP F 95 -22.28 39.11 41.89
CA TRP F 95 -22.98 38.68 43.08
C TRP F 95 -24.08 39.67 43.42
N ASP F 96 -25.30 39.17 43.56
CA ASP F 96 -26.43 40.02 43.90
C ASP F 96 -26.34 40.44 45.37
N ALA F 97 -27.02 41.53 45.69
CA ALA F 97 -27.06 42.03 47.05
C ALA F 97 -27.90 41.14 47.95
N GLN F 110 -37.14 38.95 36.08
CA GLN F 110 -37.41 39.69 34.85
C GLN F 110 -36.27 39.54 33.86
N PRO F 111 -36.59 39.58 32.56
CA PRO F 111 -35.53 39.53 31.55
C PRO F 111 -34.56 40.69 31.60
N ASN F 112 -34.97 41.82 32.17
CA ASN F 112 -34.15 43.03 32.23
C ASN F 112 -33.62 43.30 33.63
N ASN F 113 -33.27 42.24 34.36
CA ASN F 113 -32.81 42.40 35.73
C ASN F 113 -31.38 42.94 35.76
N GLN F 114 -30.96 43.35 36.96
CA GLN F 114 -29.65 43.98 37.12
C GLN F 114 -28.51 43.02 36.78
N ALA F 115 -28.66 41.74 37.13
CA ALA F 115 -27.60 40.77 36.89
C ALA F 115 -27.32 40.64 35.39
N ALA F 116 -28.36 40.60 34.57
CA ALA F 116 -28.16 40.49 33.13
C ALA F 116 -27.43 41.71 32.59
N GLN F 117 -27.78 42.91 33.06
CA GLN F 117 -27.11 44.12 32.59
C GLN F 117 -25.64 44.14 32.99
N VAL F 118 -25.34 43.76 34.24
CA VAL F 118 -23.94 43.75 34.69
C VAL F 118 -23.14 42.71 33.91
N MET F 119 -23.72 41.53 33.70
CA MET F 119 -23.03 40.51 32.92
C MET F 119 -22.83 40.96 31.48
N THR F 120 -23.80 41.71 30.93
CA THR F 120 -23.65 42.24 29.59
C THR F 120 -22.50 43.25 29.51
N ARG F 121 -22.38 44.10 30.53
CA ARG F 121 -21.26 45.05 30.56
C ARG F 121 -19.92 44.33 30.64
N ILE F 122 -19.85 43.30 31.50
CA ILE F 122 -18.61 42.54 31.63
C ILE F 122 -18.27 41.85 30.32
N LEU F 123 -19.27 41.25 29.67
CA LEU F 123 -19.06 40.59 28.39
C LEU F 123 -18.60 41.57 27.32
N ASN F 124 -19.18 42.78 27.31
CA ASN F 124 -18.74 43.79 26.36
C ASN F 124 -17.29 44.18 26.59
N ALA F 125 -16.90 44.35 27.86
CA ALA F 125 -15.51 44.66 28.17
C ALA F 125 -14.58 43.57 27.67
N LEU F 126 -14.91 42.32 27.97
CA LEU F 126 -14.05 41.21 27.55
C LEU F 126 -13.99 41.10 26.04
N ILE F 127 -15.12 41.30 25.35
CA ILE F 127 -15.15 41.20 23.90
C ILE F 127 -14.30 42.29 23.27
N ASN F 128 -14.41 43.52 23.78
CA ASN F 128 -13.64 44.62 23.23
C ASN F 128 -12.19 44.63 23.69
N ASN F 129 -11.82 43.76 24.62
CA ASN F 129 -10.45 43.69 25.10
C ASN F 129 -9.79 42.36 24.74
N ARG F 130 -9.99 41.92 23.48
CA ARG F 130 -9.23 40.78 22.98
C ARG F 130 -7.74 41.07 23.02
N GLN F 131 -7.34 42.28 22.63
CA GLN F 131 -6.00 42.79 22.85
C GLN F 131 -6.07 43.71 24.06
N LEU F 132 -5.51 43.27 25.19
CA LEU F 132 -5.66 44.00 26.44
C LEU F 132 -5.07 45.39 26.32
N THR F 133 -5.77 46.38 26.89
CA THR F 133 -5.35 47.77 26.74
C THR F 133 -4.00 48.01 27.39
N GLY F 134 -3.80 47.51 28.61
CA GLY F 134 -2.53 47.70 29.28
C GLY F 134 -1.41 46.80 28.80
N LEU F 135 -1.75 45.65 28.20
CA LEU F 135 -0.77 44.68 27.73
C LEU F 135 -1.11 44.31 26.29
N PRO F 136 -0.80 45.18 25.33
CA PRO F 136 -1.13 44.87 23.92
C PRO F 136 -0.46 43.61 23.40
N GLY F 137 0.74 43.30 23.85
CA GLY F 137 1.49 42.17 23.35
C GLY F 137 1.19 40.84 23.97
N ALA F 138 0.26 40.77 24.92
CA ALA F 138 -0.07 39.52 25.58
C ALA F 138 -0.92 38.65 24.67
N TYR F 139 -0.84 37.34 24.90
CA TYR F 139 -1.64 36.36 24.16
C TYR F 139 -2.85 35.99 25.00
N THR F 140 -4.04 36.29 24.49
CA THR F 140 -5.27 36.14 25.25
C THR F 140 -6.24 35.19 24.55
N ARG F 141 -7.09 34.56 25.36
CA ARG F 141 -8.19 33.73 24.87
C ARG F 141 -9.46 34.21 25.57
N ILE F 142 -10.29 34.96 24.86
CA ILE F 142 -11.48 35.54 25.45
C ILE F 142 -12.60 34.50 25.51
N ILE F 143 -13.33 34.51 26.61
CA ILE F 143 -14.49 33.64 26.91
C ILE F 143 -14.32 32.25 26.30
N PRO F 144 -13.36 31.46 26.74
CA PRO F 144 -13.22 30.09 26.23
C PRO F 144 -14.42 29.24 26.65
N GLN F 145 -14.55 28.09 25.99
CA GLN F 145 -15.61 27.15 26.32
C GLN F 145 -15.47 26.70 27.77
N GLN F 146 -16.49 26.94 28.57
CA GLN F 146 -16.46 26.62 29.99
C GLN F 146 -16.69 25.13 30.19
N GLU F 147 -16.90 24.72 31.43
CA GLU F 147 -17.08 23.32 31.77
C GLU F 147 -18.54 22.93 31.64
N ASN F 148 -18.83 21.66 31.92
CA ASN F 148 -20.18 21.13 31.82
C ASN F 148 -20.96 21.50 33.08
N LEU F 149 -22.16 20.93 33.23
CA LEU F 149 -22.97 21.20 34.41
C LEU F 149 -22.41 20.51 35.64
N ASN F 150 -21.76 19.36 35.47
CA ASN F 150 -21.20 18.64 36.61
C ASN F 150 -20.12 19.46 37.30
N SER F 151 -19.21 20.04 36.52
CA SER F 151 -18.14 20.83 37.10
C SER F 151 -18.67 22.10 37.75
N LEU F 152 -19.66 22.75 37.14
CA LEU F 152 -20.28 23.91 37.75
C LEU F 152 -20.93 23.54 39.08
N GLY F 153 -21.63 22.41 39.11
CA GLY F 153 -22.23 21.97 40.35
C GLY F 153 -21.21 21.70 41.44
N ASN F 154 -20.11 21.04 41.08
CA ASN F 154 -19.06 20.77 42.06
C ASN F 154 -18.43 22.05 42.57
N PHE F 155 -18.16 23.00 41.68
CA PHE F 155 -17.54 24.26 42.08
C PHE F 155 -18.46 25.03 43.02
N TRP F 156 -19.76 25.09 42.71
CA TRP F 156 -20.67 25.82 43.58
C TRP F 156 -21.01 25.06 44.85
N GLN F 157 -20.85 23.74 44.86
CA GLN F 157 -20.84 23.01 46.12
C GLN F 157 -19.67 23.44 46.98
N ALA F 158 -18.49 23.59 46.37
CA ALA F 158 -17.32 24.05 47.10
C ALA F 158 -17.54 25.45 47.66
N LEU F 159 -18.15 26.33 46.86
CA LEU F 159 -18.44 27.67 47.33
C LEU F 159 -19.63 27.73 48.27
N GLY F 160 -20.45 26.68 48.31
CA GLY F 160 -21.59 26.64 49.22
C GLY F 160 -22.62 27.71 48.95
N ASN F 161 -22.98 27.92 47.68
CA ASN F 161 -23.93 28.96 47.31
C ASN F 161 -24.60 28.58 46.00
N ARG F 162 -25.66 29.31 45.68
CA ARG F 162 -26.43 29.02 44.48
C ARG F 162 -25.57 29.26 43.24
N PRO F 163 -25.62 28.37 42.25
CA PRO F 163 -24.81 28.56 41.03
C PRO F 163 -25.21 29.83 40.29
N ARG F 164 -24.21 30.47 39.69
CA ARG F 164 -24.40 31.70 38.94
C ARG F 164 -23.61 31.64 37.64
N LEU F 165 -24.01 32.47 36.69
CA LEU F 165 -23.27 32.57 35.43
C LEU F 165 -21.92 33.24 35.67
N SER F 166 -20.88 32.69 35.05
CA SER F 166 -19.53 33.22 35.16
C SER F 166 -18.89 33.25 33.78
N LEU F 167 -17.92 34.15 33.62
CA LEU F 167 -17.19 34.30 32.38
C LEU F 167 -15.71 34.00 32.61
N LEU F 168 -15.07 33.47 31.57
CA LEU F 168 -13.68 33.05 31.66
C LEU F 168 -12.78 33.98 30.85
N TYR F 169 -11.53 34.11 31.30
CA TYR F 169 -10.55 34.95 30.63
C TYR F 169 -9.17 34.33 30.82
N SER F 170 -8.46 34.12 29.71
CA SER F 170 -7.12 33.55 29.74
C SER F 170 -6.14 34.52 29.10
N ILE F 171 -4.97 34.66 29.71
CA ILE F 171 -3.95 35.58 29.22
C ILE F 171 -2.58 35.02 29.56
N THR F 172 -1.63 35.17 28.65
CA THR F 172 -0.27 34.69 28.82
C THR F 172 0.69 35.87 28.71
N VAL F 173 1.56 36.02 29.71
CA VAL F 173 2.54 37.11 29.73
C VAL F 173 3.91 36.55 30.11
N PRO F 174 4.99 37.19 29.68
CA PRO F 174 6.33 36.74 30.11
C PRO F 174 6.66 37.21 31.52
N MET F 175 7.39 36.37 32.24
CA MET F 175 7.83 36.66 33.59
C MET F 175 9.35 36.63 33.63
N LYS F 176 9.96 37.71 34.14
CA LYS F 176 11.40 37.86 34.09
C LYS F 176 12.08 37.02 35.16
N LEU F 177 13.19 36.38 34.76
CA LEU F 177 13.98 35.56 35.68
C LEU F 177 14.94 36.44 36.48
N LYS F 178 15.79 35.80 37.28
CA LYS F 178 16.73 36.48 38.15
C LYS F 178 18.18 36.08 37.88
N ASN F 179 18.47 35.55 36.69
CA ASN F 179 19.82 35.11 36.35
C ASN F 179 20.42 36.09 35.35
N ILE F 180 21.21 37.04 35.86
CA ILE F 180 21.86 38.04 35.03
C ILE F 180 23.34 38.09 35.39
N GLU F 181 24.19 38.07 34.37
CA GLU F 181 25.63 38.19 34.55
C GLU F 181 26.08 39.60 34.19
N ASP F 182 27.09 40.09 34.92
CA ASP F 182 27.45 41.49 34.86
C ASP F 182 28.81 41.78 34.24
N ASN F 183 29.69 40.78 34.13
CA ASN F 183 31.06 41.00 33.68
C ASN F 183 31.43 40.05 32.55
N VAL F 184 30.56 39.97 31.54
CA VAL F 184 30.81 39.13 30.37
C VAL F 184 31.50 40.00 29.32
N ILE F 185 32.80 39.84 29.20
CA ILE F 185 33.61 40.68 28.30
C ILE F 185 33.34 40.28 26.86
N PRO F 186 33.13 41.23 25.94
CA PRO F 186 32.97 40.86 24.53
C PRO F 186 34.29 40.42 23.91
N VAL F 187 34.18 39.67 22.82
CA VAL F 187 35.34 39.25 22.06
C VAL F 187 35.79 40.41 21.17
N SER F 188 37.05 40.81 21.31
CA SER F 188 37.56 41.96 20.55
C SER F 188 38.83 41.59 19.78
N LYS F 189 39.61 40.65 20.30
CA LYS F 189 40.84 40.22 19.66
C LYS F 189 40.75 38.73 19.36
N ILE F 190 41.12 38.35 18.14
CA ILE F 190 41.07 36.97 17.69
C ILE F 190 42.44 36.57 17.18
N SER F 191 42.97 35.48 17.73
CA SER F 191 44.28 34.97 17.35
C SER F 191 44.19 33.47 17.09
N ALA F 192 44.80 33.03 16.00
CA ALA F 192 44.78 31.62 15.61
C ALA F 192 46.19 31.17 15.26
N SER F 193 46.50 29.93 15.61
CA SER F 193 47.80 29.34 15.31
C SER F 193 47.59 28.02 14.58
N VAL F 194 48.29 27.84 13.46
CA VAL F 194 48.21 26.63 12.67
C VAL F 194 49.61 26.01 12.63
N ASP F 195 49.72 24.76 13.08
CA ASP F 195 51.00 24.06 13.13
C ASP F 195 50.86 22.72 12.42
N GLN F 196 51.99 22.05 12.24
CA GLN F 196 52.03 20.77 11.56
C GLN F 196 51.80 19.63 12.54
N LYS F 197 51.18 18.57 12.05
CA LYS F 197 50.87 17.39 12.84
C LYS F 197 51.34 16.13 12.11
N PRO F 198 51.95 15.18 12.82
CA PRO F 198 52.32 13.92 12.19
C PRO F 198 51.10 13.13 11.77
N ASN F 199 51.25 12.36 10.69
CA ASN F 199 50.18 11.51 10.18
C ASN F 199 50.18 10.21 10.98
N LEU F 200 49.62 10.27 12.18
CA LEU F 200 49.61 9.15 13.10
C LEU F 200 48.22 8.99 13.71
N ASP F 201 47.94 7.76 14.14
CA ASP F 201 46.68 7.43 14.80
C ASP F 201 46.90 7.38 16.31
N ASN F 202 46.00 8.02 17.06
CA ASN F 202 46.13 8.04 18.52
C ASN F 202 46.03 6.64 19.10
N SER F 203 45.13 5.81 18.57
CA SER F 203 45.00 4.45 19.05
C SER F 203 46.28 3.65 18.82
N GLN F 204 46.93 3.87 17.68
CA GLN F 204 48.20 3.20 17.41
C GLN F 204 49.25 3.56 18.45
N ILE F 205 49.35 4.85 18.79
CA ILE F 205 50.33 5.29 19.78
C ILE F 205 50.00 4.69 21.15
N ASN F 206 48.72 4.70 21.52
CA ASN F 206 48.32 4.15 22.81
C ASN F 206 48.66 2.66 22.89
N GLN F 207 48.35 1.91 21.83
CA GLN F 207 48.63 0.48 21.82
C GLN F 207 50.13 0.21 21.87
N ALA F 208 50.92 0.99 21.13
CA ALA F 208 52.36 0.81 21.14
C ALA F 208 52.93 1.11 22.53
N LEU F 209 52.46 2.17 23.17
CA LEU F 209 52.95 2.50 24.50
C LEU F 209 52.57 1.43 25.53
N ILE F 210 51.34 0.91 25.44
CA ILE F 210 50.93 -0.13 26.38
C ILE F 210 51.73 -1.41 26.14
N ASP F 211 52.05 -1.72 24.88
CA ASP F 211 52.87 -2.88 24.59
C ASP F 211 54.29 -2.70 25.13
N LYS F 212 54.85 -1.51 24.96
CA LYS F 212 56.17 -1.23 25.51
C LYS F 212 56.18 -1.34 27.03
N LEU F 213 55.15 -0.82 27.67
CA LEU F 213 55.04 -0.94 29.13
C LEU F 213 54.95 -2.39 29.56
N CYS F 214 54.14 -3.20 28.87
CA CYS F 214 54.02 -4.61 29.21
C CYS F 214 55.35 -5.34 29.02
N VAL F 215 56.07 -5.03 27.94
CA VAL F 215 57.36 -5.67 27.70
C VAL F 215 58.36 -5.28 28.78
N GLU F 216 58.39 -3.99 29.15
CA GLU F 216 59.33 -3.53 30.17
C GLU F 216 59.02 -4.15 31.52
N LEU F 217 57.73 -4.28 31.86
CA LEU F 217 57.36 -4.81 33.16
C LEU F 217 57.71 -6.28 33.32
N GLY F 218 57.95 -7.00 32.23
CA GLY F 218 58.33 -8.39 32.31
C GLY F 218 57.72 -9.28 31.26
N GLY F 219 56.56 -8.89 30.74
CA GLY F 219 55.91 -9.66 29.70
C GLY F 219 55.26 -10.95 30.16
N THR F 220 55.31 -11.26 31.46
CA THR F 220 54.67 -12.45 31.97
C THR F 220 53.15 -12.33 31.86
N GLU F 221 52.48 -13.48 31.78
CA GLU F 221 51.02 -13.47 31.72
C GLU F 221 50.42 -12.79 32.95
N ASP F 222 51.13 -12.81 34.08
CA ASP F 222 50.69 -12.05 35.25
C ASP F 222 50.71 -10.55 34.96
N VAL F 223 51.74 -10.08 34.25
CA VAL F 223 51.81 -8.66 33.87
C VAL F 223 50.66 -8.32 32.93
N ARG F 224 50.38 -9.18 31.95
CA ARG F 224 49.25 -8.96 31.07
C ARG F 224 47.94 -8.93 31.84
N LEU F 225 47.81 -9.78 32.85
CA LEU F 225 46.60 -9.78 33.66
C LEU F 225 46.47 -8.48 34.45
N ALA F 226 47.59 -7.97 34.99
CA ALA F 226 47.56 -6.75 35.77
C ALA F 226 47.32 -5.51 34.91
N LEU F 227 47.56 -5.60 33.60
CA LEU F 227 47.35 -4.46 32.70
C LEU F 227 46.04 -4.56 31.95
N ALA F 228 45.17 -5.49 32.30
CA ALA F 228 43.91 -5.65 31.59
C ALA F 228 43.01 -4.44 31.76
N LYS F 229 42.94 -3.89 32.97
CA LYS F 229 42.06 -2.78 33.29
C LYS F 229 42.83 -1.48 33.51
N VAL F 230 43.88 -1.27 32.73
CA VAL F 230 44.68 -0.06 32.79
C VAL F 230 44.52 0.68 31.46
N ASN F 231 44.11 1.94 31.54
CA ASN F 231 43.87 2.76 30.35
C ASN F 231 45.02 3.76 30.20
N LEU F 232 45.64 3.75 29.03
CA LEU F 232 46.71 4.69 28.69
C LEU F 232 46.27 5.53 27.50
N THR F 233 46.34 6.85 27.65
CA THR F 233 45.97 7.77 26.58
C THR F 233 47.05 8.83 26.44
N THR F 234 47.16 9.37 25.22
CA THR F 234 48.14 10.40 24.92
C THR F 234 47.46 11.59 24.27
N LYS F 235 48.04 12.77 24.49
CA LYS F 235 47.57 14.02 23.91
C LYS F 235 48.76 14.75 23.30
N PRO F 236 48.56 15.46 22.19
CA PRO F 236 49.67 16.23 21.60
C PRO F 236 50.16 17.31 22.55
N ASP F 237 51.47 17.51 22.55
CA ASP F 237 52.11 18.50 23.41
C ASP F 237 52.36 19.77 22.61
N THR F 238 51.59 20.81 22.89
CA THR F 238 51.73 22.09 22.20
C THR F 238 52.77 22.95 22.93
N GLU F 239 54.01 22.48 22.87
CA GLU F 239 55.13 23.16 23.53
C GLU F 239 56.45 22.78 22.88
N ASN F 243 61.46 20.97 18.26
CA ASN F 243 62.12 19.84 17.60
C ASN F 243 61.33 19.39 16.37
N GLN F 244 62.04 18.79 15.42
CA GLN F 244 61.43 18.29 14.20
C GLN F 244 61.70 16.81 13.95
N GLU F 245 62.64 16.20 14.66
CA GLU F 245 62.95 14.79 14.48
C GLU F 245 62.11 13.88 15.37
N ASN F 246 61.29 14.43 16.25
CA ASN F 246 60.44 13.63 17.12
C ASN F 246 59.26 14.47 17.57
N GLU F 247 58.25 13.79 18.10
CA GLU F 247 57.04 14.44 18.58
C GLU F 247 56.83 14.15 20.06
N SER F 248 56.28 15.13 20.76
CA SER F 248 56.05 15.04 22.20
C SER F 248 54.58 14.76 22.47
N VAL F 249 54.33 13.91 23.47
CA VAL F 249 52.98 13.50 23.82
C VAL F 249 52.77 13.69 25.32
N ILE F 250 51.49 13.74 25.70
CA ILE F 250 51.08 13.90 27.09
C ILE F 250 50.47 12.57 27.52
N VAL F 251 51.25 11.76 28.23
CA VAL F 251 50.79 10.42 28.62
C VAL F 251 49.94 10.52 29.87
N GLU F 252 48.74 9.95 29.81
CA GLU F 252 47.84 9.88 30.96
C GLU F 252 47.45 8.43 31.18
N VAL F 253 47.58 7.98 32.43
CA VAL F 253 47.32 6.58 32.79
C VAL F 253 46.30 6.56 33.92
N SER F 254 45.23 5.77 33.74
CA SER F 254 44.22 5.61 34.77
C SER F 254 43.62 4.22 34.65
N GLY F 255 43.07 3.73 35.74
CA GLY F 255 42.46 2.41 35.76
C GLY F 255 42.68 1.74 37.10
N ILE F 256 42.66 0.41 37.07
CA ILE F 256 42.84 -0.41 38.25
C ILE F 256 43.95 -1.42 37.98
N THR F 257 44.83 -1.60 38.97
CA THR F 257 45.89 -2.59 38.88
C THR F 257 46.16 -3.15 40.26
N SER F 258 47.04 -4.14 40.31
CA SER F 258 47.37 -4.80 41.56
C SER F 258 48.30 -3.93 42.41
N VAL F 259 48.47 -4.33 43.67
CA VAL F 259 49.32 -3.56 44.58
C VAL F 259 50.77 -3.59 44.14
N THR F 260 51.23 -4.74 43.65
CA THR F 260 52.65 -4.89 43.35
C THR F 260 53.08 -4.05 42.15
N TYR F 261 52.25 -3.99 41.11
CA TYR F 261 52.66 -3.37 39.86
C TYR F 261 52.39 -1.87 39.80
N LEU F 262 51.67 -1.31 40.75
CA LEU F 262 51.42 0.14 40.74
C LEU F 262 52.70 0.95 40.86
N PRO F 263 53.56 0.74 41.87
CA PRO F 263 54.82 1.50 41.90
C PRO F 263 55.71 1.23 40.71
N GLN F 264 55.71 0.00 40.18
CA GLN F 264 56.52 -0.29 39.01
C GLN F 264 56.04 0.50 37.80
N ILE F 265 54.73 0.59 37.59
CA ILE F 265 54.19 1.37 36.48
C ILE F 265 54.52 2.84 36.65
N LYS F 266 54.37 3.37 37.87
CA LYS F 266 54.69 4.77 38.09
C LYS F 266 56.18 5.04 37.85
N ASP F 267 57.05 4.13 38.30
CA ASP F 267 58.49 4.29 38.08
C ASP F 267 58.82 4.24 36.60
N THR F 268 58.18 3.34 35.85
CA THR F 268 58.41 3.27 34.41
C THR F 268 57.98 4.56 33.73
N LEU F 269 56.82 5.12 34.14
CA LEU F 269 56.37 6.38 33.55
C LEU F 269 57.35 7.50 33.86
N THR F 270 57.84 7.58 35.10
CA THR F 270 58.81 8.63 35.43
C THR F 270 60.10 8.46 34.65
N LYS F 271 60.55 7.21 34.48
CA LYS F 271 61.76 6.96 33.70
C LYS F 271 61.57 7.36 32.24
N TRP F 272 60.40 7.08 31.68
CA TRP F 272 60.11 7.52 30.33
C TRP F 272 60.13 9.04 30.22
N LYS F 273 59.54 9.73 31.20
CA LYS F 273 59.52 11.18 31.18
C LYS F 273 60.92 11.75 31.27
N SER F 274 61.76 11.20 32.15
CA SER F 274 63.10 11.73 32.35
C SER F 274 63.96 11.55 31.10
N SER F 275 63.91 10.36 30.50
CA SER F 275 64.71 10.09 29.32
C SER F 275 64.20 10.90 28.13
N GLN F 276 65.13 11.48 27.38
CA GLN F 276 64.79 12.27 26.19
C GLN F 276 64.80 11.45 24.91
N GLU F 277 65.14 10.16 24.99
CA GLU F 277 65.17 9.32 23.81
C GLU F 277 63.77 8.87 23.42
N ALA F 278 63.64 8.48 22.15
CA ALA F 278 62.35 8.00 21.66
C ALA F 278 62.03 6.63 22.26
N ILE F 279 60.77 6.45 22.66
CA ILE F 279 60.33 5.20 23.25
C ILE F 279 59.84 4.23 22.18
N VAL F 280 58.98 4.70 21.28
CA VAL F 280 58.43 3.88 20.20
C VAL F 280 58.58 4.63 18.89
N LYS F 281 58.55 3.87 17.80
CA LYS F 281 58.67 4.42 16.45
C LYS F 281 57.58 3.79 15.59
N ILE F 282 56.62 4.61 15.16
CA ILE F 282 55.50 4.17 14.35
C ILE F 282 55.55 4.91 13.02
N ASN F 283 55.53 4.14 11.91
CA ASN F 283 55.53 4.69 10.56
C ASN F 283 56.73 5.60 10.31
N GLY F 284 57.85 5.31 10.96
CA GLY F 284 59.03 6.14 10.83
C GLY F 284 59.05 7.37 11.71
N VAL F 285 58.00 7.60 12.51
CA VAL F 285 57.92 8.74 13.40
C VAL F 285 58.26 8.29 14.81
N SER F 286 59.23 8.95 15.43
CA SER F 286 59.68 8.59 16.77
C SER F 286 58.90 9.38 17.81
N ILE F 287 58.40 8.69 18.83
CA ILE F 287 57.56 9.29 19.85
C ILE F 287 58.38 9.51 21.12
N VAL F 288 58.31 10.73 21.65
CA VAL F 288 59.03 11.11 22.86
C VAL F 288 58.01 11.58 23.89
N VAL F 289 58.09 11.01 25.09
CA VAL F 289 57.20 11.38 26.18
C VAL F 289 57.81 12.57 26.91
N SER F 290 57.06 13.68 26.97
CA SER F 290 57.53 14.89 27.63
C SER F 290 56.79 15.20 28.93
N LYS F 291 55.60 14.66 29.12
CA LYS F 291 54.83 14.90 30.33
C LYS F 291 53.94 13.69 30.60
N GLU F 292 53.88 13.27 31.85
CA GLU F 292 53.10 12.11 32.25
C GLU F 292 52.32 12.43 33.52
N ASN F 293 51.26 11.65 33.74
CA ASN F 293 50.42 11.81 34.92
C ASN F 293 49.70 10.50 35.18
N ALA F 294 49.91 9.92 36.35
CA ALA F 294 49.33 8.63 36.70
C ALA F 294 48.76 8.66 38.12
N ASP F 295 48.17 9.80 38.51
CA ASP F 295 47.58 9.91 39.84
C ASP F 295 46.16 9.39 39.91
N LYS F 296 45.55 9.03 38.78
CA LYS F 296 44.21 8.48 38.74
C LYS F 296 44.21 6.95 38.69
N LEU F 297 45.36 6.32 38.85
CA LEU F 297 45.49 4.87 38.74
C LEU F 297 45.33 4.26 40.12
N ILE F 298 44.29 3.45 40.29
CA ILE F 298 44.02 2.77 41.56
C ILE F 298 44.83 1.48 41.59
N GLY F 299 45.54 1.25 42.68
CA GLY F 299 46.42 0.11 42.78
C GLY F 299 46.04 -0.88 43.88
N ILE F 300 44.75 -1.16 44.01
CA ILE F 300 44.29 -2.06 45.05
C ILE F 300 44.75 -3.50 44.79
N GLU G 6 -55.12 15.89 9.24
CA GLU G 6 -55.08 15.47 10.63
C GLU G 6 -54.54 14.05 10.76
N GLN G 7 -54.11 13.69 11.96
CA GLN G 7 -53.64 12.35 12.28
C GLN G 7 -52.45 11.95 11.39
N ILE G 8 -51.36 12.68 11.57
CA ILE G 8 -50.13 12.38 10.86
C ILE G 8 -49.55 11.06 11.36
N ALA G 9 -49.24 10.16 10.44
CA ALA G 9 -48.75 8.83 10.76
C ALA G 9 -47.24 8.76 10.57
N VAL G 10 -46.53 8.24 11.57
CA VAL G 10 -45.08 8.15 11.55
C VAL G 10 -44.69 6.70 11.78
N GLU G 11 -43.74 6.21 10.99
CA GLU G 11 -43.23 4.85 11.10
C GLU G 11 -41.73 4.87 11.29
N TYR G 12 -41.23 4.00 12.17
CA TYR G 12 -39.81 3.92 12.49
C TYR G 12 -39.19 2.67 11.88
N PRO G 13 -37.91 2.70 11.55
CA PRO G 13 -37.27 1.53 10.94
C PRO G 13 -37.17 0.36 11.91
N ILE G 14 -37.10 -0.83 11.32
CA ILE G 14 -37.06 -2.09 12.09
C ILE G 14 -35.73 -2.16 12.86
N PRO G 15 -35.73 -2.57 14.11
CA PRO G 15 -34.46 -2.79 14.82
C PRO G 15 -33.65 -3.90 14.16
N THR G 16 -32.33 -3.79 14.28
CA THR G 16 -31.43 -4.69 13.55
C THR G 16 -31.23 -6.04 14.23
N TYR G 17 -31.69 -6.21 15.47
CA TYR G 17 -31.48 -7.46 16.18
C TYR G 17 -32.63 -8.44 16.02
N ARG G 18 -33.70 -8.06 15.35
CA ARG G 18 -34.87 -8.93 15.21
C ARG G 18 -34.81 -9.68 13.88
N PHE G 19 -33.90 -10.65 13.82
CA PHE G 19 -33.75 -11.44 12.61
C PHE G 19 -33.64 -12.93 12.96
N VAL G 20 -34.01 -13.76 11.99
CA VAL G 20 -33.97 -15.21 12.11
C VAL G 20 -33.25 -15.77 10.90
N VAL G 21 -32.31 -16.70 11.13
CA VAL G 21 -31.48 -17.26 10.07
C VAL G 21 -31.79 -18.75 9.95
N SER G 22 -31.92 -19.22 8.70
CA SER G 22 -32.08 -20.64 8.42
C SER G 22 -31.05 -21.05 7.37
N VAL G 23 -30.34 -22.14 7.63
CA VAL G 23 -29.35 -22.67 6.71
C VAL G 23 -29.88 -23.99 6.17
N GLY G 24 -30.06 -24.05 4.85
CA GLY G 24 -30.68 -25.22 4.24
C GLY G 24 -32.15 -25.29 4.58
N ASP G 25 -32.54 -26.25 5.43
CA ASP G 25 -33.91 -26.37 5.89
C ASP G 25 -34.02 -26.30 7.41
N GLU G 26 -32.93 -26.04 8.11
CA GLU G 26 -32.93 -25.96 9.56
C GLU G 26 -32.56 -24.54 10.00
N GLN G 27 -33.14 -24.12 11.11
CA GLN G 27 -32.91 -22.79 11.67
C GLN G 27 -31.82 -22.87 12.72
N ILE G 28 -30.78 -22.06 12.55
CA ILE G 28 -29.61 -22.06 13.42
C ILE G 28 -29.53 -20.70 14.10
N PRO G 29 -29.44 -20.64 15.43
CA PRO G 29 -29.34 -19.33 16.09
C PRO G 29 -27.96 -18.72 15.95
N PHE G 30 -27.86 -17.69 15.12
CA PHE G 30 -26.60 -17.00 14.87
C PHE G 30 -26.51 -15.73 15.70
N ASN G 31 -25.33 -15.11 15.66
CA ASN G 31 -25.06 -13.89 16.40
C ASN G 31 -24.88 -12.67 15.52
N ASN G 32 -24.36 -12.83 14.30
CA ASN G 32 -24.09 -11.72 13.42
C ASN G 32 -24.02 -12.21 11.99
N VAL G 33 -24.67 -11.50 11.07
CA VAL G 33 -24.64 -11.80 9.65
C VAL G 33 -24.31 -10.53 8.89
N SER G 34 -23.34 -10.60 7.99
CA SER G 34 -22.92 -9.43 7.25
C SER G 34 -22.42 -9.83 5.87
N GLY G 35 -22.39 -8.84 4.97
CA GLY G 35 -21.85 -9.03 3.64
C GLY G 35 -22.87 -9.22 2.53
N LEU G 36 -24.16 -9.12 2.83
CA LEU G 36 -25.21 -9.32 1.82
C LEU G 36 -25.29 -8.09 0.93
N ASP G 37 -24.34 -7.98 0.02
CA ASP G 37 -24.24 -6.82 -0.86
C ASP G 37 -24.30 -7.24 -2.32
N VAL G 38 -24.98 -6.43 -3.13
CA VAL G 38 -25.03 -6.62 -4.57
C VAL G 38 -24.10 -5.61 -5.21
N HIS G 39 -23.21 -6.07 -6.08
CA HIS G 39 -22.23 -5.21 -6.72
C HIS G 39 -22.25 -5.45 -8.23
N TYR G 40 -22.23 -4.37 -8.98
CA TYR G 40 -22.15 -4.41 -10.44
C TYR G 40 -20.94 -3.62 -10.90
N ASP G 41 -20.23 -4.16 -11.89
CA ASP G 41 -19.15 -3.40 -12.50
C ASP G 41 -19.74 -2.34 -13.43
N VAL G 42 -18.92 -1.34 -13.74
CA VAL G 42 -19.33 -0.23 -14.60
C VAL G 42 -18.50 -0.28 -15.87
N ILE G 43 -19.17 -0.32 -17.01
CA ILE G 43 -18.53 -0.32 -18.32
C ILE G 43 -18.66 1.07 -18.91
N GLU G 44 -17.53 1.62 -19.38
CA GLU G 44 -17.47 2.98 -19.89
C GLU G 44 -16.94 2.98 -21.32
N TYR G 45 -17.56 3.78 -22.18
CA TYR G 45 -17.10 3.99 -23.55
C TYR G 45 -17.11 5.49 -23.83
N LYS G 46 -16.02 5.99 -24.41
CA LYS G 46 -15.87 7.40 -24.69
C LYS G 46 -15.66 7.62 -26.19
N ASP G 47 -16.36 8.61 -26.73
CA ASP G 47 -16.22 9.00 -28.13
C ASP G 47 -15.39 10.27 -28.24
N GLY G 48 -14.86 10.52 -29.43
CA GLY G 48 -14.08 11.70 -29.66
C GLY G 48 -14.87 12.98 -29.67
N ILE G 49 -16.19 12.90 -29.89
CA ILE G 49 -17.02 14.10 -29.95
C ILE G 49 -17.64 14.45 -28.60
N GLY G 50 -17.35 13.69 -27.55
CA GLY G 50 -17.83 14.01 -26.22
C GLY G 50 -18.82 13.03 -25.63
N ASN G 51 -19.21 11.99 -26.37
CA ASN G 51 -20.11 10.99 -25.81
C ASN G 51 -19.40 10.18 -24.74
N TYR G 52 -20.12 9.93 -23.64
CA TYR G 52 -19.57 9.21 -22.48
C TYR G 52 -20.66 8.24 -22.01
N TYR G 53 -20.60 7.01 -22.52
CA TYR G 53 -21.60 6.00 -22.20
C TYR G 53 -21.18 5.23 -20.96
N LYS G 54 -22.10 5.12 -20.00
CA LYS G 54 -21.89 4.34 -18.79
C LYS G 54 -23.06 3.39 -18.61
N MET G 55 -22.76 2.12 -18.42
CA MET G 55 -23.77 1.07 -18.27
C MET G 55 -23.31 0.09 -17.22
N PRO G 56 -24.24 -0.63 -16.59
CA PRO G 56 -23.85 -1.69 -15.66
C PRO G 56 -23.11 -2.81 -16.37
N GLY G 57 -22.20 -3.44 -15.65
CA GLY G 57 -21.42 -4.53 -16.20
C GLY G 57 -21.86 -5.90 -15.70
N GLN G 58 -20.92 -6.70 -15.25
CA GLN G 58 -21.21 -8.04 -14.76
C GLN G 58 -21.44 -8.01 -13.25
N ARG G 59 -22.43 -8.79 -12.80
CA ARG G 59 -22.70 -8.89 -11.38
C ARG G 59 -21.63 -9.74 -10.70
N GLN G 60 -21.23 -9.31 -9.51
CA GLN G 60 -20.21 -10.02 -8.75
C GLN G 60 -20.86 -11.04 -7.82
N SER G 61 -20.06 -12.02 -7.41
CA SER G 61 -20.53 -13.04 -6.49
C SER G 61 -20.69 -12.46 -5.09
N ILE G 62 -21.42 -13.18 -4.26
CA ILE G 62 -21.75 -12.75 -2.90
C ILE G 62 -20.78 -13.35 -1.92
N ASN G 63 -20.37 -12.57 -0.92
CA ASN G 63 -19.52 -13.04 0.17
C ASN G 63 -20.22 -12.74 1.48
N ILE G 64 -20.44 -13.79 2.29
CA ILE G 64 -21.23 -13.69 3.51
C ILE G 64 -20.44 -14.30 4.64
N THR G 65 -20.39 -13.60 5.78
CA THR G 65 -19.75 -14.09 6.99
C THR G 65 -20.79 -14.23 8.08
N LEU G 66 -20.87 -15.41 8.68
CA LEU G 66 -21.79 -15.68 9.78
C LEU G 66 -21.02 -15.97 11.05
N ARG G 67 -21.46 -15.38 12.16
CA ARG G 67 -20.73 -15.42 13.41
C ARG G 67 -21.65 -15.93 14.52
N LYS G 68 -21.14 -16.86 15.32
CA LYS G 68 -21.92 -17.42 16.41
C LYS G 68 -20.99 -18.03 17.45
N GLY G 69 -21.50 -18.17 18.67
CA GLY G 69 -20.72 -18.76 19.74
C GLY G 69 -20.61 -20.26 19.63
N VAL G 70 -19.74 -20.83 20.47
CA VAL G 70 -19.50 -22.26 20.49
C VAL G 70 -20.27 -22.86 21.65
N PHE G 71 -20.92 -23.99 21.40
CA PHE G 71 -21.73 -24.68 22.40
C PHE G 71 -21.30 -26.14 22.48
N PRO G 72 -21.45 -26.78 23.63
CA PRO G 72 -21.05 -28.18 23.75
C PRO G 72 -21.80 -29.07 22.77
N GLY G 73 -21.06 -30.01 22.17
CA GLY G 73 -21.65 -30.93 21.22
C GLY G 73 -22.22 -30.25 19.99
N ASP G 74 -21.52 -29.24 19.46
CA ASP G 74 -22.01 -28.46 18.33
C ASP G 74 -20.87 -28.25 17.35
N THR G 75 -20.88 -28.97 16.23
CA THR G 75 -19.87 -28.82 15.19
C THR G 75 -20.45 -28.90 13.79
N LYS G 76 -21.71 -28.46 13.60
CA LYS G 76 -22.31 -28.58 12.28
C LYS G 76 -21.58 -27.77 11.23
N LEU G 77 -21.14 -26.55 11.59
CA LEU G 77 -20.45 -25.72 10.61
C LEU G 77 -19.11 -26.31 10.21
N PHE G 78 -18.35 -26.81 11.18
CA PHE G 78 -17.07 -27.43 10.83
C PHE G 78 -17.27 -28.73 10.08
N ASP G 79 -18.33 -29.48 10.39
CA ASP G 79 -18.64 -30.68 9.61
C ASP G 79 -19.00 -30.31 8.18
N TRP G 80 -19.69 -29.18 7.99
CA TRP G 80 -20.01 -28.72 6.64
C TRP G 80 -18.75 -28.37 5.88
N ILE G 81 -17.86 -27.57 6.48
CA ILE G 81 -16.66 -27.16 5.76
C ILE G 81 -15.71 -28.34 5.55
N ASN G 82 -15.70 -29.30 6.47
CA ASN G 82 -14.76 -30.42 6.40
C ASN G 82 -15.16 -31.48 5.38
N SER G 83 -16.39 -31.44 4.88
CA SER G 83 -16.88 -32.44 3.93
C SER G 83 -16.44 -32.14 2.50
N ILE G 84 -15.51 -31.22 2.30
CA ILE G 84 -15.06 -30.86 0.96
C ILE G 84 -14.11 -31.93 0.44
N GLN G 85 -14.38 -32.44 -0.76
CA GLN G 85 -13.49 -33.36 -1.45
C GLN G 85 -13.23 -32.79 -2.84
N LEU G 86 -11.99 -32.36 -3.09
CA LEU G 86 -11.61 -31.67 -4.31
C LEU G 86 -12.52 -30.46 -4.52
N ASN G 87 -13.36 -30.50 -5.57
CA ASN G 87 -14.28 -29.41 -5.86
C ASN G 87 -15.72 -29.75 -5.51
N GLN G 88 -15.95 -30.86 -4.81
CA GLN G 88 -17.29 -31.32 -4.48
C GLN G 88 -17.65 -30.87 -3.08
N VAL G 89 -18.77 -30.18 -2.95
CA VAL G 89 -19.28 -29.74 -1.65
C VAL G 89 -20.78 -29.55 -1.78
N GLU G 90 -21.48 -29.76 -0.66
CA GLU G 90 -22.93 -29.58 -0.63
C GLU G 90 -23.25 -28.09 -0.51
N LYS G 91 -24.01 -27.57 -1.47
CA LYS G 91 -24.40 -26.16 -1.49
C LYS G 91 -25.80 -26.03 -0.92
N LYS G 92 -25.99 -25.04 -0.04
CA LYS G 92 -27.26 -24.83 0.63
C LYS G 92 -27.75 -23.42 0.38
N ASP G 93 -29.04 -23.22 0.64
CA ASP G 93 -29.67 -21.90 0.53
C ASP G 93 -29.82 -21.27 1.90
N ILE G 94 -29.50 -19.99 2.00
CA ILE G 94 -29.56 -19.24 3.25
C ILE G 94 -30.69 -18.23 3.15
N ALA G 95 -31.46 -18.11 4.23
CA ALA G 95 -32.57 -17.16 4.29
C ALA G 95 -32.52 -16.42 5.62
N ILE G 96 -32.35 -15.11 5.56
CA ILE G 96 -32.36 -14.24 6.73
C ILE G 96 -33.60 -13.38 6.66
N SER G 97 -34.42 -13.42 7.72
CA SER G 97 -35.70 -12.75 7.74
C SER G 97 -35.78 -11.79 8.92
N LEU G 98 -36.30 -10.59 8.67
CA LEU G 98 -36.58 -9.62 9.73
C LEU G 98 -37.99 -9.86 10.24
N THR G 99 -38.13 -10.09 11.54
CA THR G 99 -39.40 -10.43 12.14
C THR G 99 -39.95 -9.25 12.93
N ASN G 100 -41.18 -9.42 13.43
CA ASN G 100 -41.79 -8.43 14.29
C ASN G 100 -41.28 -8.60 15.72
N GLU G 101 -41.85 -7.81 16.65
CA GLU G 101 -41.39 -7.87 18.03
C GLU G 101 -41.65 -9.23 18.66
N ALA G 102 -42.84 -9.80 18.42
CA ALA G 102 -43.18 -11.09 19.01
C ALA G 102 -42.49 -12.25 18.34
N GLY G 103 -41.94 -12.05 17.14
CA GLY G 103 -41.29 -13.13 16.42
C GLY G 103 -42.24 -14.11 15.76
N THR G 104 -43.50 -13.73 15.59
CA THR G 104 -44.49 -14.61 14.97
C THR G 104 -44.84 -14.19 13.54
N GLU G 105 -44.27 -13.09 13.05
CA GLU G 105 -44.55 -12.63 11.70
C GLU G 105 -43.25 -12.19 11.05
N ILE G 106 -43.11 -12.48 9.76
CA ILE G 106 -41.94 -12.10 8.98
C ILE G 106 -42.25 -10.82 8.23
N LEU G 107 -41.34 -9.84 8.31
CA LEU G 107 -41.52 -8.56 7.65
C LEU G 107 -40.74 -8.46 6.35
N MET G 108 -39.44 -8.79 6.38
CA MET G 108 -38.60 -8.75 5.19
C MET G 108 -37.72 -9.99 5.17
N THR G 109 -37.38 -10.45 3.98
CA THR G 109 -36.62 -11.68 3.81
C THR G 109 -35.47 -11.45 2.85
N TRP G 110 -34.29 -11.94 3.21
CA TRP G 110 -33.12 -11.94 2.36
C TRP G 110 -32.85 -13.37 1.90
N ASN G 111 -32.86 -13.60 0.60
CA ASN G 111 -32.70 -14.93 0.03
C ASN G 111 -31.32 -15.08 -0.56
N VAL G 112 -30.61 -16.13 -0.16
CA VAL G 112 -29.27 -16.43 -0.64
C VAL G 112 -29.28 -17.82 -1.24
N ALA G 113 -28.76 -17.95 -2.46
CA ALA G 113 -28.85 -19.19 -3.23
C ALA G 113 -27.46 -19.78 -3.43
N ASN G 114 -27.35 -21.09 -3.20
CA ASN G 114 -26.14 -21.87 -3.51
C ASN G 114 -24.91 -21.31 -2.80
N ALA G 115 -24.95 -21.37 -1.47
CA ALA G 115 -23.84 -20.93 -0.64
C ALA G 115 -23.04 -22.13 -0.14
N PHE G 116 -21.73 -22.05 -0.26
CA PHE G 116 -20.83 -23.10 0.24
C PHE G 116 -19.70 -22.46 1.03
N PRO G 117 -19.20 -23.15 2.05
CA PRO G 117 -18.16 -22.55 2.90
C PRO G 117 -16.84 -22.39 2.17
N THR G 118 -16.10 -21.36 2.56
CA THR G 118 -14.75 -21.13 2.06
C THR G 118 -13.72 -20.95 3.15
N SER G 119 -14.10 -20.54 4.36
CA SER G 119 -13.15 -20.34 5.44
C SER G 119 -13.87 -20.48 6.77
N PHE G 120 -13.18 -21.05 7.74
CA PHE G 120 -13.69 -21.22 9.09
C PHE G 120 -12.69 -20.62 10.07
N THR G 121 -13.17 -19.81 11.00
CA THR G 121 -12.33 -19.15 11.99
C THR G 121 -12.67 -19.67 13.37
N SER G 122 -11.68 -20.23 14.05
CA SER G 122 -11.85 -20.74 15.39
C SER G 122 -11.75 -19.62 16.42
N PRO G 123 -12.29 -19.82 17.62
CA PRO G 123 -12.14 -18.80 18.67
C PRO G 123 -10.68 -18.56 19.00
N SER G 124 -10.37 -17.30 19.32
CA SER G 124 -9.03 -16.94 19.78
C SER G 124 -8.96 -17.20 21.27
N PHE G 125 -8.26 -18.26 21.66
CA PHE G 125 -8.19 -18.66 23.07
C PHE G 125 -7.32 -17.67 23.84
N ASP G 126 -7.93 -16.92 24.74
CA ASP G 126 -7.24 -15.90 25.53
C ASP G 126 -7.48 -16.21 27.00
N ALA G 127 -6.42 -16.58 27.71
CA ALA G 127 -6.53 -16.89 29.12
C ALA G 127 -6.72 -15.66 29.99
N THR G 128 -6.56 -14.46 29.43
CA THR G 128 -6.72 -13.22 30.17
C THR G 128 -8.06 -12.54 29.90
N SER G 129 -8.97 -13.21 29.21
CA SER G 129 -10.25 -12.63 28.81
C SER G 129 -11.40 -13.37 29.48
N ASN G 130 -12.47 -12.63 29.75
CA ASN G 130 -13.68 -13.17 30.35
C ASN G 130 -14.83 -13.28 29.35
N GLU G 131 -14.56 -13.10 28.06
CA GLU G 131 -15.60 -13.10 27.06
C GLU G 131 -15.96 -14.52 26.64
N ILE G 132 -16.92 -14.65 25.74
CA ILE G 132 -17.41 -15.94 25.27
C ILE G 132 -16.64 -16.34 24.02
N ALA G 133 -16.35 -17.62 23.90
CA ALA G 133 -15.68 -18.13 22.71
C ALA G 133 -16.66 -18.14 21.55
N VAL G 134 -16.22 -17.61 20.41
CA VAL G 134 -17.09 -17.39 19.25
C VAL G 134 -16.39 -17.91 18.00
N GLN G 135 -17.15 -18.60 17.16
CA GLN G 135 -16.65 -19.12 15.89
C GLN G 135 -17.26 -18.34 14.73
N GLU G 136 -16.56 -18.37 13.60
CA GLU G 136 -17.00 -17.65 12.41
C GLU G 136 -16.83 -18.52 11.18
N ILE G 137 -17.73 -18.34 10.22
CA ILE G 137 -17.67 -19.04 8.94
C ILE G 137 -17.95 -18.04 7.82
N ALA G 138 -17.30 -18.25 6.68
CA ALA G 138 -17.46 -17.40 5.52
C ALA G 138 -17.96 -18.24 4.36
N LEU G 139 -18.97 -17.73 3.64
CA LEU G 139 -19.58 -18.46 2.54
C LEU G 139 -19.49 -17.65 1.25
N THR G 140 -19.44 -18.36 0.14
CA THR G 140 -19.52 -17.77 -1.19
C THR G 140 -20.80 -18.26 -1.85
N ALA G 141 -21.61 -17.34 -2.35
CA ALA G 141 -22.91 -17.65 -2.90
C ALA G 141 -23.04 -17.13 -4.32
N ASP G 142 -24.19 -17.38 -4.92
CA ASP G 142 -24.44 -16.99 -6.31
C ASP G 142 -25.14 -15.64 -6.40
N ARG G 143 -26.23 -15.46 -5.66
CA ARG G 143 -27.10 -14.31 -5.84
C ARG G 143 -27.88 -14.08 -4.56
N VAL G 144 -28.18 -12.81 -4.26
CA VAL G 144 -29.00 -12.45 -3.12
C VAL G 144 -30.23 -11.69 -3.62
N THR G 145 -31.38 -11.99 -3.01
CA THR G 145 -32.65 -11.39 -3.39
C THR G 145 -33.43 -11.02 -2.14
N ILE G 146 -34.02 -9.83 -2.15
CA ILE G 146 -34.81 -9.32 -1.02
C ILE G 146 -36.28 -9.38 -1.40
N GLN G 147 -37.07 -10.04 -0.58
CA GLN G 147 -38.51 -10.18 -0.79
C GLN G 147 -39.25 -9.58 0.40
N ALA G 148 -40.18 -8.68 0.12
CA ALA G 148 -40.99 -8.05 1.15
C ALA G 148 -42.21 -8.91 1.43
N ALA G 149 -42.43 -9.24 2.70
CA ALA G 149 -43.56 -10.06 3.08
C ALA G 149 -44.80 -9.21 3.29
N GLU H 6 -24.24 51.82 10.27
CA GLU H 6 -25.05 51.25 11.34
C GLU H 6 -25.77 50.00 10.84
N GLN H 7 -26.29 49.22 11.79
CA GLN H 7 -27.10 48.03 11.51
C GLN H 7 -26.32 47.03 10.65
N ILE H 8 -25.25 46.50 11.25
CA ILE H 8 -24.45 45.47 10.58
C ILE H 8 -25.27 44.20 10.49
N ALA H 9 -25.35 43.63 9.29
CA ALA H 9 -26.15 42.44 9.03
C ALA H 9 -25.23 41.21 8.98
N VAL H 10 -25.62 40.15 9.69
CA VAL H 10 -24.86 38.92 9.77
C VAL H 10 -25.74 37.76 9.35
N GLU H 11 -25.21 36.88 8.51
CA GLU H 11 -25.91 35.69 8.05
C GLU H 11 -25.10 34.44 8.40
N TYR H 12 -25.80 33.41 8.86
CA TYR H 12 -25.17 32.15 9.21
C TYR H 12 -25.45 31.08 8.15
N PRO H 13 -24.56 30.12 7.98
CA PRO H 13 -24.76 29.09 6.97
C PRO H 13 -25.94 28.19 7.29
N ILE H 14 -26.50 27.61 6.23
CA ILE H 14 -27.67 26.73 6.36
C ILE H 14 -27.29 25.47 7.12
N PRO H 15 -28.11 25.01 8.06
CA PRO H 15 -27.83 23.71 8.70
C PRO H 15 -27.90 22.58 7.70
N THR H 16 -27.08 21.55 7.94
CA THR H 16 -26.91 20.47 6.97
C THR H 16 -28.04 19.46 6.98
N TYR H 17 -28.96 19.51 7.94
CA TYR H 17 -30.03 18.53 8.03
C TYR H 17 -31.31 18.98 7.35
N ARG H 18 -31.36 20.19 6.82
CA ARG H 18 -32.59 20.72 6.21
C ARG H 18 -32.55 20.50 4.69
N PHE H 19 -32.67 19.25 4.29
CA PHE H 19 -32.63 18.90 2.88
C PHE H 19 -33.75 17.92 2.54
N VAL H 20 -34.15 17.94 1.27
CA VAL H 20 -35.20 17.08 0.73
C VAL H 20 -34.69 16.43 -0.54
N VAL H 21 -34.87 15.12 -0.66
CA VAL H 21 -34.34 14.34 -1.78
C VAL H 21 -35.51 13.81 -2.60
N SER H 22 -35.43 13.95 -3.92
CA SER H 22 -36.41 13.37 -4.83
C SER H 22 -35.67 12.53 -5.87
N VAL H 23 -36.14 11.31 -6.08
CA VAL H 23 -35.54 10.38 -7.05
C VAL H 23 -36.56 10.18 -8.16
N GLY H 24 -36.16 10.47 -9.39
CA GLY H 24 -37.08 10.44 -10.50
C GLY H 24 -38.10 11.55 -10.40
N ASP H 25 -39.36 11.20 -10.11
CA ASP H 25 -40.39 12.19 -9.90
C ASP H 25 -41.13 11.97 -8.58
N GLU H 26 -40.53 11.23 -7.65
CA GLU H 26 -41.13 10.96 -6.35
C GLU H 26 -40.15 11.32 -5.26
N GLN H 27 -40.68 11.72 -4.10
CA GLN H 27 -39.88 12.12 -2.96
C GLN H 27 -39.68 10.93 -2.02
N ILE H 28 -38.43 10.69 -1.65
CA ILE H 28 -38.07 9.57 -0.79
C ILE H 28 -37.32 10.12 0.42
N PRO H 29 -37.77 9.82 1.65
CA PRO H 29 -37.07 10.32 2.84
C PRO H 29 -35.80 9.54 3.11
N PHE H 30 -34.66 10.18 2.87
CA PHE H 30 -33.36 9.57 3.06
C PHE H 30 -32.75 9.99 4.39
N ASN H 31 -31.62 9.36 4.71
CA ASN H 31 -30.90 9.62 5.96
C ASN H 31 -29.57 10.31 5.77
N ASN H 32 -28.90 10.10 4.64
CA ASN H 32 -27.58 10.65 4.41
C ASN H 32 -27.28 10.59 2.92
N VAL H 33 -26.82 11.72 2.36
CA VAL H 33 -26.43 11.81 0.96
C VAL H 33 -25.04 12.41 0.89
N SER H 34 -24.15 11.78 0.12
CA SER H 34 -22.78 12.24 0.01
C SER H 34 -22.22 11.87 -1.35
N GLY H 35 -21.14 12.55 -1.72
CA GLY H 35 -20.43 12.25 -2.94
C GLY H 35 -20.68 13.18 -4.11
N LEU H 36 -21.39 14.28 -3.90
CA LEU H 36 -21.72 15.21 -4.99
C LEU H 36 -20.54 16.14 -5.25
N ASP H 37 -19.47 15.55 -5.79
CA ASP H 37 -18.24 16.26 -6.05
C ASP H 37 -17.98 16.37 -7.55
N VAL H 38 -17.40 17.49 -7.96
CA VAL H 38 -16.98 17.72 -9.34
C VAL H 38 -15.46 17.64 -9.37
N HIS H 39 -14.92 16.80 -10.25
CA HIS H 39 -13.49 16.60 -10.34
C HIS H 39 -13.04 16.76 -11.79
N TYR H 40 -11.97 17.53 -11.98
CA TYR H 40 -11.35 17.72 -13.28
C TYR H 40 -9.90 17.28 -13.22
N ASP H 41 -9.46 16.56 -14.24
CA ASP H 41 -8.05 16.23 -14.36
C ASP H 41 -7.24 17.47 -14.74
N VAL H 42 -5.94 17.41 -14.51
CA VAL H 42 -5.03 18.51 -14.80
C VAL H 42 -4.05 18.05 -15.86
N ILE H 43 -3.97 18.80 -16.96
CA ILE H 43 -3.05 18.51 -18.05
C ILE H 43 -1.89 19.49 -17.95
N GLU H 44 -0.67 18.96 -18.02
CA GLU H 44 0.54 19.76 -17.85
C GLU H 44 1.46 19.58 -19.05
N TYR H 45 2.02 20.69 -19.52
CA TYR H 45 3.00 20.69 -20.60
C TYR H 45 4.17 21.59 -20.19
N LYS H 46 5.38 21.11 -20.39
CA LYS H 46 6.58 21.82 -20.00
C LYS H 46 7.48 22.06 -21.21
N ASP H 47 8.02 23.26 -21.30
CA ASP H 47 8.97 23.62 -22.35
C ASP H 47 10.38 23.69 -21.77
N GLY H 48 11.37 23.55 -22.66
CA GLY H 48 12.75 23.58 -22.23
C GLY H 48 13.21 24.94 -21.75
N ILE H 49 12.53 26.01 -22.15
CA ILE H 49 12.93 27.37 -21.76
C ILE H 49 12.28 27.82 -20.46
N GLY H 50 11.47 26.97 -19.83
CA GLY H 50 10.88 27.29 -18.55
C GLY H 50 9.38 27.48 -18.56
N ASN H 51 8.72 27.33 -19.70
CA ASN H 51 7.27 27.43 -19.74
C ASN H 51 6.64 26.23 -19.05
N TYR H 52 5.54 26.48 -18.35
CA TYR H 52 4.83 25.43 -17.60
C TYR H 52 3.34 25.71 -17.73
N TYR H 53 2.69 25.03 -18.67
CA TYR H 53 1.26 25.23 -18.92
C TYR H 53 0.45 24.22 -18.15
N LYS H 54 -0.54 24.69 -17.40
CA LYS H 54 -1.48 23.84 -16.68
C LYS H 54 -2.89 24.25 -17.05
N MET H 55 -3.69 23.30 -17.49
CA MET H 55 -5.06 23.54 -17.92
C MET H 55 -5.97 22.46 -17.35
N PRO H 56 -7.27 22.74 -17.23
CA PRO H 56 -8.21 21.69 -16.84
C PRO H 56 -8.26 20.58 -17.89
N GLY H 57 -8.49 19.36 -17.42
CA GLY H 57 -8.55 18.22 -18.31
C GLY H 57 -9.96 17.73 -18.55
N GLN H 58 -10.16 16.41 -18.44
CA GLN H 58 -11.46 15.81 -18.67
C GLN H 58 -12.23 15.71 -17.36
N ARG H 59 -13.53 16.01 -17.42
CA ARG H 59 -14.37 15.91 -16.25
C ARG H 59 -14.65 14.44 -15.93
N GLN H 60 -14.62 14.11 -14.64
CA GLN H 60 -14.87 12.75 -14.19
C GLN H 60 -16.35 12.55 -13.90
N SER H 61 -16.75 11.28 -13.86
CA SER H 61 -18.13 10.94 -13.55
C SER H 61 -18.42 11.16 -12.07
N ILE H 62 -19.68 11.05 -11.71
CA ILE H 62 -20.16 11.34 -10.36
C ILE H 62 -20.51 10.03 -9.67
N ASN H 63 -20.01 9.87 -8.44
CA ASN H 63 -20.33 8.72 -7.60
C ASN H 63 -21.06 9.23 -6.36
N ILE H 64 -22.27 8.72 -6.14
CA ILE H 64 -23.15 9.21 -5.09
C ILE H 64 -23.64 8.02 -4.27
N THR H 65 -23.58 8.13 -2.95
CA THR H 65 -24.09 7.12 -2.04
C THR H 65 -25.24 7.69 -1.23
N LEU H 66 -26.35 6.97 -1.18
CA LEU H 66 -27.53 7.37 -0.42
C LEU H 66 -27.81 6.34 0.66
N ARG H 67 -28.21 6.82 1.84
CA ARG H 67 -28.38 5.98 3.00
C ARG H 67 -29.76 6.21 3.60
N LYS H 68 -30.42 5.13 4.01
CA LYS H 68 -31.74 5.23 4.63
C LYS H 68 -32.01 3.95 5.39
N GLY H 69 -32.94 4.05 6.35
CA GLY H 69 -33.35 2.88 7.11
C GLY H 69 -34.30 2.00 6.32
N VAL H 70 -34.51 0.79 6.84
CA VAL H 70 -35.41 -0.17 6.21
C VAL H 70 -36.76 -0.11 6.91
N PHE H 71 -37.83 -0.15 6.11
CA PHE H 71 -39.19 -0.05 6.62
C PHE H 71 -40.01 -1.21 6.09
N PRO H 72 -41.03 -1.63 6.83
CA PRO H 72 -41.85 -2.77 6.37
C PRO H 72 -42.50 -2.48 5.02
N GLY H 73 -42.50 -3.50 4.16
CA GLY H 73 -43.10 -3.37 2.84
C GLY H 73 -42.48 -2.31 1.97
N ASP H 74 -41.16 -2.21 1.98
CA ASP H 74 -40.44 -1.18 1.21
C ASP H 74 -39.23 -1.81 0.57
N THR H 75 -39.26 -1.95 -0.77
CA THR H 75 -38.14 -2.52 -1.51
C THR H 75 -37.90 -1.78 -2.81
N LYS H 76 -38.16 -0.47 -2.86
CA LYS H 76 -38.04 0.27 -4.10
C LYS H 76 -36.60 0.31 -4.60
N LEU H 77 -35.64 0.54 -3.70
CA LEU H 77 -34.25 0.63 -4.13
C LEU H 77 -33.72 -0.70 -4.63
N PHE H 78 -34.03 -1.79 -3.91
CA PHE H 78 -33.59 -3.10 -4.39
C PHE H 78 -34.30 -3.50 -5.68
N ASP H 79 -35.57 -3.11 -5.82
CA ASP H 79 -36.26 -3.39 -7.09
C ASP H 79 -35.62 -2.61 -8.23
N TRP H 80 -35.16 -1.39 -7.95
CA TRP H 80 -34.47 -0.60 -8.98
C TRP H 80 -33.17 -1.26 -9.39
N ILE H 81 -32.37 -1.68 -8.41
CA ILE H 81 -31.07 -2.27 -8.75
C ILE H 81 -31.25 -3.66 -9.37
N ASN H 82 -32.33 -4.36 -9.02
CA ASN H 82 -32.56 -5.73 -9.48
C ASN H 82 -33.13 -5.80 -10.90
N SER H 83 -33.49 -4.67 -11.48
CA SER H 83 -34.09 -4.64 -12.81
C SER H 83 -33.05 -4.61 -13.93
N ILE H 84 -31.76 -4.70 -13.59
CA ILE H 84 -30.72 -4.62 -14.59
C ILE H 84 -30.71 -5.89 -15.44
N GLN H 85 -30.73 -5.72 -16.76
CA GLN H 85 -30.56 -6.82 -17.70
C GLN H 85 -29.43 -6.44 -18.64
N LEU H 86 -28.32 -7.17 -18.56
CA LEU H 86 -27.11 -6.86 -19.31
C LEU H 86 -26.67 -5.43 -19.04
N ASN H 87 -26.74 -4.56 -20.05
CA ASN H 87 -26.40 -3.16 -19.90
C ASN H 87 -27.61 -2.26 -19.86
N GLN H 88 -28.81 -2.82 -19.76
CA GLN H 88 -30.05 -2.05 -19.79
C GLN H 88 -30.53 -1.79 -18.37
N VAL H 89 -30.75 -0.52 -18.04
CA VAL H 89 -31.26 -0.13 -16.74
C VAL H 89 -31.93 1.23 -16.90
N GLU H 90 -32.94 1.48 -16.07
CA GLU H 90 -33.65 2.75 -16.11
C GLU H 90 -32.85 3.81 -15.35
N LYS H 91 -32.50 4.89 -16.04
CA LYS H 91 -31.73 5.97 -15.47
C LYS H 91 -32.66 7.09 -15.02
N LYS H 92 -32.43 7.60 -13.82
CA LYS H 92 -33.29 8.61 -13.22
C LYS H 92 -32.46 9.84 -12.86
N ASP H 93 -33.17 10.94 -12.62
CA ASP H 93 -32.55 12.20 -12.21
C ASP H 93 -32.79 12.41 -10.72
N ILE H 94 -31.71 12.71 -10.00
CA ILE H 94 -31.78 12.95 -8.56
C ILE H 94 -31.71 14.45 -8.31
N ALA H 95 -32.43 14.91 -7.29
CA ALA H 95 -32.43 16.32 -6.93
C ALA H 95 -32.41 16.44 -5.41
N ILE H 96 -31.40 17.12 -4.89
CA ILE H 96 -31.27 17.38 -3.46
C ILE H 96 -31.36 18.89 -3.26
N SER H 97 -32.29 19.32 -2.43
CA SER H 97 -32.55 20.72 -2.20
C SER H 97 -32.45 21.06 -0.72
N LEU H 98 -31.80 22.18 -0.42
CA LEU H 98 -31.74 22.71 0.94
C LEU H 98 -32.92 23.64 1.15
N THR H 99 -33.73 23.35 2.17
CA THR H 99 -34.94 24.11 2.44
C THR H 99 -34.74 25.04 3.63
N ASN H 100 -35.75 25.87 3.87
CA ASN H 100 -35.75 26.75 5.03
C ASN H 100 -36.21 25.95 6.26
N GLU H 101 -36.41 26.63 7.37
CA GLU H 101 -36.78 25.94 8.61
C GLU H 101 -38.14 25.28 8.48
N ALA H 102 -39.14 26.04 8.04
CA ALA H 102 -40.49 25.50 7.93
C ALA H 102 -40.63 24.49 6.80
N GLY H 103 -39.65 24.43 5.89
CA GLY H 103 -39.72 23.49 4.78
C GLY H 103 -40.65 23.88 3.66
N THR H 104 -41.10 25.12 3.62
CA THR H 104 -42.02 25.60 2.59
C THR H 104 -41.31 26.33 1.46
N GLU H 105 -39.98 26.43 1.49
CA GLU H 105 -39.24 27.15 0.47
C GLU H 105 -37.92 26.44 0.22
N ILE H 106 -37.42 26.58 -1.01
CA ILE H 106 -36.16 25.98 -1.43
C ILE H 106 -35.12 27.08 -1.54
N LEU H 107 -33.96 26.86 -0.94
CA LEU H 107 -32.86 27.83 -0.97
C LEU H 107 -31.78 27.47 -1.97
N MET H 108 -31.46 26.19 -2.12
CA MET H 108 -30.44 25.74 -3.06
C MET H 108 -30.78 24.34 -3.52
N THR H 109 -30.40 24.02 -4.75
CA THR H 109 -30.73 22.73 -5.35
C THR H 109 -29.49 22.12 -5.99
N TRP H 110 -29.32 20.81 -5.77
CA TRP H 110 -28.27 20.03 -6.41
C TRP H 110 -28.93 19.10 -7.43
N ASN H 111 -28.60 19.29 -8.71
CA ASN H 111 -29.22 18.54 -9.79
C ASN H 111 -28.26 17.45 -10.27
N VAL H 112 -28.73 16.22 -10.27
CA VAL H 112 -27.95 15.07 -10.72
C VAL H 112 -28.72 14.40 -11.85
N ALA H 113 -28.04 14.16 -12.97
CA ALA H 113 -28.68 13.69 -14.19
C ALA H 113 -28.18 12.30 -14.55
N ASN H 114 -29.12 11.43 -14.93
CA ASN H 114 -28.83 10.09 -15.46
C ASN H 114 -28.01 9.27 -14.46
N ALA H 115 -28.62 8.98 -13.32
CA ALA H 115 -28.00 8.16 -12.28
C ALA H 115 -28.64 6.78 -12.28
N PHE H 116 -27.80 5.75 -12.25
CA PHE H 116 -28.26 4.37 -12.18
C PHE H 116 -27.52 3.63 -11.08
N PRO H 117 -28.14 2.63 -10.46
CA PRO H 117 -27.52 1.95 -9.33
C PRO H 117 -26.36 1.06 -9.76
N THR H 118 -25.32 1.03 -8.93
CA THR H 118 -24.20 0.13 -9.14
C THR H 118 -23.91 -0.78 -7.95
N SER H 119 -24.46 -0.48 -6.77
CA SER H 119 -24.18 -1.27 -5.59
C SER H 119 -25.30 -1.07 -4.58
N PHE H 120 -25.64 -2.15 -3.87
CA PHE H 120 -26.64 -2.11 -2.80
C PHE H 120 -26.07 -2.80 -1.58
N THR H 121 -26.19 -2.15 -0.43
CA THR H 121 -25.69 -2.68 0.83
C THR H 121 -26.84 -2.96 1.78
N SER H 122 -26.99 -4.20 2.20
CA SER H 122 -28.02 -4.59 3.15
C SER H 122 -27.58 -4.26 4.58
N PRO H 123 -28.53 -4.22 5.51
CA PRO H 123 -28.15 -3.98 6.91
C PRO H 123 -27.23 -5.08 7.43
N SER H 124 -26.30 -4.67 8.30
CA SER H 124 -25.42 -5.62 8.98
C SER H 124 -26.16 -6.12 10.21
N PHE H 125 -26.69 -7.34 10.13
CA PHE H 125 -27.52 -7.89 11.19
C PHE H 125 -26.63 -8.22 12.39
N ASP H 126 -26.83 -7.49 13.49
CA ASP H 126 -26.07 -7.66 14.71
C ASP H 126 -27.05 -7.89 15.85
N ALA H 127 -27.03 -9.09 16.43
CA ALA H 127 -27.92 -9.41 17.52
C ALA H 127 -27.53 -8.75 18.83
N THR H 128 -26.33 -8.18 18.91
CA THR H 128 -25.85 -7.53 20.11
C THR H 128 -26.01 -6.01 20.06
N SER H 129 -26.69 -5.49 19.04
CA SER H 129 -26.84 -4.06 18.85
C SER H 129 -28.30 -3.66 18.99
N ASN H 130 -28.53 -2.44 19.47
CA ASN H 130 -29.86 -1.90 19.67
C ASN H 130 -30.23 -0.84 18.63
N GLU H 131 -29.42 -0.69 17.58
CA GLU H 131 -29.65 0.35 16.60
C GLU H 131 -30.65 -0.11 15.54
N ILE H 132 -30.93 0.77 14.59
CA ILE H 132 -31.90 0.53 13.53
C ILE H 132 -31.18 -0.10 12.34
N ALA H 133 -31.92 -0.94 11.61
CA ALA H 133 -31.39 -1.53 10.38
C ALA H 133 -31.43 -0.49 9.27
N VAL H 134 -30.32 -0.37 8.55
CA VAL H 134 -30.13 0.69 7.57
C VAL H 134 -29.56 0.09 6.29
N GLN H 135 -30.13 0.49 5.16
CA GLN H 135 -29.66 0.06 3.84
C GLN H 135 -28.95 1.21 3.14
N GLU H 136 -28.18 0.86 2.11
CA GLU H 136 -27.40 1.84 1.37
C GLU H 136 -27.39 1.50 -0.11
N ILE H 137 -27.32 2.53 -0.95
CA ILE H 137 -27.27 2.37 -2.40
C ILE H 137 -26.24 3.33 -2.96
N ALA H 138 -25.51 2.88 -3.98
CA ALA H 138 -24.50 3.68 -4.64
C ALA H 138 -24.90 3.89 -6.10
N LEU H 139 -24.85 5.14 -6.56
CA LEU H 139 -25.25 5.49 -7.91
C LEU H 139 -24.10 6.12 -8.67
N THR H 140 -24.07 5.87 -9.98
CA THR H 140 -23.14 6.50 -10.90
C THR H 140 -23.93 7.40 -11.83
N ALA H 141 -23.53 8.66 -11.92
CA ALA H 141 -24.26 9.65 -12.69
C ALA H 141 -23.35 10.31 -13.73
N ASP H 142 -23.91 11.28 -14.44
CA ASP H 142 -23.21 11.96 -15.52
C ASP H 142 -22.59 13.29 -15.09
N ARG H 143 -23.36 14.12 -14.39
CA ARG H 143 -22.93 15.49 -14.11
C ARG H 143 -23.84 16.07 -13.04
N VAL H 144 -23.26 16.88 -12.15
CA VAL H 144 -24.02 17.54 -11.10
C VAL H 144 -23.97 19.04 -11.35
N THR H 145 -25.07 19.71 -10.98
CA THR H 145 -25.20 21.15 -11.17
C THR H 145 -25.91 21.74 -9.95
N ILE H 146 -25.37 22.86 -9.46
CA ILE H 146 -25.91 23.55 -8.30
C ILE H 146 -26.60 24.82 -8.78
N GLN H 147 -27.87 24.96 -8.45
CA GLN H 147 -28.67 26.11 -8.84
C GLN H 147 -29.21 26.79 -7.59
N ALA H 148 -29.06 28.11 -7.51
CA ALA H 148 -29.52 28.88 -6.38
C ALA H 148 -30.95 29.33 -6.62
N ALA H 149 -31.86 28.95 -5.72
CA ALA H 149 -33.26 29.31 -5.87
C ALA H 149 -33.51 30.71 -5.32
N GLU I 6 18.47 46.07 30.42
CA GLU I 6 17.15 46.15 31.05
C GLU I 6 16.05 46.14 30.00
N GLN I 7 14.81 45.94 30.45
CA GLN I 7 13.61 46.01 29.61
C GLN I 7 13.70 45.00 28.45
N ILE I 8 13.69 43.72 28.84
CA ILE I 8 13.70 42.64 27.86
C ILE I 8 12.37 42.63 27.11
N ALA I 9 12.43 42.60 25.80
CA ALA I 9 11.24 42.65 24.94
C ALA I 9 10.92 41.26 24.42
N VAL I 10 9.65 40.88 24.52
CA VAL I 10 9.17 39.57 24.11
C VAL I 10 8.04 39.75 23.11
N GLU I 11 8.06 38.96 22.04
CA GLU I 11 7.02 38.99 21.02
C GLU I 11 6.46 37.59 20.82
N TYR I 12 5.14 37.51 20.66
CA TYR I 12 4.46 36.24 20.47
C TYR I 12 4.00 36.08 19.02
N PRO I 13 3.89 34.85 18.53
CA PRO I 13 3.47 34.65 17.14
C PRO I 13 2.03 35.06 16.91
N ILE I 14 1.74 35.41 15.67
CA ILE I 14 0.40 35.86 15.27
C ILE I 14 -0.58 34.71 15.40
N PRO I 15 -1.79 34.94 15.95
CA PRO I 15 -2.81 33.88 15.94
C PRO I 15 -3.20 33.50 14.52
N THR I 16 -3.60 32.24 14.36
CA THR I 16 -3.84 31.69 13.04
C THR I 16 -5.22 32.02 12.49
N TYR I 17 -6.10 32.65 13.26
CA TYR I 17 -7.45 32.96 12.81
C TYR I 17 -7.60 34.38 12.27
N ARG I 18 -6.56 35.21 12.36
CA ARG I 18 -6.66 36.60 11.92
C ARG I 18 -6.12 36.74 10.50
N PHE I 19 -6.92 36.28 9.54
CA PHE I 19 -6.52 36.34 8.14
C PHE I 19 -7.69 36.81 7.29
N VAL I 20 -7.35 37.35 6.12
CA VAL I 20 -8.32 37.83 5.15
C VAL I 20 -7.95 37.29 3.78
N VAL I 21 -8.95 36.81 3.04
CA VAL I 21 -8.74 36.17 1.74
C VAL I 21 -9.42 37.00 0.67
N SER I 22 -8.71 37.25 -0.43
CA SER I 22 -9.27 37.90 -1.60
C SER I 22 -9.02 37.02 -2.82
N VAL I 23 -10.07 36.76 -3.59
CA VAL I 23 -9.99 35.96 -4.80
C VAL I 23 -10.22 36.89 -5.98
N GLY I 24 -9.24 36.96 -6.89
CA GLY I 24 -9.32 37.90 -7.98
C GLY I 24 -9.16 39.33 -7.47
N ASP I 25 -10.26 40.09 -7.49
CA ASP I 25 -10.26 41.44 -6.97
C ASP I 25 -11.33 41.67 -5.91
N GLU I 26 -11.97 40.60 -5.44
CA GLU I 26 -13.02 40.71 -4.43
C GLU I 26 -12.64 39.89 -3.20
N GLN I 27 -13.13 40.33 -2.05
CA GLN I 27 -12.84 39.68 -0.77
C GLN I 27 -13.98 38.73 -0.43
N ILE I 28 -13.63 37.49 -0.11
CA ILE I 28 -14.59 36.44 0.18
C ILE I 28 -14.29 35.89 1.56
N PRO I 29 -15.26 35.85 2.48
CA PRO I 29 -15.01 35.31 3.83
C PRO I 29 -14.95 33.79 3.82
N PHE I 30 -13.75 33.25 4.00
CA PHE I 30 -13.55 31.81 4.00
C PHE I 30 -13.43 31.29 5.44
N ASN I 31 -13.53 29.96 5.55
CA ASN I 31 -13.42 29.28 6.83
C ASN I 31 -12.07 28.66 7.08
N ASN I 32 -11.37 28.22 6.02
CA ASN I 32 -10.13 27.49 6.17
C ASN I 32 -9.36 27.55 4.86
N VAL I 33 -8.06 27.82 4.94
CA VAL I 33 -7.17 27.84 3.78
C VAL I 33 -5.92 27.05 4.13
N SER I 34 -5.53 26.14 3.24
CA SER I 34 -4.38 25.28 3.49
C SER I 34 -3.75 24.88 2.18
N GLY I 35 -2.49 24.44 2.26
CA GLY I 35 -1.76 23.95 1.11
C GLY I 35 -0.81 24.92 0.46
N LEU I 36 -0.47 26.03 1.13
CA LEU I 36 0.42 27.04 0.56
C LEU I 36 1.89 26.66 0.78
N ASP I 37 2.28 25.54 0.18
CA ASP I 37 3.60 24.96 0.38
C ASP I 37 4.43 25.08 -0.89
N VAL I 38 5.73 25.31 -0.71
CA VAL I 38 6.70 25.33 -1.80
C VAL I 38 7.52 24.05 -1.71
N HIS I 39 7.64 23.33 -2.82
CA HIS I 39 8.36 22.07 -2.85
C HIS I 39 9.35 22.06 -4.01
N TYR I 40 10.55 21.56 -3.75
CA TYR I 40 11.59 21.43 -4.75
C TYR I 40 12.07 19.99 -4.78
N ASP I 41 12.30 19.47 -5.98
CA ASP I 41 12.92 18.16 -6.11
C ASP I 41 14.41 18.27 -5.81
N VAL I 42 15.02 17.12 -5.52
CA VAL I 42 16.44 17.05 -5.20
C VAL I 42 17.12 16.20 -6.26
N ILE I 43 18.13 16.78 -6.91
CA ILE I 43 18.92 16.09 -7.92
C ILE I 43 20.23 15.65 -7.29
N GLU I 44 20.57 14.38 -7.45
CA GLU I 44 21.76 13.80 -6.83
C GLU I 44 22.67 13.20 -7.89
N TYR I 45 23.97 13.44 -7.75
CA TYR I 45 24.99 12.83 -8.59
C TYR I 45 26.10 12.31 -7.70
N LYS I 46 26.57 11.10 -8.00
CA LYS I 46 27.59 10.43 -7.20
C LYS I 46 28.79 10.08 -8.07
N ASP I 47 29.98 10.29 -7.52
CA ASP I 47 31.23 9.94 -8.18
C ASP I 47 31.83 8.69 -7.55
N GLY I 48 32.70 8.03 -8.31
CA GLY I 48 33.34 6.84 -7.80
C GLY I 48 34.36 7.10 -6.70
N ILE I 49 34.91 8.32 -6.65
CA ILE I 49 35.92 8.66 -5.65
C ILE I 49 35.31 9.14 -4.35
N GLY I 50 33.99 9.28 -4.26
CA GLY I 50 33.33 9.67 -3.03
C GLY I 50 32.59 10.99 -3.09
N ASN I 51 32.55 11.68 -4.23
CA ASN I 51 31.81 12.92 -4.32
C ASN I 51 30.30 12.64 -4.35
N TYR I 52 29.54 13.48 -3.66
CA TYR I 52 28.09 13.34 -3.56
C TYR I 52 27.49 14.74 -3.70
N TYR I 53 27.02 15.07 -4.90
CA TYR I 53 26.45 16.38 -5.16
C TYR I 53 24.94 16.34 -5.00
N LYS I 54 24.40 17.27 -4.21
CA LYS I 54 22.96 17.44 -4.05
C LYS I 54 22.62 18.90 -4.31
N MET I 55 21.65 19.13 -5.19
CA MET I 55 21.25 20.46 -5.57
C MET I 55 19.74 20.51 -5.72
N PRO I 56 19.13 21.69 -5.60
CA PRO I 56 17.69 21.80 -5.83
C PRO I 56 17.34 21.46 -7.28
N GLY I 57 16.15 20.89 -7.46
CA GLY I 57 15.69 20.51 -8.78
C GLY I 57 14.62 21.44 -9.32
N GLN I 58 13.55 20.87 -9.85
CA GLN I 58 12.45 21.65 -10.42
C GLN I 58 11.41 21.96 -9.36
N ARG I 59 10.92 23.20 -9.38
CA ARG I 59 9.87 23.59 -8.44
C ARG I 59 8.53 22.98 -8.88
N GLN I 60 7.75 22.54 -7.90
CA GLN I 60 6.46 21.93 -8.18
C GLN I 60 5.35 22.97 -8.14
N SER I 61 4.20 22.59 -8.70
CA SER I 61 3.04 23.46 -8.70
C SER I 61 2.41 23.49 -7.30
N ILE I 62 1.51 24.45 -7.11
CA ILE I 62 0.87 24.69 -5.82
C ILE I 62 -0.54 24.11 -5.85
N ASN I 63 -0.91 23.39 -4.79
CA ASN I 63 -2.26 22.87 -4.61
C ASN I 63 -2.85 23.49 -3.35
N ILE I 64 -3.98 24.17 -3.51
CA ILE I 64 -4.60 24.93 -2.44
C ILE I 64 -6.06 24.51 -2.33
N THR I 65 -6.51 24.28 -1.10
CA THR I 65 -7.90 23.95 -0.81
C THR I 65 -8.51 25.01 0.08
N LEU I 66 -9.63 25.59 -0.37
CA LEU I 66 -10.35 26.59 0.39
C LEU I 66 -11.71 26.05 0.80
N ARG I 67 -12.11 26.34 2.03
CA ARG I 67 -13.28 25.74 2.64
C ARG I 67 -14.14 26.83 3.27
N LYS I 68 -15.44 26.77 3.04
CA LYS I 68 -16.36 27.78 3.57
C LYS I 68 -17.76 27.21 3.61
N GLY I 69 -18.61 27.84 4.43
CA GLY I 69 -19.99 27.43 4.54
C GLY I 69 -20.82 27.87 3.35
N VAL I 70 -22.04 27.34 3.28
CA VAL I 70 -22.97 27.64 2.20
C VAL I 70 -24.01 28.62 2.70
N PHE I 71 -24.29 29.64 1.89
CA PHE I 71 -25.22 30.69 2.23
C PHE I 71 -26.26 30.83 1.13
N PRO I 72 -27.46 31.30 1.46
CA PRO I 72 -28.50 31.45 0.42
C PRO I 72 -28.07 32.42 -0.67
N GLY I 73 -28.40 32.07 -1.91
CA GLY I 73 -28.07 32.91 -3.04
C GLY I 73 -26.58 33.14 -3.23
N ASP I 74 -25.78 32.08 -3.06
CA ASP I 74 -24.32 32.20 -3.16
C ASP I 74 -23.80 30.95 -3.86
N THR I 75 -23.39 31.11 -5.13
CA THR I 75 -22.82 30.01 -5.89
C THR I 75 -21.64 30.47 -6.74
N LYS I 76 -20.87 31.44 -6.25
CA LYS I 76 -19.77 31.98 -7.03
C LYS I 76 -18.70 30.93 -7.33
N LEU I 77 -18.36 30.12 -6.32
CA LEU I 77 -17.32 29.11 -6.53
C LEU I 77 -17.76 28.05 -7.53
N PHE I 78 -19.01 27.59 -7.43
CA PHE I 78 -19.48 26.62 -8.40
C PHE I 78 -19.63 27.22 -9.78
N ASP I 79 -19.99 28.50 -9.87
CA ASP I 79 -20.02 29.16 -11.17
C ASP I 79 -18.61 29.24 -11.76
N TRP I 80 -17.61 29.47 -10.92
CA TRP I 80 -16.23 29.50 -11.40
C TRP I 80 -15.79 28.15 -11.93
N ILE I 81 -16.07 27.08 -11.18
CA ILE I 81 -15.64 25.75 -11.63
C ILE I 81 -16.46 25.29 -12.82
N ASN I 82 -17.71 25.73 -12.93
CA ASN I 82 -18.62 25.28 -13.99
C ASN I 82 -18.38 25.97 -15.32
N SER I 83 -17.61 27.06 -15.34
CA SER I 83 -17.36 27.80 -16.57
C SER I 83 -16.22 27.23 -17.40
N ILE I 84 -15.81 26.00 -17.13
CA ILE I 84 -14.69 25.39 -17.85
C ILE I 84 -15.17 24.87 -19.19
N GLN I 85 -14.48 25.25 -20.26
CA GLN I 85 -14.74 24.75 -21.60
C GLN I 85 -13.43 24.19 -22.14
N LEU I 86 -13.38 22.86 -22.27
CA LEU I 86 -12.16 22.16 -22.67
C LEU I 86 -11.00 22.54 -21.75
N ASN I 87 -10.00 23.25 -22.29
CA ASN I 87 -8.86 23.70 -21.51
C ASN I 87 -8.94 25.17 -21.15
N GLN I 88 -10.06 25.83 -21.43
CA GLN I 88 -10.21 27.25 -21.21
C GLN I 88 -10.90 27.51 -19.88
N VAL I 89 -10.28 28.35 -19.05
CA VAL I 89 -10.84 28.72 -17.76
C VAL I 89 -10.26 30.07 -17.38
N GLU I 90 -11.03 30.83 -16.59
CA GLU I 90 -10.56 32.13 -16.11
C GLU I 90 -9.67 31.91 -14.90
N LYS I 91 -8.43 32.38 -14.98
CA LYS I 91 -7.45 32.25 -13.91
C LYS I 91 -7.38 33.54 -13.11
N LYS I 92 -7.35 33.41 -11.78
CA LYS I 92 -7.34 34.55 -10.89
C LYS I 92 -6.17 34.43 -9.93
N ASP I 93 -5.83 35.55 -9.30
CA ASP I 93 -4.77 35.61 -8.30
C ASP I 93 -5.39 35.65 -6.91
N ILE I 94 -4.90 34.80 -6.03
CA ILE I 94 -5.38 34.73 -4.65
C ILE I 94 -4.41 35.49 -3.76
N ALA I 95 -4.91 36.01 -2.64
CA ALA I 95 -4.08 36.72 -1.68
C ALA I 95 -4.64 36.49 -0.29
N ILE I 96 -3.85 35.84 0.57
CA ILE I 96 -4.21 35.60 1.96
C ILE I 96 -3.26 36.42 2.82
N SER I 97 -3.81 37.30 3.66
CA SER I 97 -3.03 38.22 4.47
C SER I 97 -3.35 38.04 5.94
N LEU I 98 -2.32 38.05 6.78
CA LEU I 98 -2.48 38.03 8.21
C LEU I 98 -2.59 39.47 8.71
N THR I 99 -3.66 39.77 9.43
CA THR I 99 -3.93 41.12 9.90
C THR I 99 -3.69 41.24 11.40
N ASN I 100 -3.78 42.46 11.89
CA ASN I 100 -3.68 42.71 13.32
C ASN I 100 -5.03 42.42 13.99
N GLU I 101 -5.10 42.71 15.28
CA GLU I 101 -6.32 42.43 16.04
C GLU I 101 -7.50 43.23 15.50
N ALA I 102 -7.32 44.55 15.37
CA ALA I 102 -8.40 45.40 14.90
C ALA I 102 -8.76 45.16 13.44
N GLY I 103 -7.87 44.54 12.67
CA GLY I 103 -8.13 44.29 11.27
C GLY I 103 -7.92 45.49 10.36
N THR I 104 -7.27 46.54 10.83
CA THR I 104 -7.02 47.73 10.04
C THR I 104 -5.61 47.77 9.46
N GLU I 105 -4.79 46.75 9.71
CA GLU I 105 -3.43 46.71 9.20
C GLU I 105 -3.10 45.29 8.74
N ILE I 106 -2.14 45.20 7.83
CA ILE I 106 -1.69 43.93 7.28
C ILE I 106 -0.27 43.68 7.76
N LEU I 107 -0.02 42.48 8.29
CA LEU I 107 1.29 42.10 8.80
C LEU I 107 2.08 41.23 7.83
N MET I 108 1.43 40.27 7.19
CA MET I 108 2.08 39.40 6.23
C MET I 108 1.09 39.04 5.14
N THR I 109 1.61 38.69 3.97
CA THR I 109 0.78 38.39 2.81
C THR I 109 1.32 37.18 2.09
N TRP I 110 0.40 36.28 1.69
CA TRP I 110 0.71 35.13 0.86
C TRP I 110 0.10 35.37 -0.51
N ASN I 111 0.94 35.50 -1.53
CA ASN I 111 0.49 35.82 -2.88
C ASN I 111 0.52 34.55 -3.74
N VAL I 112 -0.62 34.24 -4.34
CA VAL I 112 -0.77 33.07 -5.21
C VAL I 112 -1.20 33.56 -6.58
N ALA I 113 -0.50 33.10 -7.62
CA ALA I 113 -0.68 33.62 -8.96
C ALA I 113 -1.26 32.54 -9.87
N ASN I 114 -2.27 32.92 -10.67
CA ASN I 114 -2.83 32.09 -11.72
C ASN I 114 -3.36 30.75 -11.17
N ALA I 115 -4.38 30.88 -10.33
CA ALA I 115 -5.05 29.74 -9.73
C ALA I 115 -6.37 29.48 -10.44
N PHE I 116 -6.63 28.22 -10.78
CA PHE I 116 -7.88 27.82 -11.41
C PHE I 116 -8.43 26.59 -10.71
N PRO I 117 -9.76 26.46 -10.66
CA PRO I 117 -10.35 25.34 -9.92
C PRO I 117 -10.08 24.00 -10.58
N THR I 118 -9.94 22.97 -9.74
CA THR I 118 -9.80 21.60 -10.22
C THR I 118 -10.81 20.64 -9.60
N SER I 119 -11.35 20.94 -8.42
CA SER I 119 -12.33 20.07 -7.80
C SER I 119 -13.21 20.89 -6.86
N PHE I 120 -14.47 20.47 -6.76
CA PHE I 120 -15.44 21.12 -5.89
C PHE I 120 -16.14 20.05 -5.08
N THR I 121 -16.27 20.27 -3.77
CA THR I 121 -16.87 19.31 -2.85
C THR I 121 -18.11 19.93 -2.25
N SER I 122 -19.25 19.25 -2.43
CA SER I 122 -20.51 19.69 -1.85
C SER I 122 -20.63 19.24 -0.40
N PRO I 123 -21.51 19.87 0.38
CA PRO I 123 -21.70 19.43 1.76
C PRO I 123 -22.20 18.00 1.84
N SER I 124 -21.79 17.31 2.90
CA SER I 124 -22.25 15.96 3.19
C SER I 124 -23.59 16.07 3.92
N PHE I 125 -24.69 15.87 3.19
CA PHE I 125 -26.02 16.01 3.76
C PHE I 125 -26.27 14.88 4.75
N ASP I 126 -26.23 15.21 6.04
CA ASP I 126 -26.43 14.24 7.12
C ASP I 126 -27.63 14.70 7.93
N ALA I 127 -28.72 13.94 7.85
CA ALA I 127 -29.94 14.29 8.58
C ALA I 127 -29.81 14.10 10.09
N THR I 128 -28.77 13.41 10.55
CA THR I 128 -28.57 13.15 11.97
C THR I 128 -27.55 14.10 12.60
N SER I 129 -27.16 15.14 11.89
CA SER I 129 -26.14 16.07 12.38
C SER I 129 -26.75 17.46 12.55
N ASN I 130 -26.22 18.19 13.54
CA ASN I 130 -26.67 19.55 13.84
C ASN I 130 -25.68 20.61 13.37
N GLU I 131 -24.68 20.24 12.58
CA GLU I 131 -23.65 21.17 12.16
C GLU I 131 -24.07 21.93 10.92
N ILE I 132 -23.19 22.82 10.46
CA ILE I 132 -23.47 23.67 9.30
C ILE I 132 -22.98 22.98 8.03
N ALA I 133 -23.69 23.24 6.94
CA ALA I 133 -23.27 22.74 5.63
C ALA I 133 -22.10 23.56 5.12
N VAL I 134 -21.05 22.87 4.68
CA VAL I 134 -19.79 23.51 4.32
C VAL I 134 -19.35 23.00 2.95
N GLN I 135 -18.94 23.91 2.08
CA GLN I 135 -18.46 23.58 0.74
C GLN I 135 -16.95 23.77 0.68
N GLU I 136 -16.33 23.09 -0.27
CA GLU I 136 -14.88 23.12 -0.44
C GLU I 136 -14.52 23.20 -1.91
N ILE I 137 -13.42 23.87 -2.21
CA ILE I 137 -12.91 23.99 -3.57
C ILE I 137 -11.40 23.81 -3.54
N ALA I 138 -10.87 23.14 -4.57
CA ALA I 138 -9.44 22.89 -4.69
C ALA I 138 -8.91 23.59 -5.93
N LEU I 139 -7.82 24.33 -5.78
CA LEU I 139 -7.25 25.10 -6.87
C LEU I 139 -5.82 24.65 -7.14
N THR I 140 -5.39 24.78 -8.39
CA THR I 140 -4.02 24.56 -8.81
C THR I 140 -3.45 25.88 -9.31
N ALA I 141 -2.30 26.28 -8.79
CA ALA I 141 -1.71 27.57 -9.09
C ALA I 141 -0.29 27.38 -9.62
N ASP I 142 0.36 28.51 -9.90
CA ASP I 142 1.71 28.51 -10.48
C ASP I 142 2.80 28.68 -9.43
N ARG I 143 2.69 29.70 -8.57
CA ARG I 143 3.75 30.03 -7.65
C ARG I 143 3.18 30.81 -6.48
N VAL I 144 3.74 30.59 -5.29
CA VAL I 144 3.36 31.34 -4.10
C VAL I 144 4.55 32.19 -3.65
N THR I 145 4.24 33.31 -3.01
CA THR I 145 5.28 34.23 -2.56
C THR I 145 4.79 34.91 -1.29
N ILE I 146 5.67 34.96 -0.29
CA ILE I 146 5.36 35.59 1.00
C ILE I 146 6.03 36.95 1.05
N GLN I 147 5.23 37.98 1.33
CA GLN I 147 5.72 39.35 1.42
C GLN I 147 5.36 39.91 2.79
N ALA I 148 6.37 40.38 3.52
CA ALA I 148 6.17 40.97 4.82
C ALA I 148 5.83 42.45 4.66
N ALA I 149 4.72 42.86 5.26
CA ALA I 149 4.27 44.24 5.17
C ALA I 149 4.90 45.09 6.26
N GLU J 6 29.96 3.87 49.69
CA GLU J 6 29.15 4.99 50.16
C GLU J 6 29.07 6.09 49.10
N GLN J 7 28.11 7.00 49.29
CA GLN J 7 27.94 8.16 48.41
C GLN J 7 27.70 7.74 46.96
N ILE J 8 26.58 7.06 46.75
CA ILE J 8 26.19 6.64 45.40
C ILE J 8 25.73 7.85 44.60
N ALA J 9 26.30 8.03 43.42
CA ALA J 9 26.01 9.18 42.57
C ALA J 9 25.06 8.77 41.45
N VAL J 10 24.03 9.57 41.24
CA VAL J 10 23.02 9.31 40.22
C VAL J 10 22.89 10.54 39.33
N GLU J 11 22.83 10.32 38.02
CA GLU J 11 22.70 11.38 37.04
C GLU J 11 21.47 11.13 36.16
N TYR J 12 20.74 12.20 35.86
CA TYR J 12 19.53 12.11 35.06
C TYR J 12 19.76 12.69 33.66
N PRO J 13 19.05 12.20 32.66
CA PRO J 13 19.24 12.71 31.29
C PRO J 13 18.81 14.16 31.14
N ILE J 14 19.40 14.81 30.16
CA ILE J 14 19.12 16.24 29.89
C ILE J 14 17.70 16.40 29.39
N PRO J 15 16.96 17.40 29.86
CA PRO J 15 15.63 17.67 29.30
C PRO J 15 15.73 18.06 27.83
N THR J 16 14.68 17.73 27.07
CA THR J 16 14.71 17.90 25.63
C THR J 16 14.42 19.32 25.16
N TYR J 17 13.96 20.21 26.04
CA TYR J 17 13.62 21.56 25.65
C TYR J 17 14.77 22.55 25.81
N ARG J 18 15.91 22.12 26.34
CA ARG J 18 17.03 23.02 26.59
C ARG J 18 18.03 22.94 25.44
N PHE J 19 17.64 23.51 24.30
CA PHE J 19 18.49 23.49 23.13
C PHE J 19 18.52 24.88 22.47
N VAL J 20 19.60 25.14 21.76
CA VAL J 20 19.82 26.39 21.04
C VAL J 20 20.23 26.06 19.62
N VAL J 21 19.60 26.74 18.65
CA VAL J 21 19.83 26.47 17.23
C VAL J 21 20.47 27.70 16.59
N SER J 22 21.48 27.47 15.75
CA SER J 22 22.10 28.53 14.97
C SER J 22 22.15 28.09 13.50
N VAL J 23 21.70 28.96 12.61
CA VAL J 23 21.72 28.70 11.18
C VAL J 23 22.74 29.63 10.55
N GLY J 24 23.76 29.03 9.91
CA GLY J 24 24.86 29.82 9.39
C GLY J 24 25.71 30.38 10.51
N ASP J 25 25.65 31.69 10.71
CA ASP J 25 26.36 32.35 11.81
C ASP J 25 25.42 33.12 12.73
N GLU J 26 24.11 33.00 12.55
CA GLU J 26 23.14 33.68 13.38
C GLU J 26 22.28 32.66 14.11
N GLN J 27 21.86 33.02 15.32
CA GLN J 27 21.03 32.17 16.16
C GLN J 27 19.57 32.55 15.98
N ILE J 28 18.75 31.56 15.62
CA ILE J 28 17.34 31.75 15.32
C ILE J 28 16.53 30.96 16.34
N PRO J 29 15.59 31.59 17.04
CA PRO J 29 14.78 30.84 18.02
C PRO J 29 13.75 29.94 17.34
N PHE J 30 13.99 28.64 17.36
CA PHE J 30 13.10 27.66 16.75
C PHE J 30 12.21 27.03 17.80
N ASN J 31 11.25 26.24 17.33
CA ASN J 31 10.30 25.56 18.19
C ASN J 31 10.47 24.05 18.23
N ASN J 32 10.94 23.44 17.14
CA ASN J 32 11.08 22.00 17.07
C ASN J 32 12.08 21.64 15.98
N VAL J 33 13.00 20.73 16.28
CA VAL J 33 13.98 20.23 15.33
C VAL J 33 13.95 18.72 15.38
N SER J 34 13.87 18.08 14.20
CA SER J 34 13.78 16.64 14.13
C SER J 34 14.44 16.14 12.85
N GLY J 35 14.78 14.85 12.84
CA GLY J 35 15.31 14.20 11.67
C GLY J 35 16.81 14.00 11.64
N LEU J 36 17.53 14.36 12.71
CA LEU J 36 18.98 14.24 12.74
C LEU J 36 19.35 12.77 12.96
N ASP J 37 19.24 11.99 11.89
CA ASP J 37 19.48 10.57 11.95
C ASP J 37 20.59 10.18 10.97
N VAL J 38 21.43 9.25 11.40
CA VAL J 38 22.47 8.66 10.55
C VAL J 38 22.01 7.28 10.13
N HIS J 39 22.05 7.03 8.82
CA HIS J 39 21.58 5.75 8.28
C HIS J 39 22.64 5.17 7.35
N TYR J 40 22.86 3.87 7.48
CA TYR J 40 23.77 3.13 6.62
C TYR J 40 23.02 1.97 5.97
N ASP J 41 23.30 1.75 4.70
CA ASP J 41 22.77 0.56 4.04
C ASP J 41 23.56 -0.68 4.48
N VAL J 42 22.96 -1.84 4.29
CA VAL J 42 23.57 -3.11 4.66
C VAL J 42 23.82 -3.92 3.41
N ILE J 43 25.06 -4.34 3.21
CA ILE J 43 25.46 -5.16 2.07
C ILE J 43 25.62 -6.59 2.56
N GLU J 44 25.00 -7.54 1.86
CA GLU J 44 25.00 -8.93 2.25
C GLU J 44 25.55 -9.79 1.13
N TYR J 45 26.40 -10.77 1.49
CA TYR J 45 26.91 -11.76 0.56
C TYR J 45 26.79 -13.13 1.20
N LYS J 46 26.30 -14.09 0.41
CA LYS J 46 26.06 -15.45 0.90
C LYS J 46 26.84 -16.44 0.05
N ASP J 47 27.52 -17.37 0.73
CA ASP J 47 28.23 -18.45 0.07
C ASP J 47 27.40 -19.72 0.12
N GLY J 48 27.78 -20.67 -0.74
CA GLY J 48 27.08 -21.95 -0.77
C GLY J 48 27.36 -22.84 0.42
N ILE J 49 28.46 -22.59 1.13
CA ILE J 49 28.84 -23.43 2.27
C ILE J 49 28.32 -22.89 3.59
N GLY J 50 27.58 -21.77 3.57
CA GLY J 50 26.97 -21.24 4.77
C GLY J 50 27.53 -19.91 5.24
N ASN J 51 28.51 -19.34 4.56
CA ASN J 51 29.01 -18.03 4.94
C ASN J 51 27.97 -16.96 4.64
N TYR J 52 27.82 -16.02 5.58
CA TYR J 52 26.84 -14.94 5.46
C TYR J 52 27.52 -13.66 5.94
N TYR J 53 28.09 -12.93 4.99
CA TYR J 53 28.82 -11.70 5.28
C TYR J 53 27.87 -10.51 5.29
N LYS J 54 27.92 -9.72 6.36
CA LYS J 54 27.15 -8.49 6.47
C LYS J 54 28.09 -7.36 6.84
N MET J 55 28.02 -6.26 6.09
CA MET J 55 28.88 -5.11 6.30
C MET J 55 28.08 -3.84 6.04
N PRO J 56 28.50 -2.72 6.63
CA PRO J 56 27.83 -1.45 6.32
C PRO J 56 28.02 -1.06 4.86
N GLY J 57 27.03 -0.37 4.33
CA GLY J 57 27.08 0.08 2.95
C GLY J 57 27.37 1.55 2.80
N GLN J 58 26.57 2.24 1.99
CA GLN J 58 26.75 3.66 1.76
C GLN J 58 25.92 4.48 2.75
N ARG J 59 26.51 5.55 3.25
CA ARG J 59 25.79 6.44 4.15
C ARG J 59 24.77 7.27 3.38
N GLN J 60 23.58 7.42 3.97
CA GLN J 60 22.52 8.18 3.35
C GLN J 60 22.60 9.65 3.74
N SER J 61 21.97 10.49 2.93
CA SER J 61 21.93 11.91 3.21
C SER J 61 20.98 12.21 4.38
N ILE J 62 21.12 13.41 4.94
CA ILE J 62 20.38 13.82 6.12
C ILE J 62 19.16 14.63 5.69
N ASN J 63 18.04 14.41 6.38
CA ASN J 63 16.81 15.17 6.17
C ASN J 63 16.39 15.77 7.49
N ILE J 64 16.25 17.10 7.54
CA ILE J 64 15.99 17.83 8.77
C ILE J 64 14.81 18.75 8.55
N THR J 65 13.87 18.75 9.49
CA THR J 65 12.72 19.64 9.47
C THR J 65 12.78 20.56 10.68
N LEU J 66 12.71 21.87 10.45
CA LEU J 66 12.72 22.87 11.50
C LEU J 66 11.38 23.59 11.53
N ARG J 67 10.84 23.77 12.74
CA ARG J 67 9.49 24.30 12.92
C ARG J 67 9.54 25.49 13.85
N LYS J 68 8.85 26.57 13.48
CA LYS J 68 8.81 27.77 14.31
C LYS J 68 7.59 28.59 13.92
N GLY J 69 7.18 29.46 14.85
CA GLY J 69 6.04 30.33 14.61
C GLY J 69 6.37 31.50 13.71
N VAL J 70 5.33 32.19 13.26
CA VAL J 70 5.47 33.34 12.38
C VAL J 70 5.39 34.61 13.21
N PHE J 71 6.26 35.56 12.90
CA PHE J 71 6.34 36.83 13.61
C PHE J 71 6.31 37.98 12.62
N PRO J 72 5.81 39.14 13.03
CA PRO J 72 5.77 40.28 12.09
C PRO J 72 7.16 40.64 11.59
N GLY J 73 7.24 40.93 10.31
CA GLY J 73 8.51 41.30 9.70
C GLY J 73 9.58 40.23 9.77
N ASP J 74 9.20 38.98 9.56
CA ASP J 74 10.13 37.85 9.67
C ASP J 74 9.88 36.90 8.49
N THR J 75 10.76 36.96 7.49
CA THR J 75 10.66 36.08 6.34
C THR J 75 12.02 35.55 5.91
N LYS J 76 12.94 35.36 6.86
CA LYS J 76 14.29 34.92 6.52
C LYS J 76 14.28 33.54 5.87
N LEU J 77 13.47 32.62 6.41
CA LEU J 77 13.44 31.27 5.86
C LEU J 77 12.87 31.25 4.45
N PHE J 78 11.79 32.00 4.20
CA PHE J 78 11.23 32.05 2.85
C PHE J 78 12.16 32.78 1.90
N ASP J 79 12.88 33.79 2.37
CA ASP J 79 13.89 34.43 1.52
C ASP J 79 15.00 33.45 1.18
N TRP J 80 15.38 32.59 2.12
CA TRP J 80 16.39 31.58 1.84
C TRP J 80 15.91 30.60 0.78
N ILE J 81 14.69 30.07 0.94
CA ILE J 81 14.22 29.09 -0.03
C ILE J 81 13.94 29.74 -1.38
N ASN J 82 13.53 31.01 -1.39
CA ASN J 82 13.15 31.69 -2.63
C ASN J 82 14.34 32.12 -3.47
N SER J 83 15.55 32.10 -2.91
CA SER J 83 16.75 32.53 -3.63
C SER J 83 17.30 31.46 -4.54
N ILE J 84 16.57 30.38 -4.79
CA ILE J 84 17.05 29.29 -5.62
C ILE J 84 16.94 29.69 -7.08
N GLN J 85 18.04 29.55 -7.82
CA GLN J 85 18.06 29.75 -9.27
C GLN J 85 18.66 28.50 -9.90
N LEU J 86 17.84 27.74 -10.62
CA LEU J 86 18.23 26.44 -11.17
C LEU J 86 18.75 25.54 -10.07
N ASN J 87 20.05 25.21 -10.10
CA ASN J 87 20.66 24.37 -9.09
C ASN J 87 21.54 25.15 -8.12
N GLN J 88 21.49 26.49 -8.17
CA GLN J 88 22.33 27.32 -7.33
C GLN J 88 21.56 27.77 -6.10
N VAL J 89 22.15 27.53 -4.93
CA VAL J 89 21.55 27.94 -3.66
C VAL J 89 22.68 28.08 -2.66
N GLU J 90 22.48 28.97 -1.69
CA GLU J 90 23.47 29.17 -0.63
C GLU J 90 23.29 28.07 0.42
N LYS J 91 24.35 27.30 0.67
CA LYS J 91 24.33 26.23 1.65
C LYS J 91 24.93 26.72 2.95
N LYS J 92 24.27 26.41 4.06
CA LYS J 92 24.69 26.86 5.37
C LYS J 92 24.91 25.67 6.30
N ASP J 93 25.61 25.93 7.40
CA ASP J 93 25.84 24.93 8.43
C ASP J 93 24.90 25.16 9.60
N ILE J 94 24.33 24.09 10.12
CA ILE J 94 23.39 24.13 11.23
C ILE J 94 24.05 23.51 12.45
N ALA J 95 23.84 24.12 13.61
CA ALA J 95 24.39 23.62 14.86
C ALA J 95 23.31 23.69 15.94
N ILE J 96 22.93 22.54 16.48
CA ILE J 96 21.97 22.44 17.57
C ILE J 96 22.73 21.96 18.80
N SER J 97 22.64 22.73 19.88
CA SER J 97 23.40 22.47 21.09
C SER J 97 22.47 22.31 22.29
N LEU J 98 22.74 21.31 23.11
CA LEU J 98 22.03 21.12 24.38
C LEU J 98 22.75 21.90 25.46
N THR J 99 22.05 22.79 26.13
CA THR J 99 22.64 23.67 27.13
C THR J 99 22.25 23.24 28.54
N ASN J 100 22.84 23.91 29.52
CA ASN J 100 22.50 23.67 30.91
C ASN J 100 21.23 24.44 31.26
N GLU J 101 20.85 24.40 32.55
CA GLU J 101 19.62 25.06 32.97
C GLU J 101 19.70 26.57 32.77
N ALA J 102 20.84 27.17 33.13
CA ALA J 102 20.98 28.62 33.01
C ALA J 102 21.18 29.08 31.58
N GLY J 103 21.53 28.17 30.67
CA GLY J 103 21.78 28.54 29.29
C GLY J 103 23.11 29.21 29.05
N THR J 104 24.05 29.10 29.99
CA THR J 104 25.36 29.71 29.86
C THR J 104 26.46 28.71 29.53
N GLU J 105 26.13 27.43 29.43
CA GLU J 105 27.11 26.41 29.12
C GLU J 105 26.52 25.41 28.13
N ILE J 106 27.34 24.95 27.21
CA ILE J 106 26.92 23.97 26.21
C ILE J 106 27.35 22.59 26.68
N LEU J 107 26.43 21.62 26.62
CA LEU J 107 26.71 20.26 27.05
C LEU J 107 26.98 19.32 25.88
N MET J 108 26.10 19.32 24.88
CA MET J 108 26.27 18.49 23.69
C MET J 108 25.92 19.31 22.46
N THR J 109 26.57 18.99 21.35
CA THR J 109 26.41 19.75 20.12
C THR J 109 26.16 18.80 18.95
N TRP J 110 25.18 19.15 18.12
CA TRP J 110 24.91 18.44 16.88
C TRP J 110 25.33 19.32 15.72
N ASN J 111 26.24 18.83 14.90
CA ASN J 111 26.79 19.61 13.79
C ASN J 111 26.23 19.11 12.47
N VAL J 112 25.68 20.02 11.68
CA VAL J 112 25.10 19.71 10.38
C VAL J 112 25.81 20.56 9.33
N ALA J 113 26.28 19.91 8.27
CA ALA J 113 27.11 20.55 7.27
C ALA J 113 26.40 20.63 5.93
N ASN J 114 26.45 21.80 5.30
CA ASN J 114 25.96 22.02 3.94
C ASN J 114 24.48 21.66 3.80
N ALA J 115 23.65 22.40 4.51
CA ALA J 115 22.21 22.22 4.47
C ALA J 115 21.57 23.29 3.59
N PHE J 116 20.69 22.87 2.70
CA PHE J 116 19.95 23.80 1.83
C PHE J 116 18.47 23.43 1.85
N PRO J 117 17.59 24.42 1.71
CA PRO J 117 16.15 24.14 1.81
C PRO J 117 15.64 23.33 0.62
N THR J 118 14.63 22.52 0.88
CA THR J 118 13.94 21.77 -0.16
C THR J 118 12.43 21.96 -0.15
N SER J 119 11.83 22.33 0.97
CA SER J 119 10.39 22.52 1.03
C SER J 119 10.06 23.49 2.16
N PHE J 120 9.05 24.31 1.94
CA PHE J 120 8.57 25.27 2.92
C PHE J 120 7.06 25.06 3.10
N THR J 121 6.62 24.98 4.35
CA THR J 121 5.21 24.77 4.68
C THR J 121 4.66 25.99 5.38
N SER J 122 3.63 26.59 4.81
CA SER J 122 2.99 27.75 5.39
C SER J 122 1.99 27.33 6.47
N PRO J 123 1.62 28.24 7.36
CA PRO J 123 0.60 27.92 8.36
C PRO J 123 -0.72 27.56 7.70
N SER J 124 -1.43 26.61 8.31
CA SER J 124 -2.77 26.25 7.87
C SER J 124 -3.76 27.22 8.51
N PHE J 125 -4.27 28.15 7.72
CA PHE J 125 -5.15 29.20 8.23
C PHE J 125 -6.50 28.58 8.59
N ASP J 126 -6.83 28.59 9.87
CA ASP J 126 -8.07 28.01 10.38
C ASP J 126 -8.81 29.09 11.17
N ALA J 127 -9.96 29.52 10.66
CA ALA J 127 -10.75 30.53 11.34
C ALA J 127 -11.45 30.01 12.58
N THR J 128 -11.46 28.70 12.79
CA THR J 128 -12.11 28.09 13.94
C THR J 128 -11.12 27.69 15.03
N SER J 129 -9.85 28.09 14.91
CA SER J 129 -8.81 27.68 15.83
C SER J 129 -8.25 28.89 16.57
N ASN J 130 -7.82 28.66 17.81
CA ASN J 130 -7.24 29.69 18.65
C ASN J 130 -5.72 29.52 18.80
N GLU J 131 -5.10 28.64 18.02
CA GLU J 131 -3.69 28.35 18.17
C GLU J 131 -2.85 29.39 17.43
N ILE J 132 -1.54 29.23 17.51
CA ILE J 132 -0.59 30.16 16.90
C ILE J 132 -0.23 29.67 15.51
N ALA J 133 -0.07 30.61 14.59
CA ALA J 133 0.36 30.27 13.24
C ALA J 133 1.82 29.87 13.24
N VAL J 134 2.14 28.74 12.61
CA VAL J 134 3.46 28.14 12.67
C VAL J 134 3.90 27.77 11.27
N GLN J 135 5.16 28.06 10.94
CA GLN J 135 5.75 27.72 9.66
C GLN J 135 6.78 26.61 9.82
N GLU J 136 7.03 25.89 8.74
CA GLU J 136 7.97 24.78 8.75
C GLU J 136 8.85 24.82 7.51
N ILE J 137 10.09 24.36 7.67
CA ILE J 137 11.05 24.27 6.57
C ILE J 137 11.77 22.94 6.67
N ALA J 138 12.09 22.35 5.52
CA ALA J 138 12.80 21.09 5.44
C ALA J 138 14.11 21.29 4.71
N LEU J 139 15.19 20.72 5.24
CA LEU J 139 16.52 20.88 4.68
C LEU J 139 17.12 19.52 4.34
N THR J 140 18.00 19.52 3.34
CA THR J 140 18.79 18.36 2.98
C THR J 140 20.26 18.70 3.19
N ALA J 141 20.96 17.86 3.95
CA ALA J 141 22.34 18.14 4.35
C ALA J 141 23.24 16.99 3.92
N ASP J 142 24.54 17.14 4.23
CA ASP J 142 25.54 16.16 3.85
C ASP J 142 25.80 15.14 4.94
N ARG J 143 26.12 15.59 6.14
CA ARG J 143 26.54 14.69 7.20
C ARG J 143 26.32 15.38 8.55
N VAL J 144 25.96 14.60 9.56
CA VAL J 144 25.73 15.10 10.91
C VAL J 144 26.73 14.44 11.85
N THR J 145 27.31 15.24 12.74
CA THR J 145 28.24 14.75 13.76
C THR J 145 27.83 15.30 15.12
N ILE J 146 28.15 14.53 16.16
CA ILE J 146 27.84 14.90 17.54
C ILE J 146 29.16 15.08 18.29
N GLN J 147 29.31 16.24 18.92
CA GLN J 147 30.50 16.57 19.68
C GLN J 147 30.12 16.85 21.12
N ALA J 148 30.78 16.17 22.05
CA ALA J 148 30.53 16.36 23.47
C ALA J 148 31.42 17.49 23.99
N ALA J 149 30.80 18.47 24.64
CA ALA J 149 31.53 19.61 25.17
C ALA J 149 32.09 19.30 26.55
N GLU K 6 -0.86 -32.00 48.51
CA GLU K 6 -0.84 -30.79 49.33
C GLU K 6 0.29 -29.85 48.89
N GLN K 7 0.21 -28.60 49.33
CA GLN K 7 1.23 -27.58 49.10
C GLN K 7 1.47 -27.39 47.60
N ILE K 8 0.43 -26.88 46.94
CA ILE K 8 0.52 -26.56 45.52
C ILE K 8 1.45 -25.36 45.34
N ALA K 9 2.42 -25.51 44.44
CA ALA K 9 3.42 -24.47 44.21
C ALA K 9 3.07 -23.70 42.94
N VAL K 10 3.13 -22.38 43.03
CA VAL K 10 2.79 -21.48 41.93
C VAL K 10 3.96 -20.54 41.69
N GLU K 11 4.31 -20.36 40.42
CA GLU K 11 5.39 -19.46 40.02
C GLU K 11 4.87 -18.44 39.02
N TYR K 12 5.28 -17.18 39.19
CA TYR K 12 4.88 -16.12 38.30
C TYR K 12 6.02 -15.73 37.37
N PRO K 13 5.70 -15.23 36.17
CA PRO K 13 6.75 -14.86 35.22
C PRO K 13 7.59 -13.69 35.72
N ILE K 14 8.81 -13.63 35.21
CA ILE K 14 9.76 -12.59 35.59
C ILE K 14 9.27 -11.24 35.10
N PRO K 15 9.34 -10.18 35.91
CA PRO K 15 9.00 -8.85 35.40
C PRO K 15 9.96 -8.42 34.30
N THR K 16 9.45 -7.62 33.37
CA THR K 16 10.19 -7.27 32.16
C THR K 16 11.24 -6.18 32.39
N TYR K 17 11.25 -5.53 33.54
CA TYR K 17 12.18 -4.44 33.79
C TYR K 17 13.45 -4.87 34.50
N ARG K 18 13.57 -6.14 34.87
CA ARG K 18 14.73 -6.61 35.62
C ARG K 18 15.75 -7.24 34.66
N PHE K 19 16.38 -6.37 33.87
CA PHE K 19 17.36 -6.83 32.89
C PHE K 19 18.61 -5.96 32.93
N VAL K 20 19.73 -6.55 32.52
CA VAL K 20 21.02 -5.87 32.48
C VAL K 20 21.64 -6.13 31.11
N VAL K 21 22.14 -5.07 30.48
CA VAL K 21 22.67 -5.13 29.12
C VAL K 21 24.17 -4.84 29.16
N SER K 22 24.95 -5.67 28.46
CA SER K 22 26.38 -5.45 28.31
C SER K 22 26.72 -5.46 26.83
N VAL K 23 27.47 -4.46 26.39
CA VAL K 23 27.89 -4.33 24.99
C VAL K 23 29.40 -4.52 24.94
N GLY K 24 29.85 -5.49 24.17
CA GLY K 24 31.26 -5.84 24.15
C GLY K 24 31.67 -6.48 25.46
N ASP K 25 32.46 -5.76 26.26
CA ASP K 25 32.85 -6.23 27.57
C ASP K 25 32.56 -5.20 28.66
N GLU K 26 31.68 -4.24 28.39
CA GLU K 26 31.31 -3.21 29.35
C GLU K 26 29.81 -3.15 29.48
N GLN K 27 29.35 -2.76 30.67
CA GLN K 27 27.92 -2.68 30.97
C GLN K 27 27.43 -1.25 30.73
N ILE K 28 26.34 -1.13 29.98
CA ILE K 28 25.76 0.15 29.63
C ILE K 28 24.30 0.17 30.08
N PRO K 29 23.88 1.15 30.89
CA PRO K 29 22.49 1.20 31.34
C PRO K 29 21.56 1.70 30.24
N PHE K 30 20.77 0.79 29.69
CA PHE K 30 19.84 1.11 28.62
C PHE K 30 18.43 1.32 29.15
N ASN K 31 17.55 1.76 28.26
CA ASN K 31 16.16 2.03 28.60
C ASN K 31 15.17 1.07 27.98
N ASN K 32 15.48 0.51 26.81
CA ASN K 32 14.55 -0.36 26.11
C ASN K 32 15.33 -1.16 25.07
N VAL K 33 15.12 -2.48 25.05
CA VAL K 33 15.75 -3.36 24.08
C VAL K 33 14.65 -4.21 23.44
N SER K 34 14.67 -4.29 22.11
CA SER K 34 13.64 -5.03 21.38
C SER K 34 14.22 -5.56 20.08
N GLY K 35 13.53 -6.55 19.51
CA GLY K 35 13.90 -7.09 18.23
C GLY K 35 14.64 -8.41 18.25
N LEU K 36 14.77 -9.05 19.40
CA LEU K 36 15.52 -10.31 19.51
C LEU K 36 14.64 -11.47 19.08
N ASP K 37 14.35 -11.51 17.77
CA ASP K 37 13.47 -12.51 17.19
C ASP K 37 14.26 -13.44 16.26
N VAL K 38 13.86 -14.70 16.25
CA VAL K 38 14.41 -15.70 15.34
C VAL K 38 13.36 -15.99 14.27
N HIS K 39 13.74 -15.87 13.00
CA HIS K 39 12.82 -16.07 11.90
C HIS K 39 13.42 -17.05 10.91
N TYR K 40 12.60 -18.03 10.50
CA TYR K 40 12.97 -19.00 9.48
C TYR K 40 11.99 -18.92 8.33
N ASP K 41 12.51 -18.97 7.10
CA ASP K 41 11.63 -19.07 5.94
C ASP K 41 11.03 -20.47 5.86
N VAL K 42 9.96 -20.58 5.10
CA VAL K 42 9.25 -21.84 4.91
C VAL K 42 9.36 -22.23 3.44
N ILE K 43 9.86 -23.44 3.19
CA ILE K 43 9.97 -23.97 1.84
C ILE K 43 8.87 -24.99 1.64
N GLU K 44 8.15 -24.87 0.52
CA GLU K 44 6.99 -25.71 0.23
C GLU K 44 7.17 -26.38 -1.11
N TYR K 45 6.80 -27.67 -1.18
CA TYR K 45 6.80 -28.44 -2.41
C TYR K 45 5.50 -29.22 -2.49
N LYS K 46 4.87 -29.20 -3.65
CA LYS K 46 3.59 -29.85 -3.85
C LYS K 46 3.68 -30.88 -4.98
N ASP K 47 3.09 -32.04 -4.76
CA ASP K 47 3.02 -33.10 -5.75
C ASP K 47 1.62 -33.17 -6.34
N GLY K 48 1.52 -33.73 -7.54
CA GLY K 48 0.24 -33.85 -8.21
C GLY K 48 -0.70 -34.81 -7.55
N ILE K 49 -0.19 -35.76 -6.75
CA ILE K 49 -1.04 -36.75 -6.11
C ILE K 49 -1.53 -36.31 -4.73
N GLY K 50 -1.17 -35.10 -4.29
CA GLY K 50 -1.66 -34.57 -3.04
C GLY K 50 -0.62 -34.39 -1.96
N ASN K 51 0.64 -34.74 -2.22
CA ASN K 51 1.69 -34.51 -1.24
C ASN K 51 1.95 -33.02 -1.07
N TYR K 52 2.23 -32.61 0.16
CA TYR K 52 2.47 -31.20 0.49
C TYR K 52 3.56 -31.17 1.55
N TYR K 53 4.81 -30.95 1.11
CA TYR K 53 5.94 -30.93 2.01
C TYR K 53 6.25 -29.51 2.44
N LYS K 54 6.37 -29.30 3.75
CA LYS K 54 6.76 -28.01 4.32
C LYS K 54 7.93 -28.24 5.26
N MET K 55 9.00 -27.49 5.05
CA MET K 55 10.22 -27.61 5.85
C MET K 55 10.73 -26.23 6.20
N PRO K 56 11.52 -26.10 7.26
CA PRO K 56 12.18 -24.82 7.55
C PRO K 56 13.15 -24.45 6.43
N GLY K 57 13.28 -23.14 6.21
CA GLY K 57 14.15 -22.65 5.16
C GLY K 57 15.44 -22.06 5.71
N GLN K 58 15.80 -20.88 5.22
CA GLN K 58 17.02 -20.21 5.63
C GLN K 58 16.74 -19.27 6.80
N ARG K 59 17.64 -19.26 7.76
CA ARG K 59 17.51 -18.37 8.91
C ARG K 59 17.81 -16.93 8.51
N GLN K 60 17.02 -16.01 9.02
CA GLN K 60 17.20 -14.60 8.72
C GLN K 60 18.12 -13.95 9.75
N SER K 61 18.67 -12.79 9.38
CA SER K 61 19.53 -12.04 10.28
C SER K 61 18.71 -11.40 11.38
N ILE K 62 19.40 -10.82 12.36
CA ILE K 62 18.80 -10.26 13.56
C ILE K 62 18.88 -8.74 13.49
N ASN K 63 17.76 -8.09 13.73
CA ASN K 63 17.69 -6.62 13.80
C ASN K 63 17.28 -6.24 15.21
N ILE K 64 18.11 -5.44 15.87
CA ILE K 64 17.94 -5.09 17.27
C ILE K 64 18.03 -3.59 17.43
N THR K 65 17.08 -3.00 18.17
CA THR K 65 17.08 -1.58 18.47
C THR K 65 17.24 -1.38 19.97
N LEU K 66 18.16 -0.51 20.35
CA LEU K 66 18.42 -0.18 21.74
C LEU K 66 18.14 1.29 21.98
N ARG K 67 17.55 1.60 23.14
CA ARG K 67 17.11 2.94 23.46
C ARG K 67 17.66 3.37 24.81
N LYS K 68 18.10 4.61 24.91
CA LYS K 68 18.61 5.15 26.16
C LYS K 68 18.60 6.67 26.09
N GLY K 69 18.60 7.29 27.27
CA GLY K 69 18.66 8.74 27.34
C GLY K 69 20.06 9.27 27.08
N VAL K 70 20.14 10.57 26.87
CA VAL K 70 21.42 11.25 26.62
C VAL K 70 21.91 11.85 27.93
N PHE K 71 23.20 11.72 28.17
CA PHE K 71 23.83 12.20 29.39
C PHE K 71 25.04 13.06 29.04
N PRO K 72 25.37 14.02 29.89
CA PRO K 72 26.52 14.90 29.58
C PRO K 72 27.80 14.11 29.43
N GLY K 73 28.60 14.49 28.44
CA GLY K 73 29.87 13.83 28.18
C GLY K 73 29.75 12.36 27.85
N ASP K 74 28.77 11.99 27.03
CA ASP K 74 28.52 10.59 26.70
C ASP K 74 28.21 10.49 25.20
N THR K 75 29.16 9.91 24.45
CA THR K 75 28.97 9.74 23.00
C THR K 75 29.50 8.40 22.52
N LYS K 76 29.44 7.36 23.35
CA LYS K 76 30.01 6.08 22.97
C LYS K 76 29.29 5.47 21.78
N LEU K 77 27.95 5.53 21.75
CA LEU K 77 27.20 4.92 20.67
C LEU K 77 27.45 5.64 19.34
N PHE K 78 27.45 6.97 19.37
CA PHE K 78 27.72 7.71 18.13
C PHE K 78 29.17 7.53 17.71
N ASP K 79 30.10 7.43 18.65
CA ASP K 79 31.49 7.15 18.28
C ASP K 79 31.60 5.77 17.64
N TRP K 80 30.83 4.81 18.13
CA TRP K 80 30.83 3.47 17.52
C TRP K 80 30.31 3.52 16.10
N ILE K 81 29.18 4.20 15.89
CA ILE K 81 28.61 4.22 14.53
C ILE K 81 29.45 5.08 13.60
N ASN K 82 30.16 6.08 14.13
CA ASN K 82 30.92 7.01 13.31
C ASN K 82 32.27 6.46 12.89
N SER K 83 32.68 5.31 13.40
CA SER K 83 33.97 4.73 13.09
C SER K 83 33.95 3.90 11.81
N ILE K 84 32.83 3.85 11.11
CA ILE K 84 32.72 3.03 9.90
C ILE K 84 33.55 3.65 8.79
N GLN K 85 34.40 2.82 8.16
CA GLN K 85 35.14 3.20 6.97
C GLN K 85 34.87 2.15 5.90
N LEU K 86 34.18 2.56 4.83
CA LEU K 86 33.72 1.63 3.80
C LEU K 86 32.91 0.50 4.41
N ASN K 87 33.45 -0.72 4.34
CA ASN K 87 32.78 -1.88 4.93
C ASN K 87 33.44 -2.34 6.23
N GLN K 88 34.36 -1.55 6.77
CA GLN K 88 35.10 -1.93 7.98
C GLN K 88 34.44 -1.30 9.21
N VAL K 89 34.10 -2.13 10.17
CA VAL K 89 33.54 -1.67 11.44
C VAL K 89 33.82 -2.73 12.48
N GLU K 90 33.96 -2.30 13.73
CA GLU K 90 34.23 -3.22 14.83
C GLU K 90 32.92 -3.87 15.28
N LYS K 91 32.85 -5.18 15.22
CA LYS K 91 31.66 -5.94 15.60
C LYS K 91 31.80 -6.41 17.04
N LYS K 92 30.74 -6.23 17.81
CA LYS K 92 30.72 -6.56 19.23
C LYS K 92 29.63 -7.59 19.52
N ASP K 93 29.73 -8.20 20.69
CA ASP K 93 28.75 -9.18 21.16
C ASP K 93 27.88 -8.53 22.23
N ILE K 94 26.56 -8.63 22.05
CA ILE K 94 25.60 -8.07 23.00
C ILE K 94 25.06 -9.20 23.87
N ALA K 95 24.80 -8.88 25.13
CA ALA K 95 24.26 -9.85 26.07
C ALA K 95 23.22 -9.17 26.95
N ILE K 96 21.99 -9.68 26.93
CA ILE K 96 20.90 -9.18 27.75
C ILE K 96 20.51 -10.30 28.70
N SER K 97 20.53 -10.01 30.00
CA SER K 97 20.25 -11.00 31.02
C SER K 97 19.12 -10.54 31.93
N LEU K 98 18.21 -11.45 32.25
CA LEU K 98 17.15 -11.19 33.21
C LEU K 98 17.65 -11.58 34.60
N THR K 99 17.63 -10.64 35.53
CA THR K 99 18.16 -10.86 36.87
C THR K 99 17.03 -11.04 37.87
N ASN K 100 17.40 -11.38 39.10
CA ASN K 100 16.45 -11.47 40.18
C ASN K 100 16.17 -10.08 40.74
N GLU K 101 15.41 -10.03 41.84
CA GLU K 101 15.01 -8.74 42.40
C GLU K 101 16.23 -7.96 42.89
N ALA K 102 17.07 -8.59 43.71
CA ALA K 102 18.24 -7.92 44.25
C ALA K 102 19.29 -7.63 43.19
N GLY K 103 19.21 -8.27 42.03
CA GLY K 103 20.18 -8.06 40.99
C GLY K 103 21.51 -8.75 41.19
N THR K 104 21.59 -9.70 42.12
CA THR K 104 22.82 -10.43 42.40
C THR K 104 22.88 -11.79 41.71
N GLU K 105 21.87 -12.14 40.92
CA GLU K 105 21.84 -13.43 40.26
C GLU K 105 21.23 -13.27 38.86
N ILE K 106 21.66 -14.13 37.95
CA ILE K 106 21.16 -14.14 36.58
C ILE K 106 20.24 -15.33 36.41
N LEU K 107 19.06 -15.10 35.83
CA LEU K 107 18.08 -16.14 35.61
C LEU K 107 18.05 -16.62 34.16
N MET K 108 18.18 -15.71 33.21
CA MET K 108 18.17 -16.05 31.79
C MET K 108 19.03 -15.06 31.04
N THR K 109 19.64 -15.52 29.95
CA THR K 109 20.56 -14.70 29.17
C THR K 109 20.24 -14.80 27.70
N TRP K 110 20.26 -13.65 27.01
CA TRP K 110 20.11 -13.58 25.57
C TRP K 110 21.46 -13.20 24.97
N ASN K 111 22.01 -14.08 24.14
CA ASN K 111 23.33 -13.89 23.57
C ASN K 111 23.21 -13.47 22.11
N VAL K 112 23.80 -12.32 21.77
CA VAL K 112 23.80 -11.79 20.42
C VAL K 112 25.24 -11.66 19.98
N ALA K 113 25.56 -12.20 18.80
CA ALA K 113 26.93 -12.28 18.32
C ALA K 113 27.12 -11.44 17.06
N ASN K 114 28.24 -10.71 17.02
CA ASN K 114 28.67 -9.96 15.83
C ASN K 114 27.60 -8.95 15.40
N ALA K 115 27.35 -7.98 16.28
CA ALA K 115 26.41 -6.90 16.02
C ALA K 115 27.17 -5.62 15.71
N PHE K 116 26.78 -4.94 14.65
CA PHE K 116 27.37 -3.67 14.27
C PHE K 116 26.27 -2.65 14.00
N PRO K 117 26.54 -1.36 14.22
CA PRO K 117 25.49 -0.36 14.07
C PRO K 117 25.15 -0.11 12.60
N THR K 118 23.86 0.14 12.36
CA THR K 118 23.39 0.51 11.04
C THR K 118 22.60 1.82 11.03
N SER K 119 22.16 2.30 12.18
CA SER K 119 21.36 3.51 12.23
C SER K 119 21.44 4.12 13.62
N PHE K 120 21.46 5.45 13.67
CA PHE K 120 21.47 6.20 14.93
C PHE K 120 20.40 7.27 14.86
N THR K 121 19.60 7.39 15.93
CA THR K 121 18.52 8.35 15.99
C THR K 121 18.79 9.34 17.13
N SER K 122 18.86 10.62 16.79
CA SER K 122 19.07 11.66 17.77
C SER K 122 17.75 12.02 18.44
N PRO K 123 17.80 12.70 19.60
CA PRO K 123 16.57 13.14 20.25
C PRO K 123 15.77 14.08 19.37
N SER K 124 14.45 14.00 19.49
CA SER K 124 13.56 14.93 18.82
C SER K 124 13.44 16.17 19.68
N PHE K 125 14.13 17.24 19.30
CA PHE K 125 14.16 18.45 20.10
C PHE K 125 12.82 19.16 20.00
N ASP K 126 12.07 19.16 21.11
CA ASP K 126 10.75 19.77 21.17
C ASP K 126 10.75 20.76 22.33
N ALA K 127 10.64 22.05 22.00
CA ALA K 127 10.63 23.09 23.04
C ALA K 127 9.33 23.11 23.83
N THR K 128 8.28 22.44 23.36
CA THR K 128 6.99 22.42 24.03
C THR K 128 6.81 21.18 24.91
N SER K 129 7.85 20.37 25.07
CA SER K 129 7.77 19.13 25.81
C SER K 129 8.65 19.19 27.06
N ASN K 130 8.22 18.48 28.11
CA ASN K 130 8.95 18.44 29.36
C ASN K 130 9.65 17.11 29.59
N GLU K 131 9.73 16.26 28.58
CA GLU K 131 10.31 14.93 28.72
C GLU K 131 11.82 14.98 28.58
N ILE K 132 12.45 13.83 28.71
CA ILE K 132 13.90 13.69 28.65
C ILE K 132 14.32 13.44 27.20
N ALA K 133 15.53 13.88 26.87
CA ALA K 133 16.08 13.62 25.55
C ALA K 133 16.60 12.19 25.48
N VAL K 134 16.23 11.48 24.42
CA VAL K 134 16.47 10.05 24.29
C VAL K 134 17.06 9.76 22.92
N GLN K 135 18.13 8.97 22.89
CA GLN K 135 18.77 8.54 21.66
C GLN K 135 18.46 7.07 21.40
N GLU K 136 18.68 6.65 20.15
CA GLU K 136 18.38 5.28 19.75
C GLU K 136 19.43 4.80 18.76
N ILE K 137 19.69 3.50 18.78
CA ILE K 137 20.65 2.87 17.89
C ILE K 137 20.07 1.54 17.40
N ALA K 138 20.33 1.22 16.14
CA ALA K 138 19.86 -0.02 15.54
C ALA K 138 21.05 -0.85 15.11
N LEU K 139 21.05 -2.13 15.47
CA LEU K 139 22.15 -3.04 15.19
C LEU K 139 21.69 -4.21 14.34
N THR K 140 22.57 -4.68 13.47
CA THR K 140 22.37 -5.88 12.69
C THR K 140 23.36 -6.95 13.18
N ALA K 141 22.85 -8.11 13.53
CA ALA K 141 23.66 -9.16 14.12
C ALA K 141 23.55 -10.43 13.30
N ASP K 142 24.21 -11.49 13.77
CA ASP K 142 24.28 -12.77 13.08
C ASP K 142 23.29 -13.79 13.64
N ARG K 143 23.24 -13.96 14.96
CA ARG K 143 22.48 -15.04 15.55
C ARG K 143 22.23 -14.72 17.02
N VAL K 144 21.05 -15.10 17.51
CA VAL K 144 20.69 -14.91 18.91
C VAL K 144 20.47 -16.28 19.55
N THR K 145 20.90 -16.42 20.80
CA THR K 145 20.79 -17.66 21.53
C THR K 145 20.35 -17.37 22.97
N ILE K 146 19.40 -18.14 23.46
CA ILE K 146 18.87 -17.99 24.81
C ILE K 146 19.39 -19.12 25.66
N GLN K 147 20.06 -18.79 26.76
CA GLN K 147 20.63 -19.76 27.67
C GLN K 147 20.04 -19.54 29.05
N ALA K 148 19.60 -20.63 29.68
CA ALA K 148 19.01 -20.57 31.01
C ALA K 148 20.10 -20.76 32.06
N ALA K 149 20.24 -19.78 32.93
CA ALA K 149 21.26 -19.83 33.98
C ALA K 149 20.77 -20.65 35.17
N GLU L 6 -43.55 -26.26 28.34
CA GLU L 6 -43.04 -25.70 29.59
C GLU L 6 -41.54 -26.00 29.74
N GLN L 7 -40.91 -25.32 30.70
CA GLN L 7 -39.51 -25.55 31.06
C GLN L 7 -38.59 -25.34 29.85
N ILE L 8 -38.56 -24.08 29.40
CA ILE L 8 -37.67 -23.70 28.30
C ILE L 8 -36.23 -23.78 28.78
N ALA L 9 -35.39 -24.46 28.00
CA ALA L 9 -34.00 -24.68 28.35
C ALA L 9 -33.10 -23.73 27.55
N VAL L 10 -32.17 -23.09 28.24
CA VAL L 10 -31.27 -22.11 27.65
C VAL L 10 -29.83 -22.53 27.95
N GLU L 11 -28.97 -22.43 26.95
CA GLU L 11 -27.56 -22.77 27.09
C GLU L 11 -26.71 -21.60 26.62
N TYR L 12 -25.63 -21.32 27.35
CA TYR L 12 -24.73 -20.22 27.03
C TYR L 12 -23.42 -20.74 26.47
N PRO L 13 -22.74 -19.96 25.63
CA PRO L 13 -21.48 -20.42 25.05
C PRO L 13 -20.38 -20.56 26.10
N ILE L 14 -19.43 -21.43 25.79
CA ILE L 14 -18.31 -21.71 26.70
C ILE L 14 -17.44 -20.47 26.82
N PRO L 15 -16.98 -20.11 28.02
CA PRO L 15 -16.02 -19.01 28.13
C PRO L 15 -14.71 -19.35 27.43
N THR L 16 -14.04 -18.31 26.94
CA THR L 16 -12.86 -18.49 26.11
C THR L 16 -11.58 -18.74 26.89
N TYR L 17 -11.61 -18.67 28.22
CA TYR L 17 -10.41 -18.86 29.02
C TYR L 17 -10.25 -20.27 29.56
N ARG L 18 -11.24 -21.14 29.37
CA ARG L 18 -11.20 -22.49 29.91
C ARG L 18 -10.68 -23.47 28.85
N PHE L 19 -9.37 -23.41 28.62
CA PHE L 19 -8.75 -24.28 27.63
C PHE L 19 -7.45 -24.85 28.18
N VAL L 20 -7.03 -25.98 27.60
CA VAL L 20 -5.81 -26.67 27.97
C VAL L 20 -5.06 -27.01 26.69
N VAL L 21 -3.74 -26.78 26.70
CA VAL L 21 -2.89 -26.97 25.53
C VAL L 21 -1.88 -28.07 25.83
N SER L 22 -1.72 -29.00 24.89
CA SER L 22 -0.69 -30.02 24.97
C SER L 22 0.12 -29.99 23.67
N VAL L 23 1.44 -29.94 23.81
CA VAL L 23 2.36 -29.93 22.67
C VAL L 23 3.10 -31.25 22.66
N GLY L 24 2.96 -31.99 21.57
CA GLY L 24 3.52 -33.33 21.52
C GLY L 24 2.76 -34.27 22.43
N ASP L 25 3.40 -34.67 23.53
CA ASP L 25 2.74 -35.51 24.53
C ASP L 25 2.79 -34.91 25.93
N GLU L 26 3.14 -33.63 26.06
CA GLU L 26 3.22 -32.98 27.35
C GLU L 26 2.33 -31.74 27.35
N GLN L 27 1.81 -31.40 28.53
CA GLN L 27 0.92 -30.27 28.70
C GLN L 27 1.72 -29.05 29.13
N ILE L 28 1.53 -27.94 28.43
CA ILE L 28 2.28 -26.71 28.67
C ILE L 28 1.27 -25.60 28.95
N PRO L 29 1.38 -24.88 30.06
CA PRO L 29 0.42 -23.79 30.34
C PRO L 29 0.73 -22.56 29.51
N PHE L 30 -0.12 -22.28 28.54
CA PHE L 30 0.04 -21.14 27.66
C PHE L 30 -0.86 -19.98 28.09
N ASN L 31 -0.59 -18.81 27.53
CA ASN L 31 -1.36 -17.60 27.79
C ASN L 31 -2.35 -17.27 26.71
N ASN L 32 -2.05 -17.61 25.45
CA ASN L 32 -2.89 -17.21 24.33
C ASN L 32 -2.58 -18.11 23.15
N VAL L 33 -3.64 -18.58 22.48
CA VAL L 33 -3.52 -19.41 21.27
C VAL L 33 -4.47 -18.84 20.22
N SER L 34 -3.96 -18.63 19.02
CA SER L 34 -4.77 -18.05 17.95
C SER L 34 -4.27 -18.55 16.60
N GLY L 35 -5.13 -18.43 15.60
CA GLY L 35 -4.79 -18.78 14.24
C GLY L 35 -5.26 -20.13 13.76
N LEU L 36 -6.19 -20.77 14.47
CA LEU L 36 -6.68 -22.10 14.10
C LEU L 36 -7.79 -22.00 13.04
N ASP L 37 -7.43 -21.46 11.89
CA ASP L 37 -8.38 -21.17 10.82
C ASP L 37 -8.17 -22.13 9.65
N VAL L 38 -9.27 -22.51 9.01
CA VAL L 38 -9.26 -23.31 7.79
C VAL L 38 -9.62 -22.39 6.63
N HIS L 39 -8.82 -22.40 5.58
CA HIS L 39 -9.03 -21.54 4.43
C HIS L 39 -8.98 -22.36 3.15
N TYR L 40 -9.90 -22.07 2.24
CA TYR L 40 -9.96 -22.71 0.94
C TYR L 40 -9.97 -21.65 -0.14
N ASP L 41 -9.22 -21.90 -1.22
CA ASP L 41 -9.30 -21.02 -2.38
C ASP L 41 -10.58 -21.29 -3.15
N VAL L 42 -10.97 -20.33 -3.98
CA VAL L 42 -12.18 -20.42 -4.78
C VAL L 42 -11.78 -20.42 -6.25
N ILE L 43 -12.21 -21.46 -6.97
CA ILE L 43 -11.95 -21.59 -8.40
C ILE L 43 -13.22 -21.20 -9.15
N GLU L 44 -13.08 -20.30 -10.11
CA GLU L 44 -14.21 -19.77 -10.86
C GLU L 44 -14.04 -20.02 -12.35
N TYR L 45 -15.11 -20.44 -12.99
CA TYR L 45 -15.16 -20.60 -14.44
C TYR L 45 -16.42 -19.94 -14.97
N LYS L 46 -16.29 -19.21 -16.07
CA LYS L 46 -17.40 -18.48 -16.66
C LYS L 46 -17.62 -18.91 -18.10
N ASP L 47 -18.88 -19.06 -18.48
CA ASP L 47 -19.27 -19.39 -19.84
C ASP L 47 -19.82 -18.16 -20.54
N GLY L 48 -19.81 -18.20 -21.86
CA GLY L 48 -20.35 -17.11 -22.64
C GLY L 48 -21.85 -16.98 -22.58
N ILE L 49 -22.56 -18.07 -22.27
CA ILE L 49 -24.02 -18.06 -22.23
C ILE L 49 -24.55 -17.65 -20.86
N GLY L 50 -23.68 -17.42 -19.88
CA GLY L 50 -24.10 -16.95 -18.57
C GLY L 50 -23.82 -17.90 -17.43
N ASN L 51 -23.21 -19.07 -17.66
CA ASN L 51 -22.88 -19.96 -16.57
C ASN L 51 -21.73 -19.41 -15.74
N TYR L 52 -21.82 -19.58 -14.42
CA TYR L 52 -20.80 -19.10 -13.49
C TYR L 52 -20.59 -20.18 -12.45
N TYR L 53 -19.54 -20.98 -12.62
CA TYR L 53 -19.23 -22.08 -11.71
C TYR L 53 -18.25 -21.61 -10.63
N LYS L 54 -18.60 -21.84 -9.37
CA LYS L 54 -17.72 -21.58 -8.25
C LYS L 54 -17.62 -22.84 -7.40
N MET L 55 -16.40 -23.28 -7.13
CA MET L 55 -16.15 -24.49 -6.38
C MET L 55 -14.97 -24.27 -5.45
N PRO L 56 -14.88 -25.04 -4.36
CA PRO L 56 -13.71 -24.93 -3.49
C PRO L 56 -12.43 -25.32 -4.21
N GLY L 57 -11.33 -24.70 -3.82
CA GLY L 57 -10.05 -24.96 -4.43
C GLY L 57 -9.13 -25.78 -3.55
N GLN L 58 -7.89 -25.34 -3.42
CA GLN L 58 -6.90 -26.04 -2.60
C GLN L 58 -6.91 -25.52 -1.18
N ARG L 59 -6.82 -26.43 -0.22
CA ARG L 59 -6.77 -26.04 1.18
C ARG L 59 -5.39 -25.47 1.52
N GLN L 60 -5.37 -24.42 2.33
CA GLN L 60 -4.13 -23.77 2.71
C GLN L 60 -3.59 -24.36 4.01
N SER L 61 -2.30 -24.10 4.26
CA SER L 61 -1.67 -24.54 5.48
C SER L 61 -2.14 -23.71 6.67
N ILE L 62 -1.83 -24.19 7.87
CA ILE L 62 -2.27 -23.58 9.11
C ILE L 62 -1.11 -22.80 9.73
N ASN L 63 -1.39 -21.57 10.16
CA ASN L 63 -0.42 -20.76 10.88
C ASN L 63 -0.96 -20.48 12.28
N ILE L 64 -0.19 -20.87 13.29
CA ILE L 64 -0.62 -20.80 14.68
C ILE L 64 0.44 -20.09 15.49
N THR L 65 0.01 -19.14 16.33
CA THR L 65 0.91 -18.42 17.22
C THR L 65 0.52 -18.69 18.66
N LEU L 66 1.49 -19.15 19.45
CA LEU L 66 1.28 -19.43 20.87
C LEU L 66 2.10 -18.47 21.71
N ARG L 67 1.51 -17.97 22.79
CA ARG L 67 2.08 -16.90 23.58
C ARG L 67 2.04 -17.29 25.05
N LYS L 68 3.14 -17.06 25.76
CA LYS L 68 3.23 -17.42 27.17
C LYS L 68 4.35 -16.62 27.82
N GLY L 69 4.28 -16.53 29.15
CA GLY L 69 5.29 -15.82 29.90
C GLY L 69 6.57 -16.62 30.04
N VAL L 70 7.61 -15.94 30.52
CA VAL L 70 8.92 -16.54 30.70
C VAL L 70 9.12 -16.87 32.18
N PHE L 71 9.64 -18.05 32.44
CA PHE L 71 9.85 -18.54 33.80
C PHE L 71 11.29 -19.00 33.96
N PRO L 72 11.83 -18.95 35.17
CA PRO L 72 13.22 -19.38 35.38
C PRO L 72 13.42 -20.84 35.00
N GLY L 73 14.54 -21.12 34.35
CA GLY L 73 14.88 -22.48 33.95
C GLY L 73 13.88 -23.09 32.98
N ASP L 74 13.40 -22.31 32.02
CA ASP L 74 12.40 -22.78 31.06
C ASP L 74 12.77 -22.24 29.68
N THR L 75 13.28 -23.12 28.82
CA THR L 75 13.62 -22.74 27.45
C THR L 75 13.23 -23.82 26.45
N LYS L 76 12.13 -24.54 26.71
CA LYS L 76 11.74 -25.64 25.85
C LYS L 76 11.40 -25.16 24.44
N LEU L 77 10.67 -24.05 24.33
CA LEU L 77 10.29 -23.55 23.01
C LEU L 77 11.50 -23.10 22.20
N PHE L 78 12.43 -22.40 22.84
CA PHE L 78 13.63 -21.99 22.12
C PHE L 78 14.51 -23.18 21.78
N ASP L 79 14.54 -24.21 22.63
CA ASP L 79 15.26 -25.41 22.29
C ASP L 79 14.63 -26.11 21.09
N TRP L 80 13.30 -26.07 21.00
CA TRP L 80 12.62 -26.65 19.85
C TRP L 80 12.96 -25.91 18.57
N ILE L 81 12.90 -24.58 18.61
CA ILE L 81 13.18 -23.82 17.39
C ILE L 81 14.66 -23.88 17.03
N ASN L 82 15.54 -24.01 18.03
CA ASN L 82 16.98 -23.98 17.81
C ASN L 82 17.54 -25.29 17.30
N SER L 83 16.76 -26.37 17.34
CA SER L 83 17.21 -27.69 16.91
C SER L 83 17.07 -27.90 15.41
N ILE L 84 16.87 -26.84 14.63
CA ILE L 84 16.68 -26.96 13.19
C ILE L 84 18.02 -27.12 12.51
N GLN L 85 18.15 -28.15 11.67
CA GLN L 85 19.33 -28.38 10.85
C GLN L 85 18.87 -28.48 9.40
N LEU L 86 19.21 -27.47 8.60
CA LEU L 86 18.75 -27.37 7.22
C LEU L 86 17.23 -27.46 7.15
N ASN L 87 16.71 -28.55 6.58
CA ASN L 87 15.28 -28.76 6.48
C ASN L 87 14.77 -29.77 7.50
N GLN L 88 15.61 -30.21 8.43
CA GLN L 88 15.26 -31.24 9.38
C GLN L 88 14.82 -30.61 10.69
N VAL L 89 13.64 -31.01 11.18
CA VAL L 89 13.11 -30.51 12.43
C VAL L 89 12.14 -31.55 12.96
N GLU L 90 12.01 -31.61 14.28
CA GLU L 90 11.07 -32.53 14.92
C GLU L 90 9.67 -31.92 14.88
N LYS L 91 8.73 -32.63 14.26
CA LYS L 91 7.36 -32.17 14.13
C LYS L 91 6.50 -32.84 15.19
N LYS L 92 5.63 -32.04 15.82
CA LYS L 92 4.77 -32.52 16.89
C LYS L 92 3.33 -32.19 16.59
N ASP L 93 2.42 -32.85 17.29
CA ASP L 93 0.99 -32.62 17.17
C ASP L 93 0.51 -31.79 18.35
N ILE L 94 -0.24 -30.74 18.07
CA ILE L 94 -0.78 -29.86 19.09
C ILE L 94 -2.24 -30.24 19.33
N ALA L 95 -2.73 -29.98 20.54
CA ALA L 95 -4.12 -30.24 20.88
C ALA L 95 -4.58 -29.21 21.88
N ILE L 96 -5.57 -28.40 21.50
CA ILE L 96 -6.17 -27.40 22.37
C ILE L 96 -7.61 -27.84 22.63
N SER L 97 -7.95 -28.00 23.91
CA SER L 97 -9.25 -28.51 24.31
C SER L 97 -9.95 -27.53 25.23
N LEU L 98 -11.25 -27.33 25.01
CA LEU L 98 -12.09 -26.54 25.88
C LEU L 98 -12.64 -27.44 26.98
N THR L 99 -12.41 -27.08 28.23
CA THR L 99 -12.82 -27.88 29.37
C THR L 99 -14.00 -27.24 30.09
N ASN L 100 -14.56 -27.99 31.03
CA ASN L 100 -15.62 -27.47 31.87
C ASN L 100 -15.03 -26.59 32.98
N GLU L 101 -15.88 -26.13 33.88
CA GLU L 101 -15.44 -25.23 34.95
C GLU L 101 -14.42 -25.92 35.85
N ALA L 102 -14.75 -27.11 36.34
CA ALA L 102 -13.86 -27.82 37.25
C ALA L 102 -12.59 -28.30 36.57
N GLY L 103 -12.58 -28.39 35.25
CA GLY L 103 -11.41 -28.85 34.53
C GLY L 103 -11.23 -30.36 34.51
N THR L 104 -12.25 -31.12 34.91
CA THR L 104 -12.16 -32.57 34.92
C THR L 104 -12.81 -33.22 33.70
N GLU L 105 -13.32 -32.43 32.76
CA GLU L 105 -13.96 -32.96 31.58
C GLU L 105 -13.59 -32.10 30.38
N ILE L 106 -13.65 -32.72 29.19
CA ILE L 106 -13.33 -32.06 27.93
C ILE L 106 -14.62 -31.91 27.14
N LEU L 107 -14.86 -30.71 26.62
CA LEU L 107 -16.06 -30.44 25.83
C LEU L 107 -15.81 -30.41 24.34
N MET L 108 -14.71 -29.77 23.91
CA MET L 108 -14.34 -29.72 22.50
C MET L 108 -12.84 -29.77 22.39
N THR L 109 -12.36 -30.19 21.22
CA THR L 109 -10.92 -30.36 20.99
C THR L 109 -10.56 -29.87 19.60
N TRP L 110 -9.46 -29.12 19.53
CA TRP L 110 -8.89 -28.67 18.27
C TRP L 110 -7.59 -29.44 18.06
N ASN L 111 -7.55 -30.27 17.02
CA ASN L 111 -6.41 -31.14 16.76
C ASN L 111 -5.59 -30.55 15.61
N VAL L 112 -4.29 -30.34 15.87
CA VAL L 112 -3.36 -29.80 14.89
C VAL L 112 -2.26 -30.83 14.68
N ALA L 113 -1.98 -31.15 13.41
CA ALA L 113 -1.07 -32.23 13.07
C ALA L 113 0.18 -31.68 12.40
N ASN L 114 1.34 -32.19 12.83
CA ASN L 114 2.63 -31.93 12.20
C ASN L 114 2.94 -30.42 12.15
N ALA L 115 3.09 -29.86 13.35
CA ALA L 115 3.44 -28.46 13.52
C ALA L 115 4.91 -28.32 13.86
N PHE L 116 5.60 -27.41 13.19
CA PHE L 116 7.00 -27.14 13.47
C PHE L 116 7.21 -25.63 13.57
N PRO L 117 8.16 -25.19 14.40
CA PRO L 117 8.35 -23.76 14.61
C PRO L 117 8.89 -23.05 13.38
N THR L 118 8.46 -21.81 13.21
CA THR L 118 8.98 -20.95 12.15
C THR L 118 9.51 -19.62 12.64
N SER L 119 9.06 -19.13 13.80
CA SER L 119 9.54 -17.87 14.33
C SER L 119 9.38 -17.86 15.84
N PHE L 120 10.31 -17.19 16.51
CA PHE L 120 10.30 -17.05 17.97
C PHE L 120 10.50 -15.58 18.30
N THR L 121 9.68 -15.07 19.22
CA THR L 121 9.72 -13.66 19.61
C THR L 121 10.07 -13.57 21.09
N SER L 122 11.16 -12.87 21.39
CA SER L 122 11.59 -12.65 22.76
C SER L 122 10.83 -11.49 23.38
N PRO L 123 10.80 -11.42 24.71
CA PRO L 123 10.12 -10.29 25.36
C PRO L 123 10.74 -8.95 24.99
N SER L 124 9.91 -7.93 24.94
CA SER L 124 10.36 -6.56 24.70
C SER L 124 10.81 -5.97 26.02
N PHE L 125 12.12 -5.94 26.25
CA PHE L 125 12.67 -5.46 27.51
C PHE L 125 12.45 -3.96 27.63
N ASP L 126 11.50 -3.57 28.48
CA ASP L 126 11.15 -2.18 28.69
C ASP L 126 11.38 -1.86 30.16
N ALA L 127 12.38 -1.03 30.45
CA ALA L 127 12.69 -0.67 31.82
C ALA L 127 11.64 0.24 32.46
N THR L 128 10.76 0.83 31.67
CA THR L 128 9.74 1.74 32.17
C THR L 128 8.38 1.07 32.34
N SER L 129 8.33 -0.26 32.24
CA SER L 129 7.08 -1.00 32.32
C SER L 129 7.08 -1.92 33.53
N ASN L 130 5.89 -2.14 34.08
CA ASN L 130 5.71 -3.00 35.25
C ASN L 130 5.06 -4.33 34.90
N GLU L 131 4.98 -4.68 33.63
CA GLU L 131 4.30 -5.88 33.20
C GLU L 131 5.25 -7.07 33.19
N ILE L 132 4.71 -8.24 32.84
CA ILE L 132 5.47 -9.48 32.83
C ILE L 132 6.12 -9.68 31.46
N ALA L 133 7.30 -10.28 31.47
CA ALA L 133 7.97 -10.63 30.23
C ALA L 133 7.30 -11.84 29.60
N VAL L 134 6.98 -11.74 28.32
CA VAL L 134 6.18 -12.74 27.63
C VAL L 134 6.86 -13.13 26.33
N GLN L 135 6.94 -14.43 26.06
CA GLN L 135 7.55 -14.95 24.85
C GLN L 135 6.46 -15.48 23.91
N GLU L 136 6.80 -15.55 22.63
CA GLU L 136 5.86 -15.99 21.61
C GLU L 136 6.56 -16.90 20.61
N ILE L 137 5.80 -17.84 20.06
CA ILE L 137 6.30 -18.77 19.05
C ILE L 137 5.24 -18.93 17.98
N ALA L 138 5.68 -19.04 16.72
CA ALA L 138 4.79 -19.22 15.58
C ALA L 138 5.07 -20.57 14.93
N LEU L 139 4.02 -21.34 14.67
CA LEU L 139 4.16 -22.67 14.10
C LEU L 139 3.41 -22.75 12.78
N THR L 140 3.90 -23.60 11.89
CA THR L 140 3.24 -23.93 10.64
C THR L 140 2.87 -25.41 10.68
N ALA L 141 1.61 -25.72 10.41
CA ALA L 141 1.10 -27.07 10.53
C ALA L 141 0.46 -27.52 9.21
N ASP L 142 -0.06 -28.74 9.22
CA ASP L 142 -0.65 -29.36 8.04
C ASP L 142 -2.16 -29.18 7.97
N ARG L 143 -2.87 -29.54 9.03
CA ARG L 143 -4.33 -29.57 8.99
C ARG L 143 -4.86 -29.50 10.42
N VAL L 144 -6.00 -28.81 10.58
CA VAL L 144 -6.68 -28.71 11.86
C VAL L 144 -8.01 -29.44 11.76
N THR L 145 -8.46 -29.97 12.89
CA THR L 145 -9.71 -30.73 12.94
C THR L 145 -10.35 -30.52 14.31
N ILE L 146 -11.65 -30.24 14.31
CA ILE L 146 -12.41 -30.00 15.53
C ILE L 146 -13.22 -31.26 15.83
N GLN L 147 -13.07 -31.78 17.04
CA GLN L 147 -13.79 -32.98 17.48
C GLN L 147 -14.56 -32.65 18.75
N ALA L 148 -15.86 -32.88 18.73
CA ALA L 148 -16.72 -32.64 19.88
C ALA L 148 -16.69 -33.87 20.79
N ALA L 149 -16.38 -33.65 22.06
CA ALA L 149 -16.30 -34.73 23.02
C ALA L 149 -17.66 -35.01 23.64
N ALA M 2 3.36 -36.71 13.66
CA ALA M 2 4.69 -36.71 14.24
C ALA M 2 5.72 -37.20 13.23
N ILE M 3 6.62 -36.30 12.84
CA ILE M 3 7.67 -36.61 11.87
C ILE M 3 9.02 -36.31 12.51
N THR M 4 9.90 -37.30 12.49
CA THR M 4 11.23 -37.15 13.03
C THR M 4 12.21 -36.71 11.95
N PRO M 5 13.35 -36.11 12.33
CA PRO M 5 14.32 -35.66 11.32
C PRO M 5 14.82 -36.77 10.41
N GLU M 6 14.86 -38.02 10.89
CA GLU M 6 15.29 -39.12 10.03
C GLU M 6 14.33 -39.33 8.87
N GLN M 7 13.02 -39.26 9.13
CA GLN M 7 12.05 -39.37 8.05
C GLN M 7 12.20 -38.21 7.07
N ILE M 8 12.49 -37.02 7.57
CA ILE M 8 12.71 -35.87 6.69
C ILE M 8 13.93 -36.09 5.81
N ALA M 9 15.01 -36.61 6.39
CA ALA M 9 16.21 -36.86 5.61
C ALA M 9 16.01 -37.97 4.60
N VAL M 10 15.09 -38.90 4.87
CA VAL M 10 14.88 -40.01 3.96
C VAL M 10 13.92 -39.65 2.84
N GLU M 11 12.84 -38.92 3.15
CA GLU M 11 11.73 -38.76 2.23
C GLU M 11 11.54 -37.35 1.68
N TYR M 12 11.88 -36.32 2.45
CA TYR M 12 11.59 -34.96 2.01
C TYR M 12 12.55 -34.52 0.91
N PRO M 13 12.10 -33.64 0.02
CA PRO M 13 12.99 -33.11 -1.02
C PRO M 13 14.08 -32.22 -0.42
N ILE M 14 15.15 -32.06 -1.17
CA ILE M 14 16.35 -31.35 -0.72
C ILE M 14 16.28 -29.91 -1.22
N PRO M 15 16.55 -28.91 -0.39
CA PRO M 15 16.66 -27.54 -0.87
C PRO M 15 17.92 -27.35 -1.70
N THR M 16 18.02 -26.18 -2.33
CA THR M 16 19.06 -25.93 -3.33
C THR M 16 20.00 -24.79 -2.93
N TYR M 17 20.10 -24.47 -1.65
CA TYR M 17 20.93 -23.35 -1.22
C TYR M 17 22.20 -23.75 -0.49
N ARG M 18 22.33 -25.00 -0.05
CA ARG M 18 23.51 -25.47 0.66
C ARG M 18 24.26 -26.45 -0.24
N PHE M 19 25.47 -26.07 -0.65
CA PHE M 19 26.25 -26.90 -1.56
C PHE M 19 27.72 -26.55 -1.41
N VAL M 20 28.56 -27.45 -1.90
CA VAL M 20 30.01 -27.25 -1.91
C VAL M 20 30.52 -27.56 -3.32
N VAL M 21 31.49 -26.76 -3.76
CA VAL M 21 32.02 -26.86 -5.12
C VAL M 21 33.51 -27.15 -5.04
N SER M 22 33.97 -28.15 -5.79
CA SER M 22 35.37 -28.51 -5.87
C SER M 22 35.85 -28.31 -7.30
N VAL M 23 36.91 -27.52 -7.46
CA VAL M 23 37.54 -27.26 -8.76
C VAL M 23 38.91 -27.91 -8.73
N GLY M 24 39.10 -28.92 -9.58
CA GLY M 24 40.35 -29.65 -9.54
C GLY M 24 40.51 -30.38 -8.22
N ASP M 25 41.65 -30.18 -7.58
CA ASP M 25 41.93 -30.78 -6.27
C ASP M 25 41.69 -29.82 -5.12
N GLU M 26 41.04 -28.70 -5.37
CA GLU M 26 40.86 -27.66 -4.36
C GLU M 26 39.39 -27.24 -4.32
N GLN M 27 38.92 -26.93 -3.11
CA GLN M 27 37.54 -26.51 -2.88
C GLN M 27 37.46 -24.99 -2.84
N ILE M 28 36.52 -24.43 -3.57
CA ILE M 28 36.35 -22.98 -3.65
C ILE M 28 34.89 -22.62 -3.36
N PRO M 29 34.62 -21.72 -2.42
CA PRO M 29 33.23 -21.32 -2.17
C PRO M 29 32.66 -20.52 -3.33
N PHE M 30 31.38 -20.77 -3.64
CA PHE M 30 30.72 -20.13 -4.77
C PHE M 30 29.34 -19.65 -4.36
N ASN M 31 28.83 -18.69 -5.10
CA ASN M 31 27.51 -18.12 -4.84
C ASN M 31 26.43 -18.64 -5.77
N ASN M 32 26.79 -19.03 -6.99
CA ASN M 32 25.79 -19.49 -7.95
C ASN M 32 26.44 -20.42 -8.95
N VAL M 33 25.83 -21.58 -9.17
CA VAL M 33 26.24 -22.54 -10.18
C VAL M 33 25.03 -22.91 -11.01
N SER M 34 25.17 -22.89 -12.33
CA SER M 34 24.04 -23.16 -13.21
C SER M 34 24.56 -23.65 -14.56
N GLY M 35 23.66 -24.21 -15.34
CA GLY M 35 23.97 -24.67 -16.68
C GLY M 35 24.29 -26.14 -16.83
N LEU M 36 24.04 -26.94 -15.80
CA LEU M 36 24.34 -28.37 -15.84
C LEU M 36 23.18 -29.10 -16.52
N ASP M 37 23.17 -29.04 -17.84
CA ASP M 37 22.09 -29.61 -18.64
C ASP M 37 22.66 -30.62 -19.63
N VAL M 38 21.94 -31.72 -19.82
CA VAL M 38 22.27 -32.74 -20.80
C VAL M 38 21.30 -32.62 -21.96
N HIS M 39 21.82 -32.50 -23.17
CA HIS M 39 21.00 -32.33 -24.36
C HIS M 39 21.41 -33.35 -25.42
N TYR M 40 20.42 -33.91 -26.10
CA TYR M 40 20.62 -34.81 -27.23
C TYR M 40 19.86 -34.27 -28.43
N ASP M 41 20.44 -34.44 -29.61
CA ASP M 41 19.73 -34.10 -30.83
C ASP M 41 18.74 -35.21 -31.18
N VAL M 42 17.82 -34.90 -32.08
CA VAL M 42 16.78 -35.84 -32.51
C VAL M 42 16.94 -36.08 -34.00
N ILE M 43 17.03 -37.36 -34.39
CA ILE M 43 17.17 -37.76 -35.78
C ILE M 43 15.85 -38.36 -36.22
N GLU M 44 15.32 -37.89 -37.34
CA GLU M 44 14.02 -38.32 -37.84
C GLU M 44 14.17 -38.88 -39.25
N TYR M 45 13.46 -39.97 -39.52
CA TYR M 45 13.36 -40.55 -40.85
C TYR M 45 11.90 -40.87 -41.13
N LYS M 46 11.46 -40.58 -42.35
CA LYS M 46 10.08 -40.79 -42.75
C LYS M 46 10.01 -41.65 -44.00
N ASP M 47 9.00 -42.51 -44.05
CA ASP M 47 8.74 -43.38 -45.19
C ASP M 47 7.53 -42.89 -45.95
N GLY M 48 7.35 -43.43 -47.15
CA GLY M 48 6.19 -43.11 -47.95
C GLY M 48 4.92 -43.84 -47.54
N ILE M 49 5.04 -44.83 -46.64
CA ILE M 49 3.89 -45.59 -46.18
C ILE M 49 3.42 -45.16 -44.81
N GLY M 50 4.09 -44.18 -44.18
CA GLY M 50 3.66 -43.65 -42.90
C GLY M 50 4.60 -43.90 -41.76
N ASN M 51 5.70 -44.63 -41.97
CA ASN M 51 6.64 -44.90 -40.88
C ASN M 51 7.38 -43.62 -40.49
N TYR M 52 7.46 -43.36 -39.20
CA TYR M 52 8.09 -42.15 -38.66
C TYR M 52 9.04 -42.58 -37.54
N TYR M 53 10.33 -42.67 -37.86
CA TYR M 53 11.33 -43.11 -36.91
C TYR M 53 11.96 -41.90 -36.23
N LYS M 54 11.96 -41.90 -34.90
CA LYS M 54 12.61 -40.86 -34.10
C LYS M 54 13.54 -41.52 -33.11
N MET M 55 14.81 -41.13 -33.13
CA MET M 55 15.83 -41.73 -32.29
C MET M 55 16.72 -40.63 -31.73
N PRO M 56 17.40 -40.89 -30.62
CA PRO M 56 18.36 -39.91 -30.10
C PRO M 56 19.50 -39.68 -31.07
N GLY M 57 20.06 -38.47 -31.04
CA GLY M 57 21.19 -38.13 -31.88
C GLY M 57 22.48 -37.96 -31.10
N GLN M 58 23.34 -37.07 -31.57
CA GLN M 58 24.61 -36.82 -30.89
C GLN M 58 24.40 -36.03 -29.60
N ARG M 59 25.15 -36.39 -28.57
CA ARG M 59 25.13 -35.64 -27.32
C ARG M 59 25.89 -34.34 -27.47
N GLN M 60 25.38 -33.30 -26.82
CA GLN M 60 25.98 -31.97 -26.90
C GLN M 60 26.94 -31.74 -25.73
N SER M 61 27.73 -30.68 -25.86
CA SER M 61 28.68 -30.32 -24.81
C SER M 61 27.98 -29.54 -23.70
N ILE M 62 28.72 -29.33 -22.62
CA ILE M 62 28.18 -28.71 -21.40
C ILE M 62 28.75 -27.30 -21.28
N ASN M 63 27.87 -26.34 -20.96
CA ASN M 63 28.27 -24.96 -20.72
C ASN M 63 27.72 -24.54 -19.36
N ILE M 64 28.61 -24.26 -18.42
CA ILE M 64 28.23 -23.90 -17.06
C ILE M 64 28.84 -22.55 -16.70
N THR M 65 28.19 -21.86 -15.76
CA THR M 65 28.64 -20.56 -15.29
C THR M 65 28.72 -20.59 -13.77
N LEU M 66 29.74 -19.93 -13.22
CA LEU M 66 29.96 -19.85 -11.78
C LEU M 66 30.05 -18.40 -11.36
N ARG M 67 29.34 -18.04 -10.29
CA ARG M 67 29.32 -16.70 -9.76
C ARG M 67 29.98 -16.67 -8.39
N LYS M 68 30.82 -15.67 -8.15
CA LYS M 68 31.57 -15.58 -6.91
C LYS M 68 31.92 -14.11 -6.65
N GLY M 69 31.93 -13.74 -5.37
CA GLY M 69 32.31 -12.40 -5.01
C GLY M 69 33.80 -12.17 -5.10
N VAL M 70 34.18 -10.90 -5.18
CA VAL M 70 35.57 -10.51 -5.27
C VAL M 70 36.14 -10.34 -3.87
N PHE M 71 37.25 -11.01 -3.59
CA PHE M 71 37.87 -11.00 -2.28
C PHE M 71 39.28 -10.41 -2.37
N PRO M 72 39.78 -9.81 -1.30
CA PRO M 72 41.12 -9.22 -1.34
C PRO M 72 42.19 -10.27 -1.63
N GLY M 73 43.10 -9.94 -2.53
CA GLY M 73 44.19 -10.83 -2.86
C GLY M 73 43.81 -12.05 -3.66
N ASP M 74 42.59 -12.12 -4.18
CA ASP M 74 42.10 -13.29 -4.89
C ASP M 74 42.09 -13.01 -6.39
N THR M 75 42.81 -13.84 -7.15
CA THR M 75 42.93 -13.66 -8.59
C THR M 75 42.90 -15.02 -9.29
N LYS M 76 42.58 -16.09 -8.55
CA LYS M 76 42.78 -17.46 -9.04
C LYS M 76 42.00 -17.72 -10.34
N LEU M 77 40.74 -17.30 -10.41
CA LEU M 77 39.95 -17.58 -11.61
C LEU M 77 40.49 -16.82 -12.81
N PHE M 78 40.83 -15.54 -12.64
CA PHE M 78 41.43 -14.81 -13.74
C PHE M 78 42.79 -15.36 -14.10
N ASP M 79 43.54 -15.85 -13.11
CA ASP M 79 44.82 -16.50 -13.41
C ASP M 79 44.61 -17.75 -14.25
N TRP M 80 43.56 -18.51 -13.96
CA TRP M 80 43.27 -19.71 -14.74
C TRP M 80 42.90 -19.34 -16.17
N ILE M 81 42.02 -18.35 -16.34
CA ILE M 81 41.63 -17.98 -17.71
C ILE M 81 42.79 -17.32 -18.45
N ASN M 82 43.69 -16.67 -17.74
CA ASN M 82 44.80 -15.94 -18.34
C ASN M 82 45.99 -16.83 -18.69
N SER M 83 45.94 -18.11 -18.36
CA SER M 83 47.03 -19.03 -18.66
C SER M 83 46.90 -19.69 -20.03
N ILE M 84 45.89 -19.31 -20.81
CA ILE M 84 45.68 -19.94 -22.11
C ILE M 84 46.78 -19.51 -23.08
N GLN M 85 47.44 -20.49 -23.69
CA GLN M 85 48.43 -20.27 -24.73
C GLN M 85 47.99 -21.02 -25.97
N LEU M 86 47.56 -20.29 -27.00
CA LEU M 86 46.99 -20.88 -28.20
C LEU M 86 45.83 -21.79 -27.85
N ASN M 87 46.00 -23.11 -28.00
CA ASN M 87 44.98 -24.08 -27.65
C ASN M 87 45.32 -24.87 -26.39
N GLN M 88 46.35 -24.46 -25.66
CA GLN M 88 46.80 -25.17 -24.47
C GLN M 88 46.21 -24.53 -23.23
N VAL M 89 45.64 -25.35 -22.36
CA VAL M 89 45.03 -24.86 -21.12
C VAL M 89 44.98 -26.04 -20.15
N GLU M 90 44.85 -25.75 -18.86
CA GLU M 90 44.69 -26.77 -17.85
C GLU M 90 43.20 -27.07 -17.67
N LYS M 91 42.80 -28.29 -18.00
CA LYS M 91 41.41 -28.72 -17.85
C LYS M 91 41.25 -29.39 -16.49
N LYS M 92 40.20 -29.02 -15.77
CA LYS M 92 39.95 -29.53 -14.44
C LYS M 92 38.53 -30.10 -14.35
N ASP M 93 38.35 -31.02 -13.42
CA ASP M 93 37.05 -31.61 -13.17
C ASP M 93 36.35 -30.86 -12.05
N ILE M 94 35.07 -30.55 -12.24
CA ILE M 94 34.28 -29.79 -11.29
C ILE M 94 33.26 -30.74 -10.66
N ALA M 95 33.16 -30.68 -9.33
CA ALA M 95 32.19 -31.49 -8.59
C ALA M 95 31.38 -30.57 -7.70
N ILE M 96 30.06 -30.62 -7.84
CA ILE M 96 29.13 -29.86 -7.02
C ILE M 96 28.29 -30.84 -6.21
N SER M 97 28.26 -30.67 -4.89
CA SER M 97 27.59 -31.60 -4.00
C SER M 97 26.64 -30.86 -3.08
N LEU M 98 25.44 -31.41 -2.91
CA LEU M 98 24.50 -30.90 -1.92
C LEU M 98 24.83 -31.53 -0.57
N THR M 99 25.09 -30.69 0.43
CA THR M 99 25.50 -31.15 1.75
C THR M 99 24.42 -30.84 2.78
N ASN M 100 24.65 -31.30 4.00
CA ASN M 100 23.80 -30.96 5.13
C ASN M 100 24.22 -29.60 5.67
N GLU M 101 23.67 -29.21 6.82
CA GLU M 101 23.94 -27.88 7.35
C GLU M 101 25.40 -27.70 7.72
N ALA M 102 25.99 -28.69 8.37
CA ALA M 102 27.38 -28.58 8.81
C ALA M 102 28.38 -28.92 7.73
N GLY M 103 27.94 -29.46 6.59
CA GLY M 103 28.85 -29.86 5.55
C GLY M 103 29.59 -31.15 5.79
N THR M 104 29.19 -31.92 6.81
CA THR M 104 29.85 -33.18 7.15
C THR M 104 29.27 -34.38 6.43
N GLU M 105 28.22 -34.19 5.62
CA GLU M 105 27.62 -35.27 4.87
C GLU M 105 27.29 -34.80 3.47
N ILE M 106 27.32 -35.73 2.52
CA ILE M 106 27.02 -35.44 1.12
C ILE M 106 25.71 -36.13 0.76
N LEU M 107 24.81 -35.38 0.14
CA LEU M 107 23.51 -35.91 -0.26
C LEU M 107 23.45 -36.31 -1.73
N MET M 108 23.98 -35.48 -2.63
CA MET M 108 23.98 -35.80 -4.05
C MET M 108 25.13 -35.03 -4.70
N THR M 109 25.72 -35.65 -5.72
CA THR M 109 26.91 -35.10 -6.36
C THR M 109 26.70 -34.97 -7.87
N TRP M 110 27.14 -33.84 -8.41
CA TRP M 110 27.21 -33.61 -9.84
C TRP M 110 28.67 -33.54 -10.24
N ASN M 111 29.08 -34.37 -11.20
CA ASN M 111 30.46 -34.44 -11.65
C ASN M 111 30.58 -33.90 -13.06
N VAL M 112 31.50 -32.96 -13.26
CA VAL M 112 31.74 -32.33 -14.55
C VAL M 112 33.18 -32.62 -14.95
N ALA M 113 33.36 -33.15 -16.16
CA ALA M 113 34.65 -33.68 -16.60
C ALA M 113 35.29 -32.75 -17.62
N ASN M 114 36.57 -32.42 -17.39
CA ASN M 114 37.41 -31.70 -18.34
C ASN M 114 36.80 -30.34 -18.71
N ALA M 115 36.71 -29.47 -17.71
CA ALA M 115 36.16 -28.13 -17.88
C ALA M 115 37.30 -27.13 -17.99
N PHE M 116 37.21 -26.24 -18.97
CA PHE M 116 38.17 -25.16 -19.16
C PHE M 116 37.42 -23.86 -19.40
N PRO M 117 38.00 -22.72 -18.98
CA PRO M 117 37.27 -21.45 -19.09
C PRO M 117 37.24 -20.93 -20.52
N THR M 118 36.12 -20.30 -20.87
CA THR M 118 35.97 -19.63 -22.15
C THR M 118 35.62 -18.15 -22.04
N SER M 119 35.09 -17.70 -20.91
CA SER M 119 34.74 -16.30 -20.74
C SER M 119 34.89 -15.92 -19.28
N PHE M 120 35.20 -14.65 -19.04
CA PHE M 120 35.32 -14.11 -17.69
C PHE M 120 34.69 -12.72 -17.66
N THR M 121 33.84 -12.47 -16.67
CA THR M 121 33.13 -11.21 -16.55
C THR M 121 33.54 -10.53 -15.25
N SER M 122 34.01 -9.30 -15.35
CA SER M 122 34.39 -8.51 -14.18
C SER M 122 33.17 -7.81 -13.61
N PRO M 123 33.23 -7.40 -12.34
CA PRO M 123 32.13 -6.59 -11.78
C PRO M 123 32.01 -5.26 -12.50
N SER M 124 30.77 -4.76 -12.57
CA SER M 124 30.51 -3.45 -13.15
C SER M 124 30.56 -2.42 -12.04
N PHE M 125 31.46 -1.45 -12.19
CA PHE M 125 31.70 -0.45 -11.14
C PHE M 125 30.64 0.64 -11.26
N ASP M 126 29.73 0.68 -10.30
CA ASP M 126 28.64 1.65 -10.27
C ASP M 126 28.70 2.40 -8.95
N ALA M 127 28.79 3.72 -9.01
CA ALA M 127 28.94 4.52 -7.81
C ALA M 127 27.67 4.59 -6.98
N THR M 128 26.51 4.38 -7.59
CA THR M 128 25.24 4.44 -6.88
C THR M 128 24.78 3.09 -6.35
N SER M 129 25.47 2.01 -6.68
CA SER M 129 25.02 0.69 -6.29
C SER M 129 25.45 0.37 -4.86
N ASN M 130 24.77 -0.61 -4.27
CA ASN M 130 25.00 -1.07 -2.90
C ASN M 130 25.15 -2.58 -2.87
N GLU M 131 25.95 -3.12 -3.78
CA GLU M 131 26.12 -4.56 -3.93
C GLU M 131 27.58 -4.94 -3.73
N ILE M 132 27.82 -6.25 -3.70
CA ILE M 132 29.16 -6.81 -3.62
C ILE M 132 29.67 -7.05 -5.03
N ALA M 133 30.92 -6.68 -5.28
CA ALA M 133 31.53 -6.95 -6.57
C ALA M 133 31.58 -8.45 -6.82
N VAL M 134 31.05 -8.87 -7.97
CA VAL M 134 30.87 -10.28 -8.27
C VAL M 134 31.52 -10.59 -9.61
N GLN M 135 32.33 -11.65 -9.64
CA GLN M 135 32.98 -12.11 -10.86
C GLN M 135 32.26 -13.34 -11.38
N GLU M 136 32.31 -13.52 -12.71
CA GLU M 136 31.66 -14.64 -13.37
C GLU M 136 32.66 -15.33 -14.29
N ILE M 137 32.52 -16.65 -14.39
CA ILE M 137 33.37 -17.46 -15.26
C ILE M 137 32.50 -18.51 -15.94
N ALA M 138 32.74 -18.72 -17.23
CA ALA M 138 32.02 -19.71 -18.03
C ALA M 138 32.96 -20.81 -18.47
N LEU M 139 32.51 -22.06 -18.35
CA LEU M 139 33.32 -23.22 -18.63
C LEU M 139 32.63 -24.12 -19.65
N THR M 140 33.44 -24.83 -20.43
CA THR M 140 32.97 -25.83 -21.37
C THR M 140 33.58 -27.17 -20.98
N ALA M 141 32.74 -28.21 -20.94
CA ALA M 141 33.18 -29.51 -20.45
C ALA M 141 32.65 -30.62 -21.36
N ASP M 142 33.09 -31.84 -21.09
CA ASP M 142 32.73 -32.98 -21.94
C ASP M 142 31.38 -33.55 -21.56
N ARG M 143 31.24 -34.06 -20.33
CA ARG M 143 30.02 -34.71 -19.89
C ARG M 143 29.79 -34.41 -18.42
N VAL M 144 28.52 -34.51 -18.01
CA VAL M 144 28.13 -34.33 -16.62
C VAL M 144 27.35 -35.55 -16.17
N THR M 145 27.70 -36.09 -15.01
CA THR M 145 27.02 -37.24 -14.44
C THR M 145 26.57 -36.93 -13.03
N ILE M 146 25.54 -37.64 -12.59
CA ILE M 146 24.93 -37.42 -11.28
C ILE M 146 25.09 -38.69 -10.46
N GLN M 147 25.60 -38.54 -9.24
CA GLN M 147 25.84 -39.66 -8.34
C GLN M 147 25.12 -39.40 -7.03
N ALA M 148 24.38 -40.39 -6.55
CA ALA M 148 23.64 -40.30 -5.30
C ALA M 148 24.39 -41.01 -4.19
N ALA M 149 24.41 -40.40 -3.01
CA ALA M 149 25.10 -40.96 -1.86
C ALA M 149 24.42 -42.23 -1.38
N ALA N 2 -29.43 -25.14 -4.25
CA ALA N 2 -29.10 -26.42 -3.64
C ALA N 2 -28.49 -27.37 -4.66
N ILE N 3 -27.18 -27.58 -4.57
CA ILE N 3 -26.45 -28.44 -5.49
C ILE N 3 -25.72 -29.50 -4.67
N THR N 4 -25.91 -30.76 -5.05
CA THR N 4 -25.31 -31.90 -4.37
C THR N 4 -23.95 -32.23 -4.98
N PRO N 5 -23.08 -32.93 -4.23
CA PRO N 5 -21.77 -33.27 -4.78
C PRO N 5 -21.82 -34.11 -6.04
N GLU N 6 -22.83 -34.97 -6.20
CA GLU N 6 -22.96 -35.74 -7.44
C GLU N 6 -23.21 -34.83 -8.63
N GLN N 7 -24.02 -33.78 -8.45
CA GLN N 7 -24.23 -32.82 -9.51
C GLN N 7 -22.93 -32.13 -9.89
N ILE N 8 -22.09 -31.81 -8.91
CA ILE N 8 -20.81 -31.19 -9.19
C ILE N 8 -19.91 -32.17 -9.95
N ALA N 9 -19.91 -33.43 -9.54
CA ALA N 9 -19.10 -34.43 -10.24
C ALA N 9 -19.57 -34.64 -11.68
N VAL N 10 -20.86 -34.44 -11.94
CA VAL N 10 -21.38 -34.68 -13.28
C VAL N 10 -21.21 -33.47 -14.18
N GLU N 11 -21.51 -32.26 -13.69
CA GLU N 11 -21.62 -31.09 -14.57
C GLU N 11 -20.52 -30.06 -14.39
N TYR N 12 -19.87 -29.99 -13.25
CA TYR N 12 -18.90 -28.92 -13.05
C TYR N 12 -17.58 -29.23 -13.74
N PRO N 13 -16.85 -28.21 -14.18
CA PRO N 13 -15.54 -28.43 -14.78
C PRO N 13 -14.52 -28.93 -13.76
N ILE N 14 -13.51 -29.62 -14.26
CA ILE N 14 -12.50 -30.26 -13.43
C ILE N 14 -11.30 -29.34 -13.23
N PRO N 15 -10.81 -29.17 -12.00
CA PRO N 15 -9.57 -28.42 -11.80
C PRO N 15 -8.36 -29.19 -12.32
N THR N 16 -7.21 -28.52 -12.30
CA THR N 16 -6.02 -29.04 -12.97
C THR N 16 -4.84 -29.27 -12.03
N TYR N 17 -5.09 -29.38 -10.72
CA TYR N 17 -3.99 -29.53 -9.78
C TYR N 17 -3.86 -30.94 -9.19
N ARG N 18 -4.85 -31.80 -9.38
CA ARG N 18 -4.81 -33.16 -8.85
C ARG N 18 -4.71 -34.14 -10.02
N PHE N 19 -3.57 -34.82 -10.13
CA PHE N 19 -3.32 -35.72 -11.24
C PHE N 19 -2.31 -36.77 -10.82
N VAL N 20 -2.28 -37.87 -11.58
CA VAL N 20 -1.34 -38.96 -11.36
C VAL N 20 -0.64 -39.25 -12.69
N VAL N 21 0.65 -39.58 -12.61
CA VAL N 21 1.47 -39.80 -13.79
C VAL N 21 2.07 -41.19 -13.71
N SER N 22 1.94 -41.95 -14.80
CA SER N 22 2.50 -43.29 -14.90
C SER N 22 3.52 -43.32 -16.03
N VAL N 23 4.73 -43.77 -15.72
CA VAL N 23 5.81 -43.87 -16.68
C VAL N 23 6.14 -45.34 -16.86
N GLY N 24 5.88 -45.88 -18.04
CA GLY N 24 6.07 -47.31 -18.24
C GLY N 24 5.11 -48.09 -17.36
N ASP N 25 5.67 -48.99 -16.54
CA ASP N 25 4.89 -49.78 -15.61
C ASP N 25 4.96 -49.24 -14.19
N GLU N 26 5.48 -48.03 -14.00
CA GLU N 26 5.67 -47.47 -12.67
C GLU N 26 5.00 -46.10 -12.59
N GLN N 27 4.52 -45.77 -11.39
CA GLN N 27 3.90 -44.48 -11.12
C GLN N 27 4.89 -43.59 -10.39
N ILE N 28 5.08 -42.37 -10.90
CA ILE N 28 6.04 -41.42 -10.34
C ILE N 28 5.32 -40.10 -10.07
N PRO N 29 5.37 -39.58 -8.85
CA PRO N 29 4.78 -38.26 -8.59
C PRO N 29 5.54 -37.17 -9.32
N PHE N 30 4.80 -36.14 -9.75
CA PHE N 30 5.37 -35.05 -10.52
C PHE N 30 4.77 -33.73 -10.05
N ASN N 31 5.49 -32.65 -10.34
CA ASN N 31 5.05 -31.31 -9.96
C ASN N 31 4.41 -30.55 -11.12
N ASN N 32 4.86 -30.76 -12.35
CA ASN N 32 4.33 -30.05 -13.50
C ASN N 32 4.50 -30.88 -14.75
N VAL N 33 3.43 -31.02 -15.52
CA VAL N 33 3.44 -31.70 -16.81
C VAL N 33 2.81 -30.78 -17.84
N SER N 34 3.47 -30.61 -18.98
CA SER N 34 2.98 -29.71 -20.02
C SER N 34 3.50 -30.14 -21.38
N GLY N 35 2.88 -29.61 -22.42
CA GLY N 35 3.29 -29.89 -23.78
C GLY N 35 2.46 -30.91 -24.54
N LEU N 36 1.31 -31.30 -24.01
CA LEU N 36 0.47 -32.32 -24.64
C LEU N 36 -0.43 -31.67 -25.70
N ASP N 37 0.20 -31.30 -26.81
CA ASP N 37 -0.48 -30.60 -27.89
C ASP N 37 -0.44 -31.41 -29.18
N VAL N 38 -1.52 -31.30 -29.95
CA VAL N 38 -1.62 -31.93 -31.26
C VAL N 38 -1.56 -30.82 -32.31
N HIS N 39 -0.66 -30.95 -33.26
CA HIS N 39 -0.50 -29.96 -34.33
C HIS N 39 -0.53 -30.63 -35.68
N TYR N 40 -1.26 -30.02 -36.62
CA TYR N 40 -1.30 -30.46 -38.00
C TYR N 40 -0.82 -29.33 -38.90
N ASP N 41 -0.12 -29.69 -39.97
CA ASP N 41 0.23 -28.70 -40.97
C ASP N 41 -0.98 -28.46 -41.88
N VAL N 42 -0.93 -27.35 -42.62
CA VAL N 42 -2.00 -26.95 -43.52
C VAL N 42 -1.45 -26.92 -44.93
N ILE N 43 -2.11 -27.63 -45.85
CA ILE N 43 -1.73 -27.67 -47.25
C ILE N 43 -2.73 -26.81 -48.02
N GLU N 44 -2.21 -25.94 -48.89
CA GLU N 44 -3.04 -25.02 -49.65
C GLU N 44 -2.77 -25.18 -51.14
N TYR N 45 -3.81 -24.93 -51.93
CA TYR N 45 -3.69 -24.95 -53.38
C TYR N 45 -4.65 -23.91 -53.94
N LYS N 46 -4.13 -22.99 -54.74
CA LYS N 46 -4.91 -21.90 -55.31
C LYS N 46 -5.05 -22.08 -56.81
N ASP N 47 -6.25 -21.85 -57.31
CA ASP N 47 -6.55 -21.95 -58.73
C ASP N 47 -6.58 -20.57 -59.36
N GLY N 48 -6.57 -20.54 -60.70
CA GLY N 48 -6.64 -19.29 -61.41
C GLY N 48 -8.02 -18.71 -61.54
N ILE N 49 -9.06 -19.46 -61.16
CA ILE N 49 -10.44 -19.00 -61.25
C ILE N 49 -11.03 -18.68 -59.89
N GLY N 50 -10.27 -18.81 -58.82
CA GLY N 50 -10.72 -18.43 -57.49
C GLY N 50 -10.86 -19.56 -56.50
N ASN N 51 -10.58 -20.79 -56.89
CA ASN N 51 -10.66 -21.90 -55.96
C ASN N 51 -9.50 -21.86 -54.97
N TYR N 52 -9.81 -22.07 -53.70
CA TYR N 52 -8.83 -22.01 -52.62
C TYR N 52 -9.05 -23.24 -51.74
N TYR N 53 -8.23 -24.27 -51.94
CA TYR N 53 -8.36 -25.53 -51.22
C TYR N 53 -7.43 -25.53 -50.01
N LYS N 54 -7.99 -25.81 -48.84
CA LYS N 54 -7.22 -25.92 -47.61
C LYS N 54 -7.55 -27.24 -46.95
N MET N 55 -6.54 -28.06 -46.70
CA MET N 55 -6.71 -29.38 -46.12
C MET N 55 -5.66 -29.60 -45.04
N PRO N 56 -5.92 -30.51 -44.11
CA PRO N 56 -4.90 -30.84 -43.10
C PRO N 56 -3.70 -31.51 -43.74
N GLY N 57 -2.53 -31.30 -43.12
CA GLY N 57 -1.30 -31.90 -43.60
C GLY N 57 -0.79 -33.00 -42.70
N GLN N 58 0.52 -33.15 -42.63
CA GLN N 58 1.11 -34.20 -41.80
C GLN N 58 1.02 -33.85 -40.32
N ARG N 59 0.77 -34.86 -39.50
CA ARG N 59 0.74 -34.66 -38.06
C ARG N 59 2.16 -34.50 -37.52
N GLN N 60 2.32 -33.63 -36.54
CA GLN N 60 3.62 -33.36 -35.95
C GLN N 60 3.84 -34.22 -34.72
N SER N 61 5.10 -34.31 -34.31
CA SER N 61 5.47 -35.09 -33.13
C SER N 61 5.12 -34.33 -31.85
N ILE N 62 5.21 -35.04 -30.73
CA ILE N 62 4.84 -34.50 -29.42
C ILE N 62 6.11 -34.18 -28.64
N ASN N 63 6.13 -33.03 -27.99
CA ASN N 63 7.24 -32.61 -27.13
C ASN N 63 6.67 -32.19 -25.79
N ILE N 64 6.91 -33.00 -24.77
CA ILE N 64 6.40 -32.72 -23.43
C ILE N 64 7.56 -32.57 -22.47
N THR N 65 7.33 -31.82 -21.40
CA THR N 65 8.31 -31.62 -20.34
C THR N 65 7.70 -31.98 -19.00
N LEU N 66 8.49 -32.65 -18.16
CA LEU N 66 8.04 -33.05 -16.83
C LEU N 66 8.92 -32.38 -15.79
N ARG N 67 8.29 -31.90 -14.71
CA ARG N 67 8.97 -31.17 -13.65
C ARG N 67 8.75 -31.90 -12.34
N LYS N 68 9.83 -32.09 -11.59
CA LYS N 68 9.77 -32.87 -10.35
C LYS N 68 10.93 -32.45 -9.45
N GLY N 69 10.69 -32.45 -8.14
CA GLY N 69 11.72 -32.08 -7.20
C GLY N 69 12.75 -33.18 -7.01
N VAL N 70 13.89 -32.79 -6.46
CA VAL N 70 15.00 -33.71 -6.20
C VAL N 70 14.80 -34.35 -4.83
N PHE N 71 14.92 -35.68 -4.79
CA PHE N 71 14.73 -36.44 -3.57
C PHE N 71 15.98 -37.25 -3.25
N PRO N 72 16.24 -37.56 -1.98
CA PRO N 72 17.46 -38.28 -1.62
C PRO N 72 17.50 -39.66 -2.24
N GLY N 73 18.65 -40.00 -2.85
CA GLY N 73 18.84 -41.31 -3.43
C GLY N 73 18.08 -41.57 -4.70
N ASP N 74 17.49 -40.56 -5.31
CA ASP N 74 16.66 -40.72 -6.50
C ASP N 74 17.41 -40.19 -7.72
N THR N 75 17.69 -41.07 -8.67
CA THR N 75 18.34 -40.69 -9.92
C THR N 75 17.71 -41.42 -11.10
N LYS N 76 16.41 -41.71 -11.03
CA LYS N 76 15.77 -42.54 -12.05
C LYS N 76 15.73 -41.85 -13.40
N LEU N 77 15.34 -40.57 -13.43
CA LEU N 77 15.22 -39.86 -14.70
C LEU N 77 16.59 -39.66 -15.36
N PHE N 78 17.60 -39.30 -14.57
CA PHE N 78 18.94 -39.19 -15.13
C PHE N 78 19.47 -40.55 -15.57
N ASP N 79 19.11 -41.62 -14.86
CA ASP N 79 19.51 -42.95 -15.32
C ASP N 79 18.86 -43.30 -16.65
N TRP N 80 17.59 -42.91 -16.82
CA TRP N 80 16.91 -43.13 -18.09
C TRP N 80 17.58 -42.36 -19.22
N ILE N 81 17.93 -41.10 -18.98
CA ILE N 81 18.57 -40.33 -20.04
C ILE N 81 20.01 -40.75 -20.27
N ASN N 82 20.65 -41.37 -19.29
CA ASN N 82 22.05 -41.78 -19.37
C ASN N 82 22.23 -43.16 -19.98
N SER N 83 21.14 -43.85 -20.30
CA SER N 83 21.21 -45.17 -20.91
C SER N 83 21.25 -45.13 -22.42
N ILE N 84 21.30 -43.93 -23.02
CA ILE N 84 21.31 -43.82 -24.47
C ILE N 84 22.66 -44.28 -25.01
N GLN N 85 22.63 -45.21 -25.96
CA GLN N 85 23.82 -45.68 -26.67
C GLN N 85 23.56 -45.54 -28.16
N LEU N 86 24.21 -44.56 -28.80
CA LEU N 86 24.00 -44.22 -30.20
C LEU N 86 22.52 -43.89 -30.38
N ASN N 87 21.77 -44.65 -31.17
CA ASN N 87 20.35 -44.39 -31.38
C ASN N 87 19.46 -45.31 -30.57
N GLN N 88 20.03 -46.09 -29.64
CA GLN N 88 19.28 -47.07 -28.88
C GLN N 88 18.90 -46.50 -27.51
N VAL N 89 17.61 -46.49 -27.21
CA VAL N 89 17.10 -46.07 -25.92
C VAL N 89 15.80 -46.83 -25.68
N GLU N 90 15.48 -47.04 -24.40
CA GLU N 90 14.24 -47.73 -24.05
C GLU N 90 13.11 -46.71 -24.01
N LYS N 91 12.13 -46.89 -24.89
CA LYS N 91 10.99 -46.00 -24.96
C LYS N 91 9.88 -46.49 -24.06
N LYS N 92 9.15 -45.55 -23.46
CA LYS N 92 8.08 -45.87 -22.52
C LYS N 92 6.84 -45.07 -22.84
N ASP N 93 5.68 -45.60 -22.45
CA ASP N 93 4.42 -44.90 -22.61
C ASP N 93 4.11 -44.12 -21.34
N ILE N 94 3.60 -42.91 -21.52
CA ILE N 94 3.29 -42.00 -20.42
C ILE N 94 1.79 -41.80 -20.36
N ALA N 95 1.22 -41.96 -19.17
CA ALA N 95 -0.21 -41.74 -18.96
C ALA N 95 -0.40 -40.76 -17.81
N ILE N 96 -1.14 -39.68 -18.08
CA ILE N 96 -1.45 -38.66 -17.08
C ILE N 96 -2.97 -38.66 -16.90
N SER N 97 -3.41 -38.88 -15.66
CA SER N 97 -4.84 -39.01 -15.35
C SER N 97 -5.23 -38.02 -14.28
N LEU N 98 -6.34 -37.31 -14.51
CA LEU N 98 -6.94 -36.47 -13.48
C LEU N 98 -7.78 -37.35 -12.55
N THR N 99 -7.47 -37.31 -11.26
CA THR N 99 -8.13 -38.16 -10.28
C THR N 99 -9.01 -37.31 -9.36
N ASN N 100 -9.69 -37.99 -8.45
CA ASN N 100 -10.46 -37.33 -7.41
C ASN N 100 -9.54 -36.98 -6.25
N GLU N 101 -10.11 -36.55 -5.13
CA GLU N 101 -9.29 -36.08 -4.02
C GLU N 101 -8.41 -37.17 -3.45
N ALA N 102 -8.96 -38.37 -3.26
CA ALA N 102 -8.22 -39.47 -2.67
C ALA N 102 -7.43 -40.27 -3.70
N GLY N 103 -7.61 -40.02 -4.98
CA GLY N 103 -6.93 -40.79 -6.01
C GLY N 103 -7.49 -42.17 -6.26
N THR N 104 -8.70 -42.45 -5.78
CA THR N 104 -9.32 -43.76 -5.96
C THR N 104 -10.19 -43.83 -7.20
N GLU N 105 -10.34 -42.73 -7.94
CA GLU N 105 -11.13 -42.71 -9.16
C GLU N 105 -10.39 -41.92 -10.22
N ILE N 106 -10.66 -42.25 -11.48
CA ILE N 106 -10.05 -41.59 -12.62
C ILE N 106 -11.14 -40.83 -13.37
N LEU N 107 -10.86 -39.56 -13.69
CA LEU N 107 -11.81 -38.72 -14.39
C LEU N 107 -11.52 -38.63 -15.89
N MET N 108 -10.26 -38.41 -16.25
CA MET N 108 -9.85 -38.34 -17.64
C MET N 108 -8.39 -38.75 -17.75
N THR N 109 -8.01 -39.31 -18.89
CA THR N 109 -6.67 -39.83 -19.09
C THR N 109 -6.06 -39.28 -20.36
N TRP N 110 -4.79 -38.92 -20.29
CA TRP N 110 -3.99 -38.53 -21.45
C TRP N 110 -2.96 -39.61 -21.68
N ASN N 111 -2.97 -40.22 -22.87
CA ASN N 111 -2.09 -41.33 -23.20
C ASN N 111 -1.04 -40.87 -24.20
N VAL N 112 0.22 -41.10 -23.86
CA VAL N 112 1.36 -40.71 -24.69
C VAL N 112 2.14 -41.97 -25.04
N ALA N 113 2.42 -42.15 -26.33
CA ALA N 113 3.00 -43.39 -26.83
C ALA N 113 4.45 -43.19 -27.25
N ASN N 114 5.33 -44.07 -26.80
CA ASN N 114 6.72 -44.16 -27.25
C ASN N 114 7.47 -42.85 -27.02
N ALA N 115 7.64 -42.50 -25.75
CA ALA N 115 8.33 -41.30 -25.34
C ALA N 115 9.73 -41.64 -24.85
N PHE N 116 10.73 -40.90 -25.33
CA PHE N 116 12.11 -41.07 -24.90
C PHE N 116 12.71 -39.71 -24.59
N PRO N 117 13.64 -39.64 -23.65
CA PRO N 117 14.20 -38.34 -23.24
C PRO N 117 15.09 -37.74 -24.32
N THR N 118 15.14 -36.41 -24.34
CA THR N 118 16.02 -35.69 -25.25
C THR N 118 16.90 -34.71 -24.49
N SER N 119 16.37 -34.11 -23.43
CA SER N 119 17.11 -33.15 -22.64
C SER N 119 16.81 -33.36 -21.16
N PHE N 120 17.79 -33.01 -20.32
CA PHE N 120 17.66 -33.09 -18.87
C PHE N 120 18.25 -31.83 -18.26
N THR N 121 17.48 -31.19 -17.38
CA THR N 121 17.90 -29.94 -16.74
C THR N 121 18.05 -30.17 -15.25
N SER N 122 19.24 -29.91 -14.73
CA SER N 122 19.53 -30.02 -13.30
C SER N 122 19.15 -28.73 -12.59
N PRO N 123 18.92 -28.79 -11.28
CA PRO N 123 18.63 -27.57 -10.53
C PRO N 123 19.84 -26.63 -10.52
N SER N 124 19.55 -25.34 -10.47
CA SER N 124 20.59 -24.32 -10.37
C SER N 124 20.86 -24.04 -8.90
N PHE N 125 22.13 -24.14 -8.51
CA PHE N 125 22.52 -23.97 -7.11
C PHE N 125 22.70 -22.48 -6.83
N ASP N 126 21.81 -21.91 -6.04
CA ASP N 126 21.83 -20.50 -5.68
C ASP N 126 21.86 -20.38 -4.17
N ALA N 127 22.87 -19.69 -3.65
CA ALA N 127 23.05 -19.57 -2.21
C ALA N 127 22.06 -18.60 -1.56
N THR N 128 21.33 -17.82 -2.35
CA THR N 128 20.38 -16.85 -1.82
C THR N 128 18.94 -17.29 -1.96
N SER N 129 18.67 -18.42 -2.61
CA SER N 129 17.32 -18.85 -2.89
C SER N 129 16.74 -19.64 -1.73
N ASN N 130 15.41 -19.74 -1.71
CA ASN N 130 14.66 -20.47 -0.70
C ASN N 130 13.68 -21.42 -1.37
N GLU N 131 14.15 -22.16 -2.37
CA GLU N 131 13.32 -23.06 -3.15
C GLU N 131 13.82 -24.49 -3.01
N ILE N 132 13.01 -25.41 -3.53
CA ILE N 132 13.36 -26.83 -3.58
C ILE N 132 14.09 -27.09 -4.89
N ALA N 133 15.15 -27.89 -4.82
CA ALA N 133 15.86 -28.28 -6.03
C ALA N 133 14.94 -29.04 -6.96
N VAL N 134 14.89 -28.62 -8.22
CA VAL N 134 13.92 -29.12 -9.18
C VAL N 134 14.66 -29.55 -10.44
N GLN N 135 14.32 -30.73 -10.95
CA GLN N 135 14.88 -31.27 -12.18
C GLN N 135 13.81 -31.32 -13.26
N GLU N 136 14.23 -31.07 -14.50
CA GLU N 136 13.35 -31.07 -15.66
C GLU N 136 13.80 -32.12 -16.66
N ILE N 137 12.85 -32.75 -17.33
CA ILE N 137 13.14 -33.71 -18.38
C ILE N 137 12.17 -33.47 -19.54
N ALA N 138 12.70 -33.50 -20.76
CA ALA N 138 11.91 -33.31 -21.97
C ALA N 138 11.89 -34.59 -22.78
N LEU N 139 10.71 -34.95 -23.27
CA LEU N 139 10.51 -36.19 -24.01
C LEU N 139 9.90 -35.91 -25.38
N THR N 140 10.21 -36.77 -26.33
CA THR N 140 9.62 -36.75 -27.66
C THR N 140 8.85 -38.05 -27.87
N ALA N 141 7.64 -37.95 -28.38
CA ALA N 141 6.75 -39.11 -28.48
C ALA N 141 6.05 -39.12 -29.82
N ASP N 142 5.30 -40.20 -30.06
CA ASP N 142 4.64 -40.42 -31.35
C ASP N 142 3.31 -39.67 -31.43
N ARG N 143 2.36 -40.04 -30.57
CA ARG N 143 1.03 -39.45 -30.62
C ARG N 143 0.47 -39.39 -29.21
N VAL N 144 -0.52 -38.50 -29.03
CA VAL N 144 -1.21 -38.35 -27.76
C VAL N 144 -2.71 -38.49 -28.01
N THR N 145 -3.37 -39.30 -27.19
CA THR N 145 -4.81 -39.50 -27.28
C THR N 145 -5.43 -39.28 -25.91
N ILE N 146 -6.71 -38.93 -25.92
CA ILE N 146 -7.46 -38.62 -24.70
C ILE N 146 -8.61 -39.61 -24.57
N GLN N 147 -8.72 -40.23 -23.40
CA GLN N 147 -9.77 -41.18 -23.11
C GLN N 147 -10.57 -40.69 -21.90
N ALA N 148 -11.88 -40.62 -22.07
CA ALA N 148 -12.76 -40.15 -21.00
C ALA N 148 -13.28 -41.34 -20.21
N ALA N 149 -13.19 -41.25 -18.88
CA ALA N 149 -13.64 -42.32 -18.01
C ALA N 149 -15.17 -42.40 -18.01
N ALA O 2 -32.73 10.97 -17.74
CA ALA O 2 -33.86 10.08 -17.94
C ALA O 2 -33.69 9.28 -19.23
N ILE O 3 -33.15 8.07 -19.10
CA ILE O 3 -32.92 7.18 -20.23
C ILE O 3 -33.60 5.86 -19.95
N THR O 4 -34.47 5.43 -20.86
CA THR O 4 -35.19 4.18 -20.74
C THR O 4 -34.35 3.04 -21.29
N PRO O 5 -34.63 1.80 -20.87
CA PRO O 5 -33.86 0.66 -21.40
C PRO O 5 -33.96 0.51 -22.91
N GLU O 6 -35.06 0.94 -23.52
CA GLU O 6 -35.16 0.88 -24.98
C GLU O 6 -34.11 1.77 -25.64
N GLN O 7 -33.88 2.96 -25.08
CA GLN O 7 -32.84 3.83 -25.60
C GLN O 7 -31.47 3.19 -25.49
N ILE O 8 -31.21 2.50 -24.39
CA ILE O 8 -29.94 1.80 -24.23
C ILE O 8 -29.81 0.69 -25.26
N ALA O 9 -30.89 -0.08 -25.47
CA ALA O 9 -30.86 -1.16 -26.44
C ALA O 9 -30.67 -0.66 -27.86
N VAL O 10 -31.10 0.57 -28.14
CA VAL O 10 -31.00 1.11 -29.49
C VAL O 10 -29.67 1.81 -29.73
N GLU O 11 -29.18 2.61 -28.78
CA GLU O 11 -28.07 3.51 -29.03
C GLU O 11 -26.78 3.16 -28.30
N TYR O 12 -26.84 2.43 -27.20
CA TYR O 12 -25.62 2.20 -26.44
C TYR O 12 -24.78 1.10 -27.08
N PRO O 13 -23.46 1.15 -26.93
CA PRO O 13 -22.60 0.08 -27.43
C PRO O 13 -22.80 -1.21 -26.65
N ILE O 14 -22.51 -2.32 -27.31
CA ILE O 14 -22.76 -3.65 -26.75
C ILE O 14 -21.52 -4.15 -26.02
N PRO O 15 -21.66 -4.72 -24.83
CA PRO O 15 -20.52 -5.38 -24.18
C PRO O 15 -20.15 -6.66 -24.91
N THR O 16 -19.03 -7.26 -24.48
CA THR O 16 -18.42 -8.36 -25.22
C THR O 16 -18.32 -9.64 -24.39
N TYR O 17 -19.12 -9.78 -23.33
CA TYR O 17 -19.00 -10.95 -22.46
C TYR O 17 -20.17 -11.92 -22.56
N ARG O 18 -21.26 -11.55 -23.21
CA ARG O 18 -22.42 -12.43 -23.36
C ARG O 18 -22.57 -12.81 -24.83
N PHE O 19 -22.33 -14.09 -25.12
CA PHE O 19 -22.37 -14.56 -26.51
C PHE O 19 -22.72 -16.03 -26.52
N VAL O 20 -23.17 -16.51 -27.67
CA VAL O 20 -23.48 -17.91 -27.90
C VAL O 20 -22.74 -18.37 -29.14
N VAL O 21 -22.25 -19.60 -29.10
CA VAL O 21 -21.43 -20.17 -30.18
C VAL O 21 -22.13 -21.41 -30.71
N SER O 22 -22.26 -21.49 -32.04
CA SER O 22 -22.84 -22.63 -32.71
C SER O 22 -21.78 -23.27 -33.58
N VAL O 23 -21.51 -24.55 -33.36
CA VAL O 23 -20.54 -25.32 -34.13
C VAL O 23 -21.32 -26.38 -34.90
N GLY O 24 -21.32 -26.27 -36.23
CA GLY O 24 -22.11 -27.19 -37.02
C GLY O 24 -23.60 -27.01 -36.72
N ASP O 25 -24.26 -28.12 -36.42
CA ASP O 25 -25.69 -28.12 -36.13
C ASP O 25 -26.01 -28.05 -34.64
N GLU O 26 -25.00 -27.89 -33.79
CA GLU O 26 -25.19 -27.90 -32.35
C GLU O 26 -24.48 -26.71 -31.73
N GLN O 27 -24.89 -26.38 -30.50
CA GLN O 27 -24.35 -25.24 -29.76
C GLN O 27 -23.48 -25.73 -28.62
N ILE O 28 -22.30 -25.12 -28.49
CA ILE O 28 -21.35 -25.48 -27.44
C ILE O 28 -20.95 -24.22 -26.69
N PRO O 29 -21.07 -24.19 -25.36
CA PRO O 29 -20.63 -23.02 -24.61
C PRO O 29 -19.11 -22.90 -24.64
N PHE O 30 -18.64 -21.64 -24.70
CA PHE O 30 -17.21 -21.38 -24.80
C PHE O 30 -16.84 -20.25 -23.84
N ASN O 31 -15.55 -20.21 -23.48
CA ASN O 31 -15.03 -19.18 -22.59
C ASN O 31 -14.37 -18.03 -23.33
N ASN O 32 -13.77 -18.29 -24.49
CA ASN O 32 -13.06 -17.25 -25.24
C ASN O 32 -13.08 -17.58 -26.72
N VAL O 33 -13.31 -16.57 -27.54
CA VAL O 33 -13.24 -16.67 -28.99
C VAL O 33 -12.44 -15.49 -29.52
N SER O 34 -11.50 -15.76 -30.42
CA SER O 34 -10.66 -14.70 -30.94
C SER O 34 -10.14 -15.09 -32.32
N GLY O 35 -9.63 -14.09 -33.04
CA GLY O 35 -9.04 -14.31 -34.34
C GLY O 35 -9.94 -14.04 -35.54
N LEU O 36 -11.10 -13.42 -35.32
CA LEU O 36 -12.06 -13.17 -36.40
C LEU O 36 -11.67 -11.89 -37.14
N ASP O 37 -10.60 -11.99 -37.93
CA ASP O 37 -10.05 -10.85 -38.64
C ASP O 37 -10.11 -11.06 -40.14
N VAL O 38 -10.34 -9.99 -40.88
CA VAL O 38 -10.31 -9.97 -42.33
C VAL O 38 -9.07 -9.21 -42.76
N HIS O 39 -8.23 -9.85 -43.58
CA HIS O 39 -6.99 -9.25 -44.02
C HIS O 39 -6.89 -9.30 -45.54
N TYR O 40 -6.40 -8.20 -46.12
CA TYR O 40 -6.17 -8.11 -47.55
C TYR O 40 -4.72 -7.67 -47.79
N ASP O 41 -4.14 -8.19 -48.85
CA ASP O 41 -2.83 -7.73 -49.27
C ASP O 41 -2.97 -6.45 -50.09
N VAL O 42 -1.85 -5.74 -50.23
CA VAL O 42 -1.82 -4.49 -50.98
C VAL O 42 -0.85 -4.65 -52.14
N ILE O 43 -1.33 -4.36 -53.35
CA ILE O 43 -0.52 -4.42 -54.56
C ILE O 43 -0.19 -3.00 -54.99
N GLU O 44 1.08 -2.73 -55.22
CA GLU O 44 1.56 -1.40 -55.56
C GLU O 44 2.26 -1.44 -56.91
N TYR O 45 2.03 -0.41 -57.71
CA TYR O 45 2.71 -0.21 -58.98
C TYR O 45 3.14 1.24 -59.08
N LYS O 46 4.41 1.47 -59.40
CA LYS O 46 4.96 2.81 -59.48
C LYS O 46 5.36 3.13 -60.91
N ASP O 47 5.13 4.37 -61.32
CA ASP O 47 5.48 4.86 -62.64
C ASP O 47 6.73 5.73 -62.56
N GLY O 48 7.31 6.00 -63.73
CA GLY O 48 8.47 6.86 -63.80
C GLY O 48 8.18 8.34 -63.74
N ILE O 49 6.91 8.73 -63.83
CA ILE O 49 6.52 10.13 -63.80
C ILE O 49 5.85 10.51 -62.50
N GLY O 50 5.69 9.58 -61.57
CA GLY O 50 5.12 9.87 -60.27
C GLY O 50 3.82 9.19 -59.95
N ASN O 51 3.27 8.37 -60.84
CA ASN O 51 2.01 7.69 -60.55
C ASN O 51 2.27 6.55 -59.57
N TYR O 52 1.48 6.51 -58.50
CA TYR O 52 1.62 5.52 -57.44
C TYR O 52 0.26 4.86 -57.24
N TYR O 53 0.08 3.67 -57.79
CA TYR O 53 -1.18 2.94 -57.73
C TYR O 53 -1.16 1.97 -56.57
N LYS O 54 -2.21 1.99 -55.75
CA LYS O 54 -2.38 1.05 -54.66
C LYS O 54 -3.78 0.48 -54.71
N MET O 55 -3.89 -0.84 -54.75
CA MET O 55 -5.16 -1.53 -54.84
C MET O 55 -5.13 -2.73 -53.90
N PRO O 56 -6.30 -3.21 -53.47
CA PRO O 56 -6.35 -4.41 -52.64
C PRO O 56 -5.83 -5.63 -53.39
N GLY O 57 -5.23 -6.55 -52.64
CA GLY O 57 -4.73 -7.79 -53.20
C GLY O 57 -5.59 -8.99 -52.87
N GLN O 58 -4.99 -10.16 -52.80
CA GLN O 58 -5.72 -11.37 -52.48
C GLN O 58 -6.18 -11.36 -51.02
N ARG O 59 -7.36 -11.92 -50.78
CA ARG O 59 -7.87 -12.05 -49.43
C ARG O 59 -7.20 -13.22 -48.74
N GLN O 60 -6.89 -13.05 -47.46
CA GLN O 60 -6.22 -14.08 -46.68
C GLN O 60 -7.24 -14.96 -45.95
N SER O 61 -6.77 -16.12 -45.50
CA SER O 61 -7.61 -17.06 -44.80
C SER O 61 -7.82 -16.63 -43.36
N ILE O 62 -8.78 -17.27 -42.70
CA ILE O 62 -9.18 -16.93 -41.33
C ILE O 62 -8.64 -18.01 -40.39
N ASN O 63 -8.04 -17.58 -39.28
CA ASN O 63 -7.57 -18.47 -38.23
C ASN O 63 -8.15 -18.01 -36.90
N ILE O 64 -8.96 -18.86 -36.28
CA ILE O 64 -9.61 -18.53 -35.02
C ILE O 64 -9.28 -19.59 -33.98
N THR O 65 -9.35 -19.17 -32.72
CA THR O 65 -9.07 -20.05 -31.59
C THR O 65 -10.24 -20.00 -30.62
N LEU O 66 -10.60 -21.16 -30.07
CA LEU O 66 -11.69 -21.28 -29.11
C LEU O 66 -11.15 -21.86 -27.82
N ARG O 67 -11.49 -21.24 -26.69
CA ARG O 67 -11.06 -21.69 -25.38
C ARG O 67 -12.27 -22.19 -24.61
N LYS O 68 -12.12 -23.35 -23.95
CA LYS O 68 -13.23 -24.01 -23.29
C LYS O 68 -12.67 -24.84 -22.14
N GLY O 69 -13.41 -24.87 -21.03
CA GLY O 69 -13.00 -25.67 -19.90
C GLY O 69 -13.24 -27.16 -20.12
N VAL O 70 -12.54 -27.96 -19.34
CA VAL O 70 -12.64 -29.42 -19.44
C VAL O 70 -13.76 -29.90 -18.54
N PHE O 71 -14.67 -30.69 -19.09
CA PHE O 71 -15.83 -31.20 -18.39
C PHE O 71 -15.82 -32.73 -18.37
N PRO O 72 -16.39 -33.36 -17.34
CA PRO O 72 -16.36 -34.82 -17.28
C PRO O 72 -17.12 -35.44 -18.44
N GLY O 73 -16.51 -36.46 -19.05
CA GLY O 73 -17.13 -37.18 -20.15
C GLY O 73 -17.15 -36.45 -21.47
N ASP O 74 -16.44 -35.33 -21.59
CA ASP O 74 -16.47 -34.51 -22.79
C ASP O 74 -15.16 -34.70 -23.56
N THR O 75 -15.28 -35.10 -24.83
CA THR O 75 -14.11 -35.33 -25.68
C THR O 75 -14.41 -34.83 -27.10
N LYS O 76 -15.45 -34.02 -27.26
CA LYS O 76 -15.97 -33.71 -28.59
C LYS O 76 -14.95 -33.01 -29.46
N LEU O 77 -14.27 -31.99 -28.92
CA LEU O 77 -13.32 -31.23 -29.73
C LEU O 77 -12.11 -32.09 -30.09
N PHE O 78 -11.58 -32.85 -29.14
CA PHE O 78 -10.47 -33.75 -29.46
C PHE O 78 -10.92 -34.84 -30.42
N ASP O 79 -12.16 -35.30 -30.30
CA ASP O 79 -12.67 -36.29 -31.24
C ASP O 79 -12.73 -35.70 -32.65
N TRP O 80 -13.13 -34.43 -32.76
CA TRP O 80 -13.16 -33.77 -34.06
C TRP O 80 -11.76 -33.66 -34.65
N ILE O 81 -10.78 -33.24 -33.84
CA ILE O 81 -9.43 -33.11 -34.38
C ILE O 81 -8.79 -34.48 -34.63
N ASN O 82 -9.26 -35.53 -33.97
CA ASN O 82 -8.67 -36.85 -34.08
C ASN O 82 -9.24 -37.68 -35.22
N SER O 83 -10.25 -37.17 -35.92
CA SER O 83 -10.86 -37.88 -37.03
C SER O 83 -10.17 -37.59 -38.36
N ILE O 84 -9.09 -36.82 -38.36
CA ILE O 84 -8.41 -36.47 -39.59
C ILE O 84 -7.72 -37.71 -40.17
N GLN O 85 -8.00 -38.00 -41.44
CA GLN O 85 -7.36 -39.08 -42.17
C GLN O 85 -6.79 -38.51 -43.45
N LEU O 86 -5.47 -38.37 -43.50
CA LEU O 86 -4.76 -37.73 -44.62
C LEU O 86 -5.31 -36.32 -44.78
N ASN O 87 -5.99 -35.99 -45.88
CA ASN O 87 -6.53 -34.65 -46.09
C ASN O 87 -8.04 -34.59 -45.89
N GLN O 88 -8.65 -35.65 -45.38
CA GLN O 88 -10.10 -35.71 -45.20
C GLN O 88 -10.46 -35.33 -43.77
N VAL O 89 -11.43 -34.43 -43.63
CA VAL O 89 -11.90 -33.99 -42.32
C VAL O 89 -13.28 -33.38 -42.52
N GLU O 90 -14.07 -33.38 -41.46
CA GLU O 90 -15.39 -32.76 -41.49
C GLU O 90 -15.24 -31.25 -41.27
N LYS O 91 -15.73 -30.47 -42.22
CA LYS O 91 -15.70 -29.02 -42.13
C LYS O 91 -17.06 -28.52 -41.68
N LYS O 92 -17.06 -27.66 -40.67
CA LYS O 92 -18.30 -27.15 -40.09
C LYS O 92 -18.28 -25.63 -40.11
N ASP O 93 -19.48 -25.05 -40.10
CA ASP O 93 -19.64 -23.60 -40.05
C ASP O 93 -19.83 -23.16 -38.61
N ILE O 94 -19.14 -22.10 -38.23
CA ILE O 94 -19.16 -21.57 -36.87
C ILE O 94 -19.87 -20.23 -36.88
N ALA O 95 -20.81 -20.04 -35.96
CA ALA O 95 -21.54 -18.80 -35.81
C ALA O 95 -21.44 -18.31 -34.37
N ILE O 96 -21.05 -17.05 -34.19
CA ILE O 96 -20.95 -16.43 -32.87
C ILE O 96 -21.90 -15.25 -32.85
N SER O 97 -22.80 -15.22 -31.86
CA SER O 97 -23.82 -14.20 -31.78
C SER O 97 -23.80 -13.54 -30.41
N LEU O 98 -23.85 -12.21 -30.40
CA LEU O 98 -24.03 -11.46 -29.16
C LEU O 98 -25.51 -11.44 -28.82
N THR O 99 -25.86 -11.93 -27.63
CA THR O 99 -27.23 -12.07 -27.20
C THR O 99 -27.53 -11.12 -26.05
N ASN O 100 -28.78 -11.11 -25.62
CA ASN O 100 -29.19 -10.35 -24.45
C ASN O 100 -28.88 -11.17 -23.20
N GLU O 101 -29.37 -10.72 -22.04
CA GLU O 101 -29.04 -11.39 -20.79
C GLU O 101 -29.59 -12.80 -20.74
N ALA O 102 -30.85 -12.99 -21.16
CA ALA O 102 -31.48 -14.30 -21.09
C ALA O 102 -31.13 -15.19 -22.28
N GLY O 103 -30.55 -14.63 -23.34
CA GLY O 103 -30.26 -15.41 -24.52
C GLY O 103 -31.41 -15.61 -25.46
N THR O 104 -32.53 -14.93 -25.23
CA THR O 104 -33.72 -15.08 -26.07
C THR O 104 -33.73 -14.14 -27.27
N GLU O 105 -32.71 -13.30 -27.42
CA GLU O 105 -32.62 -12.38 -28.54
C GLU O 105 -31.20 -12.38 -29.07
N ILE O 106 -31.05 -12.05 -30.34
CA ILE O 106 -29.76 -11.96 -31.01
C ILE O 106 -29.54 -10.54 -31.47
N LEU O 107 -28.37 -9.97 -31.15
CA LEU O 107 -28.04 -8.60 -31.48
C LEU O 107 -27.17 -8.49 -32.73
N MET O 108 -26.11 -9.28 -32.81
CA MET O 108 -25.23 -9.28 -33.97
C MET O 108 -24.62 -10.67 -34.12
N THR O 109 -24.35 -11.06 -35.36
CA THR O 109 -23.90 -12.41 -35.66
C THR O 109 -22.62 -12.37 -36.50
N TRP O 110 -21.69 -13.24 -36.14
CA TRP O 110 -20.48 -13.48 -36.93
C TRP O 110 -20.58 -14.88 -37.53
N ASN O 111 -20.41 -14.98 -38.85
CA ASN O 111 -20.55 -16.25 -39.55
C ASN O 111 -19.21 -16.67 -40.13
N VAL O 112 -18.79 -17.89 -39.82
CA VAL O 112 -17.52 -18.44 -40.28
C VAL O 112 -17.82 -19.70 -41.08
N ALA O 113 -17.27 -19.79 -42.28
CA ALA O 113 -17.62 -20.83 -43.24
C ALA O 113 -16.48 -21.83 -43.39
N ASN O 114 -16.82 -23.12 -43.31
CA ASN O 114 -15.90 -24.22 -43.61
C ASN O 114 -14.66 -24.17 -42.74
N ALA O 115 -14.87 -24.34 -41.43
CA ALA O 115 -13.79 -24.35 -40.46
C ALA O 115 -13.43 -25.77 -40.08
N PHE O 116 -12.13 -26.07 -40.09
CA PHE O 116 -11.62 -27.37 -39.66
C PHE O 116 -10.45 -27.19 -38.72
N PRO O 117 -10.26 -28.10 -37.76
CA PRO O 117 -9.21 -27.91 -36.77
C PRO O 117 -7.83 -28.17 -37.33
N THR O 118 -6.85 -27.45 -36.77
CA THR O 118 -5.45 -27.67 -37.10
C THR O 118 -4.56 -27.89 -35.89
N SER O 119 -4.94 -27.41 -34.70
CA SER O 119 -4.13 -27.58 -33.51
C SER O 119 -5.03 -27.72 -32.30
N PHE O 120 -4.60 -28.54 -31.35
CA PHE O 120 -5.31 -28.76 -30.10
C PHE O 120 -4.33 -28.65 -28.95
N THR O 121 -4.68 -27.87 -27.93
CA THR O 121 -3.82 -27.65 -26.78
C THR O 121 -4.52 -28.17 -25.53
N SER O 122 -3.88 -29.12 -24.85
CA SER O 122 -4.40 -29.68 -23.62
C SER O 122 -4.04 -28.79 -22.42
N PRO O 123 -4.76 -28.92 -21.32
CA PRO O 123 -4.39 -28.16 -20.12
C PRO O 123 -3.02 -28.58 -19.60
N SER O 124 -2.33 -27.62 -19.00
CA SER O 124 -1.04 -27.89 -18.37
C SER O 124 -1.28 -28.25 -16.91
N PHE O 125 -0.81 -29.44 -16.51
CA PHE O 125 -1.05 -29.94 -15.17
C PHE O 125 -0.02 -29.33 -14.22
N ASP O 126 -0.49 -28.52 -13.28
CA ASP O 126 0.37 -27.86 -12.32
C ASP O 126 -0.13 -28.18 -10.92
N ALA O 127 0.74 -28.74 -10.08
CA ALA O 127 0.36 -29.15 -8.74
C ALA O 127 0.16 -27.98 -7.80
N THR O 128 0.54 -26.76 -8.21
CA THR O 128 0.40 -25.59 -7.35
C THR O 128 -0.68 -24.62 -7.83
N SER O 129 -1.24 -24.82 -9.02
CA SER O 129 -2.18 -23.88 -9.58
C SER O 129 -3.57 -24.06 -8.95
N ASN O 130 -4.40 -23.04 -9.13
CA ASN O 130 -5.76 -22.99 -8.61
C ASN O 130 -6.73 -22.58 -9.71
N GLU O 131 -6.59 -23.20 -10.87
CA GLU O 131 -7.37 -22.83 -12.05
C GLU O 131 -8.13 -24.05 -12.58
N ILE O 132 -9.10 -23.77 -13.44
CA ILE O 132 -9.88 -24.80 -14.10
C ILE O 132 -9.11 -25.26 -15.34
N ALA O 133 -9.09 -26.58 -15.55
CA ALA O 133 -8.44 -27.13 -16.74
C ALA O 133 -9.11 -26.57 -17.99
N VAL O 134 -8.30 -26.03 -18.90
CA VAL O 134 -8.78 -25.35 -20.09
C VAL O 134 -8.12 -25.97 -21.31
N GLN O 135 -8.93 -26.32 -22.31
CA GLN O 135 -8.45 -26.81 -23.58
C GLN O 135 -8.62 -25.74 -24.64
N GLU O 136 -7.77 -25.78 -25.67
CA GLU O 136 -7.78 -24.82 -26.75
C GLU O 136 -7.77 -25.54 -28.09
N ILE O 137 -8.45 -24.96 -29.07
CA ILE O 137 -8.51 -25.52 -30.42
C ILE O 137 -8.39 -24.39 -31.42
N ALA O 138 -7.59 -24.59 -32.46
CA ALA O 138 -7.37 -23.61 -33.50
C ALA O 138 -7.97 -24.13 -34.80
N LEU O 139 -8.70 -23.25 -35.51
CA LEU O 139 -9.40 -23.63 -36.72
C LEU O 139 -8.99 -22.72 -37.88
N THR O 140 -9.04 -23.28 -39.08
CA THR O 140 -8.82 -22.54 -40.31
C THR O 140 -10.08 -22.58 -41.14
N ALA O 141 -10.52 -21.43 -41.65
CA ALA O 141 -11.78 -21.33 -42.35
C ALA O 141 -11.63 -20.49 -43.60
N ASP O 142 -12.72 -20.43 -44.38
CA ASP O 142 -12.69 -19.76 -45.68
C ASP O 142 -12.89 -18.25 -45.55
N ARG O 143 -14.05 -17.83 -45.05
CA ARG O 143 -14.38 -16.42 -44.98
C ARG O 143 -15.25 -16.18 -43.75
N VAL O 144 -15.28 -14.92 -43.32
CA VAL O 144 -16.09 -14.51 -42.17
C VAL O 144 -16.92 -13.30 -42.58
N THR O 145 -18.21 -13.32 -42.27
CA THR O 145 -19.12 -12.23 -42.57
C THR O 145 -19.88 -11.84 -41.31
N ILE O 146 -20.32 -10.59 -41.27
CA ILE O 146 -21.02 -10.03 -40.13
C ILE O 146 -22.43 -9.64 -40.56
N GLN O 147 -23.42 -10.08 -39.80
CA GLN O 147 -24.82 -9.80 -40.09
C GLN O 147 -25.47 -9.21 -38.87
N ALA O 148 -26.12 -8.06 -39.04
CA ALA O 148 -26.82 -7.40 -37.95
C ALA O 148 -28.25 -7.89 -37.85
N ALA O 149 -28.81 -7.80 -36.65
CA ALA O 149 -30.17 -8.23 -36.41
C ALA O 149 -31.18 -7.28 -37.07
N ALA P 2 -3.25 36.63 -13.85
CA ALA P 2 -4.61 36.62 -14.39
C ALA P 2 -4.60 36.26 -15.87
N ILE P 3 -5.18 35.10 -16.20
CA ILE P 3 -5.23 34.61 -17.57
C ILE P 3 -6.69 34.38 -17.94
N THR P 4 -7.09 34.94 -19.06
CA THR P 4 -8.44 34.83 -19.61
C THR P 4 -8.53 33.69 -20.61
N PRO P 5 -9.73 33.18 -20.87
CA PRO P 5 -9.85 32.09 -21.86
C PRO P 5 -9.36 32.44 -23.24
N GLU P 6 -9.39 33.72 -23.63
CA GLU P 6 -8.91 34.10 -24.96
C GLU P 6 -7.42 33.85 -25.12
N GLN P 7 -6.61 34.24 -24.12
CA GLN P 7 -5.18 33.97 -24.21
C GLN P 7 -4.89 32.48 -24.12
N ILE P 8 -5.74 31.74 -23.41
CA ILE P 8 -5.59 30.28 -23.39
C ILE P 8 -5.83 29.70 -24.77
N ALA P 9 -6.87 30.18 -25.46
CA ALA P 9 -7.16 29.69 -26.81
C ALA P 9 -6.09 30.13 -27.80
N VAL P 10 -5.41 31.25 -27.53
CA VAL P 10 -4.42 31.74 -28.47
C VAL P 10 -3.06 31.07 -28.25
N GLU P 11 -2.65 30.88 -27.00
CA GLU P 11 -1.28 30.51 -26.68
C GLU P 11 -1.10 29.11 -26.12
N TYR P 12 -2.07 28.57 -25.39
CA TYR P 12 -1.88 27.30 -24.73
C TYR P 12 -1.94 26.14 -25.74
N PRO P 13 -1.23 25.06 -25.47
CA PRO P 13 -1.31 23.88 -26.35
C PRO P 13 -2.68 23.22 -26.27
N ILE P 14 -3.00 22.46 -27.31
CA ILE P 14 -4.31 21.84 -27.48
C ILE P 14 -4.25 20.41 -26.97
N PRO P 15 -5.22 19.97 -26.16
CA PRO P 15 -5.28 18.56 -25.78
C PRO P 15 -5.69 17.68 -26.96
N THR P 16 -5.60 16.37 -26.76
CA THR P 16 -5.75 15.41 -27.85
C THR P 16 -6.94 14.48 -27.66
N TYR P 17 -7.93 14.86 -26.86
CA TYR P 17 -9.06 13.97 -26.60
C TYR P 17 -10.36 14.39 -27.25
N ARG P 18 -10.47 15.62 -27.73
CA ARG P 18 -11.68 16.11 -28.38
C ARG P 18 -11.42 16.30 -29.87
N PHE P 19 -12.09 15.51 -30.69
CA PHE P 19 -11.88 15.54 -32.13
C PHE P 19 -13.10 15.00 -32.84
N VAL P 20 -13.20 15.31 -34.13
CA VAL P 20 -14.27 14.82 -34.99
C VAL P 20 -13.64 14.22 -36.24
N VAL P 21 -14.21 13.12 -36.71
CA VAL P 21 -13.68 12.37 -37.85
C VAL P 21 -14.74 12.32 -38.94
N SER P 22 -14.34 12.66 -40.16
CA SER P 22 -15.21 12.60 -41.32
C SER P 22 -14.68 11.58 -42.32
N VAL P 23 -15.51 10.62 -42.69
CA VAL P 23 -15.16 9.60 -43.67
C VAL P 23 -16.02 9.82 -44.90
N GLY P 24 -15.38 10.17 -46.01
CA GLY P 24 -16.13 10.52 -47.20
C GLY P 24 -16.95 11.78 -46.96
N ASP P 25 -18.24 11.69 -47.26
CA ASP P 25 -19.17 12.80 -47.06
C ASP P 25 -19.97 12.67 -45.78
N GLU P 26 -19.59 11.75 -44.88
CA GLU P 26 -20.35 11.47 -43.69
C GLU P 26 -19.42 11.47 -42.47
N GLN P 27 -19.95 11.94 -41.34
CA GLN P 27 -19.20 12.03 -40.10
C GLN P 27 -19.52 10.82 -39.23
N ILE P 28 -18.47 10.18 -38.72
CA ILE P 28 -18.62 8.98 -37.89
C ILE P 28 -17.84 9.16 -36.59
N PRO P 29 -18.46 8.96 -35.43
CA PRO P 29 -17.71 9.07 -34.17
C PRO P 29 -16.72 7.93 -34.01
N PHE P 30 -15.55 8.27 -33.47
CA PHE P 30 -14.48 7.29 -33.31
C PHE P 30 -13.85 7.43 -31.93
N ASN P 31 -13.22 6.35 -31.48
CA ASN P 31 -12.57 6.31 -30.18
C ASN P 31 -11.07 6.49 -30.25
N ASN P 32 -10.43 6.13 -31.36
CA ASN P 32 -8.98 6.20 -31.46
C ASN P 32 -8.58 6.31 -32.93
N VAL P 33 -7.75 7.30 -33.25
CA VAL P 33 -7.16 7.46 -34.57
C VAL P 33 -5.65 7.61 -34.41
N SER P 34 -4.89 6.86 -35.19
CA SER P 34 -3.44 6.88 -35.07
C SER P 34 -2.82 6.47 -36.40
N GLY P 35 -1.52 6.72 -36.52
CA GLY P 35 -0.76 6.33 -37.69
C GLY P 35 -0.56 7.41 -38.73
N LEU P 36 -0.89 8.67 -38.43
CA LEU P 36 -0.76 9.76 -39.41
C LEU P 36 0.68 10.26 -39.38
N ASP P 37 1.55 9.51 -40.07
CA ASP P 37 2.98 9.81 -40.09
C ASP P 37 3.44 10.00 -41.53
N VAL P 38 4.33 10.97 -41.73
CA VAL P 38 4.97 11.23 -43.01
C VAL P 38 6.40 10.74 -42.93
N HIS P 39 6.79 9.90 -43.88
CA HIS P 39 8.13 9.32 -43.90
C HIS P 39 8.76 9.51 -45.27
N TYR P 40 10.04 9.84 -45.27
CA TYR P 40 10.83 9.95 -46.49
C TYR P 40 12.06 9.05 -46.37
N ASP P 41 12.46 8.46 -47.49
CA ASP P 41 13.70 7.70 -47.50
C ASP P 41 14.88 8.65 -47.62
N VAL P 42 16.07 8.13 -47.34
CA VAL P 42 17.30 8.91 -47.38
C VAL P 42 18.22 8.30 -48.42
N ILE P 43 18.70 9.12 -49.35
CA ILE P 43 19.61 8.71 -50.41
C ILE P 43 20.99 9.27 -50.08
N GLU P 44 22.00 8.41 -50.10
CA GLU P 44 23.35 8.79 -49.75
C GLU P 44 24.31 8.48 -50.89
N TYR P 45 25.24 9.40 -51.13
CA TYR P 45 26.31 9.21 -52.09
C TYR P 45 27.62 9.64 -51.45
N LYS P 46 28.67 8.88 -51.69
CA LYS P 46 29.97 9.15 -51.09
C LYS P 46 31.04 9.23 -52.18
N ASP P 47 31.99 10.13 -51.98
CA ASP P 47 33.12 10.31 -52.88
C ASP P 47 34.39 9.78 -52.25
N GLY P 48 35.43 9.63 -53.07
CA GLY P 48 36.72 9.22 -52.56
C GLY P 48 37.51 10.32 -51.89
N ILE P 49 37.06 11.58 -51.99
CA ILE P 49 37.76 12.69 -51.38
C ILE P 49 37.09 13.16 -50.10
N GLY P 50 35.98 12.53 -49.69
CA GLY P 50 35.33 12.85 -48.44
C GLY P 50 33.95 13.45 -48.57
N ASN P 51 33.46 13.70 -49.78
CA ASN P 51 32.13 14.27 -49.95
C ASN P 51 31.06 13.25 -49.57
N TYR P 52 30.09 13.70 -48.77
CA TYR P 52 29.02 12.84 -48.27
C TYR P 52 27.69 13.56 -48.51
N TYR P 53 26.99 13.19 -49.58
CA TYR P 53 25.74 13.82 -49.95
C TYR P 53 24.57 13.04 -49.37
N LYS P 54 23.70 13.73 -48.64
CA LYS P 54 22.48 13.15 -48.10
C LYS P 54 21.30 14.00 -48.52
N MET P 55 20.32 13.38 -49.16
CA MET P 55 19.16 14.09 -49.69
C MET P 55 17.91 13.27 -49.40
N PRO P 56 16.74 13.92 -49.38
CA PRO P 56 15.49 13.16 -49.22
C PRO P 56 15.26 12.22 -50.38
N GLY P 57 14.58 11.11 -50.09
CA GLY P 57 14.23 10.14 -51.12
C GLY P 57 12.76 10.12 -51.46
N GLN P 58 12.25 8.95 -51.82
CA GLN P 58 10.84 8.83 -52.16
C GLN P 58 9.96 8.89 -50.91
N ARG P 59 8.82 9.55 -51.03
CA ARG P 59 7.85 9.59 -49.95
C ARG P 59 7.12 8.27 -49.85
N GLN P 60 6.82 7.86 -48.62
CA GLN P 60 6.15 6.59 -48.37
C GLN P 60 4.64 6.80 -48.24
N SER P 61 3.91 5.69 -48.29
CA SER P 61 2.46 5.71 -48.15
C SER P 61 2.06 5.81 -46.68
N ILE P 62 0.77 6.03 -46.47
CA ILE P 62 0.22 6.26 -45.13
C ILE P 62 -0.58 5.04 -44.71
N ASN P 63 -0.38 4.62 -43.47
CA ASN P 63 -1.13 3.51 -42.87
C ASN P 63 -1.72 3.99 -41.55
N ILE P 64 -3.05 4.06 -41.49
CA ILE P 64 -3.75 4.56 -40.30
C ILE P 64 -4.72 3.50 -39.82
N THR P 65 -5.03 3.55 -38.52
CA THR P 65 -5.95 2.64 -37.89
C THR P 65 -6.98 3.43 -37.11
N LEU P 66 -8.23 2.95 -37.15
CA LEU P 66 -9.34 3.60 -36.45
C LEU P 66 -10.01 2.59 -35.53
N ARG P 67 -10.29 3.02 -34.30
CA ARG P 67 -10.94 2.18 -33.31
C ARG P 67 -12.33 2.73 -32.99
N LYS P 68 -13.31 1.83 -32.89
CA LYS P 68 -14.68 2.24 -32.66
C LYS P 68 -15.43 1.09 -31.98
N GLY P 69 -16.35 1.44 -31.10
CA GLY P 69 -17.17 0.44 -30.46
C GLY P 69 -18.23 -0.13 -31.37
N VAL P 70 -18.74 -1.30 -31.00
CA VAL P 70 -19.77 -1.98 -31.77
C VAL P 70 -21.13 -1.52 -31.29
N PHE P 71 -21.97 -1.06 -32.22
CA PHE P 71 -23.29 -0.53 -31.91
C PHE P 71 -24.36 -1.38 -32.58
N PRO P 72 -25.56 -1.42 -32.01
CA PRO P 72 -26.64 -2.23 -32.61
C PRO P 72 -26.98 -1.75 -34.02
N GLY P 73 -27.10 -2.70 -34.94
CA GLY P 73 -27.47 -2.38 -36.31
C GLY P 73 -26.39 -1.71 -37.12
N ASP P 74 -25.16 -1.64 -36.62
CA ASP P 74 -24.08 -0.94 -37.30
C ASP P 74 -23.16 -1.95 -37.97
N THR P 75 -22.99 -1.82 -39.28
CA THR P 75 -22.17 -2.74 -40.06
C THR P 75 -21.38 -1.97 -41.12
N LYS P 76 -21.40 -0.63 -41.07
CA LYS P 76 -20.92 0.19 -42.17
C LYS P 76 -19.46 -0.10 -42.51
N LEU P 77 -18.59 -0.20 -41.49
CA LEU P 77 -17.17 -0.42 -41.77
C LEU P 77 -16.92 -1.79 -42.39
N PHE P 78 -17.57 -2.83 -41.86
CA PHE P 78 -17.44 -4.14 -42.46
C PHE P 78 -18.06 -4.17 -43.85
N ASP P 79 -19.14 -3.42 -44.06
CA ASP P 79 -19.72 -3.33 -45.40
C ASP P 79 -18.74 -2.69 -46.36
N TRP P 80 -18.01 -1.68 -45.92
CA TRP P 80 -17.01 -1.03 -46.77
C TRP P 80 -15.89 -2.00 -47.11
N ILE P 81 -15.36 -2.71 -46.11
CA ILE P 81 -14.27 -3.63 -46.40
C ILE P 81 -14.75 -4.82 -47.23
N ASN P 82 -16.03 -5.19 -47.10
CA ASN P 82 -16.58 -6.36 -47.78
C ASN P 82 -17.00 -6.06 -49.21
N SER P 83 -16.90 -4.82 -49.67
CA SER P 83 -17.29 -4.45 -51.02
C SER P 83 -16.15 -4.60 -52.03
N ILE P 84 -14.99 -5.10 -51.59
CA ILE P 84 -13.84 -5.21 -52.49
C ILE P 84 -14.09 -6.31 -53.51
N GLN P 85 -13.94 -5.97 -54.79
CA GLN P 85 -14.02 -6.93 -55.89
C GLN P 85 -12.72 -6.84 -56.66
N LEU P 86 -11.90 -7.89 -56.56
CA LEU P 86 -10.56 -7.90 -57.14
C LEU P 86 -9.76 -6.71 -56.66
N ASN P 87 -9.50 -5.74 -57.53
CA ASN P 87 -8.78 -4.54 -57.19
C ASN P 87 -9.67 -3.30 -57.12
N GLN P 88 -10.98 -3.48 -57.22
CA GLN P 88 -11.92 -2.37 -57.24
C GLN P 88 -12.47 -2.13 -55.83
N VAL P 89 -12.46 -0.86 -55.41
CA VAL P 89 -12.95 -0.48 -54.09
C VAL P 89 -13.27 0.99 -54.13
N GLU P 90 -14.10 1.45 -53.19
CA GLU P 90 -14.42 2.86 -53.06
C GLU P 90 -13.40 3.52 -52.15
N LYS P 91 -12.62 4.45 -52.70
CA LYS P 91 -11.64 5.19 -51.92
C LYS P 91 -12.26 6.49 -51.43
N LYS P 92 -12.06 6.79 -50.15
CA LYS P 92 -12.64 7.97 -49.53
C LYS P 92 -11.56 8.79 -48.84
N ASP P 93 -11.84 10.07 -48.69
CA ASP P 93 -10.94 10.99 -48.01
C ASP P 93 -11.34 11.10 -46.55
N ILE P 94 -10.36 11.03 -45.65
CA ILE P 94 -10.59 11.08 -44.21
C ILE P 94 -10.06 12.41 -43.69
N ALA P 95 -10.87 13.08 -42.88
CA ALA P 95 -10.48 14.35 -42.26
C ALA P 95 -10.69 14.23 -40.76
N ILE P 96 -9.64 14.49 -40.00
CA ILE P 96 -9.68 14.50 -38.54
C ILE P 96 -9.39 15.92 -38.06
N SER P 97 -10.28 16.46 -37.24
CA SER P 97 -10.18 17.84 -36.79
C SER P 97 -10.28 17.92 -35.28
N LEU P 98 -9.40 18.72 -34.68
CA LEU P 98 -9.49 19.04 -33.26
C LEU P 98 -10.47 20.18 -33.07
N THR P 99 -11.50 19.96 -32.27
CA THR P 99 -12.56 20.93 -32.06
C THR P 99 -12.54 21.45 -30.63
N ASN P 100 -13.41 22.42 -30.36
CA ASN P 100 -13.60 22.92 -29.01
C ASN P 100 -14.57 21.99 -28.27
N GLU P 101 -15.02 22.41 -27.09
CA GLU P 101 -15.86 21.52 -26.28
C GLU P 101 -17.19 21.23 -26.95
N ALA P 102 -17.84 22.24 -27.51
CA ALA P 102 -19.14 22.06 -28.12
C ALA P 102 -19.06 21.55 -29.56
N GLY P 103 -17.88 21.51 -30.15
CA GLY P 103 -17.75 21.10 -31.53
C GLY P 103 -18.16 22.13 -32.55
N THR P 104 -18.38 23.38 -32.14
CA THR P 104 -18.81 24.43 -33.05
C THR P 104 -17.64 25.17 -33.69
N GLU P 105 -16.40 24.85 -33.32
CA GLU P 105 -15.23 25.48 -33.90
C GLU P 105 -14.18 24.43 -34.20
N ILE P 106 -13.36 24.69 -35.22
CA ILE P 106 -12.29 23.81 -35.63
C ILE P 106 -10.96 24.48 -35.31
N LEU P 107 -10.07 23.73 -34.68
CA LEU P 107 -8.75 24.25 -34.30
C LEU P 107 -7.66 23.84 -35.29
N MET P 108 -7.64 22.57 -35.69
CA MET P 108 -6.63 22.08 -36.63
C MET P 108 -7.20 20.87 -37.34
N THR P 109 -6.81 20.70 -38.61
CA THR P 109 -7.37 19.65 -39.46
C THR P 109 -6.26 18.81 -40.06
N TRP P 110 -6.46 17.50 -40.05
CA TRP P 110 -5.60 16.55 -40.75
C TRP P 110 -6.42 15.95 -41.90
N ASN P 111 -5.88 16.06 -43.11
CA ASN P 111 -6.57 15.58 -44.31
C ASN P 111 -5.84 14.36 -44.87
N VAL P 112 -6.59 13.29 -45.11
CA VAL P 112 -6.04 12.05 -45.64
C VAL P 112 -6.76 11.75 -46.95
N ALA P 113 -5.97 11.52 -48.01
CA ALA P 113 -6.50 11.44 -49.36
C ALA P 113 -6.49 10.00 -49.87
N ASN P 114 -7.63 9.56 -50.41
CA ASN P 114 -7.76 8.29 -51.11
C ASN P 114 -7.38 7.11 -50.19
N ALA P 115 -8.17 6.93 -49.14
CA ALA P 115 -7.97 5.86 -48.18
C ALA P 115 -8.94 4.71 -48.46
N PHE P 116 -8.42 3.50 -48.47
CA PHE P 116 -9.23 2.30 -48.64
C PHE P 116 -8.82 1.25 -47.61
N PRO P 117 -9.76 0.42 -47.17
CA PRO P 117 -9.45 -0.53 -46.10
C PRO P 117 -8.60 -1.69 -46.58
N THR P 118 -7.71 -2.16 -45.70
CA THR P 118 -6.91 -3.34 -45.95
C THR P 118 -7.05 -4.42 -44.89
N SER P 119 -7.51 -4.08 -43.69
CA SER P 119 -7.69 -5.07 -42.64
C SER P 119 -8.85 -4.65 -41.74
N PHE P 120 -9.50 -5.65 -41.15
CA PHE P 120 -10.60 -5.43 -40.22
C PHE P 120 -10.47 -6.41 -39.07
N THR P 121 -10.57 -5.92 -37.84
CA THR P 121 -10.42 -6.73 -36.65
C THR P 121 -11.73 -6.71 -35.86
N SER P 122 -12.28 -7.88 -35.59
CA SER P 122 -13.49 -8.00 -34.79
C SER P 122 -13.14 -8.01 -33.30
N PRO P 123 -14.11 -7.70 -32.44
CA PRO P 123 -13.87 -7.83 -31.00
C PRO P 123 -13.61 -9.28 -30.61
N SER P 124 -12.79 -9.45 -29.58
CA SER P 124 -12.50 -10.77 -29.04
C SER P 124 -13.50 -11.06 -27.93
N PHE P 125 -14.27 -12.13 -28.10
CA PHE P 125 -15.35 -12.47 -27.17
C PHE P 125 -14.75 -13.19 -25.97
N ASP P 126 -14.74 -12.53 -24.82
CA ASP P 126 -14.19 -13.07 -23.59
C ASP P 126 -15.27 -13.01 -22.52
N ALA P 127 -15.59 -14.16 -21.92
CA ALA P 127 -16.67 -14.22 -20.95
C ALA P 127 -16.30 -13.56 -19.63
N THR P 128 -15.03 -13.46 -19.31
CA THR P 128 -14.59 -12.86 -18.06
C THR P 128 -14.30 -11.37 -18.16
N SER P 129 -14.36 -10.80 -19.36
CA SER P 129 -14.00 -9.40 -19.55
C SER P 129 -15.17 -8.49 -19.21
N ASN P 130 -14.85 -7.23 -18.95
CA ASN P 130 -15.82 -6.19 -18.60
C ASN P 130 -15.61 -4.96 -19.46
N GLU P 131 -15.47 -5.15 -20.77
CA GLU P 131 -15.17 -4.08 -21.70
C GLU P 131 -16.27 -3.98 -22.75
N ILE P 132 -16.15 -2.96 -23.59
CA ILE P 132 -17.05 -2.75 -24.71
C ILE P 132 -16.43 -3.40 -25.95
N ALA P 133 -17.26 -4.11 -26.71
CA ALA P 133 -16.80 -4.69 -27.96
C ALA P 133 -16.33 -3.59 -28.90
N VAL P 134 -15.10 -3.73 -29.40
CA VAL P 134 -14.46 -2.68 -30.18
C VAL P 134 -13.98 -3.27 -31.50
N GLN P 135 -14.31 -2.59 -32.60
CA GLN P 135 -13.86 -2.99 -33.92
C GLN P 135 -12.72 -2.09 -34.38
N GLU P 136 -11.84 -2.63 -35.21
CA GLU P 136 -10.69 -1.92 -35.73
C GLU P 136 -10.65 -2.03 -37.25
N ILE P 137 -10.20 -0.97 -37.91
CA ILE P 137 -10.06 -0.95 -39.35
C ILE P 137 -8.76 -0.24 -39.71
N ALA P 138 -8.03 -0.80 -40.67
CA ALA P 138 -6.77 -0.24 -41.14
C ALA P 138 -6.91 0.23 -42.57
N LEU P 139 -6.39 1.42 -42.86
CA LEU P 139 -6.53 2.05 -44.16
C LEU P 139 -5.16 2.40 -44.72
N THR P 140 -5.06 2.40 -46.05
CA THR P 140 -3.89 2.85 -46.77
C THR P 140 -4.28 4.03 -47.65
N ALA P 141 -3.48 5.09 -47.62
CA ALA P 141 -3.83 6.33 -48.31
C ALA P 141 -2.60 6.87 -49.03
N ASP P 142 -2.84 7.93 -49.82
CA ASP P 142 -1.78 8.51 -50.63
C ASP P 142 -0.91 9.48 -49.84
N ARG P 143 -1.52 10.57 -49.35
CA ARG P 143 -0.77 11.59 -48.63
C ARG P 143 -1.64 12.18 -47.53
N VAL P 144 -0.98 12.75 -46.53
CA VAL P 144 -1.65 13.41 -45.41
C VAL P 144 -1.11 14.83 -45.30
N THR P 145 -2.01 15.79 -45.19
CA THR P 145 -1.64 17.19 -45.03
C THR P 145 -2.31 17.77 -43.81
N ILE P 146 -1.71 18.81 -43.25
CA ILE P 146 -2.18 19.46 -42.03
C ILE P 146 -2.55 20.88 -42.34
N GLN P 147 -3.76 21.28 -41.94
CA GLN P 147 -4.28 22.62 -42.19
C GLN P 147 -4.68 23.25 -40.87
N ALA P 148 -4.24 24.48 -40.64
CA ALA P 148 -4.55 25.22 -39.43
C ALA P 148 -5.67 26.22 -39.68
N ALA P 149 -6.59 26.32 -38.73
CA ALA P 149 -7.71 27.23 -38.85
C ALA P 149 -7.26 28.68 -38.81
N ALA Q 2 29.57 25.07 3.96
CA ALA Q 2 29.20 26.37 3.41
C ALA Q 2 29.62 26.48 1.96
N ILE Q 3 28.65 26.38 1.06
CA ILE Q 3 28.90 26.45 -0.39
C ILE Q 3 28.09 27.60 -0.95
N THR Q 4 28.75 28.48 -1.69
CA THR Q 4 28.14 29.64 -2.31
C THR Q 4 27.65 29.30 -3.70
N PRO Q 5 26.68 30.07 -4.24
CA PRO Q 5 26.18 29.79 -5.59
C PRO Q 5 27.24 29.83 -6.67
N GLU Q 6 28.25 30.69 -6.53
CA GLU Q 6 29.33 30.70 -7.52
C GLU Q 6 30.09 29.38 -7.52
N GLN Q 7 30.33 28.80 -6.35
CA GLN Q 7 30.97 27.49 -6.29
C GLN Q 7 30.13 26.44 -6.99
N ILE Q 8 28.81 26.50 -6.84
CA ILE Q 8 27.93 25.55 -7.52
C ILE Q 8 28.01 25.77 -9.03
N ALA Q 9 28.02 27.02 -9.47
CA ALA Q 9 28.12 27.30 -10.90
C ALA Q 9 29.44 26.84 -11.49
N VAL Q 10 30.50 26.82 -10.68
CA VAL Q 10 31.82 26.44 -11.18
C VAL Q 10 32.02 24.93 -11.15
N GLU Q 11 31.65 24.26 -10.06
CA GLU Q 11 32.04 22.86 -9.85
C GLU Q 11 30.91 21.85 -9.94
N TYR Q 12 29.66 22.25 -9.72
CA TYR Q 12 28.60 21.25 -9.69
C TYR Q 12 28.18 20.86 -11.10
N PRO Q 13 27.72 19.62 -11.28
CA PRO Q 13 27.22 19.20 -12.59
C PRO Q 13 25.93 19.92 -12.96
N ILE Q 14 25.68 20.00 -14.27
CA ILE Q 14 24.56 20.74 -14.82
C ILE Q 14 23.36 19.82 -15.01
N PRO Q 15 22.15 20.22 -14.59
CA PRO Q 15 20.96 19.42 -14.89
C PRO Q 15 20.61 19.52 -16.37
N THR Q 16 19.62 18.73 -16.78
CA THR Q 16 19.32 18.53 -18.19
C THR Q 16 17.91 18.96 -18.58
N TYR Q 17 17.24 19.76 -17.75
CA TYR Q 17 15.87 20.14 -18.04
C TYR Q 17 15.70 21.57 -18.55
N ARG Q 18 16.73 22.41 -18.45
CA ARG Q 18 16.65 23.80 -18.89
C ARG Q 18 17.57 23.97 -20.11
N PHE Q 19 16.97 24.22 -21.27
CA PHE Q 19 17.73 24.33 -22.50
C PHE Q 19 16.96 25.20 -23.49
N VAL Q 20 17.68 25.70 -24.49
CA VAL Q 20 17.10 26.51 -25.56
C VAL Q 20 17.53 25.91 -26.89
N VAL Q 21 16.63 25.93 -27.86
CA VAL Q 21 16.86 25.31 -29.17
C VAL Q 21 16.69 26.37 -30.24
N SER Q 22 17.67 26.45 -31.15
CA SER Q 22 17.63 27.39 -32.26
C SER Q 22 17.65 26.60 -33.56
N VAL Q 23 16.68 26.86 -34.43
CA VAL Q 23 16.56 26.20 -35.72
C VAL Q 23 16.77 27.26 -36.79
N GLY Q 24 17.84 27.14 -37.55
CA GLY Q 24 18.16 28.17 -38.53
C GLY Q 24 18.44 29.49 -37.82
N ASP Q 25 17.72 30.53 -38.22
CA ASP Q 25 17.84 31.85 -37.61
C ASP Q 25 16.73 32.12 -36.60
N GLU Q 26 15.97 31.10 -36.21
CA GLU Q 26 14.83 31.27 -35.33
C GLU Q 26 14.95 30.35 -34.12
N GLN Q 27 14.43 30.80 -32.98
CA GLN Q 27 14.41 30.03 -31.75
C GLN Q 27 13.02 29.45 -31.55
N ILE Q 28 12.95 28.13 -31.31
CA ILE Q 28 11.69 27.43 -31.16
C ILE Q 28 11.72 26.64 -29.86
N PRO Q 29 10.76 26.83 -28.95
CA PRO Q 29 10.72 26.02 -27.74
C PRO Q 29 10.41 24.57 -28.05
N PHE Q 30 11.00 23.66 -27.27
CA PHE Q 30 10.85 22.23 -27.50
C PHE Q 30 10.68 21.52 -26.16
N ASN Q 31 10.11 20.32 -26.23
CA ASN Q 31 9.88 19.51 -25.04
C ASN Q 31 10.93 18.42 -24.85
N ASN Q 32 11.47 17.86 -25.93
CA ASN Q 32 12.44 16.79 -25.83
C ASN Q 32 13.34 16.80 -27.06
N VAL Q 33 14.64 16.74 -26.84
CA VAL Q 33 15.63 16.63 -27.91
C VAL Q 33 16.56 15.48 -27.56
N SER Q 34 16.81 14.60 -28.53
CA SER Q 34 17.64 13.44 -28.29
C SER Q 34 18.25 12.96 -29.60
N GLY Q 35 19.27 12.12 -29.49
CA GLY Q 35 19.95 11.54 -30.63
C GLY Q 35 21.26 12.18 -31.03
N LEU Q 36 21.83 13.03 -30.18
CA LEU Q 36 23.08 13.72 -30.51
C LEU Q 36 24.28 12.83 -30.16
N ASP Q 37 24.48 11.81 -30.99
CA ASP Q 37 25.52 10.82 -30.77
C ASP Q 37 26.51 10.81 -31.91
N VAL Q 38 27.78 10.56 -31.57
CA VAL Q 38 28.85 10.41 -32.53
C VAL Q 38 29.25 8.95 -32.56
N HIS Q 39 29.27 8.36 -33.75
CA HIS Q 39 29.63 6.95 -33.91
C HIS Q 39 30.70 6.81 -34.98
N TYR Q 40 31.70 5.97 -34.69
CA TYR Q 40 32.74 5.62 -35.64
C TYR Q 40 32.74 4.12 -35.85
N ASP Q 41 33.00 3.71 -37.08
CA ASP Q 41 33.20 2.29 -37.35
C ASP Q 41 34.61 1.89 -36.92
N VAL Q 42 34.81 0.58 -36.78
CA VAL Q 42 36.09 0.02 -36.36
C VAL Q 42 36.61 -0.87 -37.48
N ILE Q 43 37.85 -0.61 -37.91
CA ILE Q 43 38.52 -1.39 -38.93
C ILE Q 43 39.55 -2.28 -38.24
N GLU Q 44 39.56 -3.56 -38.61
CA GLU Q 44 40.45 -4.53 -38.00
C GLU Q 44 41.27 -5.23 -39.06
N TYR Q 45 42.49 -5.62 -38.69
CA TYR Q 45 43.37 -6.39 -39.55
C TYR Q 45 44.19 -7.32 -38.69
N LYS Q 46 44.13 -8.61 -38.99
CA LYS Q 46 44.82 -9.64 -38.21
C LYS Q 46 45.95 -10.24 -39.03
N ASP Q 47 47.10 -10.41 -38.39
CA ASP Q 47 48.28 -11.00 -39.01
C ASP Q 47 48.39 -12.47 -38.63
N GLY Q 48 49.27 -13.19 -39.34
CA GLY Q 48 49.51 -14.58 -39.03
C GLY Q 48 50.46 -14.82 -37.89
N ILE Q 49 51.12 -13.77 -37.39
CA ILE Q 49 52.07 -13.89 -36.29
C ILE Q 49 51.53 -13.32 -35.00
N GLY Q 50 50.30 -12.82 -34.98
CA GLY Q 50 49.67 -12.34 -33.76
C GLY Q 50 49.37 -10.86 -33.72
N ASN Q 51 49.70 -10.11 -34.76
CA ASN Q 51 49.40 -8.69 -34.78
C ASN Q 51 47.90 -8.47 -34.98
N TYR Q 52 47.33 -7.57 -34.20
CA TYR Q 52 45.90 -7.26 -34.23
C TYR Q 52 45.75 -5.75 -34.25
N TYR Q 53 45.52 -5.19 -35.43
CA TYR Q 53 45.42 -3.75 -35.61
C TYR Q 53 43.95 -3.32 -35.57
N LYS Q 54 43.65 -2.36 -34.70
CA LYS Q 54 42.31 -1.80 -34.60
C LYS Q 54 42.41 -0.29 -34.71
N MET Q 55 41.69 0.28 -35.67
CA MET Q 55 41.73 1.71 -35.93
C MET Q 55 40.32 2.23 -36.15
N PRO Q 56 40.09 3.52 -35.94
CA PRO Q 56 38.77 4.08 -36.25
C PRO Q 56 38.47 4.04 -37.74
N GLY Q 57 37.18 3.93 -38.05
CA GLY Q 57 36.74 3.90 -39.43
C GLY Q 57 36.03 5.18 -39.86
N GLN Q 58 35.07 5.04 -40.76
CA GLN Q 58 34.33 6.20 -41.25
C GLN Q 58 33.35 6.70 -40.20
N ARG Q 59 33.21 8.02 -40.11
CA ARG Q 59 32.24 8.61 -39.21
C ARG Q 59 30.83 8.45 -39.77
N GLN Q 60 29.87 8.21 -38.88
CA GLN Q 60 28.50 8.00 -39.28
C GLN Q 60 27.70 9.30 -39.19
N SER Q 61 26.55 9.32 -39.86
CA SER Q 61 25.68 10.48 -39.87
C SER Q 61 24.91 10.58 -38.55
N ILE Q 62 24.28 11.74 -38.35
CA ILE Q 62 23.56 12.05 -37.13
C ILE Q 62 22.07 11.90 -37.38
N ASN Q 63 21.36 11.31 -36.42
CA ASN Q 63 19.91 11.17 -36.47
C ASN Q 63 19.35 11.67 -35.13
N ILE Q 64 18.62 12.78 -35.17
CA ILE Q 64 18.05 13.36 -33.96
C ILE Q 64 16.54 13.49 -34.12
N THR Q 65 15.84 13.50 -32.99
CA THR Q 65 14.40 13.66 -32.95
C THR Q 65 14.04 14.77 -31.99
N LEU Q 66 13.01 15.54 -32.34
CA LEU Q 66 12.54 16.66 -31.52
C LEU Q 66 11.07 16.47 -31.21
N ARG Q 67 10.69 16.70 -29.96
CA ARG Q 67 9.31 16.59 -29.51
C ARG Q 67 8.81 17.97 -29.11
N LYS Q 68 7.59 18.29 -29.53
CA LYS Q 68 7.00 19.59 -29.28
C LYS Q 68 5.49 19.46 -29.25
N GLY Q 69 4.84 20.21 -28.37
CA GLY Q 69 3.39 20.21 -28.32
C GLY Q 69 2.77 20.93 -29.49
N VAL Q 70 1.50 20.62 -29.74
CA VAL Q 70 0.75 21.24 -30.82
C VAL Q 70 0.13 22.53 -30.29
N PHE Q 71 0.33 23.62 -31.01
CA PHE Q 71 -0.16 24.93 -30.62
C PHE Q 71 -1.09 25.49 -31.69
N PRO Q 72 -2.04 26.35 -31.31
CA PRO Q 72 -3.00 26.85 -32.31
C PRO Q 72 -2.31 27.68 -33.38
N GLY Q 73 -2.65 27.37 -34.64
CA GLY Q 73 -2.11 28.10 -35.76
C GLY Q 73 -0.67 27.81 -36.11
N ASP Q 74 -0.06 26.81 -35.50
CA ASP Q 74 1.36 26.49 -35.69
C ASP Q 74 1.49 25.27 -36.57
N THR Q 75 2.12 25.44 -37.74
CA THR Q 75 2.38 24.34 -38.65
C THR Q 75 3.78 24.45 -39.26
N LYS Q 76 4.73 25.01 -38.50
CA LYS Q 76 6.04 25.31 -39.07
C LYS Q 76 6.81 24.03 -39.41
N LEU Q 77 6.83 23.06 -38.51
CA LEU Q 77 7.60 21.84 -38.76
C LEU Q 77 7.01 21.03 -39.91
N PHE Q 78 5.68 20.91 -39.96
CA PHE Q 78 5.06 20.24 -41.09
C PHE Q 78 5.27 21.01 -42.39
N ASP Q 79 5.30 22.34 -42.32
CA ASP Q 79 5.61 23.11 -43.52
C ASP Q 79 7.03 22.85 -44.00
N TRP Q 80 7.97 22.71 -43.05
CA TRP Q 80 9.34 22.38 -43.41
C TRP Q 80 9.43 21.02 -44.06
N ILE Q 81 8.73 20.03 -43.52
CA ILE Q 81 8.81 18.69 -44.10
C ILE Q 81 8.01 18.60 -45.41
N ASN Q 82 7.05 19.50 -45.62
CA ASN Q 82 6.19 19.47 -46.79
C ASN Q 82 6.77 20.25 -47.96
N SER Q 83 7.92 20.90 -47.79
CA SER Q 83 8.56 21.66 -48.85
C SER Q 83 9.53 20.82 -49.67
N ILE Q 84 9.62 19.51 -49.41
CA ILE Q 84 10.53 18.66 -50.14
C ILE Q 84 10.03 18.47 -51.57
N GLN Q 85 10.89 18.73 -52.54
CA GLN Q 85 10.60 18.49 -53.95
C GLN Q 85 11.74 17.66 -54.51
N LEU Q 86 11.47 16.38 -54.78
CA LEU Q 86 12.47 15.41 -55.23
C LEU Q 86 13.58 15.37 -54.19
N ASN Q 87 14.81 15.76 -54.51
CA ASN Q 87 15.92 15.75 -53.56
C ASN Q 87 16.22 17.13 -53.00
N GLN Q 88 15.38 18.12 -53.27
CA GLN Q 88 15.63 19.49 -52.86
C GLN Q 88 14.88 19.80 -51.58
N VAL Q 89 15.61 20.31 -50.58
CA VAL Q 89 15.02 20.73 -49.31
C VAL Q 89 15.94 21.76 -48.69
N GLU Q 90 15.36 22.66 -47.90
CA GLU Q 90 16.14 23.67 -47.21
C GLU Q 90 16.75 23.06 -45.96
N LYS Q 91 18.07 23.02 -45.90
CA LYS Q 91 18.79 22.50 -44.76
C LYS Q 91 19.12 23.62 -43.78
N LYS Q 92 19.01 23.33 -42.48
CA LYS Q 92 19.23 24.32 -41.45
C LYS Q 92 20.14 23.75 -40.37
N ASP Q 93 20.83 24.64 -39.67
CA ASP Q 93 21.69 24.27 -38.56
C ASP Q 93 20.90 24.35 -37.26
N ILE Q 94 21.11 23.37 -36.39
CA ILE Q 94 20.41 23.27 -35.11
C ILE Q 94 21.41 23.48 -33.99
N ALA Q 95 21.07 24.35 -33.05
CA ALA Q 95 21.91 24.60 -31.88
C ALA Q 95 21.07 24.43 -30.62
N ILE Q 96 21.54 23.57 -29.72
CA ILE Q 96 20.89 23.33 -28.43
C ILE Q 96 21.85 23.75 -27.33
N SER Q 97 21.40 24.67 -26.48
CA SER Q 97 22.25 25.25 -25.45
C SER Q 97 21.61 25.08 -24.09
N LEU Q 98 22.40 24.65 -23.11
CA LEU Q 98 21.96 24.62 -21.72
C LEU Q 98 22.15 26.00 -21.11
N THR Q 99 21.08 26.56 -20.56
CA THR Q 99 21.08 27.91 -20.03
C THR Q 99 20.89 27.87 -18.51
N ASN Q 100 20.87 29.06 -17.91
CA ASN Q 100 20.55 29.21 -16.50
C ASN Q 100 19.04 29.37 -16.35
N GLU Q 101 18.60 29.74 -15.14
CA GLU Q 101 17.17 29.81 -14.87
C GLU Q 101 16.47 30.84 -15.75
N ALA Q 102 17.06 32.03 -15.88
CA ALA Q 102 16.43 33.09 -16.64
C ALA Q 102 16.72 33.02 -18.13
N GLY Q 103 17.63 32.14 -18.57
CA GLY Q 103 18.00 32.07 -19.96
C GLY Q 103 18.88 33.19 -20.44
N THR Q 104 19.49 33.95 -19.53
CA THR Q 104 20.35 35.06 -19.89
C THR Q 104 21.82 34.66 -20.03
N GLU Q 105 22.16 33.40 -19.75
CA GLU Q 105 23.52 32.92 -19.87
C GLU Q 105 23.51 31.54 -20.51
N ILE Q 106 24.61 31.24 -21.22
CA ILE Q 106 24.78 29.95 -21.89
C ILE Q 106 25.87 29.18 -21.18
N LEU Q 107 25.60 27.91 -20.88
CA LEU Q 107 26.56 27.06 -20.19
C LEU Q 107 27.31 26.14 -21.15
N MET Q 108 26.60 25.49 -22.06
CA MET Q 108 27.21 24.62 -23.05
C MET Q 108 26.33 24.58 -24.28
N THR Q 109 26.93 24.36 -25.44
CA THR Q 109 26.22 24.39 -26.71
C THR Q 109 26.50 23.13 -27.51
N TRP Q 110 25.46 22.59 -28.13
CA TRP Q 110 25.56 21.51 -29.08
C TRP Q 110 25.21 22.05 -30.46
N ASN Q 111 26.13 21.91 -31.41
CA ASN Q 111 25.97 22.47 -32.74
C ASN Q 111 25.77 21.34 -33.74
N VAL Q 112 24.68 21.42 -34.50
CA VAL Q 112 24.33 20.41 -35.50
C VAL Q 112 24.28 21.09 -36.85
N ALA Q 113 24.96 20.51 -37.84
CA ALA Q 113 25.16 21.14 -39.14
C ALA Q 113 24.34 20.43 -40.21
N ASN Q 114 23.61 21.21 -41.00
CA ASN Q 114 22.93 20.74 -42.22
C ASN Q 114 21.95 19.61 -41.90
N ALA Q 115 20.91 19.96 -41.14
CA ALA Q 115 19.88 19.01 -40.75
C ALA Q 115 18.63 19.24 -41.58
N PHE Q 116 18.06 18.17 -42.12
CA PHE Q 116 16.82 18.21 -42.88
C PHE Q 116 15.89 17.12 -42.40
N PRO Q 117 14.57 17.35 -42.46
CA PRO Q 117 13.63 16.37 -41.93
C PRO Q 117 13.56 15.12 -42.80
N THR Q 118 13.24 14.00 -42.14
CA THR Q 118 13.05 12.73 -42.84
C THR Q 118 11.70 12.12 -42.50
N SER Q 119 11.25 12.30 -41.26
CA SER Q 119 9.97 11.75 -40.82
C SER Q 119 9.26 12.76 -39.93
N PHE Q 120 7.93 12.70 -39.94
CA PHE Q 120 7.09 13.54 -39.12
C PHE Q 120 5.99 12.69 -38.50
N THR Q 121 5.79 12.81 -37.20
CA THR Q 121 4.80 12.01 -36.47
C THR Q 121 3.75 12.93 -35.88
N SER Q 122 2.50 12.72 -36.26
CA SER Q 122 1.39 13.49 -35.73
C SER Q 122 0.91 12.87 -34.41
N PRO Q 123 0.22 13.65 -33.58
CA PRO Q 123 -0.33 13.09 -32.34
C PRO Q 123 -1.40 12.06 -32.65
N SER Q 124 -1.53 11.09 -31.75
CA SER Q 124 -2.57 10.08 -31.84
C SER Q 124 -3.80 10.56 -31.08
N PHE Q 125 -4.94 10.56 -31.76
CA PHE Q 125 -6.18 11.06 -31.17
C PHE Q 125 -6.84 9.93 -30.37
N ASP Q 126 -6.84 10.09 -29.04
CA ASP Q 126 -7.40 9.10 -28.14
C ASP Q 126 -8.45 9.77 -27.28
N ALA Q 127 -9.67 9.24 -27.29
CA ALA Q 127 -10.78 9.85 -26.57
C ALA Q 127 -10.70 9.62 -25.07
N THR Q 128 -9.83 8.73 -24.60
CA THR Q 128 -9.71 8.43 -23.19
C THR Q 128 -8.47 9.03 -22.53
N SER Q 129 -7.61 9.67 -23.31
CA SER Q 129 -6.35 10.19 -22.79
C SER Q 129 -6.53 11.57 -22.17
N ASN Q 130 -5.55 11.96 -21.37
CA ASN Q 130 -5.52 13.26 -20.70
C ASN Q 130 -4.16 13.91 -20.90
N GLU Q 131 -3.67 13.91 -22.14
CA GLU Q 131 -2.37 14.42 -22.48
C GLU Q 131 -2.48 15.56 -23.47
N ILE Q 132 -1.36 16.22 -23.72
CA ILE Q 132 -1.26 17.28 -24.72
C ILE Q 132 -0.84 16.66 -26.03
N ALA Q 133 -1.49 17.09 -27.12
CA ALA Q 133 -1.10 16.62 -28.44
C ALA Q 133 0.34 16.99 -28.74
N VAL Q 134 1.13 16.01 -29.14
CA VAL Q 134 2.58 16.16 -29.30
C VAL Q 134 2.97 15.70 -30.70
N GLN Q 135 3.74 16.52 -31.40
CA GLN Q 135 4.27 16.19 -32.71
C GLN Q 135 5.76 15.88 -32.61
N GLU Q 136 6.23 14.94 -33.41
CA GLU Q 136 7.62 14.52 -33.43
C GLU Q 136 8.19 14.68 -34.83
N ILE Q 137 9.43 15.14 -34.91
CA ILE Q 137 10.13 15.30 -36.18
C ILE Q 137 11.53 14.73 -36.05
N ALA Q 138 11.97 14.00 -37.07
CA ALA Q 138 13.29 13.39 -37.10
C ALA Q 138 14.13 14.03 -38.20
N LEU Q 139 15.39 14.32 -37.89
CA LEU Q 139 16.29 15.00 -38.80
C LEU Q 139 17.55 14.19 -39.00
N THR Q 140 18.18 14.36 -40.17
CA THR Q 140 19.46 13.78 -40.49
C THR Q 140 20.45 14.91 -40.78
N ALA Q 141 21.63 14.84 -40.19
CA ALA Q 141 22.59 15.93 -40.27
C ALA Q 141 23.99 15.40 -40.55
N ASP Q 142 24.92 16.34 -40.75
CA ASP Q 142 26.29 15.98 -41.13
C ASP Q 142 27.13 15.62 -39.90
N ARG Q 143 27.33 16.58 -39.00
CA ARG Q 143 28.19 16.37 -37.85
C ARG Q 143 27.65 17.18 -36.68
N VAL Q 144 28.05 16.76 -35.47
CA VAL Q 144 27.68 17.44 -34.24
C VAL Q 144 28.95 17.77 -33.47
N THR Q 145 29.06 19.01 -33.01
CA THR Q 145 30.20 19.44 -32.21
C THR Q 145 29.70 20.12 -30.93
N ILE Q 146 30.55 20.11 -29.92
CA ILE Q 146 30.22 20.65 -28.61
C ILE Q 146 31.17 21.79 -28.30
N GLN Q 147 30.62 22.93 -27.90
CA GLN Q 147 31.40 24.10 -27.54
C GLN Q 147 31.08 24.51 -26.12
N ALA Q 148 32.11 24.62 -25.29
CA ALA Q 148 31.93 25.01 -23.89
C ALA Q 148 32.03 26.51 -23.75
N ALA Q 149 31.08 27.10 -23.03
CA ALA Q 149 31.07 28.54 -22.83
C ALA Q 149 32.17 28.97 -21.88
N ALA R 2 32.76 -11.03 17.70
CA ALA R 2 33.89 -10.13 17.85
C ALA R 2 34.79 -10.18 16.62
N ILE R 3 34.59 -9.23 15.71
CA ILE R 3 35.36 -9.14 14.47
C ILE R 3 35.94 -7.74 14.38
N THR R 4 37.26 -7.66 14.23
CA THR R 4 37.96 -6.39 14.09
C THR R 4 37.99 -5.96 12.63
N PRO R 5 38.17 -4.66 12.37
CA PRO R 5 38.23 -4.19 10.98
C PRO R 5 39.37 -4.81 10.18
N GLU R 6 40.44 -5.26 10.84
CA GLU R 6 41.55 -5.86 10.11
C GLU R 6 41.14 -7.14 9.41
N GLN R 7 40.46 -8.04 10.12
CA GLN R 7 40.00 -9.26 9.47
C GLN R 7 38.87 -8.99 8.48
N ILE R 8 38.14 -7.90 8.64
CA ILE R 8 37.19 -7.51 7.60
C ILE R 8 37.91 -7.11 6.33
N ALA R 9 38.99 -6.33 6.46
CA ALA R 9 39.78 -5.95 5.30
C ALA R 9 40.49 -7.15 4.69
N VAL R 10 40.76 -8.19 5.48
CA VAL R 10 41.47 -9.35 4.97
C VAL R 10 40.53 -10.34 4.30
N GLU R 11 39.37 -10.64 4.90
CA GLU R 11 38.55 -11.75 4.46
C GLU R 11 37.21 -11.37 3.86
N TYR R 12 36.68 -10.19 4.15
CA TYR R 12 35.36 -9.88 3.65
C TYR R 12 35.40 -9.47 2.17
N PRO R 13 34.35 -9.76 1.42
CA PRO R 13 34.29 -9.32 0.02
C PRO R 13 34.20 -7.82 -0.09
N ILE R 14 34.70 -7.30 -1.22
CA ILE R 14 34.80 -5.86 -1.44
C ILE R 14 33.54 -5.34 -2.12
N PRO R 15 32.98 -4.22 -1.67
CA PRO R 15 31.88 -3.60 -2.42
C PRO R 15 32.38 -3.01 -3.72
N THR R 16 31.43 -2.54 -4.54
CA THR R 16 31.72 -2.13 -5.90
C THR R 16 31.37 -0.68 -6.19
N TYR R 17 31.28 0.17 -5.17
CA TYR R 17 30.90 1.56 -5.38
C TYR R 17 32.01 2.57 -5.18
N ARG R 18 33.15 2.17 -4.61
CA ARG R 18 34.27 3.07 -4.38
C ARG R 18 35.43 2.66 -5.29
N PHE R 19 35.74 3.50 -6.27
CA PHE R 19 36.78 3.18 -7.24
C PHE R 19 37.36 4.46 -7.79
N VAL R 20 38.56 4.35 -8.37
CA VAL R 20 39.24 5.46 -9.01
C VAL R 20 39.62 5.04 -10.42
N VAL R 21 39.52 5.97 -11.36
CA VAL R 21 39.77 5.69 -12.78
C VAL R 21 40.90 6.59 -13.26
N SER R 22 41.88 5.99 -13.92
CA SER R 22 42.99 6.72 -14.50
C SER R 22 42.96 6.55 -16.01
N VAL R 23 42.90 7.66 -16.73
CA VAL R 23 42.88 7.67 -18.20
C VAL R 23 44.18 8.32 -18.64
N GLY R 24 45.04 7.53 -19.29
CA GLY R 24 46.34 8.06 -19.69
C GLY R 24 47.18 8.39 -18.46
N ASP R 25 47.68 9.62 -18.42
CA ASP R 25 48.52 10.09 -17.33
C ASP R 25 47.76 10.87 -16.28
N GLU R 26 46.44 10.95 -16.38
CA GLU R 26 45.62 11.76 -15.49
C GLU R 26 44.42 10.95 -15.01
N GLN R 27 43.84 11.41 -13.90
CA GLN R 27 42.72 10.73 -13.26
C GLN R 27 41.44 11.54 -13.48
N ILE R 28 40.37 10.85 -13.87
CA ILE R 28 39.08 11.48 -14.12
C ILE R 28 38.01 10.76 -13.32
N PRO R 29 37.21 11.46 -12.53
CA PRO R 29 36.12 10.79 -11.79
C PRO R 29 35.03 10.33 -12.73
N PHE R 30 34.45 9.16 -12.44
CA PHE R 30 33.44 8.56 -13.28
C PHE R 30 32.30 8.03 -12.42
N ASN R 31 31.13 7.90 -13.04
CA ASN R 31 29.95 7.39 -12.36
C ASN R 31 29.70 5.91 -12.61
N ASN R 32 30.10 5.39 -13.76
CA ASN R 32 29.85 3.99 -14.09
C ASN R 32 30.91 3.49 -15.06
N VAL R 33 31.39 2.27 -14.83
CA VAL R 33 32.32 1.60 -15.72
C VAL R 33 31.83 0.17 -15.91
N SER R 34 31.81 -0.29 -17.15
CA SER R 34 31.31 -1.64 -17.45
C SER R 34 31.93 -2.14 -18.74
N GLY R 35 31.82 -3.45 -18.95
CA GLY R 35 32.31 -4.08 -20.16
C GLY R 35 33.67 -4.72 -20.07
N LEU R 36 34.24 -4.85 -18.87
CA LEU R 36 35.57 -5.41 -18.69
C LEU R 36 35.50 -6.94 -18.68
N ASP R 37 35.28 -7.50 -19.87
CA ASP R 37 35.09 -8.94 -20.02
C ASP R 37 36.17 -9.52 -20.92
N VAL R 38 36.57 -10.75 -20.60
CA VAL R 38 37.50 -11.52 -21.41
C VAL R 38 36.72 -12.65 -22.07
N HIS R 39 36.81 -12.75 -23.38
CA HIS R 39 36.08 -13.75 -24.13
C HIS R 39 37.01 -14.52 -25.06
N TYR R 40 36.81 -15.84 -25.12
CA TYR R 40 37.56 -16.72 -26.01
C TYR R 40 36.59 -17.51 -26.86
N ASP R 41 36.97 -17.74 -28.11
CA ASP R 41 36.19 -18.64 -28.95
C ASP R 41 36.56 -20.09 -28.63
N VAL R 42 35.70 -21.01 -29.07
CA VAL R 42 35.88 -22.43 -28.84
C VAL R 42 35.99 -23.12 -30.19
N ILE R 43 37.05 -23.89 -30.38
CA ILE R 43 37.29 -24.65 -31.60
C ILE R 43 37.01 -26.11 -31.30
N GLU R 44 36.19 -26.74 -32.14
CA GLU R 44 35.78 -28.13 -31.93
C GLU R 44 36.18 -28.96 -33.15
N TYR R 45 36.55 -30.21 -32.88
CA TYR R 45 36.90 -31.16 -33.93
C TYR R 45 36.33 -32.52 -33.56
N LYS R 46 35.76 -33.21 -34.55
CA LYS R 46 35.16 -34.51 -34.34
C LYS R 46 35.68 -35.48 -35.38
N ASP R 47 35.72 -36.77 -35.02
CA ASP R 47 36.04 -37.84 -35.95
C ASP R 47 35.03 -38.97 -35.79
N GLY R 48 35.17 -39.99 -36.63
CA GLY R 48 34.16 -41.02 -36.74
C GLY R 48 34.14 -42.06 -35.65
N ILE R 49 35.11 -42.07 -34.75
CA ILE R 49 35.16 -43.06 -33.67
C ILE R 49 34.76 -42.48 -32.34
N GLY R 50 34.37 -41.21 -32.27
CA GLY R 50 33.80 -40.64 -31.06
C GLY R 50 34.67 -39.62 -30.35
N ASN R 51 35.86 -39.31 -30.86
CA ASN R 51 36.71 -38.33 -30.19
C ASN R 51 36.15 -36.93 -30.44
N TYR R 52 36.03 -36.16 -29.36
CA TYR R 52 35.45 -34.82 -29.40
C TYR R 52 36.45 -33.87 -28.73
N TYR R 53 37.20 -33.13 -29.55
CA TYR R 53 38.23 -32.23 -29.07
C TYR R 53 37.68 -30.81 -28.97
N LYS R 54 37.88 -30.18 -27.82
CA LYS R 54 37.49 -28.79 -27.60
C LYS R 54 38.66 -28.04 -27.00
N MET R 55 39.06 -26.94 -27.65
CA MET R 55 40.18 -26.13 -27.21
C MET R 55 39.80 -24.67 -27.33
N PRO R 56 40.47 -23.79 -26.58
CA PRO R 56 40.21 -22.36 -26.73
C PRO R 56 40.61 -21.84 -28.11
N GLY R 57 39.89 -20.83 -28.57
CA GLY R 57 40.18 -20.22 -29.85
C GLY R 57 40.85 -18.86 -29.72
N GLN R 58 40.62 -17.99 -30.69
CA GLN R 58 41.21 -16.66 -30.66
C GLN R 58 40.57 -15.81 -29.57
N ARG R 59 41.39 -14.97 -28.95
CA ARG R 59 40.89 -14.03 -27.95
C ARG R 59 40.22 -12.86 -28.62
N GLN R 60 39.11 -12.40 -28.04
CA GLN R 60 38.35 -11.30 -28.59
C GLN R 60 38.80 -9.97 -27.99
N SER R 61 38.42 -8.88 -28.66
CA SER R 61 38.77 -7.56 -28.20
C SER R 61 37.87 -7.12 -27.06
N ILE R 62 38.27 -6.03 -26.41
CA ILE R 62 37.58 -5.51 -25.23
C ILE R 62 36.82 -4.25 -25.63
N ASN R 63 35.56 -4.17 -25.19
CA ASN R 63 34.73 -2.98 -25.40
C ASN R 63 34.17 -2.54 -24.06
N ILE R 64 34.53 -1.34 -23.63
CA ILE R 64 34.10 -0.81 -22.34
C ILE R 64 33.40 0.53 -22.54
N THR R 65 32.52 0.86 -21.60
CA THR R 65 31.78 2.11 -21.62
C THR R 65 31.97 2.84 -20.29
N LEU R 66 32.14 4.14 -20.36
CA LEU R 66 32.31 4.99 -19.19
C LEU R 66 31.20 6.04 -19.17
N ARG R 67 30.55 6.19 -18.02
CA ARG R 67 29.49 7.17 -17.84
C ARG R 67 29.94 8.24 -16.85
N LYS R 68 29.68 9.50 -17.18
CA LYS R 68 30.17 10.62 -16.39
C LYS R 68 29.23 11.79 -16.58
N GLY R 69 29.01 12.55 -15.51
CA GLY R 69 28.16 13.71 -15.59
C GLY R 69 28.82 14.86 -16.34
N VAL R 70 27.98 15.79 -16.80
CA VAL R 70 28.46 16.95 -17.54
C VAL R 70 28.76 18.07 -16.56
N PHE R 71 29.96 18.64 -16.67
CA PHE R 71 30.43 19.69 -15.79
C PHE R 71 30.75 20.95 -16.59
N PRO R 72 30.61 22.13 -15.98
CA PRO R 72 30.87 23.37 -16.72
C PRO R 72 32.31 23.46 -17.21
N GLY R 73 32.47 23.87 -18.46
CA GLY R 73 33.79 24.05 -19.04
C GLY R 73 34.54 22.78 -19.33
N ASP R 74 33.88 21.62 -19.32
CA ASP R 74 34.54 20.33 -19.50
C ASP R 74 34.09 19.73 -20.82
N THR R 75 35.06 19.48 -21.71
CA THR R 75 34.79 18.81 -22.99
C THR R 75 35.91 17.83 -23.32
N LYS R 76 36.52 17.23 -22.31
CA LYS R 76 37.73 16.44 -22.52
C LYS R 76 37.44 15.17 -23.33
N LEU R 77 36.39 14.43 -22.95
CA LEU R 77 36.09 13.18 -23.65
C LEU R 77 35.65 13.45 -25.10
N PHE R 78 34.82 14.47 -25.31
CA PHE R 78 34.43 14.80 -26.67
C PHE R 78 35.62 15.30 -27.47
N ASP R 79 36.53 16.03 -26.82
CA ASP R 79 37.74 16.46 -27.52
C ASP R 79 38.58 15.26 -27.93
N TRP R 80 38.66 14.25 -27.07
CA TRP R 80 39.39 13.04 -27.42
C TRP R 80 38.76 12.32 -28.60
N ILE R 81 37.43 12.19 -28.60
CA ILE R 81 36.78 11.50 -29.72
C ILE R 81 36.79 12.36 -30.98
N ASN R 82 36.93 13.67 -30.86
CA ASN R 82 36.87 14.58 -31.99
C ASN R 82 38.22 14.80 -32.66
N SER R 83 39.29 14.24 -32.11
CA SER R 83 40.62 14.38 -32.68
C SER R 83 40.95 13.30 -33.70
N ILE R 84 39.98 12.43 -34.03
CA ILE R 84 40.23 11.35 -34.97
C ILE R 84 40.39 11.92 -36.38
N GLN R 85 41.49 11.56 -37.03
CA GLN R 85 41.75 11.93 -38.42
C GLN R 85 42.06 10.65 -39.19
N LEU R 86 41.11 10.21 -40.00
CA LEU R 86 41.21 8.94 -40.74
C LEU R 86 41.40 7.83 -39.72
N ASN R 87 42.52 7.12 -39.71
CA ASN R 87 42.76 6.02 -38.77
C ASN R 87 43.69 6.42 -37.64
N GLN R 88 44.05 7.69 -37.53
CA GLN R 88 44.97 8.16 -36.50
C GLN R 88 44.21 8.68 -35.29
N VAL R 89 44.61 8.23 -34.11
CA VAL R 89 43.97 8.64 -32.85
C VAL R 89 44.97 8.35 -31.74
N GLU R 90 44.83 9.07 -30.63
CA GLU R 90 45.65 8.83 -29.46
C GLU R 90 45.08 7.68 -28.66
N LYS R 91 45.88 6.64 -28.44
CA LYS R 91 45.48 5.49 -27.65
C LYS R 91 46.05 5.62 -26.25
N LYS R 92 45.20 5.43 -25.25
CA LYS R 92 45.59 5.59 -23.86
C LYS R 92 45.26 4.32 -23.09
N ASP R 93 45.98 4.11 -21.99
CA ASP R 93 45.74 2.99 -21.11
C ASP R 93 44.83 3.41 -19.97
N ILE R 94 43.85 2.58 -19.66
CA ILE R 94 42.85 2.86 -18.64
C ILE R 94 43.07 1.90 -17.48
N ALA R 95 43.08 2.44 -16.25
CA ALA R 95 43.24 1.64 -15.05
C ALA R 95 42.11 1.97 -14.09
N ILE R 96 41.44 0.95 -13.58
CA ILE R 96 40.36 1.09 -12.61
C ILE R 96 40.77 0.33 -11.35
N SER R 97 40.76 1.03 -10.22
CA SER R 97 41.22 0.47 -8.95
C SER R 97 40.15 0.62 -7.89
N LEU R 98 39.88 -0.45 -7.15
CA LEU R 98 39.04 -0.39 -5.98
C LEU R 98 39.86 0.11 -4.80
N THR R 99 39.44 1.20 -4.19
CA THR R 99 40.17 1.86 -3.12
C THR R 99 39.41 1.74 -1.81
N ASN R 100 40.04 2.21 -0.73
CA ASN R 100 39.39 2.30 0.57
C ASN R 100 38.53 3.55 0.61
N GLU R 101 38.02 3.89 1.79
CA GLU R 101 37.10 5.01 1.91
C GLU R 101 37.78 6.34 1.56
N ALA R 102 38.99 6.55 2.06
CA ALA R 102 39.69 7.80 1.82
C ALA R 102 40.43 7.85 0.49
N GLY R 103 40.58 6.71 -0.17
CA GLY R 103 41.32 6.66 -1.41
C GLY R 103 42.83 6.61 -1.26
N THR R 104 43.33 6.40 -0.06
CA THR R 104 44.76 6.35 0.21
C THR R 104 45.35 4.96 0.04
N GLU R 105 44.53 3.95 -0.27
CA GLU R 105 45.01 2.60 -0.47
C GLU R 105 44.33 2.00 -1.69
N ILE R 106 44.99 1.03 -2.31
CA ILE R 106 44.48 0.33 -3.48
C ILE R 106 44.30 -1.13 -3.12
N LEU R 107 43.13 -1.68 -3.43
CA LEU R 107 42.81 -3.07 -3.11
C LEU R 107 42.98 -3.99 -4.31
N MET R 108 42.44 -3.62 -5.46
CA MET R 108 42.57 -4.42 -6.67
C MET R 108 42.54 -3.49 -7.87
N THR R 109 43.26 -3.88 -8.93
CA THR R 109 43.43 -3.02 -10.10
C THR R 109 43.05 -3.77 -11.36
N TRP R 110 42.34 -3.08 -12.25
CA TRP R 110 42.04 -3.55 -13.60
C TRP R 110 42.82 -2.69 -14.58
N ASN R 111 43.59 -3.33 -15.46
CA ASN R 111 44.44 -2.63 -16.41
C ASN R 111 43.95 -2.88 -17.83
N VAL R 112 43.71 -1.80 -18.57
CA VAL R 112 43.22 -1.87 -19.94
C VAL R 112 44.25 -1.18 -20.83
N ALA R 113 44.66 -1.86 -21.89
CA ALA R 113 45.78 -1.42 -22.73
C ALA R 113 45.27 -0.92 -24.08
N ASN R 114 45.76 0.26 -24.49
CA ASN R 114 45.54 0.81 -25.82
C ASN R 114 44.06 0.94 -26.15
N ALA R 115 43.39 1.81 -25.38
CA ALA R 115 41.97 2.08 -25.57
C ALA R 115 41.79 3.38 -26.35
N PHE R 116 40.92 3.33 -27.36
CA PHE R 116 40.56 4.51 -28.14
C PHE R 116 39.06 4.59 -28.30
N PRO R 117 38.50 5.80 -28.38
CA PRO R 117 37.04 5.92 -28.43
C PRO R 117 36.47 5.54 -29.79
N THR R 118 35.25 5.02 -29.76
CA THR R 118 34.50 4.71 -30.96
C THR R 118 33.12 5.33 -31.01
N SER R 119 32.50 5.64 -29.87
CA SER R 119 31.17 6.21 -29.84
C SER R 119 31.05 7.17 -28.66
N PHE R 120 30.30 8.24 -28.86
CA PHE R 120 30.04 9.23 -27.82
C PHE R 120 28.55 9.52 -27.79
N THR R 121 27.96 9.49 -26.60
CA THR R 121 26.53 9.72 -26.42
C THR R 121 26.32 10.95 -25.55
N SER R 122 25.62 11.94 -26.10
CA SER R 122 25.31 13.16 -25.38
C SER R 122 24.07 12.97 -24.50
N PRO R 123 23.89 13.81 -23.50
CA PRO R 123 22.66 13.72 -22.70
C PRO R 123 21.43 14.04 -23.53
N SER R 124 20.32 13.41 -23.17
CA SER R 124 19.04 13.66 -23.81
C SER R 124 18.33 14.78 -23.05
N PHE R 125 18.00 15.86 -23.76
CA PHE R 125 17.39 17.02 -23.13
C PHE R 125 15.90 16.79 -22.98
N ASP R 126 15.43 16.71 -21.74
CA ASP R 126 14.03 16.48 -21.43
C ASP R 126 13.54 17.58 -20.51
N ALA R 127 12.50 18.29 -20.93
CA ALA R 127 11.98 19.41 -20.16
C ALA R 127 11.24 18.97 -18.90
N THR R 128 10.96 17.68 -18.74
CA THR R 128 10.24 17.18 -17.58
C THR R 128 11.11 16.37 -16.63
N SER R 129 12.34 16.05 -17.00
CA SER R 129 13.18 15.20 -16.19
C SER R 129 13.80 15.97 -15.02
N ASN R 130 14.29 15.22 -14.05
CA ASN R 130 14.92 15.77 -12.85
C ASN R 130 16.25 15.07 -12.59
N GLU R 131 17.05 14.91 -13.64
CA GLU R 131 18.30 14.18 -13.57
C GLU R 131 19.46 15.08 -13.98
N ILE R 132 20.67 14.60 -13.69
CA ILE R 132 21.90 15.28 -14.08
C ILE R 132 22.27 14.84 -15.49
N ALA R 133 22.69 15.79 -16.31
CA ALA R 133 23.13 15.46 -17.67
C ALA R 133 24.31 14.50 -17.61
N VAL R 134 24.20 13.39 -18.33
CA VAL R 134 25.19 12.33 -18.30
C VAL R 134 25.65 12.05 -19.73
N GLN R 135 26.96 12.04 -19.93
CA GLN R 135 27.56 11.68 -21.20
C GLN R 135 28.15 10.29 -21.12
N GLU R 136 28.20 9.61 -22.26
CA GLU R 136 28.70 8.25 -22.35
C GLU R 136 29.75 8.16 -23.44
N ILE R 137 30.77 7.32 -23.22
CA ILE R 137 31.82 7.10 -24.19
C ILE R 137 32.14 5.60 -24.22
N ALA R 138 32.30 5.06 -25.43
CA ALA R 138 32.61 3.66 -25.63
C ALA R 138 34.01 3.54 -26.21
N LEU R 139 34.82 2.63 -25.65
CA LEU R 139 36.20 2.47 -26.04
C LEU R 139 36.46 1.02 -26.47
N THR R 140 37.41 0.87 -27.39
CA THR R 140 37.89 -0.44 -27.83
C THR R 140 39.36 -0.55 -27.46
N ALA R 141 39.76 -1.66 -26.86
CA ALA R 141 41.10 -1.82 -26.35
C ALA R 141 41.64 -3.21 -26.69
N ASP R 142 42.91 -3.42 -26.36
CA ASP R 142 43.60 -4.66 -26.74
C ASP R 142 43.32 -5.79 -25.77
N ARG R 143 43.73 -5.62 -24.51
CA ARG R 143 43.60 -6.67 -23.51
C ARG R 143 43.38 -6.05 -22.15
N VAL R 144 42.84 -6.84 -21.23
CA VAL R 144 42.57 -6.42 -19.86
C VAL R 144 43.17 -7.44 -18.91
N THR R 145 43.90 -6.97 -17.90
CA THR R 145 44.50 -7.82 -16.90
C THR R 145 44.14 -7.32 -15.52
N ILE R 146 44.15 -8.23 -14.55
CA ILE R 146 43.77 -7.94 -13.18
C ILE R 146 44.98 -8.18 -12.29
N GLN R 147 45.30 -7.20 -11.45
CA GLN R 147 46.43 -7.27 -10.54
C GLN R 147 45.96 -6.98 -9.13
N ALA R 148 46.29 -7.87 -8.20
CA ALA R 148 45.92 -7.69 -6.80
C ALA R 148 47.00 -6.92 -6.06
N ALA R 149 46.58 -6.24 -4.99
CA ALA R 149 47.51 -5.46 -4.19
C ALA R 149 48.45 -6.36 -3.39
N THR S 2 -49.61 -26.87 -48.37
CA THR S 2 -48.50 -25.95 -48.14
C THR S 2 -48.84 -24.95 -47.04
N THR S 3 -49.83 -24.11 -47.29
CA THR S 3 -50.32 -23.21 -46.24
C THR S 3 -50.92 -24.00 -45.09
N ILE S 4 -51.64 -25.07 -45.39
CA ILE S 4 -52.18 -25.95 -44.37
C ILE S 4 -51.09 -26.92 -43.95
N THR S 5 -50.74 -26.89 -42.67
CA THR S 5 -49.66 -27.72 -42.14
C THR S 5 -50.25 -28.93 -41.43
N THR S 6 -49.88 -30.12 -41.88
CA THR S 6 -50.37 -31.36 -41.29
C THR S 6 -49.25 -32.17 -40.66
N TYR S 7 -48.20 -32.51 -41.41
CA TYR S 7 -47.11 -33.30 -40.88
C TYR S 7 -45.93 -32.42 -40.50
N PRO S 8 -45.15 -32.80 -39.49
CA PRO S 8 -43.94 -32.05 -39.19
C PRO S 8 -42.90 -32.20 -40.28
N GLY S 9 -42.11 -31.14 -40.46
CA GLY S 9 -41.08 -31.17 -41.48
C GLY S 9 -40.91 -29.86 -42.20
N VAL S 10 -40.44 -29.93 -43.45
CA VAL S 10 -40.14 -28.75 -44.26
C VAL S 10 -41.09 -28.72 -45.45
N TYR S 11 -41.78 -27.59 -45.63
CA TYR S 11 -42.69 -27.39 -46.75
C TYR S 11 -42.02 -26.46 -47.76
N ILE S 12 -42.29 -26.71 -49.05
CA ILE S 12 -41.69 -25.96 -50.14
C ILE S 12 -42.80 -25.32 -50.95
N GLU S 13 -42.71 -24.01 -51.17
CA GLU S 13 -43.65 -23.27 -52.00
C GLU S 13 -42.87 -22.49 -53.06
N GLU S 14 -43.44 -22.43 -54.26
CA GLU S 14 -42.80 -21.76 -55.38
C GLU S 14 -43.31 -20.36 -55.62
N ASP S 15 -44.24 -19.87 -54.79
CA ASP S 15 -44.74 -18.51 -54.88
C ASP S 15 -44.40 -17.77 -53.60
N ALA S 16 -44.06 -16.49 -53.72
CA ALA S 16 -43.66 -15.70 -52.56
C ALA S 16 -44.08 -14.26 -52.77
N SER S 17 -44.92 -13.75 -51.86
CA SER S 17 -45.29 -12.35 -51.89
C SER S 17 -44.13 -11.49 -51.37
N LEU S 18 -44.15 -10.22 -51.72
CA LEU S 18 -43.08 -9.32 -51.34
C LEU S 18 -43.08 -9.07 -49.83
N SER S 19 -41.90 -9.02 -49.24
CA SER S 19 -41.72 -8.72 -47.83
C SER S 19 -40.83 -7.49 -47.68
N LEU S 20 -41.06 -6.75 -46.60
CA LEU S 20 -40.31 -5.54 -46.31
C LEU S 20 -39.82 -5.55 -44.87
N SER S 21 -38.68 -4.90 -44.65
CA SER S 21 -38.11 -4.82 -43.32
C SER S 21 -38.93 -3.89 -42.43
N VAL S 22 -38.70 -3.98 -41.13
CA VAL S 22 -39.44 -3.23 -40.13
C VAL S 22 -38.53 -2.17 -39.54
N SER S 23 -39.00 -0.92 -39.54
CA SER S 23 -38.28 0.20 -38.95
C SER S 23 -39.13 0.80 -37.84
N SER S 24 -38.46 1.27 -36.79
CA SER S 24 -39.13 1.81 -35.62
C SER S 24 -38.74 3.26 -35.41
N SER S 25 -39.73 4.09 -35.08
CA SER S 25 -39.51 5.51 -34.83
C SER S 25 -40.54 5.97 -33.80
N ALA S 26 -40.22 7.09 -33.14
CA ALA S 26 -41.07 7.62 -32.09
C ALA S 26 -41.42 9.10 -32.26
N THR S 27 -40.63 9.88 -32.98
CA THR S 27 -40.89 11.30 -33.16
C THR S 27 -41.63 11.61 -34.45
N ALA S 28 -42.04 10.59 -35.21
CA ALA S 28 -42.77 10.80 -36.46
C ALA S 28 -43.76 9.66 -36.63
N VAL S 29 -44.99 9.90 -36.21
CA VAL S 29 -46.08 8.93 -36.35
C VAL S 29 -47.16 9.57 -37.22
N PRO S 30 -47.24 9.19 -38.49
CA PRO S 30 -48.17 9.85 -39.41
C PRO S 30 -49.55 9.23 -39.42
N VAL S 31 -50.50 10.01 -39.92
CA VAL S 31 -51.88 9.56 -40.15
C VAL S 31 -52.15 9.67 -41.64
N PHE S 32 -52.59 8.56 -42.24
CA PHE S 32 -52.86 8.50 -43.66
C PHE S 32 -54.36 8.67 -43.90
N ALA S 33 -54.71 9.68 -44.69
CA ALA S 33 -56.11 9.89 -45.06
C ALA S 33 -56.49 8.96 -46.19
N VAL S 34 -57.60 8.25 -46.02
CA VAL S 34 -58.04 7.24 -46.97
C VAL S 34 -59.38 7.65 -47.57
N ALA S 35 -59.65 7.17 -48.78
CA ALA S 35 -60.91 7.44 -49.44
C ALA S 35 -62.05 6.72 -48.71
N GLY S 36 -63.25 7.26 -48.87
CA GLY S 36 -64.41 6.74 -48.16
C GLY S 36 -64.89 5.39 -48.66
N ASP S 37 -64.50 5.01 -49.88
CA ASP S 37 -64.94 3.74 -50.46
C ASP S 37 -64.00 2.59 -50.14
N ASN S 38 -62.97 2.81 -49.34
CA ASN S 38 -62.04 1.75 -48.98
C ASN S 38 -62.72 0.79 -48.01
N PRO S 39 -62.80 -0.51 -48.34
CA PRO S 39 -63.47 -1.44 -47.43
C PRO S 39 -62.69 -1.71 -46.15
N LEU S 40 -61.36 -1.60 -46.18
CA LEU S 40 -60.57 -1.88 -44.99
C LEU S 40 -60.86 -0.89 -43.88
N ILE S 41 -61.00 0.39 -44.21
CA ILE S 41 -61.20 1.43 -43.21
C ILE S 41 -62.67 1.59 -42.82
N SER S 42 -63.59 1.25 -43.73
CA SER S 42 -65.00 1.48 -43.47
C SER S 42 -65.50 0.64 -42.31
N GLY S 43 -66.32 1.26 -41.47
CA GLY S 43 -66.88 0.59 -40.30
C GLY S 43 -66.11 0.81 -39.02
N LYS S 44 -64.91 1.38 -39.09
CA LYS S 44 -64.09 1.61 -37.90
C LYS S 44 -63.58 3.04 -37.90
N PRO S 45 -63.37 3.62 -36.71
CA PRO S 45 -62.87 5.00 -36.65
C PRO S 45 -61.44 5.13 -37.15
N TYR S 46 -60.58 4.22 -36.71
CA TYR S 46 -59.17 4.25 -37.12
C TYR S 46 -58.60 2.85 -36.96
N ILE S 47 -57.53 2.59 -37.71
CA ILE S 47 -56.80 1.33 -37.64
C ILE S 47 -55.32 1.63 -37.51
N ARG S 48 -54.63 0.91 -36.64
CA ARG S 48 -53.20 1.04 -36.46
C ARG S 48 -52.48 -0.03 -37.27
N ILE S 49 -51.51 0.40 -38.07
CA ILE S 49 -50.69 -0.49 -38.88
C ILE S 49 -49.25 -0.40 -38.40
N SER S 50 -48.66 -1.53 -38.06
CA SER S 50 -47.30 -1.55 -37.52
C SER S 50 -46.23 -1.82 -38.56
N ASN S 51 -46.57 -2.53 -39.63
CA ASN S 51 -45.58 -2.87 -40.65
C ASN S 51 -46.32 -3.25 -41.93
N TRP S 52 -45.54 -3.57 -42.96
CA TRP S 52 -46.14 -3.96 -44.25
C TRP S 52 -46.87 -5.29 -44.14
N LEU S 53 -46.34 -6.23 -43.35
CA LEU S 53 -46.96 -7.53 -43.22
C LEU S 53 -48.34 -7.43 -42.58
N GLU S 54 -48.48 -6.59 -41.55
CA GLU S 54 -49.77 -6.44 -40.88
C GLU S 54 -50.81 -5.85 -41.81
N TYR S 55 -50.41 -4.87 -42.63
CA TYR S 55 -51.35 -4.29 -43.59
C TYR S 55 -51.81 -5.33 -44.60
N LEU S 56 -50.90 -6.16 -45.10
CA LEU S 56 -51.28 -7.21 -46.04
C LEU S 56 -52.21 -8.22 -45.37
N THR S 57 -51.93 -8.57 -44.12
CA THR S 57 -52.79 -9.50 -43.41
C THR S 57 -54.20 -8.94 -43.22
N LEU S 58 -54.29 -7.65 -42.85
CA LEU S 58 -55.61 -7.04 -42.66
C LEU S 58 -56.35 -6.91 -43.98
N LYS S 59 -55.65 -6.56 -45.06
CA LYS S 59 -56.31 -6.41 -46.36
C LYS S 59 -56.87 -7.75 -46.85
N ASN S 60 -56.15 -8.84 -46.63
CA ASN S 60 -56.55 -10.18 -47.05
C ASN S 60 -56.75 -10.20 -48.57
N GLU S 61 -55.69 -9.82 -49.27
CA GLU S 61 -55.67 -9.79 -50.73
C GLU S 61 -54.22 -9.61 -51.16
N GLN S 62 -53.97 -9.83 -52.45
CA GLN S 62 -52.63 -9.61 -52.99
C GLN S 62 -52.41 -8.12 -53.24
N PHE S 63 -51.14 -7.76 -53.44
CA PHE S 63 -50.80 -6.37 -53.69
C PHE S 63 -51.38 -5.92 -55.02
N ASP S 64 -51.95 -4.72 -55.03
CA ASP S 64 -52.60 -4.16 -56.21
C ASP S 64 -51.98 -2.83 -56.59
N PRO S 65 -51.21 -2.75 -57.68
CA PRO S 65 -50.69 -1.44 -58.11
C PRO S 65 -51.76 -0.49 -58.62
N ALA S 66 -52.98 -0.96 -58.84
CA ALA S 66 -54.07 -0.11 -59.31
C ALA S 66 -54.77 0.62 -58.18
N ASN S 67 -54.43 0.33 -56.93
CA ASN S 67 -54.98 1.02 -55.78
C ASN S 67 -53.95 2.02 -55.25
N THR S 68 -54.44 3.10 -54.63
CA THR S 68 -53.55 4.17 -54.19
C THR S 68 -53.07 3.99 -52.76
N LEU S 69 -53.93 3.48 -51.88
CA LEU S 69 -53.53 3.33 -50.47
C LEU S 69 -52.39 2.35 -50.31
N ASP S 70 -52.45 1.21 -51.02
CA ASP S 70 -51.43 0.19 -50.84
C ASP S 70 -50.10 0.62 -51.44
N ILE S 71 -50.11 1.29 -52.60
CA ILE S 71 -48.87 1.78 -53.16
C ILE S 71 -48.28 2.89 -52.30
N SER S 72 -49.14 3.74 -51.73
CA SER S 72 -48.65 4.76 -50.81
C SER S 72 -48.00 4.13 -49.58
N LEU S 73 -48.63 3.10 -49.02
CA LEU S 73 -48.06 2.44 -47.86
C LEU S 73 -46.76 1.71 -48.21
N ARG S 74 -46.69 1.12 -49.40
CA ARG S 74 -45.46 0.47 -49.83
C ARG S 74 -44.32 1.49 -49.96
N ALA S 75 -44.61 2.65 -50.55
CA ALA S 75 -43.60 3.70 -50.64
C ALA S 75 -43.18 4.18 -49.26
N TYR S 76 -44.15 4.33 -48.34
CA TYR S 76 -43.84 4.81 -47.00
C TYR S 76 -42.97 3.82 -46.24
N PHE S 77 -43.27 2.52 -46.35
CA PHE S 77 -42.51 1.51 -45.62
C PHE S 77 -41.16 1.24 -46.26
N ILE S 78 -41.04 1.40 -47.59
CA ILE S 78 -39.77 1.20 -48.26
C ILE S 78 -38.77 2.24 -47.80
N ASN S 79 -39.21 3.49 -47.66
CA ASN S 79 -38.31 4.58 -47.30
C ASN S 79 -37.93 4.59 -45.82
N GLY S 80 -38.50 3.71 -45.02
CA GLY S 80 -38.08 3.59 -43.63
C GLY S 80 -39.06 4.13 -42.62
N GLY S 81 -40.36 3.97 -42.88
CA GLY S 81 -41.35 4.45 -41.95
C GLY S 81 -41.66 3.46 -40.85
N GLY S 82 -42.21 3.98 -39.77
CA GLY S 82 -42.65 3.19 -38.63
C GLY S 82 -44.13 2.88 -38.69
N TYR S 83 -44.72 2.67 -37.52
CA TYR S 83 -46.14 2.40 -37.46
C TYR S 83 -46.94 3.68 -37.69
N CYS S 84 -48.12 3.52 -38.30
CA CYS S 84 -48.95 4.66 -38.67
C CYS S 84 -50.41 4.34 -38.36
N TYR S 85 -51.28 5.29 -38.65
CA TYR S 85 -52.71 5.16 -38.45
C TYR S 85 -53.43 5.45 -39.76
N LEU S 86 -54.53 4.75 -40.00
CA LEU S 86 -55.39 4.98 -41.16
C LEU S 86 -56.70 5.58 -40.69
N VAL S 87 -57.05 6.75 -41.22
CA VAL S 87 -58.27 7.46 -40.84
C VAL S 87 -58.93 7.98 -42.11
N GLN S 88 -60.24 7.85 -42.19
CA GLN S 88 -60.98 8.37 -43.33
C GLN S 88 -60.92 9.89 -43.35
N THR S 89 -60.97 10.46 -44.56
CA THR S 89 -60.78 11.90 -44.72
C THR S 89 -61.88 12.69 -44.02
N THR S 90 -63.13 12.25 -44.13
CA THR S 90 -64.24 12.99 -43.55
C THR S 90 -64.21 13.00 -42.03
N ASP S 91 -63.52 12.05 -41.41
CA ASP S 91 -63.46 11.93 -39.96
C ASP S 91 -62.13 12.45 -39.38
N LEU S 92 -61.32 13.13 -40.19
CA LEU S 92 -60.01 13.56 -39.71
C LEU S 92 -60.13 14.53 -38.55
N GLU S 93 -60.99 15.55 -38.68
CA GLU S 93 -61.08 16.59 -37.66
C GLU S 93 -61.56 16.05 -36.33
N LYS S 94 -62.41 15.02 -36.36
CA LYS S 94 -62.96 14.46 -35.14
C LYS S 94 -62.07 13.38 -34.52
N GLN S 95 -61.27 12.69 -35.33
CA GLN S 95 -60.51 11.54 -34.85
C GLN S 95 -59.05 11.85 -34.57
N VAL S 96 -58.43 12.75 -35.33
CA VAL S 96 -57.00 13.03 -35.13
C VAL S 96 -56.69 13.55 -33.73
N PRO S 97 -57.42 14.53 -33.18
CA PRO S 97 -57.11 14.97 -31.82
C PRO S 97 -57.27 13.89 -30.76
N LYS S 98 -58.03 12.83 -31.04
CA LYS S 98 -58.21 11.74 -30.10
C LYS S 98 -56.96 10.87 -29.96
N LEU S 99 -55.96 11.04 -30.81
CA LEU S 99 -54.75 10.25 -30.79
C LEU S 99 -53.59 11.10 -30.26
N ASP S 100 -52.85 10.56 -29.29
CA ASP S 100 -51.81 11.31 -28.61
C ASP S 100 -50.46 11.24 -29.34
N ASP S 101 -50.07 10.06 -29.82
CA ASP S 101 -48.75 9.88 -30.40
C ASP S 101 -48.65 10.40 -31.83
N VAL S 102 -49.75 10.84 -32.43
CA VAL S 102 -49.71 11.29 -33.81
C VAL S 102 -49.02 12.63 -33.90
N THR S 103 -48.04 12.73 -34.81
CA THR S 103 -47.29 13.96 -35.00
C THR S 103 -47.33 14.49 -36.44
N LEU S 104 -47.76 13.68 -37.41
CA LEU S 104 -47.78 14.09 -38.80
C LEU S 104 -49.11 13.75 -39.44
N LEU S 105 -49.53 14.59 -40.38
CA LEU S 105 -50.70 14.34 -41.21
C LEU S 105 -50.24 14.19 -42.65
N VAL S 106 -50.62 13.08 -43.27
CA VAL S 106 -50.19 12.75 -44.63
C VAL S 106 -51.41 12.61 -45.52
N ALA S 107 -51.43 13.34 -46.63
CA ALA S 107 -52.50 13.25 -47.62
C ALA S 107 -52.09 12.23 -48.66
N ALA S 108 -52.54 10.99 -48.46
CA ALA S 108 -52.20 9.89 -49.37
C ALA S 108 -53.06 9.97 -50.64
N GLY S 109 -52.89 11.08 -51.36
CA GLY S 109 -53.65 11.30 -52.57
C GLY S 109 -55.04 11.85 -52.36
N GLU S 110 -55.30 12.52 -51.25
CA GLU S 110 -56.61 13.06 -50.92
C GLU S 110 -56.51 14.57 -50.71
N ASN S 111 -57.67 15.18 -50.46
CA ASN S 111 -57.77 16.62 -50.21
C ASN S 111 -58.05 16.81 -48.72
N ILE S 112 -57.10 17.43 -48.02
CA ILE S 112 -57.21 17.58 -46.57
C ILE S 112 -57.02 19.04 -46.18
N THR S 113 -57.40 19.95 -47.07
CA THR S 113 -57.19 21.38 -46.82
C THR S 113 -57.95 21.84 -45.58
N THR S 114 -59.22 21.46 -45.48
CA THR S 114 -60.03 21.88 -44.34
C THR S 114 -59.53 21.25 -43.04
N ALA S 115 -59.17 19.97 -43.09
CA ALA S 115 -58.65 19.30 -41.89
C ALA S 115 -57.34 19.94 -41.43
N VAL S 116 -56.47 20.27 -42.38
CA VAL S 116 -55.21 20.93 -42.03
C VAL S 116 -55.47 22.30 -41.43
N SER S 117 -56.39 23.05 -42.03
CA SER S 117 -56.71 24.38 -41.51
C SER S 117 -57.27 24.31 -40.09
N THR S 118 -58.09 23.31 -39.82
CA THR S 118 -58.69 23.20 -38.48
C THR S 118 -57.70 22.67 -37.46
N LEU S 119 -56.83 21.73 -37.85
CA LEU S 119 -55.98 21.00 -36.91
C LEU S 119 -54.59 21.61 -36.76
N CYS S 120 -53.93 21.93 -37.87
CA CYS S 120 -52.55 22.44 -37.83
C CYS S 120 -52.59 23.88 -37.34
N LYS S 121 -52.62 24.03 -36.02
CA LYS S 121 -52.71 25.31 -35.33
C LYS S 121 -51.63 25.37 -34.27
N PRO S 122 -51.21 26.57 -33.85
CA PRO S 122 -50.15 26.66 -32.84
C PRO S 122 -50.54 25.98 -31.54
N GLY S 123 -49.57 25.30 -30.94
CA GLY S 123 -49.75 24.63 -29.68
C GLY S 123 -50.26 23.21 -29.77
N LYS S 124 -50.75 22.78 -30.93
CA LYS S 124 -51.28 21.43 -31.07
C LYS S 124 -50.23 20.41 -31.50
N GLY S 125 -49.06 20.86 -31.94
CA GLY S 125 -47.97 19.96 -32.25
C GLY S 125 -48.21 19.00 -33.38
N LEU S 126 -48.76 19.49 -34.49
CA LEU S 126 -49.00 18.67 -35.67
C LEU S 126 -48.39 19.32 -36.89
N PHE S 127 -47.92 18.50 -37.81
CA PHE S 127 -47.34 18.95 -39.07
C PHE S 127 -47.99 18.20 -40.22
N ALA S 128 -48.27 18.92 -41.30
CA ALA S 128 -48.95 18.34 -42.46
C ALA S 128 -48.03 18.32 -43.66
N ILE S 129 -48.18 17.30 -44.49
CA ILE S 129 -47.41 17.13 -45.72
C ILE S 129 -48.39 17.10 -46.88
N PHE S 130 -48.41 18.19 -47.65
CA PHE S 130 -49.32 18.30 -48.78
C PHE S 130 -48.71 17.66 -50.02
N ASP S 131 -49.46 17.69 -51.12
CA ASP S 131 -48.99 17.24 -52.41
C ASP S 131 -49.13 18.36 -53.43
N GLY S 132 -48.16 18.46 -54.34
CA GLY S 132 -48.17 19.49 -55.34
C GLY S 132 -49.17 19.20 -56.45
N PRO S 133 -49.19 20.09 -57.44
CA PRO S 133 -50.10 19.89 -58.58
C PRO S 133 -49.75 18.62 -59.33
N THR S 134 -50.80 17.98 -59.87
CA THR S 134 -50.61 16.74 -60.62
C THR S 134 -50.03 17.00 -62.01
N THR S 135 -50.04 18.25 -62.47
CA THR S 135 -49.54 18.61 -63.79
C THR S 135 -48.22 19.36 -63.66
N GLU S 136 -47.70 19.81 -64.80
CA GLU S 136 -46.47 20.59 -64.82
C GLU S 136 -46.69 21.97 -64.22
N LEU S 137 -45.67 22.46 -63.52
CA LEU S 137 -45.76 23.78 -62.91
C LEU S 137 -45.78 24.87 -63.97
N LYS S 138 -46.64 25.86 -63.77
CA LYS S 138 -46.67 27.02 -64.65
C LYS S 138 -45.41 27.86 -64.45
N SER S 139 -44.91 28.43 -65.55
CA SER S 139 -43.65 29.16 -65.50
C SER S 139 -43.76 30.46 -64.72
N ASP S 140 -44.95 31.00 -64.52
CA ASP S 140 -45.12 32.24 -63.79
C ASP S 140 -45.20 32.05 -62.28
N GLY S 141 -45.12 30.81 -61.80
CA GLY S 141 -45.10 30.56 -60.37
C GLY S 141 -46.43 30.69 -59.67
N THR S 142 -47.53 30.39 -60.35
CA THR S 142 -48.86 30.50 -59.77
C THR S 142 -49.47 29.14 -59.45
N SER S 143 -48.66 28.08 -59.40
CA SER S 143 -49.17 26.75 -59.09
C SER S 143 -49.41 26.53 -57.60
N ASN S 144 -48.92 27.43 -56.76
CA ASN S 144 -49.08 27.30 -55.30
C ASN S 144 -50.16 28.21 -54.76
N SER S 145 -51.00 28.80 -55.62
CA SER S 145 -52.00 29.77 -55.19
C SER S 145 -53.19 29.13 -54.49
N ASP S 146 -53.32 27.80 -54.56
CA ASP S 146 -54.43 27.10 -53.93
C ASP S 146 -54.12 26.62 -52.52
N TYR S 147 -52.95 26.97 -51.98
CA TYR S 147 -52.55 26.53 -50.66
C TYR S 147 -52.69 27.68 -49.67
N ASP S 148 -53.29 27.39 -48.52
CA ASP S 148 -53.38 28.39 -47.46
C ASP S 148 -52.03 28.53 -46.78
N PRO S 149 -51.52 29.75 -46.58
CA PRO S 149 -50.24 29.91 -45.90
C PRO S 149 -50.33 29.42 -44.46
N ASN S 150 -49.37 28.56 -44.09
CA ASN S 150 -49.37 27.93 -42.77
C ASN S 150 -47.97 27.47 -42.43
N PRO S 151 -47.40 27.90 -41.30
CA PRO S 151 -46.07 27.44 -40.91
C PRO S 151 -46.02 25.98 -40.48
N PHE S 152 -47.16 25.32 -40.36
CA PHE S 152 -47.22 23.93 -39.92
C PHE S 152 -47.45 22.96 -41.07
N ALA S 153 -47.28 23.40 -42.31
CA ALA S 153 -47.52 22.56 -43.48
C ALA S 153 -46.41 22.75 -44.49
N ALA S 154 -46.20 21.72 -45.30
CA ALA S 154 -45.21 21.75 -46.38
C ALA S 154 -45.78 21.01 -47.58
N VAL S 155 -45.34 21.42 -48.77
CA VAL S 155 -45.82 20.87 -50.03
C VAL S 155 -44.64 20.30 -50.79
N TYR S 156 -44.86 19.16 -51.45
CA TYR S 156 -43.81 18.48 -52.20
C TYR S 156 -44.30 18.17 -53.61
N TYR S 157 -43.41 18.37 -54.58
CA TYR S 157 -43.69 18.19 -56.00
C TYR S 157 -42.49 17.55 -56.66
N PRO S 158 -42.70 16.71 -57.68
CA PRO S 158 -43.96 16.20 -58.23
C PRO S 158 -44.34 14.83 -57.68
N TRP S 159 -45.31 14.16 -58.31
CA TRP S 159 -45.65 12.81 -57.93
C TRP S 159 -44.58 11.84 -58.44
N LEU S 160 -44.62 10.61 -57.92
CA LEU S 160 -43.58 9.63 -58.16
C LEU S 160 -44.13 8.43 -58.91
N THR S 161 -43.27 7.82 -59.72
CA THR S 161 -43.57 6.58 -60.43
C THR S 161 -42.52 5.55 -60.06
N ALA S 162 -42.87 4.27 -60.25
CA ALA S 162 -41.98 3.17 -59.92
C ALA S 162 -42.17 2.05 -60.93
N ASP S 163 -41.30 1.03 -60.84
CA ASP S 163 -41.40 -0.11 -61.73
C ASP S 163 -42.72 -0.85 -61.56
N TRP S 164 -43.15 -1.04 -60.31
CA TRP S 164 -44.40 -1.75 -60.06
C TRP S 164 -45.62 -0.89 -60.33
N THR S 165 -45.46 0.43 -60.42
CA THR S 165 -46.59 1.29 -60.76
C THR S 165 -47.02 1.03 -62.20
N THR S 166 -48.33 0.97 -62.41
CA THR S 166 -48.87 0.62 -63.72
C THR S 166 -49.64 1.76 -64.36
N THR S 167 -50.66 2.30 -63.68
CA THR S 167 -51.51 3.33 -64.26
C THR S 167 -51.69 4.57 -63.39
N ILE S 168 -51.36 4.51 -62.10
CA ILE S 168 -51.49 5.67 -61.23
C ILE S 168 -50.09 6.08 -60.76
N ASP S 169 -50.02 7.17 -60.00
CA ASP S 169 -48.75 7.69 -59.51
C ASP S 169 -48.76 7.72 -57.99
N ILE S 170 -47.61 7.46 -57.39
CA ILE S 170 -47.50 7.51 -55.93
C ILE S 170 -47.49 8.96 -55.48
N PRO S 171 -48.38 9.37 -54.58
CA PRO S 171 -48.30 10.73 -54.04
C PRO S 171 -46.99 10.95 -53.31
N PRO S 172 -46.36 12.12 -53.50
CA PRO S 172 -45.05 12.35 -52.87
C PRO S 172 -45.07 12.35 -51.35
N SER S 173 -46.23 12.60 -50.73
CA SER S 173 -46.29 12.67 -49.27
C SER S 173 -45.99 11.32 -48.63
N ALA S 174 -46.41 10.22 -49.27
CA ALA S 174 -46.19 8.90 -48.68
C ALA S 174 -44.71 8.60 -48.53
N ALA S 175 -43.91 8.89 -49.55
CA ALA S 175 -42.47 8.68 -49.45
C ALA S 175 -41.83 9.72 -48.53
N ILE S 176 -42.37 10.94 -48.51
CA ILE S 176 -41.80 12.00 -47.68
C ILE S 176 -41.96 11.67 -46.21
N ALA S 177 -43.06 11.02 -45.82
CA ALA S 177 -43.22 10.61 -44.42
C ALA S 177 -42.14 9.62 -44.01
N GLY S 178 -41.85 8.64 -44.86
CA GLY S 178 -40.78 7.71 -44.57
C GLY S 178 -39.43 8.37 -44.53
N VAL S 179 -39.20 9.35 -45.42
CA VAL S 179 -37.95 10.10 -45.39
C VAL S 179 -37.82 10.86 -44.08
N TYR S 180 -38.92 11.47 -43.62
CA TYR S 180 -38.91 12.16 -42.32
C TYR S 180 -38.54 11.20 -41.21
N CYS S 181 -39.17 10.01 -41.20
CA CYS S 181 -38.88 9.03 -40.15
C CYS S 181 -37.41 8.63 -40.17
N SER S 182 -36.88 8.33 -41.35
CA SER S 182 -35.49 7.89 -41.45
C SER S 182 -34.51 8.99 -41.03
N VAL S 183 -34.76 10.23 -41.46
CA VAL S 183 -33.86 11.32 -41.12
C VAL S 183 -33.93 11.61 -39.63
N ASP S 184 -35.12 11.56 -39.04
CA ASP S 184 -35.23 11.76 -37.59
C ASP S 184 -34.51 10.66 -36.82
N SER S 185 -34.61 9.41 -37.30
CA SER S 185 -33.93 8.31 -36.63
C SER S 185 -32.42 8.45 -36.73
N THR S 186 -31.92 8.90 -37.88
CA THR S 186 -30.47 8.92 -38.10
C THR S 186 -29.82 10.18 -37.53
N ARG S 187 -30.23 11.35 -38.02
CA ARG S 187 -29.56 12.60 -37.70
C ARG S 187 -30.30 13.44 -36.66
N GLY S 188 -31.56 13.17 -36.40
CA GLY S 188 -32.32 13.94 -35.44
C GLY S 188 -33.30 14.88 -36.12
N VAL S 189 -34.29 15.32 -35.32
CA VAL S 189 -35.36 16.16 -35.85
C VAL S 189 -34.88 17.55 -36.22
N TRP S 190 -33.70 17.96 -35.76
CA TRP S 190 -33.14 19.26 -36.07
C TRP S 190 -32.39 19.30 -37.38
N LYS S 191 -32.29 18.17 -38.09
CA LYS S 191 -31.59 18.08 -39.36
C LYS S 191 -32.59 18.21 -40.50
N ALA S 192 -32.20 18.92 -41.55
CA ALA S 192 -33.10 19.16 -42.66
C ALA S 192 -33.41 17.87 -43.39
N PRO S 193 -34.68 17.54 -43.62
CA PRO S 193 -35.06 16.34 -44.40
C PRO S 193 -34.92 16.55 -45.91
N ALA S 194 -33.78 17.11 -46.32
CA ALA S 194 -33.47 17.34 -47.72
C ALA S 194 -32.07 16.81 -48.00
N ASN S 195 -31.70 16.78 -49.28
CA ASN S 195 -30.43 16.23 -49.73
C ASN S 195 -30.29 14.77 -49.29
N VAL S 196 -31.40 14.04 -49.32
CA VAL S 196 -31.42 12.63 -48.94
C VAL S 196 -32.04 11.83 -50.07
N PRO S 197 -31.60 10.60 -50.31
CA PRO S 197 -32.13 9.82 -51.43
C PRO S 197 -33.53 9.28 -51.15
N ILE S 198 -34.21 8.91 -52.22
CA ILE S 198 -35.51 8.26 -52.16
C ILE S 198 -35.32 6.79 -52.45
N GLN S 199 -35.66 5.94 -51.48
CA GLN S 199 -35.44 4.51 -51.61
C GLN S 199 -36.48 3.89 -52.55
N GLY S 200 -36.21 2.65 -52.95
CA GLY S 200 -37.14 1.91 -53.78
C GLY S 200 -37.11 2.24 -55.24
N GLY S 201 -36.19 3.10 -55.69
CA GLY S 201 -36.15 3.46 -57.09
C GLY S 201 -37.38 4.20 -57.58
N LEU S 202 -37.90 5.13 -56.78
CA LEU S 202 -39.05 5.92 -57.18
C LEU S 202 -38.57 7.15 -57.94
N GLN S 203 -39.06 7.32 -59.17
CA GLN S 203 -38.58 8.38 -60.03
C GLN S 203 -39.59 9.52 -60.11
N PRO S 204 -39.13 10.77 -60.17
CA PRO S 204 -40.05 11.89 -60.36
C PRO S 204 -40.75 11.81 -61.70
N LYS S 205 -42.02 12.23 -61.73
CA LYS S 205 -42.78 12.18 -62.97
C LYS S 205 -42.33 13.28 -63.93
N TYR S 206 -42.06 14.48 -63.41
CA TYR S 206 -41.66 15.61 -64.24
C TYR S 206 -40.32 16.16 -63.79
N PRO S 207 -39.42 16.47 -64.72
CA PRO S 207 -38.14 17.06 -64.32
C PRO S 207 -38.27 18.54 -64.03
N VAL S 208 -37.62 18.98 -62.96
CA VAL S 208 -37.64 20.36 -62.51
C VAL S 208 -36.24 20.93 -62.61
N THR S 209 -36.09 22.02 -63.34
CA THR S 209 -34.79 22.68 -63.50
C THR S 209 -34.58 23.68 -62.38
N ASP S 210 -33.36 24.26 -62.35
CA ASP S 210 -33.05 25.28 -61.37
C ASP S 210 -33.90 26.53 -61.56
N ASP S 211 -34.10 26.94 -62.81
CA ASP S 211 -34.92 28.12 -63.09
C ASP S 211 -36.37 27.89 -62.65
N LEU S 212 -36.89 26.69 -62.89
CA LEU S 212 -38.25 26.38 -62.46
C LEU S 212 -38.36 26.41 -60.94
N GLN S 213 -37.39 25.80 -60.25
CA GLN S 213 -37.41 25.80 -58.78
C GLN S 213 -37.25 27.20 -58.22
N ALA S 214 -36.58 28.10 -58.96
CA ALA S 214 -36.35 29.45 -58.46
C ALA S 214 -37.65 30.17 -58.17
N GLN S 215 -38.65 30.01 -59.05
CA GLN S 215 -39.92 30.70 -58.87
C GLN S 215 -40.74 30.13 -57.72
N TYR S 216 -40.40 28.93 -57.23
CA TYR S 216 -41.20 28.24 -56.23
C TYR S 216 -40.45 28.04 -54.92
N ASN S 217 -39.41 28.81 -54.65
CA ASN S 217 -38.66 28.72 -53.41
C ASN S 217 -38.84 29.94 -52.51
N GLN S 218 -39.87 30.75 -52.77
CA GLN S 218 -40.14 31.92 -51.96
C GLN S 218 -41.65 31.99 -51.70
N GLY S 219 -41.99 32.70 -50.62
CA GLY S 219 -43.39 32.76 -50.23
C GLY S 219 -43.92 31.38 -49.91
N LYS S 220 -45.08 31.04 -50.48
CA LYS S 220 -45.60 29.69 -50.38
C LYS S 220 -44.73 28.78 -51.24
N ALA S 221 -43.79 28.10 -50.61
CA ALA S 221 -42.73 27.39 -51.32
C ALA S 221 -43.07 25.92 -51.49
N LEU S 222 -42.81 25.40 -52.68
CA LEU S 222 -42.96 23.98 -52.97
C LEU S 222 -41.59 23.33 -52.99
N ASN S 223 -41.43 22.29 -52.19
CA ASN S 223 -40.17 21.55 -52.15
C ASN S 223 -40.16 20.54 -53.30
N MET S 224 -39.04 20.48 -54.02
CA MET S 224 -38.96 19.73 -55.26
C MET S 224 -38.22 18.42 -55.06
N ILE S 225 -38.72 17.36 -55.67
CA ILE S 225 -38.02 16.09 -55.80
C ILE S 225 -37.33 16.10 -57.15
N ARG S 226 -36.00 16.05 -57.15
CA ARG S 226 -35.22 16.19 -58.36
C ARG S 226 -34.23 15.04 -58.49
N THR S 227 -33.84 14.75 -59.73
CA THR S 227 -32.85 13.73 -60.03
C THR S 227 -31.54 14.40 -60.45
N PHE S 228 -30.43 13.82 -60.00
CA PHE S 228 -29.11 14.36 -60.29
C PHE S 228 -28.24 13.27 -60.89
N PRO S 229 -27.41 13.61 -61.88
CA PRO S 229 -26.59 12.58 -62.53
C PRO S 229 -25.62 11.89 -61.58
N LYS S 230 -25.10 12.60 -60.59
CA LYS S 230 -24.09 12.03 -59.69
C LYS S 230 -24.69 11.42 -58.43
N SER S 231 -25.94 11.70 -58.11
CA SER S 231 -26.54 11.23 -56.87
C SER S 231 -27.82 10.44 -57.08
N GLY S 232 -28.66 10.82 -58.04
CA GLY S 232 -29.93 10.14 -58.25
C GLY S 232 -31.11 10.98 -57.80
N THR S 233 -32.20 10.32 -57.40
CA THR S 233 -33.38 11.04 -56.93
C THR S 233 -33.16 11.55 -55.53
N LEU S 234 -33.35 12.86 -55.34
CA LEU S 234 -33.10 13.51 -54.06
C LEU S 234 -34.23 14.46 -53.73
N VAL S 235 -34.38 14.75 -52.44
CA VAL S 235 -35.26 15.79 -51.97
C VAL S 235 -34.47 17.10 -51.92
N TRP S 236 -35.00 18.13 -52.57
CA TRP S 236 -34.28 19.39 -52.75
C TRP S 236 -35.11 20.56 -52.23
N GLY S 237 -35.65 20.41 -51.03
CA GLY S 237 -36.42 21.48 -50.41
C GLY S 237 -36.76 21.20 -48.98
N ALA S 238 -36.57 22.19 -48.10
CA ALA S 238 -36.84 22.04 -46.68
C ALA S 238 -37.51 23.29 -46.13
N ARG S 239 -38.49 23.82 -46.85
CA ARG S 239 -39.16 25.05 -46.47
C ARG S 239 -40.64 24.79 -46.21
N THR S 240 -41.19 25.54 -45.25
CA THR S 240 -42.61 25.49 -44.94
C THR S 240 -43.35 26.47 -45.84
N LEU S 241 -44.63 26.69 -45.55
CA LEU S 241 -45.47 27.55 -46.36
C LEU S 241 -45.49 29.00 -45.88
N GLU S 242 -44.73 29.34 -44.84
CA GLU S 242 -44.67 30.70 -44.32
C GLU S 242 -43.25 31.23 -44.48
N ASP S 243 -43.06 32.17 -45.39
CA ASP S 243 -41.76 32.78 -45.63
C ASP S 243 -41.54 33.88 -44.60
N ASN S 244 -41.08 33.46 -43.42
CA ASN S 244 -40.87 34.35 -42.30
C ASN S 244 -39.52 34.04 -41.67
N ASP S 245 -38.94 35.04 -40.99
CA ASP S 245 -37.66 34.81 -40.32
C ASP S 245 -37.74 33.66 -39.32
N ASN S 246 -38.91 33.43 -38.74
CA ASN S 246 -39.18 32.26 -37.94
C ASN S 246 -40.05 31.29 -38.73
N TRP S 247 -39.84 29.99 -38.49
CA TRP S 247 -40.62 28.93 -39.10
C TRP S 247 -40.50 28.91 -40.63
N ARG S 248 -39.43 29.48 -41.17
CA ARG S 248 -39.18 29.36 -42.61
C ARG S 248 -38.83 27.93 -42.99
N TYR S 249 -38.08 27.24 -42.13
CA TYR S 249 -37.54 25.93 -42.42
C TYR S 249 -38.30 24.86 -41.63
N ILE S 250 -38.53 23.72 -42.29
CA ILE S 250 -39.18 22.59 -41.62
C ILE S 250 -38.43 22.15 -40.37
N PRO S 251 -37.09 22.04 -40.35
CA PRO S 251 -36.44 21.57 -39.12
C PRO S 251 -36.74 22.40 -37.90
N VAL S 252 -36.81 23.73 -38.03
CA VAL S 252 -37.05 24.58 -36.86
C VAL S 252 -38.44 24.32 -36.30
N ARG S 253 -39.45 24.29 -37.17
CA ARG S 253 -40.82 24.06 -36.73
C ARG S 253 -40.97 22.69 -36.10
N ARG S 254 -40.40 21.66 -36.73
CA ARG S 254 -40.53 20.31 -36.19
C ARG S 254 -39.80 20.16 -34.86
N LEU S 255 -38.61 20.76 -34.75
CA LEU S 255 -37.87 20.71 -33.49
C LEU S 255 -38.64 21.43 -32.39
N PHE S 256 -39.25 22.57 -32.70
CA PHE S 256 -40.00 23.29 -31.68
C PHE S 256 -41.24 22.52 -31.25
N ASN S 257 -41.92 21.87 -32.20
CA ASN S 257 -43.07 21.04 -31.84
C ASN S 257 -42.66 19.89 -30.95
N SER S 258 -41.57 19.21 -31.30
CA SER S 258 -41.09 18.09 -30.49
C SER S 258 -40.68 18.56 -29.10
N ALA S 259 -40.01 19.72 -29.02
CA ALA S 259 -39.63 20.25 -27.72
C ALA S 259 -40.84 20.60 -26.88
N GLU S 260 -41.87 21.19 -27.50
CA GLU S 260 -43.09 21.51 -26.76
C GLU S 260 -43.73 20.25 -26.21
N ARG S 261 -43.83 19.20 -27.04
CA ARG S 261 -44.44 17.96 -26.57
C ARG S 261 -43.64 17.35 -25.43
N ASP S 262 -42.32 17.29 -25.58
CA ASP S 262 -41.48 16.68 -24.55
C ASP S 262 -41.54 17.48 -23.25
N ILE S 263 -41.51 18.81 -23.34
CA ILE S 263 -41.55 19.64 -22.14
C ILE S 263 -42.90 19.51 -21.44
N LYS S 264 -44.00 19.46 -22.21
CA LYS S 264 -45.30 19.25 -21.61
C LYS S 264 -45.37 17.89 -20.92
N ASN S 265 -44.80 16.86 -21.54
CA ASN S 265 -44.78 15.55 -20.89
C ASN S 265 -43.93 15.56 -19.63
N ALA S 266 -42.85 16.35 -19.63
CA ALA S 266 -41.90 16.32 -18.52
C ALA S 266 -42.53 16.80 -17.22
N MET S 267 -43.31 17.88 -17.26
CA MET S 267 -43.85 18.46 -16.04
C MET S 267 -45.25 17.95 -15.69
N SER S 268 -45.77 16.97 -16.44
CA SER S 268 -47.09 16.44 -16.14
C SER S 268 -47.15 15.73 -14.78
N PHE S 269 -46.00 15.42 -14.19
CA PHE S 269 -45.97 14.79 -12.87
C PHE S 269 -46.35 15.73 -11.75
N ALA S 270 -46.46 17.03 -12.01
CA ALA S 270 -46.68 18.02 -10.97
C ALA S 270 -48.16 18.30 -10.72
N VAL S 271 -49.07 17.58 -11.38
CA VAL S 271 -50.49 17.80 -11.13
C VAL S 271 -50.86 17.29 -9.75
N PHE S 272 -51.86 17.95 -9.14
CA PHE S 272 -52.35 17.62 -7.80
C PHE S 272 -51.25 17.71 -6.75
N GLU S 273 -50.24 18.54 -7.03
CA GLU S 273 -49.19 18.89 -6.11
C GLU S 273 -49.35 20.34 -5.68
N PRO S 274 -48.76 20.74 -4.55
CA PRO S 274 -48.91 22.12 -4.10
C PRO S 274 -48.41 23.10 -5.16
N ASN S 275 -49.17 24.17 -5.36
CA ASN S 275 -48.78 25.23 -6.30
C ASN S 275 -47.90 26.25 -5.59
N SER S 276 -46.76 25.77 -5.12
CA SER S 276 -45.83 26.61 -4.37
C SER S 276 -44.42 26.51 -4.94
N GLN S 277 -43.46 27.12 -4.24
CA GLN S 277 -42.10 27.18 -4.76
C GLN S 277 -41.43 25.81 -4.99
N PRO S 278 -41.51 24.84 -4.07
CA PRO S 278 -40.83 23.56 -4.32
C PRO S 278 -41.28 22.86 -5.60
N THR S 279 -42.57 22.88 -5.91
CA THR S 279 -43.04 22.26 -7.15
C THR S 279 -42.46 22.97 -8.36
N TRP S 280 -42.41 24.31 -8.31
CA TRP S 280 -41.82 25.06 -9.42
C TRP S 280 -40.35 24.72 -9.56
N GLU S 281 -39.64 24.54 -8.45
CA GLU S 281 -38.23 24.17 -8.51
C GLU S 281 -38.05 22.81 -9.16
N ARG S 282 -38.89 21.84 -8.79
CA ARG S 282 -38.78 20.51 -9.40
C ARG S 282 -39.09 20.56 -10.89
N VAL S 283 -40.11 21.32 -11.28
CA VAL S 283 -40.45 21.46 -12.69
C VAL S 283 -39.31 22.10 -13.46
N ARG S 284 -38.71 23.15 -12.88
CA ARG S 284 -37.57 23.80 -13.51
C ARG S 284 -36.40 22.83 -13.65
N SER S 285 -36.16 22.01 -12.64
CA SER S 285 -35.09 21.03 -12.72
C SER S 285 -35.32 20.05 -13.88
N ALA S 286 -36.53 19.53 -13.99
CA ALA S 286 -36.82 18.58 -15.07
C ALA S 286 -36.68 19.24 -16.45
N VAL S 287 -37.21 20.46 -16.60
CA VAL S 287 -37.14 21.13 -17.89
C VAL S 287 -35.70 21.45 -18.26
N ASN S 288 -34.90 21.90 -17.27
CA ASN S 288 -33.50 22.19 -17.52
C ASN S 288 -32.73 20.94 -17.91
N ASN S 289 -33.03 19.81 -17.25
CA ASN S 289 -32.37 18.55 -17.62
C ASN S 289 -32.67 18.18 -19.05
N TYR S 290 -33.95 18.26 -19.45
CA TYR S 290 -34.30 17.92 -20.82
C TYR S 290 -33.62 18.85 -21.82
N LEU S 291 -33.63 20.16 -21.54
CA LEU S 291 -33.03 21.12 -22.46
C LEU S 291 -31.53 20.92 -22.57
N TYR S 292 -30.85 20.62 -21.46
CA TYR S 292 -29.42 20.37 -21.51
C TYR S 292 -29.12 19.12 -22.31
N SER S 293 -29.93 18.07 -22.15
CA SER S 293 -29.72 16.87 -22.96
C SER S 293 -29.88 17.18 -24.45
N LEU S 294 -30.91 17.98 -24.78
CA LEU S 294 -31.13 18.35 -26.18
C LEU S 294 -29.95 19.16 -26.72
N TRP S 295 -29.44 20.10 -25.94
CA TRP S 295 -28.31 20.90 -26.38
C TRP S 295 -27.05 20.04 -26.56
N GLN S 296 -26.80 19.13 -25.61
CA GLN S 296 -25.63 18.27 -25.72
C GLN S 296 -25.72 17.34 -26.91
N GLN S 297 -26.94 16.95 -27.30
CA GLN S 297 -27.10 16.17 -28.52
C GLN S 297 -26.74 16.95 -29.76
N GLY S 298 -26.67 18.28 -29.68
CA GLY S 298 -26.43 19.11 -30.83
C GLY S 298 -27.66 19.75 -31.44
N GLY S 299 -28.82 19.64 -30.79
CA GLY S 299 -30.02 20.22 -31.35
C GLY S 299 -30.00 21.74 -31.35
N LEU S 300 -29.50 22.34 -30.28
CA LEU S 300 -29.48 23.79 -30.14
C LEU S 300 -28.11 24.35 -30.51
N ALA S 301 -28.03 25.67 -30.60
CA ALA S 301 -26.81 26.37 -30.94
C ALA S 301 -26.16 26.94 -29.69
N GLY S 302 -24.98 27.52 -29.87
CA GLY S 302 -24.26 28.12 -28.76
C GLY S 302 -23.12 27.25 -28.27
N ASN S 303 -22.14 27.91 -27.66
CA ASN S 303 -20.97 27.21 -27.11
C ASN S 303 -21.19 26.70 -25.70
N LYS S 304 -22.12 27.29 -24.96
CA LYS S 304 -22.45 26.86 -23.61
C LYS S 304 -23.96 26.85 -23.46
N PRO S 305 -24.50 26.08 -22.51
CA PRO S 305 -25.96 25.99 -22.38
C PRO S 305 -26.65 27.32 -22.13
N ASP S 306 -25.98 28.28 -21.50
CA ASP S 306 -26.60 29.57 -21.26
C ASP S 306 -26.87 30.32 -22.55
N ASP S 307 -26.10 30.02 -23.61
CA ASP S 307 -26.34 30.63 -24.92
C ASP S 307 -27.42 29.92 -25.71
N ALA S 308 -27.87 28.75 -25.26
CA ALA S 308 -28.82 27.94 -26.00
C ALA S 308 -30.26 28.09 -25.54
N TYR S 309 -30.49 28.23 -24.23
CA TYR S 309 -31.85 28.22 -23.72
C TYR S 309 -31.91 28.97 -22.40
N PHE S 310 -33.13 29.32 -22.00
CA PHE S 310 -33.41 29.85 -20.68
C PHE S 310 -34.78 29.35 -20.25
N VAL S 311 -34.99 29.30 -18.94
CA VAL S 311 -36.24 28.83 -18.35
C VAL S 311 -36.64 29.79 -17.24
N GLN S 312 -37.88 30.25 -17.26
CA GLN S 312 -38.42 31.13 -16.24
C GLN S 312 -39.68 30.52 -15.66
N ILE S 313 -39.77 30.48 -14.33
CA ILE S 313 -40.95 29.99 -13.63
C ILE S 313 -40.94 30.53 -12.21
N GLY S 314 -42.07 31.04 -11.76
CA GLY S 314 -42.19 31.51 -10.40
C GLY S 314 -43.13 32.69 -10.30
N LYS S 315 -43.40 33.09 -9.07
CA LYS S 315 -44.27 34.23 -8.81
C LYS S 315 -43.61 35.52 -9.29
N ASP S 316 -44.43 36.43 -9.81
CA ASP S 316 -44.05 37.74 -10.35
C ASP S 316 -43.21 37.63 -11.62
N ILE S 317 -42.93 36.42 -12.10
CA ILE S 317 -42.21 36.21 -13.35
C ILE S 317 -43.12 35.61 -14.42
N THR S 318 -43.76 34.50 -14.11
CA THR S 318 -44.70 33.86 -15.03
C THR S 318 -46.09 33.67 -14.46
N MET S 319 -46.28 33.79 -13.15
CA MET S 319 -47.58 33.62 -12.53
C MET S 319 -47.87 34.78 -11.59
N THR S 320 -49.15 35.09 -11.44
CA THR S 320 -49.63 36.08 -10.49
C THR S 320 -50.39 35.39 -9.38
N ASP S 321 -50.83 36.17 -8.38
CA ASP S 321 -51.61 35.62 -7.29
C ASP S 321 -52.92 35.04 -7.78
N ASP S 322 -53.59 35.73 -8.70
CA ASP S 322 -54.83 35.21 -9.26
C ASP S 322 -54.60 33.92 -10.03
N ASP S 323 -53.49 33.83 -10.77
CA ASP S 323 -53.17 32.59 -11.47
C ASP S 323 -52.91 31.46 -10.49
N ILE S 324 -52.21 31.73 -9.40
CA ILE S 324 -51.91 30.71 -8.41
C ILE S 324 -53.19 30.23 -7.74
N LYS S 325 -54.09 31.16 -7.41
CA LYS S 325 -55.34 30.78 -6.74
C LYS S 325 -56.18 29.86 -7.61
N GLN S 326 -56.02 29.93 -8.92
CA GLN S 326 -56.75 29.06 -9.85
C GLN S 326 -56.03 27.75 -10.14
N GLY S 327 -54.88 27.51 -9.50
CA GLY S 327 -54.14 26.29 -9.72
C GLY S 327 -53.53 26.16 -11.10
N LYS S 328 -53.01 27.25 -11.65
CA LYS S 328 -52.38 27.25 -12.97
C LYS S 328 -50.89 27.47 -12.81
N MET S 329 -50.09 26.65 -13.49
CA MET S 329 -48.64 26.77 -13.50
C MET S 329 -48.19 27.19 -14.89
N ILE S 330 -47.42 28.27 -14.96
CA ILE S 330 -46.99 28.86 -16.23
C ILE S 330 -45.46 28.87 -16.25
N ILE S 331 -44.89 28.39 -17.36
CA ILE S 331 -43.45 28.35 -17.55
C ILE S 331 -43.13 28.87 -18.94
N LYS S 332 -42.04 29.64 -19.05
CA LYS S 332 -41.60 30.22 -20.31
C LYS S 332 -40.22 29.68 -20.65
N ILE S 333 -40.07 29.21 -21.88
CA ILE S 333 -38.82 28.60 -22.34
C ILE S 333 -38.42 29.26 -23.66
N GLY S 334 -37.15 29.65 -23.76
CA GLY S 334 -36.59 30.15 -25.01
C GLY S 334 -35.51 29.20 -25.51
N MET S 335 -35.40 29.11 -26.83
CA MET S 335 -34.44 28.20 -27.44
C MET S 335 -33.84 28.86 -28.68
N ALA S 336 -32.63 28.41 -29.03
CA ALA S 336 -31.93 28.85 -30.22
C ALA S 336 -31.69 27.66 -31.13
N ALA S 337 -32.08 27.77 -32.39
CA ALA S 337 -31.95 26.70 -33.35
C ALA S 337 -30.90 27.04 -34.39
N VAL S 338 -30.39 26.01 -35.05
CA VAL S 338 -29.38 26.13 -36.09
C VAL S 338 -30.06 26.06 -37.44
N ARG S 339 -29.79 27.04 -38.29
CA ARG S 339 -30.46 27.04 -39.58
C ARG S 339 -29.54 26.47 -40.66
N PRO S 340 -30.10 25.76 -41.64
CA PRO S 340 -29.27 25.12 -42.66
C PRO S 340 -28.74 26.13 -43.66
N ALA S 341 -27.69 25.70 -44.37
CA ALA S 341 -27.13 26.47 -45.47
C ALA S 341 -27.83 26.07 -46.76
N GLU S 342 -28.44 27.04 -47.43
CA GLU S 342 -29.26 26.76 -48.60
C GLU S 342 -28.56 27.09 -49.91
N PHE S 343 -27.75 28.14 -49.96
CA PHE S 343 -27.09 28.57 -51.18
C PHE S 343 -25.58 28.57 -50.97
N ILE S 344 -24.86 27.90 -51.87
CA ILE S 344 -23.41 27.86 -51.86
C ILE S 344 -22.93 28.54 -53.14
N ILE S 345 -22.09 29.57 -52.98
CA ILE S 345 -21.64 30.39 -54.09
C ILE S 345 -20.15 30.14 -54.31
N LEU S 346 -19.80 29.77 -55.54
CA LEU S 346 -18.41 29.53 -55.94
C LEU S 346 -17.97 30.67 -56.86
N GLN S 347 -16.88 31.34 -56.49
CA GLN S 347 -16.33 32.45 -57.27
C GLN S 347 -14.97 32.04 -57.80
N PHE S 348 -14.89 31.83 -59.11
CA PHE S 348 -13.67 31.35 -59.75
C PHE S 348 -12.89 32.52 -60.33
N THR S 349 -11.57 32.46 -60.20
CA THR S 349 -10.69 33.48 -60.72
C THR S 349 -9.49 32.81 -61.39
N GLN S 350 -8.69 33.62 -62.08
CA GLN S 350 -7.55 33.13 -62.83
C GLN S 350 -6.23 33.71 -62.38
N ASN S 351 -6.23 34.75 -61.55
CA ASN S 351 -4.97 35.41 -61.19
C ASN S 351 -4.09 34.52 -60.32
N THR S 352 -4.69 33.67 -59.48
CA THR S 352 -4.01 32.81 -58.50
C THR S 352 -2.69 33.39 -57.96
N THR T 2 -26.92 35.13 -59.56
CA THR T 2 -25.68 34.78 -58.89
C THR T 2 -25.63 35.40 -57.50
N THR T 3 -25.48 36.72 -57.43
CA THR T 3 -25.57 37.42 -56.15
C THR T 3 -26.95 37.28 -55.55
N ILE T 4 -27.99 37.35 -56.37
CA ILE T 4 -29.36 37.12 -55.91
C ILE T 4 -29.61 35.61 -55.88
N THR T 5 -29.92 35.10 -54.70
CA THR T 5 -30.11 33.67 -54.50
C THR T 5 -31.59 33.35 -54.46
N THR T 6 -32.04 32.48 -55.37
CA THR T 6 -33.44 32.08 -55.45
C THR T 6 -33.63 30.60 -55.16
N TYR T 7 -32.96 29.72 -55.88
CA TYR T 7 -33.12 28.28 -55.69
C TYR T 7 -32.00 27.72 -54.84
N PRO T 8 -32.27 26.66 -54.07
CA PRO T 8 -31.19 26.01 -53.33
C PRO T 8 -30.22 25.30 -54.27
N GLY T 9 -28.95 25.27 -53.88
CA GLY T 9 -27.95 24.64 -54.71
C GLY T 9 -26.62 25.38 -54.74
N VAL T 10 -25.91 25.25 -55.85
CA VAL T 10 -24.57 25.81 -56.01
C VAL T 10 -24.60 26.84 -57.13
N TYR T 11 -24.10 28.04 -56.84
CA TYR T 11 -24.00 29.11 -57.81
C TYR T 11 -22.54 29.30 -58.22
N ILE T 12 -22.30 29.50 -59.50
CA ILE T 12 -20.95 29.64 -60.05
C ILE T 12 -20.80 31.06 -60.60
N GLU T 13 -19.76 31.75 -60.15
CA GLU T 13 -19.41 33.08 -60.64
C GLU T 13 -17.99 33.08 -61.15
N GLU T 14 -17.77 33.76 -62.27
CA GLU T 14 -16.46 33.81 -62.91
C GLU T 14 -15.67 35.05 -62.55
N ASP T 15 -16.20 35.93 -61.71
CA ASP T 15 -15.49 37.11 -61.23
C ASP T 15 -15.32 37.03 -59.73
N ALA T 16 -14.16 37.44 -59.24
CA ALA T 16 -13.87 37.37 -57.82
C ALA T 16 -12.98 38.54 -57.43
N SER T 17 -13.37 39.26 -56.38
CA SER T 17 -12.55 40.34 -55.86
C SER T 17 -11.44 39.77 -54.98
N LEU T 18 -10.68 40.66 -54.34
CA LEU T 18 -9.56 40.26 -53.51
C LEU T 18 -10.01 40.01 -52.09
N SER T 19 -9.54 38.92 -51.50
CA SER T 19 -9.79 38.58 -50.11
C SER T 19 -8.47 38.54 -49.35
N LEU T 20 -8.53 38.92 -48.07
CA LEU T 20 -7.36 38.95 -47.22
C LEU T 20 -7.69 38.26 -45.89
N SER T 21 -6.65 37.71 -45.26
CA SER T 21 -6.81 37.00 -44.00
C SER T 21 -7.11 37.99 -42.88
N VAL T 22 -7.57 37.45 -41.76
CA VAL T 22 -7.94 38.24 -40.59
C VAL T 22 -6.90 38.00 -39.50
N SER T 23 -6.33 39.09 -38.99
CA SER T 23 -5.36 39.04 -37.91
C SER T 23 -5.89 39.82 -36.72
N SER T 24 -5.53 39.36 -35.52
CA SER T 24 -6.02 39.96 -34.28
C SER T 24 -4.84 40.39 -33.42
N SER T 25 -4.95 41.59 -32.84
CA SER T 25 -3.93 42.12 -31.96
C SER T 25 -4.60 42.99 -30.91
N ALA T 26 -3.90 43.20 -29.79
CA ALA T 26 -4.44 43.97 -28.67
C ALA T 26 -3.55 45.10 -28.21
N THR T 27 -2.24 45.03 -28.42
CA THR T 27 -1.31 46.07 -27.99
C THR T 27 -0.97 47.06 -29.08
N ALA T 28 -1.62 46.96 -30.24
CA ALA T 28 -1.38 47.89 -31.34
C ALA T 28 -2.70 48.10 -32.08
N VAL T 29 -3.41 49.15 -31.71
CA VAL T 29 -4.67 49.53 -32.34
C VAL T 29 -4.50 50.91 -32.95
N PRO T 30 -4.26 51.00 -34.26
CA PRO T 30 -3.94 52.28 -34.87
C PRO T 30 -5.17 53.08 -35.28
N VAL T 31 -4.95 54.39 -35.46
CA VAL T 31 -5.95 55.31 -35.97
C VAL T 31 -5.41 55.91 -37.27
N PHE T 32 -6.19 55.81 -38.33
CA PHE T 32 -5.78 56.29 -39.64
C PHE T 32 -6.40 57.66 -39.92
N ALA T 33 -5.55 58.63 -40.23
CA ALA T 33 -6.02 59.96 -40.60
C ALA T 33 -6.47 59.96 -42.06
N VAL T 34 -7.67 60.48 -42.31
CA VAL T 34 -8.26 60.47 -43.64
C VAL T 34 -8.47 61.89 -44.11
N ALA T 35 -8.42 62.08 -45.43
CA ALA T 35 -8.65 63.39 -46.00
C ALA T 35 -10.10 63.83 -45.79
N GLY T 36 -10.30 65.16 -45.75
CA GLY T 36 -11.61 65.69 -45.47
C GLY T 36 -12.63 65.49 -46.58
N ASP T 37 -12.17 65.23 -47.80
CA ASP T 37 -13.07 65.05 -48.92
C ASP T 37 -13.51 63.60 -49.10
N ASN T 38 -13.14 62.72 -48.19
CA ASN T 38 -13.52 61.31 -48.29
C ASN T 38 -15.01 61.17 -47.98
N PRO T 39 -15.83 60.64 -48.89
CA PRO T 39 -17.26 60.48 -48.59
C PRO T 39 -17.55 59.37 -47.60
N LEU T 40 -16.67 58.37 -47.49
CA LEU T 40 -16.92 57.27 -46.57
C LEU T 40 -16.92 57.74 -45.12
N ILE T 41 -15.99 58.62 -44.76
CA ILE T 41 -15.86 59.07 -43.37
C ILE T 41 -16.65 60.33 -43.08
N SER T 42 -17.00 61.12 -44.10
CA SER T 42 -17.67 62.38 -43.86
C SER T 42 -19.06 62.16 -43.25
N GLY T 43 -19.41 62.99 -42.27
CA GLY T 43 -20.68 62.90 -41.59
C GLY T 43 -20.63 62.16 -40.27
N LYS T 44 -19.59 61.37 -40.03
CA LYS T 44 -19.45 60.58 -38.81
C LYS T 44 -18.18 60.99 -38.08
N PRO T 45 -18.19 60.92 -36.75
CA PRO T 45 -16.97 61.26 -35.99
C PRO T 45 -15.85 60.26 -36.25
N TYR T 46 -16.16 58.98 -36.16
CA TYR T 46 -15.19 57.92 -36.41
C TYR T 46 -15.94 56.64 -36.76
N ILE T 47 -15.22 55.71 -37.37
CA ILE T 47 -15.74 54.38 -37.65
C ILE T 47 -14.68 53.36 -37.25
N ARG T 48 -15.14 52.14 -36.99
CA ARG T 48 -14.25 51.04 -36.63
C ARG T 48 -14.24 50.03 -37.78
N ILE T 49 -13.04 49.75 -38.29
CA ILE T 49 -12.85 48.77 -39.35
C ILE T 49 -12.15 47.56 -38.74
N SER T 50 -12.77 46.39 -38.87
CA SER T 50 -12.24 45.19 -38.25
C SER T 50 -11.44 44.31 -39.21
N ASN T 51 -11.71 44.40 -40.50
CA ASN T 51 -11.00 43.58 -41.49
C ASN T 51 -11.16 44.21 -42.86
N TRP T 52 -10.42 43.66 -43.83
CA TRP T 52 -10.47 44.18 -45.18
C TRP T 52 -11.86 44.00 -45.80
N LEU T 53 -12.54 42.90 -45.47
CA LEU T 53 -13.87 42.67 -46.00
C LEU T 53 -14.86 43.72 -45.51
N GLU T 54 -14.77 44.10 -44.23
CA GLU T 54 -15.68 45.10 -43.69
C GLU T 54 -15.49 46.46 -44.37
N TYR T 55 -14.23 46.84 -44.62
CA TYR T 55 -13.98 48.10 -45.31
C TYR T 55 -14.55 48.09 -46.72
N LEU T 56 -14.38 46.98 -47.43
CA LEU T 56 -14.95 46.88 -48.78
C LEU T 56 -16.46 46.93 -48.75
N THR T 57 -17.07 46.28 -47.75
CA THR T 57 -18.53 46.32 -47.63
C THR T 57 -19.02 47.73 -47.36
N LEU T 58 -18.34 48.46 -46.47
CA LEU T 58 -18.74 49.83 -46.18
C LEU T 58 -18.53 50.74 -47.38
N LYS T 59 -17.44 50.52 -48.14
CA LYS T 59 -17.16 51.36 -49.29
C LYS T 59 -18.19 51.20 -50.39
N ASN T 60 -18.74 49.99 -50.55
CA ASN T 60 -19.74 49.70 -51.58
C ASN T 60 -19.19 50.02 -52.97
N GLU T 61 -17.91 49.72 -53.19
CA GLU T 61 -17.27 49.97 -54.47
C GLU T 61 -16.10 49.03 -54.62
N GLN T 62 -15.61 48.90 -55.85
CA GLN T 62 -14.45 48.06 -56.13
C GLN T 62 -13.18 48.71 -55.60
N PHE T 63 -12.13 47.91 -55.52
CA PHE T 63 -10.84 48.43 -55.08
C PHE T 63 -10.29 49.40 -56.11
N ASP T 64 -9.76 50.52 -55.62
CA ASP T 64 -9.24 51.58 -56.49
C ASP T 64 -7.78 51.85 -56.19
N PRO T 65 -6.85 51.48 -57.07
CA PRO T 65 -5.44 51.83 -56.85
C PRO T 65 -5.15 53.31 -56.95
N ALA T 66 -6.09 54.12 -57.47
CA ALA T 66 -5.91 55.56 -57.58
C ALA T 66 -6.30 56.31 -56.33
N ASN T 67 -6.85 55.63 -55.32
CA ASN T 67 -7.17 56.22 -54.04
C ASN T 67 -6.10 55.85 -53.02
N THR T 68 -5.90 56.72 -52.03
CA THR T 68 -4.82 56.52 -51.08
C THR T 68 -5.24 55.78 -49.82
N LEU T 69 -6.46 56.05 -49.33
CA LEU T 69 -6.91 55.38 -48.10
C LEU T 69 -7.02 53.88 -48.29
N ASP T 70 -7.57 53.44 -49.43
CA ASP T 70 -7.79 52.01 -49.62
C ASP T 70 -6.47 51.27 -49.85
N ILE T 71 -5.54 51.87 -50.58
CA ILE T 71 -4.25 51.21 -50.76
C ILE T 71 -3.47 51.17 -49.44
N SER T 72 -3.59 52.23 -48.63
CA SER T 72 -2.97 52.22 -47.31
C SER T 72 -3.56 51.12 -46.44
N LEU T 73 -4.89 50.97 -46.47
CA LEU T 73 -5.53 49.91 -45.69
C LEU T 73 -5.14 48.53 -46.20
N ARG T 74 -5.03 48.37 -47.52
CA ARG T 74 -4.60 47.09 -48.06
C ARG T 74 -3.18 46.75 -47.62
N ALA T 75 -2.28 47.72 -47.64
CA ALA T 75 -0.92 47.47 -47.17
C ALA T 75 -0.91 47.14 -45.68
N TYR T 76 -1.74 47.84 -44.90
CA TYR T 76 -1.80 47.57 -43.46
C TYR T 76 -2.32 46.17 -43.17
N PHE T 77 -3.37 45.75 -43.89
CA PHE T 77 -3.96 44.44 -43.63
C PHE T 77 -3.11 43.30 -44.17
N ILE T 78 -2.39 43.52 -45.27
CA ILE T 78 -1.53 42.49 -45.83
C ILE T 78 -0.42 42.15 -44.85
N ASN T 79 0.14 43.15 -44.19
CA ASN T 79 1.26 42.95 -43.28
C ASN T 79 0.84 42.35 -41.94
N GLY T 80 -0.46 42.19 -41.69
CA GLY T 80 -0.91 41.50 -40.50
C GLY T 80 -1.49 42.40 -39.43
N GLY T 81 -2.22 43.43 -39.84
CA GLY T 81 -2.81 44.35 -38.89
C GLY T 81 -4.19 43.90 -38.43
N GLY T 82 -4.54 44.33 -37.22
CA GLY T 82 -5.85 44.07 -36.65
C GLY T 82 -6.85 45.15 -36.98
N TYR T 83 -7.86 45.27 -36.12
CA TYR T 83 -8.89 46.29 -36.32
C TYR T 83 -8.32 47.67 -36.04
N CYS T 84 -8.85 48.66 -36.74
CA CYS T 84 -8.36 50.04 -36.66
C CYS T 84 -9.55 50.99 -36.64
N TYR T 85 -9.24 52.29 -36.54
CA TYR T 85 -10.23 53.35 -36.57
C TYR T 85 -9.86 54.35 -37.66
N LEU T 86 -10.88 54.94 -38.28
CA LEU T 86 -10.70 55.97 -39.29
C LEU T 86 -11.23 57.29 -38.73
N VAL T 87 -10.36 58.29 -38.65
CA VAL T 87 -10.70 59.61 -38.12
C VAL T 87 -10.17 60.67 -39.06
N GLN T 88 -10.98 61.69 -39.33
CA GLN T 88 -10.54 62.79 -40.17
C GLN T 88 -9.41 63.56 -39.50
N THR T 89 -8.55 64.15 -40.33
CA THR T 89 -7.35 64.82 -39.80
C THR T 89 -7.71 66.00 -38.91
N THR T 90 -8.69 66.80 -39.33
CA THR T 90 -9.03 68.01 -38.58
C THR T 90 -9.64 67.71 -37.22
N ASP T 91 -10.19 66.51 -37.03
CA ASP T 91 -10.85 66.14 -35.79
C ASP T 91 -10.00 65.21 -34.92
N LEU T 92 -8.72 65.05 -35.24
CA LEU T 92 -7.88 64.11 -34.51
C LEU T 92 -7.74 64.51 -33.04
N GLU T 93 -7.47 65.79 -32.80
CA GLU T 93 -7.21 66.25 -31.42
C GLU T 93 -8.43 66.07 -30.53
N LYS T 94 -9.63 66.21 -31.08
CA LYS T 94 -10.85 66.10 -30.29
C LYS T 94 -11.34 64.66 -30.16
N GLN T 95 -11.06 63.81 -31.14
CA GLN T 95 -11.63 62.46 -31.18
C GLN T 95 -10.69 61.39 -30.66
N VAL T 96 -9.38 61.55 -30.84
CA VAL T 96 -8.45 60.50 -30.40
C VAL T 96 -8.52 60.25 -28.90
N PRO T 97 -8.50 61.27 -28.02
CA PRO T 97 -8.61 60.99 -26.59
C PRO T 97 -9.92 60.33 -26.19
N LYS T 98 -10.96 60.43 -27.01
CA LYS T 98 -12.24 59.81 -26.70
C LYS T 98 -12.22 58.29 -26.87
N LEU T 99 -11.16 57.73 -27.44
CA LEU T 99 -11.05 56.29 -27.66
C LEU T 99 -10.03 55.71 -26.70
N ASP T 100 -10.42 54.63 -26.02
CA ASP T 100 -9.60 54.04 -24.97
C ASP T 100 -8.58 53.04 -25.49
N ASP T 101 -8.98 52.19 -26.45
CA ASP T 101 -8.11 51.12 -26.92
C ASP T 101 -7.07 51.58 -27.92
N VAL T 102 -7.10 52.84 -28.35
CA VAL T 102 -6.17 53.32 -29.38
C VAL T 102 -4.79 53.49 -28.78
N THR T 103 -3.79 52.90 -29.44
CA THR T 103 -2.41 53.00 -29.00
C THR T 103 -1.47 53.61 -30.03
N LEU T 104 -1.86 53.68 -31.30
CA LEU T 104 -0.99 54.16 -32.36
C LEU T 104 -1.71 55.21 -33.20
N LEU T 105 -0.96 56.19 -33.66
CA LEU T 105 -1.43 57.19 -34.61
C LEU T 105 -0.68 57.00 -35.93
N VAL T 106 -1.43 56.81 -37.01
CA VAL T 106 -0.84 56.54 -38.32
C VAL T 106 -1.30 57.63 -39.28
N ALA T 107 -0.34 58.27 -39.95
CA ALA T 107 -0.64 59.28 -40.96
C ALA T 107 -0.68 58.59 -42.31
N ALA T 108 -1.89 58.36 -42.83
CA ALA T 108 -2.07 57.71 -44.12
C ALA T 108 -1.88 58.73 -45.26
N GLY T 109 -0.67 59.27 -45.34
CA GLY T 109 -0.36 60.26 -46.34
C GLY T 109 -0.87 61.64 -46.03
N GLU T 110 -1.03 61.99 -44.77
CA GLU T 110 -1.54 63.28 -44.34
C GLU T 110 -0.52 63.99 -43.46
N ASN T 111 -0.84 65.23 -43.07
CA ASN T 111 0.00 66.03 -42.20
C ASN T 111 -0.66 66.08 -40.82
N ILE T 112 0.00 65.49 -39.83
CA ILE T 112 -0.56 65.37 -38.49
C ILE T 112 0.40 65.93 -37.46
N THR T 113 1.21 66.91 -37.87
CA THR T 113 2.22 67.47 -36.97
C THR T 113 1.57 68.11 -35.74
N THR T 114 0.54 68.93 -35.96
CA THR T 114 -0.12 69.59 -34.83
C THR T 114 -0.82 68.58 -33.92
N ALA T 115 -1.50 67.60 -34.51
CA ALA T 115 -2.17 66.59 -33.71
C ALA T 115 -1.16 65.77 -32.91
N VAL T 116 -0.03 65.43 -33.53
CA VAL T 116 1.01 64.67 -32.82
C VAL T 116 1.57 65.50 -31.67
N SER T 117 1.81 66.79 -31.91
CA SER T 117 2.34 67.66 -30.86
C SER T 117 1.36 67.77 -29.70
N THR T 118 0.07 67.86 -30.00
CA THR T 118 -0.92 68.02 -28.93
C THR T 118 -1.16 66.71 -28.18
N LEU T 119 -1.15 65.57 -28.87
CA LEU T 119 -1.59 64.30 -28.31
C LEU T 119 -0.44 63.46 -27.76
N CYS T 120 0.63 63.28 -28.54
CA CYS T 120 1.73 62.41 -28.13
C CYS T 120 2.53 63.11 -27.04
N LYS T 121 2.05 62.99 -25.80
CA LYS T 121 2.63 63.63 -24.64
C LYS T 121 2.82 62.58 -23.55
N PRO T 122 3.74 62.83 -22.61
CA PRO T 122 3.98 61.84 -21.55
C PRO T 122 2.71 61.56 -20.74
N GLY T 123 2.53 60.30 -20.38
CA GLY T 123 1.40 59.89 -19.57
C GLY T 123 0.14 59.55 -20.34
N LYS T 124 0.13 59.72 -21.66
CA LYS T 124 -1.05 59.45 -22.46
C LYS T 124 -0.98 58.12 -23.21
N GLY T 125 0.20 57.52 -23.33
CA GLY T 125 0.31 56.19 -23.91
C GLY T 125 -0.06 56.11 -25.38
N LEU T 126 0.40 57.06 -26.19
CA LEU T 126 0.16 57.04 -27.63
C LEU T 126 1.48 57.18 -28.36
N PHE T 127 1.58 56.49 -29.49
CA PHE T 127 2.78 56.52 -30.33
C PHE T 127 2.38 56.86 -31.76
N ALA T 128 3.20 57.68 -32.42
CA ALA T 128 2.91 58.17 -33.76
C ALA T 128 3.93 57.61 -34.74
N ILE T 129 3.46 57.32 -35.95
CA ILE T 129 4.30 56.84 -37.05
C ILE T 129 4.24 57.88 -38.16
N PHE T 130 5.32 58.63 -38.34
CA PHE T 130 5.36 59.66 -39.37
C PHE T 130 5.77 59.08 -40.71
N ASP T 131 5.80 59.93 -41.73
CA ASP T 131 6.26 59.56 -43.06
C ASP T 131 7.42 60.46 -43.46
N GLY T 132 8.42 59.89 -44.11
CA GLY T 132 9.56 60.65 -44.55
C GLY T 132 9.27 61.50 -45.76
N PRO T 133 10.29 62.21 -46.23
CA PRO T 133 10.12 63.05 -47.43
C PRO T 133 9.75 62.21 -48.63
N THR T 134 8.93 62.81 -49.50
CA THR T 134 8.50 62.11 -50.72
C THR T 134 9.57 62.11 -51.79
N THR T 135 10.59 62.95 -51.67
CA THR T 135 11.65 63.04 -52.64
C THR T 135 12.91 62.35 -52.12
N GLU T 136 13.99 62.45 -52.89
CA GLU T 136 15.26 61.86 -52.49
C GLU T 136 15.86 62.63 -51.32
N LEU T 137 16.52 61.91 -50.42
CA LEU T 137 17.14 62.54 -49.27
C LEU T 137 18.33 63.40 -49.68
N LYS T 138 18.45 64.56 -49.05
CA LYS T 138 19.61 65.42 -49.27
C LYS T 138 20.85 64.80 -48.64
N SER T 139 21.99 64.96 -49.31
CA SER T 139 23.22 64.33 -48.86
C SER T 139 23.76 64.94 -47.56
N ASP T 140 23.37 66.16 -47.23
CA ASP T 140 23.86 66.81 -46.02
C ASP T 140 23.06 66.44 -44.77
N GLY T 141 22.02 65.63 -44.90
CA GLY T 141 21.28 65.17 -43.74
C GLY T 141 20.33 66.20 -43.15
N THR T 142 19.76 67.08 -43.98
CA THR T 142 18.85 68.11 -43.51
C THR T 142 17.40 67.84 -43.90
N SER T 143 17.08 66.60 -44.30
CA SER T 143 15.72 66.28 -44.71
C SER T 143 14.79 66.05 -43.53
N ASN T 144 15.31 65.92 -42.32
CA ASN T 144 14.50 65.69 -41.13
C ASN T 144 14.28 66.95 -40.32
N SER T 145 14.62 68.11 -40.86
CA SER T 145 14.55 69.36 -40.10
C SER T 145 13.13 69.84 -39.87
N ASP T 146 12.13 69.26 -40.53
CA ASP T 146 10.75 69.68 -40.39
C ASP T 146 9.98 68.84 -39.36
N TYR T 147 10.67 67.99 -38.61
CA TYR T 147 10.05 67.15 -37.60
C TYR T 147 10.39 67.66 -36.21
N ASP T 148 9.37 67.80 -35.38
CA ASP T 148 9.59 68.20 -34.00
C ASP T 148 10.18 67.03 -33.22
N PRO T 149 11.24 67.25 -32.43
CA PRO T 149 11.81 66.16 -31.62
C PRO T 149 10.82 65.67 -30.58
N ASN T 150 10.51 64.38 -30.63
CA ASN T 150 9.51 63.79 -29.76
C ASN T 150 9.82 62.32 -29.54
N PRO T 151 10.01 61.89 -28.29
CA PRO T 151 10.26 60.46 -28.04
C PRO T 151 9.08 59.56 -28.37
N PHE T 152 7.87 60.11 -28.51
CA PHE T 152 6.69 59.33 -28.81
C PHE T 152 6.36 59.30 -30.30
N ALA T 153 7.37 59.40 -31.16
CA ALA T 153 7.14 59.42 -32.60
C ALA T 153 8.31 58.76 -33.31
N ALA T 154 8.04 58.34 -34.54
CA ALA T 154 9.06 57.72 -35.39
C ALA T 154 8.72 58.01 -36.84
N VAL T 155 9.77 58.11 -37.67
CA VAL T 155 9.64 58.45 -39.08
C VAL T 155 10.22 57.32 -39.91
N TYR T 156 9.57 57.01 -41.03
CA TYR T 156 9.99 55.93 -41.90
C TYR T 156 10.08 56.43 -43.33
N TYR T 157 11.18 56.08 -44.01
CA TYR T 157 11.48 56.50 -45.36
C TYR T 157 12.02 55.30 -46.13
N PRO T 158 11.75 55.21 -47.44
CA PRO T 158 10.89 56.06 -48.28
C PRO T 158 9.49 55.49 -48.44
N TRP T 159 8.72 56.03 -49.39
CA TRP T 159 7.41 55.49 -49.69
C TRP T 159 7.55 54.19 -50.48
N LEU T 160 6.46 53.44 -50.54
CA LEU T 160 6.48 52.10 -51.12
C LEU T 160 5.61 52.04 -52.37
N THR T 161 6.02 51.17 -53.30
CA THR T 161 5.28 50.88 -54.51
C THR T 161 4.93 49.40 -54.57
N ALA T 162 3.96 49.06 -55.41
CA ALA T 162 3.51 47.69 -55.54
C ALA T 162 3.05 47.45 -56.97
N ASP T 163 2.81 46.17 -57.29
CA ASP T 163 2.34 45.83 -58.62
C ASP T 163 0.97 46.42 -58.90
N TRP T 164 0.07 46.39 -57.90
CA TRP T 164 -1.25 46.95 -58.10
C TRP T 164 -1.26 48.47 -58.08
N THR T 165 -0.23 49.10 -57.51
CA THR T 165 -0.14 50.55 -57.53
C THR T 165 0.06 51.05 -58.95
N THR T 166 -0.65 52.12 -59.31
CA THR T 166 -0.64 52.63 -60.67
C THR T 166 0.00 54.01 -60.77
N THR T 167 -0.49 54.99 -60.02
CA THR T 167 0.01 56.36 -60.14
C THR T 167 0.42 57.00 -58.82
N ILE T 168 0.06 56.42 -57.68
CA ILE T 168 0.46 56.97 -56.39
C ILE T 168 1.32 55.96 -55.66
N ASP T 169 1.84 56.33 -54.50
CA ASP T 169 2.70 55.48 -53.71
C ASP T 169 2.08 55.25 -52.34
N ILE T 170 2.19 54.03 -51.84
CA ILE T 170 1.67 53.72 -50.50
C ILE T 170 2.54 54.40 -49.46
N PRO T 171 1.97 55.17 -48.54
CA PRO T 171 2.77 55.75 -47.45
C PRO T 171 3.39 54.65 -46.60
N PRO T 172 4.64 54.82 -46.18
CA PRO T 172 5.30 53.75 -45.40
C PRO T 172 4.64 53.47 -44.06
N SER T 173 3.93 54.44 -43.48
CA SER T 173 3.34 54.24 -42.16
C SER T 173 2.27 53.16 -42.16
N ALA T 174 1.53 53.02 -43.27
CA ALA T 174 0.46 52.03 -43.33
C ALA T 174 1.00 50.62 -43.18
N ALA T 175 2.09 50.30 -43.88
CA ALA T 175 2.70 48.98 -43.73
C ALA T 175 3.42 48.86 -42.40
N ILE T 176 3.96 49.96 -41.88
CA ILE T 176 4.68 49.92 -40.62
C ILE T 176 3.74 49.58 -39.46
N ALA T 177 2.48 50.05 -39.53
CA ALA T 177 1.52 49.69 -38.49
C ALA T 177 1.27 48.18 -38.46
N GLY T 178 1.09 47.58 -39.64
CA GLY T 178 0.92 46.14 -39.71
C GLY T 178 2.15 45.39 -39.25
N VAL T 179 3.34 45.91 -39.58
CA VAL T 179 4.58 45.31 -39.10
C VAL T 179 4.65 45.35 -37.58
N TYR T 180 4.24 46.48 -36.99
CA TYR T 180 4.18 46.59 -35.53
C TYR T 180 3.24 45.55 -34.94
N CYS T 181 2.06 45.42 -35.54
CA CYS T 181 1.10 44.44 -35.04
C CYS T 181 1.66 43.03 -35.10
N SER T 182 2.26 42.66 -36.23
CA SER T 182 2.80 41.31 -36.40
C SER T 182 3.95 41.04 -35.43
N VAL T 183 4.86 42.01 -35.28
CA VAL T 183 6.00 41.82 -34.38
C VAL T 183 5.52 41.71 -32.94
N ASP T 184 4.55 42.53 -32.54
CA ASP T 184 4.02 42.44 -31.18
C ASP T 184 3.34 41.09 -30.95
N SER T 185 2.61 40.59 -31.95
CA SER T 185 1.97 39.30 -31.80
C SER T 185 3.00 38.18 -31.69
N THR T 186 4.07 38.23 -32.48
CA THR T 186 5.01 37.12 -32.52
C THR T 186 6.01 37.18 -31.37
N ARG T 187 6.81 38.25 -31.31
CA ARG T 187 7.92 38.32 -30.36
C ARG T 187 7.60 39.14 -29.11
N GLY T 188 6.64 40.04 -29.18
CA GLY T 188 6.31 40.88 -28.04
C GLY T 188 6.73 42.33 -28.28
N VAL T 189 6.14 43.22 -27.48
CA VAL T 189 6.35 44.65 -27.67
C VAL T 189 7.77 45.08 -27.31
N TRP T 190 8.53 44.24 -26.61
CA TRP T 190 9.90 44.58 -26.25
C TRP T 190 10.90 44.26 -27.36
N LYS T 191 10.46 43.62 -28.44
CA LYS T 191 11.34 43.27 -29.55
C LYS T 191 11.35 44.39 -30.57
N ALA T 192 12.53 44.66 -31.12
CA ALA T 192 12.67 45.74 -32.09
C ALA T 192 11.89 45.43 -33.35
N PRO T 193 11.01 46.33 -33.80
CA PRO T 193 10.27 46.14 -35.06
C PRO T 193 11.12 46.43 -36.30
N ALA T 194 12.34 45.91 -36.32
CA ALA T 194 13.26 46.06 -37.43
C ALA T 194 13.81 44.70 -37.79
N ASN T 195 14.52 44.65 -38.92
CA ASN T 195 15.05 43.40 -39.47
C ASN T 195 13.92 42.40 -39.72
N VAL T 196 12.78 42.92 -40.16
CA VAL T 196 11.60 42.09 -40.44
C VAL T 196 11.16 42.35 -41.88
N PRO T 197 10.67 41.33 -42.58
CA PRO T 197 10.28 41.53 -43.98
C PRO T 197 8.99 42.32 -44.12
N ILE T 198 8.82 42.89 -45.31
CA ILE T 198 7.60 43.61 -45.67
C ILE T 198 6.79 42.71 -46.59
N GLN T 199 5.59 42.33 -46.14
CA GLN T 199 4.76 41.42 -46.90
C GLN T 199 4.12 42.13 -48.10
N GLY T 200 3.52 41.33 -48.98
CA GLY T 200 2.81 41.86 -50.13
C GLY T 200 3.68 42.28 -51.28
N GLY T 201 4.99 42.06 -51.21
CA GLY T 201 5.87 42.48 -52.29
C GLY T 201 5.93 43.98 -52.48
N LEU T 202 5.95 44.73 -51.40
CA LEU T 202 6.04 46.18 -51.48
C LEU T 202 7.50 46.59 -51.61
N GLN T 203 7.79 47.38 -52.64
CA GLN T 203 9.17 47.75 -52.93
C GLN T 203 9.44 49.21 -52.60
N PRO T 204 10.59 49.52 -52.01
CA PRO T 204 10.93 50.93 -51.75
C PRO T 204 11.05 51.71 -53.05
N LYS T 205 10.64 52.97 -52.99
CA LYS T 205 10.71 53.82 -54.18
C LYS T 205 12.14 54.24 -54.49
N TYR T 206 12.92 54.54 -53.46
CA TYR T 206 14.29 54.98 -53.64
C TYR T 206 15.26 54.09 -52.88
N PRO T 207 16.40 53.75 -53.46
CA PRO T 207 17.39 52.96 -52.73
C PRO T 207 18.22 53.80 -51.79
N VAL T 208 18.43 53.29 -50.59
CA VAL T 208 19.19 53.98 -49.55
C VAL T 208 20.44 53.17 -49.26
N THR T 209 21.60 53.80 -49.40
CA THR T 209 22.88 53.16 -49.13
C THR T 209 23.26 53.33 -47.67
N ASP T 210 24.32 52.61 -47.27
CA ASP T 210 24.80 52.70 -45.90
C ASP T 210 25.30 54.11 -45.58
N ASP T 211 26.01 54.74 -46.53
CA ASP T 211 26.51 56.09 -46.31
C ASP T 211 25.36 57.08 -46.16
N LEU T 212 24.29 56.92 -46.95
CA LEU T 212 23.13 57.78 -46.80
C LEU T 212 22.46 57.57 -45.45
N GLN T 213 22.32 56.31 -45.02
CA GLN T 213 21.71 56.02 -43.73
C GLN T 213 22.55 56.55 -42.58
N ALA T 214 23.86 56.67 -42.79
CA ALA T 214 24.75 57.13 -41.72
C ALA T 214 24.37 58.53 -41.25
N GLN T 215 24.01 59.41 -42.18
CA GLN T 215 23.67 60.78 -41.82
C GLN T 215 22.32 60.89 -41.14
N TYR T 216 21.45 59.89 -41.28
CA TYR T 216 20.09 59.96 -40.79
C TYR T 216 19.79 58.99 -39.65
N ASN T 217 20.83 58.48 -38.99
CA ASN T 217 20.66 57.55 -37.88
C ASN T 217 21.06 58.16 -36.53
N GLN T 218 21.15 59.49 -36.46
CA GLN T 218 21.47 60.17 -35.22
C GLN T 218 20.59 61.41 -35.10
N GLY T 219 20.45 61.88 -33.87
CA GLY T 219 19.56 63.00 -33.61
C GLY T 219 18.14 62.63 -33.99
N LYS T 220 17.49 63.50 -34.77
CA LYS T 220 16.17 63.19 -35.31
C LYS T 220 16.36 62.13 -36.40
N ALA T 221 16.13 60.88 -36.05
CA ALA T 221 16.51 59.76 -36.90
C ALA T 221 15.34 59.31 -37.77
N LEU T 222 15.64 58.97 -39.01
CA LEU T 222 14.68 58.41 -39.94
C LEU T 222 15.00 56.93 -40.13
N ASN T 223 14.02 56.07 -39.88
CA ASN T 223 14.19 54.65 -40.09
C ASN T 223 14.00 54.32 -41.56
N MET T 224 14.92 53.54 -42.12
CA MET T 224 14.98 53.31 -43.56
C MET T 224 14.40 51.94 -43.91
N ILE T 225 13.64 51.91 -45.00
CA ILE T 225 13.20 50.67 -45.62
C ILE T 225 14.19 50.34 -46.73
N ARG T 226 14.86 49.21 -46.61
CA ARG T 226 15.95 48.85 -47.52
C ARG T 226 15.72 47.47 -48.09
N THR T 227 16.31 47.24 -49.26
CA THR T 227 16.28 45.95 -49.92
C THR T 227 17.66 45.32 -49.90
N PHE T 228 17.72 44.02 -49.62
CA PHE T 228 18.97 43.31 -49.54
C PHE T 228 18.93 42.10 -50.46
N PRO T 229 20.04 41.78 -51.14
CA PRO T 229 20.03 40.67 -52.09
C PRO T 229 19.70 39.33 -51.45
N LYS T 230 20.13 39.10 -50.22
CA LYS T 230 19.91 37.81 -49.56
C LYS T 230 18.62 37.76 -48.76
N SER T 231 17.95 38.88 -48.55
CA SER T 231 16.75 38.88 -47.72
C SER T 231 15.55 39.53 -48.40
N GLY T 232 15.76 40.58 -49.19
CA GLY T 232 14.65 41.28 -49.80
C GLY T 232 14.38 42.61 -49.11
N THR T 233 13.13 43.09 -49.16
CA THR T 233 12.78 44.35 -48.53
C THR T 233 12.66 44.15 -47.03
N LEU T 234 13.32 45.02 -46.26
CA LEU T 234 13.37 44.91 -44.81
C LEU T 234 13.24 46.29 -44.19
N VAL T 235 12.85 46.30 -42.93
CA VAL T 235 12.89 47.50 -42.11
C VAL T 235 14.23 47.54 -41.40
N TRP T 236 14.94 48.65 -41.55
CA TRP T 236 16.31 48.78 -41.06
C TRP T 236 16.46 49.98 -40.14
N GLY T 237 15.54 50.12 -39.19
CA GLY T 237 15.61 51.19 -38.23
C GLY T 237 14.60 51.03 -37.11
N ALA T 238 15.05 51.23 -35.86
CA ALA T 238 14.19 51.11 -34.70
C ALA T 238 14.46 52.23 -33.71
N ARG T 239 14.58 53.46 -34.19
CA ARG T 239 14.90 54.61 -33.36
C ARG T 239 13.76 55.61 -33.38
N THR T 240 13.59 56.30 -32.25
CA THR T 240 12.62 57.37 -32.14
C THR T 240 13.27 58.69 -32.56
N LEU T 241 12.58 59.80 -32.32
CA LEU T 241 13.05 61.12 -32.73
C LEU T 241 13.85 61.83 -31.64
N GLU T 242 14.07 61.20 -30.49
CA GLU T 242 14.84 61.79 -29.40
C GLU T 242 16.10 60.95 -29.20
N ASP T 243 17.26 61.52 -29.52
CA ASP T 243 18.54 60.84 -29.35
C ASP T 243 19.02 61.07 -27.92
N ASN T 244 18.53 60.22 -27.02
CA ASN T 244 18.84 60.31 -25.60
C ASN T 244 19.09 58.91 -25.07
N ASP T 245 19.83 58.84 -23.95
CA ASP T 245 20.12 57.53 -23.36
C ASP T 245 18.83 56.80 -23.00
N ASN T 246 17.78 57.53 -22.68
CA ASN T 246 16.45 56.95 -22.51
C ASN T 246 15.61 57.28 -23.73
N TRP T 247 14.71 56.35 -24.07
CA TRP T 247 13.74 56.51 -25.16
C TRP T 247 14.42 56.70 -26.52
N ARG T 248 15.66 56.25 -26.67
CA ARG T 248 16.30 56.29 -27.98
C ARG T 248 15.66 55.29 -28.93
N TYR T 249 15.27 54.13 -28.41
CA TYR T 249 14.75 53.04 -29.23
C TYR T 249 13.25 52.93 -29.10
N ILE T 250 12.59 52.60 -30.22
CA ILE T 250 11.15 52.38 -30.21
C ILE T 250 10.73 51.30 -29.21
N PRO T 251 11.39 50.14 -29.13
CA PRO T 251 10.91 49.10 -28.21
C PRO T 251 10.81 49.55 -26.77
N VAL T 252 11.78 50.33 -26.28
CA VAL T 252 11.76 50.75 -24.89
C VAL T 252 10.56 51.65 -24.63
N ARG T 253 10.34 52.63 -25.50
CA ARG T 253 9.22 53.55 -25.32
C ARG T 253 7.89 52.82 -25.40
N ARG T 254 7.73 51.93 -26.38
CA ARG T 254 6.46 51.22 -26.52
C ARG T 254 6.22 50.27 -25.36
N LEU T 255 7.27 49.60 -24.88
CA LEU T 255 7.14 48.72 -23.73
C LEU T 255 6.74 49.51 -22.49
N PHE T 256 7.33 50.68 -22.29
CA PHE T 256 6.98 51.48 -21.12
C PHE T 256 5.55 52.00 -21.22
N ASN T 257 5.11 52.38 -22.42
CA ASN T 257 3.72 52.80 -22.60
C ASN T 257 2.76 51.66 -22.27
N SER T 258 3.05 50.47 -22.78
CA SER T 258 2.20 49.31 -22.51
C SER T 258 2.18 48.99 -21.02
N ALA T 259 3.34 49.07 -20.37
CA ALA T 259 3.41 48.81 -18.93
C ALA T 259 2.59 49.82 -18.15
N GLU T 260 2.68 51.10 -18.52
CA GLU T 260 1.88 52.12 -17.84
C GLU T 260 0.39 51.85 -18.00
N ARG T 261 -0.03 51.52 -19.22
CA ARG T 261 -1.45 51.26 -19.45
C ARG T 261 -1.92 50.05 -18.65
N ASP T 262 -1.15 48.97 -18.66
CA ASP T 262 -1.54 47.75 -17.95
C ASP T 262 -1.56 47.96 -16.44
N ILE T 263 -0.58 48.70 -15.92
CA ILE T 263 -0.55 48.98 -14.48
C ILE T 263 -1.74 49.84 -14.07
N LYS T 264 -2.07 50.85 -14.88
CA LYS T 264 -3.24 51.66 -14.57
C LYS T 264 -4.52 50.84 -14.61
N ASN T 265 -4.64 49.94 -15.59
CA ASN T 265 -5.82 49.08 -15.65
C ASN T 265 -5.88 48.14 -14.45
N ALA T 266 -4.74 47.61 -14.01
CA ALA T 266 -4.74 46.58 -12.97
C ALA T 266 -5.24 47.14 -11.64
N MET T 267 -4.86 48.36 -11.30
CA MET T 267 -5.20 48.93 -10.01
C MET T 267 -6.46 49.78 -10.02
N SER T 268 -7.21 49.77 -11.12
CA SER T 268 -8.46 50.53 -11.18
C SER T 268 -9.55 49.93 -10.29
N PHE T 269 -9.38 48.71 -9.81
CA PHE T 269 -10.37 48.07 -8.94
C PHE T 269 -10.41 48.68 -7.55
N ALA T 270 -9.43 49.49 -7.17
CA ALA T 270 -9.31 49.99 -5.81
C ALA T 270 -10.06 51.30 -5.60
N VAL T 271 -10.79 51.80 -6.59
CA VAL T 271 -11.54 53.03 -6.40
C VAL T 271 -12.70 52.79 -5.44
N PHE T 272 -13.04 53.83 -4.68
CA PHE T 272 -14.12 53.79 -3.70
C PHE T 272 -13.87 52.73 -2.63
N GLU T 273 -12.61 52.39 -2.41
CA GLU T 273 -12.15 51.55 -1.33
C GLU T 273 -11.39 52.40 -0.31
N PRO T 274 -11.27 51.92 0.94
CA PRO T 274 -10.56 52.73 1.95
C PRO T 274 -9.15 53.07 1.49
N ASN T 275 -8.77 54.33 1.71
CA ASN T 275 -7.41 54.77 1.39
C ASN T 275 -6.48 54.50 2.56
N SER T 276 -6.34 53.21 2.88
CA SER T 276 -5.55 52.77 4.01
C SER T 276 -4.57 51.69 3.59
N GLN T 277 -3.90 51.07 4.57
CA GLN T 277 -2.85 50.10 4.27
C GLN T 277 -3.34 48.88 3.51
N PRO T 278 -4.45 48.21 3.87
CA PRO T 278 -4.83 47.00 3.14
C PRO T 278 -5.06 47.21 1.65
N THR T 279 -5.66 48.34 1.27
CA THR T 279 -5.86 48.62 -0.16
C THR T 279 -4.52 48.78 -0.86
N TRP T 280 -3.58 49.47 -0.22
CA TRP T 280 -2.25 49.63 -0.80
C TRP T 280 -1.56 48.27 -0.95
N GLU T 281 -1.74 47.39 0.04
CA GLU T 281 -1.15 46.06 -0.06
C GLU T 281 -1.74 45.27 -1.23
N ARG T 282 -3.06 45.35 -1.41
CA ARG T 282 -3.68 44.66 -2.55
C ARG T 282 -3.18 45.22 -3.88
N VAL T 283 -3.07 46.55 -3.97
CA VAL T 283 -2.59 47.16 -5.20
C VAL T 283 -1.15 46.74 -5.48
N ARG T 284 -0.32 46.72 -4.44
CA ARG T 284 1.06 46.28 -4.60
C ARG T 284 1.12 44.84 -5.05
N SER T 285 0.26 43.98 -4.51
CA SER T 285 0.23 42.58 -4.91
C SER T 285 -0.11 42.45 -6.39
N ALA T 286 -1.13 43.18 -6.85
CA ALA T 286 -1.52 43.11 -8.25
C ALA T 286 -0.41 43.61 -9.17
N VAL T 287 0.20 44.74 -8.82
CA VAL T 287 1.26 45.30 -9.65
C VAL T 287 2.46 44.35 -9.69
N ASN T 288 2.82 43.78 -8.55
CA ASN T 288 3.94 42.84 -8.51
C ASN T 288 3.65 41.60 -9.34
N ASN T 289 2.42 41.10 -9.30
CA ASN T 289 2.06 39.95 -10.12
C ASN T 289 2.22 40.26 -11.61
N TYR T 290 1.70 41.42 -12.03
CA TYR T 290 1.83 41.79 -13.43
C TYR T 290 3.29 41.93 -13.84
N LEU T 291 4.09 42.59 -13.00
CA LEU T 291 5.50 42.79 -13.33
C LEU T 291 6.26 41.48 -13.36
N TYR T 292 5.94 40.55 -12.46
CA TYR T 292 6.60 39.25 -12.49
C TYR T 292 6.24 38.47 -13.75
N SER T 293 4.98 38.53 -14.17
CA SER T 293 4.61 37.87 -15.41
C SER T 293 5.37 38.49 -16.59
N LEU T 294 5.48 39.82 -16.61
CA LEU T 294 6.21 40.49 -17.69
C LEU T 294 7.68 40.09 -17.70
N TRP T 295 8.30 40.01 -16.52
CA TRP T 295 9.70 39.61 -16.44
C TRP T 295 9.89 38.16 -16.88
N GLN T 296 9.00 37.27 -16.45
CA GLN T 296 9.10 35.87 -16.83
C GLN T 296 8.92 35.68 -18.32
N GLN T 297 8.10 36.51 -18.96
CA GLN T 297 7.97 36.45 -20.41
C GLN T 297 9.26 36.81 -21.13
N GLY T 298 10.18 37.48 -20.45
CA GLY T 298 11.41 37.93 -21.06
C GLY T 298 11.45 39.40 -21.42
N GLY T 299 10.41 40.16 -21.06
CA GLY T 299 10.40 41.58 -21.40
C GLY T 299 11.46 42.38 -20.67
N LEU T 300 11.71 42.03 -19.41
CA LEU T 300 12.64 42.77 -18.57
C LEU T 300 13.99 42.07 -18.50
N ALA T 301 14.98 42.80 -17.98
CA ALA T 301 16.34 42.30 -17.85
C ALA T 301 16.66 41.95 -16.41
N GLY T 302 17.57 41.00 -16.24
CA GLY T 302 17.98 40.58 -14.91
C GLY T 302 17.85 39.09 -14.69
N ASN T 303 18.70 38.53 -13.83
CA ASN T 303 18.64 37.10 -13.55
C ASN T 303 17.59 36.76 -12.50
N LYS T 304 17.09 37.74 -11.77
CA LYS T 304 16.03 37.54 -10.78
C LYS T 304 15.13 38.77 -10.79
N PRO T 305 13.89 38.63 -10.35
CA PRO T 305 12.96 39.77 -10.40
C PRO T 305 13.42 40.97 -9.60
N ASP T 306 14.24 40.78 -8.56
CA ASP T 306 14.73 41.92 -7.79
C ASP T 306 15.64 42.81 -8.61
N ASP T 307 16.30 42.26 -9.63
CA ASP T 307 17.13 43.04 -10.53
C ASP T 307 16.34 43.69 -11.66
N ALA T 308 15.06 43.34 -11.81
CA ALA T 308 14.27 43.79 -12.95
C ALA T 308 13.34 44.94 -12.62
N TYR T 309 12.74 44.94 -11.42
CA TYR T 309 11.74 45.95 -11.11
C TYR T 309 11.62 46.12 -9.60
N PHE T 310 11.02 47.22 -9.19
CA PHE T 310 10.66 47.47 -7.80
C PHE T 310 9.35 48.24 -7.77
N VAL T 311 8.61 48.08 -6.67
CA VAL T 311 7.33 48.73 -6.48
C VAL T 311 7.32 49.37 -5.10
N GLN T 312 6.94 50.64 -5.04
CA GLN T 312 6.84 51.38 -3.78
C GLN T 312 5.44 51.98 -3.65
N ILE T 313 4.82 51.76 -2.50
CA ILE T 313 3.52 52.37 -2.20
C ILE T 313 3.32 52.36 -0.69
N GLY T 314 2.89 53.49 -0.15
CA GLY T 314 2.60 53.57 1.27
C GLY T 314 2.82 54.98 1.79
N LYS T 315 2.47 55.15 3.07
CA LYS T 315 2.65 56.45 3.73
C LYS T 315 4.13 56.73 3.94
N ASP T 316 4.51 57.99 3.76
CA ASP T 316 5.86 58.53 3.92
C ASP T 316 6.82 58.01 2.85
N ILE T 317 6.38 57.16 1.94
CA ILE T 317 7.19 56.71 0.80
C ILE T 317 6.73 57.36 -0.49
N THR T 318 5.45 57.19 -0.84
CA THR T 318 4.86 57.85 -2.00
C THR T 318 3.62 58.67 -1.62
N MET T 319 3.31 58.77 -0.33
CA MET T 319 2.08 59.39 0.14
C MET T 319 2.38 60.35 1.27
N THR T 320 1.55 61.38 1.38
CA THR T 320 1.55 62.29 2.51
C THR T 320 0.15 62.31 3.13
N ASP T 321 0.06 62.86 4.34
CA ASP T 321 -1.24 62.95 5.00
C ASP T 321 -2.21 63.81 4.19
N ASP T 322 -1.73 64.90 3.61
CA ASP T 322 -2.58 65.74 2.77
C ASP T 322 -3.06 64.98 1.54
N ASP T 323 -2.18 64.19 0.93
CA ASP T 323 -2.60 63.38 -0.23
C ASP T 323 -3.64 62.35 0.17
N ILE T 324 -3.46 61.71 1.33
CA ILE T 324 -4.42 60.71 1.79
C ILE T 324 -5.77 61.36 2.06
N LYS T 325 -5.77 62.55 2.67
CA LYS T 325 -7.03 63.23 2.95
C LYS T 325 -7.79 63.57 1.67
N GLN T 326 -7.09 63.73 0.56
CA GLN T 326 -7.73 64.02 -0.72
C GLN T 326 -8.09 62.76 -1.49
N GLY T 327 -7.85 61.58 -0.92
CA GLY T 327 -8.18 60.34 -1.59
C GLY T 327 -7.36 60.06 -2.83
N LYS T 328 -6.05 60.32 -2.77
CA LYS T 328 -5.15 60.08 -3.90
C LYS T 328 -4.24 58.90 -3.57
N MET T 329 -4.15 57.95 -4.50
CA MET T 329 -3.27 56.80 -4.36
C MET T 329 -2.12 56.95 -5.35
N ILE T 330 -0.90 56.94 -4.84
CA ILE T 330 0.30 57.17 -5.62
C ILE T 330 1.21 55.96 -5.51
N ILE T 331 1.68 55.47 -6.65
CA ILE T 331 2.59 54.32 -6.69
C ILE T 331 3.76 54.66 -7.59
N LYS T 332 4.92 54.09 -7.29
CA LYS T 332 6.14 54.30 -8.06
C LYS T 332 6.70 52.96 -8.50
N ILE T 333 7.02 52.84 -9.79
CA ILE T 333 7.50 51.59 -10.37
C ILE T 333 8.75 51.89 -11.18
N GLY T 334 9.79 51.10 -10.99
CA GLY T 334 10.98 51.17 -11.81
C GLY T 334 11.17 49.87 -12.57
N MET T 335 11.64 49.96 -13.80
CA MET T 335 11.79 48.81 -14.67
C MET T 335 13.12 48.87 -15.41
N ALA T 336 13.62 47.71 -15.79
CA ALA T 336 14.85 47.58 -16.57
C ALA T 336 14.52 46.95 -17.91
N ALA T 337 14.95 47.60 -18.99
CA ALA T 337 14.66 47.14 -20.34
C ALA T 337 15.93 46.70 -21.05
N VAL T 338 15.78 45.76 -21.97
CA VAL T 338 16.89 45.23 -22.74
C VAL T 338 17.02 46.02 -24.02
N ARG T 339 18.23 46.49 -24.31
CA ARG T 339 18.39 47.27 -25.53
C ARG T 339 18.99 46.42 -26.64
N PRO T 340 18.58 46.65 -27.88
CA PRO T 340 19.04 45.80 -28.98
C PRO T 340 20.48 46.11 -29.38
N ALA T 341 21.07 45.16 -30.09
CA ALA T 341 22.40 45.33 -30.68
C ALA T 341 22.25 45.94 -32.06
N GLU T 342 22.88 47.09 -32.28
CA GLU T 342 22.72 47.84 -33.53
C GLU T 342 23.89 47.68 -34.48
N PHE T 343 25.12 47.61 -33.96
CA PHE T 343 26.31 47.55 -34.79
C PHE T 343 27.09 46.29 -34.48
N ILE T 344 27.44 45.54 -35.52
CA ILE T 344 28.25 44.33 -35.40
C ILE T 344 29.55 44.57 -36.16
N ILE T 345 30.67 44.44 -35.46
CA ILE T 345 31.99 44.73 -36.03
C ILE T 345 32.73 43.42 -36.21
N LEU T 346 33.14 43.13 -37.44
CA LEU T 346 33.92 41.94 -37.77
C LEU T 346 35.36 42.37 -38.06
N GLN T 347 36.31 41.80 -37.34
CA GLN T 347 37.72 42.12 -37.48
C GLN T 347 38.45 40.89 -38.00
N PHE T 348 38.92 40.97 -39.24
CA PHE T 348 39.55 39.85 -39.92
C PHE T 348 41.07 39.96 -39.83
N THR T 349 41.72 38.82 -39.57
CA THR T 349 43.17 38.75 -39.50
C THR T 349 43.64 37.54 -40.31
N GLN T 350 44.95 37.44 -40.49
CA GLN T 350 45.54 36.37 -41.29
C GLN T 350 46.50 35.48 -40.52
N ASN T 351 46.95 35.88 -39.34
CA ASN T 351 47.95 35.10 -38.61
C ASN T 351 47.41 33.79 -38.07
N THR T 352 46.09 33.67 -37.91
CA THR T 352 45.40 32.49 -37.35
C THR T 352 46.22 31.70 -36.33
N THR U 2 34.64 52.57 -39.22
CA THR U 2 34.98 51.30 -38.59
C THR U 2 34.74 51.36 -37.09
N THR U 3 35.66 51.99 -36.36
CA THR U 3 35.46 52.18 -34.93
C THR U 3 34.28 53.10 -34.66
N ILE U 4 34.12 54.14 -35.48
CA ILE U 4 32.98 55.05 -35.36
C ILE U 4 31.78 54.41 -36.02
N THR U 5 30.71 54.21 -35.25
CA THR U 5 29.51 53.55 -35.73
C THR U 5 28.45 54.59 -36.03
N THR U 6 27.96 54.60 -37.27
CA THR U 6 26.94 55.55 -37.71
C THR U 6 25.65 54.87 -38.13
N TYR U 7 25.71 53.89 -39.03
CA TYR U 7 24.54 53.20 -39.52
C TYR U 7 24.43 51.82 -38.91
N PRO U 8 23.21 51.31 -38.72
CA PRO U 8 23.07 49.93 -38.24
C PRO U 8 23.45 48.93 -39.32
N GLY U 9 24.09 47.86 -38.90
CA GLY U 9 24.50 46.82 -39.85
C GLY U 9 25.80 46.18 -39.38
N VAL U 10 26.55 45.68 -40.35
CA VAL U 10 27.78 44.93 -40.11
C VAL U 10 28.95 45.72 -40.65
N TYR U 11 29.96 45.93 -39.81
CA TYR U 11 31.19 46.61 -40.20
C TYR U 11 32.30 45.59 -40.37
N ILE U 12 33.19 45.83 -41.33
CA ILE U 12 34.29 44.93 -41.63
C ILE U 12 35.60 45.69 -41.45
N GLU U 13 36.52 45.11 -40.68
CA GLU U 13 37.85 45.67 -40.48
C GLU U 13 38.89 44.62 -40.80
N GLU U 14 39.96 45.03 -41.48
CA GLU U 14 41.00 44.12 -41.90
C GLU U 14 42.17 44.05 -40.92
N ASP U 15 42.12 44.80 -39.83
CA ASP U 15 43.15 44.75 -38.79
C ASP U 15 42.50 44.29 -37.48
N ALA U 16 43.26 43.53 -36.70
CA ALA U 16 42.71 42.99 -35.45
C ALA U 16 43.86 42.72 -34.49
N SER U 17 43.85 43.38 -33.34
CA SER U 17 44.79 43.04 -32.29
C SER U 17 44.41 41.70 -31.65
N LEU U 18 45.39 41.08 -31.01
CA LEU U 18 45.16 39.77 -30.41
C LEU U 18 44.25 39.87 -29.20
N SER U 19 43.61 38.75 -28.88
CA SER U 19 42.73 38.63 -27.72
C SER U 19 43.10 37.39 -26.94
N LEU U 20 42.83 37.43 -25.63
CA LEU U 20 43.14 36.32 -24.74
C LEU U 20 41.91 35.98 -23.91
N SER U 21 41.77 34.70 -23.58
CA SER U 21 40.64 34.25 -22.80
C SER U 21 40.77 34.73 -21.36
N VAL U 22 39.65 34.68 -20.63
CA VAL U 22 39.56 35.16 -19.27
C VAL U 22 39.47 33.97 -18.33
N SER U 23 40.36 33.94 -17.34
CA SER U 23 40.37 32.89 -16.33
C SER U 23 40.17 33.50 -14.95
N SER U 24 39.48 32.77 -14.08
CA SER U 24 39.12 33.25 -12.76
C SER U 24 39.74 32.38 -11.69
N SER U 25 40.29 33.02 -10.66
CA SER U 25 40.87 32.32 -9.53
C SER U 25 40.68 33.17 -8.28
N ALA U 26 40.74 32.52 -7.12
CA ALA U 26 40.54 33.20 -5.84
C ALA U 26 41.63 32.96 -4.82
N THR U 27 42.39 31.87 -4.91
CA THR U 27 43.44 31.58 -3.96
C THR U 27 44.81 32.05 -4.42
N ALA U 28 44.89 32.71 -5.59
CA ALA U 28 46.17 33.21 -6.11
C ALA U 28 45.90 34.56 -6.78
N VAL U 29 46.07 35.63 -6.04
CA VAL U 29 45.91 36.99 -6.54
C VAL U 29 47.26 37.69 -6.41
N PRO U 30 47.99 37.85 -7.51
CA PRO U 30 49.35 38.39 -7.44
C PRO U 30 49.40 39.90 -7.58
N VAL U 31 50.52 40.46 -7.14
CA VAL U 31 50.83 41.88 -7.29
C VAL U 31 52.09 42.00 -8.13
N PHE U 32 52.03 42.78 -9.20
CA PHE U 32 53.15 42.96 -10.11
C PHE U 32 53.83 44.29 -9.78
N ALA U 33 55.13 44.23 -9.52
CA ALA U 33 55.90 45.44 -9.29
C ALA U 33 56.25 46.09 -10.62
N VAL U 34 56.08 47.41 -10.70
CA VAL U 34 56.31 48.14 -11.94
C VAL U 34 57.38 49.20 -11.69
N ALA U 35 58.13 49.51 -12.75
CA ALA U 35 59.17 50.52 -12.66
C ALA U 35 58.54 51.90 -12.45
N GLY U 36 59.32 52.79 -11.82
CA GLY U 36 58.81 54.11 -11.48
C GLY U 36 58.58 55.03 -12.66
N ASP U 37 59.20 54.73 -13.80
CA ASP U 37 59.05 55.57 -14.99
C ASP U 37 57.85 55.18 -15.84
N ASN U 38 57.06 54.22 -15.41
CA ASN U 38 55.90 53.79 -16.17
C ASN U 38 54.80 54.86 -16.08
N PRO U 39 54.36 55.42 -17.22
CA PRO U 39 53.30 56.45 -17.14
C PRO U 39 51.95 55.89 -16.76
N LEU U 40 51.69 54.61 -17.03
CA LEU U 40 50.39 54.03 -16.72
C LEU U 40 50.13 54.00 -15.22
N ILE U 41 51.13 53.64 -14.43
CA ILE U 41 50.96 53.50 -12.99
C ILE U 41 51.24 54.78 -12.22
N SER U 42 52.02 55.70 -12.78
CA SER U 42 52.39 56.91 -12.06
C SER U 42 51.16 57.78 -11.81
N GLY U 43 51.12 58.37 -10.62
CA GLY U 43 50.01 59.22 -10.21
C GLY U 43 48.96 58.53 -9.35
N LYS U 44 48.98 57.20 -9.28
CA LYS U 44 48.02 56.44 -8.52
C LYS U 44 48.73 55.46 -7.60
N PRO U 45 48.15 55.14 -6.44
CA PRO U 45 48.78 54.18 -5.53
C PRO U 45 48.82 52.77 -6.11
N TYR U 46 47.68 52.33 -6.65
CA TYR U 46 47.58 51.01 -7.25
C TYR U 46 46.40 50.99 -8.20
N ILE U 47 46.43 50.04 -9.13
CA ILE U 47 45.32 49.80 -10.04
C ILE U 47 45.02 48.31 -10.04
N ARG U 48 43.82 47.96 -10.49
CA ARG U 48 43.37 46.59 -10.60
C ARG U 48 43.16 46.24 -12.06
N ILE U 49 43.77 45.14 -12.50
CA ILE U 49 43.64 44.65 -13.87
C ILE U 49 42.91 43.32 -13.81
N SER U 50 41.78 43.22 -14.51
CA SER U 50 40.97 42.00 -14.47
C SER U 50 41.23 41.06 -15.63
N ASN U 51 41.70 41.58 -16.77
CA ASN U 51 41.95 40.74 -17.93
C ASN U 51 42.89 41.49 -18.87
N TRP U 52 43.32 40.78 -19.92
CA TRP U 52 44.23 41.37 -20.89
C TRP U 52 43.57 42.53 -21.63
N LEU U 53 42.27 42.42 -21.92
CA LEU U 53 41.58 43.48 -22.63
C LEU U 53 41.54 44.77 -21.82
N GLU U 54 41.31 44.66 -20.50
CA GLU U 54 41.26 45.85 -19.66
C GLU U 54 42.62 46.54 -19.61
N TYR U 55 43.70 45.76 -19.53
CA TYR U 55 45.03 46.35 -19.52
C TYR U 55 45.31 47.10 -20.82
N LEU U 56 44.93 46.51 -21.96
CA LEU U 56 45.12 47.19 -23.23
C LEU U 56 44.28 48.45 -23.31
N THR U 57 43.05 48.41 -22.80
CA THR U 57 42.21 49.60 -22.81
C THR U 57 42.80 50.71 -21.96
N LEU U 58 43.32 50.37 -20.78
CA LEU U 58 43.96 51.37 -19.93
C LEU U 58 45.23 51.92 -20.56
N LYS U 59 46.00 51.06 -21.21
CA LYS U 59 47.24 51.49 -21.84
C LYS U 59 46.99 52.46 -23.00
N ASN U 60 45.88 52.25 -23.73
CA ASN U 60 45.53 53.10 -24.87
C ASN U 60 46.64 53.14 -25.91
N GLU U 61 47.27 51.99 -26.13
CA GLU U 61 48.34 51.88 -27.12
C GLU U 61 48.43 50.42 -27.57
N GLN U 62 49.11 50.21 -28.69
CA GLN U 62 49.29 48.87 -29.22
C GLN U 62 50.29 48.10 -28.36
N PHE U 63 50.28 46.78 -28.52
CA PHE U 63 51.20 45.93 -27.78
C PHE U 63 52.64 46.22 -28.20
N ASP U 64 53.52 46.32 -27.22
CA ASP U 64 54.92 46.67 -27.46
C ASP U 64 55.83 45.57 -26.92
N PRO U 65 56.47 44.77 -27.78
CA PRO U 65 57.42 43.77 -27.28
C PRO U 65 58.64 44.37 -26.62
N ALA U 66 58.94 45.65 -26.85
CA ALA U 66 60.09 46.30 -26.23
C ALA U 66 59.85 46.72 -24.79
N ASN U 67 58.61 46.71 -24.33
CA ASN U 67 58.28 47.02 -22.94
C ASN U 67 58.21 45.72 -22.14
N THR U 68 58.54 45.82 -20.85
CA THR U 68 58.61 44.63 -20.02
C THR U 68 57.31 44.33 -19.27
N LEU U 69 56.61 45.37 -18.82
CA LEU U 69 55.38 45.14 -18.07
C LEU U 69 54.32 44.46 -18.94
N ASP U 70 54.17 44.91 -20.18
CA ASP U 70 53.11 44.35 -21.03
C ASP U 70 53.44 42.93 -21.46
N ILE U 71 54.70 42.63 -21.75
CA ILE U 71 55.05 41.25 -22.10
C ILE U 71 54.91 40.34 -20.88
N SER U 72 55.25 40.85 -19.70
CA SER U 72 55.03 40.07 -18.48
C SER U 72 53.55 39.78 -18.26
N LEU U 73 52.70 40.78 -18.48
CA LEU U 73 51.27 40.58 -18.31
C LEU U 73 50.72 39.62 -19.37
N ARG U 74 51.24 39.70 -20.59
CA ARG U 74 50.82 38.77 -21.64
C ARG U 74 51.19 37.34 -21.27
N ALA U 75 52.41 37.13 -20.77
CA ALA U 75 52.81 35.79 -20.34
C ALA U 75 51.95 35.32 -19.17
N TYR U 76 51.64 36.21 -18.24
CA TYR U 76 50.82 35.85 -17.09
C TYR U 76 49.41 35.45 -17.51
N PHE U 77 48.80 36.20 -18.43
CA PHE U 77 47.43 35.91 -18.85
C PHE U 77 47.35 34.71 -19.78
N ILE U 78 48.39 34.47 -20.58
CA ILE U 78 48.40 33.32 -21.46
C ILE U 78 48.40 32.03 -20.65
N ASN U 79 49.14 32.01 -19.53
CA ASN U 79 49.25 30.81 -18.72
C ASN U 79 48.04 30.57 -17.82
N GLY U 80 47.08 31.49 -17.80
CA GLY U 80 45.83 31.25 -17.10
C GLY U 80 45.68 32.00 -15.79
N GLY U 81 46.17 33.24 -15.74
CA GLY U 81 46.05 34.02 -14.53
C GLY U 81 44.74 34.80 -14.45
N GLY U 82 44.35 35.12 -13.22
CA GLY U 82 43.17 35.90 -12.95
C GLY U 82 43.49 37.38 -12.84
N TYR U 83 42.63 38.09 -12.11
CA TYR U 83 42.84 39.52 -11.93
C TYR U 83 44.03 39.76 -11.01
N CYS U 84 44.75 40.86 -11.28
CA CYS U 84 45.97 41.17 -10.55
C CYS U 84 45.96 42.64 -10.16
N TYR U 85 47.03 43.06 -9.48
CA TYR U 85 47.22 44.44 -9.07
C TYR U 85 48.58 44.92 -9.55
N LEU U 86 48.65 46.21 -9.91
CA LEU U 86 49.90 46.84 -10.31
C LEU U 86 50.29 47.87 -9.26
N VAL U 87 51.47 47.72 -8.68
CA VAL U 87 51.97 48.61 -7.65
C VAL U 87 53.43 48.93 -7.96
N GLN U 88 53.80 50.21 -7.80
CA GLN U 88 55.17 50.62 -8.01
C GLN U 88 56.07 50.00 -6.95
N THR U 89 57.34 49.78 -7.33
CA THR U 89 58.27 49.08 -6.44
C THR U 89 58.51 49.84 -5.15
N THR U 90 58.67 51.17 -5.24
CA THR U 90 58.96 51.97 -4.06
C THR U 90 57.80 52.01 -3.07
N ASP U 91 56.57 51.78 -3.54
CA ASP U 91 55.39 51.84 -2.69
C ASP U 91 54.90 50.47 -2.25
N LEU U 92 55.67 49.42 -2.49
CA LEU U 92 55.20 48.07 -2.18
C LEU U 92 54.95 47.89 -0.69
N GLU U 93 55.91 48.29 0.15
CA GLU U 93 55.80 48.05 1.58
C GLU U 93 54.61 48.79 2.19
N LYS U 94 54.23 49.92 1.62
CA LYS U 94 53.13 50.71 2.17
C LYS U 94 51.78 50.34 1.57
N GLN U 95 51.75 49.84 0.34
CA GLN U 95 50.50 49.59 -0.36
C GLN U 95 50.04 48.15 -0.31
N VAL U 96 50.98 47.19 -0.30
CA VAL U 96 50.59 45.78 -0.30
C VAL U 96 49.76 45.40 0.93
N PRO U 97 50.14 45.77 2.16
CA PRO U 97 49.30 45.41 3.32
C PRO U 97 47.91 46.03 3.28
N LYS U 98 47.70 47.08 2.49
CA LYS U 98 46.40 47.73 2.40
C LYS U 98 45.40 46.93 1.57
N LEU U 99 45.82 45.86 0.92
CA LEU U 99 44.95 45.03 0.10
C LEU U 99 44.75 43.69 0.76
N ASP U 100 43.49 43.25 0.84
CA ASP U 100 43.14 42.03 1.58
C ASP U 100 43.25 40.78 0.74
N ASP U 101 42.82 40.83 -0.52
CA ASP U 101 42.77 39.63 -1.36
C ASP U 101 44.12 39.24 -1.94
N VAL U 102 45.16 40.05 -1.73
CA VAL U 102 46.46 39.77 -2.31
C VAL U 102 47.10 38.59 -1.59
N THR U 103 47.58 37.61 -2.37
CA THR U 103 48.24 36.44 -1.83
C THR U 103 49.65 36.22 -2.37
N LEU U 104 50.01 36.83 -3.49
CA LEU U 104 51.31 36.60 -4.11
C LEU U 104 51.98 37.92 -4.45
N LEU U 105 53.31 37.94 -4.34
CA LEU U 105 54.12 39.06 -4.77
C LEU U 105 54.97 38.60 -5.94
N VAL U 106 54.88 39.32 -7.06
CA VAL U 106 55.56 38.95 -8.29
C VAL U 106 56.48 40.09 -8.69
N ALA U 107 57.76 39.78 -8.91
CA ALA U 107 58.74 40.74 -9.37
C ALA U 107 58.80 40.66 -10.89
N ALA U 108 58.07 41.58 -11.56
CA ALA U 108 58.02 41.59 -13.02
C ALA U 108 59.29 42.24 -13.58
N GLY U 109 60.42 41.62 -13.29
CA GLY U 109 61.70 42.13 -13.73
C GLY U 109 62.28 43.23 -12.88
N GLU U 110 61.89 43.31 -11.62
CA GLU U 110 62.37 44.34 -10.70
C GLU U 110 63.08 43.70 -9.52
N ASN U 111 63.55 44.56 -8.61
CA ASN U 111 64.23 44.13 -7.39
C ASN U 111 63.31 44.41 -6.20
N ILE U 112 62.89 43.34 -5.52
CA ILE U 112 61.92 43.46 -4.43
C ILE U 112 62.47 42.80 -3.17
N THR U 113 63.80 42.77 -3.03
CA THR U 113 64.40 42.09 -1.89
C THR U 113 63.97 42.71 -0.57
N THR U 114 64.04 44.04 -0.46
CA THR U 114 63.65 44.71 0.78
C THR U 114 62.16 44.55 1.05
N ALA U 115 61.34 44.68 0.00
CA ALA U 115 59.90 44.51 0.18
C ALA U 115 59.55 43.10 0.63
N VAL U 116 60.21 42.10 0.05
CA VAL U 116 59.97 40.72 0.45
C VAL U 116 60.41 40.50 1.90
N SER U 117 61.57 41.06 2.27
CA SER U 117 62.05 40.90 3.63
C SER U 117 61.10 41.54 4.64
N THR U 118 60.53 42.69 4.29
CA THR U 118 59.63 43.37 5.22
C THR U 118 58.25 42.71 5.27
N LEU U 119 57.76 42.23 4.14
CA LEU U 119 56.37 41.77 4.02
C LEU U 119 56.21 40.27 4.23
N CYS U 120 57.01 39.45 3.56
CA CYS U 120 56.87 38.00 3.63
C CYS U 120 57.38 37.52 4.98
N LYS U 121 56.51 37.62 5.98
CA LYS U 121 56.79 37.27 7.36
C LYS U 121 55.71 36.33 7.86
N PRO U 122 56.01 35.54 8.90
CA PRO U 122 55.02 34.59 9.41
C PRO U 122 53.76 35.29 9.88
N GLY U 123 52.61 34.67 9.59
CA GLY U 123 51.33 35.19 10.02
C GLY U 123 50.69 36.19 9.08
N LYS U 124 51.36 36.56 8.00
CA LYS U 124 50.82 37.54 7.06
C LYS U 124 50.24 36.91 5.81
N GLY U 125 50.54 35.64 5.53
CA GLY U 125 49.91 34.95 4.42
C GLY U 125 50.26 35.49 3.05
N LEU U 126 51.54 35.78 2.82
CA LEU U 126 52.01 36.26 1.52
C LEU U 126 53.16 35.39 1.03
N PHE U 127 53.22 35.19 -0.27
CA PHE U 127 54.25 34.39 -0.91
C PHE U 127 54.88 35.20 -2.04
N ALA U 128 56.20 35.10 -2.17
CA ALA U 128 56.95 35.87 -3.16
C ALA U 128 57.55 34.93 -4.20
N ILE U 129 57.54 35.36 -5.45
CA ILE U 129 58.12 34.62 -6.56
C ILE U 129 59.27 35.45 -7.10
N PHE U 130 60.50 35.04 -6.80
CA PHE U 130 61.68 35.75 -7.23
C PHE U 130 62.05 35.37 -8.66
N ASP U 131 63.14 35.95 -9.16
CA ASP U 131 63.69 35.62 -10.46
C ASP U 131 65.15 35.23 -10.30
N GLY U 132 65.60 34.27 -11.11
CA GLY U 132 66.97 33.82 -11.04
C GLY U 132 67.91 34.78 -11.72
N PRO U 133 69.20 34.42 -11.73
CA PRO U 133 70.19 35.26 -12.40
C PRO U 133 69.91 35.36 -13.89
N THR U 134 70.25 36.52 -14.45
CA THR U 134 70.04 36.74 -15.88
C THR U 134 71.08 36.05 -16.74
N THR U 135 72.18 35.61 -16.16
CA THR U 135 73.25 34.94 -16.89
C THR U 135 73.23 33.44 -16.60
N GLU U 136 74.22 32.74 -17.14
CA GLU U 136 74.34 31.30 -16.92
C GLU U 136 74.74 31.01 -15.48
N LEU U 137 74.24 29.90 -14.95
CA LEU U 137 74.55 29.51 -13.59
C LEU U 137 76.02 29.09 -13.46
N LYS U 138 76.64 29.51 -12.37
CA LYS U 138 78.01 29.09 -12.09
C LYS U 138 78.02 27.62 -11.68
N SER U 139 79.09 26.92 -12.08
CA SER U 139 79.17 25.48 -11.82
C SER U 139 79.34 25.14 -10.35
N ASP U 140 79.85 26.08 -9.54
CA ASP U 140 80.08 25.82 -8.12
C ASP U 140 78.84 26.07 -7.28
N GLY U 141 77.74 26.52 -7.87
CA GLY U 141 76.50 26.70 -7.14
C GLY U 141 76.44 27.92 -6.26
N THR U 142 77.12 29.00 -6.64
CA THR U 142 77.13 30.22 -5.85
C THR U 142 76.23 31.31 -6.43
N SER U 143 75.39 30.97 -7.41
CA SER U 143 74.51 31.96 -8.01
C SER U 143 73.30 32.30 -7.15
N ASN U 144 73.04 31.52 -6.09
CA ASN U 144 71.91 31.76 -5.21
C ASN U 144 72.31 32.45 -3.91
N SER U 145 73.54 32.97 -3.84
CA SER U 145 74.05 33.55 -2.61
C SER U 145 73.50 34.95 -2.33
N ASP U 146 72.82 35.57 -3.29
CA ASP U 146 72.29 36.92 -3.11
C ASP U 146 70.85 36.92 -2.63
N TYR U 147 70.29 35.77 -2.29
CA TYR U 147 68.91 35.65 -1.83
C TYR U 147 68.89 35.37 -0.34
N ASP U 148 68.05 36.09 0.38
CA ASP U 148 67.89 35.84 1.82
C ASP U 148 67.08 34.57 2.02
N PRO U 149 67.51 33.68 2.91
CA PRO U 149 66.72 32.46 3.18
C PRO U 149 65.38 32.80 3.80
N ASN U 150 64.31 32.36 3.14
CA ASN U 150 62.95 32.69 3.55
C ASN U 150 61.99 31.60 3.10
N PRO U 151 61.25 30.99 4.01
CA PRO U 151 60.28 29.95 3.61
C PRO U 151 59.07 30.49 2.85
N PHE U 152 58.92 31.82 2.76
CA PHE U 152 57.80 32.43 2.07
C PHE U 152 58.19 32.96 0.69
N ALA U 153 59.26 32.44 0.09
CA ALA U 153 59.71 32.91 -1.20
C ALA U 153 60.26 31.75 -2.00
N ALA U 154 60.28 31.92 -3.33
CA ALA U 154 60.84 30.92 -4.22
C ALA U 154 61.45 31.64 -5.42
N VAL U 155 62.46 31.00 -6.02
CA VAL U 155 63.22 31.57 -7.13
C VAL U 155 63.11 30.64 -8.31
N TYR U 156 62.96 31.21 -9.51
CA TYR U 156 62.83 30.44 -10.73
C TYR U 156 63.85 30.91 -11.76
N TYR U 157 64.47 29.95 -12.44
CA TYR U 157 65.52 30.18 -13.43
C TYR U 157 65.29 29.25 -14.60
N PRO U 158 65.61 29.68 -15.83
CA PRO U 158 66.10 31.00 -16.27
C PRO U 158 64.98 31.88 -16.78
N TRP U 159 65.33 32.98 -17.45
CA TRP U 159 64.32 33.82 -18.08
C TRP U 159 63.84 33.18 -19.37
N LEU U 160 62.71 33.69 -19.87
CA LEU U 160 62.01 33.05 -20.98
C LEU U 160 62.03 33.93 -22.21
N THR U 161 61.97 33.29 -23.38
CA THR U 161 61.87 33.96 -24.66
C THR U 161 60.64 33.44 -25.39
N ALA U 162 60.19 34.22 -26.38
CA ALA U 162 59.01 33.85 -27.15
C ALA U 162 59.17 34.38 -28.57
N ASP U 163 58.24 33.96 -29.44
CA ASP U 163 58.28 34.41 -30.83
C ASP U 163 58.08 35.92 -30.93
N TRP U 164 57.14 36.47 -30.15
CA TRP U 164 56.88 37.90 -30.21
C TRP U 164 57.95 38.71 -29.49
N THR U 165 58.77 38.09 -28.65
CA THR U 165 59.86 38.81 -28.01
C THR U 165 60.90 39.23 -29.04
N THR U 166 61.41 40.45 -28.89
CA THR U 166 62.33 41.03 -29.86
C THR U 166 63.72 41.25 -29.27
N THR U 167 63.84 42.00 -28.18
CA THR U 167 65.15 42.32 -27.62
C THR U 167 65.26 42.09 -26.12
N ILE U 168 64.17 41.91 -25.39
CA ILE U 168 64.22 41.64 -23.97
C ILE U 168 63.71 40.24 -23.70
N ASP U 169 63.76 39.80 -22.45
CA ASP U 169 63.33 38.45 -22.07
C ASP U 169 62.23 38.55 -21.04
N ILE U 170 61.27 37.65 -21.13
CA ILE U 170 60.17 37.62 -20.15
C ILE U 170 60.70 37.08 -18.83
N PRO U 171 60.53 37.79 -17.72
CA PRO U 171 60.92 37.25 -16.42
C PRO U 171 60.13 36.00 -16.09
N PRO U 172 60.78 34.99 -15.52
CA PRO U 172 60.06 33.72 -15.24
C PRO U 172 58.91 33.87 -14.26
N SER U 173 58.96 34.87 -13.37
CA SER U 173 57.92 35.01 -12.35
C SER U 173 56.55 35.30 -12.96
N ALA U 174 56.51 36.05 -14.06
CA ALA U 174 55.24 36.42 -14.66
C ALA U 174 54.47 35.19 -15.14
N ALA U 175 55.17 34.24 -15.79
CA ALA U 175 54.50 33.02 -16.22
C ALA U 175 54.27 32.08 -15.04
N ILE U 176 55.15 32.11 -14.04
CA ILE U 176 54.99 31.23 -12.89
C ILE U 176 53.75 31.60 -12.08
N ALA U 177 53.40 32.88 -12.02
CA ALA U 177 52.17 33.26 -11.33
C ALA U 177 50.95 32.67 -12.02
N GLY U 178 50.90 32.74 -13.34
CA GLY U 178 49.80 32.12 -14.07
C GLY U 178 49.78 30.62 -13.92
N VAL U 179 50.95 29.99 -13.89
CA VAL U 179 51.02 28.55 -13.65
C VAL U 179 50.47 28.22 -12.27
N TYR U 180 50.81 29.04 -11.26
CA TYR U 180 50.26 28.85 -9.93
C TYR U 180 48.74 28.94 -9.95
N CYS U 181 48.20 29.95 -10.63
CA CYS U 181 46.76 30.10 -10.71
C CYS U 181 46.10 28.89 -11.36
N SER U 182 46.67 28.43 -12.48
CA SER U 182 46.08 27.31 -13.20
C SER U 182 46.13 26.02 -12.36
N VAL U 183 47.28 25.78 -11.71
CA VAL U 183 47.41 24.56 -10.91
C VAL U 183 46.48 24.60 -9.71
N ASP U 184 46.35 25.76 -9.08
CA ASP U 184 45.41 25.87 -7.95
C ASP U 184 43.98 25.65 -8.41
N SER U 185 43.62 26.17 -9.58
CA SER U 185 42.27 25.96 -10.10
C SER U 185 42.01 24.50 -10.41
N THR U 186 43.00 23.81 -10.98
CA THR U 186 42.77 22.45 -11.47
C THR U 186 42.94 21.42 -10.35
N ARG U 187 44.12 21.34 -9.75
CA ARG U 187 44.43 20.29 -8.80
C ARG U 187 44.32 20.73 -7.35
N GLY U 188 44.29 22.03 -7.07
CA GLY U 188 44.23 22.52 -5.71
C GLY U 188 45.58 23.00 -5.21
N VAL U 189 45.54 23.81 -4.15
CA VAL U 189 46.74 24.44 -3.62
C VAL U 189 47.70 23.46 -2.96
N TRP U 190 47.25 22.23 -2.68
CA TRP U 190 48.09 21.22 -2.05
C TRP U 190 48.91 20.42 -3.05
N LYS U 191 48.76 20.67 -4.35
CA LYS U 191 49.48 19.95 -5.39
C LYS U 191 50.69 20.77 -5.84
N ALA U 192 51.80 20.10 -6.08
CA ALA U 192 53.03 20.78 -6.45
C ALA U 192 52.87 21.49 -7.78
N PRO U 193 53.19 22.79 -7.86
CA PRO U 193 53.13 23.52 -9.14
C PRO U 193 54.32 23.25 -10.04
N ALA U 194 54.67 21.97 -10.19
CA ALA U 194 55.76 21.53 -11.04
C ALA U 194 55.25 20.42 -11.93
N ASN U 195 56.11 19.99 -12.87
CA ASN U 195 55.75 18.99 -13.87
C ASN U 195 54.52 19.42 -14.66
N VAL U 196 54.44 20.72 -14.94
CA VAL U 196 53.32 21.29 -15.70
C VAL U 196 53.89 22.10 -16.86
N PRO U 197 53.23 22.14 -18.01
CA PRO U 197 53.77 22.85 -19.16
C PRO U 197 53.63 24.36 -19.02
N ILE U 198 54.47 25.06 -19.79
CA ILE U 198 54.42 26.52 -19.89
C ILE U 198 53.71 26.86 -21.20
N GLN U 199 52.54 27.49 -21.08
CA GLN U 199 51.72 27.78 -22.25
C GLN U 199 52.33 28.92 -23.07
N GLY U 200 51.79 29.11 -24.27
CA GLY U 200 52.21 30.19 -25.13
C GLY U 200 53.50 29.97 -25.88
N GLY U 201 54.07 28.77 -25.82
CA GLY U 201 55.33 28.51 -26.50
C GLY U 201 56.48 29.34 -25.99
N LEU U 202 56.58 29.52 -24.68
CA LEU U 202 57.67 30.27 -24.07
C LEU U 202 58.84 29.33 -23.84
N GLN U 203 60.01 29.68 -24.41
CA GLN U 203 61.16 28.80 -24.37
C GLN U 203 62.19 29.30 -23.37
N PRO U 204 62.81 28.40 -22.60
CA PRO U 204 63.88 28.81 -21.69
C PRO U 204 65.06 29.38 -22.47
N LYS U 205 65.71 30.39 -21.89
CA LYS U 205 66.84 31.01 -22.55
C LYS U 205 68.08 30.12 -22.50
N TYR U 206 68.33 29.48 -21.36
CA TYR U 206 69.50 28.64 -21.19
C TYR U 206 69.09 27.22 -20.83
N PRO U 207 69.71 26.20 -21.44
CA PRO U 207 69.41 24.83 -21.07
C PRO U 207 70.11 24.43 -19.77
N VAL U 208 69.36 23.72 -18.92
CA VAL U 208 69.87 23.29 -17.62
C VAL U 208 69.92 21.77 -17.63
N THR U 209 71.10 21.23 -17.35
CA THR U 209 71.29 19.79 -17.28
C THR U 209 70.98 19.27 -15.88
N ASP U 210 70.95 17.94 -15.76
CA ASP U 210 70.70 17.33 -14.45
C ASP U 210 71.81 17.65 -13.47
N ASP U 211 73.06 17.61 -13.94
CA ASP U 211 74.19 17.92 -13.07
C ASP U 211 74.14 19.37 -12.59
N LEU U 212 73.76 20.29 -13.47
CA LEU U 212 73.62 21.68 -13.07
C LEU U 212 72.52 21.85 -12.03
N GLN U 213 71.38 21.18 -12.24
CA GLN U 213 70.29 21.28 -11.28
C GLN U 213 70.64 20.64 -9.94
N ALA U 214 71.56 19.65 -9.96
CA ALA U 214 71.92 18.96 -8.73
C ALA U 214 72.50 19.91 -7.70
N GLN U 215 73.35 20.84 -8.14
CA GLN U 215 73.98 21.77 -7.21
C GLN U 215 73.02 22.84 -6.69
N TYR U 216 71.88 23.03 -7.35
CA TYR U 216 70.96 24.11 -7.01
C TYR U 216 69.64 23.61 -6.45
N ASN U 217 69.59 22.36 -5.98
CA ASN U 217 68.36 21.79 -5.44
C ASN U 217 68.45 21.57 -3.93
N GLN U 218 69.42 22.18 -3.26
CA GLN U 218 69.57 22.07 -1.82
C GLN U 218 69.86 23.44 -1.24
N GLY U 219 69.55 23.58 0.05
CA GLY U 219 69.71 24.88 0.69
C GLY U 219 68.82 25.90 0.04
N LYS U 220 69.39 27.05 -0.31
CA LYS U 220 68.68 28.07 -1.07
C LYS U 220 68.52 27.55 -2.50
N ALA U 221 67.36 26.98 -2.80
CA ALA U 221 67.15 26.23 -4.03
C ALA U 221 66.52 27.10 -5.11
N LEU U 222 67.02 26.96 -6.33
CA LEU U 222 66.44 27.61 -7.50
C LEU U 222 65.66 26.58 -8.29
N ASN U 223 64.39 26.85 -8.54
CA ASN U 223 63.57 25.98 -9.37
C ASN U 223 63.82 26.27 -10.84
N MET U 224 63.97 25.21 -11.63
CA MET U 224 64.40 25.33 -13.02
C MET U 224 63.26 25.09 -13.98
N ILE U 225 63.22 25.90 -15.04
CA ILE U 225 62.35 25.70 -16.18
C ILE U 225 63.17 24.97 -17.23
N ARG U 226 62.77 23.75 -17.58
CA ARG U 226 63.55 22.89 -18.46
C ARG U 226 62.69 22.41 -19.60
N THR U 227 63.36 22.03 -20.69
CA THR U 227 62.72 21.47 -21.87
C THR U 227 63.05 19.98 -21.98
N PHE U 228 62.03 19.19 -22.31
CA PHE U 228 62.19 17.75 -22.43
C PHE U 228 61.74 17.31 -23.81
N PRO U 229 62.45 16.36 -24.43
CA PRO U 229 62.06 15.93 -25.78
C PRO U 229 60.67 15.34 -25.87
N LYS U 230 60.23 14.62 -24.85
CA LYS U 230 58.93 13.95 -24.88
C LYS U 230 57.80 14.81 -24.32
N SER U 231 58.11 15.91 -23.65
CA SER U 231 57.06 16.72 -23.03
C SER U 231 57.08 18.17 -23.45
N GLY U 232 58.26 18.76 -23.64
CA GLY U 232 58.35 20.17 -23.95
C GLY U 232 58.91 20.98 -22.79
N THR U 233 58.52 22.24 -22.69
CA THR U 233 58.99 23.10 -21.61
C THR U 233 58.15 22.86 -20.36
N LEU U 234 58.82 22.53 -19.25
CA LEU U 234 58.16 22.18 -18.01
C LEU U 234 58.82 22.89 -16.85
N VAL U 235 58.06 23.04 -15.76
CA VAL U 235 58.59 23.48 -14.49
C VAL U 235 59.10 22.26 -13.74
N TRP U 236 60.35 22.31 -13.29
CA TRP U 236 61.02 21.16 -12.68
C TRP U 236 61.56 21.53 -11.31
N GLY U 237 60.72 22.15 -10.49
CA GLY U 237 61.13 22.50 -9.14
C GLY U 237 59.98 23.04 -8.30
N ALA U 238 59.84 22.54 -7.07
CA ALA U 238 58.79 22.98 -6.16
C ALA U 238 59.33 23.15 -4.75
N ARG U 239 60.49 23.79 -4.63
CA ARG U 239 61.15 23.98 -3.34
C ARG U 239 61.21 25.46 -2.99
N THR U 240 61.08 25.77 -1.71
CA THR U 240 61.20 27.13 -1.23
C THR U 240 62.68 27.43 -0.94
N LEU U 241 62.95 28.57 -0.30
CA LEU U 241 64.31 28.98 0.00
C LEU U 241 64.81 28.49 1.35
N GLU U 242 64.00 27.73 2.09
CA GLU U 242 64.40 27.19 3.38
C GLU U 242 64.44 25.67 3.30
N ASP U 243 65.64 25.10 3.38
CA ASP U 243 65.82 23.66 3.35
C ASP U 243 65.64 23.11 4.76
N ASN U 244 64.37 22.91 5.13
CA ASN U 244 64.01 22.46 6.46
C ASN U 244 62.93 21.38 6.32
N ASP U 245 62.84 20.52 7.33
CA ASP U 245 61.83 19.46 7.31
C ASP U 245 60.43 20.03 7.15
N ASN U 246 60.21 21.25 7.63
CA ASN U 246 58.98 21.98 7.39
C ASN U 246 59.24 23.10 6.40
N TRP U 247 58.23 23.41 5.60
CA TRP U 247 58.27 24.50 4.62
C TRP U 247 59.35 24.33 3.57
N ARG U 248 59.83 23.10 3.37
CA ARG U 248 60.77 22.84 2.29
C ARG U 248 60.09 22.99 0.93
N TYR U 249 58.83 22.55 0.83
CA TYR U 249 58.11 22.52 -0.44
C TYR U 249 57.12 23.68 -0.52
N ILE U 250 56.99 24.23 -1.72
CA ILE U 250 56.00 25.29 -1.93
C ILE U 250 54.59 24.84 -1.58
N PRO U 251 54.11 23.64 -1.96
CA PRO U 251 52.71 23.29 -1.66
C PRO U 251 52.37 23.36 -0.18
N VAL U 252 53.27 22.90 0.69
CA VAL U 252 52.96 22.88 2.12
C VAL U 252 52.81 24.30 2.65
N ARG U 253 53.76 25.17 2.31
CA ARG U 253 53.70 26.55 2.79
C ARG U 253 52.46 27.27 2.26
N ARG U 254 52.17 27.11 0.96
CA ARG U 254 51.01 27.79 0.39
C ARG U 254 49.71 27.24 0.97
N LEU U 255 49.62 25.93 1.18
CA LEU U 255 48.43 25.35 1.79
C LEU U 255 48.24 25.86 3.21
N PHE U 256 49.33 25.97 3.97
CA PHE U 256 49.20 26.47 5.34
C PHE U 256 48.79 27.93 5.36
N ASN U 257 49.32 28.74 4.43
CA ASN U 257 48.88 30.13 4.33
C ASN U 257 47.39 30.22 4.02
N SER U 258 46.93 29.41 3.06
CA SER U 258 45.52 29.41 2.70
C SER U 258 44.66 28.96 3.86
N ALA U 259 45.10 27.94 4.59
CA ALA U 259 44.34 27.47 5.75
C ALA U 259 44.27 28.54 6.84
N GLU U 260 45.37 29.23 7.09
CA GLU U 260 45.36 30.31 8.08
C GLU U 260 44.38 31.40 7.68
N ARG U 261 44.42 31.81 6.41
CA ARG U 261 43.52 32.87 5.96
C ARG U 261 42.07 32.44 6.07
N ASP U 262 41.75 31.22 5.63
CA ASP U 262 40.37 30.74 5.67
C ASP U 262 39.88 30.59 7.11
N ILE U 263 40.72 30.08 8.00
CA ILE U 263 40.33 29.93 9.40
C ILE U 263 40.09 31.28 10.03
N LYS U 264 40.95 32.26 9.77
CA LYS U 264 40.75 33.61 10.30
C LYS U 264 39.45 34.21 9.78
N ASN U 265 39.16 34.00 8.49
CA ASN U 265 37.91 34.52 7.93
C ASN U 265 36.70 33.84 8.57
N ALA U 266 36.78 32.54 8.82
CA ALA U 266 35.62 31.79 9.30
C ALA U 266 35.18 32.26 10.68
N MET U 267 36.11 32.52 11.58
CA MET U 267 35.79 32.86 12.96
C MET U 267 35.62 34.35 13.20
N SER U 268 35.64 35.16 12.13
CA SER U 268 35.48 36.60 12.28
C SER U 268 34.08 37.00 12.73
N PHE U 269 33.11 36.08 12.66
CA PHE U 269 31.75 36.36 13.07
C PHE U 269 31.58 36.40 14.58
N ALA U 270 32.58 35.99 15.34
CA ALA U 270 32.47 35.89 16.79
C ALA U 270 32.84 37.19 17.52
N VAL U 271 33.15 38.26 16.79
CA VAL U 271 33.48 39.52 17.44
C VAL U 271 32.23 40.11 18.09
N PHE U 272 32.45 40.82 19.20
CA PHE U 272 31.39 41.48 19.96
C PHE U 272 30.36 40.49 20.49
N GLU U 273 30.73 39.23 20.59
CA GLU U 273 29.95 38.17 21.21
C GLU U 273 30.54 37.84 22.57
N PRO U 274 29.76 37.22 23.47
CA PRO U 274 30.30 36.88 24.79
C PRO U 274 31.54 36.01 24.67
N ASN U 275 32.56 36.35 25.46
CA ASN U 275 33.79 35.55 25.50
C ASN U 275 33.63 34.39 26.49
N SER U 276 32.65 33.55 26.20
CA SER U 276 32.32 32.42 27.05
C SER U 276 32.28 31.12 26.26
N GLN U 277 31.84 30.04 26.91
CA GLN U 277 31.87 28.73 26.28
C GLN U 277 31.04 28.62 25.00
N PRO U 278 29.79 29.12 24.93
CA PRO U 278 29.02 28.92 23.67
C PRO U 278 29.69 29.51 22.44
N THR U 279 30.31 30.68 22.56
CA THR U 279 30.99 31.27 21.42
C THR U 279 32.16 30.40 20.97
N TRP U 280 32.92 29.88 21.94
CA TRP U 280 34.03 28.99 21.61
C TRP U 280 33.52 27.72 20.93
N GLU U 281 32.38 27.20 21.40
CA GLU U 281 31.81 26.02 20.76
C GLU U 281 31.42 26.30 19.32
N ARG U 282 30.79 27.45 19.06
CA ARG U 282 30.42 27.79 17.69
C ARG U 282 31.65 27.96 16.80
N VAL U 283 32.69 28.61 17.32
CA VAL U 283 33.92 28.79 16.55
C VAL U 283 34.57 27.45 16.26
N ARG U 284 34.61 26.57 17.25
CA ARG U 284 35.15 25.23 17.05
C ARG U 284 34.35 24.48 15.99
N SER U 285 33.03 24.60 16.01
CA SER U 285 32.20 23.95 15.01
C SER U 285 32.54 24.44 13.60
N ALA U 286 32.67 25.76 13.44
CA ALA U 286 32.99 26.31 12.12
C ALA U 286 34.37 25.85 11.64
N VAL U 287 35.36 25.89 12.53
CA VAL U 287 36.71 25.50 12.16
C VAL U 287 36.75 24.01 11.81
N ASN U 288 36.05 23.18 12.59
CA ASN U 288 36.01 21.76 12.30
C ASN U 288 35.34 21.49 10.97
N ASN U 289 34.27 22.21 10.65
CA ASN U 289 33.61 22.04 9.36
C ASN U 289 34.56 22.37 8.22
N TYR U 290 35.27 23.50 8.33
CA TYR U 290 36.21 23.86 7.27
C TYR U 290 37.31 22.82 7.11
N LEU U 291 37.86 22.35 8.24
CA LEU U 291 38.95 21.38 8.17
C LEU U 291 38.47 20.05 7.61
N TYR U 292 37.25 19.63 7.96
CA TYR U 292 36.72 18.40 7.40
C TYR U 292 36.51 18.52 5.90
N SER U 293 36.02 19.67 5.44
CA SER U 293 35.88 19.87 3.99
C SER U 293 37.23 19.80 3.31
N LEU U 294 38.25 20.43 3.90
CA LEU U 294 39.58 20.41 3.32
C LEU U 294 40.14 18.99 3.26
N TRP U 295 39.95 18.20 4.33
CA TRP U 295 40.43 16.82 4.33
C TRP U 295 39.69 15.97 3.31
N GLN U 296 38.37 16.15 3.20
CA GLN U 296 37.59 15.38 2.24
C GLN U 296 37.98 15.72 0.81
N GLN U 297 38.36 16.97 0.55
CA GLN U 297 38.85 17.33 -0.78
C GLN U 297 40.15 16.63 -1.14
N GLY U 298 40.84 16.06 -0.15
CA GLY U 298 42.14 15.45 -0.37
C GLY U 298 43.32 16.31 -0.01
N GLY U 299 43.10 17.47 0.61
CA GLY U 299 44.21 18.35 0.95
C GLY U 299 45.12 17.78 2.03
N LEU U 300 44.53 17.17 3.04
CA LEU U 300 45.28 16.64 4.17
C LEU U 300 45.48 15.13 4.04
N ALA U 301 46.35 14.60 4.89
CA ALA U 301 46.68 13.19 4.90
C ALA U 301 45.95 12.47 6.03
N GLY U 302 45.88 11.15 5.91
CA GLY U 302 45.23 10.33 6.92
C GLY U 302 44.04 9.58 6.40
N ASN U 303 43.72 8.43 7.02
CA ASN U 303 42.57 7.64 6.61
C ASN U 303 41.28 8.12 7.25
N LYS U 304 41.35 8.86 8.34
CA LYS U 304 40.19 9.42 9.03
C LYS U 304 40.53 10.83 9.48
N PRO U 305 39.52 11.67 9.69
CA PRO U 305 39.80 13.06 10.08
C PRO U 305 40.58 13.20 11.37
N ASP U 306 40.49 12.23 12.28
CA ASP U 306 41.25 12.31 13.52
C ASP U 306 42.75 12.27 13.27
N ASP U 307 43.18 11.56 12.23
CA ASP U 307 44.59 11.53 11.87
C ASP U 307 45.03 12.74 11.07
N ALA U 308 44.09 13.57 10.61
CA ALA U 308 44.40 14.70 9.74
C ALA U 308 44.56 16.02 10.49
N TYR U 309 43.72 16.29 11.49
CA TYR U 309 43.76 17.59 12.14
C TYR U 309 43.20 17.46 13.55
N PHE U 310 43.50 18.47 14.36
CA PHE U 310 42.90 18.62 15.68
C PHE U 310 42.67 20.11 15.95
N VAL U 311 41.66 20.40 16.78
CA VAL U 311 41.29 21.76 17.12
C VAL U 311 41.15 21.86 18.63
N GLN U 312 41.80 22.85 19.23
CA GLN U 312 41.72 23.10 20.66
C GLN U 312 41.32 24.54 20.91
N ILE U 313 40.33 24.74 21.77
CA ILE U 313 39.91 26.08 22.19
C ILE U 313 39.14 25.98 23.50
N GLY U 314 39.47 26.83 24.44
CA GLY U 314 38.76 26.85 25.72
C GLY U 314 39.67 27.29 26.84
N LYS U 315 39.07 27.48 28.01
CA LYS U 315 39.80 27.88 29.19
C LYS U 315 40.74 26.77 29.65
N ASP U 316 41.92 27.15 30.13
CA ASP U 316 42.98 26.28 30.61
C ASP U 316 43.61 25.44 29.51
N ILE U 317 43.15 25.56 28.26
CA ILE U 317 43.75 24.88 27.13
C ILE U 317 44.47 25.86 26.22
N THR U 318 43.77 26.92 25.78
CA THR U 318 44.37 27.96 24.96
C THR U 318 44.21 29.35 25.53
N MET U 319 43.32 29.57 26.48
CA MET U 319 43.09 30.89 27.07
C MET U 319 43.08 30.79 28.58
N THR U 320 43.60 31.82 29.22
CA THR U 320 43.59 31.95 30.67
C THR U 320 42.58 33.01 31.10
N ASP U 321 42.47 33.20 32.41
CA ASP U 321 41.54 34.19 32.93
C ASP U 321 41.93 35.60 32.48
N ASP U 322 43.22 35.91 32.51
CA ASP U 322 43.68 37.23 32.09
C ASP U 322 43.41 37.46 30.61
N ASP U 323 43.60 36.43 29.78
CA ASP U 323 43.29 36.55 28.36
C ASP U 323 41.81 36.81 28.14
N ILE U 324 40.95 36.12 28.89
CA ILE U 324 39.51 36.31 28.75
C ILE U 324 39.12 37.72 29.18
N LYS U 325 39.73 38.21 30.26
CA LYS U 325 39.40 39.55 30.74
C LYS U 325 39.75 40.62 29.72
N GLN U 326 40.71 40.35 28.84
CA GLN U 326 41.09 41.28 27.79
C GLN U 326 40.31 41.06 26.49
N GLY U 327 39.37 40.12 26.49
CA GLY U 327 38.61 39.82 25.28
C GLY U 327 39.42 39.21 24.16
N LYS U 328 40.38 38.34 24.50
CA LYS U 328 41.21 37.66 23.51
C LYS U 328 40.76 36.21 23.39
N MET U 329 40.56 35.76 22.16
CA MET U 329 40.14 34.40 21.86
C MET U 329 41.26 33.72 21.09
N ILE U 330 41.76 32.61 21.63
CA ILE U 330 42.92 31.92 21.08
C ILE U 330 42.51 30.49 20.73
N ILE U 331 42.85 30.06 19.52
CA ILE U 331 42.58 28.71 19.04
C ILE U 331 43.85 28.14 18.46
N LYS U 332 44.05 26.83 18.63
CA LYS U 332 45.22 26.12 18.12
C LYS U 332 44.77 25.02 17.18
N ILE U 333 45.39 24.94 16.02
CA ILE U 333 45.02 23.98 14.98
C ILE U 333 46.28 23.29 14.49
N GLY U 334 46.23 21.97 14.39
CA GLY U 334 47.30 21.20 13.78
C GLY U 334 46.79 20.49 12.54
N MET U 335 47.66 20.37 11.54
CA MET U 335 47.30 19.77 10.27
C MET U 335 48.40 18.84 9.80
N ALA U 336 48.03 17.88 8.96
CA ALA U 336 48.97 16.96 8.33
C ALA U 336 48.90 17.13 6.82
N ALA U 337 50.04 17.36 6.19
CA ALA U 337 50.11 17.61 4.76
C ALA U 337 50.83 16.47 4.05
N VAL U 338 50.48 16.27 2.79
CA VAL U 338 51.09 15.23 1.97
C VAL U 338 52.27 15.83 1.20
N ARG U 339 53.41 15.16 1.27
CA ARG U 339 54.58 15.69 0.59
C ARG U 339 54.79 14.98 -0.74
N PRO U 340 55.30 15.68 -1.75
CA PRO U 340 55.43 15.08 -3.08
C PRO U 340 56.63 14.14 -3.17
N ALA U 341 56.59 13.32 -4.21
CA ALA U 341 57.70 12.42 -4.52
C ALA U 341 58.63 13.14 -5.50
N GLU U 342 59.89 13.31 -5.08
CA GLU U 342 60.85 14.08 -5.87
C GLU U 342 61.82 13.23 -6.65
N PHE U 343 62.21 12.07 -6.13
CA PHE U 343 63.21 11.22 -6.76
C PHE U 343 62.63 9.83 -7.00
N ILE U 344 62.79 9.33 -8.22
CA ILE U 344 62.34 8.00 -8.60
C ILE U 344 63.56 7.21 -9.05
N ILE U 345 63.80 6.07 -8.41
CA ILE U 345 64.98 5.26 -8.66
C ILE U 345 64.54 3.97 -9.34
N LEU U 346 65.08 3.72 -10.53
CA LEU U 346 64.82 2.51 -11.28
C LEU U 346 66.05 1.61 -11.20
N GLN U 347 65.86 0.39 -10.71
CA GLN U 347 66.94 -0.58 -10.59
C GLN U 347 66.69 -1.72 -11.56
N PHE U 348 67.60 -1.87 -12.52
CA PHE U 348 67.45 -2.85 -13.60
C PHE U 348 68.34 -4.06 -13.34
N THR U 349 67.77 -5.24 -13.54
CA THR U 349 68.49 -6.50 -13.39
C THR U 349 68.29 -7.35 -14.64
N GLN U 350 69.08 -8.41 -14.74
CA GLN U 350 69.05 -9.30 -15.89
C GLN U 350 68.67 -10.73 -15.55
N ASN U 351 68.67 -11.10 -14.27
CA ASN U 351 68.46 -12.50 -13.91
C ASN U 351 67.02 -12.95 -14.15
N THR U 352 66.06 -12.03 -14.07
CA THR U 352 64.61 -12.29 -14.15
C THR U 352 64.19 -13.66 -13.63
N THR V 2 73.49 8.01 -7.59
CA THR V 2 72.33 7.14 -7.73
C THR V 2 71.63 6.96 -6.38
N THR V 3 72.33 6.35 -5.43
CA THR V 3 71.79 6.25 -4.07
C THR V 3 71.64 7.63 -3.45
N ILE V 4 72.59 8.53 -3.70
CA ILE V 4 72.51 9.90 -3.24
C ILE V 4 71.66 10.69 -4.23
N THR V 5 70.55 11.25 -3.75
CA THR V 5 69.61 11.96 -4.60
C THR V 5 69.83 13.46 -4.46
N THR V 6 70.13 14.12 -5.57
CA THR V 6 70.38 15.57 -5.57
C THR V 6 69.33 16.31 -6.39
N TYR V 7 69.14 15.97 -7.66
CA TYR V 7 68.19 16.65 -8.51
C TYR V 7 66.90 15.85 -8.62
N PRO V 8 65.76 16.52 -8.79
CA PRO V 8 64.52 15.79 -9.02
C PRO V 8 64.52 15.12 -10.38
N GLY V 9 63.84 13.97 -10.45
CA GLY V 9 63.78 13.24 -11.70
C GLY V 9 63.84 11.74 -11.52
N VAL V 10 64.34 11.05 -12.54
CA VAL V 10 64.40 9.59 -12.56
C VAL V 10 65.85 9.15 -12.57
N TYR V 11 66.21 8.28 -11.63
CA TYR V 11 67.56 7.74 -11.53
C TYR V 11 67.55 6.30 -12.04
N ILE V 12 68.64 5.90 -12.69
CA ILE V 12 68.76 4.57 -13.29
C ILE V 12 69.96 3.87 -12.66
N GLU V 13 69.74 2.65 -12.17
CA GLU V 13 70.80 1.82 -11.61
C GLU V 13 70.78 0.45 -12.29
N GLU V 14 71.95 -0.10 -12.54
CA GLU V 14 72.09 -1.37 -13.22
C GLU V 14 72.30 -2.54 -12.28
N ASP V 15 72.31 -2.31 -10.97
CA ASP V 15 72.42 -3.37 -9.98
C ASP V 15 71.17 -3.38 -9.11
N ALA V 16 70.72 -4.57 -8.73
CA ALA V 16 69.49 -4.71 -7.96
C ALA V 16 69.62 -5.92 -7.04
N SER V 17 69.53 -5.68 -5.74
CA SER V 17 69.49 -6.76 -4.78
C SER V 17 68.12 -7.44 -4.82
N LEU V 18 68.09 -8.69 -4.34
CA LEU V 18 66.85 -9.47 -4.37
C LEU V 18 65.82 -8.88 -3.42
N SER V 19 64.57 -8.89 -3.86
CA SER V 19 63.45 -8.43 -3.06
C SER V 19 62.43 -9.56 -2.91
N LEU V 20 61.71 -9.56 -1.79
CA LEU V 20 60.72 -10.59 -1.50
C LEU V 20 59.42 -9.92 -1.05
N SER V 21 58.31 -10.61 -1.32
CA SER V 21 57.01 -10.10 -0.94
C SER V 21 56.81 -10.23 0.57
N VAL V 22 55.79 -9.52 1.07
CA VAL V 22 55.50 -9.45 2.50
C VAL V 22 54.22 -10.23 2.78
N SER V 23 54.28 -11.15 3.73
CA SER V 23 53.13 -11.92 4.17
C SER V 23 52.87 -11.65 5.64
N SER V 24 51.60 -11.64 6.02
CA SER V 24 51.18 -11.32 7.37
C SER V 24 50.45 -12.51 7.98
N SER V 25 50.77 -12.81 9.24
CA SER V 25 50.12 -13.89 9.98
C SER V 25 50.08 -13.51 11.45
N ALA V 26 49.17 -14.16 12.18
CA ALA V 26 48.97 -13.86 13.59
C ALA V 26 49.00 -15.08 14.50
N THR V 27 48.74 -16.28 13.99
CA THR V 27 48.74 -17.49 14.80
C THR V 27 50.04 -18.25 14.74
N ALA V 28 51.06 -17.72 14.07
CA ALA V 28 52.36 -18.38 13.99
C ALA V 28 53.44 -17.31 13.95
N VAL V 29 54.01 -17.01 15.12
CA VAL V 29 55.09 -16.06 15.26
C VAL V 29 56.30 -16.79 15.82
N PRO V 30 57.27 -17.12 14.99
CA PRO V 30 58.40 -17.94 15.44
C PRO V 30 59.55 -17.12 16.02
N VAL V 31 60.39 -17.81 16.78
CA VAL V 31 61.63 -17.26 17.31
C VAL V 31 62.78 -18.06 16.74
N PHE V 32 63.74 -17.37 16.15
CA PHE V 32 64.89 -18.00 15.52
C PHE V 32 66.08 -17.94 16.46
N ALA V 33 66.65 -19.10 16.78
CA ALA V 33 67.84 -19.16 17.60
C ALA V 33 69.07 -18.89 16.75
N VAL V 34 69.91 -17.97 17.22
CA VAL V 34 71.06 -17.52 16.45
C VAL V 34 72.34 -17.89 17.20
N ALA V 35 73.42 -18.05 16.45
CA ALA V 35 74.71 -18.39 17.05
C ALA V 35 75.22 -17.22 17.89
N GLY V 36 76.14 -17.55 18.80
CA GLY V 36 76.68 -16.56 19.72
C GLY V 36 77.61 -15.54 19.08
N ASP V 37 78.15 -15.85 17.90
CA ASP V 37 79.11 -14.96 17.26
C ASP V 37 78.47 -14.03 16.24
N ASN V 38 77.15 -14.02 16.13
CA ASN V 38 76.48 -13.15 15.17
C ASN V 38 76.54 -11.70 15.65
N PRO V 39 77.10 -10.77 14.85
CA PRO V 39 77.19 -9.39 15.31
C PRO V 39 75.84 -8.67 15.35
N LEU V 40 74.89 -9.07 14.51
CA LEU V 40 73.60 -8.39 14.48
C LEU V 40 72.84 -8.57 15.79
N ILE V 41 72.88 -9.77 16.36
CA ILE V 41 72.13 -10.06 17.58
C ILE V 41 72.90 -9.67 18.84
N SER V 42 74.23 -9.65 18.77
CA SER V 42 75.04 -9.40 19.96
C SER V 42 74.80 -7.98 20.49
N GLY V 43 74.71 -7.86 21.81
CA GLY V 43 74.49 -6.59 22.46
C GLY V 43 73.04 -6.28 22.78
N LYS V 44 72.10 -7.05 22.24
CA LYS V 44 70.67 -6.81 22.47
C LYS V 44 69.99 -8.11 22.89
N PRO V 45 68.94 -8.01 23.69
CA PRO V 45 68.23 -9.23 24.12
C PRO V 45 67.51 -9.91 22.97
N TYR V 46 66.79 -9.14 22.15
CA TYR V 46 66.05 -9.67 21.03
C TYR V 46 65.84 -8.57 20.00
N ILE V 47 65.63 -8.97 18.75
CA ILE V 47 65.33 -8.05 17.66
C ILE V 47 64.12 -8.57 16.92
N ARG V 48 63.21 -7.68 16.58
CA ARG V 48 62.03 -8.02 15.79
C ARG V 48 62.28 -7.73 14.32
N ILE V 49 62.03 -8.72 13.47
CA ILE V 49 62.17 -8.60 12.03
C ILE V 49 60.80 -8.76 11.41
N SER V 50 60.38 -7.77 10.61
CA SER V 50 59.04 -7.80 10.03
C SER V 50 59.02 -8.29 8.59
N ASN V 51 60.12 -8.18 7.86
CA ASN V 51 60.17 -8.61 6.46
C ASN V 51 61.62 -8.82 6.06
N TRP V 52 61.81 -9.27 4.83
CA TRP V 52 63.17 -9.51 4.33
C TRP V 52 63.93 -8.20 4.15
N LEU V 53 63.24 -7.13 3.74
CA LEU V 53 63.90 -5.85 3.53
C LEU V 53 64.44 -5.29 4.85
N GLU V 54 63.67 -5.42 5.93
CA GLU V 54 64.12 -4.90 7.22
C GLU V 54 65.36 -5.65 7.71
N TYR V 55 65.40 -6.97 7.51
CA TYR V 55 66.58 -7.75 7.91
C TYR V 55 67.81 -7.31 7.13
N LEU V 56 67.65 -7.08 5.82
CA LEU V 56 68.79 -6.62 5.02
C LEU V 56 69.24 -5.23 5.45
N THR V 57 68.29 -4.36 5.79
CA THR V 57 68.65 -3.02 6.25
C THR V 57 69.41 -3.08 7.58
N LEU V 58 68.95 -3.92 8.50
CA LEU V 58 69.63 -4.05 9.78
C LEU V 58 71.01 -4.67 9.64
N LYS V 59 71.14 -5.67 8.77
CA LYS V 59 72.43 -6.33 8.57
C LYS V 59 73.46 -5.36 7.99
N ASN V 60 73.03 -4.51 7.05
CA ASN V 60 73.90 -3.53 6.39
C ASN V 60 75.05 -4.25 5.70
N GLU V 61 74.68 -5.14 4.79
CA GLU V 61 75.62 -5.92 3.98
C GLU V 61 74.82 -6.61 2.88
N GLN V 62 75.54 -7.21 1.93
CA GLN V 62 74.91 -7.96 0.88
C GLN V 62 74.54 -9.36 1.37
N PHE V 63 73.69 -10.04 0.61
CA PHE V 63 73.30 -11.40 0.97
C PHE V 63 74.49 -12.34 0.87
N ASP V 64 74.63 -13.20 1.86
CA ASP V 64 75.76 -14.14 1.93
C ASP V 64 75.24 -15.57 2.01
N PRO V 65 75.42 -16.38 0.97
CA PRO V 65 75.03 -17.80 1.06
C PRO V 65 75.91 -18.62 1.98
N ALA V 66 77.00 -18.05 2.50
CA ALA V 66 77.90 -18.76 3.41
C ALA V 66 77.52 -18.59 4.87
N ASN V 67 76.42 -17.89 5.16
CA ASN V 67 75.94 -17.70 6.52
C ASN V 67 74.62 -18.45 6.69
N THR V 68 74.44 -19.06 7.86
CA THR V 68 73.25 -19.87 8.08
C THR V 68 72.01 -19.02 8.37
N LEU V 69 72.18 -17.91 9.11
CA LEU V 69 71.04 -17.14 9.54
C LEU V 69 70.30 -16.50 8.36
N ASP V 70 71.04 -15.90 7.43
CA ASP V 70 70.39 -15.19 6.34
C ASP V 70 69.75 -16.15 5.34
N ILE V 71 70.38 -17.30 5.09
CA ILE V 71 69.76 -18.28 4.21
C ILE V 71 68.52 -18.88 4.86
N SER V 72 68.57 -19.10 6.19
CA SER V 72 67.39 -19.57 6.90
C SER V 72 66.25 -18.55 6.81
N LEU V 73 66.57 -17.27 6.98
CA LEU V 73 65.54 -16.25 6.90
C LEU V 73 65.00 -16.11 5.49
N ARG V 74 65.85 -16.26 4.48
CA ARG V 74 65.39 -16.23 3.10
C ARG V 74 64.43 -17.39 2.82
N ALA V 75 64.77 -18.59 3.29
CA ALA V 75 63.88 -19.72 3.12
C ALA V 75 62.56 -19.50 3.86
N TYR V 76 62.62 -18.94 5.06
CA TYR V 76 61.41 -18.69 5.84
C TYR V 76 60.51 -17.67 5.16
N PHE V 77 61.08 -16.59 4.63
CA PHE V 77 60.28 -15.55 3.99
C PHE V 77 59.79 -15.95 2.62
N ILE V 78 60.54 -16.80 1.91
CA ILE V 78 60.10 -17.27 0.59
C ILE V 78 58.84 -18.12 0.74
N ASN V 79 58.80 -18.98 1.75
CA ASN V 79 57.68 -19.90 1.92
C ASN V 79 56.44 -19.20 2.46
N GLY V 80 56.52 -17.94 2.84
CA GLY V 80 55.33 -17.20 3.23
C GLY V 80 55.23 -16.91 4.71
N GLY V 81 56.37 -16.62 5.35
CA GLY V 81 56.37 -16.31 6.76
C GLY V 81 56.08 -14.85 7.05
N GLY V 82 55.65 -14.60 8.27
CA GLY V 82 55.38 -13.26 8.77
C GLY V 82 56.56 -12.70 9.55
N TYR V 83 56.26 -11.79 10.47
CA TYR V 83 57.30 -11.22 11.30
C TYR V 83 57.75 -12.23 12.36
N CYS V 84 59.03 -12.14 12.72
CA CYS V 84 59.63 -13.10 13.66
C CYS V 84 60.54 -12.36 14.62
N TYR V 85 61.14 -13.12 15.54
CA TYR V 85 62.07 -12.59 16.52
C TYR V 85 63.38 -13.36 16.44
N LEU V 86 64.49 -12.64 16.66
CA LEU V 86 65.82 -13.25 16.69
C LEU V 86 66.34 -13.18 18.12
N VAL V 87 66.71 -14.33 18.67
CA VAL V 87 67.14 -14.44 20.06
C VAL V 87 68.37 -15.32 20.11
N GLN V 88 69.33 -14.98 20.96
CA GLN V 88 70.52 -15.81 21.10
C GLN V 88 70.15 -17.13 21.76
N THR V 89 70.87 -18.21 21.40
CA THR V 89 70.51 -19.52 21.92
C THR V 89 70.65 -19.58 23.44
N THR V 90 71.74 -19.03 23.98
CA THR V 90 71.98 -19.10 25.42
C THR V 90 70.95 -18.30 26.23
N ASP V 91 70.26 -17.35 25.62
CA ASP V 91 69.27 -16.53 26.31
C ASP V 91 67.84 -16.94 26.02
N LEU V 92 67.63 -18.11 25.41
CA LEU V 92 66.28 -18.52 25.02
C LEU V 92 65.38 -18.68 26.24
N GLU V 93 65.85 -19.41 27.25
CA GLU V 93 65.02 -19.71 28.40
C GLU V 93 64.62 -18.46 29.16
N LYS V 94 65.47 -17.44 29.17
CA LYS V 94 65.19 -16.21 29.91
C LYS V 94 64.39 -15.21 29.09
N GLN V 95 64.50 -15.24 27.77
CA GLN V 95 63.89 -14.21 26.93
C GLN V 95 62.59 -14.63 26.27
N VAL V 96 62.44 -15.92 25.93
CA VAL V 96 61.22 -16.37 25.24
C VAL V 96 59.96 -16.14 26.07
N PRO V 97 59.91 -16.49 27.36
CA PRO V 97 58.68 -16.21 28.12
C PRO V 97 58.34 -14.74 28.24
N LYS V 98 59.32 -13.85 28.03
CA LYS V 98 59.05 -12.41 28.09
C LYS V 98 58.27 -11.90 26.90
N LEU V 99 58.07 -12.71 25.87
CA LEU V 99 57.35 -12.31 24.67
C LEU V 99 55.99 -12.99 24.64
N ASP V 100 54.95 -12.21 24.38
CA ASP V 100 53.57 -12.71 24.45
C ASP V 100 53.11 -13.32 23.14
N ASP V 101 53.41 -12.69 22.01
CA ASP V 101 52.88 -13.14 20.73
C ASP V 101 53.63 -14.33 20.15
N VAL V 102 54.71 -14.77 20.80
CA VAL V 102 55.51 -15.87 20.25
C VAL V 102 54.76 -17.18 20.45
N THR V 103 54.63 -17.95 19.36
CA THR V 103 53.95 -19.24 19.39
C THR V 103 54.81 -20.40 18.92
N LEU V 104 55.94 -20.14 18.26
CA LEU V 104 56.77 -21.20 17.71
C LEU V 104 58.23 -20.96 18.07
N LEU V 105 58.96 -22.05 18.29
CA LEU V 105 60.41 -22.01 18.47
C LEU V 105 61.05 -22.73 17.31
N VAL V 106 61.99 -22.07 16.64
CA VAL V 106 62.65 -22.58 15.45
C VAL V 106 64.14 -22.66 15.71
N ALA V 107 64.72 -23.84 15.49
CA ALA V 107 66.16 -24.04 15.61
C ALA V 107 66.78 -23.83 14.24
N ALA V 108 67.25 -22.61 13.99
CA ALA V 108 67.85 -22.26 12.71
C ALA V 108 69.28 -22.79 12.62
N GLY V 109 69.39 -24.12 12.69
CA GLY V 109 70.69 -24.76 12.66
C GLY V 109 71.43 -24.80 13.97
N GLU V 110 70.72 -24.71 15.09
CA GLU V 110 71.33 -24.70 16.42
C GLU V 110 70.79 -25.85 17.26
N ASN V 111 71.32 -25.98 18.46
CA ASN V 111 70.90 -27.00 19.42
C ASN V 111 70.09 -26.33 20.51
N ILE V 112 68.81 -26.68 20.59
CA ILE V 112 67.89 -26.03 21.53
C ILE V 112 67.18 -27.07 22.38
N THR V 113 67.84 -28.21 22.62
CA THR V 113 67.20 -29.29 23.36
C THR V 113 66.83 -28.85 24.77
N THR V 114 67.76 -28.21 25.47
CA THR V 114 67.50 -27.78 26.84
C THR V 114 66.42 -26.70 26.89
N ALA V 115 66.48 -25.74 25.96
CA ALA V 115 65.47 -24.70 25.92
C ALA V 115 64.08 -25.27 25.64
N VAL V 116 64.00 -26.23 24.72
CA VAL V 116 62.72 -26.87 24.42
C VAL V 116 62.21 -27.63 25.64
N SER V 117 63.10 -28.35 26.31
CA SER V 117 62.69 -29.11 27.49
C SER V 117 62.18 -28.20 28.59
N THR V 118 62.81 -27.04 28.76
CA THR V 118 62.39 -26.12 29.82
C THR V 118 61.11 -25.37 29.44
N LEU V 119 60.96 -24.99 28.18
CA LEU V 119 59.89 -24.09 27.75
C LEU V 119 58.66 -24.82 27.23
N CYS V 120 58.84 -25.81 26.36
CA CYS V 120 57.71 -26.52 25.74
C CYS V 120 57.09 -27.44 26.78
N LYS V 121 56.21 -26.87 27.60
CA LYS V 121 55.53 -27.55 28.69
C LYS V 121 54.05 -27.28 28.59
N PRO V 122 53.21 -28.15 29.16
CA PRO V 122 51.76 -27.93 29.07
C PRO V 122 51.34 -26.60 29.67
N GLY V 123 50.39 -25.95 29.01
CA GLY V 123 49.84 -24.70 29.46
C GLY V 123 50.58 -23.46 29.01
N LYS V 124 51.80 -23.60 28.48
CA LYS V 124 52.57 -22.44 28.05
C LYS V 124 52.33 -22.06 26.60
N GLY V 125 51.67 -22.92 25.82
CA GLY V 125 51.29 -22.58 24.46
C GLY V 125 52.42 -22.33 23.51
N LEU V 126 53.44 -23.19 23.53
CA LEU V 126 54.58 -23.07 22.61
C LEU V 126 54.80 -24.38 21.89
N PHE V 127 55.24 -24.29 20.64
CA PHE V 127 55.56 -25.44 19.82
C PHE V 127 56.95 -25.28 19.23
N ALA V 128 57.71 -26.37 19.20
CA ALA V 128 59.08 -26.35 18.72
C ALA V 128 59.22 -27.16 17.45
N ILE V 129 60.10 -26.71 16.57
CA ILE V 129 60.39 -27.39 15.30
C ILE V 129 61.86 -27.75 15.30
N PHE V 130 62.15 -29.04 15.46
CA PHE V 130 63.52 -29.52 15.51
C PHE V 130 64.04 -29.78 14.09
N ASP V 131 65.30 -30.20 14.01
CA ASP V 131 65.92 -30.61 12.76
C ASP V 131 66.43 -32.03 12.89
N GLY V 132 66.32 -32.80 11.81
CA GLY V 132 66.76 -34.16 11.82
C GLY V 132 68.26 -34.29 11.71
N PRO V 133 68.74 -35.53 11.65
CA PRO V 133 70.19 -35.76 11.52
C PRO V 133 70.71 -35.17 10.22
N THR V 134 71.97 -34.70 10.28
CA THR V 134 72.60 -34.11 9.10
C THR V 134 73.05 -35.17 8.10
N THR V 135 73.07 -36.44 8.49
CA THR V 135 73.49 -37.54 7.64
C THR V 135 72.29 -38.39 7.24
N GLU V 136 72.57 -39.46 6.52
CA GLU V 136 71.52 -40.38 6.11
C GLU V 136 70.98 -41.16 7.30
N LEU V 137 69.67 -41.43 7.27
CA LEU V 137 69.05 -42.17 8.34
C LEU V 137 69.51 -43.63 8.35
N LYS V 138 69.78 -44.14 9.54
CA LYS V 138 70.13 -45.55 9.67
C LYS V 138 68.91 -46.43 9.39
N SER V 139 69.15 -47.58 8.76
CA SER V 139 68.05 -48.43 8.33
C SER V 139 67.32 -49.08 9.50
N ASP V 140 67.93 -49.15 10.68
CA ASP V 140 67.29 -49.76 11.84
C ASP V 140 66.39 -48.80 12.60
N GLY V 141 66.30 -47.54 12.17
CA GLY V 141 65.40 -46.60 12.80
C GLY V 141 65.87 -46.04 14.13
N THR V 142 67.17 -45.91 14.34
CA THR V 142 67.72 -45.40 15.58
C THR V 142 68.25 -43.97 15.45
N SER V 143 67.87 -43.26 14.39
CA SER V 143 68.33 -41.89 14.19
C SER V 143 67.57 -40.88 15.04
N ASN V 144 66.46 -41.28 15.66
CA ASN V 144 65.65 -40.39 16.48
C ASN V 144 65.87 -40.62 17.97
N SER V 145 66.91 -41.37 18.35
CA SER V 145 67.12 -41.72 19.75
C SER V 145 67.67 -40.55 20.57
N ASP V 146 68.09 -39.47 19.94
CA ASP V 146 68.64 -38.32 20.65
C ASP V 146 67.59 -37.26 20.97
N TYR V 147 66.32 -37.52 20.66
CA TYR V 147 65.25 -36.56 20.89
C TYR V 147 64.45 -36.96 22.12
N ASP V 148 64.19 -36.00 23.00
CA ASP V 148 63.33 -36.25 24.15
C ASP V 148 61.88 -36.31 23.70
N PRO V 149 61.12 -37.32 24.10
CA PRO V 149 59.70 -37.38 23.72
C PRO V 149 58.93 -36.22 24.30
N ASN V 150 58.19 -35.52 23.43
CA ASN V 150 57.46 -34.32 23.82
C ASN V 150 56.33 -34.07 22.84
N PRO V 151 55.08 -33.97 23.31
CA PRO V 151 53.97 -33.68 22.39
C PRO V 151 53.98 -32.27 21.84
N PHE V 152 54.86 -31.39 22.31
CA PHE V 152 54.93 -30.02 21.86
C PHE V 152 56.07 -29.76 20.89
N ALA V 153 56.67 -30.81 20.33
CA ALA V 153 57.79 -30.67 19.42
C ALA V 153 57.61 -31.60 18.24
N ALA V 154 58.23 -31.22 17.12
CA ALA V 154 58.22 -32.02 15.91
C ALA V 154 59.59 -31.92 15.24
N VAL V 155 59.96 -32.98 14.51
CA VAL V 155 61.26 -33.08 13.86
C VAL V 155 61.04 -33.26 12.37
N TYR V 156 61.87 -32.61 11.56
CA TYR V 156 61.76 -32.67 10.11
C TYR V 156 63.11 -33.04 9.50
N TYR V 157 63.08 -33.90 8.50
CA TYR V 157 64.25 -34.43 7.83
C TYR V 157 63.97 -34.51 6.34
N PRO V 158 64.98 -34.31 5.48
CA PRO V 158 66.36 -33.89 5.75
C PRO V 158 66.57 -32.40 5.58
N TRP V 159 67.82 -31.96 5.53
CA TRP V 159 68.13 -30.57 5.26
C TRP V 159 67.91 -30.26 3.77
N LEU V 160 67.87 -28.98 3.44
CA LEU V 160 67.50 -28.53 2.12
C LEU V 160 68.66 -27.79 1.44
N THR V 161 68.71 -27.91 0.12
CA THR V 161 69.66 -27.18 -0.71
C THR V 161 68.90 -26.36 -1.74
N ALA V 162 69.57 -25.36 -2.29
CA ALA V 162 68.95 -24.49 -3.28
C ALA V 162 70.01 -24.04 -4.29
N ASP V 163 69.54 -23.34 -5.32
CA ASP V 163 70.45 -22.84 -6.34
C ASP V 163 71.45 -21.85 -5.76
N TRP V 164 70.99 -20.95 -4.89
CA TRP V 164 71.87 -19.96 -4.29
C TRP V 164 72.74 -20.54 -3.19
N THR V 165 72.38 -21.71 -2.65
CA THR V 165 73.23 -22.35 -1.65
C THR V 165 74.54 -22.81 -2.28
N THR V 166 75.65 -22.55 -1.58
CA THR V 166 76.97 -22.82 -2.11
C THR V 166 77.70 -23.92 -1.35
N THR V 167 77.87 -23.78 -0.04
CA THR V 167 78.62 -24.75 0.75
C THR V 167 77.91 -25.27 1.99
N ILE V 168 76.84 -24.62 2.44
CA ILE V 168 76.09 -25.10 3.60
C ILE V 168 74.69 -25.50 3.15
N ASP V 169 73.90 -26.03 4.08
CA ASP V 169 72.54 -26.48 3.79
C ASP V 169 71.55 -25.71 4.65
N ILE V 170 70.38 -25.44 4.08
CA ILE V 170 69.32 -24.76 4.81
C ILE V 170 68.70 -25.72 5.80
N PRO V 171 68.64 -25.39 7.08
CA PRO V 171 67.92 -26.24 8.04
C PRO V 171 66.45 -26.34 7.68
N PRO V 172 65.87 -27.53 7.78
CA PRO V 172 64.46 -27.69 7.38
C PRO V 172 63.48 -26.89 8.22
N SER V 173 63.85 -26.52 9.45
CA SER V 173 62.92 -25.80 10.31
C SER V 173 62.58 -24.43 9.77
N ALA V 174 63.55 -23.76 9.11
CA ALA V 174 63.31 -22.42 8.61
C ALA V 174 62.20 -22.40 7.56
N ALA V 175 62.22 -23.36 6.64
CA ALA V 175 61.16 -23.45 5.64
C ALA V 175 59.87 -23.98 6.24
N ILE V 176 59.98 -24.85 7.25
CA ILE V 176 58.79 -25.42 7.87
C ILE V 176 58.00 -24.35 8.62
N ALA V 177 58.69 -23.37 9.21
CA ALA V 177 57.97 -22.28 9.86
C ALA V 177 57.15 -21.48 8.85
N GLY V 178 57.72 -21.18 7.69
CA GLY V 178 56.96 -20.49 6.65
C GLY V 178 55.81 -21.33 6.13
N VAL V 179 56.02 -22.63 6.01
CA VAL V 179 54.94 -23.52 5.59
C VAL V 179 53.81 -23.49 6.61
N TYR V 180 54.16 -23.51 7.90
CA TYR V 180 53.15 -23.41 8.96
C TYR V 180 52.36 -22.12 8.83
N CYS V 181 53.07 -21.00 8.63
CA CYS V 181 52.40 -19.71 8.50
C CYS V 181 51.44 -19.71 7.31
N SER V 182 51.90 -20.20 6.16
CA SER V 182 51.06 -20.19 4.96
C SER V 182 49.84 -21.10 5.13
N VAL V 183 50.03 -22.28 5.69
CA VAL V 183 48.92 -23.21 5.86
C VAL V 183 47.91 -22.66 6.86
N ASP V 184 48.39 -22.03 7.94
CA ASP V 184 47.47 -21.43 8.90
C ASP V 184 46.71 -20.27 8.27
N SER V 185 47.37 -19.48 7.43
CA SER V 185 46.68 -18.38 6.78
C SER V 185 45.63 -18.87 5.80
N THR V 186 45.92 -19.95 5.07
CA THR V 186 45.02 -20.41 4.01
C THR V 186 43.90 -21.31 4.55
N ARG V 187 44.26 -22.43 5.16
CA ARG V 187 43.29 -23.44 5.55
C ARG V 187 42.95 -23.43 7.03
N GLY V 188 43.74 -22.79 7.87
CA GLY V 188 43.48 -22.76 9.28
C GLY V 188 44.42 -23.67 10.06
N VAL V 189 44.52 -23.40 11.36
CA VAL V 189 45.45 -24.13 12.22
C VAL V 189 45.03 -25.57 12.43
N TRP V 190 43.79 -25.92 12.11
CA TRP V 190 43.30 -27.29 12.26
C TRP V 190 43.62 -28.17 11.06
N LYS V 191 44.27 -27.63 10.03
CA LYS V 191 44.62 -28.37 8.84
C LYS V 191 46.06 -28.85 8.94
N ALA V 192 46.31 -30.08 8.48
CA ALA V 192 47.64 -30.66 8.60
C ALA V 192 48.63 -29.89 7.73
N PRO V 193 49.77 -29.46 8.27
CA PRO V 193 50.82 -28.80 7.47
C PRO V 193 51.66 -29.78 6.67
N ALA V 194 50.99 -30.71 5.99
CA ALA V 194 51.64 -31.69 5.14
C ALA V 194 50.94 -31.71 3.79
N ASN V 195 51.52 -32.44 2.84
CA ASN V 195 51.03 -32.50 1.47
C ASN V 195 50.97 -31.10 0.86
N VAL V 196 51.94 -30.27 1.19
CA VAL V 196 52.02 -28.91 0.68
C VAL V 196 53.39 -28.70 0.05
N PRO V 197 53.51 -27.90 -1.01
CA PRO V 197 54.80 -27.72 -1.67
C PRO V 197 55.74 -26.82 -0.87
N ILE V 198 57.01 -26.93 -1.21
CA ILE V 198 58.05 -26.07 -0.64
C ILE V 198 58.43 -25.04 -1.70
N GLN V 199 58.22 -23.77 -1.39
CA GLN V 199 58.47 -22.71 -2.35
C GLN V 199 59.96 -22.45 -2.50
N GLY V 200 60.31 -21.70 -3.54
CA GLY V 200 61.69 -21.30 -3.77
C GLY V 200 62.56 -22.35 -4.41
N GLY V 201 62.02 -23.49 -4.79
CA GLY V 201 62.82 -24.55 -5.40
C GLY V 201 63.87 -25.13 -4.48
N LEU V 202 63.51 -25.37 -3.22
CA LEU V 202 64.42 -25.96 -2.26
C LEU V 202 64.33 -27.48 -2.36
N GLN V 203 65.46 -28.14 -2.61
CA GLN V 203 65.43 -29.57 -2.84
C GLN V 203 65.96 -30.34 -1.63
N PRO V 204 65.37 -31.49 -1.31
CA PRO V 204 65.91 -32.31 -0.23
C PRO V 204 67.32 -32.79 -0.54
N LYS V 205 68.14 -32.87 0.50
CA LYS V 205 69.52 -33.32 0.30
C LYS V 205 69.58 -34.82 0.06
N TYR V 206 68.79 -35.59 0.79
CA TYR V 206 68.80 -37.04 0.66
C TYR V 206 67.41 -37.56 0.31
N PRO V 207 67.30 -38.50 -0.63
CA PRO V 207 66.00 -39.07 -0.96
C PRO V 207 65.58 -40.11 0.07
N VAL V 208 64.30 -40.06 0.43
CA VAL V 208 63.72 -40.96 1.43
C VAL V 208 62.64 -41.79 0.74
N THR V 209 62.77 -43.10 0.81
CA THR V 209 61.80 -44.01 0.21
C THR V 209 60.69 -44.31 1.21
N ASP V 210 59.67 -45.05 0.72
CA ASP V 210 58.57 -45.44 1.58
C ASP V 210 59.03 -46.38 2.69
N ASP V 211 59.90 -47.33 2.35
CA ASP V 211 60.41 -48.26 3.35
C ASP V 211 61.22 -47.53 4.43
N LEU V 212 62.02 -46.54 4.02
CA LEU V 212 62.78 -45.76 4.99
C LEU V 212 61.85 -44.97 5.90
N GLN V 213 60.83 -44.32 5.32
CA GLN V 213 59.88 -43.55 6.13
C GLN V 213 59.08 -44.45 7.06
N ALA V 214 58.89 -45.73 6.69
CA ALA V 214 58.10 -46.63 7.51
C ALA V 214 58.69 -46.78 8.90
N GLN V 215 60.01 -46.89 8.99
CA GLN V 215 60.65 -47.08 10.29
C GLN V 215 60.62 -45.82 11.15
N TYR V 216 60.31 -44.67 10.57
CA TYR V 216 60.38 -43.39 11.28
C TYR V 216 59.03 -42.70 11.41
N ASN V 217 57.93 -43.44 11.27
CA ASN V 217 56.59 -42.89 11.39
C ASN V 217 55.86 -43.39 12.63
N GLN V 218 56.59 -43.96 13.59
CA GLN V 218 55.99 -44.44 14.83
C GLN V 218 56.89 -44.03 15.99
N GLY V 219 56.28 -43.97 17.18
CA GLY V 219 57.01 -43.52 18.35
C GLY V 219 57.48 -42.09 18.14
N LYS V 220 58.76 -41.86 18.42
CA LYS V 220 59.38 -40.57 18.11
C LYS V 220 59.51 -40.48 16.60
N ALA V 221 58.57 -39.79 15.97
CA ALA V 221 58.43 -39.81 14.53
C ALA V 221 59.12 -38.60 13.89
N LEU V 222 59.83 -38.85 12.80
CA LEU V 222 60.44 -37.80 12.00
C LEU V 222 59.61 -37.57 10.75
N ASN V 223 59.20 -36.33 10.53
CA ASN V 223 58.45 -35.98 9.34
C ASN V 223 59.41 -35.75 8.18
N MET V 224 59.10 -36.33 7.02
CA MET V 224 60.03 -36.37 5.91
C MET V 224 59.65 -35.35 4.84
N ILE V 225 60.66 -34.69 4.29
CA ILE V 225 60.51 -33.86 3.09
C ILE V 225 60.91 -34.73 1.91
N ARG V 226 59.96 -34.97 1.01
CA ARG V 226 60.17 -35.90 -0.09
C ARG V 226 59.79 -35.23 -1.41
N THR V 227 60.39 -35.73 -2.49
CA THR V 227 60.11 -35.27 -3.83
C THR V 227 59.29 -36.32 -4.58
N PHE V 228 58.32 -35.86 -5.36
CA PHE V 228 57.45 -36.75 -6.11
C PHE V 228 57.46 -36.36 -7.58
N PRO V 229 57.45 -37.33 -8.48
CA PRO V 229 57.50 -37.00 -9.92
C PRO V 229 56.34 -36.16 -10.40
N LYS V 230 55.15 -36.34 -9.83
CA LYS V 230 53.97 -35.63 -10.30
C LYS V 230 53.70 -34.34 -9.55
N SER V 231 54.33 -34.13 -8.39
CA SER V 231 54.05 -32.96 -7.57
C SER V 231 55.29 -32.13 -7.25
N GLY V 232 56.44 -32.77 -7.02
CA GLY V 232 57.64 -32.04 -6.65
C GLY V 232 58.00 -32.22 -5.20
N THR V 233 58.67 -31.23 -4.60
CA THR V 233 59.06 -31.32 -3.20
C THR V 233 57.85 -31.06 -2.31
N LEU V 234 57.57 -32.00 -1.41
CA LEU V 234 56.40 -31.92 -0.54
C LEU V 234 56.79 -32.28 0.88
N VAL V 235 55.98 -31.81 1.83
CA VAL V 235 56.08 -32.23 3.21
C VAL V 235 55.19 -33.46 3.39
N TRP V 236 55.76 -34.54 3.92
CA TRP V 236 55.08 -35.82 4.01
C TRP V 236 55.08 -36.33 5.44
N GLY V 237 54.71 -35.46 6.38
CA GLY V 237 54.62 -35.86 7.77
C GLY V 237 53.98 -34.80 8.64
N ALA V 238 53.04 -35.21 9.50
CA ALA V 238 52.34 -34.28 10.38
C ALA V 238 52.18 -34.89 11.77
N ARG V 239 53.24 -35.47 12.29
CA ARG V 239 53.20 -36.14 13.58
C ARG V 239 54.15 -35.46 14.56
N THR V 240 53.74 -35.45 15.84
CA THR V 240 54.57 -34.93 16.91
C THR V 240 55.48 -36.04 17.42
N LEU V 241 56.16 -35.79 18.54
CA LEU V 241 57.11 -36.75 19.10
C LEU V 241 56.48 -37.68 20.12
N GLU V 242 55.18 -37.59 20.37
CA GLU V 242 54.49 -38.46 21.32
C GLU V 242 53.45 -39.29 20.57
N ASP V 243 53.71 -40.58 20.44
CA ASP V 243 52.79 -41.50 19.77
C ASP V 243 51.71 -41.92 20.76
N ASN V 244 50.70 -41.06 20.88
CA ASN V 244 49.61 -41.26 21.81
C ASN V 244 48.30 -40.98 21.10
N ASP V 245 47.21 -41.57 21.61
CA ASP V 245 45.90 -41.33 21.02
C ASP V 245 45.56 -39.84 21.02
N ASN V 246 46.06 -39.10 21.98
CA ASN V 246 45.99 -37.64 21.98
C ASN V 246 47.35 -37.06 21.63
N TRP V 247 47.33 -35.92 20.95
CA TRP V 247 48.54 -35.18 20.57
C TRP V 247 49.46 -35.99 19.66
N ARG V 248 48.91 -36.97 18.93
CA ARG V 248 49.71 -37.66 17.94
C ARG V 248 50.02 -36.77 16.75
N TYR V 249 49.08 -35.92 16.37
CA TYR V 249 49.18 -35.11 15.17
C TYR V 249 49.45 -33.65 15.53
N ILE V 250 50.30 -33.01 14.74
CA ILE V 250 50.57 -31.58 14.94
C ILE V 250 49.31 -30.73 14.91
N PRO V 251 48.36 -30.93 13.98
CA PRO V 251 47.19 -30.04 13.97
C PRO V 251 46.41 -30.02 15.27
N VAL V 252 46.24 -31.18 15.93
CA VAL V 252 45.46 -31.22 17.16
C VAL V 252 46.15 -30.41 18.25
N ARG V 253 47.45 -30.61 18.43
CA ARG V 253 48.18 -29.89 19.45
C ARG V 253 48.19 -28.38 19.18
N ARG V 254 48.42 -27.99 17.93
CA ARG V 254 48.46 -26.57 17.60
C ARG V 254 47.09 -25.92 17.78
N LEU V 255 46.02 -26.62 17.36
CA LEU V 255 44.68 -26.09 17.53
C LEU V 255 44.34 -25.94 19.01
N PHE V 256 44.73 -26.91 19.83
CA PHE V 256 44.44 -26.80 21.27
C PHE V 256 45.23 -25.68 21.91
N ASN V 257 46.48 -25.49 21.50
CA ASN V 257 47.26 -24.36 22.03
C ASN V 257 46.62 -23.03 21.64
N SER V 258 46.22 -22.89 20.38
CA SER V 258 45.59 -21.65 19.93
C SER V 258 44.28 -21.41 20.67
N ALA V 259 43.49 -22.47 20.87
CA ALA V 259 42.24 -22.33 21.60
C ALA V 259 42.48 -21.91 23.04
N GLU V 260 43.50 -22.49 23.68
CA GLU V 260 43.83 -22.10 25.05
C GLU V 260 44.20 -20.62 25.11
N ARG V 261 45.05 -20.17 24.20
CA ARG V 261 45.47 -18.77 24.20
C ARG V 261 44.28 -17.84 23.97
N ASP V 262 43.42 -18.18 23.00
CA ASP V 262 42.27 -17.32 22.70
C ASP V 262 41.28 -17.29 23.85
N ILE V 263 41.04 -18.43 24.50
CA ILE V 263 40.10 -18.48 25.61
C ILE V 263 40.65 -17.70 26.80
N LYS V 264 41.96 -17.81 27.06
CA LYS V 264 42.56 -17.01 28.12
C LYS V 264 42.46 -15.52 27.83
N ASN V 265 42.68 -15.13 26.57
CA ASN V 265 42.54 -13.73 26.21
C ASN V 265 41.11 -13.24 26.35
N ALA V 266 40.13 -14.08 25.97
CA ALA V 266 38.74 -13.64 25.95
C ALA V 266 38.22 -13.31 27.35
N MET V 267 38.58 -14.10 28.35
CA MET V 267 38.04 -13.93 29.69
C MET V 267 38.88 -13.02 30.57
N SER V 268 39.97 -12.46 30.05
CA SER V 268 40.82 -11.59 30.84
C SER V 268 40.13 -10.28 31.24
N PHE V 269 38.99 -9.95 30.62
CA PHE V 269 38.26 -8.74 30.96
C PHE V 269 37.57 -8.82 32.31
N ALA V 270 37.51 -10.00 32.93
CA ALA V 270 36.74 -10.19 34.14
C ALA V 270 37.53 -9.96 35.42
N VAL V 271 38.77 -9.49 35.32
CA VAL V 271 39.58 -9.26 36.52
C VAL V 271 39.07 -8.02 37.24
N PHE V 272 39.26 -8.00 38.57
CA PHE V 272 38.83 -6.91 39.43
C PHE V 272 37.32 -6.68 39.34
N GLU V 273 36.61 -7.73 38.95
CA GLU V 273 35.16 -7.79 38.92
C GLU V 273 34.68 -8.74 40.02
N PRO V 274 33.42 -8.63 40.44
CA PRO V 274 32.93 -9.52 41.50
C PRO V 274 33.07 -10.98 41.11
N ASN V 275 33.51 -11.80 42.05
CA ASN V 275 33.62 -13.24 41.83
C ASN V 275 32.29 -13.92 42.17
N SER V 276 31.26 -13.53 41.42
CA SER V 276 29.92 -14.03 41.66
C SER V 276 29.30 -14.56 40.38
N GLN V 277 28.02 -14.92 40.43
CA GLN V 277 27.36 -15.54 39.28
C GLN V 277 27.34 -14.68 38.02
N PRO V 278 27.00 -13.38 38.06
CA PRO V 278 26.97 -12.60 36.81
C PRO V 278 28.28 -12.58 36.04
N THR V 279 29.41 -12.48 36.74
CA THR V 279 30.70 -12.51 36.05
C THR V 279 30.93 -13.86 35.38
N TRP V 280 30.57 -14.95 36.07
CA TRP V 280 30.70 -16.27 35.47
C TRP V 280 29.81 -16.40 34.25
N GLU V 281 28.61 -15.83 34.29
CA GLU V 281 27.72 -15.87 33.14
C GLU V 281 28.32 -15.12 31.96
N ARG V 282 28.90 -13.94 32.21
CA ARG V 282 29.52 -13.19 31.11
C ARG V 282 30.71 -13.94 30.53
N VAL V 283 31.53 -14.54 31.39
CA VAL V 283 32.68 -15.30 30.91
C VAL V 283 32.22 -16.49 30.08
N ARG V 284 31.17 -17.19 30.55
CA ARG V 284 30.62 -18.30 29.79
C ARG V 284 30.10 -17.85 28.45
N SER V 285 29.44 -16.69 28.40
CA SER V 285 28.93 -16.16 27.14
C SER V 285 30.08 -15.91 26.16
N ALA V 286 31.14 -15.27 26.63
CA ALA V 286 32.28 -14.99 25.74
C ALA V 286 32.93 -16.27 25.24
N VAL V 287 33.14 -17.23 26.14
CA VAL V 287 33.79 -18.48 25.74
C VAL V 287 32.92 -19.25 24.75
N ASN V 288 31.61 -19.29 25.00
CA ASN V 288 30.69 -19.98 24.09
C ASN V 288 30.68 -19.30 22.72
N ASN V 289 30.71 -17.97 22.70
CA ASN V 289 30.75 -17.27 21.42
C ASN V 289 32.00 -17.64 20.63
N TYR V 290 33.16 -17.63 21.29
CA TYR V 290 34.39 -17.99 20.61
C TYR V 290 34.35 -19.42 20.11
N LEU V 291 33.89 -20.35 20.94
CA LEU V 291 33.85 -21.76 20.54
C LEU V 291 32.88 -21.98 19.38
N TYR V 292 31.73 -21.30 19.40
CA TYR V 292 30.79 -21.43 18.30
C TYR V 292 31.39 -20.89 17.00
N SER V 293 32.10 -19.76 17.07
CA SER V 293 32.75 -19.25 15.87
C SER V 293 33.77 -20.25 15.35
N LEU V 294 34.55 -20.84 16.25
CA LEU V 294 35.54 -21.83 15.84
C LEU V 294 34.88 -23.04 15.18
N TRP V 295 33.79 -23.53 15.76
CA TRP V 295 33.08 -24.67 15.18
C TRP V 295 32.49 -24.33 13.83
N GLN V 296 31.88 -23.15 13.70
CA GLN V 296 31.30 -22.75 12.42
C GLN V 296 32.37 -22.59 11.34
N GLN V 297 33.58 -22.20 11.73
CA GLN V 297 34.67 -22.14 10.77
C GLN V 297 35.07 -23.53 10.27
N GLY V 298 34.67 -24.59 10.95
CA GLY V 298 35.07 -25.93 10.61
C GLY V 298 36.20 -26.50 11.42
N GLY V 299 36.64 -25.81 12.47
CA GLY V 299 37.74 -26.31 13.27
C GLY V 299 37.39 -27.58 14.04
N LEU V 300 36.19 -27.63 14.61
CA LEU V 300 35.76 -28.75 15.42
C LEU V 300 34.89 -29.69 14.61
N ALA V 301 34.61 -30.85 15.20
CA ALA V 301 33.80 -31.89 14.57
C ALA V 301 32.38 -31.85 15.12
N GLY V 302 31.52 -32.68 14.54
CA GLY V 302 30.14 -32.77 14.99
C GLY V 302 29.19 -32.05 14.05
N ASN V 303 27.93 -32.48 14.08
CA ASN V 303 26.89 -31.89 13.25
C ASN V 303 26.23 -30.68 13.89
N LYS V 304 26.28 -30.57 15.22
CA LYS V 304 25.72 -29.45 15.94
C LYS V 304 26.72 -29.03 17.01
N PRO V 305 26.65 -27.78 17.48
CA PRO V 305 27.64 -27.31 18.47
C PRO V 305 27.67 -28.12 19.74
N ASP V 306 26.56 -28.73 20.15
CA ASP V 306 26.56 -29.53 21.36
C ASP V 306 27.44 -30.77 21.22
N ASP V 307 27.64 -31.24 19.99
CA ASP V 307 28.54 -32.37 19.76
C ASP V 307 30.00 -31.96 19.66
N ALA V 308 30.29 -30.65 19.60
CA ALA V 308 31.64 -30.16 19.40
C ALA V 308 32.33 -29.73 20.67
N TYR V 309 31.61 -29.11 21.60
CA TYR V 309 32.25 -28.54 22.77
C TYR V 309 31.26 -28.45 23.93
N PHE V 310 31.80 -28.27 25.13
CA PHE V 310 31.01 -27.96 26.31
C PHE V 310 31.82 -27.01 27.19
N VAL V 311 31.12 -26.24 28.00
CA VAL V 311 31.73 -25.27 28.90
C VAL V 311 31.07 -25.40 30.27
N GLN V 312 31.89 -25.51 31.32
CA GLN V 312 31.41 -25.59 32.69
C GLN V 312 32.06 -24.50 33.51
N ILE V 313 31.26 -23.76 34.26
CA ILE V 313 31.76 -22.73 35.17
C ILE V 313 30.69 -22.43 36.22
N GLY V 314 31.09 -22.38 37.48
CA GLY V 314 30.16 -22.03 38.54
C GLY V 314 30.53 -22.74 39.83
N LYS V 315 29.82 -22.37 40.89
CA LYS V 315 30.02 -22.98 42.19
C LYS V 315 29.58 -24.43 42.17
N ASP V 316 30.31 -25.28 42.90
CA ASP V 316 30.10 -26.72 43.03
C ASP V 316 30.36 -27.47 41.73
N ILE V 317 30.75 -26.79 40.67
CA ILE V 317 31.09 -27.43 39.40
C ILE V 317 32.59 -27.29 39.11
N THR V 318 33.10 -26.06 39.11
CA THR V 318 34.51 -25.81 38.90
C THR V 318 35.18 -25.03 40.03
N MET V 319 34.41 -24.41 40.92
CA MET V 319 34.97 -23.65 42.03
C MET V 319 34.31 -24.06 43.34
N THR V 320 35.06 -23.97 44.42
CA THR V 320 34.57 -24.20 45.77
C THR V 320 34.54 -22.86 46.52
N ASP V 321 34.03 -22.91 47.75
CA ASP V 321 33.98 -21.70 48.56
C ASP V 321 35.38 -21.18 48.86
N ASP V 322 36.32 -22.09 49.16
CA ASP V 322 37.70 -21.68 49.41
C ASP V 322 38.32 -21.06 48.17
N ASP V 323 38.03 -21.62 46.98
CA ASP V 323 38.54 -21.03 45.75
C ASP V 323 37.96 -19.64 45.52
N ILE V 324 36.67 -19.46 45.80
CA ILE V 324 36.04 -18.17 45.60
C ILE V 324 36.61 -17.13 46.56
N LYS V 325 36.84 -17.53 47.82
CA LYS V 325 37.39 -16.59 48.80
C LYS V 325 38.77 -16.10 48.41
N GLN V 326 39.50 -16.88 47.62
CA GLN V 326 40.83 -16.48 47.15
C GLN V 326 40.79 -15.72 45.84
N GLY V 327 39.61 -15.44 45.31
CA GLY V 327 39.49 -14.71 44.06
C GLY V 327 39.99 -15.45 42.85
N LYS V 328 39.73 -16.76 42.77
CA LYS V 328 40.15 -17.58 41.64
C LYS V 328 38.92 -18.02 40.85
N MET V 329 38.99 -17.88 39.54
CA MET V 329 37.92 -18.30 38.63
C MET V 329 38.41 -19.47 37.80
N ILE V 330 37.68 -20.57 37.84
CA ILE V 330 38.06 -21.81 37.17
C ILE V 330 36.98 -22.18 36.16
N ILE V 331 37.39 -22.49 34.94
CA ILE V 331 36.48 -22.87 33.87
C ILE V 331 37.05 -24.09 33.14
N LYS V 332 36.18 -25.03 32.79
CA LYS V 332 36.57 -26.25 32.11
C LYS V 332 35.93 -26.28 30.73
N ILE V 333 36.72 -26.59 29.72
CA ILE V 333 36.26 -26.60 28.33
C ILE V 333 36.70 -27.91 27.68
N GLY V 334 35.78 -28.56 26.98
CA GLY V 334 36.09 -29.74 26.21
C GLY V 334 35.84 -29.47 24.74
N MET V 335 36.66 -30.09 23.88
CA MET V 335 36.57 -29.89 22.45
C MET V 335 36.81 -31.20 21.72
N ALA V 336 36.26 -31.28 20.50
CA ALA V 336 36.44 -32.43 19.62
C ALA V 336 37.14 -31.96 18.35
N ALA V 337 38.23 -32.64 17.99
CA ALA V 337 39.00 -32.27 16.82
C ALA V 337 38.86 -33.33 15.74
N VAL V 338 39.15 -32.92 14.50
CA VAL V 338 39.08 -33.81 13.34
C VAL V 338 40.49 -34.29 13.02
N ARG V 339 40.64 -35.60 12.89
CA ARG V 339 41.97 -36.13 12.62
C ARG V 339 42.14 -36.43 11.14
N PRO V 340 43.34 -36.22 10.61
CA PRO V 340 43.57 -36.41 9.18
C PRO V 340 43.61 -37.88 8.80
N ALA V 341 43.43 -38.13 7.50
CA ALA V 341 43.57 -39.46 6.94
C ALA V 341 45.02 -39.65 6.49
N GLU V 342 45.68 -40.66 7.04
CA GLU V 342 47.11 -40.87 6.79
C GLU V 342 47.40 -41.97 5.79
N PHE V 343 46.61 -43.03 5.77
CA PHE V 343 46.83 -44.17 4.90
C PHE V 343 45.62 -44.40 4.02
N ILE V 344 45.84 -44.48 2.71
CA ILE V 344 44.79 -44.76 1.73
C ILE V 344 45.13 -46.09 1.08
N ILE V 345 44.20 -47.03 1.15
CA ILE V 345 44.43 -48.40 0.69
C ILE V 345 43.57 -48.63 -0.55
N LEU V 346 44.21 -49.04 -1.64
CA LEU V 346 43.53 -49.37 -2.89
C LEU V 346 43.56 -50.88 -3.08
N GLN V 347 42.39 -51.47 -3.27
CA GLN V 347 42.25 -52.92 -3.47
C GLN V 347 41.72 -53.16 -4.86
N PHE V 348 42.57 -53.68 -5.75
CA PHE V 348 42.22 -53.90 -7.14
C PHE V 348 41.78 -55.34 -7.36
N THR V 349 40.76 -55.51 -8.19
CA THR V 349 40.24 -56.83 -8.53
C THR V 349 39.98 -56.89 -10.03
N GLN V 350 39.68 -58.10 -10.51
CA GLN V 350 39.46 -58.33 -11.93
C GLN V 350 38.07 -58.87 -12.26
N ASN V 351 37.29 -59.27 -11.25
CA ASN V 351 36.01 -59.92 -11.53
C ASN V 351 34.99 -58.93 -12.10
N THR V 352 35.09 -57.65 -11.72
CA THR V 352 34.16 -56.57 -12.09
C THR V 352 32.71 -57.04 -12.31
N THR W 2 50.79 -53.98 3.65
CA THR W 2 49.53 -53.61 3.01
C THR W 2 48.44 -53.41 4.06
N THR W 3 48.00 -54.51 4.68
CA THR W 3 47.05 -54.40 5.79
C THR W 3 47.68 -53.66 6.96
N ILE W 4 48.96 -53.91 7.23
CA ILE W 4 49.69 -53.18 8.28
C ILE W 4 50.19 -51.87 7.67
N THR W 5 49.74 -50.76 8.25
CA THR W 5 50.06 -49.43 7.74
C THR W 5 51.18 -48.82 8.57
N THR W 6 52.29 -48.48 7.92
CA THR W 6 53.44 -47.88 8.59
C THR W 6 53.71 -46.46 8.11
N TYR W 7 53.89 -46.26 6.81
CA TYR W 7 54.21 -44.95 6.27
C TYR W 7 52.97 -44.29 5.70
N PRO W 8 52.89 -42.95 5.75
CA PRO W 8 51.77 -42.27 5.10
C PRO W 8 51.86 -42.39 3.58
N GLY W 9 50.69 -42.45 2.95
CA GLY W 9 50.64 -42.57 1.51
C GLY W 9 49.56 -43.49 1.01
N VAL W 10 49.81 -44.13 -0.14
CA VAL W 10 48.82 -44.97 -0.81
C VAL W 10 49.36 -46.39 -0.87
N TYR W 11 48.53 -47.34 -0.42
CA TYR W 11 48.87 -48.76 -0.45
C TYR W 11 48.04 -49.45 -1.54
N ILE W 12 48.67 -50.34 -2.29
CA ILE W 12 48.03 -51.04 -3.40
C ILE W 12 47.98 -52.52 -3.07
N GLU W 13 46.77 -53.09 -3.15
CA GLU W 13 46.55 -54.52 -2.95
C GLU W 13 45.86 -55.10 -4.16
N GLU W 14 46.30 -56.30 -4.57
CA GLU W 14 45.77 -56.95 -5.75
C GLU W 14 44.68 -57.97 -5.43
N ASP W 15 44.32 -58.13 -4.16
CA ASP W 15 43.24 -59.02 -3.76
C ASP W 15 42.14 -58.21 -3.10
N ALA W 16 40.89 -58.55 -3.38
CA ALA W 16 39.76 -57.82 -2.83
C ALA W 16 38.60 -58.78 -2.60
N SER W 17 38.03 -58.74 -1.40
CA SER W 17 36.87 -59.54 -1.09
C SER W 17 35.61 -58.86 -1.64
N LEU W 18 34.45 -59.43 -1.33
CA LEU W 18 33.18 -58.91 -1.83
C LEU W 18 32.62 -57.87 -0.89
N SER W 19 32.14 -56.77 -1.45
CA SER W 19 31.48 -55.71 -0.70
C SER W 19 30.04 -55.57 -1.17
N LEU W 20 29.16 -55.21 -0.24
CA LEU W 20 27.74 -55.04 -0.53
C LEU W 20 27.26 -53.71 0.04
N SER W 21 26.22 -53.17 -0.59
CA SER W 21 25.66 -51.89 -0.16
C SER W 21 24.92 -52.06 1.17
N VAL W 22 24.61 -50.93 1.79
CA VAL W 22 23.92 -50.89 3.08
C VAL W 22 22.52 -50.36 2.87
N SER W 23 21.53 -51.12 3.33
CA SER W 23 20.13 -50.72 3.26
C SER W 23 19.55 -50.63 4.66
N SER W 24 18.59 -49.73 4.84
CA SER W 24 17.99 -49.48 6.13
C SER W 24 16.48 -49.68 6.06
N SER W 25 15.93 -50.33 7.08
CA SER W 25 14.49 -50.55 7.18
C SER W 25 14.10 -50.53 8.64
N ALA W 26 12.81 -50.28 8.90
CA ALA W 26 12.33 -50.16 10.27
C ALA W 26 11.15 -51.07 10.53
N THR W 27 10.39 -51.39 9.48
CA THR W 27 9.19 -52.20 9.61
C THR W 27 9.44 -53.67 9.31
N ALA W 28 10.70 -54.07 9.08
CA ALA W 28 11.01 -55.47 8.81
C ALA W 28 12.41 -55.75 9.38
N VAL W 29 12.45 -56.26 10.60
CA VAL W 29 13.67 -56.63 11.28
C VAL W 29 13.63 -58.13 11.55
N PRO W 30 14.31 -58.93 10.74
CA PRO W 30 14.19 -60.39 10.86
C PRO W 30 15.17 -60.98 11.86
N VAL W 31 14.84 -62.20 12.30
CA VAL W 31 15.70 -63.01 13.16
C VAL W 31 16.02 -64.29 12.41
N PHE W 32 17.31 -64.60 12.29
CA PHE W 32 17.78 -65.75 11.56
C PHE W 32 18.09 -66.88 12.52
N ALA W 33 17.47 -68.05 12.31
CA ALA W 33 17.77 -69.22 13.11
C ALA W 33 19.04 -69.87 12.61
N VAL W 34 19.95 -70.18 13.53
CA VAL W 34 21.26 -70.72 13.19
C VAL W 34 21.40 -72.11 13.80
N ALA W 35 22.20 -72.95 13.15
CA ALA W 35 22.44 -74.29 13.64
C ALA W 35 23.21 -74.26 14.95
N GLY W 36 23.04 -75.33 15.74
CA GLY W 36 23.65 -75.38 17.06
C GLY W 36 25.16 -75.53 17.05
N ASP W 37 25.73 -76.00 15.93
CA ASP W 37 27.17 -76.22 15.85
C ASP W 37 27.92 -75.01 15.31
N ASN W 38 27.25 -73.88 15.10
CA ASN W 38 27.91 -72.69 14.58
C ASN W 38 28.81 -72.08 15.65
N PRO W 39 30.12 -71.96 15.42
CA PRO W 39 30.98 -71.35 16.44
C PRO W 39 30.79 -69.84 16.59
N LEU W 40 30.31 -69.17 15.54
CA LEU W 40 30.14 -67.72 15.63
C LEU W 40 29.07 -67.34 16.65
N ILE W 41 27.96 -68.09 16.69
CA ILE W 41 26.85 -67.76 17.59
C ILE W 41 26.94 -68.47 18.93
N SER W 42 27.68 -69.57 19.03
CA SER W 42 27.74 -70.33 20.27
C SER W 42 28.41 -69.51 21.38
N GLY W 43 27.83 -69.60 22.58
CA GLY W 43 28.32 -68.89 23.74
C GLY W 43 27.58 -67.60 24.03
N LYS W 44 26.84 -67.05 23.07
CA LYS W 44 26.11 -65.82 23.24
C LYS W 44 24.62 -66.06 23.01
N PRO W 45 23.75 -65.31 23.71
CA PRO W 45 22.31 -65.46 23.49
C PRO W 45 21.89 -65.03 22.10
N TYR W 46 22.33 -63.85 21.69
CA TYR W 46 22.01 -63.32 20.36
C TYR W 46 23.05 -62.27 20.01
N ILE W 47 23.16 -61.97 18.71
CA ILE W 47 24.01 -60.90 18.23
C ILE W 47 23.23 -60.11 17.19
N ARG W 48 23.62 -58.84 17.04
CA ARG W 48 23.00 -57.96 16.06
C ARG W 48 23.98 -57.75 14.91
N ILE W 49 23.53 -58.03 13.70
CA ILE W 49 24.31 -57.84 12.48
C ILE W 49 23.69 -56.68 11.71
N SER W 50 24.48 -55.65 11.44
CA SER W 50 23.97 -54.44 10.81
C SER W 50 24.21 -54.40 9.30
N ASN W 51 25.24 -55.10 8.82
CA ASN W 51 25.55 -55.08 7.39
C ASN W 51 26.44 -56.27 7.08
N TRP W 52 26.66 -56.49 5.78
CA TRP W 52 27.48 -57.62 5.34
C TRP W 52 28.91 -57.48 5.83
N LEU W 53 29.43 -56.25 5.88
CA LEU W 53 30.79 -56.04 6.34
C LEU W 53 30.96 -56.43 7.81
N GLU W 54 29.96 -56.10 8.64
CA GLU W 54 30.03 -56.44 10.06
C GLU W 54 30.05 -57.94 10.27
N TYR W 55 29.22 -58.68 9.50
CA TYR W 55 29.21 -60.13 9.62
C TYR W 55 30.55 -60.73 9.23
N LEU W 56 31.15 -60.22 8.15
CA LEU W 56 32.47 -60.72 7.74
C LEU W 56 33.52 -60.41 8.78
N THR W 57 33.45 -59.22 9.38
CA THR W 57 34.41 -58.85 10.43
C THR W 57 34.27 -59.77 11.64
N LEU W 58 33.04 -60.07 12.04
CA LEU W 58 32.82 -60.95 13.18
C LEU W 58 33.26 -62.38 12.86
N LYS W 59 33.04 -62.83 11.62
CA LYS W 59 33.41 -64.18 11.24
C LYS W 59 34.91 -64.39 11.24
N ASN W 60 35.67 -63.36 10.88
CA ASN W 60 37.14 -63.42 10.83
C ASN W 60 37.60 -64.53 9.88
N GLU W 61 36.88 -64.69 8.78
CA GLU W 61 37.21 -65.71 7.79
C GLU W 61 36.66 -65.27 6.43
N GLN W 62 37.16 -65.92 5.38
CA GLN W 62 36.70 -65.63 4.04
C GLN W 62 35.28 -66.17 3.82
N PHE W 63 34.65 -65.70 2.75
CA PHE W 63 33.32 -66.19 2.41
C PHE W 63 33.39 -67.65 2.00
N ASP W 64 32.44 -68.43 2.49
CA ASP W 64 32.40 -69.87 2.24
C ASP W 64 31.09 -70.26 1.58
N PRO W 65 31.09 -70.63 0.30
CA PRO W 65 29.85 -71.11 -0.34
C PRO W 65 29.38 -72.46 0.20
N ALA W 66 30.21 -73.17 0.96
CA ALA W 66 29.84 -74.46 1.52
C ALA W 66 29.12 -74.34 2.85
N ASN W 67 29.01 -73.13 3.40
CA ASN W 67 28.27 -72.88 4.62
C ASN W 67 26.90 -72.28 4.28
N THR W 68 25.91 -72.53 5.13
CA THR W 68 24.56 -72.12 4.83
C THR W 68 24.20 -70.75 5.41
N LEU W 69 24.69 -70.45 6.62
CA LEU W 69 24.35 -69.16 7.23
C LEU W 69 24.89 -67.99 6.42
N ASP W 70 26.13 -68.10 5.94
CA ASP W 70 26.73 -66.98 5.24
C ASP W 70 26.11 -66.77 3.85
N ILE W 71 25.78 -67.86 3.16
CA ILE W 71 25.12 -67.69 1.86
C ILE W 71 23.70 -67.15 2.05
N SER W 72 23.01 -67.58 3.12
CA SER W 72 21.70 -67.02 3.42
C SER W 72 21.80 -65.52 3.71
N LEU W 73 22.80 -65.12 4.49
CA LEU W 73 22.98 -63.70 4.79
C LEU W 73 23.35 -62.92 3.54
N ARG W 74 24.17 -63.49 2.66
CA ARG W 74 24.51 -62.82 1.42
C ARG W 74 23.27 -62.62 0.55
N ALA W 75 22.42 -63.63 0.45
CA ALA W 75 21.19 -63.48 -0.32
C ALA W 75 20.27 -62.44 0.31
N TYR W 76 20.20 -62.42 1.64
CA TYR W 76 19.36 -61.44 2.33
C TYR W 76 19.85 -60.01 2.11
N PHE W 77 21.17 -59.81 2.19
CA PHE W 77 21.72 -58.46 2.03
C PHE W 77 21.71 -58.00 0.58
N ILE W 78 21.88 -58.91 -0.37
CA ILE W 78 21.86 -58.54 -1.78
C ILE W 78 20.49 -58.00 -2.16
N ASN W 79 19.42 -58.61 -1.65
CA ASN W 79 18.07 -58.21 -1.99
C ASN W 79 17.61 -56.93 -1.30
N GLY W 80 18.42 -56.38 -0.39
CA GLY W 80 18.11 -55.09 0.19
C GLY W 80 17.62 -55.15 1.62
N GLY W 81 18.19 -56.05 2.41
CA GLY W 81 17.79 -56.18 3.80
C GLY W 81 18.58 -55.27 4.73
N GLY W 82 17.94 -54.91 5.84
CA GLY W 82 18.56 -54.11 6.87
C GLY W 82 19.25 -54.95 7.92
N TYR W 83 19.39 -54.37 9.11
CA TYR W 83 20.03 -55.09 10.21
C TYR W 83 19.13 -56.21 10.70
N CYS W 84 19.76 -57.28 11.19
CA CYS W 84 19.05 -58.48 11.63
C CYS W 84 19.67 -58.99 12.92
N TYR W 85 19.10 -60.07 13.44
CA TYR W 85 19.60 -60.75 14.63
C TYR W 85 19.83 -62.21 14.30
N LEU W 86 20.84 -62.80 14.96
CA LEU W 86 21.14 -64.22 14.83
C LEU W 86 20.85 -64.89 16.16
N VAL W 87 19.95 -65.87 16.15
CA VAL W 87 19.55 -66.59 17.35
C VAL W 87 19.56 -68.08 17.04
N GLN W 88 20.09 -68.87 17.98
CA GLN W 88 20.11 -70.32 17.82
C GLN W 88 18.68 -70.86 17.83
N THR W 89 18.48 -71.98 17.12
CA THR W 89 17.14 -72.52 16.95
C THR W 89 16.53 -72.96 18.27
N THR W 90 17.33 -73.62 19.12
CA THR W 90 16.80 -74.15 20.38
C THR W 90 16.41 -73.06 21.36
N ASP W 91 16.95 -71.84 21.20
CA ASP W 91 16.68 -70.74 22.11
C ASP W 91 15.70 -69.72 21.55
N LEU W 92 15.03 -70.04 20.44
CA LEU W 92 14.15 -69.06 19.80
C LEU W 92 13.00 -68.66 20.72
N GLU W 93 12.36 -69.65 21.35
CA GLU W 93 11.17 -69.37 22.15
C GLU W 93 11.50 -68.48 23.34
N LYS W 94 12.69 -68.63 23.91
CA LYS W 94 13.07 -67.85 25.09
C LYS W 94 13.66 -66.49 24.73
N GLN W 95 14.29 -66.36 23.57
CA GLN W 95 15.03 -65.15 23.22
C GLN W 95 14.24 -64.20 22.33
N VAL W 96 13.39 -64.70 21.45
CA VAL W 96 12.66 -63.83 20.53
C VAL W 96 11.77 -62.82 21.26
N PRO W 97 10.96 -63.21 22.26
CA PRO W 97 10.16 -62.21 22.97
C PRO W 97 10.99 -61.17 23.70
N LYS W 98 12.25 -61.45 23.99
CA LYS W 98 13.11 -60.49 24.68
C LYS W 98 13.54 -59.33 23.78
N LEU W 99 13.28 -59.40 22.49
CA LEU W 99 13.67 -58.35 21.55
C LEU W 99 12.43 -57.60 21.09
N ASP W 100 12.50 -56.27 21.15
CA ASP W 100 11.35 -55.42 20.87
C ASP W 100 11.19 -55.09 19.40
N ASP W 101 12.29 -54.81 18.69
CA ASP W 101 12.21 -54.35 17.31
C ASP W 101 12.02 -55.48 16.31
N VAL W 102 12.05 -56.73 16.76
CA VAL W 102 11.96 -57.87 15.84
C VAL W 102 10.53 -58.01 15.35
N THR W 103 10.37 -58.09 14.03
CA THR W 103 9.06 -58.26 13.41
C THR W 103 8.93 -59.50 12.55
N LEU W 104 10.03 -60.13 12.15
CA LEU W 104 10.00 -61.28 11.26
C LEU W 104 10.84 -62.42 11.82
N LEU W 105 10.38 -63.64 11.58
CA LEU W 105 11.13 -64.85 11.90
C LEU W 105 11.50 -65.54 10.59
N VAL W 106 12.79 -65.78 10.39
CA VAL W 106 13.29 -66.38 9.16
C VAL W 106 14.01 -67.67 9.50
N ALA W 107 13.62 -68.76 8.84
CA ALA W 107 14.28 -70.05 9.01
C ALA W 107 15.36 -70.18 7.94
N ALA W 108 16.61 -69.99 8.34
CA ALA W 108 17.74 -70.08 7.42
C ALA W 108 18.13 -71.55 7.21
N GLY W 109 17.19 -72.31 6.64
CA GLY W 109 17.40 -73.71 6.42
C GLY W 109 17.29 -74.58 7.65
N GLU W 110 16.45 -74.19 8.61
CA GLU W 110 16.26 -74.93 9.85
C GLU W 110 14.78 -75.27 10.02
N ASN W 111 14.49 -76.01 11.09
CA ASN W 111 13.12 -76.40 11.44
C ASN W 111 12.69 -75.58 12.64
N ILE W 112 11.69 -74.73 12.44
CA ILE W 112 11.23 -73.80 13.47
C ILE W 112 9.74 -73.94 13.69
N THR W 113 9.21 -75.15 13.44
CA THR W 113 7.77 -75.36 13.56
C THR W 113 7.28 -75.11 14.99
N THR W 114 7.98 -75.67 15.98
CA THR W 114 7.57 -75.48 17.37
C THR W 114 7.69 -74.02 17.79
N ALA W 115 8.80 -73.37 17.42
CA ALA W 115 8.98 -71.96 17.77
C ALA W 115 7.91 -71.10 17.11
N VAL W 116 7.58 -71.39 15.85
CA VAL W 116 6.53 -70.63 15.16
C VAL W 116 5.19 -70.84 15.84
N SER W 117 4.88 -72.08 16.22
CA SER W 117 3.62 -72.37 16.90
C SER W 117 3.53 -71.64 18.23
N THR W 118 4.64 -71.58 18.97
CA THR W 118 4.61 -70.93 20.28
C THR W 118 4.58 -69.41 20.17
N LEU W 119 5.28 -68.84 19.19
CA LEU W 119 5.51 -67.40 19.12
C LEU W 119 4.51 -66.67 18.23
N CYS W 120 4.29 -67.16 17.01
CA CYS W 120 3.42 -66.48 16.06
C CYS W 120 1.97 -66.67 16.48
N LYS W 121 1.53 -65.82 17.41
CA LYS W 121 0.21 -65.87 18.00
C LYS W 121 -0.42 -64.48 17.91
N PRO W 122 -1.75 -64.40 17.95
CA PRO W 122 -2.40 -63.09 17.86
C PRO W 122 -1.96 -62.16 18.98
N GLY W 123 -1.79 -60.88 18.64
CA GLY W 123 -1.41 -59.88 19.61
C GLY W 123 0.07 -59.72 19.85
N LYS W 124 0.91 -60.54 19.22
CA LYS W 124 2.35 -60.47 19.42
C LYS W 124 3.09 -59.78 18.28
N GLY W 125 2.44 -59.61 17.12
CA GLY W 125 3.05 -58.85 16.04
C GLY W 125 4.30 -59.46 15.45
N LEU W 126 4.30 -60.77 15.20
CA LEU W 126 5.42 -61.44 14.57
C LEU W 126 4.91 -62.23 13.37
N PHE W 127 5.74 -62.27 12.33
CA PHE W 127 5.42 -63.01 11.10
C PHE W 127 6.58 -63.94 10.77
N ALA W 128 6.24 -65.14 10.30
CA ALA W 128 7.22 -66.18 10.01
C ALA W 128 7.27 -66.46 8.51
N ILE W 129 8.47 -66.74 8.02
CA ILE W 129 8.68 -67.10 6.62
C ILE W 129 9.25 -68.52 6.59
N PHE W 130 8.43 -69.48 6.18
CA PHE W 130 8.83 -70.87 6.13
C PHE W 130 9.55 -71.18 4.82
N ASP W 131 10.01 -72.42 4.68
CA ASP W 131 10.62 -72.90 3.47
C ASP W 131 9.87 -74.12 2.96
N GLY W 132 9.70 -74.21 1.65
CA GLY W 132 8.99 -75.32 1.05
C GLY W 132 9.83 -76.58 1.03
N PRO W 133 9.24 -77.64 0.48
CA PRO W 133 9.96 -78.91 0.37
C PRO W 133 11.21 -78.77 -0.47
N THR W 134 12.24 -79.53 -0.10
CA THR W 134 13.51 -79.49 -0.83
C THR W 134 13.45 -80.29 -2.13
N THR W 135 12.44 -81.15 -2.29
CA THR W 135 12.30 -81.97 -3.48
C THR W 135 11.20 -81.41 -4.38
N GLU W 136 10.92 -82.12 -5.46
CA GLU W 136 9.87 -81.71 -6.38
C GLU W 136 8.50 -81.87 -5.74
N LEU W 137 7.59 -80.96 -6.07
CA LEU W 137 6.24 -81.00 -5.52
C LEU W 137 5.47 -82.19 -6.07
N LYS W 138 4.71 -82.84 -5.21
CA LYS W 138 3.83 -83.93 -5.65
C LYS W 138 2.67 -83.36 -6.44
N SER W 139 2.25 -84.11 -7.47
CA SER W 139 1.20 -83.62 -8.37
C SER W 139 -0.17 -83.56 -7.71
N ASP W 140 -0.38 -84.32 -6.62
CA ASP W 140 -1.68 -84.33 -5.97
C ASP W 140 -1.84 -83.21 -4.95
N GLY W 141 -0.82 -82.37 -4.76
CA GLY W 141 -0.96 -81.22 -3.87
C GLY W 141 -0.88 -81.55 -2.40
N THR W 142 -0.13 -82.57 -2.02
CA THR W 142 -0.02 -82.97 -0.62
C THR W 142 1.35 -82.64 -0.02
N SER W 143 2.12 -81.76 -0.67
CA SER W 143 3.42 -81.40 -0.17
C SER W 143 3.38 -80.38 0.97
N ASN W 144 2.22 -79.77 1.22
CA ASN W 144 2.07 -78.79 2.28
C ASN W 144 1.42 -79.36 3.53
N SER W 145 1.29 -80.69 3.61
CA SER W 145 0.56 -81.31 4.72
C SER W 145 1.33 -81.27 6.03
N ASP W 146 2.60 -80.88 6.01
CA ASP W 146 3.42 -80.84 7.22
C ASP W 146 3.48 -79.45 7.84
N TYR W 147 2.66 -78.52 7.38
CA TYR W 147 2.63 -77.15 7.90
C TYR W 147 1.36 -76.93 8.70
N ASP W 148 1.51 -76.39 9.90
CA ASP W 148 0.35 -76.04 10.70
C ASP W 148 -0.34 -74.82 10.12
N PRO W 149 -1.66 -74.82 9.98
CA PRO W 149 -2.35 -73.63 9.47
C PRO W 149 -2.22 -72.46 10.44
N ASN W 150 -1.68 -71.36 9.93
CA ASN W 150 -1.40 -70.20 10.76
C ASN W 150 -1.44 -68.93 9.92
N PRO W 151 -2.31 -67.96 10.24
CA PRO W 151 -2.34 -66.71 9.47
C PRO W 151 -1.07 -65.89 9.60
N PHE W 152 -0.23 -66.14 10.60
CA PHE W 152 0.99 -65.40 10.82
C PHE W 152 2.22 -66.07 10.21
N ALA W 153 2.03 -66.82 9.12
CA ALA W 153 3.14 -67.54 8.52
C ALA W 153 2.92 -67.63 7.01
N ALA W 154 4.02 -67.86 6.29
CA ALA W 154 3.98 -68.02 4.85
C ALA W 154 5.11 -68.94 4.42
N VAL W 155 4.88 -69.69 3.35
CA VAL W 155 5.83 -70.67 2.84
C VAL W 155 6.21 -70.31 1.41
N TYR W 156 7.49 -70.48 1.07
CA TYR W 156 8.00 -70.13 -0.24
C TYR W 156 8.76 -71.32 -0.82
N TYR W 157 8.50 -71.61 -2.09
CA TYR W 157 9.08 -72.73 -2.81
C TYR W 157 9.47 -72.25 -4.21
N PRO W 158 10.55 -72.79 -4.79
CA PRO W 158 11.52 -73.75 -4.25
C PRO W 158 12.76 -73.06 -3.70
N TRP W 159 13.81 -73.83 -3.44
CA TRP W 159 15.07 -73.25 -3.01
C TRP W 159 15.80 -72.63 -4.21
N LEU W 160 16.79 -71.80 -3.90
CA LEU W 160 17.46 -70.99 -4.91
C LEU W 160 18.91 -71.40 -5.06
N THR W 161 19.42 -71.24 -6.29
CA THR W 161 20.82 -71.48 -6.61
C THR W 161 21.43 -70.21 -7.18
N ALA W 162 22.76 -70.16 -7.19
CA ALA W 162 23.47 -68.99 -7.69
C ALA W 162 24.79 -69.44 -8.28
N ASP W 163 25.46 -68.50 -8.96
CA ASP W 163 26.76 -68.79 -9.55
C ASP W 163 27.79 -69.15 -8.48
N TRP W 164 27.80 -68.40 -7.37
CA TRP W 164 28.75 -68.68 -6.31
C TRP W 164 28.39 -69.91 -5.51
N THR W 165 27.14 -70.37 -5.57
CA THR W 165 26.77 -71.60 -4.88
C THR W 165 27.46 -72.79 -5.52
N THR W 166 27.96 -73.70 -4.68
CA THR W 166 28.74 -74.83 -5.16
C THR W 166 28.03 -76.17 -4.92
N THR W 167 27.67 -76.47 -3.67
CA THR W 167 27.09 -77.77 -3.35
C THR W 167 25.78 -77.70 -2.58
N ILE W 168 25.42 -76.55 -2.01
CA ILE W 168 24.16 -76.42 -1.29
C ILE W 168 23.29 -75.39 -1.99
N ASP W 169 22.06 -75.23 -1.51
CA ASP W 169 21.12 -74.29 -2.10
C ASP W 169 20.69 -73.26 -1.06
N ILE W 170 20.58 -72.02 -1.49
CA ILE W 170 20.14 -70.95 -0.60
C ILE W 170 18.67 -71.17 -0.25
N PRO W 171 18.31 -71.19 1.04
CA PRO W 171 16.89 -71.27 1.39
C PRO W 171 16.13 -70.07 0.89
N PRO W 172 14.91 -70.26 0.38
CA PRO W 172 14.16 -69.13 -0.19
C PRO W 172 13.81 -68.05 0.83
N SER W 173 13.73 -68.39 2.11
CA SER W 173 13.32 -67.41 3.12
C SER W 173 14.33 -66.28 3.25
N ALA W 174 15.63 -66.57 3.07
CA ALA W 174 16.66 -65.55 3.23
C ALA W 174 16.48 -64.43 2.22
N ALA W 175 16.23 -64.77 0.96
CA ALA W 175 15.99 -63.75 -0.05
C ALA W 175 14.62 -63.11 0.13
N ILE W 176 13.64 -63.87 0.63
CA ILE W 176 12.30 -63.33 0.82
C ILE W 176 12.30 -62.24 1.90
N ALA W 177 13.14 -62.39 2.93
CA ALA W 177 13.22 -61.34 3.95
C ALA W 177 13.72 -60.03 3.34
N GLY W 178 14.76 -60.11 2.49
CA GLY W 178 15.25 -58.91 1.83
C GLY W 178 14.23 -58.32 0.88
N VAL W 179 13.47 -59.19 0.19
CA VAL W 179 12.40 -58.72 -0.68
C VAL W 179 11.34 -57.98 0.12
N TYR W 180 11.00 -58.52 1.29
CA TYR W 180 10.05 -57.85 2.19
C TYR W 180 10.57 -56.47 2.58
N CYS W 181 11.84 -56.40 2.97
CA CYS W 181 12.43 -55.12 3.36
C CYS W 181 12.37 -54.11 2.23
N SER W 182 12.76 -54.53 1.02
CA SER W 182 12.79 -53.62 -0.13
C SER W 182 11.38 -53.16 -0.50
N VAL W 183 10.41 -54.08 -0.51
CA VAL W 183 9.04 -53.72 -0.86
C VAL W 183 8.46 -52.76 0.17
N ASP W 184 8.71 -53.02 1.46
CA ASP W 184 8.21 -52.12 2.49
C ASP W 184 8.85 -50.74 2.36
N SER W 185 10.15 -50.68 2.06
CA SER W 185 10.80 -49.39 1.88
C SER W 185 10.24 -48.63 0.68
N THR W 186 9.97 -49.33 -0.42
CA THR W 186 9.57 -48.65 -1.65
C THR W 186 8.08 -48.31 -1.65
N ARG W 187 7.23 -49.34 -1.60
CA ARG W 187 5.79 -49.16 -1.77
C ARG W 187 5.01 -49.12 -0.47
N GLY W 188 5.56 -49.66 0.62
CA GLY W 188 4.86 -49.70 1.88
C GLY W 188 4.40 -51.11 2.23
N VAL W 189 4.09 -51.29 3.51
CA VAL W 189 3.74 -52.62 4.02
C VAL W 189 2.39 -53.10 3.50
N TRP W 190 1.57 -52.21 2.94
CA TRP W 190 0.28 -52.61 2.41
C TRP W 190 0.36 -53.15 0.99
N LYS W 191 1.52 -53.09 0.36
CA LYS W 191 1.70 -53.57 -1.01
C LYS W 191 2.12 -55.03 -0.99
N ALA W 192 1.58 -55.80 -1.93
CA ALA W 192 1.87 -57.23 -1.98
C ALA W 192 3.33 -57.46 -2.32
N PRO W 193 4.06 -58.24 -1.51
CA PRO W 193 5.46 -58.57 -1.81
C PRO W 193 5.61 -59.64 -2.88
N ALA W 194 4.86 -59.50 -3.97
CA ALA W 194 4.89 -60.41 -5.11
C ALA W 194 5.04 -59.59 -6.37
N ASN W 195 5.27 -60.30 -7.48
CA ASN W 195 5.54 -59.67 -8.78
C ASN W 195 6.74 -58.72 -8.68
N VAL W 196 7.74 -59.13 -7.91
CA VAL W 196 8.94 -58.32 -7.72
C VAL W 196 10.15 -59.19 -8.07
N PRO W 197 11.20 -58.61 -8.65
CA PRO W 197 12.35 -59.42 -9.06
C PRO W 197 13.20 -59.84 -7.87
N ILE W 198 13.97 -60.90 -8.10
CA ILE W 198 14.94 -61.41 -7.13
C ILE W 198 16.32 -60.97 -7.57
N GLN W 199 16.98 -60.17 -6.74
CA GLN W 199 18.29 -59.64 -7.10
C GLN W 199 19.37 -60.70 -6.94
N GLY W 200 20.56 -60.36 -7.42
CA GLY W 200 21.71 -61.24 -7.30
C GLY W 200 21.76 -62.39 -8.27
N GLY W 201 20.84 -62.45 -9.22
CA GLY W 201 20.82 -63.55 -10.18
C GLY W 201 20.57 -64.90 -9.54
N LEU W 202 19.66 -64.95 -8.56
CA LEU W 202 19.32 -66.21 -7.92
C LEU W 202 18.26 -66.94 -8.74
N GLN W 203 18.55 -68.19 -9.08
CA GLN W 203 17.67 -68.95 -9.95
C GLN W 203 16.94 -70.04 -9.19
N PRO W 204 15.65 -70.25 -9.47
CA PRO W 204 14.92 -71.35 -8.81
C PRO W 204 15.52 -72.70 -9.20
N LYS W 205 15.50 -73.62 -8.23
CA LYS W 205 16.04 -74.94 -8.49
C LYS W 205 15.12 -75.77 -9.38
N TYR W 206 13.82 -75.65 -9.18
CA TYR W 206 12.85 -76.42 -9.94
C TYR W 206 11.85 -75.50 -10.64
N PRO W 207 11.49 -75.78 -11.88
CA PRO W 207 10.48 -74.97 -12.56
C PRO W 207 9.07 -75.36 -12.14
N VAL W 208 8.24 -74.36 -11.90
CA VAL W 208 6.86 -74.55 -11.47
C VAL W 208 5.95 -74.01 -12.56
N THR W 209 5.07 -74.87 -13.07
CA THR W 209 4.11 -74.48 -14.10
C THR W 209 2.84 -73.94 -13.48
N ASP W 210 1.97 -73.38 -14.33
CA ASP W 210 0.70 -72.85 -13.85
C ASP W 210 -0.18 -73.96 -13.28
N ASP W 211 -0.20 -75.12 -13.93
CA ASP W 211 -1.00 -76.24 -13.44
C ASP W 211 -0.50 -76.72 -12.08
N LEU W 212 0.82 -76.76 -11.89
CA LEU W 212 1.37 -77.13 -10.60
C LEU W 212 1.01 -76.10 -9.53
N GLN W 213 1.11 -74.82 -9.86
CA GLN W 213 0.76 -73.77 -8.91
C GLN W 213 -0.72 -73.79 -8.57
N ALA W 214 -1.56 -74.30 -9.48
CA ALA W 214 -3.00 -74.31 -9.24
C ALA W 214 -3.34 -75.14 -8.00
N GLN W 215 -2.67 -76.28 -7.82
CA GLN W 215 -2.97 -77.14 -6.69
C GLN W 215 -2.47 -76.57 -5.37
N TYR W 216 -1.53 -75.63 -5.40
CA TYR W 216 -0.88 -75.13 -4.19
C TYR W 216 -1.21 -73.66 -3.90
N ASN W 217 -2.28 -73.13 -4.48
CA ASN W 217 -2.68 -71.75 -4.25
C ASN W 217 -3.98 -71.65 -3.45
N GLN W 218 -4.39 -72.72 -2.78
CA GLN W 218 -5.59 -72.72 -1.97
C GLN W 218 -5.31 -73.47 -0.67
N GLY W 219 -6.12 -73.18 0.34
CA GLY W 219 -5.89 -73.78 1.64
C GLY W 219 -4.54 -73.36 2.18
N LYS W 220 -3.76 -74.34 2.63
CA LYS W 220 -2.39 -74.07 3.03
C LYS W 220 -1.55 -73.80 1.80
N ALA W 221 -1.42 -72.53 1.42
CA ALA W 221 -0.87 -72.16 0.13
C ALA W 221 0.65 -71.97 0.21
N LEU W 222 1.34 -72.40 -0.83
CA LEU W 222 2.77 -72.20 -0.98
C LEU W 222 2.99 -71.15 -2.06
N ASN W 223 3.73 -70.10 -1.72
CA ASN W 223 4.06 -69.06 -2.69
C ASN W 223 5.24 -69.53 -3.53
N MET W 224 5.12 -69.38 -4.85
CA MET W 224 6.08 -69.95 -5.79
C MET W 224 7.03 -68.88 -6.31
N ILE W 225 8.31 -69.25 -6.43
CA ILE W 225 9.30 -68.45 -7.11
C ILE W 225 9.39 -68.98 -8.54
N ARG W 226 9.08 -68.13 -9.51
CA ARG W 226 8.98 -68.55 -10.90
C ARG W 226 9.83 -67.66 -11.79
N THR W 227 10.23 -68.21 -12.92
CA THR W 227 10.99 -67.49 -13.93
C THR W 227 10.11 -67.27 -15.16
N PHE W 228 10.18 -66.06 -15.71
CA PHE W 228 9.37 -65.69 -16.87
C PHE W 228 10.29 -65.18 -17.96
N PRO W 229 10.00 -65.52 -19.22
CA PRO W 229 10.88 -65.09 -20.32
C PRO W 229 10.99 -63.59 -20.45
N LYS W 230 9.92 -62.84 -20.19
CA LYS W 230 9.93 -61.40 -20.36
C LYS W 230 10.33 -60.64 -19.10
N SER W 231 10.43 -61.31 -17.96
CA SER W 231 10.74 -60.62 -16.72
C SER W 231 11.92 -61.22 -15.97
N GLY W 232 12.08 -62.55 -15.99
CA GLY W 232 13.11 -63.19 -15.22
C GLY W 232 12.56 -63.88 -13.98
N THR W 233 13.37 -64.00 -12.94
CA THR W 233 12.93 -64.64 -11.71
C THR W 233 12.08 -63.68 -10.89
N LEU W 234 10.89 -64.14 -10.51
CA LEU W 234 9.93 -63.30 -9.80
C LEU W 234 9.32 -64.09 -8.66
N VAL W 235 8.75 -63.36 -7.70
CA VAL W 235 7.92 -63.94 -6.65
C VAL W 235 6.48 -63.91 -7.13
N TRP W 236 5.81 -65.06 -7.10
CA TRP W 236 4.49 -65.21 -7.67
C TRP W 236 3.51 -65.76 -6.66
N GLY W 237 3.51 -65.17 -5.46
CA GLY W 237 2.59 -65.57 -4.41
C GLY W 237 2.61 -64.64 -3.23
N ALA W 238 1.43 -64.25 -2.74
CA ALA W 238 1.31 -63.35 -1.60
C ALA W 238 0.21 -63.82 -0.66
N ARG W 239 0.17 -65.11 -0.37
CA ARG W 239 -0.86 -65.70 0.47
C ARG W 239 -0.26 -66.28 1.74
N THR W 240 -1.03 -66.23 2.82
CA THR W 240 -0.64 -66.84 4.08
C THR W 240 -1.13 -68.28 4.11
N LEU W 241 -1.03 -68.92 5.28
CA LEU W 241 -1.40 -70.33 5.43
C LEU W 241 -2.85 -70.52 5.86
N GLU W 242 -3.62 -69.45 6.01
CA GLU W 242 -5.02 -69.54 6.40
C GLU W 242 -5.88 -69.02 5.25
N ASP W 243 -6.62 -69.92 4.61
CA ASP W 243 -7.51 -69.55 3.50
C ASP W 243 -8.84 -69.11 4.08
N ASN W 244 -8.90 -67.83 4.45
CA ASN W 244 -10.07 -67.24 5.07
C ASN W 244 -10.30 -65.86 4.46
N ASP W 245 -11.54 -65.39 4.53
CA ASP W 245 -11.85 -64.06 4.00
C ASP W 245 -11.01 -62.98 4.65
N ASN W 246 -10.62 -63.18 5.90
CA ASN W 246 -9.65 -62.34 6.58
C ASN W 246 -8.31 -63.04 6.63
N TRP W 247 -7.23 -62.26 6.56
CA TRP W 247 -5.85 -62.74 6.68
C TRP W 247 -5.49 -63.75 5.60
N ARG W 248 -6.18 -63.74 4.46
CA ARG W 248 -5.79 -64.60 3.35
C ARG W 248 -4.48 -64.12 2.75
N TYR W 249 -4.28 -62.82 2.67
CA TYR W 249 -3.14 -62.23 2.00
C TYR W 249 -2.11 -61.74 3.01
N ILE W 250 -0.83 -61.90 2.66
CA ILE W 250 0.25 -61.39 3.50
C ILE W 250 0.14 -59.89 3.76
N PRO W 251 -0.14 -59.03 2.76
CA PRO W 251 -0.16 -57.59 3.04
C PRO W 251 -1.15 -57.19 4.12
N VAL W 252 -2.33 -57.79 4.15
CA VAL W 252 -3.33 -57.41 5.14
C VAL W 252 -2.84 -57.75 6.55
N ARG W 253 -2.33 -58.96 6.72
CA ARG W 253 -1.84 -59.38 8.03
C ARG W 253 -0.67 -58.52 8.49
N ARG W 254 0.28 -58.26 7.60
CA ARG W 254 1.45 -57.47 7.99
C ARG W 254 1.07 -56.03 8.28
N LEU W 255 0.15 -55.46 7.49
CA LEU W 255 -0.32 -54.11 7.76
C LEU W 255 -1.03 -54.02 9.10
N PHE W 256 -1.85 -55.02 9.43
CA PHE W 256 -2.54 -54.99 10.72
C PHE W 256 -1.56 -55.15 11.88
N ASN W 257 -0.54 -55.99 11.71
CA ASN W 257 0.49 -56.13 12.75
C ASN W 257 1.21 -54.80 12.96
N SER W 258 1.61 -54.15 11.87
CA SER W 258 2.29 -52.86 11.98
C SER W 258 1.40 -51.82 12.63
N ALA W 259 0.12 -51.81 12.26
CA ALA W 259 -0.81 -50.86 12.85
C ALA W 259 -0.97 -51.10 14.35
N GLU W 260 -1.07 -52.38 14.76
CA GLU W 260 -1.17 -52.67 16.18
C GLU W 260 0.06 -52.19 16.93
N ARG W 261 1.25 -52.47 16.38
CA ARG W 261 2.48 -52.06 17.05
C ARG W 261 2.57 -50.55 17.17
N ASP W 262 2.26 -49.83 16.08
CA ASP W 262 2.35 -48.38 16.11
C ASP W 262 1.31 -47.76 17.04
N ILE W 263 0.10 -48.32 17.05
CA ILE W 263 -0.94 -47.81 17.94
C ILE W 263 -0.56 -48.04 19.39
N LYS W 264 -0.02 -49.21 19.72
CA LYS W 264 0.43 -49.46 21.08
C LYS W 264 1.55 -48.50 21.48
N ASN W 265 2.49 -48.25 20.57
CA ASN W 265 3.57 -47.32 20.86
C ASN W 265 3.04 -45.91 21.08
N ALA W 266 2.04 -45.51 20.30
CA ALA W 266 1.57 -44.13 20.33
C ALA W 266 0.95 -43.76 21.67
N MET W 267 0.17 -44.67 22.26
CA MET W 267 -0.56 -44.36 23.50
C MET W 267 0.20 -44.75 24.75
N SER W 268 1.44 -45.23 24.63
CA SER W 268 2.21 -45.60 25.80
C SER W 268 2.58 -44.42 26.68
N PHE W 269 2.41 -43.19 26.18
CA PHE W 269 2.71 -42.00 26.96
C PHE W 269 1.70 -41.76 28.08
N ALA W 270 0.57 -42.44 28.06
CA ALA W 270 -0.53 -42.14 28.99
C ALA W 270 -0.45 -42.95 30.27
N VAL W 271 0.61 -43.73 30.48
CA VAL W 271 0.74 -44.49 31.72
C VAL W 271 0.99 -43.54 32.88
N PHE W 272 0.51 -43.93 34.06
CA PHE W 272 0.64 -43.14 35.29
C PHE W 272 -0.01 -41.76 35.15
N GLU W 273 -0.98 -41.65 34.26
CA GLU W 273 -1.84 -40.50 34.11
C GLU W 273 -3.23 -40.82 34.60
N PRO W 274 -4.05 -39.83 34.95
CA PRO W 274 -5.40 -40.12 35.45
C PRO W 274 -6.19 -40.95 34.46
N ASN W 275 -6.88 -41.96 34.97
CA ASN W 275 -7.75 -42.79 34.14
C ASN W 275 -9.13 -42.15 34.01
N SER W 276 -9.15 -40.96 33.43
CA SER W 276 -10.37 -40.19 33.29
C SER W 276 -10.57 -39.73 31.86
N GLN W 277 -11.55 -38.86 31.64
CA GLN W 277 -11.89 -38.46 30.27
C GLN W 277 -10.77 -37.73 29.54
N PRO W 278 -10.06 -36.75 30.12
CA PRO W 278 -9.03 -36.04 29.34
C PRO W 278 -7.94 -36.94 28.79
N THR W 279 -7.50 -37.93 29.57
CA THR W 279 -6.49 -38.85 29.07
C THR W 279 -7.02 -39.66 27.89
N TRP W 280 -8.28 -40.10 27.97
CA TRP W 280 -8.87 -40.83 26.86
C TRP W 280 -8.98 -39.94 25.63
N GLU W 281 -9.30 -38.66 25.82
CA GLU W 281 -9.37 -37.74 24.70
C GLU W 281 -8.00 -37.57 24.03
N ARG W 282 -6.95 -37.43 24.84
CA ARG W 282 -5.61 -37.31 24.27
C ARG W 282 -5.21 -38.58 23.51
N VAL W 283 -5.51 -39.75 24.08
CA VAL W 283 -5.18 -41.01 23.41
C VAL W 283 -5.94 -41.12 22.10
N ARG W 284 -7.22 -40.75 22.11
CA ARG W 284 -8.02 -40.78 20.88
C ARG W 284 -7.44 -39.84 19.84
N SER W 285 -6.99 -38.66 20.26
CA SER W 285 -6.39 -37.71 19.33
C SER W 285 -5.15 -38.30 18.68
N ALA W 286 -4.27 -38.91 19.49
CA ALA W 286 -3.05 -39.49 18.95
C ALA W 286 -3.35 -40.63 17.97
N VAL W 287 -4.27 -41.51 18.35
CA VAL W 287 -4.62 -42.65 17.49
C VAL W 287 -5.23 -42.16 16.19
N ASN W 288 -6.13 -41.16 16.27
CA ASN W 288 -6.75 -40.62 15.07
C ASN W 288 -5.71 -39.97 14.16
N ASN W 289 -4.74 -39.26 14.74
CA ASN W 289 -3.69 -38.65 13.93
C ASN W 289 -2.89 -39.72 13.18
N TYR W 290 -2.50 -40.79 13.89
CA TYR W 290 -1.75 -41.85 13.24
C TYR W 290 -2.57 -42.51 12.13
N LEU W 291 -3.85 -42.78 12.40
CA LEU W 291 -4.68 -43.44 11.40
C LEU W 291 -4.91 -42.55 10.19
N TYR W 292 -5.07 -41.24 10.41
CA TYR W 292 -5.24 -40.32 9.29
C TYR W 292 -3.98 -40.26 8.44
N SER W 293 -2.80 -40.25 9.07
CA SER W 293 -1.56 -40.28 8.29
C SER W 293 -1.48 -41.56 7.48
N LEU W 294 -1.84 -42.70 8.08
CA LEU W 294 -1.79 -43.97 7.37
C LEU W 294 -2.77 -43.97 6.19
N TRP W 295 -3.97 -43.43 6.37
CA TRP W 295 -4.94 -43.37 5.29
C TRP W 295 -4.46 -42.45 4.18
N GLN W 296 -3.90 -41.29 4.54
CA GLN W 296 -3.42 -40.36 3.53
C GLN W 296 -2.26 -40.93 2.74
N GLN W 297 -1.44 -41.77 3.36
CA GLN W 297 -0.37 -42.44 2.63
C GLN W 297 -0.91 -43.40 1.58
N GLY W 298 -2.18 -43.80 1.68
CA GLY W 298 -2.76 -44.77 0.78
C GLY W 298 -2.87 -46.18 1.32
N GLY W 299 -2.53 -46.39 2.60
CA GLY W 299 -2.61 -47.73 3.16
C GLY W 299 -4.04 -48.24 3.28
N LEU W 300 -4.97 -47.35 3.61
CA LEU W 300 -6.36 -47.74 3.84
C LEU W 300 -7.21 -47.42 2.63
N ALA W 301 -8.43 -47.96 2.64
CA ALA W 301 -9.38 -47.80 1.55
C ALA W 301 -10.48 -46.83 1.95
N GLY W 302 -11.03 -46.14 0.95
CA GLY W 302 -12.11 -45.20 1.17
C GLY W 302 -11.81 -43.83 0.60
N ASN W 303 -12.87 -43.13 0.19
CA ASN W 303 -12.71 -41.79 -0.35
C ASN W 303 -12.58 -40.72 0.72
N LYS W 304 -12.92 -41.04 1.96
CA LYS W 304 -12.79 -40.12 3.08
C LYS W 304 -12.40 -40.94 4.31
N PRO W 305 -11.77 -40.29 5.31
CA PRO W 305 -11.31 -41.06 6.49
C PRO W 305 -12.44 -41.76 7.23
N ASP W 306 -13.66 -41.23 7.18
CA ASP W 306 -14.77 -41.88 7.89
C ASP W 306 -15.08 -43.26 7.29
N ASP W 307 -14.75 -43.47 6.03
CA ASP W 307 -14.94 -44.76 5.39
C ASP W 307 -13.77 -45.71 5.63
N ALA W 308 -12.67 -45.23 6.20
CA ALA W 308 -11.45 -46.02 6.35
C ALA W 308 -11.26 -46.58 7.75
N TYR W 309 -11.59 -45.82 8.80
CA TYR W 309 -11.32 -46.27 10.14
C TYR W 309 -12.27 -45.59 11.13
N PHE W 310 -12.34 -46.17 12.33
CA PHE W 310 -13.06 -45.57 13.43
C PHE W 310 -12.32 -45.89 14.72
N VAL W 311 -12.47 -45.03 15.72
CA VAL W 311 -11.82 -45.18 17.01
C VAL W 311 -12.87 -44.99 18.10
N GLN W 312 -12.92 -45.93 19.04
CA GLN W 312 -13.84 -45.85 20.17
C GLN W 312 -13.05 -45.97 21.47
N ILE W 313 -13.31 -45.05 22.40
CA ILE W 313 -12.71 -45.11 23.74
C ILE W 313 -13.56 -44.28 24.69
N GLY W 314 -13.86 -44.82 25.85
CA GLY W 314 -14.61 -44.09 26.86
C GLY W 314 -15.42 -45.03 27.73
N LYS W 315 -16.04 -44.44 28.74
CA LYS W 315 -16.90 -45.19 29.64
C LYS W 315 -18.16 -45.64 28.94
N ASP W 316 -18.60 -46.87 29.26
CA ASP W 316 -19.79 -47.52 28.72
C ASP W 316 -19.67 -47.87 27.24
N ILE W 317 -18.55 -47.55 26.59
CA ILE W 317 -18.29 -47.94 25.22
C ILE W 317 -17.24 -49.05 25.16
N THR W 318 -16.06 -48.80 25.72
CA THR W 318 -15.01 -49.81 25.83
C THR W 318 -14.55 -50.00 27.27
N MET W 319 -15.17 -49.32 28.23
CA MET W 319 -14.73 -49.35 29.61
C MET W 319 -15.91 -49.59 30.54
N THR W 320 -15.64 -50.23 31.66
CA THR W 320 -16.60 -50.38 32.75
C THR W 320 -16.01 -49.77 34.01
N ASP W 321 -16.86 -49.59 35.02
CA ASP W 321 -16.39 -49.03 36.29
C ASP W 321 -15.35 -49.94 36.94
N ASP W 322 -15.55 -51.25 36.86
CA ASP W 322 -14.58 -52.19 37.41
C ASP W 322 -13.25 -52.10 36.68
N ASP W 323 -13.30 -51.96 35.35
CA ASP W 323 -12.06 -51.81 34.58
C ASP W 323 -11.35 -50.52 34.94
N ILE W 324 -12.09 -49.43 35.12
CA ILE W 324 -11.48 -48.16 35.48
C ILE W 324 -10.83 -48.25 36.86
N LYS W 325 -11.51 -48.91 37.81
CA LYS W 325 -10.95 -49.06 39.15
C LYS W 325 -9.63 -49.82 39.14
N GLN W 326 -9.43 -50.70 38.16
CA GLN W 326 -8.20 -51.46 38.04
C GLN W 326 -7.14 -50.74 37.21
N GLY W 327 -7.43 -49.54 36.74
CA GLY W 327 -6.48 -48.79 35.94
C GLY W 327 -6.19 -49.39 34.58
N LYS W 328 -7.23 -49.90 33.91
CA LYS W 328 -7.10 -50.50 32.59
C LYS W 328 -7.70 -49.56 31.55
N MET W 329 -6.96 -49.33 30.47
CA MET W 329 -7.40 -48.49 29.37
C MET W 329 -7.63 -49.37 28.15
N ILE W 330 -8.84 -49.32 27.59
CA ILE W 330 -9.24 -50.18 26.48
C ILE W 330 -9.68 -49.29 25.33
N ILE W 331 -9.16 -49.57 24.13
CA ILE W 331 -9.51 -48.84 22.93
C ILE W 331 -9.83 -49.85 21.84
N LYS W 332 -10.75 -49.47 20.94
CA LYS W 332 -11.16 -50.33 19.83
C LYS W 332 -10.98 -49.57 18.53
N ILE W 333 -10.33 -50.21 17.55
CA ILE W 333 -10.02 -49.60 16.27
C ILE W 333 -10.44 -50.55 15.16
N GLY W 334 -11.14 -50.03 14.17
CA GLY W 334 -11.48 -50.77 12.97
C GLY W 334 -10.82 -50.13 11.76
N MET W 335 -10.37 -50.96 10.82
CA MET W 335 -9.65 -50.50 9.65
C MET W 335 -10.13 -51.22 8.42
N ALA W 336 -9.98 -50.57 7.27
CA ALA W 336 -10.32 -51.15 5.98
C ALA W 336 -9.06 -51.26 5.13
N ALA W 337 -8.81 -52.44 4.59
CA ALA W 337 -7.61 -52.71 3.81
C ALA W 337 -7.96 -53.00 2.36
N VAL W 338 -7.04 -52.65 1.47
CA VAL W 338 -7.21 -52.86 0.04
C VAL W 338 -6.64 -54.22 -0.32
N ARG W 339 -7.42 -55.03 -1.03
CA ARG W 339 -6.91 -56.34 -1.38
C ARG W 339 -6.41 -56.36 -2.83
N PRO W 340 -5.35 -57.10 -3.11
CA PRO W 340 -4.77 -57.08 -4.45
C PRO W 340 -5.61 -57.86 -5.46
N ALA W 341 -5.36 -57.57 -6.73
CA ALA W 341 -5.96 -58.32 -7.83
C ALA W 341 -5.06 -59.51 -8.16
N GLU W 342 -5.64 -60.71 -8.11
CA GLU W 342 -4.87 -61.94 -8.29
C GLU W 342 -5.05 -62.56 -9.66
N PHE W 343 -6.26 -62.51 -10.22
CA PHE W 343 -6.56 -63.15 -11.49
C PHE W 343 -7.04 -62.11 -12.49
N ILE W 344 -6.44 -62.13 -13.68
CA ILE W 344 -6.83 -61.25 -14.78
C ILE W 344 -7.32 -62.13 -15.92
N ILE W 345 -8.56 -61.91 -16.35
CA ILE W 345 -9.19 -62.74 -17.38
C ILE W 345 -9.32 -61.91 -18.64
N LEU W 346 -8.74 -62.41 -19.73
CA LEU W 346 -8.82 -61.77 -21.04
C LEU W 346 -9.75 -62.60 -21.92
N GLN W 347 -10.79 -61.96 -22.44
CA GLN W 347 -11.78 -62.61 -23.29
C GLN W 347 -11.67 -62.03 -24.70
N PHE W 348 -11.24 -62.85 -25.65
CA PHE W 348 -11.00 -62.41 -27.01
C PHE W 348 -12.17 -62.79 -27.91
N THR W 349 -12.56 -61.87 -28.78
CA THR W 349 -13.62 -62.09 -29.74
C THR W 349 -13.15 -61.62 -31.11
N GLN W 350 -13.96 -61.92 -32.13
CA GLN W 350 -13.62 -61.59 -33.50
C GLN W 350 -14.61 -60.66 -34.19
N ASN W 351 -15.80 -60.48 -33.63
CA ASN W 351 -16.83 -59.69 -34.30
C ASN W 351 -16.50 -58.20 -34.33
N THR W 352 -15.63 -57.73 -33.44
CA THR W 352 -15.26 -56.31 -33.29
C THR W 352 -16.33 -55.31 -33.70
N THR X 2 -10.74 -71.45 -16.77
CA THR X 2 -11.13 -70.15 -17.32
C THR X 2 -11.95 -69.36 -16.31
N THR X 3 -13.23 -69.70 -16.19
CA THR X 3 -14.07 -69.08 -15.18
C THR X 3 -13.60 -69.44 -13.78
N ILE X 4 -13.18 -70.68 -13.58
CA ILE X 4 -12.66 -71.11 -12.29
C ILE X 4 -11.21 -70.67 -12.19
N THR X 5 -10.90 -69.86 -11.17
CA THR X 5 -9.57 -69.31 -10.98
C THR X 5 -8.84 -70.08 -9.91
N THR X 6 -7.67 -70.63 -10.25
CA THR X 6 -6.86 -71.40 -9.33
C THR X 6 -5.51 -70.78 -9.06
N TYR X 7 -4.74 -70.45 -10.10
CA TYR X 7 -3.42 -69.88 -9.95
C TYR X 7 -3.44 -68.40 -10.27
N PRO X 8 -2.58 -67.61 -9.63
CA PRO X 8 -2.48 -66.20 -9.99
C PRO X 8 -1.82 -66.02 -11.35
N GLY X 9 -2.32 -65.05 -12.10
CA GLY X 9 -1.77 -64.78 -13.42
C GLY X 9 -2.86 -64.30 -14.35
N VAL X 10 -2.65 -64.56 -15.64
CA VAL X 10 -3.52 -64.09 -16.71
C VAL X 10 -4.19 -65.28 -17.37
N TYR X 11 -5.51 -65.25 -17.46
CA TYR X 11 -6.29 -66.28 -18.13
C TYR X 11 -6.75 -65.77 -19.49
N ILE X 12 -6.81 -66.67 -20.46
CA ILE X 12 -7.20 -66.33 -21.83
C ILE X 12 -8.43 -67.15 -22.20
N GLU X 13 -9.47 -66.49 -22.69
CA GLU X 13 -10.69 -67.13 -23.16
C GLU X 13 -10.99 -66.66 -24.57
N GLU X 14 -11.40 -67.60 -25.42
CA GLU X 14 -11.67 -67.29 -26.83
C GLU X 14 -13.14 -66.98 -27.09
N ASP X 15 -13.99 -67.00 -26.08
CA ASP X 15 -15.39 -66.65 -26.21
C ASP X 15 -15.70 -65.46 -25.32
N ALA X 16 -16.59 -64.59 -25.77
CA ALA X 16 -16.90 -63.37 -25.02
C ALA X 16 -18.30 -62.91 -25.41
N SER X 17 -19.20 -62.85 -24.43
CA SER X 17 -20.50 -62.24 -24.65
C SER X 17 -20.34 -60.72 -24.75
N LEU X 18 -21.34 -60.09 -25.36
CA LEU X 18 -21.27 -58.65 -25.58
C LEU X 18 -21.44 -57.90 -24.27
N SER X 19 -20.94 -56.66 -24.26
CA SER X 19 -21.04 -55.77 -23.12
C SER X 19 -21.55 -54.41 -23.58
N LEU X 20 -22.21 -53.70 -22.68
CA LEU X 20 -22.77 -52.39 -22.97
C LEU X 20 -22.36 -51.41 -21.90
N SER X 21 -22.20 -50.15 -22.29
CA SER X 21 -21.81 -49.11 -21.36
C SER X 21 -22.96 -48.80 -20.39
N VAL X 22 -22.61 -48.14 -19.30
CA VAL X 22 -23.56 -47.81 -18.23
C VAL X 22 -23.84 -46.32 -18.28
N SER X 23 -25.13 -45.97 -18.36
CA SER X 23 -25.58 -44.59 -18.37
C SER X 23 -26.47 -44.34 -17.16
N SER X 24 -26.38 -43.13 -16.62
CA SER X 24 -27.10 -42.76 -15.40
C SER X 24 -28.06 -41.61 -15.69
N SER X 25 -29.27 -41.72 -15.15
CA SER X 25 -30.27 -40.68 -15.28
C SER X 25 -31.16 -40.70 -14.03
N ALA X 26 -31.82 -39.57 -13.79
CA ALA X 26 -32.66 -39.42 -12.61
C ALA X 26 -34.07 -38.94 -12.89
N THR X 27 -34.30 -38.25 -14.00
CA THR X 27 -35.64 -37.75 -14.33
C THR X 27 -36.42 -38.68 -15.24
N ALA X 28 -35.86 -39.85 -15.59
CA ALA X 28 -36.53 -40.82 -16.45
C ALA X 28 -36.20 -42.22 -15.94
N VAL X 29 -37.05 -42.76 -15.08
CA VAL X 29 -36.91 -44.10 -14.55
C VAL X 29 -38.12 -44.91 -15.00
N PRO X 30 -37.96 -45.77 -16.00
CA PRO X 30 -39.10 -46.49 -16.58
C PRO X 30 -39.38 -47.82 -15.89
N VAL X 31 -40.60 -48.29 -16.10
CA VAL X 31 -41.03 -49.62 -15.65
C VAL X 31 -41.42 -50.42 -16.88
N PHE X 32 -40.84 -51.62 -17.01
CA PHE X 32 -41.09 -52.49 -18.14
C PHE X 32 -42.08 -53.56 -17.74
N ALA X 33 -43.18 -53.67 -18.47
CA ALA X 33 -44.16 -54.72 -18.24
C ALA X 33 -43.68 -56.03 -18.86
N VAL X 34 -43.77 -57.11 -18.10
CA VAL X 34 -43.29 -58.41 -18.53
C VAL X 34 -44.45 -59.40 -18.55
N ALA X 35 -44.37 -60.36 -19.45
CA ALA X 35 -45.40 -61.39 -19.56
C ALA X 35 -45.40 -62.28 -18.31
N GLY X 36 -46.58 -62.85 -18.03
CA GLY X 36 -46.74 -63.64 -16.82
C GLY X 36 -46.00 -64.96 -16.83
N ASP X 37 -45.62 -65.46 -18.01
CA ASP X 37 -44.92 -66.73 -18.12
C ASP X 37 -43.42 -66.59 -17.99
N ASN X 38 -42.91 -65.39 -17.74
CA ASN X 38 -41.48 -65.19 -17.61
C ASN X 38 -40.98 -65.79 -16.30
N PRO X 39 -40.06 -66.74 -16.32
CA PRO X 39 -39.56 -67.31 -15.07
C PRO X 39 -38.72 -66.34 -14.25
N LEU X 40 -38.08 -65.37 -14.89
CA LEU X 40 -37.22 -64.44 -14.17
C LEU X 40 -38.01 -63.59 -13.19
N ILE X 41 -39.18 -63.10 -13.62
CA ILE X 41 -39.96 -62.19 -12.79
C ILE X 41 -40.96 -62.91 -11.89
N SER X 42 -41.36 -64.13 -12.23
CA SER X 42 -42.35 -64.85 -11.44
C SER X 42 -41.84 -65.15 -10.04
N GLY X 43 -42.72 -65.01 -9.05
CA GLY X 43 -42.38 -65.24 -7.67
C GLY X 43 -42.03 -63.99 -6.88
N LYS X 44 -41.80 -62.87 -7.55
CA LYS X 44 -41.44 -61.62 -6.89
C LYS X 44 -42.34 -60.50 -7.38
N PRO X 45 -42.61 -59.52 -6.53
CA PRO X 45 -43.46 -58.39 -6.95
C PRO X 45 -42.79 -57.53 -8.02
N TYR X 46 -41.52 -57.20 -7.79
CA TYR X 46 -40.76 -56.39 -8.73
C TYR X 46 -39.28 -56.62 -8.49
N ILE X 47 -38.47 -56.32 -9.51
CA ILE X 47 -37.02 -56.35 -9.39
C ILE X 47 -36.48 -55.06 -9.97
N ARG X 48 -35.24 -54.75 -9.60
CA ARG X 48 -34.54 -53.56 -10.08
C ARG X 48 -33.35 -53.99 -10.92
N ILE X 49 -33.26 -53.45 -12.13
CA ILE X 49 -32.15 -53.72 -13.05
C ILE X 49 -31.39 -52.41 -13.23
N SER X 50 -30.09 -52.42 -12.94
CA SER X 50 -29.28 -51.22 -13.03
C SER X 50 -28.47 -51.12 -14.31
N ASN X 51 -28.17 -52.24 -14.96
CA ASN X 51 -27.39 -52.23 -16.19
C ASN X 51 -27.61 -53.54 -16.92
N TRP X 52 -27.07 -53.60 -18.14
CA TRP X 52 -27.22 -54.81 -18.96
C TRP X 52 -26.51 -56.00 -18.32
N LEU X 53 -25.38 -55.77 -17.67
CA LEU X 53 -24.64 -56.86 -17.05
C LEU X 53 -25.44 -57.48 -15.91
N GLU X 54 -26.11 -56.65 -15.10
CA GLU X 54 -26.91 -57.19 -14.00
C GLU X 54 -28.07 -58.03 -14.50
N TYR X 55 -28.71 -57.59 -15.58
CA TYR X 55 -29.82 -58.37 -16.14
C TYR X 55 -29.33 -59.73 -16.65
N LEU X 56 -28.17 -59.75 -17.31
CA LEU X 56 -27.61 -61.01 -17.78
C LEU X 56 -27.23 -61.92 -16.61
N THR X 57 -26.69 -61.33 -15.54
CA THR X 57 -26.34 -62.12 -14.37
C THR X 57 -27.58 -62.73 -13.73
N LEU X 58 -28.65 -61.95 -13.60
CA LEU X 58 -29.88 -62.47 -13.03
C LEU X 58 -30.51 -63.53 -13.91
N LYS X 59 -30.45 -63.33 -15.23
CA LYS X 59 -31.02 -64.31 -16.16
C LYS X 59 -30.29 -65.63 -16.10
N ASN X 60 -28.97 -65.61 -15.88
CA ASN X 60 -28.14 -66.81 -15.80
C ASN X 60 -28.25 -67.64 -17.08
N GLU X 61 -28.30 -66.95 -18.22
CA GLU X 61 -28.39 -67.61 -19.51
C GLU X 61 -27.84 -66.68 -20.57
N GLN X 62 -27.56 -67.24 -21.74
CA GLN X 62 -27.05 -66.45 -22.86
C GLN X 62 -28.16 -65.58 -23.43
N PHE X 63 -27.74 -64.59 -24.23
CA PHE X 63 -28.70 -63.71 -24.88
C PHE X 63 -29.52 -64.49 -25.90
N ASP X 64 -30.84 -64.26 -25.88
CA ASP X 64 -31.76 -64.96 -26.76
C ASP X 64 -32.52 -63.97 -27.63
N PRO X 65 -32.25 -63.92 -28.95
CA PRO X 65 -33.02 -63.02 -29.82
C PRO X 65 -34.45 -63.44 -30.03
N ALA X 66 -34.85 -64.63 -29.56
CA ALA X 66 -36.21 -65.12 -29.70
C ALA X 66 -37.10 -64.73 -28.53
N ASN X 67 -36.58 -64.01 -27.55
CA ASN X 67 -37.34 -63.54 -26.40
C ASN X 67 -37.54 -62.03 -26.52
N THR X 68 -38.72 -61.56 -26.13
CA THR X 68 -39.04 -60.15 -26.29
C THR X 68 -38.41 -59.29 -25.18
N LEU X 69 -38.36 -59.81 -23.96
CA LEU X 69 -37.90 -59.00 -22.83
C LEU X 69 -36.43 -58.63 -22.98
N ASP X 70 -35.57 -59.59 -23.32
CA ASP X 70 -34.14 -59.31 -23.37
C ASP X 70 -33.79 -58.43 -24.56
N ILE X 71 -34.46 -58.61 -25.70
CA ILE X 71 -34.19 -57.73 -26.84
C ILE X 71 -34.69 -56.33 -26.55
N SER X 72 -35.83 -56.21 -25.86
CA SER X 72 -36.30 -54.88 -25.46
C SER X 72 -35.32 -54.21 -24.52
N LEU X 73 -34.78 -54.96 -23.55
CA LEU X 73 -33.82 -54.38 -22.61
C LEU X 73 -32.52 -54.01 -23.32
N ARG X 74 -32.09 -54.83 -24.28
CA ARG X 74 -30.90 -54.49 -25.06
C ARG X 74 -31.11 -53.20 -25.85
N ALA X 75 -32.26 -53.06 -26.50
CA ALA X 75 -32.53 -51.83 -27.24
C ALA X 75 -32.59 -50.64 -26.29
N TYR X 76 -33.17 -50.83 -25.10
CA TYR X 76 -33.24 -49.74 -24.12
C TYR X 76 -31.85 -49.32 -23.65
N PHE X 77 -30.97 -50.29 -23.39
CA PHE X 77 -29.65 -49.96 -22.86
C PHE X 77 -28.72 -49.42 -23.93
N ILE X 78 -28.85 -49.87 -25.18
CA ILE X 78 -28.01 -49.33 -26.24
C ILE X 78 -28.29 -47.85 -26.45
N ASN X 79 -29.55 -47.45 -26.32
CA ASN X 79 -29.94 -46.07 -26.56
C ASN X 79 -29.60 -45.14 -25.39
N GLY X 80 -29.12 -45.68 -24.28
CA GLY X 80 -28.63 -44.84 -23.20
C GLY X 80 -29.54 -44.74 -22.00
N GLY X 81 -30.22 -45.84 -21.67
CA GLY X 81 -31.10 -45.85 -20.53
C GLY X 81 -30.39 -46.15 -19.22
N GLY X 82 -30.98 -45.68 -18.13
CA GLY X 82 -30.48 -45.93 -16.79
C GLY X 82 -31.10 -47.15 -16.16
N TYR X 83 -31.13 -47.17 -14.83
CA TYR X 83 -31.72 -48.29 -14.12
C TYR X 83 -33.24 -48.29 -14.29
N CYS X 84 -33.81 -49.48 -14.34
CA CYS X 84 -35.24 -49.65 -14.59
C CYS X 84 -35.82 -50.66 -13.61
N TYR X 85 -37.12 -50.89 -13.72
CA TYR X 85 -37.84 -51.85 -12.91
C TYR X 85 -38.61 -52.80 -13.82
N LEU X 86 -38.71 -54.06 -13.39
CA LEU X 86 -39.48 -55.07 -14.10
C LEU X 86 -40.68 -55.46 -13.25
N VAL X 87 -41.88 -55.30 -13.79
CA VAL X 87 -43.12 -55.60 -13.10
C VAL X 87 -44.03 -56.36 -14.06
N GLN X 88 -44.67 -57.41 -13.54
CA GLN X 88 -45.63 -58.16 -14.36
C GLN X 88 -46.83 -57.30 -14.69
N THR X 89 -47.45 -57.60 -15.85
CA THR X 89 -48.55 -56.77 -16.35
C THR X 89 -49.74 -56.77 -15.40
N THR X 90 -50.09 -57.95 -14.86
CA THR X 90 -51.25 -58.06 -14.00
C THR X 90 -51.08 -57.32 -12.68
N ASP X 91 -49.84 -57.10 -12.24
CA ASP X 91 -49.56 -56.45 -10.98
C ASP X 91 -49.19 -54.98 -11.12
N LEU X 92 -49.36 -54.40 -12.31
CA LEU X 92 -48.92 -53.03 -12.53
C LEU X 92 -49.68 -52.05 -11.65
N GLU X 93 -51.01 -52.16 -11.62
CA GLU X 93 -51.83 -51.19 -10.89
C GLU X 93 -51.54 -51.22 -9.40
N LYS X 94 -51.14 -52.36 -8.86
CA LYS X 94 -50.88 -52.48 -7.43
C LYS X 94 -49.44 -52.19 -7.06
N GLN X 95 -48.49 -52.42 -7.97
CA GLN X 95 -47.07 -52.29 -7.65
C GLN X 95 -46.46 -50.97 -8.07
N VAL X 96 -46.93 -50.39 -9.19
CA VAL X 96 -46.34 -49.13 -9.67
C VAL X 96 -46.47 -48.00 -8.65
N PRO X 97 -47.63 -47.75 -8.03
CA PRO X 97 -47.71 -46.67 -7.04
C PRO X 97 -46.82 -46.88 -5.83
N LYS X 98 -46.39 -48.12 -5.57
CA LYS X 98 -45.54 -48.40 -4.42
C LYS X 98 -44.09 -47.96 -4.63
N LEU X 99 -43.73 -47.52 -5.82
CA LEU X 99 -42.37 -47.07 -6.13
C LEU X 99 -42.37 -45.56 -6.33
N ASP X 100 -41.42 -44.88 -5.69
CA ASP X 100 -41.38 -43.42 -5.69
C ASP X 100 -40.63 -42.85 -6.88
N ASP X 101 -39.50 -43.45 -7.25
CA ASP X 101 -38.64 -42.89 -8.29
C ASP X 101 -39.15 -43.16 -9.69
N VAL X 102 -40.22 -43.96 -9.85
CA VAL X 102 -40.71 -44.32 -11.17
C VAL X 102 -41.38 -43.11 -11.82
N THR X 103 -40.99 -42.81 -13.07
CA THR X 103 -41.56 -41.71 -13.81
C THR X 103 -42.18 -42.12 -15.15
N LEU X 104 -41.83 -43.28 -15.69
CA LEU X 104 -42.30 -43.72 -17.00
C LEU X 104 -42.86 -45.13 -16.93
N LEU X 105 -43.89 -45.38 -17.73
CA LEU X 105 -44.44 -46.71 -17.92
C LEU X 105 -44.17 -47.13 -19.36
N VAL X 106 -43.53 -48.29 -19.52
CA VAL X 106 -43.13 -48.77 -20.84
C VAL X 106 -43.78 -50.13 -21.07
N ALA X 107 -44.49 -50.26 -22.19
CA ALA X 107 -45.10 -51.52 -22.59
C ALA X 107 -44.12 -52.27 -23.49
N ALA X 108 -43.36 -53.19 -22.90
CA ALA X 108 -42.37 -53.95 -23.65
C ALA X 108 -43.05 -55.06 -24.45
N GLY X 109 -43.92 -54.65 -25.36
CA GLY X 109 -44.66 -55.59 -26.18
C GLY X 109 -45.89 -56.18 -25.53
N GLU X 110 -46.46 -55.50 -24.54
CA GLU X 110 -47.63 -55.98 -23.82
C GLU X 110 -48.78 -55.00 -23.99
N ASN X 111 -49.91 -55.33 -23.35
CA ASN X 111 -51.10 -54.50 -23.36
C ASN X 111 -51.28 -53.90 -21.96
N ILE X 112 -51.20 -52.58 -21.87
CA ILE X 112 -51.25 -51.89 -20.58
C ILE X 112 -52.32 -50.82 -20.60
N THR X 113 -53.36 -51.01 -21.41
CA THR X 113 -54.40 -50.00 -21.55
C THR X 113 -55.09 -49.72 -20.22
N THR X 114 -55.52 -50.78 -19.52
CA THR X 114 -56.19 -50.60 -18.24
C THR X 114 -55.27 -50.00 -17.19
N ALA X 115 -54.01 -50.46 -17.15
CA ALA X 115 -53.05 -49.91 -16.19
C ALA X 115 -52.79 -48.44 -16.46
N VAL X 116 -52.67 -48.06 -17.73
CA VAL X 116 -52.45 -46.66 -18.07
C VAL X 116 -53.67 -45.82 -17.69
N SER X 117 -54.87 -46.35 -17.96
CA SER X 117 -56.08 -45.61 -17.62
C SER X 117 -56.20 -45.40 -16.11
N THR X 118 -55.82 -46.41 -15.33
CA THR X 118 -55.94 -46.29 -13.88
C THR X 118 -54.83 -45.42 -13.28
N LEU X 119 -53.62 -45.49 -13.82
CA LEU X 119 -52.44 -44.87 -13.21
C LEU X 119 -52.13 -43.49 -13.77
N CYS X 120 -52.09 -43.34 -15.09
CA CYS X 120 -51.71 -42.08 -15.71
C CYS X 120 -52.86 -41.09 -15.56
N LYS X 121 -52.91 -40.46 -14.39
CA LYS X 121 -53.96 -39.52 -14.02
C LYS X 121 -53.30 -38.24 -13.52
N PRO X 122 -54.02 -37.11 -13.57
CA PRO X 122 -53.43 -35.84 -13.13
C PRO X 122 -52.99 -35.90 -11.68
N GLY X 123 -51.84 -35.28 -11.40
CA GLY X 123 -51.30 -35.19 -10.07
C GLY X 123 -50.45 -36.37 -9.63
N LYS X 124 -50.32 -37.40 -10.46
CA LYS X 124 -49.53 -38.58 -10.10
C LYS X 124 -48.15 -38.58 -10.73
N GLY X 125 -47.90 -37.74 -11.73
CA GLY X 125 -46.56 -37.60 -12.29
C GLY X 125 -46.04 -38.84 -12.98
N LEU X 126 -46.86 -39.49 -13.80
CA LEU X 126 -46.44 -40.66 -14.56
C LEU X 126 -46.76 -40.44 -16.03
N PHE X 127 -45.89 -40.98 -16.89
CA PHE X 127 -46.04 -40.88 -18.33
C PHE X 127 -45.92 -42.26 -18.94
N ALA X 128 -46.76 -42.55 -19.93
CA ALA X 128 -46.82 -43.86 -20.56
C ALA X 128 -46.36 -43.77 -22.01
N ILE X 129 -45.63 -44.77 -22.46
CA ILE X 129 -45.14 -44.87 -23.83
C ILE X 129 -45.80 -46.09 -24.45
N PHE X 130 -46.79 -45.87 -25.32
CA PHE X 130 -47.51 -46.94 -25.96
C PHE X 130 -46.75 -47.45 -27.18
N ASP X 131 -47.34 -48.43 -27.86
CA ASP X 131 -46.81 -48.96 -29.11
C ASP X 131 -47.87 -48.87 -30.18
N GLY X 132 -47.46 -48.60 -31.41
CA GLY X 132 -48.38 -48.50 -32.52
C GLY X 132 -48.83 -49.86 -33.00
N PRO X 133 -49.66 -49.85 -34.04
CA PRO X 133 -50.12 -51.11 -34.62
C PRO X 133 -48.96 -51.91 -35.20
N THR X 134 -49.09 -53.23 -35.13
CA THR X 134 -48.04 -54.11 -35.65
C THR X 134 -48.07 -54.22 -37.16
N THR X 135 -49.16 -53.79 -37.81
CA THR X 135 -49.30 -53.86 -39.25
C THR X 135 -49.13 -52.48 -39.86
N GLU X 136 -49.33 -52.40 -41.17
CA GLU X 136 -49.24 -51.12 -41.87
C GLU X 136 -50.42 -50.23 -41.51
N LEU X 137 -50.17 -48.92 -41.47
CA LEU X 137 -51.20 -47.96 -41.14
C LEU X 137 -52.24 -47.88 -42.25
N LYS X 138 -53.51 -47.79 -41.85
CA LYS X 138 -54.58 -47.60 -42.82
C LYS X 138 -54.54 -46.18 -43.37
N SER X 139 -54.88 -46.05 -44.65
CA SER X 139 -54.79 -44.75 -45.32
C SER X 139 -55.80 -43.75 -44.80
N ASP X 140 -56.92 -44.20 -44.22
CA ASP X 140 -57.95 -43.30 -43.73
C ASP X 140 -57.67 -42.79 -42.32
N GLY X 141 -56.58 -43.23 -41.69
CA GLY X 141 -56.21 -42.72 -40.38
C GLY X 141 -57.02 -43.25 -39.23
N THR X 142 -57.50 -44.49 -39.32
CA THR X 142 -58.30 -45.10 -38.26
C THR X 142 -57.51 -46.09 -37.42
N SER X 143 -56.19 -46.13 -37.57
CA SER X 143 -55.38 -47.07 -36.81
C SER X 143 -55.16 -46.63 -35.37
N ASN X 144 -55.48 -45.38 -35.03
CA ASN X 144 -55.31 -44.87 -33.67
C ASN X 144 -56.60 -44.85 -32.87
N SER X 145 -57.66 -45.51 -33.37
CA SER X 145 -58.96 -45.47 -32.74
C SER X 145 -59.06 -46.35 -31.50
N ASP X 146 -58.08 -47.22 -31.25
CA ASP X 146 -58.11 -48.12 -30.11
C ASP X 146 -57.40 -47.54 -28.89
N TYR X 147 -56.96 -46.30 -28.94
CA TYR X 147 -56.25 -45.66 -27.84
C TYR X 147 -57.15 -44.64 -27.16
N ASP X 148 -57.19 -44.67 -25.84
CA ASP X 148 -57.96 -43.69 -25.09
C ASP X 148 -57.23 -42.35 -25.10
N PRO X 149 -57.92 -41.24 -25.37
CA PRO X 149 -57.26 -39.94 -25.34
C PRO X 149 -56.77 -39.59 -23.94
N ASN X 150 -55.47 -39.33 -23.83
CA ASN X 150 -54.85 -39.09 -22.52
C ASN X 150 -53.62 -38.22 -22.70
N PRO X 151 -53.56 -37.05 -22.03
CA PRO X 151 -52.37 -36.20 -22.14
C PRO X 151 -51.13 -36.79 -21.50
N PHE X 152 -51.24 -37.88 -20.75
CA PHE X 152 -50.12 -38.50 -20.07
C PHE X 152 -49.61 -39.74 -20.79
N ALA X 153 -49.87 -39.87 -22.10
CA ALA X 153 -49.44 -41.02 -22.86
C ALA X 153 -49.06 -40.60 -24.27
N ALA X 154 -48.24 -41.43 -24.90
CA ALA X 154 -47.82 -41.21 -26.28
C ALA X 154 -47.63 -42.54 -26.96
N VAL X 155 -47.82 -42.56 -28.27
CA VAL X 155 -47.76 -43.77 -29.08
C VAL X 155 -46.69 -43.59 -30.15
N TYR X 156 -45.94 -44.65 -30.40
CA TYR X 156 -44.86 -44.63 -31.39
C TYR X 156 -45.04 -45.78 -32.37
N TYR X 157 -44.79 -45.48 -33.64
CA TYR X 157 -44.96 -46.42 -34.75
C TYR X 157 -43.81 -46.21 -35.73
N PRO X 158 -43.34 -47.28 -36.40
CA PRO X 158 -43.69 -48.70 -36.25
C PRO X 158 -42.73 -49.45 -35.34
N TRP X 159 -42.79 -50.78 -35.36
CA TRP X 159 -41.85 -51.58 -34.61
C TRP X 159 -40.50 -51.61 -35.31
N LEU X 160 -39.47 -52.04 -34.59
CA LEU X 160 -38.10 -51.94 -35.05
C LEU X 160 -37.50 -53.32 -35.27
N THR X 161 -36.54 -53.38 -36.20
CA THR X 161 -35.77 -54.58 -36.49
C THR X 161 -34.29 -54.26 -36.34
N ALA X 162 -33.49 -55.31 -36.18
CA ALA X 162 -32.05 -55.15 -36.01
C ALA X 162 -31.35 -56.36 -36.61
N ASP X 163 -30.01 -56.26 -36.69
CA ASP X 163 -29.22 -57.35 -37.24
C ASP X 163 -29.35 -58.61 -36.38
N TRP X 164 -29.32 -58.45 -35.05
CA TRP X 164 -29.41 -59.60 -34.17
C TRP X 164 -30.83 -60.14 -34.05
N THR X 165 -31.83 -59.38 -34.46
CA THR X 165 -33.20 -59.87 -34.45
C THR X 165 -33.36 -60.99 -35.47
N THR X 166 -34.10 -62.04 -35.10
CA THR X 166 -34.26 -63.22 -35.92
C THR X 166 -35.68 -63.40 -36.41
N THR X 167 -36.66 -63.47 -35.51
CA THR X 167 -38.04 -63.75 -35.90
C THR X 167 -39.06 -62.79 -35.28
N ILE X 168 -38.71 -62.02 -34.26
CA ILE X 168 -39.63 -61.08 -33.66
C ILE X 168 -39.12 -59.66 -33.91
N ASP X 169 -39.89 -58.66 -33.50
CA ASP X 169 -39.54 -57.27 -33.70
C ASP X 169 -39.44 -56.56 -32.36
N ILE X 170 -38.48 -55.65 -32.25
CA ILE X 170 -38.33 -54.88 -31.01
C ILE X 170 -39.47 -53.86 -30.93
N PRO X 171 -40.23 -53.84 -29.83
CA PRO X 171 -41.25 -52.80 -29.67
C PRO X 171 -40.61 -51.42 -29.63
N PRO X 172 -41.23 -50.42 -30.26
CA PRO X 172 -40.62 -49.08 -30.29
C PRO X 172 -40.48 -48.43 -28.93
N SER X 173 -41.31 -48.80 -27.96
CA SER X 173 -41.27 -48.16 -26.65
C SER X 173 -39.96 -48.41 -25.92
N ALA X 174 -39.37 -49.59 -26.10
CA ALA X 174 -38.14 -49.92 -25.40
C ALA X 174 -37.00 -48.99 -25.80
N ALA X 175 -36.85 -48.70 -27.10
CA ALA X 175 -35.83 -47.77 -27.53
C ALA X 175 -36.23 -46.33 -27.23
N ILE X 176 -37.52 -46.03 -27.25
CA ILE X 176 -37.98 -44.68 -26.97
C ILE X 176 -37.70 -44.28 -25.53
N ALA X 177 -37.77 -45.22 -24.60
CA ALA X 177 -37.43 -44.91 -23.21
C ALA X 177 -35.96 -44.51 -23.08
N GLY X 178 -35.07 -45.24 -23.74
CA GLY X 178 -33.66 -44.87 -23.74
C GLY X 178 -33.41 -43.54 -24.42
N VAL X 179 -34.14 -43.27 -25.50
CA VAL X 179 -34.03 -41.98 -26.17
C VAL X 179 -34.46 -40.86 -25.23
N TYR X 180 -35.55 -41.09 -24.47
CA TYR X 180 -36.00 -40.12 -23.49
C TYR X 180 -34.91 -39.86 -22.45
N CYS X 181 -34.30 -40.93 -21.94
CA CYS X 181 -33.24 -40.78 -20.95
C CYS X 181 -32.07 -39.97 -21.51
N SER X 182 -31.64 -40.31 -22.73
CA SER X 182 -30.50 -39.62 -23.31
C SER X 182 -30.80 -38.14 -23.57
N VAL X 183 -31.99 -37.85 -24.09
CA VAL X 183 -32.34 -36.46 -24.38
C VAL X 183 -32.48 -35.66 -23.09
N ASP X 184 -33.06 -36.26 -22.06
CA ASP X 184 -33.15 -35.56 -20.77
C ASP X 184 -31.77 -35.29 -20.19
N SER X 185 -30.86 -36.26 -20.32
CA SER X 185 -29.50 -36.05 -19.82
C SER X 185 -28.78 -34.95 -20.58
N THR X 186 -28.96 -34.90 -21.91
CA THR X 186 -28.18 -33.97 -22.72
C THR X 186 -28.80 -32.58 -22.76
N ARG X 187 -30.03 -32.47 -23.26
CA ARG X 187 -30.65 -31.17 -23.48
C ARG X 187 -31.63 -30.76 -22.39
N GLY X 188 -32.08 -31.69 -21.55
CA GLY X 188 -33.03 -31.37 -20.52
C GLY X 188 -34.44 -31.80 -20.89
N VAL X 189 -35.29 -31.91 -19.86
CA VAL X 189 -36.64 -32.42 -20.04
C VAL X 189 -37.55 -31.48 -20.83
N TRP X 190 -37.14 -30.23 -21.02
CA TRP X 190 -37.93 -29.26 -21.75
C TRP X 190 -37.68 -29.29 -23.25
N LYS X 191 -36.78 -30.14 -23.73
CA LYS X 191 -36.45 -30.24 -25.14
C LYS X 191 -37.20 -31.42 -25.75
N ALA X 192 -37.69 -31.24 -26.97
CA ALA X 192 -38.49 -32.26 -27.62
C ALA X 192 -37.65 -33.51 -27.87
N PRO X 193 -38.12 -34.69 -27.45
CA PRO X 193 -37.39 -35.95 -27.72
C PRO X 193 -37.59 -36.46 -29.14
N ALA X 194 -37.47 -35.56 -30.12
CA ALA X 194 -37.58 -35.89 -31.52
C ALA X 194 -36.39 -35.32 -32.26
N ASN X 195 -36.30 -35.64 -33.55
CA ASN X 195 -35.15 -35.26 -34.38
C ASN X 195 -33.85 -35.75 -33.78
N VAL X 196 -33.88 -36.96 -33.19
CA VAL X 196 -32.72 -37.56 -32.58
C VAL X 196 -32.54 -38.97 -33.16
N PRO X 197 -31.31 -39.45 -33.33
CA PRO X 197 -31.11 -40.75 -33.94
C PRO X 197 -31.43 -41.90 -32.98
N ILE X 198 -31.69 -43.06 -33.58
CA ILE X 198 -31.90 -44.30 -32.85
C ILE X 198 -30.61 -45.10 -32.91
N GLN X 199 -29.99 -45.31 -31.77
CA GLN X 199 -28.70 -45.97 -31.71
C GLN X 199 -28.85 -47.47 -31.95
N GLY X 200 -27.71 -48.13 -32.15
CA GLY X 200 -27.69 -49.57 -32.33
C GLY X 200 -28.07 -50.06 -33.70
N GLY X 201 -28.26 -49.16 -34.67
CA GLY X 201 -28.65 -49.59 -36.01
C GLY X 201 -29.99 -50.26 -36.06
N LEU X 202 -30.97 -49.75 -35.32
CA LEU X 202 -32.32 -50.29 -35.31
C LEU X 202 -33.11 -49.66 -36.46
N GLN X 203 -33.65 -50.50 -37.35
CA GLN X 203 -34.30 -50.02 -38.54
C GLN X 203 -35.82 -50.13 -38.42
N PRO X 204 -36.57 -49.12 -38.88
CA PRO X 204 -38.03 -49.23 -38.87
C PRO X 204 -38.49 -50.37 -39.78
N LYS X 205 -39.57 -51.04 -39.36
CA LYS X 205 -40.08 -52.15 -40.15
C LYS X 205 -40.81 -51.66 -41.40
N TYR X 206 -41.59 -50.60 -41.28
CA TYR X 206 -42.36 -50.08 -42.39
C TYR X 206 -41.99 -48.62 -42.67
N PRO X 207 -41.81 -48.24 -43.93
CA PRO X 207 -41.53 -46.84 -44.24
C PRO X 207 -42.79 -46.00 -44.20
N VAL X 208 -42.67 -44.81 -43.63
CA VAL X 208 -43.78 -43.89 -43.47
C VAL X 208 -43.49 -42.65 -44.30
N THR X 209 -44.40 -42.32 -45.21
CA THR X 209 -44.26 -41.14 -46.05
C THR X 209 -44.85 -39.91 -45.36
N ASP X 210 -44.60 -38.75 -45.95
CA ASP X 210 -45.15 -37.51 -45.40
C ASP X 210 -46.67 -37.51 -45.44
N ASP X 211 -47.25 -38.00 -46.54
CA ASP X 211 -48.70 -38.06 -46.65
C ASP X 211 -49.30 -38.99 -45.60
N LEU X 212 -48.65 -40.13 -45.35
CA LEU X 212 -49.13 -41.03 -44.31
C LEU X 212 -49.05 -40.39 -42.94
N GLN X 213 -47.95 -39.69 -42.65
CA GLN X 213 -47.81 -39.02 -41.36
C GLN X 213 -48.81 -37.88 -41.20
N ALA X 214 -49.24 -37.28 -42.31
CA ALA X 214 -50.16 -36.15 -42.25
C ALA X 214 -51.48 -36.56 -41.58
N GLN X 215 -51.99 -37.74 -41.89
CA GLN X 215 -53.26 -38.18 -41.33
C GLN X 215 -53.15 -38.57 -39.86
N TYR X 216 -51.93 -38.80 -39.36
CA TYR X 216 -51.75 -39.30 -38.00
C TYR X 216 -51.05 -38.29 -37.08
N ASN X 217 -51.04 -37.01 -37.46
CA ASN X 217 -50.40 -35.98 -36.64
C ASN X 217 -51.41 -35.03 -36.02
N GLN X 218 -52.67 -35.41 -35.96
CA GLN X 218 -53.70 -34.60 -35.34
C GLN X 218 -54.61 -35.49 -34.50
N GLY X 219 -55.27 -34.87 -33.53
CA GLY X 219 -56.09 -35.64 -32.61
C GLY X 219 -55.24 -36.63 -31.84
N LYS X 220 -55.68 -37.88 -31.81
CA LYS X 220 -54.89 -38.95 -31.23
C LYS X 220 -53.73 -39.24 -32.16
N ALA X 221 -52.57 -38.67 -31.86
CA ALA X 221 -51.44 -38.64 -32.78
C ALA X 221 -50.47 -39.78 -32.49
N LEU X 222 -49.99 -40.41 -33.55
CA LEU X 222 -48.95 -41.43 -33.47
C LEU X 222 -47.64 -40.82 -33.93
N ASN X 223 -46.62 -40.89 -33.08
CA ASN X 223 -45.30 -40.41 -33.44
C ASN X 223 -44.58 -41.47 -34.27
N MET X 224 -43.94 -41.03 -35.35
CA MET X 224 -43.36 -41.94 -36.33
C MET X 224 -41.85 -42.01 -36.21
N ILE X 225 -41.32 -43.22 -36.35
CA ILE X 225 -39.89 -43.46 -36.50
C ILE X 225 -39.61 -43.59 -37.99
N ARG X 226 -38.82 -42.67 -38.54
CA ARG X 226 -38.62 -42.60 -39.97
C ARG X 226 -37.12 -42.60 -40.29
N THR X 227 -36.81 -43.01 -41.52
CA THR X 227 -35.45 -43.01 -42.02
C THR X 227 -35.28 -41.92 -43.07
N PHE X 228 -34.16 -41.20 -42.99
CA PHE X 228 -33.87 -40.12 -43.92
C PHE X 228 -32.54 -40.37 -44.59
N PRO X 229 -32.44 -40.07 -45.89
CA PRO X 229 -31.18 -40.34 -46.60
C PRO X 229 -29.98 -39.58 -46.03
N LYS X 230 -30.18 -38.35 -45.55
CA LYS X 230 -29.09 -37.54 -45.06
C LYS X 230 -28.84 -37.69 -43.58
N SER X 231 -29.71 -38.35 -42.84
CA SER X 231 -29.55 -38.45 -41.39
C SER X 231 -29.62 -39.87 -40.87
N GLY X 232 -30.46 -40.72 -41.46
CA GLY X 232 -30.64 -42.07 -40.96
C GLY X 232 -31.98 -42.25 -40.27
N THR X 233 -32.05 -43.15 -39.29
CA THR X 233 -33.30 -43.40 -38.58
C THR X 233 -33.47 -42.36 -37.48
N LEU X 234 -34.60 -41.66 -37.49
CA LEU X 234 -34.87 -40.58 -36.56
C LEU X 234 -36.27 -40.71 -35.99
N VAL X 235 -36.47 -40.09 -34.82
CA VAL X 235 -37.79 -39.91 -34.25
C VAL X 235 -38.38 -38.63 -34.81
N TRP X 236 -39.58 -38.72 -35.37
CA TRP X 236 -40.21 -37.60 -36.07
C TRP X 236 -41.58 -37.31 -35.50
N GLY X 237 -41.66 -37.21 -34.17
CA GLY X 237 -42.92 -36.88 -33.52
C GLY X 237 -42.76 -36.64 -32.03
N ALA X 238 -43.37 -35.56 -31.53
CA ALA X 238 -43.31 -35.21 -30.12
C ALA X 238 -44.66 -34.74 -29.62
N ARG X 239 -45.72 -35.46 -29.99
CA ARG X 239 -47.08 -35.09 -29.62
C ARG X 239 -47.68 -36.16 -28.69
N THR X 240 -48.50 -35.71 -27.75
CA THR X 240 -49.21 -36.60 -26.86
C THR X 240 -50.52 -37.02 -27.52
N LEU X 241 -51.39 -37.69 -26.76
CA LEU X 241 -52.66 -38.18 -27.28
C LEU X 241 -53.80 -37.19 -27.12
N GLU X 242 -53.54 -36.00 -26.59
CA GLU X 242 -54.56 -34.97 -26.43
C GLU X 242 -54.19 -33.77 -27.29
N ASP X 243 -54.97 -33.53 -28.35
CA ASP X 243 -54.75 -32.39 -29.24
C ASP X 243 -55.45 -31.17 -28.64
N ASN X 244 -54.75 -30.53 -27.70
CA ASN X 244 -55.27 -29.38 -26.98
C ASN X 244 -54.17 -28.33 -26.90
N ASP X 245 -54.57 -27.07 -26.75
CA ASP X 245 -53.60 -26.00 -26.64
C ASP X 245 -52.64 -26.21 -25.48
N ASN X 246 -53.08 -26.92 -24.45
CA ASN X 246 -52.22 -27.37 -23.36
C ASN X 246 -51.97 -28.87 -23.50
N TRP X 247 -50.77 -29.29 -23.12
CA TRP X 247 -50.39 -30.71 -23.12
C TRP X 247 -50.47 -31.33 -24.50
N ARG X 248 -50.34 -30.52 -25.55
CA ARG X 248 -50.25 -31.08 -26.89
C ARG X 248 -48.91 -31.78 -27.11
N TYR X 249 -47.84 -31.22 -26.55
CA TYR X 249 -46.49 -31.70 -26.79
C TYR X 249 -45.98 -32.48 -25.58
N ILE X 250 -45.22 -33.54 -25.85
CA ILE X 250 -44.59 -34.30 -24.77
C ILE X 250 -43.71 -33.44 -23.89
N PRO X 251 -42.85 -32.54 -24.41
CA PRO X 251 -41.97 -31.78 -23.50
C PRO X 251 -42.71 -30.99 -22.45
N VAL X 252 -43.83 -30.35 -22.80
CA VAL X 252 -44.54 -29.53 -21.83
C VAL X 252 -45.10 -30.38 -20.70
N ARG X 253 -45.76 -31.50 -21.06
CA ARG X 253 -46.33 -32.37 -20.04
C ARG X 253 -45.26 -32.97 -19.14
N ARG X 254 -44.15 -33.44 -19.74
CA ARG X 254 -43.09 -34.04 -18.93
C ARG X 254 -42.42 -33.00 -18.03
N LEU X 255 -42.21 -31.79 -18.55
CA LEU X 255 -41.62 -30.73 -17.74
C LEU X 255 -42.53 -30.36 -16.58
N PHE X 256 -43.84 -30.30 -16.82
CA PHE X 256 -44.76 -29.97 -15.74
C PHE X 256 -44.81 -31.08 -14.69
N ASN X 257 -44.75 -32.35 -15.13
CA ASN X 257 -44.68 -33.44 -14.16
C ASN X 257 -43.42 -33.35 -13.31
N SER X 258 -42.28 -33.08 -13.95
CA SER X 258 -41.03 -32.96 -13.22
C SER X 258 -41.08 -31.78 -12.24
N ALA X 259 -41.65 -30.66 -12.67
CA ALA X 259 -41.76 -29.51 -11.79
C ALA X 259 -42.66 -29.81 -10.60
N GLU X 260 -43.78 -30.49 -10.82
CA GLU X 260 -44.66 -30.86 -9.72
C GLU X 260 -43.93 -31.75 -8.72
N ARG X 261 -43.22 -32.76 -9.22
CA ARG X 261 -42.51 -33.67 -8.33
C ARG X 261 -41.44 -32.94 -7.53
N ASP X 262 -40.66 -32.09 -8.20
CA ASP X 262 -39.60 -31.36 -7.51
C ASP X 262 -40.15 -30.38 -6.48
N ILE X 263 -41.24 -29.68 -6.82
CA ILE X 263 -41.83 -28.74 -5.87
C ILE X 263 -42.38 -29.47 -4.67
N LYS X 264 -43.05 -30.61 -4.89
CA LYS X 264 -43.54 -31.40 -3.76
C LYS X 264 -42.40 -31.88 -2.88
N ASN X 265 -41.29 -32.31 -3.49
CA ASN X 265 -40.14 -32.75 -2.70
C ASN X 265 -39.54 -31.60 -1.91
N ALA X 266 -39.48 -30.41 -2.50
CA ALA X 266 -38.79 -29.28 -1.87
C ALA X 266 -39.48 -28.85 -0.58
N MET X 267 -40.81 -28.81 -0.57
CA MET X 267 -41.56 -28.29 0.57
C MET X 267 -41.93 -29.37 1.58
N SER X 268 -41.43 -30.59 1.41
CA SER X 268 -41.74 -31.66 2.34
C SER X 268 -41.10 -31.44 3.71
N PHE X 269 -40.16 -30.51 3.84
CA PHE X 269 -39.52 -30.23 5.11
C PHE X 269 -40.39 -29.44 6.06
N ALA X 270 -41.53 -28.93 5.61
CA ALA X 270 -42.37 -28.06 6.41
C ALA X 270 -43.40 -28.84 7.25
N VAL X 271 -43.39 -30.17 7.20
CA VAL X 271 -44.33 -30.94 7.99
C VAL X 271 -44.00 -30.81 9.47
N PHE X 272 -45.03 -30.87 10.30
CA PHE X 272 -44.92 -30.78 11.76
C PHE X 272 -44.29 -29.46 12.20
N GLU X 273 -44.36 -28.44 11.36
CA GLU X 273 -43.98 -27.08 11.67
C GLU X 273 -45.22 -26.23 11.84
N PRO X 274 -45.12 -25.09 12.53
CA PRO X 274 -46.30 -24.24 12.70
C PRO X 274 -46.92 -23.85 11.38
N ASN X 275 -48.24 -23.95 11.30
CA ASN X 275 -48.98 -23.55 10.10
C ASN X 275 -49.26 -22.04 10.14
N SER X 276 -48.17 -21.28 10.19
CA SER X 276 -48.26 -19.83 10.29
C SER X 276 -47.42 -19.16 9.21
N GLN X 277 -47.28 -17.84 9.28
CA GLN X 277 -46.61 -17.09 8.24
C GLN X 277 -45.14 -17.48 8.03
N PRO X 278 -44.30 -17.65 9.06
CA PRO X 278 -42.88 -17.97 8.79
C PRO X 278 -42.68 -19.25 7.99
N THR X 279 -43.46 -20.29 8.27
CA THR X 279 -43.33 -21.52 7.50
C THR X 279 -43.69 -21.30 6.04
N TRP X 280 -44.75 -20.53 5.78
CA TRP X 280 -45.13 -20.22 4.41
C TRP X 280 -44.04 -19.41 3.72
N GLU X 281 -43.40 -18.48 4.45
CA GLU X 281 -42.32 -17.71 3.87
C GLU X 281 -41.14 -18.60 3.49
N ARG X 282 -40.78 -19.55 4.36
CA ARG X 282 -39.70 -20.47 4.04
C ARG X 282 -40.02 -21.34 2.83
N VAL X 283 -41.27 -21.84 2.77
CA VAL X 283 -41.67 -22.66 1.64
C VAL X 283 -41.65 -21.86 0.35
N ARG X 284 -42.13 -20.61 0.41
CA ARG X 284 -42.10 -19.74 -0.76
C ARG X 284 -40.67 -19.49 -1.20
N SER X 285 -39.75 -19.29 -0.25
CA SER X 285 -38.35 -19.08 -0.60
C SER X 285 -37.78 -20.29 -1.33
N ALA X 286 -38.06 -21.49 -0.81
CA ALA X 286 -37.54 -22.70 -1.45
C ALA X 286 -38.12 -22.87 -2.85
N VAL X 287 -39.42 -22.67 -3.01
CA VAL X 287 -40.06 -22.84 -4.31
C VAL X 287 -39.53 -21.82 -5.29
N ASN X 288 -39.36 -20.57 -4.84
CA ASN X 288 -38.82 -19.53 -5.72
C ASN X 288 -37.39 -19.85 -6.14
N ASN X 289 -36.58 -20.38 -5.22
CA ASN X 289 -35.22 -20.76 -5.59
C ASN X 289 -35.22 -21.84 -6.66
N TYR X 290 -36.05 -22.87 -6.48
CA TYR X 290 -36.11 -23.93 -7.48
C TYR X 290 -36.57 -23.40 -8.84
N LEU X 291 -37.61 -22.55 -8.84
CA LEU X 291 -38.13 -22.03 -10.09
C LEU X 291 -37.12 -21.12 -10.77
N TYR X 292 -36.38 -20.32 -10.00
CA TYR X 292 -35.35 -19.48 -10.59
C TYR X 292 -34.24 -20.32 -11.21
N SER X 293 -33.84 -21.39 -10.54
CA SER X 293 -32.83 -22.27 -11.13
C SER X 293 -33.34 -22.88 -12.42
N LEU X 294 -34.61 -23.31 -12.44
CA LEU X 294 -35.18 -23.89 -13.65
C LEU X 294 -35.22 -22.87 -14.79
N TRP X 295 -35.62 -21.64 -14.49
CA TRP X 295 -35.65 -20.60 -15.52
C TRP X 295 -34.26 -20.27 -16.04
N GLN X 296 -33.28 -20.18 -15.13
CA GLN X 296 -31.91 -19.87 -15.55
C GLN X 296 -31.32 -20.98 -16.40
N GLN X 297 -31.71 -22.24 -16.14
CA GLN X 297 -31.26 -23.33 -17.00
C GLN X 297 -31.80 -23.21 -18.42
N GLY X 298 -32.83 -22.40 -18.63
CA GLY X 298 -33.48 -22.29 -19.92
C GLY X 298 -34.76 -23.07 -20.06
N GLY X 299 -35.26 -23.67 -18.98
CA GLY X 299 -36.48 -24.47 -19.07
C GLY X 299 -37.72 -23.63 -19.37
N LEU X 300 -37.83 -22.46 -18.75
CA LEU X 300 -38.99 -21.61 -18.91
C LEU X 300 -38.71 -20.48 -19.89
N ALA X 301 -39.78 -19.79 -20.28
CA ALA X 301 -39.71 -18.69 -21.22
C ALA X 301 -39.77 -17.35 -20.50
N GLY X 302 -39.35 -16.31 -21.21
CA GLY X 302 -39.37 -14.97 -20.66
C GLY X 302 -38.00 -14.35 -20.54
N ASN X 303 -37.93 -13.01 -20.60
CA ASN X 303 -36.66 -12.32 -20.48
C ASN X 303 -36.26 -12.09 -19.03
N LYS X 304 -37.19 -12.15 -18.09
CA LYS X 304 -36.93 -12.00 -16.67
C LYS X 304 -37.79 -13.00 -15.91
N PRO X 305 -37.38 -13.36 -14.69
CA PRO X 305 -38.15 -14.37 -13.94
C PRO X 305 -39.59 -13.98 -13.69
N ASP X 306 -39.91 -12.69 -13.63
CA ASP X 306 -41.29 -12.28 -13.42
C ASP X 306 -42.20 -12.70 -14.57
N ASP X 307 -41.66 -12.76 -15.79
CA ASP X 307 -42.43 -13.23 -16.93
C ASP X 307 -42.49 -14.75 -17.02
N ALA X 308 -41.70 -15.46 -16.22
CA ALA X 308 -41.60 -16.92 -16.31
C ALA X 308 -42.50 -17.65 -15.33
N TYR X 309 -42.62 -17.16 -14.09
CA TYR X 309 -43.36 -17.90 -13.07
C TYR X 309 -43.86 -16.94 -12.01
N PHE X 310 -44.83 -17.42 -11.24
CA PHE X 310 -45.31 -16.72 -10.05
C PHE X 310 -45.64 -17.76 -8.98
N VAL X 311 -45.54 -17.33 -7.72
CA VAL X 311 -45.80 -18.20 -6.58
C VAL X 311 -46.71 -17.47 -5.61
N GLN X 312 -47.80 -18.12 -5.20
CA GLN X 312 -48.74 -17.56 -4.24
C GLN X 312 -48.93 -18.53 -3.08
N ILE X 313 -48.83 -18.03 -1.85
CA ILE X 313 -49.10 -18.82 -0.67
C ILE X 313 -49.39 -17.89 0.50
N GLY X 314 -50.44 -18.17 1.25
CA GLY X 314 -50.77 -17.37 2.41
C GLY X 314 -52.26 -17.35 2.65
N LYS X 315 -52.64 -16.76 3.79
CA LYS X 315 -54.03 -16.64 4.15
C LYS X 315 -54.76 -15.69 3.20
N ASP X 316 -56.01 -16.02 2.88
CA ASP X 316 -56.90 -15.28 1.99
C ASP X 316 -56.44 -15.31 0.55
N ILE X 317 -55.31 -15.95 0.23
CA ILE X 317 -54.85 -16.11 -1.13
C ILE X 317 -54.98 -17.55 -1.59
N THR X 318 -54.43 -18.50 -0.82
CA THR X 318 -54.54 -19.92 -1.12
C THR X 318 -55.12 -20.74 0.02
N MET X 319 -55.15 -20.22 1.24
CA MET X 319 -55.66 -20.95 2.40
C MET X 319 -56.63 -20.08 3.17
N THR X 320 -57.66 -20.72 3.72
CA THR X 320 -58.65 -20.06 4.57
C THR X 320 -58.43 -20.49 6.02
N ASP X 321 -59.25 -19.94 6.91
CA ASP X 321 -59.14 -20.28 8.32
C ASP X 321 -59.44 -21.76 8.56
N ASP X 322 -60.46 -22.29 7.88
CA ASP X 322 -60.81 -23.70 8.04
C ASP X 322 -59.69 -24.60 7.53
N ASP X 323 -59.05 -24.22 6.42
CA ASP X 323 -57.92 -25.00 5.91
C ASP X 323 -56.76 -25.00 6.90
N ILE X 324 -56.49 -23.84 7.51
CA ILE X 324 -55.41 -23.75 8.49
C ILE X 324 -55.72 -24.60 9.71
N LYS X 325 -56.98 -24.58 10.16
CA LYS X 325 -57.36 -25.37 11.33
C LYS X 325 -57.17 -26.86 11.10
N GLN X 326 -57.22 -27.30 9.85
CA GLN X 326 -57.01 -28.70 9.51
C GLN X 326 -55.55 -29.01 9.20
N GLY X 327 -54.65 -28.03 9.32
CA GLY X 327 -53.25 -28.25 9.03
C GLY X 327 -52.97 -28.50 7.56
N LYS X 328 -53.68 -27.83 6.67
CA LYS X 328 -53.48 -27.97 5.23
C LYS X 328 -52.76 -26.74 4.70
N MET X 329 -51.69 -26.96 3.95
CA MET X 329 -50.90 -25.91 3.35
C MET X 329 -51.04 -25.99 1.83
N ILE X 330 -51.50 -24.91 1.21
CA ILE X 330 -51.82 -24.88 -0.21
C ILE X 330 -50.98 -23.79 -0.87
N ILE X 331 -50.34 -24.16 -1.98
CA ILE X 331 -49.53 -23.23 -2.77
C ILE X 331 -49.94 -23.34 -4.23
N LYS X 332 -49.90 -22.22 -4.93
CA LYS X 332 -50.25 -22.16 -6.35
C LYS X 332 -49.05 -21.63 -7.13
N ILE X 333 -48.72 -22.31 -8.22
CA ILE X 333 -47.56 -21.97 -9.04
C ILE X 333 -47.99 -21.94 -10.50
N GLY X 334 -47.59 -20.90 -11.20
CA GLY X 334 -47.79 -20.81 -12.65
C GLY X 334 -46.45 -20.77 -13.36
N MET X 335 -46.38 -21.39 -14.53
CA MET X 335 -45.15 -21.46 -15.29
C MET X 335 -45.44 -21.20 -16.77
N ALA X 336 -44.40 -20.76 -17.47
CA ALA X 336 -44.46 -20.54 -18.90
C ALA X 336 -43.44 -21.44 -19.59
N ALA X 337 -43.90 -22.21 -20.57
CA ALA X 337 -43.06 -23.17 -21.26
C ALA X 337 -42.87 -22.76 -22.71
N VAL X 338 -41.75 -23.18 -23.28
CA VAL X 338 -41.41 -22.89 -24.66
C VAL X 338 -41.88 -24.04 -25.54
N ARG X 339 -42.59 -23.71 -26.61
CA ARG X 339 -43.10 -24.76 -27.48
C ARG X 339 -42.22 -24.91 -28.71
N PRO X 340 -42.08 -26.13 -29.22
CA PRO X 340 -41.17 -26.35 -30.35
C PRO X 340 -41.75 -25.88 -31.67
N ALA X 341 -40.86 -25.73 -32.65
CA ALA X 341 -41.25 -25.41 -34.02
C ALA X 341 -41.44 -26.70 -34.79
N GLU X 342 -42.66 -26.93 -35.28
CA GLU X 342 -43.00 -28.17 -35.93
C GLU X 342 -43.00 -28.10 -37.44
N PHE X 343 -43.36 -26.96 -38.03
CA PHE X 343 -43.47 -26.81 -39.47
C PHE X 343 -42.58 -25.66 -39.93
N ILE X 344 -41.79 -25.92 -40.96
CA ILE X 344 -40.92 -24.92 -41.56
C ILE X 344 -41.33 -24.78 -43.02
N ILE X 345 -41.66 -23.56 -43.42
CA ILE X 345 -42.18 -23.27 -44.76
C ILE X 345 -41.13 -22.47 -45.52
N LEU X 346 -40.67 -23.00 -46.65
CA LEU X 346 -39.72 -22.33 -47.52
C LEU X 346 -40.46 -21.82 -48.74
N GLN X 347 -40.37 -20.52 -49.00
CA GLN X 347 -41.02 -19.90 -50.15
C GLN X 347 -39.94 -19.41 -51.11
N PHE X 348 -39.93 -19.99 -52.31
CA PHE X 348 -38.89 -19.71 -53.31
C PHE X 348 -39.44 -18.77 -54.38
N THR X 349 -38.63 -17.78 -54.73
CA THR X 349 -38.97 -16.82 -55.77
C THR X 349 -37.81 -16.73 -56.76
N GLN X 350 -38.08 -16.08 -57.89
CA GLN X 350 -37.10 -15.94 -58.96
C GLN X 350 -36.74 -14.49 -59.26
N ASN X 351 -37.50 -13.52 -58.77
CA ASN X 351 -37.27 -12.13 -59.15
C ASN X 351 -35.98 -11.56 -58.58
N THR X 352 -35.55 -12.08 -57.42
CA THR X 352 -34.39 -11.58 -56.65
C THR X 352 -34.13 -10.09 -56.80
#